data_8ECY
#
_entry.id   8ECY
#
_cell.length_a   1.00
_cell.length_b   1.00
_cell.length_c   1.00
_cell.angle_alpha   90.00
_cell.angle_beta   90.00
_cell.angle_gamma   90.00
#
_symmetry.space_group_name_H-M   'P 1'
#
loop_
_entity.id
_entity.type
_entity.pdbx_description
1 polymer Bestrophin
2 polymer 'Glutamine synthetase'
3 non-polymer 'CALCIUM ION'
4 non-polymer 'CHLORIDE ION'
5 non-polymer 'MANGANESE (II) ION'
6 water water
#
loop_
_entity_poly.entity_id
_entity_poly.type
_entity_poly.pdbx_seq_one_letter_code
_entity_poly.pdbx_strand_id
1 'polypeptide(L)'
;MTVTYTARVAKARFGGFSKLLLLWRGSIYKLLWRELLCFLGLFMALSAAYRFVLTEEQKRYFEKLVLYCDRYASLIPVSF
VLGFYVTLVVHRWWNQYLSMPLTDALMCVVVGTVHGHDERGRLYRRTLMRYAGLSGVLILRSVSTAVFKRFPTIDHVVEA
GFMTREERKKFENLNSSYNKYWVPCVWFCNLAAQARREGRIRDNGAFKLLLEELNVFRSKCGMLFHYDWISVPLVYTQVV
TIAVYSYFLACLIGRQFLDPAQGYKDHDLDLCVPIFTLLQFFFYAGWLKVAEQLINPFGEDDDDFETNFLIDRCFQVSML
AVDEMYDDLAMLEKDLYWDAAEARAPYTAATAFLMQQPSFQGSTFDITLAKEDMQFQRQDGLEAPLNEAHGDFLQRLLPV
GTGMGTGGLL
;
E,C,G,K,N
2 'polypeptide(L)'
;MATSASSHLNKGIKQVYMALPQGDKVQAMYIWIDGTGEGLRCKTRTLDSEPKCIEELPEWNFDGSSTFQSEGSNSDMYLV
PAAMFRDPFRKDPNKLVFCEVFKYNRKPAETNLRHTCKRIMDMVSNQRPWFGMEQEYTLMGTDGHPFGWPSNGFPGPQGP
YYCGVGADKAYGRDIVEAHYRACLYAGIKIGGTNAEVMPAQWEFQIGPCEGIDMGDHLWVARFILHRVCEDFGVIATFDP
KPIPGNWNGAGCHTNFSTKAMREENGLKYIEEAIEKLSKRHQYHIRAYDPKGGLDNARRLTGFHETSNINDFSAGVANRG
ASIRIPRTVGQEKKGYFEDRRPSANCDPFAVTEALIRTCLLNETGDEPFQYKN
;
A,J,L,Q,H,D,B,F,I,M
#
# COMPACT_ATOMS: atom_id res chain seq x y z
N THR A 2 -57.66 -18.27 -19.16
CA THR A 2 -57.43 -19.64 -18.66
C THR A 2 -58.60 -20.09 -17.78
N VAL A 3 -58.95 -21.36 -17.86
CA VAL A 3 -60.01 -21.96 -17.03
C VAL A 3 -59.33 -22.90 -16.05
N THR A 4 -59.37 -22.57 -14.78
CA THR A 4 -58.70 -23.39 -13.73
C THR A 4 -59.75 -24.26 -13.04
N TYR A 5 -59.52 -25.57 -13.00
CA TYR A 5 -60.45 -26.51 -12.36
C TYR A 5 -59.69 -27.53 -11.49
N THR A 6 -58.42 -27.27 -11.20
CA THR A 6 -57.56 -28.22 -10.45
C THR A 6 -58.08 -28.42 -9.02
N ALA A 7 -58.81 -27.45 -8.48
CA ALA A 7 -59.48 -27.59 -7.17
C ALA A 7 -60.54 -28.70 -7.24
N ARG A 8 -61.28 -28.77 -8.35
CA ARG A 8 -62.35 -29.77 -8.52
C ARG A 8 -61.75 -31.17 -8.61
N VAL A 9 -60.59 -31.30 -9.24
CA VAL A 9 -60.00 -32.64 -9.53
C VAL A 9 -58.88 -32.93 -8.55
N ALA A 10 -58.90 -32.34 -7.35
CA ALA A 10 -57.84 -32.59 -6.35
C ALA A 10 -57.79 -34.09 -6.01
N LYS A 11 -58.92 -34.77 -6.03
CA LYS A 11 -58.98 -36.22 -5.79
C LYS A 11 -59.70 -36.93 -6.94
N ALA A 12 -59.34 -38.19 -7.14
CA ALA A 12 -60.03 -39.11 -8.08
C ALA A 12 -61.32 -39.57 -7.41
N ARG A 13 -62.39 -38.81 -7.59
CA ARG A 13 -63.69 -39.10 -6.94
C ARG A 13 -64.58 -39.94 -7.86
N PHE A 14 -65.71 -40.39 -7.35
CA PHE A 14 -66.69 -41.18 -8.13
C PHE A 14 -67.18 -40.37 -9.34
N GLY A 15 -67.51 -39.10 -9.12
CA GLY A 15 -68.01 -38.21 -10.19
C GLY A 15 -67.02 -37.11 -10.50
N GLY A 16 -65.71 -37.41 -10.48
CA GLY A 16 -64.68 -36.36 -10.64
C GLY A 16 -64.71 -35.75 -12.03
N PHE A 17 -64.33 -36.52 -13.04
CA PHE A 17 -64.28 -36.01 -14.43
C PHE A 17 -65.69 -35.87 -15.00
N SER A 18 -66.65 -36.63 -14.50
CA SER A 18 -68.03 -36.62 -15.04
C SER A 18 -68.66 -35.23 -14.82
N LYS A 19 -68.45 -34.63 -13.66
CA LYS A 19 -69.01 -33.28 -13.39
C LYS A 19 -68.30 -32.21 -14.21
N LEU A 20 -67.10 -32.49 -14.72
CA LEU A 20 -66.39 -31.50 -15.58
C LEU A 20 -67.14 -31.34 -16.90
N LEU A 21 -67.99 -32.30 -17.27
CA LEU A 21 -68.83 -32.16 -18.49
C LEU A 21 -69.98 -31.18 -18.26
N LEU A 22 -70.22 -30.73 -17.03
CA LEU A 22 -71.31 -29.76 -16.75
C LEU A 22 -70.78 -28.32 -16.83
N LEU A 23 -69.47 -28.12 -16.93
CA LEU A 23 -68.90 -26.76 -17.05
C LEU A 23 -69.17 -26.20 -18.45
N TRP A 24 -69.19 -24.89 -18.57
CA TRP A 24 -69.48 -24.21 -19.85
C TRP A 24 -68.30 -23.35 -20.28
N ARG A 25 -67.73 -22.55 -19.38
CA ARG A 25 -66.62 -21.64 -19.73
C ARG A 25 -65.39 -22.46 -20.10
N GLY A 26 -64.89 -22.29 -21.33
CA GLY A 26 -63.73 -23.00 -21.85
C GLY A 26 -64.01 -24.46 -22.12
N SER A 27 -65.28 -24.86 -22.21
CA SER A 27 -65.66 -26.28 -22.39
C SER A 27 -65.68 -26.65 -23.87
N ILE A 28 -65.83 -27.93 -24.13
CA ILE A 28 -65.99 -28.49 -25.51
C ILE A 28 -67.26 -27.93 -26.16
N TYR A 29 -68.33 -27.73 -25.40
CA TYR A 29 -69.64 -27.31 -25.98
C TYR A 29 -69.52 -25.90 -26.54
N LYS A 30 -68.90 -25.00 -25.79
CA LYS A 30 -68.78 -23.58 -26.23
C LYS A 30 -67.96 -23.51 -27.51
N LEU A 31 -67.05 -24.45 -27.72
CA LEU A 31 -66.21 -24.46 -28.94
C LEU A 31 -66.90 -25.18 -30.10
N LEU A 32 -67.76 -26.17 -29.83
CA LEU A 32 -68.27 -27.04 -30.93
C LEU A 32 -69.73 -26.77 -31.31
N TRP A 33 -70.55 -26.19 -30.44
CA TRP A 33 -72.03 -26.25 -30.64
C TRP A 33 -72.42 -25.73 -32.04
N ARG A 34 -71.69 -24.78 -32.61
CA ARG A 34 -72.01 -24.26 -33.96
C ARG A 34 -71.78 -25.36 -35.01
N GLU A 35 -70.62 -25.99 -35.01
CA GLU A 35 -70.32 -27.11 -35.94
C GLU A 35 -71.28 -28.27 -35.66
N LEU A 36 -71.66 -28.46 -34.40
CA LEU A 36 -72.60 -29.53 -34.00
C LEU A 36 -73.95 -29.28 -34.67
N LEU A 37 -74.46 -28.06 -34.56
CA LEU A 37 -75.76 -27.69 -35.19
C LEU A 37 -75.63 -27.81 -36.71
N CYS A 38 -74.50 -27.41 -37.28
CA CYS A 38 -74.30 -27.49 -38.75
C CYS A 38 -74.36 -28.95 -39.19
N PHE A 39 -73.62 -29.82 -38.51
CA PHE A 39 -73.57 -31.26 -38.88
C PHE A 39 -74.96 -31.87 -38.72
N LEU A 40 -75.64 -31.56 -37.63
CA LEU A 40 -77.02 -32.09 -37.40
C LEU A 40 -77.96 -31.56 -38.48
N GLY A 41 -77.82 -30.29 -38.86
CA GLY A 41 -78.68 -29.68 -39.90
C GLY A 41 -78.51 -30.39 -41.23
N LEU A 42 -77.28 -30.58 -41.66
CA LEU A 42 -77.02 -31.29 -42.95
C LEU A 42 -77.52 -32.73 -42.84
N PHE A 43 -77.27 -33.42 -41.73
CA PHE A 43 -77.69 -34.83 -41.59
C PHE A 43 -79.22 -34.92 -41.68
N MET A 44 -79.92 -34.07 -40.93
CA MET A 44 -81.40 -34.10 -40.89
C MET A 44 -81.96 -33.71 -42.27
N ALA A 45 -81.38 -32.72 -42.93
CA ALA A 45 -81.85 -32.28 -44.27
C ALA A 45 -81.67 -33.44 -45.26
N LEU A 46 -80.52 -34.11 -45.22
CA LEU A 46 -80.25 -35.22 -46.16
C LEU A 46 -81.21 -36.37 -45.86
N SER A 47 -81.45 -36.68 -44.59
CA SER A 47 -82.38 -37.76 -44.20
C SER A 47 -83.80 -37.42 -44.67
N ALA A 48 -84.22 -36.17 -44.50
CA ALA A 48 -85.58 -35.73 -44.91
C ALA A 48 -85.70 -35.82 -46.44
N ALA A 49 -84.67 -35.40 -47.17
CA ALA A 49 -84.68 -35.48 -48.65
C ALA A 49 -84.79 -36.95 -49.06
N TYR A 50 -84.03 -37.82 -48.43
CA TYR A 50 -84.07 -39.28 -48.73
C TYR A 50 -85.47 -39.83 -48.46
N ARG A 51 -86.07 -39.44 -47.34
CA ARG A 51 -87.39 -39.99 -46.93
C ARG A 51 -88.48 -39.49 -47.86
N PHE A 52 -88.44 -38.23 -48.28
CA PHE A 52 -89.59 -37.60 -48.99
C PHE A 52 -89.27 -37.24 -50.43
N VAL A 53 -88.26 -36.41 -50.66
CA VAL A 53 -88.11 -35.72 -51.98
C VAL A 53 -87.65 -36.73 -53.04
N LEU A 54 -86.69 -37.58 -52.70
CA LEU A 54 -86.07 -38.49 -53.70
C LEU A 54 -87.10 -39.52 -54.17
N THR A 55 -87.02 -39.87 -55.44
CA THR A 55 -87.88 -40.93 -56.03
C THR A 55 -87.49 -42.28 -55.47
N GLU A 56 -88.37 -43.26 -55.64
CA GLU A 56 -88.09 -44.66 -55.25
C GLU A 56 -86.88 -45.19 -56.03
N GLU A 57 -86.81 -44.89 -57.33
CA GLU A 57 -85.69 -45.36 -58.18
C GLU A 57 -84.38 -44.74 -57.68
N GLN A 58 -84.39 -43.44 -57.40
CA GLN A 58 -83.16 -42.73 -56.94
C GLN A 58 -82.75 -43.21 -55.54
N LYS A 59 -83.69 -43.71 -54.75
CA LYS A 59 -83.39 -44.10 -53.34
C LYS A 59 -82.48 -45.33 -53.31
N ARG A 60 -82.61 -46.23 -54.28
CA ARG A 60 -81.69 -47.40 -54.36
C ARG A 60 -80.26 -46.91 -54.59
N TYR A 61 -80.09 -45.98 -55.52
CA TYR A 61 -78.75 -45.40 -55.81
C TYR A 61 -78.24 -44.68 -54.55
N PHE A 62 -79.11 -43.95 -53.87
CA PHE A 62 -78.71 -43.17 -52.67
C PHE A 62 -78.24 -44.14 -51.59
N GLU A 63 -78.95 -45.22 -51.37
CA GLU A 63 -78.60 -46.18 -50.29
C GLU A 63 -77.34 -46.95 -50.67
N LYS A 64 -77.15 -47.26 -51.94
CA LYS A 64 -75.87 -47.87 -52.40
C LYS A 64 -74.72 -46.89 -52.12
N LEU A 65 -74.93 -45.60 -52.39
CA LEU A 65 -73.89 -44.59 -52.11
C LEU A 65 -73.67 -44.47 -50.60
N VAL A 66 -74.72 -44.64 -49.80
CA VAL A 66 -74.58 -44.64 -48.31
C VAL A 66 -73.70 -45.82 -47.88
N LEU A 67 -73.94 -47.00 -48.44
CA LEU A 67 -73.11 -48.18 -48.09
C LEU A 67 -71.66 -47.91 -48.52
N TYR A 68 -71.46 -47.38 -49.72
CA TYR A 68 -70.10 -47.10 -50.25
C TYR A 68 -69.39 -46.11 -49.33
N CYS A 69 -70.07 -45.05 -48.91
CA CYS A 69 -69.47 -44.01 -48.04
C CYS A 69 -69.24 -44.55 -46.64
N ASP A 70 -70.05 -45.50 -46.18
CA ASP A 70 -69.87 -46.12 -44.85
C ASP A 70 -68.65 -47.03 -44.86
N ARG A 71 -68.35 -47.67 -46.00
CA ARG A 71 -67.22 -48.61 -46.08
C ARG A 71 -65.90 -47.85 -45.92
N TYR A 72 -65.82 -46.59 -46.37
CA TYR A 72 -64.56 -45.81 -46.31
C TYR A 72 -64.53 -44.90 -45.10
N ALA A 73 -65.51 -44.95 -44.21
CA ALA A 73 -65.49 -44.15 -42.96
C ALA A 73 -64.45 -44.75 -42.01
N SER A 74 -63.22 -44.24 -42.05
CA SER A 74 -62.10 -44.75 -41.22
C SER A 74 -61.94 -43.83 -40.00
N LEU A 75 -62.25 -44.34 -38.82
CA LEU A 75 -62.15 -43.55 -37.57
C LEU A 75 -60.81 -43.80 -36.86
N ILE A 76 -60.11 -44.88 -37.18
CA ILE A 76 -58.84 -45.22 -36.50
C ILE A 76 -57.70 -44.35 -37.04
N PRO A 77 -57.46 -44.29 -38.38
CA PRO A 77 -56.32 -43.53 -38.88
C PRO A 77 -56.32 -42.04 -38.48
N VAL A 78 -57.49 -41.40 -38.43
CA VAL A 78 -57.58 -39.96 -38.08
C VAL A 78 -57.16 -39.79 -36.62
N SER A 79 -57.35 -40.80 -35.78
CA SER A 79 -56.94 -40.75 -34.37
C SER A 79 -55.42 -40.58 -34.27
N PHE A 80 -54.66 -41.19 -35.15
CA PHE A 80 -53.18 -41.07 -35.11
C PHE A 80 -52.77 -39.65 -35.41
N VAL A 81 -53.29 -39.10 -36.51
CA VAL A 81 -52.88 -37.74 -36.95
C VAL A 81 -53.34 -36.76 -35.88
N LEU A 82 -54.53 -36.94 -35.30
CA LEU A 82 -55.00 -36.07 -34.20
C LEU A 82 -54.07 -36.17 -32.99
N GLY A 83 -53.73 -37.38 -32.55
CA GLY A 83 -52.89 -37.57 -31.35
C GLY A 83 -51.55 -36.87 -31.50
N PHE A 84 -50.88 -37.10 -32.61
CA PHE A 84 -49.52 -36.55 -32.85
C PHE A 84 -49.59 -35.04 -32.98
N TYR A 85 -50.50 -34.53 -33.78
CA TYR A 85 -50.63 -33.08 -34.04
C TYR A 85 -51.00 -32.35 -32.74
N VAL A 86 -51.94 -32.91 -31.99
CA VAL A 86 -52.40 -32.23 -30.75
C VAL A 86 -51.27 -32.30 -29.72
N THR A 87 -50.51 -33.38 -29.68
CA THR A 87 -49.36 -33.48 -28.75
C THR A 87 -48.35 -32.39 -29.10
N LEU A 88 -48.06 -32.20 -30.39
CA LEU A 88 -47.11 -31.14 -30.81
C LEU A 88 -47.66 -29.77 -30.38
N VAL A 89 -48.95 -29.53 -30.61
CA VAL A 89 -49.56 -28.23 -30.28
C VAL A 89 -49.49 -28.01 -28.77
N VAL A 90 -49.75 -29.04 -27.97
CA VAL A 90 -49.71 -28.93 -26.49
C VAL A 90 -48.27 -28.66 -26.03
N HIS A 91 -47.30 -29.30 -26.65
CA HIS A 91 -45.87 -29.05 -26.35
C HIS A 91 -45.56 -27.57 -26.60
N ARG A 92 -45.94 -27.07 -27.77
CA ARG A 92 -45.71 -25.64 -28.11
C ARG A 92 -46.45 -24.76 -27.11
N TRP A 93 -47.66 -25.13 -26.73
CA TRP A 93 -48.52 -24.29 -25.85
C TRP A 93 -47.86 -24.15 -24.49
N TRP A 94 -47.40 -25.26 -23.93
CA TRP A 94 -46.76 -25.22 -22.59
C TRP A 94 -45.44 -24.45 -22.66
N ASN A 95 -44.64 -24.71 -23.70
CA ASN A 95 -43.35 -23.99 -23.86
C ASN A 95 -43.60 -22.49 -24.04
N GLN A 96 -44.68 -22.13 -24.71
CA GLN A 96 -45.06 -20.70 -24.87
C GLN A 96 -45.42 -20.12 -23.52
N TYR A 97 -46.15 -20.84 -22.69
CA TYR A 97 -46.45 -20.35 -21.33
C TYR A 97 -45.14 -20.15 -20.56
N LEU A 98 -44.22 -21.10 -20.65
CA LEU A 98 -42.93 -20.99 -19.90
C LEU A 98 -42.11 -19.80 -20.43
N SER A 99 -42.43 -19.26 -21.60
CA SER A 99 -41.68 -18.13 -22.21
C SER A 99 -42.28 -16.78 -21.84
N MET A 100 -43.31 -16.74 -21.00
CA MET A 100 -43.90 -15.46 -20.56
C MET A 100 -42.82 -14.62 -19.88
N PRO A 101 -42.73 -13.32 -20.19
CA PRO A 101 -41.71 -12.48 -19.56
C PRO A 101 -42.08 -12.20 -18.09
N LEU A 102 -41.46 -12.94 -17.19
CA LEU A 102 -41.66 -12.77 -15.73
C LEU A 102 -40.37 -12.20 -15.15
N THR A 103 -40.53 -11.30 -14.19
CA THR A 103 -39.43 -10.47 -13.66
C THR A 103 -39.12 -10.83 -12.21
N ASP A 104 -39.50 -12.03 -11.77
CA ASP A 104 -39.29 -12.43 -10.35
C ASP A 104 -37.79 -12.65 -10.10
N ALA A 105 -37.12 -13.38 -10.98
CA ALA A 105 -35.67 -13.62 -10.88
C ALA A 105 -34.93 -12.27 -10.91
N LEU A 106 -35.35 -11.40 -11.82
CA LEU A 106 -34.71 -10.07 -11.97
C LEU A 106 -34.95 -9.25 -10.72
N MET A 107 -36.15 -9.30 -10.14
CA MET A 107 -36.43 -8.45 -8.95
C MET A 107 -35.59 -8.96 -7.79
N CYS A 108 -35.41 -10.26 -7.67
CA CYS A 108 -34.62 -10.82 -6.55
C CYS A 108 -33.17 -10.35 -6.69
N VAL A 109 -32.62 -10.46 -7.89
CA VAL A 109 -31.22 -10.03 -8.13
C VAL A 109 -31.10 -8.51 -7.87
N VAL A 110 -32.04 -7.72 -8.37
CA VAL A 110 -31.95 -6.24 -8.27
C VAL A 110 -32.02 -5.86 -6.80
N VAL A 111 -32.99 -6.38 -6.06
CA VAL A 111 -33.17 -5.98 -4.65
C VAL A 111 -31.95 -6.44 -3.87
N GLY A 112 -31.28 -7.51 -4.29
CA GLY A 112 -30.10 -8.00 -3.57
C GLY A 112 -28.79 -7.37 -4.02
N THR A 113 -28.76 -6.59 -5.11
CA THR A 113 -27.47 -6.14 -5.70
C THR A 113 -27.42 -4.63 -5.97
N VAL A 114 -28.54 -3.96 -6.21
CA VAL A 114 -28.53 -2.52 -6.56
C VAL A 114 -28.92 -1.73 -5.31
N HIS A 115 -27.99 -0.98 -4.74
CA HIS A 115 -28.08 -0.53 -3.33
C HIS A 115 -28.34 0.97 -3.23
N GLY A 116 -28.78 1.40 -2.06
CA GLY A 116 -29.02 2.82 -1.76
C GLY A 116 -30.44 3.08 -1.32
N HIS A 117 -30.59 3.63 -0.13
CA HIS A 117 -31.90 4.05 0.43
C HIS A 117 -32.30 5.41 -0.13
N ASP A 118 -31.39 6.12 -0.78
CA ASP A 118 -31.64 7.50 -1.28
C ASP A 118 -32.55 7.46 -2.51
N GLU A 119 -32.80 8.61 -3.10
CA GLU A 119 -33.65 8.73 -4.30
C GLU A 119 -32.97 8.04 -5.49
N ARG A 120 -31.64 8.10 -5.58
CA ARG A 120 -30.94 7.62 -6.80
C ARG A 120 -30.95 6.10 -6.84
N GLY A 121 -30.70 5.45 -5.71
CA GLY A 121 -30.75 3.98 -5.64
C GLY A 121 -32.15 3.46 -5.92
N ARG A 122 -33.14 4.13 -5.37
CA ARG A 122 -34.56 3.78 -5.60
C ARG A 122 -34.90 3.97 -7.07
N LEU A 123 -34.44 5.06 -7.68
CA LEU A 123 -34.65 5.31 -9.13
C LEU A 123 -33.98 4.18 -9.93
N TYR A 124 -32.76 3.80 -9.54
CA TYR A 124 -32.03 2.71 -10.22
C TYR A 124 -32.86 1.43 -10.19
N ARG A 125 -33.30 1.01 -9.01
CA ARG A 125 -34.03 -0.27 -8.85
C ARG A 125 -35.33 -0.20 -9.65
N ARG A 126 -36.10 0.87 -9.46
CA ARG A 126 -37.42 0.99 -10.12
C ARG A 126 -37.23 1.01 -11.63
N THR A 127 -36.25 1.74 -12.14
CA THR A 127 -36.06 1.88 -13.59
C THR A 127 -35.56 0.55 -14.16
N LEU A 128 -34.66 -0.12 -13.45
CA LEU A 128 -34.16 -1.45 -13.92
C LEU A 128 -35.35 -2.40 -14.09
N MET A 129 -36.26 -2.44 -13.13
CA MET A 129 -37.40 -3.37 -13.25
C MET A 129 -38.43 -2.84 -14.25
N ARG A 130 -38.54 -1.53 -14.39
CA ARG A 130 -39.49 -0.94 -15.36
C ARG A 130 -39.02 -1.24 -16.79
N TYR A 131 -37.71 -1.31 -17.03
CA TYR A 131 -37.19 -1.63 -18.38
C TYR A 131 -37.60 -3.05 -18.76
N ALA A 132 -37.46 -4.00 -17.84
CA ALA A 132 -37.85 -5.40 -18.09
C ALA A 132 -39.37 -5.46 -18.29
N GLY A 133 -40.13 -4.75 -17.46
CA GLY A 133 -41.60 -4.68 -17.64
C GLY A 133 -41.95 -4.12 -19.01
N LEU A 134 -41.22 -3.11 -19.47
CA LEU A 134 -41.53 -2.43 -20.74
C LEU A 134 -41.24 -3.40 -21.89
N SER A 135 -40.13 -4.10 -21.85
CA SER A 135 -39.82 -5.08 -22.92
C SER A 135 -40.86 -6.21 -22.91
N GLY A 136 -41.30 -6.64 -21.73
CA GLY A 136 -42.41 -7.62 -21.62
C GLY A 136 -43.68 -7.11 -22.28
N VAL A 137 -44.05 -5.87 -21.98
CA VAL A 137 -45.25 -5.23 -22.56
C VAL A 137 -45.10 -5.17 -24.08
N LEU A 138 -43.94 -4.80 -24.57
CA LEU A 138 -43.73 -4.65 -26.03
C LEU A 138 -43.87 -6.00 -26.73
N ILE A 139 -43.23 -7.03 -26.21
CA ILE A 139 -43.31 -8.35 -26.88
C ILE A 139 -44.74 -8.89 -26.77
N LEU A 140 -45.38 -8.69 -25.62
CA LEU A 140 -46.73 -9.25 -25.43
C LEU A 140 -47.73 -8.54 -26.33
N ARG A 141 -47.64 -7.22 -26.46
CA ARG A 141 -48.55 -6.48 -27.38
C ARG A 141 -48.22 -6.86 -28.82
N SER A 142 -47.01 -7.32 -29.09
CA SER A 142 -46.67 -7.85 -30.44
C SER A 142 -47.33 -9.22 -30.64
N VAL A 143 -47.52 -10.03 -29.60
CA VAL A 143 -47.95 -11.45 -29.76
C VAL A 143 -49.37 -11.66 -29.27
N SER A 144 -49.86 -10.89 -28.31
CA SER A 144 -51.18 -11.13 -27.67
C SER A 144 -52.20 -10.11 -28.17
N THR A 145 -53.37 -10.57 -28.57
CA THR A 145 -54.45 -9.66 -29.07
C THR A 145 -55.00 -8.83 -27.93
N ALA A 146 -55.17 -9.41 -26.74
CA ALA A 146 -55.73 -8.68 -25.57
C ALA A 146 -54.79 -7.55 -25.16
N VAL A 147 -53.49 -7.81 -25.11
CA VAL A 147 -52.50 -6.77 -24.72
C VAL A 147 -52.45 -5.71 -25.82
N PHE A 148 -52.57 -6.12 -27.08
CA PHE A 148 -52.55 -5.14 -28.19
C PHE A 148 -53.77 -4.22 -28.06
N LYS A 149 -54.94 -4.78 -27.74
CA LYS A 149 -56.14 -3.94 -27.56
C LYS A 149 -55.97 -3.07 -26.32
N ARG A 150 -55.19 -3.51 -25.34
CA ARG A 150 -54.88 -2.67 -24.16
C ARG A 150 -53.85 -1.60 -24.52
N PHE A 151 -52.91 -1.89 -25.41
CA PHE A 151 -51.85 -0.93 -25.84
C PHE A 151 -51.85 -0.85 -27.35
N PRO A 152 -52.89 -0.25 -27.97
CA PRO A 152 -52.94 -0.18 -29.43
C PRO A 152 -51.79 0.63 -30.05
N THR A 153 -51.28 1.62 -29.32
CA THR A 153 -50.16 2.46 -29.79
C THR A 153 -49.09 2.52 -28.72
N ILE A 154 -47.94 3.07 -29.09
CA ILE A 154 -46.85 3.33 -28.12
C ILE A 154 -47.28 4.49 -27.21
N ASP A 155 -48.20 5.33 -27.64
CA ASP A 155 -48.76 6.38 -26.76
C ASP A 155 -49.45 5.73 -25.56
N HIS A 156 -50.18 4.64 -25.77
CA HIS A 156 -50.85 3.91 -24.66
C HIS A 156 -49.79 3.36 -23.71
N VAL A 157 -48.66 2.92 -24.24
CA VAL A 157 -47.55 2.42 -23.39
C VAL A 157 -47.02 3.58 -22.55
N VAL A 158 -46.90 4.76 -23.15
CA VAL A 158 -46.35 5.94 -22.43
C VAL A 158 -47.32 6.38 -21.33
N GLU A 159 -48.61 6.48 -21.64
CA GLU A 159 -49.63 6.91 -20.65
C GLU A 159 -49.72 5.87 -19.53
N ALA A 160 -49.42 4.59 -19.82
CA ALA A 160 -49.48 3.52 -18.81
C ALA A 160 -48.34 3.64 -17.81
N GLY A 161 -47.31 4.44 -18.11
CA GLY A 161 -46.18 4.66 -17.19
C GLY A 161 -45.03 3.71 -17.46
N PHE A 162 -45.18 2.73 -18.36
CA PHE A 162 -44.09 1.76 -18.66
C PHE A 162 -42.92 2.47 -19.32
N MET A 163 -43.18 3.39 -20.23
CA MET A 163 -42.12 4.17 -20.91
C MET A 163 -42.40 5.66 -20.70
N THR A 164 -41.35 6.45 -20.60
CA THR A 164 -41.44 7.91 -20.38
C THR A 164 -41.41 8.67 -21.70
N ARG A 165 -41.60 9.99 -21.61
CA ARG A 165 -41.57 10.90 -22.78
C ARG A 165 -40.18 10.84 -23.43
N GLU A 166 -39.13 11.01 -22.65
CA GLU A 166 -37.74 11.02 -23.17
C GLU A 166 -37.38 9.63 -23.72
N GLU A 167 -37.76 8.59 -23.00
CA GLU A 167 -37.53 7.21 -23.48
C GLU A 167 -38.31 7.00 -24.78
N ARG A 168 -39.50 7.59 -24.89
CA ARG A 168 -40.28 7.49 -26.14
C ARG A 168 -39.50 8.15 -27.28
N LYS A 169 -38.93 9.33 -27.07
CA LYS A 169 -38.18 10.04 -28.14
C LYS A 169 -36.97 9.19 -28.53
N LYS A 170 -36.25 8.64 -27.55
CA LYS A 170 -35.08 7.77 -27.87
C LYS A 170 -35.56 6.54 -28.64
N PHE A 171 -36.72 5.99 -28.26
CA PHE A 171 -37.26 4.74 -28.85
C PHE A 171 -37.59 4.98 -30.33
N GLU A 172 -38.30 6.05 -30.63
CA GLU A 172 -38.78 6.30 -32.02
C GLU A 172 -37.63 6.76 -32.92
N ASN A 173 -36.60 7.39 -32.38
CA ASN A 173 -35.49 7.93 -33.20
C ASN A 173 -34.60 6.81 -33.71
N LEU A 174 -34.69 5.60 -33.16
CA LEU A 174 -33.84 4.47 -33.62
C LEU A 174 -34.26 4.05 -35.02
N ASN A 175 -33.29 3.89 -35.90
CA ASN A 175 -33.52 3.54 -37.32
C ASN A 175 -33.46 2.02 -37.45
N SER A 176 -34.60 1.36 -37.34
CA SER A 176 -34.70 -0.10 -37.54
C SER A 176 -36.11 -0.44 -37.99
N SER A 177 -36.21 -1.38 -38.93
CA SER A 177 -37.50 -1.84 -39.50
C SER A 177 -38.01 -3.08 -38.74
N TYR A 178 -37.33 -3.51 -37.69
CA TYR A 178 -37.70 -4.72 -36.92
C TYR A 178 -38.37 -4.33 -35.62
N ASN A 179 -39.05 -5.30 -35.02
CA ASN A 179 -39.71 -5.11 -33.71
C ASN A 179 -38.65 -4.69 -32.70
N LYS A 180 -38.93 -3.65 -31.91
CA LYS A 180 -37.95 -3.08 -30.96
C LYS A 180 -38.26 -3.49 -29.53
N TYR A 181 -38.75 -4.70 -29.30
CA TYR A 181 -39.01 -5.20 -27.93
C TYR A 181 -37.69 -5.37 -27.17
N TRP A 182 -36.57 -5.53 -27.87
CA TRP A 182 -35.23 -5.76 -27.27
C TRP A 182 -34.65 -4.46 -26.73
N VAL A 183 -35.14 -3.31 -27.17
CA VAL A 183 -34.53 -2.00 -26.80
C VAL A 183 -34.46 -1.83 -25.28
N PRO A 184 -35.53 -2.03 -24.48
CA PRO A 184 -35.42 -1.86 -23.05
C PRO A 184 -34.40 -2.81 -22.40
N CYS A 185 -34.13 -3.96 -23.01
CA CYS A 185 -33.09 -4.88 -22.50
C CYS A 185 -31.70 -4.26 -22.66
N VAL A 186 -31.45 -3.63 -23.80
CA VAL A 186 -30.16 -2.92 -24.03
C VAL A 186 -30.08 -1.75 -23.04
N TRP A 187 -31.20 -1.07 -22.80
CA TRP A 187 -31.24 0.02 -21.80
C TRP A 187 -30.90 -0.55 -20.42
N PHE A 188 -31.43 -1.72 -20.10
CA PHE A 188 -31.17 -2.40 -18.81
C PHE A 188 -29.66 -2.66 -18.69
N CYS A 189 -29.05 -3.17 -19.75
CA CYS A 189 -27.61 -3.49 -19.72
C CYS A 189 -26.81 -2.20 -19.48
N ASN A 190 -27.12 -1.14 -20.21
CA ASN A 190 -26.44 0.16 -20.04
C ASN A 190 -26.63 0.69 -18.61
N LEU A 191 -27.84 0.60 -18.08
CA LEU A 191 -28.13 1.13 -16.72
C LEU A 191 -27.41 0.29 -15.67
N ALA A 192 -27.34 -1.02 -15.85
CA ALA A 192 -26.62 -1.90 -14.90
C ALA A 192 -25.13 -1.56 -14.93
N ALA A 193 -24.56 -1.36 -16.12
CA ALA A 193 -23.13 -1.00 -16.24
C ALA A 193 -22.90 0.35 -15.55
N GLN A 194 -23.80 1.30 -15.73
CA GLN A 194 -23.67 2.63 -15.10
C GLN A 194 -23.72 2.47 -13.58
N ALA A 195 -24.64 1.65 -13.07
CA ALA A 195 -24.79 1.43 -11.62
C ALA A 195 -23.51 0.81 -11.06
N ARG A 196 -22.94 -0.17 -11.77
CA ARG A 196 -21.68 -0.78 -11.33
C ARG A 196 -20.56 0.26 -11.32
N ARG A 197 -20.48 1.08 -12.36
CA ARG A 197 -19.44 2.14 -12.46
C ARG A 197 -19.60 3.12 -11.28
N GLU A 198 -20.83 3.44 -10.91
CA GLU A 198 -21.12 4.45 -9.86
C GLU A 198 -21.01 3.85 -8.45
N GLY A 199 -20.78 2.55 -8.33
CA GLY A 199 -20.66 1.89 -7.02
C GLY A 199 -21.98 1.44 -6.43
N ARG A 200 -23.11 1.64 -7.12
CA ARG A 200 -24.41 1.15 -6.62
C ARG A 200 -24.40 -0.38 -6.54
N ILE A 201 -23.76 -1.04 -7.50
CA ILE A 201 -23.50 -2.50 -7.42
C ILE A 201 -22.11 -2.66 -6.81
N ARG A 202 -22.04 -3.32 -5.65
CA ARG A 202 -20.80 -3.34 -4.82
C ARG A 202 -19.76 -4.28 -5.41
N ASP A 203 -20.16 -5.38 -6.02
CA ASP A 203 -19.20 -6.45 -6.40
C ASP A 203 -19.36 -6.84 -7.86
N ASN A 204 -18.29 -7.34 -8.44
CA ASN A 204 -18.22 -7.66 -9.89
C ASN A 204 -19.16 -8.84 -10.19
N GLY A 205 -19.21 -9.84 -9.31
CA GLY A 205 -20.11 -11.01 -9.42
C GLY A 205 -21.58 -10.62 -9.55
N ALA A 206 -21.99 -9.59 -8.82
CA ALA A 206 -23.39 -9.13 -8.79
C ALA A 206 -23.78 -8.57 -10.15
N PHE A 207 -22.87 -7.83 -10.78
CA PHE A 207 -23.11 -7.25 -12.12
C PHE A 207 -23.26 -8.39 -13.12
N LYS A 208 -22.40 -9.41 -13.02
CA LYS A 208 -22.47 -10.58 -13.93
C LYS A 208 -23.81 -11.29 -13.71
N LEU A 209 -24.23 -11.44 -12.47
CA LEU A 209 -25.51 -12.14 -12.16
C LEU A 209 -26.67 -11.36 -12.78
N LEU A 210 -26.63 -10.03 -12.69
CA LEU A 210 -27.68 -9.17 -13.28
C LEU A 210 -27.72 -9.35 -14.80
N LEU A 211 -26.59 -9.31 -15.49
CA LEU A 211 -26.57 -9.52 -16.97
C LEU A 211 -26.99 -10.96 -17.35
N GLU A 212 -26.63 -11.97 -16.57
CA GLU A 212 -27.08 -13.36 -16.81
C GLU A 212 -28.61 -13.42 -16.67
N GLU A 213 -29.18 -12.84 -15.62
CA GLU A 213 -30.65 -12.85 -15.41
C GLU A 213 -31.33 -12.00 -16.49
N LEU A 214 -30.73 -10.88 -16.92
CA LEU A 214 -31.30 -10.06 -18.02
C LEU A 214 -31.35 -10.88 -19.32
N ASN A 215 -30.30 -11.62 -19.63
CA ASN A 215 -30.27 -12.40 -20.90
C ASN A 215 -31.29 -13.55 -20.82
N VAL A 216 -31.56 -14.13 -19.64
CA VAL A 216 -32.63 -15.14 -19.48
C VAL A 216 -33.98 -14.48 -19.78
N PHE A 217 -34.25 -13.31 -19.20
CA PHE A 217 -35.51 -12.59 -19.41
C PHE A 217 -35.67 -12.29 -20.90
N ARG A 218 -34.62 -11.74 -21.53
CA ARG A 218 -34.68 -11.33 -22.96
C ARG A 218 -34.87 -12.55 -23.85
N SER A 219 -34.22 -13.67 -23.56
CA SER A 219 -34.37 -14.91 -24.37
C SER A 219 -35.83 -15.39 -24.33
N LYS A 220 -36.49 -15.25 -23.18
CA LYS A 220 -37.93 -15.59 -23.05
C LYS A 220 -38.72 -14.67 -23.97
N CYS A 221 -38.39 -13.38 -24.00
CA CYS A 221 -39.09 -12.45 -24.92
C CYS A 221 -38.85 -12.88 -26.38
N GLY A 222 -37.60 -13.17 -26.73
CA GLY A 222 -37.26 -13.65 -28.07
C GLY A 222 -37.96 -14.95 -28.42
N MET A 223 -38.11 -15.83 -27.45
CA MET A 223 -38.78 -17.13 -27.67
C MET A 223 -40.28 -16.91 -27.93
N LEU A 224 -40.90 -15.96 -27.24
CA LEU A 224 -42.30 -15.61 -27.56
C LEU A 224 -42.38 -15.10 -28.99
N PHE A 225 -41.44 -14.26 -29.40
CA PHE A 225 -41.43 -13.75 -30.78
C PHE A 225 -41.25 -14.92 -31.76
N HIS A 226 -40.39 -15.87 -31.43
CA HIS A 226 -40.12 -17.04 -32.31
C HIS A 226 -41.39 -17.87 -32.48
N TYR A 227 -42.08 -18.15 -31.39
CA TYR A 227 -43.32 -18.95 -31.43
C TYR A 227 -44.38 -18.20 -32.23
N ASP A 228 -44.45 -16.89 -32.07
CA ASP A 228 -45.43 -16.07 -32.81
C ASP A 228 -45.11 -16.10 -34.31
N TRP A 229 -43.84 -15.99 -34.68
CA TRP A 229 -43.44 -15.92 -36.10
C TRP A 229 -43.56 -17.29 -36.74
N ILE A 230 -43.04 -18.31 -36.09
CA ILE A 230 -42.97 -19.68 -36.67
C ILE A 230 -44.19 -20.44 -36.17
N SER A 231 -45.22 -20.49 -37.01
CA SER A 231 -46.46 -21.24 -36.72
C SER A 231 -46.18 -22.75 -36.79
N VAL A 232 -47.09 -23.55 -36.28
CA VAL A 232 -47.14 -24.98 -36.63
C VAL A 232 -47.22 -25.02 -38.14
N PRO A 233 -46.42 -25.85 -38.84
CA PRO A 233 -46.42 -25.82 -40.30
C PRO A 233 -47.83 -25.93 -40.89
N LEU A 234 -48.16 -25.02 -41.79
CA LEU A 234 -49.53 -24.89 -42.34
C LEU A 234 -49.93 -26.21 -43.02
N VAL A 235 -49.01 -26.87 -43.68
CA VAL A 235 -49.31 -28.14 -44.41
C VAL A 235 -49.83 -29.18 -43.41
N TYR A 236 -49.27 -29.22 -42.21
CA TYR A 236 -49.61 -30.28 -41.22
C TYR A 236 -50.99 -29.96 -40.64
N THR A 237 -51.24 -28.70 -40.35
CA THR A 237 -52.57 -28.25 -39.90
C THR A 237 -53.62 -28.58 -40.95
N GLN A 238 -53.32 -28.32 -42.22
CA GLN A 238 -54.25 -28.63 -43.33
C GLN A 238 -54.45 -30.14 -43.43
N VAL A 239 -53.40 -30.93 -43.19
CA VAL A 239 -53.52 -32.41 -43.24
C VAL A 239 -54.51 -32.86 -42.16
N VAL A 240 -54.36 -32.37 -40.95
CA VAL A 240 -55.23 -32.83 -39.83
C VAL A 240 -56.66 -32.36 -40.12
N THR A 241 -56.83 -31.13 -40.60
CA THR A 241 -58.17 -30.59 -40.89
C THR A 241 -58.83 -31.41 -42.00
N ILE A 242 -58.08 -31.72 -43.06
CA ILE A 242 -58.62 -32.49 -44.21
C ILE A 242 -59.00 -33.90 -43.72
N ALA A 243 -58.17 -34.54 -42.91
CA ALA A 243 -58.47 -35.89 -42.39
C ALA A 243 -59.77 -35.85 -41.58
N VAL A 244 -59.90 -34.90 -40.67
CA VAL A 244 -61.09 -34.82 -39.78
C VAL A 244 -62.33 -34.52 -40.63
N TYR A 245 -62.24 -33.55 -41.52
CA TYR A 245 -63.40 -33.12 -42.34
C TYR A 245 -63.77 -34.23 -43.33
N SER A 246 -62.80 -34.95 -43.88
CA SER A 246 -63.05 -36.08 -44.80
C SER A 246 -63.80 -37.18 -44.05
N TYR A 247 -63.35 -37.51 -42.84
CA TYR A 247 -64.02 -38.54 -42.03
C TYR A 247 -65.46 -38.10 -41.74
N PHE A 248 -65.67 -36.83 -41.42
CA PHE A 248 -67.02 -36.38 -41.03
C PHE A 248 -67.93 -36.26 -42.25
N LEU A 249 -67.38 -35.92 -43.41
CA LEU A 249 -68.16 -35.94 -44.68
C LEU A 249 -68.54 -37.39 -44.98
N ALA A 250 -67.64 -38.34 -44.75
CA ALA A 250 -67.95 -39.78 -44.95
C ALA A 250 -69.04 -40.21 -43.97
N CYS A 251 -68.99 -39.74 -42.72
CA CYS A 251 -69.98 -40.12 -41.69
C CYS A 251 -71.33 -39.47 -41.97
N LEU A 252 -71.33 -38.30 -42.60
CA LEU A 252 -72.61 -37.57 -42.87
C LEU A 252 -73.49 -38.42 -43.78
N ILE A 253 -72.89 -39.09 -44.76
CA ILE A 253 -73.68 -39.86 -45.77
C ILE A 253 -73.69 -41.34 -45.39
N GLY A 254 -72.52 -41.93 -45.12
CA GLY A 254 -72.41 -43.38 -44.84
C GLY A 254 -73.20 -43.83 -43.62
N ARG A 255 -73.48 -42.92 -42.68
CA ARG A 255 -74.23 -43.27 -41.45
C ARG A 255 -75.69 -42.85 -41.58
N GLN A 256 -76.14 -42.50 -42.78
CA GLN A 256 -77.56 -42.13 -42.99
C GLN A 256 -78.46 -43.33 -42.68
N PHE A 257 -79.58 -43.07 -42.01
CA PHE A 257 -80.55 -44.14 -41.66
C PHE A 257 -81.28 -44.56 -42.93
N LEU A 258 -81.05 -45.79 -43.37
CA LEU A 258 -81.75 -46.34 -44.55
C LEU A 258 -83.10 -46.91 -44.16
N ASP A 259 -83.98 -47.01 -45.14
CA ASP A 259 -85.33 -47.59 -44.95
C ASP A 259 -85.18 -49.07 -44.62
N PRO A 260 -85.69 -49.54 -43.46
CA PRO A 260 -85.59 -50.97 -43.12
C PRO A 260 -86.33 -51.91 -44.08
N ALA A 261 -87.25 -51.39 -44.90
CA ALA A 261 -88.05 -52.19 -45.86
C ALA A 261 -87.15 -52.92 -46.86
N GLN A 262 -85.96 -52.38 -47.18
CA GLN A 262 -85.03 -53.03 -48.12
C GLN A 262 -84.33 -54.22 -47.47
N GLY A 263 -84.24 -54.26 -46.14
CA GLY A 263 -83.66 -55.41 -45.43
C GLY A 263 -82.14 -55.49 -45.58
N TYR A 264 -81.46 -54.39 -45.90
CA TYR A 264 -79.98 -54.38 -45.98
C TYR A 264 -79.39 -54.70 -44.62
N LYS A 265 -78.36 -55.54 -44.59
CA LYS A 265 -77.67 -55.92 -43.34
C LYS A 265 -77.03 -54.68 -42.71
N ASP A 266 -76.95 -54.69 -41.38
CA ASP A 266 -76.34 -53.61 -40.57
C ASP A 266 -77.11 -52.29 -40.74
N HIS A 267 -78.25 -52.30 -41.43
CA HIS A 267 -79.03 -51.06 -41.68
C HIS A 267 -80.52 -51.33 -41.50
N ASP A 268 -80.88 -52.29 -40.64
CA ASP A 268 -82.30 -52.69 -40.45
C ASP A 268 -82.95 -51.87 -39.33
N LEU A 269 -82.44 -50.67 -39.05
CA LEU A 269 -83.03 -49.79 -38.00
C LEU A 269 -82.92 -48.35 -38.46
N ASP A 270 -83.79 -47.50 -37.93
CA ASP A 270 -83.80 -46.06 -38.26
C ASP A 270 -84.26 -45.29 -37.03
N LEU A 271 -83.31 -44.73 -36.28
CA LEU A 271 -83.60 -43.95 -35.05
C LEU A 271 -83.73 -42.46 -35.37
N CYS A 272 -83.61 -42.08 -36.65
CA CYS A 272 -83.80 -40.69 -37.16
C CYS A 272 -82.84 -39.71 -36.47
N VAL A 273 -81.99 -40.19 -35.57
CA VAL A 273 -80.94 -39.38 -34.92
C VAL A 273 -79.72 -40.27 -34.75
N PRO A 274 -78.56 -39.92 -35.31
CA PRO A 274 -77.37 -40.76 -35.21
C PRO A 274 -76.55 -40.42 -33.94
N ILE A 275 -77.13 -40.69 -32.78
CA ILE A 275 -76.56 -40.25 -31.47
C ILE A 275 -75.11 -40.76 -31.32
N PHE A 276 -74.82 -41.97 -31.76
CA PHE A 276 -73.44 -42.50 -31.69
C PHE A 276 -72.53 -41.76 -32.66
N THR A 277 -73.06 -41.34 -33.80
CA THR A 277 -72.29 -40.48 -34.74
C THR A 277 -72.10 -39.09 -34.12
N LEU A 278 -73.09 -38.60 -33.37
CA LEU A 278 -72.95 -37.31 -32.67
C LEU A 278 -71.90 -37.42 -31.57
N LEU A 279 -71.84 -38.55 -30.86
CA LEU A 279 -70.81 -38.77 -29.82
C LEU A 279 -69.42 -38.82 -30.48
N GLN A 280 -69.31 -39.50 -31.62
CA GLN A 280 -68.03 -39.55 -32.38
C GLN A 280 -67.68 -38.14 -32.85
N PHE A 281 -68.68 -37.34 -33.22
CA PHE A 281 -68.43 -35.94 -33.62
C PHE A 281 -67.86 -35.18 -32.43
N PHE A 282 -68.49 -35.30 -31.28
CA PHE A 282 -67.96 -34.68 -30.04
C PHE A 282 -66.49 -35.06 -29.90
N PHE A 283 -66.21 -36.36 -29.95
CA PHE A 283 -64.85 -36.90 -29.75
C PHE A 283 -63.87 -36.26 -30.72
N TYR A 284 -64.02 -36.49 -32.02
CA TYR A 284 -63.00 -36.09 -33.03
C TYR A 284 -62.98 -34.56 -33.20
N ALA A 285 -64.14 -33.94 -33.30
CA ALA A 285 -64.23 -32.48 -33.49
C ALA A 285 -63.62 -31.76 -32.28
N GLY A 286 -63.89 -32.24 -31.06
CA GLY A 286 -63.29 -31.67 -29.84
C GLY A 286 -61.80 -31.92 -29.79
N TRP A 287 -61.36 -33.08 -30.26
CA TRP A 287 -59.90 -33.38 -30.27
C TRP A 287 -59.22 -32.37 -31.19
N LEU A 288 -59.81 -32.07 -32.33
CA LEU A 288 -59.27 -31.02 -33.23
C LEU A 288 -59.41 -29.65 -32.56
N LYS A 289 -60.50 -29.42 -31.83
CA LYS A 289 -60.74 -28.11 -31.17
C LYS A 289 -59.70 -27.82 -30.09
N VAL A 290 -59.16 -28.86 -29.47
CA VAL A 290 -58.07 -28.68 -28.47
C VAL A 290 -56.91 -27.95 -29.15
N ALA A 291 -56.47 -28.45 -30.30
CA ALA A 291 -55.39 -27.81 -31.08
C ALA A 291 -55.85 -26.44 -31.55
N GLU A 292 -57.10 -26.33 -32.01
CA GLU A 292 -57.61 -25.07 -32.60
C GLU A 292 -57.61 -23.97 -31.53
N GLN A 293 -57.78 -24.33 -30.27
CA GLN A 293 -57.76 -23.36 -29.15
C GLN A 293 -56.32 -23.12 -28.69
N LEU A 294 -55.47 -24.13 -28.66
CA LEU A 294 -54.09 -23.97 -28.10
C LEU A 294 -53.09 -23.52 -29.18
N ILE A 295 -53.46 -23.54 -30.46
CA ILE A 295 -52.47 -23.24 -31.54
C ILE A 295 -51.95 -21.81 -31.37
N ASN A 296 -52.81 -20.87 -30.99
CA ASN A 296 -52.39 -19.50 -30.62
C ASN A 296 -52.94 -19.23 -29.23
N PRO A 297 -52.14 -19.47 -28.18
CA PRO A 297 -52.64 -19.32 -26.81
C PRO A 297 -52.68 -17.87 -26.29
N PHE A 298 -52.43 -16.88 -27.14
CA PHE A 298 -52.42 -15.46 -26.73
C PHE A 298 -53.62 -14.72 -27.34
N GLY A 299 -54.61 -15.46 -27.82
CA GLY A 299 -55.85 -14.86 -28.34
C GLY A 299 -56.81 -14.51 -27.23
N GLU A 300 -58.10 -14.61 -27.50
CA GLU A 300 -59.15 -14.26 -26.51
C GLU A 300 -60.01 -15.49 -26.20
N ASP A 301 -59.50 -16.70 -26.41
CA ASP A 301 -60.21 -17.92 -25.96
C ASP A 301 -60.30 -17.92 -24.44
N ASP A 302 -61.28 -18.62 -23.91
CA ASP A 302 -61.48 -18.69 -22.43
C ASP A 302 -60.29 -19.39 -21.79
N ASP A 303 -59.68 -20.36 -22.47
CA ASP A 303 -58.55 -21.15 -21.92
C ASP A 303 -57.22 -20.53 -22.34
N ASP A 304 -57.24 -19.43 -23.09
CA ASP A 304 -55.99 -18.73 -23.48
C ASP A 304 -55.35 -18.07 -22.26
N PHE A 305 -54.07 -17.78 -22.36
CA PHE A 305 -53.29 -17.20 -21.24
C PHE A 305 -53.78 -15.80 -20.92
N GLU A 306 -53.79 -15.48 -19.64
CA GLU A 306 -54.24 -14.17 -19.11
C GLU A 306 -53.03 -13.24 -19.10
N THR A 307 -52.65 -12.75 -20.26
CA THR A 307 -51.42 -11.96 -20.42
C THR A 307 -51.53 -10.62 -19.68
N ASN A 308 -52.68 -9.96 -19.74
CA ASN A 308 -52.85 -8.65 -19.07
C ASN A 308 -52.68 -8.83 -17.56
N PHE A 309 -53.29 -9.86 -17.00
CA PHE A 309 -53.16 -10.14 -15.54
C PHE A 309 -51.69 -10.35 -15.19
N LEU A 310 -50.95 -11.09 -16.02
CA LEU A 310 -49.52 -11.35 -15.74
C LEU A 310 -48.71 -10.04 -15.83
N ILE A 311 -49.02 -9.19 -16.80
CA ILE A 311 -48.34 -7.86 -16.89
C ILE A 311 -48.58 -7.09 -15.59
N ASP A 312 -49.84 -7.01 -15.15
CA ASP A 312 -50.20 -6.24 -13.93
C ASP A 312 -49.51 -6.83 -12.72
N ARG A 313 -49.53 -8.15 -12.59
CA ARG A 313 -48.97 -8.84 -11.41
C ARG A 313 -47.47 -8.57 -11.38
N CYS A 314 -46.80 -8.76 -12.49
CA CYS A 314 -45.31 -8.64 -12.54
C CYS A 314 -44.94 -7.19 -12.22
N PHE A 315 -45.64 -6.22 -12.80
CA PHE A 315 -45.29 -4.80 -12.57
C PHE A 315 -45.46 -4.47 -11.09
N GLN A 316 -46.62 -4.79 -10.53
CA GLN A 316 -46.93 -4.43 -9.12
C GLN A 316 -45.96 -5.14 -8.18
N VAL A 317 -45.75 -6.43 -8.37
CA VAL A 317 -44.90 -7.23 -7.46
C VAL A 317 -43.45 -6.74 -7.58
N SER A 318 -42.97 -6.49 -8.78
CA SER A 318 -41.55 -6.05 -8.99
C SER A 318 -41.35 -4.69 -8.32
N MET A 319 -42.28 -3.76 -8.52
CA MET A 319 -42.15 -2.43 -7.88
C MET A 319 -42.15 -2.59 -6.36
N LEU A 320 -43.07 -3.40 -5.83
CA LEU A 320 -43.12 -3.63 -4.37
C LEU A 320 -41.78 -4.19 -3.89
N ALA A 321 -41.27 -5.23 -4.54
CA ALA A 321 -40.08 -5.97 -4.07
C ALA A 321 -38.85 -5.06 -4.12
N VAL A 322 -38.68 -4.27 -5.18
CA VAL A 322 -37.41 -3.50 -5.33
C VAL A 322 -37.50 -2.14 -4.63
N ASP A 323 -38.70 -1.66 -4.30
CA ASP A 323 -38.84 -0.30 -3.72
C ASP A 323 -39.21 -0.38 -2.25
N GLU A 324 -40.34 -0.98 -1.91
CA GLU A 324 -40.82 -0.94 -0.51
C GLU A 324 -40.11 -2.03 0.31
N MET A 325 -39.64 -3.08 -0.33
CA MET A 325 -39.01 -4.20 0.41
C MET A 325 -37.48 -4.14 0.36
N TYR A 326 -36.88 -3.12 -0.27
CA TYR A 326 -35.40 -3.01 -0.33
C TYR A 326 -34.86 -2.79 1.07
N ASP A 327 -34.07 -3.73 1.57
CA ASP A 327 -33.39 -3.64 2.88
C ASP A 327 -34.39 -3.28 3.98
N ASP A 328 -35.59 -3.83 3.91
CA ASP A 328 -36.64 -3.62 4.93
C ASP A 328 -36.92 -4.97 5.59
N LEU A 329 -36.10 -5.33 6.57
CA LEU A 329 -36.20 -6.65 7.23
C LEU A 329 -36.59 -6.47 8.69
N ALA A 330 -37.39 -7.40 9.20
CA ALA A 330 -37.59 -7.58 10.65
C ALA A 330 -36.25 -7.97 11.27
N MET A 331 -35.99 -7.51 12.48
CA MET A 331 -34.68 -7.73 13.15
C MET A 331 -34.48 -9.23 13.35
N LEU A 332 -33.24 -9.68 13.25
CA LEU A 332 -32.89 -11.11 13.44
C LEU A 332 -33.24 -11.52 14.87
N GLU A 333 -34.09 -12.52 15.03
CA GLU A 333 -34.44 -13.07 16.37
C GLU A 333 -34.54 -14.58 16.30
N LYS A 334 -34.43 -15.20 17.46
CA LYS A 334 -34.47 -16.68 17.59
C LYS A 334 -35.87 -17.19 17.27
N ASP A 335 -35.95 -18.30 16.56
CA ASP A 335 -37.24 -18.91 16.14
C ASP A 335 -37.75 -19.84 17.26
N LEU A 336 -38.88 -20.49 17.01
CA LEU A 336 -39.52 -21.40 18.00
C LEU A 336 -38.62 -22.60 18.31
N TYR A 337 -37.70 -22.96 17.41
CA TYR A 337 -36.91 -24.21 17.55
C TYR A 337 -35.44 -23.90 17.74
N TRP A 338 -35.12 -22.77 18.35
CA TRP A 338 -33.71 -22.38 18.60
C TRP A 338 -33.04 -23.40 19.54
N ASP A 339 -33.75 -23.81 20.59
CA ASP A 339 -33.19 -24.74 21.60
C ASP A 339 -33.65 -26.17 21.35
N ALA A 340 -34.50 -26.42 20.36
CA ALA A 340 -35.05 -27.77 20.10
C ALA A 340 -34.10 -28.54 19.20
N ALA A 341 -33.76 -29.77 19.58
CA ALA A 341 -32.94 -30.69 18.76
C ALA A 341 -33.65 -30.97 17.43
N GLU A 342 -34.96 -31.18 17.47
CA GLU A 342 -35.77 -31.37 16.25
C GLU A 342 -36.57 -30.10 15.97
N ALA A 343 -36.62 -29.71 14.70
CA ALA A 343 -37.44 -28.57 14.23
C ALA A 343 -38.66 -29.13 13.49
N ARG A 344 -39.77 -29.28 14.21
CA ARG A 344 -41.02 -29.85 13.64
C ARG A 344 -42.19 -28.97 14.03
N ALA A 345 -43.04 -28.67 13.05
CA ALA A 345 -44.25 -27.85 13.26
C ALA A 345 -45.39 -28.74 13.70
N PRO A 346 -46.39 -28.19 14.43
CA PRO A 346 -47.56 -28.98 14.80
C PRO A 346 -48.47 -29.26 13.61
N TYR A 347 -49.40 -30.17 13.81
CA TYR A 347 -50.47 -30.51 12.83
C TYR A 347 -51.82 -30.10 13.42
N THR A 348 -52.70 -29.63 12.55
CA THR A 348 -54.11 -29.35 12.93
C THR A 348 -54.84 -30.66 13.21
N ALA A 349 -56.01 -30.55 13.84
CA ALA A 349 -56.88 -31.71 14.14
C ALA A 349 -57.34 -32.39 12.84
N ALA A 350 -57.41 -31.65 11.73
CA ALA A 350 -57.92 -32.14 10.43
C ALA A 350 -56.85 -32.92 9.67
N THR A 351 -55.57 -32.80 10.03
CA THR A 351 -54.46 -33.42 9.26
C THR A 351 -53.70 -34.45 10.09
N ALA A 352 -53.79 -34.42 11.41
CA ALA A 352 -53.04 -35.34 12.29
C ALA A 352 -53.45 -36.80 12.00
N PHE A 353 -54.74 -37.06 11.85
CA PHE A 353 -55.24 -38.46 11.72
C PHE A 353 -54.96 -39.00 10.33
N LEU A 354 -54.63 -38.14 9.36
CA LEU A 354 -54.10 -38.64 8.06
C LEU A 354 -52.58 -38.83 8.16
N MET A 355 -51.91 -37.94 8.88
CA MET A 355 -50.44 -37.92 8.97
C MET A 355 -49.99 -38.74 10.19
N GLN A 356 -48.75 -38.57 10.63
CA GLN A 356 -48.12 -39.38 11.72
C GLN A 356 -48.02 -40.82 11.24
N GLN A 357 -47.28 -41.03 10.16
CA GLN A 357 -47.02 -42.36 9.55
C GLN A 357 -45.51 -42.54 9.45
N PRO A 358 -44.99 -43.78 9.41
CA PRO A 358 -43.55 -44.00 9.36
C PRO A 358 -42.93 -43.38 8.10
N SER A 359 -41.80 -42.70 8.27
CA SER A 359 -41.15 -41.93 7.19
C SER A 359 -40.40 -42.90 6.27
N PHE A 360 -40.52 -42.69 4.97
CA PHE A 360 -39.85 -43.54 3.96
C PHE A 360 -38.34 -43.35 4.06
N GLN A 361 -37.62 -44.44 4.26
CA GLN A 361 -36.14 -44.41 4.41
C GLN A 361 -35.43 -44.99 3.21
N GLY A 362 -36.12 -45.75 2.37
CA GLY A 362 -35.51 -46.48 1.24
C GLY A 362 -36.21 -47.79 0.99
N SER A 363 -36.02 -48.34 -0.19
CA SER A 363 -36.66 -49.61 -0.62
C SER A 363 -35.99 -50.81 0.06
N THR A 364 -34.74 -50.68 0.49
CA THR A 364 -33.90 -51.82 0.87
C THR A 364 -33.86 -51.99 2.38
N PHE A 365 -34.63 -51.21 3.13
CA PHE A 365 -34.55 -51.21 4.62
C PHE A 365 -35.67 -52.05 5.24
N ASP A 366 -36.44 -52.77 4.42
CA ASP A 366 -37.51 -53.68 4.92
C ASP A 366 -37.13 -55.13 4.68
N ILE A 367 -35.83 -55.43 4.68
CA ILE A 367 -35.33 -56.82 4.50
C ILE A 367 -35.12 -57.42 5.88
N THR B 2 -41.11 -18.93 -44.47
CA THR B 2 -42.10 -19.31 -43.44
C THR B 2 -43.47 -18.70 -43.76
N VAL B 3 -44.52 -19.45 -43.48
CA VAL B 3 -45.91 -18.96 -43.66
C VAL B 3 -46.50 -18.79 -42.27
N THR B 4 -46.80 -17.55 -41.89
CA THR B 4 -47.33 -17.24 -40.55
C THR B 4 -48.83 -17.04 -40.67
N TYR B 5 -49.60 -17.77 -39.87
CA TYR B 5 -51.08 -17.67 -39.86
C TYR B 5 -51.62 -17.61 -38.44
N THR B 6 -50.78 -17.38 -37.44
CA THR B 6 -51.18 -17.43 -36.02
C THR B 6 -52.18 -16.30 -35.71
N ALA B 7 -52.17 -15.22 -36.49
CA ALA B 7 -53.18 -14.14 -36.36
C ALA B 7 -54.57 -14.70 -36.70
N ARG B 8 -54.65 -15.56 -37.72
CA ARG B 8 -55.95 -16.12 -38.17
C ARG B 8 -56.49 -17.06 -37.09
N VAL B 9 -55.63 -17.79 -36.41
CA VAL B 9 -56.07 -18.86 -35.46
C VAL B 9 -55.94 -18.35 -34.03
N ALA B 10 -56.00 -17.04 -33.80
CA ALA B 10 -55.90 -16.49 -32.43
C ALA B 10 -57.02 -17.06 -31.55
N LYS B 11 -58.18 -17.32 -32.13
CA LYS B 11 -59.31 -17.94 -31.39
C LYS B 11 -59.80 -19.18 -32.11
N ALA B 12 -60.36 -20.11 -31.34
CA ALA B 12 -61.07 -21.30 -31.86
C ALA B 12 -62.44 -20.86 -32.36
N ARG B 13 -62.51 -20.44 -33.63
CA ARG B 13 -63.77 -19.92 -34.21
C ARG B 13 -64.54 -21.05 -34.90
N PHE B 14 -65.75 -20.74 -35.35
CA PHE B 14 -66.61 -21.70 -36.08
C PHE B 14 -65.90 -22.17 -37.35
N GLY B 15 -65.31 -21.24 -38.11
CA GLY B 15 -64.61 -21.56 -39.36
C GLY B 15 -63.13 -21.31 -39.24
N GLY B 16 -62.52 -21.62 -38.08
CA GLY B 16 -61.11 -21.28 -37.84
C GLY B 16 -60.18 -22.06 -38.76
N PHE B 17 -60.08 -23.38 -38.54
CA PHE B 17 -59.18 -24.24 -39.34
C PHE B 17 -59.74 -24.45 -40.74
N SER B 18 -61.05 -24.36 -40.91
CA SER B 18 -61.70 -24.62 -42.23
C SER B 18 -61.23 -23.59 -43.26
N LYS B 19 -61.12 -22.32 -42.87
CA LYS B 19 -60.65 -21.27 -43.81
C LYS B 19 -59.16 -21.43 -44.11
N LEU B 20 -58.41 -22.14 -43.27
CA LEU B 20 -56.96 -22.38 -43.55
C LEU B 20 -56.82 -23.28 -44.78
N LEU B 21 -57.87 -24.01 -45.16
CA LEU B 21 -57.84 -24.83 -46.39
C LEU B 21 -57.96 -23.95 -47.63
N LEU B 22 -58.27 -22.67 -47.50
CA LEU B 22 -58.38 -21.76 -48.67
C LEU B 22 -57.05 -21.07 -48.96
N LEU B 23 -56.05 -21.21 -48.08
CA LEU B 23 -54.72 -20.61 -48.33
C LEU B 23 -53.98 -21.41 -49.39
N TRP B 24 -53.05 -20.76 -50.07
CA TRP B 24 -52.27 -21.38 -51.17
C TRP B 24 -50.78 -21.40 -50.84
N ARG B 25 -50.22 -20.29 -50.37
CA ARG B 25 -48.78 -20.19 -50.09
C ARG B 25 -48.44 -21.11 -48.92
N GLY B 26 -47.54 -22.07 -49.15
CA GLY B 26 -47.11 -23.04 -48.14
C GLY B 26 -48.18 -24.06 -47.80
N SER B 27 -49.21 -24.19 -48.64
CA SER B 27 -50.35 -25.09 -48.36
C SER B 27 -50.05 -26.51 -48.84
N ILE B 28 -50.93 -27.43 -48.47
CA ILE B 28 -50.88 -28.84 -48.94
C ILE B 28 -51.04 -28.91 -50.47
N TYR B 29 -51.87 -28.04 -51.06
CA TYR B 29 -52.17 -28.13 -52.51
C TYR B 29 -50.92 -27.80 -53.31
N LYS B 30 -50.19 -26.76 -52.93
CA LYS B 30 -48.99 -26.33 -53.68
C LYS B 30 -47.94 -27.44 -53.63
N LEU B 31 -47.95 -28.26 -52.58
CA LEU B 31 -46.96 -29.36 -52.46
C LEU B 31 -47.44 -30.62 -53.17
N LEU B 32 -48.76 -30.86 -53.26
CA LEU B 32 -49.26 -32.19 -53.73
C LEU B 32 -49.83 -32.17 -55.14
N TRP B 33 -50.28 -31.03 -55.67
CA TRP B 33 -51.16 -31.06 -56.87
C TRP B 33 -50.52 -31.86 -58.01
N ARG B 34 -49.20 -31.88 -58.13
CA ARG B 34 -48.54 -32.65 -59.22
C ARG B 34 -48.74 -34.15 -58.99
N GLU B 35 -48.45 -34.65 -57.79
CA GLU B 35 -48.68 -36.08 -57.46
C GLU B 35 -50.18 -36.38 -57.53
N LEU B 36 -51.03 -35.41 -57.19
CA LEU B 36 -52.49 -35.57 -57.25
C LEU B 36 -52.91 -35.81 -58.71
N LEU B 37 -52.43 -34.98 -59.62
CA LEU B 37 -52.74 -35.12 -61.05
C LEU B 37 -52.18 -36.46 -61.56
N CYS B 38 -50.98 -36.83 -61.12
CA CYS B 38 -50.35 -38.10 -61.56
C CYS B 38 -51.22 -39.29 -61.12
N PHE B 39 -51.62 -39.30 -59.86
CA PHE B 39 -52.43 -40.42 -59.31
C PHE B 39 -53.78 -40.47 -60.03
N LEU B 40 -54.41 -39.31 -60.24
CA LEU B 40 -55.70 -39.25 -60.95
C LEU B 40 -55.52 -39.73 -62.39
N GLY B 41 -54.42 -39.34 -63.04
CA GLY B 41 -54.15 -39.74 -64.44
C GLY B 41 -54.02 -41.25 -64.57
N LEU B 42 -53.22 -41.86 -63.71
CA LEU B 42 -53.05 -43.35 -63.74
C LEU B 42 -54.40 -44.00 -63.40
N PHE B 43 -55.13 -43.51 -62.43
CA PHE B 43 -56.41 -44.14 -62.03
C PHE B 43 -57.40 -44.08 -63.20
N MET B 44 -57.53 -42.90 -63.82
CA MET B 44 -58.49 -42.70 -64.94
C MET B 44 -58.04 -43.55 -66.14
N ALA B 45 -56.75 -43.59 -66.44
CA ALA B 45 -56.24 -44.39 -67.58
C ALA B 45 -56.54 -45.87 -67.34
N LEU B 46 -56.31 -46.36 -66.13
CA LEU B 46 -56.54 -47.78 -65.80
C LEU B 46 -58.04 -48.08 -65.89
N SER B 47 -58.88 -47.18 -65.38
CA SER B 47 -60.35 -47.36 -65.43
C SER B 47 -60.82 -47.38 -66.89
N ALA B 48 -60.29 -46.48 -67.72
CA ALA B 48 -60.67 -46.41 -69.15
C ALA B 48 -60.24 -47.69 -69.87
N ALA B 49 -59.04 -48.17 -69.58
CA ALA B 49 -58.53 -49.42 -70.20
C ALA B 49 -59.45 -50.57 -69.78
N TYR B 50 -59.82 -50.64 -68.51
CA TYR B 50 -60.72 -51.70 -68.00
C TYR B 50 -62.08 -51.62 -68.71
N ARG B 51 -62.60 -50.41 -68.88
CA ARG B 51 -63.95 -50.23 -69.46
C ARG B 51 -63.94 -50.58 -70.95
N PHE B 52 -62.88 -50.22 -71.68
CA PHE B 52 -62.90 -50.29 -73.16
C PHE B 52 -61.91 -51.32 -73.70
N VAL B 53 -60.63 -51.15 -73.41
CA VAL B 53 -59.57 -51.87 -74.18
C VAL B 53 -59.57 -53.35 -73.82
N LEU B 54 -59.68 -53.67 -72.54
CA LEU B 54 -59.54 -55.08 -72.07
C LEU B 54 -60.71 -55.92 -72.59
N THR B 55 -60.42 -57.17 -72.92
CA THR B 55 -61.45 -58.14 -73.36
C THR B 55 -62.36 -58.49 -72.17
N GLU B 56 -63.51 -59.07 -72.49
CA GLU B 56 -64.45 -59.57 -71.45
C GLU B 56 -63.76 -60.65 -70.62
N GLU B 57 -63.02 -61.56 -71.26
CA GLU B 57 -62.32 -62.65 -70.54
C GLU B 57 -61.27 -62.05 -69.60
N GLN B 58 -60.48 -61.09 -70.08
CA GLN B 58 -59.40 -60.47 -69.25
C GLN B 58 -60.01 -59.65 -68.12
N LYS B 59 -61.24 -59.16 -68.27
CA LYS B 59 -61.86 -58.27 -67.25
C LYS B 59 -62.15 -59.05 -65.96
N ARG B 60 -62.47 -60.33 -66.05
CA ARG B 60 -62.68 -61.17 -64.85
C ARG B 60 -61.36 -61.26 -64.07
N TYR B 61 -60.26 -61.52 -64.77
CA TYR B 61 -58.93 -61.58 -64.13
C TYR B 61 -58.59 -60.22 -63.52
N PHE B 62 -58.89 -59.14 -64.24
CA PHE B 62 -58.56 -57.78 -63.76
C PHE B 62 -59.34 -57.48 -62.48
N GLU B 63 -60.62 -57.84 -62.44
CA GLU B 63 -61.46 -57.52 -61.25
C GLU B 63 -61.07 -58.43 -60.08
N LYS B 64 -60.67 -59.66 -60.36
CA LYS B 64 -60.12 -60.54 -59.28
C LYS B 64 -58.84 -59.90 -58.72
N LEU B 65 -57.99 -59.36 -59.59
CA LEU B 65 -56.75 -58.69 -59.14
C LEU B 65 -57.11 -57.42 -58.36
N VAL B 66 -58.18 -56.73 -58.74
CA VAL B 66 -58.65 -55.54 -57.99
C VAL B 66 -59.07 -55.96 -56.59
N LEU B 67 -59.82 -57.04 -56.47
CA LEU B 67 -60.25 -57.54 -55.13
C LEU B 67 -59.00 -57.91 -54.32
N TYR B 68 -58.06 -58.60 -54.93
CA TYR B 68 -56.82 -59.05 -54.24
C TYR B 68 -56.05 -57.83 -53.74
N CYS B 69 -55.90 -56.81 -54.58
CA CYS B 69 -55.14 -55.58 -54.23
C CYS B 69 -55.91 -54.76 -53.18
N ASP B 70 -57.23 -54.83 -53.18
CA ASP B 70 -58.05 -54.11 -52.18
C ASP B 70 -57.92 -54.79 -50.81
N ARG B 71 -57.74 -56.11 -50.79
CA ARG B 71 -57.65 -56.85 -49.50
C ARG B 71 -56.36 -56.44 -48.77
N TYR B 72 -55.29 -56.12 -49.47
CA TYR B 72 -53.99 -55.78 -48.84
C TYR B 72 -53.80 -54.27 -48.71
N ALA B 73 -54.79 -53.46 -49.06
CA ALA B 73 -54.70 -52.00 -48.87
C ALA B 73 -54.82 -51.68 -47.38
N SER B 74 -53.69 -51.58 -46.68
CA SER B 74 -53.65 -51.32 -45.23
C SER B 74 -53.39 -49.83 -45.00
N LEU B 75 -54.39 -49.11 -44.49
CA LEU B 75 -54.24 -47.65 -44.23
C LEU B 75 -53.85 -47.38 -42.78
N ILE B 76 -54.05 -48.33 -41.87
CA ILE B 76 -53.75 -48.12 -40.42
C ILE B 76 -52.24 -48.21 -40.19
N PRO B 77 -51.54 -49.30 -40.61
CA PRO B 77 -50.12 -49.42 -40.30
C PRO B 77 -49.24 -48.27 -40.81
N VAL B 78 -49.56 -47.72 -41.99
CA VAL B 78 -48.77 -46.60 -42.58
C VAL B 78 -48.92 -45.36 -41.69
N SER B 79 -50.06 -45.24 -41.02
CA SER B 79 -50.31 -44.09 -40.10
C SER B 79 -49.27 -44.09 -38.97
N PHE B 80 -48.89 -45.26 -38.48
CA PHE B 80 -47.91 -45.34 -37.37
C PHE B 80 -46.57 -44.84 -37.85
N VAL B 81 -46.09 -45.36 -38.97
CA VAL B 81 -44.74 -45.01 -39.48
C VAL B 81 -44.76 -43.52 -39.83
N LEU B 82 -45.84 -43.01 -40.42
CA LEU B 82 -45.96 -41.56 -40.71
C LEU B 82 -45.91 -40.74 -39.41
N GLY B 83 -46.69 -41.10 -38.39
CA GLY B 83 -46.76 -40.34 -37.13
C GLY B 83 -45.38 -40.21 -36.49
N PHE B 84 -44.70 -41.35 -36.35
CA PHE B 84 -43.40 -41.40 -35.65
C PHE B 84 -42.34 -40.64 -36.45
N TYR B 85 -42.26 -40.90 -37.75
CA TYR B 85 -41.25 -40.29 -38.63
C TYR B 85 -41.47 -38.76 -38.68
N VAL B 86 -42.73 -38.34 -38.83
CA VAL B 86 -43.02 -36.90 -38.96
C VAL B 86 -42.75 -36.23 -37.62
N THR B 87 -43.04 -36.90 -36.51
CA THR B 87 -42.74 -36.33 -35.17
C THR B 87 -41.23 -36.13 -35.04
N LEU B 88 -40.43 -37.11 -35.47
CA LEU B 88 -38.96 -36.97 -35.41
C LEU B 88 -38.52 -35.79 -36.27
N VAL B 89 -39.07 -35.69 -37.48
CA VAL B 89 -38.68 -34.60 -38.42
C VAL B 89 -39.07 -33.25 -37.81
N VAL B 90 -40.23 -33.15 -37.19
CA VAL B 90 -40.70 -31.88 -36.57
C VAL B 90 -39.79 -31.53 -35.38
N HIS B 91 -39.39 -32.52 -34.59
CA HIS B 91 -38.45 -32.30 -33.48
C HIS B 91 -37.14 -31.72 -34.03
N ARG B 92 -36.59 -32.34 -35.07
CA ARG B 92 -35.34 -31.84 -35.69
C ARG B 92 -35.57 -30.44 -36.24
N TRP B 93 -36.73 -30.19 -36.84
CA TRP B 93 -37.02 -28.90 -37.51
C TRP B 93 -37.04 -27.78 -36.47
N TRP B 94 -37.72 -28.00 -35.36
CA TRP B 94 -37.80 -26.97 -34.30
C TRP B 94 -36.42 -26.76 -33.68
N ASN B 95 -35.70 -27.84 -33.39
CA ASN B 95 -34.35 -27.73 -32.79
C ASN B 95 -33.41 -27.01 -33.75
N GLN B 96 -33.58 -27.21 -35.05
CA GLN B 96 -32.78 -26.50 -36.07
C GLN B 96 -33.11 -25.02 -36.03
N TYR B 97 -34.38 -24.66 -35.90
CA TYR B 97 -34.75 -23.23 -35.78
C TYR B 97 -34.09 -22.65 -34.52
N LEU B 98 -34.13 -23.36 -33.41
CA LEU B 98 -33.53 -22.85 -32.14
C LEU B 98 -32.01 -22.72 -32.28
N SER B 99 -31.40 -23.33 -33.29
CA SER B 99 -29.92 -23.29 -33.49
C SER B 99 -29.51 -22.15 -34.42
N MET B 100 -30.45 -21.31 -34.87
CA MET B 100 -30.10 -20.16 -35.73
C MET B 100 -29.11 -19.27 -34.98
N PRO B 101 -28.05 -18.80 -35.65
CA PRO B 101 -27.09 -17.93 -34.98
C PRO B 101 -27.68 -16.53 -34.76
N LEU B 102 -28.13 -16.28 -33.54
CA LEU B 102 -28.70 -14.98 -33.14
C LEU B 102 -27.73 -14.33 -32.16
N THR B 103 -27.57 -13.02 -32.28
CA THR B 103 -26.51 -12.26 -31.59
C THR B 103 -27.12 -11.32 -30.55
N ASP B 104 -28.34 -11.57 -30.08
CA ASP B 104 -29.03 -10.67 -29.13
C ASP B 104 -28.34 -10.77 -27.76
N ALA B 105 -28.09 -11.99 -27.30
CA ALA B 105 -27.39 -12.22 -26.01
C ALA B 105 -25.99 -11.58 -26.07
N LEU B 106 -25.32 -11.77 -27.20
CA LEU B 106 -23.95 -11.23 -27.39
C LEU B 106 -24.01 -9.71 -27.41
N MET B 107 -25.00 -9.12 -28.06
CA MET B 107 -25.05 -7.64 -28.15
C MET B 107 -25.32 -7.07 -26.77
N CYS B 108 -26.14 -7.73 -25.98
CA CYS B 108 -26.46 -7.23 -24.62
C CYS B 108 -25.18 -7.25 -23.78
N VAL B 109 -24.46 -8.37 -23.83
CA VAL B 109 -23.21 -8.48 -23.03
C VAL B 109 -22.19 -7.43 -23.53
N VAL B 110 -22.04 -7.29 -24.84
CA VAL B 110 -21.01 -6.38 -25.42
C VAL B 110 -21.34 -4.95 -25.01
N VAL B 111 -22.59 -4.53 -25.21
CA VAL B 111 -22.96 -3.12 -24.92
C VAL B 111 -22.82 -2.89 -23.41
N GLY B 112 -22.97 -3.93 -22.59
CA GLY B 112 -22.85 -3.75 -21.13
C GLY B 112 -21.42 -3.93 -20.60
N THR B 113 -20.46 -4.38 -21.41
CA THR B 113 -19.13 -4.76 -20.88
C THR B 113 -17.96 -4.14 -21.66
N VAL B 114 -18.11 -3.83 -22.94
CA VAL B 114 -16.98 -3.31 -23.75
C VAL B 114 -17.15 -1.79 -23.88
N HIS B 115 -16.28 -1.02 -23.25
CA HIS B 115 -16.56 0.40 -22.93
C HIS B 115 -15.73 1.36 -23.77
N GLY B 116 -16.15 2.61 -23.80
CA GLY B 116 -15.45 3.68 -24.51
C GLY B 116 -16.32 4.36 -25.55
N HIS B 117 -16.48 5.67 -25.39
CA HIS B 117 -17.22 6.51 -26.36
C HIS B 117 -16.33 6.88 -27.54
N ASP B 118 -15.03 6.63 -27.45
CA ASP B 118 -14.05 7.02 -28.49
C ASP B 118 -14.18 6.10 -29.71
N GLU B 119 -13.32 6.30 -30.70
CA GLU B 119 -13.31 5.49 -31.93
C GLU B 119 -12.90 4.05 -31.60
N ARG B 120 -12.01 3.85 -30.64
CA ARG B 120 -11.44 2.50 -30.41
C ARG B 120 -12.48 1.62 -29.72
N GLY B 121 -13.20 2.14 -28.74
CA GLY B 121 -14.26 1.37 -28.07
C GLY B 121 -15.38 1.02 -29.03
N ARG B 122 -15.75 1.97 -29.88
CA ARG B 122 -16.78 1.76 -30.91
C ARG B 122 -16.31 0.71 -31.90
N LEU B 123 -15.05 0.77 -32.31
CA LEU B 123 -14.45 -0.26 -33.21
C LEU B 123 -14.50 -1.62 -32.52
N TYR B 124 -14.16 -1.67 -31.23
CA TYR B 124 -14.19 -2.93 -30.46
C TYR B 124 -15.59 -3.53 -30.49
N ARG B 125 -16.60 -2.74 -30.14
CA ARG B 125 -18.00 -3.24 -30.04
C ARG B 125 -18.46 -3.69 -31.42
N ARG B 126 -18.27 -2.85 -32.42
CA ARG B 126 -18.75 -3.16 -33.80
C ARG B 126 -18.05 -4.41 -34.31
N THR B 127 -16.74 -4.53 -34.11
CA THR B 127 -15.98 -5.66 -34.66
C THR B 127 -16.37 -6.93 -33.89
N LEU B 128 -16.54 -6.84 -32.59
CA LEU B 128 -16.96 -8.03 -31.79
C LEU B 128 -18.29 -8.56 -32.34
N MET B 129 -19.24 -7.70 -32.61
CA MET B 129 -20.55 -8.17 -33.12
C MET B 129 -20.45 -8.57 -34.59
N ARG B 130 -19.57 -7.93 -35.35
CA ARG B 130 -19.38 -8.28 -36.77
C ARG B 130 -18.75 -9.67 -36.89
N TYR B 131 -17.88 -10.07 -35.95
CA TYR B 131 -17.28 -11.41 -35.98
C TYR B 131 -18.37 -12.47 -35.81
N ALA B 132 -19.27 -12.28 -34.86
CA ALA B 132 -20.39 -13.22 -34.62
C ALA B 132 -21.29 -13.23 -35.86
N GLY B 133 -21.59 -12.06 -36.42
CA GLY B 133 -22.38 -11.99 -37.66
C GLY B 133 -21.71 -12.75 -38.78
N LEU B 134 -20.38 -12.65 -38.89
CA LEU B 134 -19.62 -13.27 -40.00
C LEU B 134 -19.68 -14.78 -39.83
N SER B 135 -19.48 -15.29 -38.63
CA SER B 135 -19.56 -16.75 -38.39
C SER B 135 -20.99 -17.24 -38.67
N GLY B 136 -22.00 -16.47 -38.30
CA GLY B 136 -23.39 -16.80 -38.66
C GLY B 136 -23.59 -16.89 -40.16
N VAL B 137 -23.09 -15.90 -40.89
CA VAL B 137 -23.18 -15.87 -42.37
C VAL B 137 -22.47 -17.10 -42.94
N LEU B 138 -21.29 -17.44 -42.42
CA LEU B 138 -20.51 -18.58 -42.97
C LEU B 138 -21.26 -19.88 -42.76
N ILE B 139 -21.77 -20.12 -41.55
CA ILE B 139 -22.47 -21.40 -41.29
C ILE B 139 -23.77 -21.43 -42.10
N LEU B 140 -24.46 -20.30 -42.20
CA LEU B 140 -25.76 -20.30 -42.90
C LEU B 140 -25.56 -20.52 -44.40
N ARG B 141 -24.54 -19.89 -44.99
CA ARG B 141 -24.26 -20.12 -46.43
C ARG B 141 -23.76 -21.55 -46.62
N SER B 142 -23.21 -22.18 -45.59
CA SER B 142 -22.87 -23.62 -45.66
C SER B 142 -24.14 -24.48 -45.63
N VAL B 143 -25.20 -24.04 -44.96
CA VAL B 143 -26.38 -24.94 -44.70
C VAL B 143 -27.60 -24.48 -45.50
N SER B 144 -27.74 -23.20 -45.81
CA SER B 144 -28.96 -22.65 -46.44
C SER B 144 -28.71 -22.36 -47.92
N THR B 145 -29.60 -22.81 -48.79
CA THR B 145 -29.46 -22.58 -50.26
C THR B 145 -29.67 -21.10 -50.58
N ALA B 146 -30.61 -20.44 -49.92
CA ALA B 146 -30.91 -19.01 -50.18
C ALA B 146 -29.71 -18.14 -49.81
N VAL B 147 -29.10 -18.41 -48.65
CA VAL B 147 -27.92 -17.63 -48.20
C VAL B 147 -26.74 -17.94 -49.13
N PHE B 148 -26.61 -19.18 -49.57
CA PHE B 148 -25.52 -19.54 -50.50
C PHE B 148 -25.70 -18.77 -51.81
N LYS B 149 -26.92 -18.68 -52.31
CA LYS B 149 -27.16 -17.91 -53.56
C LYS B 149 -26.94 -16.42 -53.29
N ARG B 150 -27.12 -15.98 -52.05
CA ARG B 150 -26.80 -14.57 -51.70
C ARG B 150 -25.29 -14.39 -51.55
N PHE B 151 -24.56 -15.40 -51.07
CA PHE B 151 -23.09 -15.33 -50.88
C PHE B 151 -22.46 -16.53 -51.57
N PRO B 152 -22.46 -16.57 -52.92
CA PRO B 152 -21.89 -17.71 -53.63
C PRO B 152 -20.39 -17.91 -53.38
N THR B 153 -19.67 -16.82 -53.13
CA THR B 153 -18.21 -16.86 -52.86
C THR B 153 -17.91 -16.09 -51.58
N ILE B 154 -16.68 -16.21 -51.12
CA ILE B 154 -16.19 -15.41 -49.97
C ILE B 154 -16.02 -13.96 -50.44
N ASP B 155 -15.84 -13.73 -51.73
CA ASP B 155 -15.81 -12.35 -52.27
C ASP B 155 -17.14 -11.65 -51.98
N HIS B 156 -18.25 -12.36 -52.13
CA HIS B 156 -19.59 -11.78 -51.83
C HIS B 156 -19.66 -11.43 -50.35
N VAL B 157 -19.08 -12.25 -49.50
CA VAL B 157 -19.04 -11.97 -48.04
C VAL B 157 -18.24 -10.70 -47.81
N VAL B 158 -17.13 -10.53 -48.52
CA VAL B 158 -16.25 -9.35 -48.33
C VAL B 158 -16.97 -8.09 -48.81
N GLU B 159 -17.59 -8.13 -49.98
CA GLU B 159 -18.30 -6.95 -50.53
C GLU B 159 -19.49 -6.61 -49.64
N ALA B 160 -20.06 -7.60 -48.94
CA ALA B 160 -21.23 -7.37 -48.07
C ALA B 160 -20.82 -6.63 -46.79
N GLY B 161 -19.52 -6.54 -46.50
CA GLY B 161 -19.00 -5.81 -45.33
C GLY B 161 -18.84 -6.70 -44.12
N PHE B 162 -19.26 -7.97 -44.17
CA PHE B 162 -19.14 -8.89 -43.01
C PHE B 162 -17.67 -9.17 -42.71
N MET B 163 -16.86 -9.37 -43.75
CA MET B 163 -15.41 -9.62 -43.58
C MET B 163 -14.64 -8.58 -44.40
N THR B 164 -13.48 -8.18 -43.90
CA THR B 164 -12.63 -7.16 -44.55
C THR B 164 -11.58 -7.82 -45.46
N ARG B 165 -10.83 -6.98 -46.16
CA ARG B 165 -9.74 -7.43 -47.07
C ARG B 165 -8.68 -8.16 -46.25
N GLU B 166 -8.20 -7.55 -45.17
CA GLU B 166 -7.13 -8.14 -44.32
C GLU B 166 -7.65 -9.42 -43.66
N GLU B 167 -8.88 -9.36 -43.15
CA GLU B 167 -9.50 -10.57 -42.54
C GLU B 167 -9.63 -11.65 -43.61
N ARG B 168 -9.93 -11.27 -44.85
CA ARG B 168 -10.01 -12.25 -45.95
C ARG B 168 -8.64 -12.91 -46.15
N LYS B 169 -7.57 -12.13 -46.17
CA LYS B 169 -6.20 -12.71 -46.37
C LYS B 169 -5.88 -13.65 -45.21
N LYS B 170 -6.17 -13.26 -43.98
CA LYS B 170 -5.92 -14.14 -42.81
C LYS B 170 -6.77 -15.40 -42.95
N PHE B 171 -8.01 -15.26 -43.42
CA PHE B 171 -8.98 -16.38 -43.52
C PHE B 171 -8.46 -17.42 -44.52
N GLU B 172 -8.06 -16.97 -45.71
CA GLU B 172 -7.65 -17.90 -46.79
C GLU B 172 -6.29 -18.53 -46.50
N ASN B 173 -5.42 -17.84 -45.77
CA ASN B 173 -4.05 -18.35 -45.51
C ASN B 173 -4.07 -19.53 -44.52
N LEU B 174 -5.16 -19.74 -43.80
CA LEU B 174 -5.24 -20.85 -42.82
C LEU B 174 -5.26 -22.18 -43.56
N ASN B 175 -4.42 -23.11 -43.11
CA ASN B 175 -4.28 -24.43 -43.75
C ASN B 175 -5.22 -25.41 -43.05
N SER B 176 -6.42 -25.55 -43.59
CA SER B 176 -7.42 -26.52 -43.07
C SER B 176 -8.36 -26.91 -44.20
N SER B 177 -8.70 -28.20 -44.25
CA SER B 177 -9.61 -28.76 -45.28
C SER B 177 -11.06 -28.78 -44.78
N TYR B 178 -11.33 -28.24 -43.58
CA TYR B 178 -12.68 -28.26 -42.99
C TYR B 178 -13.33 -26.89 -43.12
N ASN B 179 -14.65 -26.86 -42.94
CA ASN B 179 -15.42 -25.60 -42.98
C ASN B 179 -14.85 -24.67 -41.90
N LYS B 180 -14.61 -23.41 -42.26
CA LYS B 180 -13.97 -22.43 -41.36
C LYS B 180 -15.00 -21.44 -40.78
N TYR B 181 -16.20 -21.88 -40.51
CA TYR B 181 -17.22 -21.00 -39.88
C TYR B 181 -16.81 -20.64 -38.44
N TRP B 182 -15.97 -21.45 -37.82
CA TRP B 182 -15.52 -21.25 -36.42
C TRP B 182 -14.47 -20.15 -36.33
N VAL B 183 -13.83 -19.79 -37.43
CA VAL B 183 -12.69 -18.83 -37.40
C VAL B 183 -13.09 -17.50 -36.77
N PRO B 184 -14.20 -16.84 -37.16
CA PRO B 184 -14.56 -15.57 -36.52
C PRO B 184 -14.83 -15.70 -35.02
N CYS B 185 -15.21 -16.88 -34.54
CA CYS B 185 -15.40 -17.10 -33.09
C CYS B 185 -14.04 -17.07 -32.38
N VAL B 186 -13.02 -17.68 -32.97
CA VAL B 186 -11.65 -17.61 -32.40
C VAL B 186 -11.17 -16.16 -32.45
N TRP B 187 -11.50 -15.44 -33.52
CA TRP B 187 -11.14 -14.01 -33.62
C TRP B 187 -11.86 -13.24 -32.50
N PHE B 188 -13.11 -13.57 -32.23
CA PHE B 188 -13.89 -12.93 -31.15
C PHE B 188 -13.18 -13.17 -29.82
N CYS B 189 -12.76 -14.39 -29.56
CA CYS B 189 -12.08 -14.73 -28.29
C CYS B 189 -10.80 -13.90 -28.16
N ASN B 190 -9.99 -13.86 -29.22
CA ASN B 190 -8.74 -13.08 -29.21
C ASN B 190 -9.04 -11.59 -28.98
N LEU B 191 -10.05 -11.05 -29.65
CA LEU B 191 -10.38 -9.61 -29.53
C LEU B 191 -10.90 -9.31 -28.13
N ALA B 192 -11.70 -10.20 -27.54
CA ALA B 192 -12.21 -10.01 -26.17
C ALA B 192 -11.04 -10.02 -25.19
N ALA B 193 -10.09 -10.94 -25.36
CA ALA B 193 -8.91 -11.02 -24.48
C ALA B 193 -8.10 -9.72 -24.62
N GLN B 194 -7.94 -9.23 -25.84
CA GLN B 194 -7.20 -7.98 -26.07
C GLN B 194 -7.91 -6.82 -25.39
N ALA B 195 -9.24 -6.76 -25.49
CA ALA B 195 -10.03 -5.68 -24.87
C ALA B 195 -9.87 -5.73 -23.35
N ARG B 196 -9.92 -6.92 -22.77
CA ARG B 196 -9.73 -7.06 -21.31
C ARG B 196 -8.31 -6.61 -20.94
N ARG B 197 -7.30 -7.00 -21.69
CA ARG B 197 -5.90 -6.61 -21.39
C ARG B 197 -5.77 -5.08 -21.48
N GLU B 198 -6.46 -4.45 -22.44
CA GLU B 198 -6.35 -2.98 -22.67
C GLU B 198 -7.22 -2.19 -21.70
N GLY B 199 -8.02 -2.85 -20.86
CA GLY B 199 -8.89 -2.16 -19.89
C GLY B 199 -10.25 -1.77 -20.46
N ARG B 200 -10.55 -2.09 -21.72
CA ARG B 200 -11.89 -1.79 -22.29
C ARG B 200 -12.95 -2.59 -21.53
N ILE B 201 -12.65 -3.82 -21.15
CA ILE B 201 -13.52 -4.60 -20.23
C ILE B 201 -13.00 -4.37 -18.82
N ARG B 202 -13.84 -3.80 -17.96
CA ARG B 202 -13.40 -3.29 -16.64
C ARG B 202 -13.16 -4.42 -15.65
N ASP B 203 -13.94 -5.50 -15.72
CA ASP B 203 -13.93 -6.52 -14.64
C ASP B 203 -13.74 -7.91 -15.22
N ASN B 204 -13.20 -8.80 -14.41
CA ASN B 204 -12.84 -10.17 -14.84
C ASN B 204 -14.10 -10.98 -15.14
N GLY B 205 -15.16 -10.81 -14.35
CA GLY B 205 -16.48 -11.45 -14.55
C GLY B 205 -17.08 -11.16 -15.92
N ALA B 206 -16.89 -9.94 -16.40
CA ALA B 206 -17.47 -9.48 -17.68
C ALA B 206 -16.81 -10.23 -18.83
N PHE B 207 -15.49 -10.43 -18.74
CA PHE B 207 -14.74 -11.18 -19.77
C PHE B 207 -15.24 -12.62 -19.80
N LYS B 208 -15.45 -13.21 -18.62
CA LYS B 208 -15.94 -14.61 -18.52
C LYS B 208 -17.34 -14.67 -19.14
N LEU B 209 -18.19 -13.68 -18.86
CA LEU B 209 -19.57 -13.67 -19.40
C LEU B 209 -19.53 -13.59 -20.91
N LEU B 210 -18.62 -12.78 -21.46
CA LEU B 210 -18.47 -12.64 -22.93
C LEU B 210 -18.04 -13.99 -23.53
N LEU B 211 -17.04 -14.67 -22.98
CA LEU B 211 -16.62 -16.00 -23.51
C LEU B 211 -17.71 -17.05 -23.33
N GLU B 212 -18.48 -17.05 -22.24
CA GLU B 212 -19.63 -17.96 -22.06
C GLU B 212 -20.67 -17.70 -23.17
N GLU B 213 -21.02 -16.44 -23.41
CA GLU B 213 -22.02 -16.10 -24.45
C GLU B 213 -21.45 -16.41 -25.83
N LEU B 214 -20.16 -16.21 -26.07
CA LEU B 214 -19.53 -16.58 -27.37
C LEU B 214 -19.63 -18.10 -27.59
N ASN B 215 -19.37 -18.90 -26.57
CA ASN B 215 -19.41 -20.37 -26.74
C ASN B 215 -20.85 -20.84 -26.97
N VAL B 216 -21.85 -20.17 -26.40
CA VAL B 216 -23.28 -20.47 -26.69
C VAL B 216 -23.55 -20.18 -28.17
N PHE B 217 -23.14 -19.02 -28.66
CA PHE B 217 -23.35 -18.63 -30.07
C PHE B 217 -22.68 -19.66 -30.97
N ARG B 218 -21.42 -20.00 -30.69
CA ARG B 218 -20.63 -20.92 -31.54
C ARG B 218 -21.24 -22.32 -31.52
N SER B 219 -21.72 -22.79 -30.37
CA SER B 219 -22.35 -24.13 -30.26
C SER B 219 -23.61 -24.18 -31.15
N LYS B 220 -24.35 -23.09 -31.24
CA LYS B 220 -25.54 -23.00 -32.12
C LYS B 220 -25.05 -23.13 -33.56
N CYS B 221 -23.94 -22.48 -33.92
CA CYS B 221 -23.39 -22.62 -35.29
C CYS B 221 -22.98 -24.08 -35.53
N GLY B 222 -22.28 -24.68 -34.58
CA GLY B 222 -21.88 -26.09 -34.68
C GLY B 222 -23.07 -27.03 -34.77
N MET B 223 -24.14 -26.70 -34.06
CA MET B 223 -25.37 -27.54 -34.08
C MET B 223 -26.05 -27.45 -35.45
N LEU B 224 -26.04 -26.27 -36.07
CA LEU B 224 -26.57 -26.16 -37.45
C LEU B 224 -25.71 -27.04 -38.37
N PHE B 225 -24.40 -27.01 -38.21
CA PHE B 225 -23.51 -27.86 -39.03
C PHE B 225 -23.84 -29.34 -38.78
N HIS B 226 -24.08 -29.71 -37.53
CA HIS B 226 -24.38 -31.12 -37.16
C HIS B 226 -25.67 -31.58 -37.83
N TYR B 227 -26.70 -30.75 -37.77
CA TYR B 227 -28.01 -31.09 -38.38
C TYR B 227 -27.85 -31.19 -39.90
N ASP B 228 -27.06 -30.31 -40.48
CA ASP B 228 -26.82 -30.34 -41.95
C ASP B 228 -26.08 -31.62 -42.32
N TRP B 229 -25.07 -32.00 -41.55
CA TRP B 229 -24.23 -33.17 -41.89
C TRP B 229 -25.01 -34.47 -41.64
N ILE B 230 -25.63 -34.57 -40.47
CA ILE B 230 -26.30 -35.83 -40.04
C ILE B 230 -27.77 -35.69 -40.42
N SER B 231 -28.13 -36.28 -41.55
CA SER B 231 -29.53 -36.31 -42.04
C SER B 231 -30.36 -37.25 -41.16
N VAL B 232 -31.67 -37.18 -41.27
CA VAL B 232 -32.56 -38.26 -40.79
C VAL B 232 -32.06 -39.51 -41.50
N PRO B 233 -31.86 -40.64 -40.81
CA PRO B 233 -31.28 -41.82 -41.45
C PRO B 233 -32.02 -42.20 -42.74
N LEU B 234 -31.25 -42.38 -43.81
CA LEU B 234 -31.81 -42.59 -45.17
C LEU B 234 -32.70 -43.83 -45.16
N VAL B 235 -32.33 -44.87 -44.43
CA VAL B 235 -33.12 -46.13 -44.39
C VAL B 235 -34.53 -45.84 -43.88
N TYR B 236 -34.67 -44.95 -42.90
CA TYR B 236 -35.98 -44.70 -42.25
C TYR B 236 -36.83 -43.88 -43.21
N THR B 237 -36.24 -42.89 -43.86
CA THR B 237 -36.93 -42.11 -44.90
C THR B 237 -37.41 -43.03 -46.03
N GLN B 238 -36.56 -43.96 -46.46
CA GLN B 238 -36.93 -44.93 -47.51
C GLN B 238 -38.06 -45.83 -47.01
N VAL B 239 -38.03 -46.22 -45.73
CA VAL B 239 -39.10 -47.07 -45.16
C VAL B 239 -40.43 -46.32 -45.26
N VAL B 240 -40.47 -45.07 -44.84
CA VAL B 240 -41.75 -44.31 -44.81
C VAL B 240 -42.21 -44.10 -46.27
N THR B 241 -41.28 -43.79 -47.17
CA THR B 241 -41.64 -43.56 -48.58
C THR B 241 -42.19 -44.86 -49.19
N ILE B 242 -41.53 -45.98 -48.92
CA ILE B 242 -41.97 -47.28 -49.49
C ILE B 242 -43.35 -47.63 -48.92
N ALA B 243 -43.58 -47.43 -47.63
CA ALA B 243 -44.90 -47.73 -47.01
C ALA B 243 -45.98 -46.89 -47.69
N VAL B 244 -45.75 -45.60 -47.83
CA VAL B 244 -46.78 -44.68 -48.40
C VAL B 244 -47.02 -45.06 -49.86
N TYR B 245 -45.96 -45.24 -50.64
CA TYR B 245 -46.08 -45.54 -52.09
C TYR B 245 -46.69 -46.92 -52.30
N SER B 246 -46.37 -47.89 -51.45
CA SER B 246 -46.96 -49.25 -51.52
C SER B 246 -48.46 -49.17 -51.26
N TYR B 247 -48.85 -48.42 -50.24
CA TYR B 247 -50.29 -48.25 -49.92
C TYR B 247 -51.00 -47.59 -51.12
N PHE B 248 -50.37 -46.59 -51.73
CA PHE B 248 -51.05 -45.86 -52.82
C PHE B 248 -51.08 -46.68 -54.09
N LEU B 249 -50.06 -47.49 -54.34
CA LEU B 249 -50.08 -48.46 -55.48
C LEU B 249 -51.19 -49.48 -55.24
N ALA B 250 -51.38 -49.93 -54.00
CA ALA B 250 -52.48 -50.86 -53.66
C ALA B 250 -53.83 -50.17 -53.88
N CYS B 251 -53.93 -48.90 -53.52
CA CYS B 251 -55.21 -48.14 -53.66
C CYS B 251 -55.50 -47.83 -55.13
N LEU B 252 -54.46 -47.68 -55.95
CA LEU B 252 -54.65 -47.35 -57.38
C LEU B 252 -55.43 -48.47 -58.07
N ILE B 253 -55.15 -49.71 -57.72
CA ILE B 253 -55.78 -50.88 -58.40
C ILE B 253 -56.95 -51.40 -57.57
N GLY B 254 -56.73 -51.64 -56.28
CA GLY B 254 -57.75 -52.24 -55.41
C GLY B 254 -59.02 -51.41 -55.28
N ARG B 255 -58.93 -50.10 -55.50
CA ARG B 255 -60.10 -49.21 -55.39
C ARG B 255 -60.67 -48.89 -56.77
N GLN B 256 -60.26 -49.62 -57.80
CA GLN B 256 -60.81 -49.41 -59.16
C GLN B 256 -62.31 -49.72 -59.17
N PHE B 257 -63.08 -48.89 -59.85
CA PHE B 257 -64.54 -49.09 -59.97
C PHE B 257 -64.81 -50.27 -60.89
N LEU B 258 -65.35 -51.35 -60.33
CA LEU B 258 -65.70 -52.55 -61.13
C LEU B 258 -67.08 -52.38 -61.75
N ASP B 259 -67.32 -53.14 -62.81
CA ASP B 259 -68.63 -53.14 -63.50
C ASP B 259 -69.68 -53.72 -62.55
N PRO B 260 -70.76 -52.98 -62.22
CA PRO B 260 -71.80 -53.51 -61.34
C PRO B 260 -72.55 -54.73 -61.90
N ALA B 261 -72.45 -55.00 -63.21
CA ALA B 261 -73.15 -56.13 -63.86
C ALA B 261 -72.69 -57.48 -63.27
N GLN B 262 -71.47 -57.57 -62.74
CA GLN B 262 -70.98 -58.83 -62.13
C GLN B 262 -71.60 -59.05 -60.75
N GLY B 263 -72.07 -58.00 -60.09
CA GLY B 263 -72.77 -58.13 -58.79
C GLY B 263 -71.83 -58.49 -57.65
N TYR B 264 -70.54 -58.21 -57.77
CA TYR B 264 -69.57 -58.45 -56.67
C TYR B 264 -69.94 -57.58 -55.46
N LYS B 265 -69.88 -58.17 -54.28
CA LYS B 265 -70.19 -57.44 -53.03
C LYS B 265 -69.18 -56.31 -52.83
N ASP B 266 -69.64 -55.25 -52.19
CA ASP B 266 -68.84 -54.03 -51.87
C ASP B 266 -68.34 -53.35 -53.14
N HIS B 267 -68.79 -53.77 -54.32
CA HIS B 267 -68.33 -53.18 -55.60
C HIS B 267 -69.52 -53.01 -56.55
N ASP B 268 -70.72 -52.80 -56.02
CA ASP B 268 -71.95 -52.70 -56.83
C ASP B 268 -72.22 -51.25 -57.24
N LEU B 269 -71.19 -50.40 -57.28
CA LEU B 269 -71.35 -48.98 -57.69
C LEU B 269 -70.11 -48.56 -58.47
N ASP B 270 -70.28 -47.54 -59.30
CA ASP B 270 -69.17 -47.00 -60.11
C ASP B 270 -69.40 -45.50 -60.30
N LEU B 271 -68.71 -44.69 -59.50
CA LEU B 271 -68.83 -43.21 -59.55
C LEU B 271 -67.76 -42.61 -60.48
N CYS B 272 -66.94 -43.46 -61.12
CA CYS B 272 -65.91 -43.07 -62.13
C CYS B 272 -64.90 -42.08 -61.54
N VAL B 273 -65.05 -41.71 -60.27
CA VAL B 273 -64.08 -40.85 -59.55
C VAL B 273 -64.01 -41.35 -58.12
N PRO B 274 -62.82 -41.76 -57.62
CA PRO B 274 -62.69 -42.29 -56.27
C PRO B 274 -62.44 -41.18 -55.24
N ILE B 275 -63.43 -40.30 -55.07
CA ILE B 275 -63.26 -39.06 -54.26
C ILE B 275 -62.77 -39.39 -52.85
N PHE B 276 -63.25 -40.47 -52.24
CA PHE B 276 -62.78 -40.88 -50.90
C PHE B 276 -61.34 -41.38 -50.96
N THR B 277 -60.95 -42.00 -52.06
CA THR B 277 -59.53 -42.37 -52.27
C THR B 277 -58.70 -41.11 -52.49
N LEU B 278 -59.25 -40.11 -53.16
CA LEU B 278 -58.54 -38.82 -53.35
C LEU B 278 -58.38 -38.11 -52.01
N LEU B 279 -59.40 -38.18 -51.13
CA LEU B 279 -59.30 -37.57 -49.78
C LEU B 279 -58.22 -38.31 -48.97
N GLN B 280 -58.18 -39.64 -49.06
CA GLN B 280 -57.13 -40.44 -48.39
C GLN B 280 -55.77 -40.08 -48.97
N PHE B 281 -55.71 -39.82 -50.27
CA PHE B 281 -54.44 -39.38 -50.90
C PHE B 281 -54.01 -38.05 -50.30
N PHE B 282 -54.93 -37.10 -50.22
CA PHE B 282 -54.64 -35.80 -49.57
C PHE B 282 -54.04 -36.08 -48.19
N PHE B 283 -54.74 -36.88 -47.39
CA PHE B 283 -54.34 -37.19 -46.00
C PHE B 283 -52.91 -37.75 -45.97
N TYR B 284 -52.68 -38.92 -46.54
CA TYR B 284 -51.38 -39.64 -46.37
C TYR B 284 -50.26 -38.93 -47.13
N ALA B 285 -50.52 -38.51 -48.36
CA ALA B 285 -49.50 -37.84 -49.19
C ALA B 285 -49.10 -36.51 -48.53
N GLY B 286 -50.05 -35.76 -47.98
CA GLY B 286 -49.75 -34.51 -47.25
C GLY B 286 -49.02 -34.79 -45.96
N TRP B 287 -49.35 -35.87 -45.28
CA TRP B 287 -48.66 -36.24 -44.03
C TRP B 287 -47.19 -36.51 -44.37
N LEU B 288 -46.92 -37.20 -45.46
CA LEU B 288 -45.52 -37.40 -45.91
C LEU B 288 -44.93 -36.06 -46.36
N LYS B 289 -45.72 -35.21 -47.00
CA LYS B 289 -45.22 -33.91 -47.51
C LYS B 289 -44.78 -32.99 -46.36
N VAL B 290 -45.39 -33.14 -45.19
CA VAL B 290 -44.98 -32.35 -44.00
C VAL B 290 -43.50 -32.63 -43.74
N ALA B 291 -43.13 -33.90 -43.66
CA ALA B 291 -41.73 -34.31 -43.46
C ALA B 291 -40.88 -33.88 -44.67
N GLU B 292 -41.42 -34.04 -45.87
CA GLU B 292 -40.65 -33.74 -47.11
C GLU B 292 -40.30 -32.25 -47.16
N GLN B 293 -41.13 -31.40 -46.58
CA GLN B 293 -40.88 -29.94 -46.52
C GLN B 293 -39.99 -29.60 -45.33
N LEU B 294 -40.17 -30.26 -44.18
CA LEU B 294 -39.41 -29.88 -42.95
C LEU B 294 -38.08 -30.62 -42.85
N ILE B 295 -37.83 -31.64 -43.67
CA ILE B 295 -36.60 -32.47 -43.52
C ILE B 295 -35.36 -31.59 -43.71
N ASN B 296 -35.40 -30.65 -44.64
CA ASN B 296 -34.34 -29.63 -44.78
C ASN B 296 -35.01 -28.26 -44.74
N PRO B 297 -35.08 -27.64 -43.55
CA PRO B 297 -35.81 -26.38 -43.42
C PRO B 297 -35.04 -25.14 -43.89
N PHE B 298 -33.89 -25.31 -44.52
CA PHE B 298 -33.06 -24.17 -44.99
C PHE B 298 -33.07 -24.11 -46.52
N GLY B 299 -34.01 -24.80 -47.16
CA GLY B 299 -34.16 -24.73 -48.63
C GLY B 299 -34.95 -23.51 -49.04
N GLU B 300 -35.72 -23.63 -50.11
CA GLU B 300 -36.50 -22.50 -50.66
C GLU B 300 -38.00 -22.83 -50.62
N ASP B 301 -38.44 -23.74 -49.75
CA ASP B 301 -39.88 -23.98 -49.55
C ASP B 301 -40.51 -22.72 -48.95
N ASP B 302 -41.80 -22.55 -49.17
CA ASP B 302 -42.53 -21.37 -48.65
C ASP B 302 -42.52 -21.38 -47.11
N ASP B 303 -42.55 -22.56 -46.50
CA ASP B 303 -42.59 -22.68 -45.02
C ASP B 303 -41.18 -22.85 -44.47
N ASP B 304 -40.15 -22.85 -45.31
CA ASP B 304 -38.76 -22.92 -44.83
C ASP B 304 -38.37 -21.63 -44.11
N PHE B 305 -37.33 -21.70 -43.30
CA PHE B 305 -36.87 -20.55 -42.49
C PHE B 305 -36.34 -19.44 -43.38
N GLU B 306 -36.61 -18.21 -42.98
CA GLU B 306 -36.20 -16.99 -43.69
C GLU B 306 -34.82 -16.60 -43.18
N THR B 307 -33.80 -17.33 -43.62
CA THR B 307 -32.42 -17.17 -43.10
C THR B 307 -31.86 -15.79 -43.48
N ASN B 308 -32.11 -15.32 -44.70
CA ASN B 308 -31.57 -14.02 -45.15
C ASN B 308 -32.16 -12.91 -44.29
N PHE B 309 -33.44 -12.96 -44.03
CA PHE B 309 -34.11 -11.94 -43.17
C PHE B 309 -33.48 -11.95 -41.79
N LEU B 310 -33.21 -13.13 -41.24
CA LEU B 310 -32.60 -13.24 -39.89
C LEU B 310 -31.18 -12.66 -39.90
N ILE B 311 -30.41 -12.94 -40.95
CA ILE B 311 -29.05 -12.34 -41.08
C ILE B 311 -29.16 -10.81 -41.06
N ASP B 312 -30.05 -10.26 -41.88
CA ASP B 312 -30.21 -8.79 -41.99
C ASP B 312 -30.65 -8.21 -40.66
N ARG B 313 -31.62 -8.84 -40.01
CA ARG B 313 -32.18 -8.34 -38.75
C ARG B 313 -31.08 -8.34 -37.69
N CYS B 314 -30.37 -9.45 -37.57
CA CYS B 314 -29.34 -9.59 -36.51
C CYS B 314 -28.24 -8.56 -36.73
N PHE B 315 -27.79 -8.41 -37.98
CA PHE B 315 -26.69 -7.47 -38.26
C PHE B 315 -27.13 -6.05 -37.91
N GLN B 316 -28.29 -5.63 -38.41
CA GLN B 316 -28.76 -4.24 -38.21
C GLN B 316 -29.00 -3.99 -36.72
N VAL B 317 -29.68 -4.90 -36.05
CA VAL B 317 -30.04 -4.70 -34.63
C VAL B 317 -28.77 -4.70 -33.78
N SER B 318 -27.82 -5.60 -34.04
CA SER B 318 -26.58 -5.69 -33.24
C SER B 318 -25.77 -4.40 -33.42
N MET B 319 -25.64 -3.93 -34.66
CA MET B 319 -24.89 -2.67 -34.90
C MET B 319 -25.57 -1.53 -34.16
N LEU B 320 -26.89 -1.43 -34.27
CA LEU B 320 -27.65 -0.36 -33.57
C LEU B 320 -27.37 -0.45 -32.07
N ALA B 321 -27.53 -1.63 -31.48
CA ALA B 321 -27.47 -1.80 -30.00
C ALA B 321 -26.06 -1.48 -29.51
N VAL B 322 -25.01 -1.93 -30.19
CA VAL B 322 -23.64 -1.77 -29.63
C VAL B 322 -23.02 -0.42 -30.03
N ASP B 323 -23.57 0.26 -31.03
CA ASP B 323 -22.94 1.52 -31.52
C ASP B 323 -23.80 2.72 -31.13
N GLU B 324 -25.03 2.80 -31.59
CA GLU B 324 -25.84 4.03 -31.37
C GLU B 324 -26.45 4.00 -29.97
N MET B 325 -26.64 2.83 -29.38
CA MET B 325 -27.29 2.72 -28.05
C MET B 325 -26.28 2.53 -26.93
N TYR B 326 -24.97 2.52 -27.20
CA TYR B 326 -23.95 2.36 -26.14
C TYR B 326 -24.00 3.56 -25.21
N ASP B 327 -24.34 3.33 -23.95
CA ASP B 327 -24.35 4.37 -22.90
C ASP B 327 -25.14 5.60 -23.36
N ASP B 328 -26.24 5.38 -24.07
CA ASP B 328 -27.14 6.45 -24.53
C ASP B 328 -28.48 6.28 -23.84
N LEU B 329 -28.58 6.76 -22.61
CA LEU B 329 -29.81 6.58 -21.79
C LEU B 329 -30.48 7.92 -21.54
N ALA B 330 -31.80 7.91 -21.52
CA ALA B 330 -32.60 9.02 -20.96
C ALA B 330 -32.27 9.14 -19.47
N MET B 331 -32.26 10.37 -18.97
CA MET B 331 -31.84 10.63 -17.57
C MET B 331 -32.83 9.93 -16.63
N LEU B 332 -32.33 9.44 -15.49
CA LEU B 332 -33.17 8.74 -14.49
C LEU B 332 -34.20 9.73 -13.95
N GLU B 333 -35.48 9.40 -14.07
CA GLU B 333 -36.58 10.22 -13.51
C GLU B 333 -37.65 9.33 -12.91
N LYS B 334 -38.46 9.92 -12.05
CA LYS B 334 -39.54 9.19 -11.33
C LYS B 334 -40.63 8.82 -12.32
N ASP B 335 -41.18 7.61 -12.17
CA ASP B 335 -42.24 7.09 -13.06
C ASP B 335 -43.61 7.55 -12.56
N LEU B 336 -44.67 7.12 -13.23
CA LEU B 336 -46.06 7.49 -12.88
C LEU B 336 -46.44 6.95 -11.50
N TYR B 337 -45.78 5.91 -11.01
CA TYR B 337 -46.20 5.21 -9.76
C TYR B 337 -45.14 5.37 -8.67
N TRP B 338 -44.40 6.47 -8.69
CA TRP B 338 -43.35 6.72 -7.66
C TRP B 338 -43.99 6.83 -6.28
N ASP B 339 -45.11 7.54 -6.19
CA ASP B 339 -45.78 7.78 -4.88
C ASP B 339 -46.96 6.83 -4.68
N ALA B 340 -47.28 5.98 -5.66
CA ALA B 340 -48.45 5.07 -5.57
C ALA B 340 -48.04 3.79 -4.86
N ALA B 341 -48.82 3.37 -3.87
CA ALA B 341 -48.64 2.08 -3.16
C ALA B 341 -48.75 0.93 -4.17
N GLU B 342 -49.73 0.99 -5.07
CA GLU B 342 -49.91 -0.01 -6.13
C GLU B 342 -49.42 0.57 -7.45
N ALA B 343 -48.71 -0.23 -8.22
CA ALA B 343 -48.26 0.12 -9.59
C ALA B 343 -49.11 -0.65 -10.60
N ARG B 344 -50.18 -0.02 -11.08
CA ARG B 344 -51.13 -0.65 -12.02
C ARG B 344 -51.40 0.30 -13.17
N ALA B 345 -51.35 -0.22 -14.38
CA ALA B 345 -51.62 0.56 -15.61
C ALA B 345 -53.12 0.56 -15.89
N PRO B 346 -53.63 1.59 -16.60
CA PRO B 346 -55.04 1.59 -16.98
C PRO B 346 -55.35 0.56 -18.08
N TYR B 347 -56.63 0.33 -18.29
CA TYR B 347 -57.16 -0.52 -19.38
C TYR B 347 -57.94 0.34 -20.36
N THR B 348 -57.84 0.01 -21.64
CA THR B 348 -58.66 0.65 -22.69
C THR B 348 -60.12 0.23 -22.54
N ALA B 349 -61.01 0.94 -23.21
CA ALA B 349 -62.46 0.65 -23.22
C ALA B 349 -62.72 -0.74 -23.82
N ALA B 350 -61.83 -1.23 -24.69
CA ALA B 350 -61.99 -2.50 -25.44
C ALA B 350 -61.58 -3.69 -24.58
N THR B 351 -60.84 -3.49 -23.48
CA THR B 351 -60.28 -4.60 -22.67
C THR B 351 -60.82 -4.60 -21.25
N ALA B 352 -61.37 -3.48 -20.75
CA ALA B 352 -61.87 -3.38 -19.37
C ALA B 352 -63.01 -4.38 -19.13
N PHE B 353 -63.93 -4.51 -20.08
CA PHE B 353 -65.15 -5.32 -19.88
C PHE B 353 -64.81 -6.81 -20.01
N LEU B 354 -63.66 -7.16 -20.58
CA LEU B 354 -63.18 -8.58 -20.50
C LEU B 354 -62.41 -8.77 -19.20
N MET B 355 -61.65 -7.77 -18.78
CA MET B 355 -60.75 -7.86 -17.60
C MET B 355 -61.50 -7.39 -16.35
N GLN B 356 -60.78 -7.07 -15.27
CA GLN B 356 -61.35 -6.71 -13.95
C GLN B 356 -62.10 -7.94 -13.41
N GLN B 357 -61.37 -9.03 -13.21
CA GLN B 357 -61.88 -10.30 -12.65
C GLN B 357 -61.03 -10.67 -11.45
N PRO B 358 -61.55 -11.47 -10.50
CA PRO B 358 -60.77 -11.80 -9.30
C PRO B 358 -59.49 -12.56 -9.65
N SER B 359 -58.39 -12.18 -9.01
CA SER B 359 -57.04 -12.71 -9.34
C SER B 359 -56.90 -14.09 -8.70
N PHE B 360 -56.33 -15.03 -9.46
CA PHE B 360 -56.12 -16.42 -8.99
C PHE B 360 -55.08 -16.41 -7.85
N GLN B 361 -55.46 -16.95 -6.70
CA GLN B 361 -54.58 -16.97 -5.52
C GLN B 361 -54.08 -18.38 -5.22
N GLY B 362 -54.72 -19.41 -5.76
CA GLY B 362 -54.40 -20.81 -5.45
C GLY B 362 -55.65 -21.67 -5.48
N SER B 363 -55.46 -22.97 -5.60
CA SER B 363 -56.56 -23.96 -5.69
C SER B 363 -57.23 -24.17 -4.33
N THR B 364 -56.52 -23.89 -3.24
CA THR B 364 -56.92 -24.32 -1.89
C THR B 364 -57.60 -23.18 -1.12
N PHE B 365 -57.82 -22.03 -1.76
CA PHE B 365 -58.34 -20.83 -1.05
C PHE B 365 -59.84 -20.66 -1.27
N ASP B 366 -60.50 -21.64 -1.88
CA ASP B 366 -61.97 -21.61 -2.08
C ASP B 366 -62.64 -22.68 -1.21
N ILE B 367 -62.04 -23.00 -0.06
CA ILE B 367 -62.60 -24.00 0.89
C ILE B 367 -63.43 -23.23 1.93
N THR C 2 -21.67 -41.99 -42.33
CA THR C 2 -22.95 -41.25 -42.46
C THR C 2 -23.26 -41.01 -43.95
N VAL C 3 -24.53 -41.07 -44.30
CA VAL C 3 -25.00 -40.77 -45.68
C VAL C 3 -25.77 -39.47 -45.62
N THR C 4 -25.24 -38.44 -46.25
CA THR C 4 -25.87 -37.09 -46.22
C THR C 4 -26.63 -36.89 -47.53
N TYR C 5 -27.91 -36.55 -47.43
CA TYR C 5 -28.75 -36.30 -48.63
C TYR C 5 -29.61 -35.05 -48.45
N THR C 6 -29.30 -34.21 -47.47
CA THR C 6 -30.11 -33.01 -47.15
C THR C 6 -30.07 -32.01 -48.30
N ALA C 7 -29.04 -32.05 -49.14
CA ALA C 7 -28.97 -31.21 -50.36
C ALA C 7 -30.10 -31.64 -51.32
N ARG C 8 -30.33 -32.94 -51.44
CA ARG C 8 -31.37 -33.46 -52.37
C ARG C 8 -32.76 -33.05 -51.89
N VAL C 9 -32.98 -33.01 -50.59
CA VAL C 9 -34.34 -32.78 -50.03
C VAL C 9 -34.46 -31.34 -49.54
N ALA C 10 -33.69 -30.40 -50.10
CA ALA C 10 -33.76 -28.98 -49.68
C ALA C 10 -35.19 -28.45 -49.90
N LYS C 11 -35.87 -28.93 -50.93
CA LYS C 11 -37.27 -28.52 -51.20
C LYS C 11 -38.16 -29.77 -51.32
N ALA C 12 -39.43 -29.59 -50.99
CA ALA C 12 -40.50 -30.60 -51.21
C ALA C 12 -40.85 -30.59 -52.69
N ARG C 13 -40.14 -31.38 -53.49
CA ARG C 13 -40.34 -31.41 -54.95
C ARG C 13 -41.32 -32.52 -55.33
N PHE C 14 -41.70 -32.56 -56.61
CA PHE C 14 -42.62 -33.59 -57.14
C PHE C 14 -42.02 -34.99 -56.93
N GLY C 15 -40.73 -35.15 -57.23
CA GLY C 15 -40.03 -36.44 -57.08
C GLY C 15 -38.99 -36.38 -55.99
N GLY C 16 -39.26 -35.69 -54.88
CA GLY C 16 -38.23 -35.48 -53.84
C GLY C 16 -37.85 -36.78 -53.16
N PHE C 17 -38.77 -37.34 -52.39
CA PHE C 17 -38.50 -38.59 -51.63
C PHE C 17 -38.46 -39.79 -52.57
N SER C 18 -39.15 -39.72 -53.71
CA SER C 18 -39.23 -40.86 -54.66
C SER C 18 -37.85 -41.17 -55.21
N LYS C 19 -37.05 -40.16 -55.55
CA LYS C 19 -35.69 -40.40 -56.08
C LYS C 19 -34.76 -40.91 -54.98
N LEU C 20 -35.09 -40.72 -53.70
CA LEU C 20 -34.25 -41.27 -52.60
C LEU C 20 -34.31 -42.79 -52.61
N LEU C 21 -35.33 -43.38 -53.24
CA LEU C 21 -35.40 -44.86 -53.37
C LEU C 21 -34.40 -45.37 -54.42
N LEU C 22 -33.76 -44.49 -55.18
CA LEU C 22 -32.76 -44.93 -56.20
C LEU C 22 -31.36 -44.94 -55.61
N LEU C 23 -31.17 -44.42 -54.40
CA LEU C 23 -29.83 -44.45 -53.75
C LEU C 23 -29.52 -45.86 -53.26
N TRP C 24 -28.23 -46.16 -53.15
CA TRP C 24 -27.77 -47.50 -52.73
C TRP C 24 -26.97 -47.42 -51.43
N ARG C 25 -26.04 -46.48 -51.31
CA ARG C 25 -25.18 -46.37 -50.11
C ARG C 25 -26.05 -45.96 -48.91
N GLY C 26 -26.06 -46.81 -47.88
CA GLY C 26 -26.83 -46.58 -46.65
C GLY C 26 -28.32 -46.75 -46.88
N SER C 27 -28.74 -47.39 -47.97
CA SER C 27 -30.18 -47.52 -48.31
C SER C 27 -30.78 -48.76 -47.64
N ILE C 28 -32.09 -48.86 -47.74
CA ILE C 28 -32.86 -50.05 -47.24
C ILE C 28 -32.43 -51.31 -48.00
N TYR C 29 -32.12 -51.21 -49.29
CA TYR C 29 -31.82 -52.40 -50.12
C TYR C 29 -30.51 -53.03 -49.64
N LYS C 30 -29.50 -52.22 -49.40
CA LYS C 30 -28.17 -52.74 -48.99
C LYS C 30 -28.29 -53.45 -47.65
N LEU C 31 -29.25 -53.06 -46.82
CA LEU C 31 -29.44 -53.69 -45.49
C LEU C 31 -30.34 -54.92 -45.59
N LEU C 32 -31.28 -54.98 -46.54
CA LEU C 32 -32.33 -56.04 -46.52
C LEU C 32 -32.13 -57.11 -47.58
N TRP C 33 -31.43 -56.86 -48.69
CA TRP C 33 -31.54 -57.75 -49.88
C TRP C 33 -31.26 -59.21 -49.50
N ARG C 34 -30.41 -59.47 -48.53
CA ARG C 34 -30.12 -60.87 -48.12
C ARG C 34 -31.35 -61.51 -47.49
N GLU C 35 -31.97 -60.84 -46.51
CA GLU C 35 -33.22 -61.35 -45.89
C GLU C 35 -34.33 -61.39 -46.94
N LEU C 36 -34.32 -60.46 -47.89
CA LEU C 36 -35.32 -60.43 -48.98
C LEU C 36 -35.19 -61.71 -49.82
N LEU C 37 -33.98 -62.04 -50.23
CA LEU C 37 -33.72 -63.26 -51.03
C LEU C 37 -34.08 -64.49 -50.20
N CYS C 38 -33.77 -64.50 -48.91
CA CYS C 38 -34.08 -65.65 -48.02
C CYS C 38 -35.60 -65.84 -47.96
N PHE C 39 -36.34 -64.77 -47.72
CA PHE C 39 -37.82 -64.85 -47.59
C PHE C 39 -38.42 -65.30 -48.92
N LEU C 40 -37.94 -64.75 -50.03
CA LEU C 40 -38.44 -65.14 -51.36
C LEU C 40 -38.10 -66.61 -51.63
N GLY C 41 -36.91 -67.06 -51.24
CA GLY C 41 -36.48 -68.46 -51.45
C GLY C 41 -37.38 -69.42 -50.71
N LEU C 42 -37.64 -69.16 -49.43
CA LEU C 42 -38.53 -70.05 -48.64
C LEU C 42 -39.95 -69.97 -49.23
N PHE C 43 -40.44 -68.81 -49.60
CA PHE C 43 -41.82 -68.68 -50.12
C PHE C 43 -41.94 -69.49 -51.43
N MET C 44 -40.99 -69.30 -52.33
CA MET C 44 -41.02 -70.00 -53.65
C MET C 44 -40.87 -71.51 -53.44
N ALA C 45 -39.98 -71.94 -52.54
CA ALA C 45 -39.78 -73.38 -52.29
C ALA C 45 -41.07 -73.99 -51.73
N LEU C 46 -41.71 -73.30 -50.79
CA LEU C 46 -42.96 -73.81 -50.17
C LEU C 46 -44.07 -73.86 -51.24
N SER C 47 -44.16 -72.84 -52.08
CA SER C 47 -45.18 -72.79 -53.16
C SER C 47 -44.93 -73.94 -54.15
N ALA C 48 -43.68 -74.18 -54.51
CA ALA C 48 -43.32 -75.26 -55.46
C ALA C 48 -43.65 -76.62 -54.84
N ALA C 49 -43.35 -76.81 -53.56
CA ALA C 49 -43.66 -78.07 -52.85
C ALA C 49 -45.18 -78.27 -52.86
N TYR C 50 -45.94 -77.23 -52.57
CA TYR C 50 -47.42 -77.29 -52.55
C TYR C 50 -47.93 -77.66 -53.94
N ARG C 51 -47.38 -77.06 -54.98
CA ARG C 51 -47.86 -77.27 -56.37
C ARG C 51 -47.54 -78.68 -56.84
N PHE C 52 -46.35 -79.21 -56.50
CA PHE C 52 -45.85 -80.45 -57.13
C PHE C 52 -45.72 -81.59 -56.12
N VAL C 53 -44.93 -81.42 -55.08
CA VAL C 53 -44.47 -82.58 -54.26
C VAL C 53 -45.63 -83.13 -53.42
N LEU C 54 -46.40 -82.24 -52.79
CA LEU C 54 -47.45 -82.67 -51.84
C LEU C 54 -48.56 -83.42 -52.58
N THR C 55 -49.11 -84.42 -51.92
CA THR C 55 -50.25 -85.20 -52.46
C THR C 55 -51.51 -84.33 -52.49
N GLU C 56 -52.50 -84.77 -53.24
CA GLU C 56 -53.82 -84.10 -53.29
C GLU C 56 -54.45 -84.10 -51.89
N GLU C 57 -54.37 -85.22 -51.18
CA GLU C 57 -54.95 -85.34 -49.82
C GLU C 57 -54.24 -84.36 -48.88
N GLN C 58 -52.92 -84.30 -48.93
CA GLN C 58 -52.13 -83.42 -48.02
C GLN C 58 -52.37 -81.95 -48.39
N LYS C 59 -52.74 -81.65 -49.62
CA LYS C 59 -52.91 -80.24 -50.07
C LYS C 59 -54.11 -79.58 -49.37
N ARG C 60 -55.15 -80.35 -49.07
CA ARG C 60 -56.32 -79.81 -48.33
C ARG C 60 -55.85 -79.39 -46.93
N TYR C 61 -55.08 -80.24 -46.26
CA TYR C 61 -54.53 -79.92 -44.92
C TYR C 61 -53.63 -78.68 -45.03
N PHE C 62 -52.80 -78.63 -46.07
CA PHE C 62 -51.84 -77.52 -46.23
C PHE C 62 -52.61 -76.20 -46.42
N GLU C 63 -53.66 -76.21 -47.22
CA GLU C 63 -54.42 -74.96 -47.51
C GLU C 63 -55.23 -74.57 -46.28
N LYS C 64 -55.74 -75.54 -45.51
CA LYS C 64 -56.40 -75.22 -44.22
C LYS C 64 -55.39 -74.55 -43.29
N LEU C 65 -54.16 -75.06 -43.25
CA LEU C 65 -53.09 -74.47 -42.40
C LEU C 65 -52.75 -73.07 -42.94
N VAL C 66 -52.79 -72.87 -44.24
CA VAL C 66 -52.55 -71.53 -44.84
C VAL C 66 -53.63 -70.56 -44.37
N LEU C 67 -54.89 -70.99 -44.39
CA LEU C 67 -56.00 -70.12 -43.91
C LEU C 67 -55.78 -69.81 -42.43
N TYR C 68 -55.45 -70.82 -41.63
CA TYR C 68 -55.23 -70.66 -40.18
C TYR C 68 -54.11 -69.66 -39.92
N CYS C 69 -53.01 -69.78 -40.65
CA CYS C 69 -51.82 -68.90 -40.47
C CYS C 69 -52.13 -67.49 -40.99
N ASP C 70 -53.01 -67.36 -41.98
CA ASP C 70 -53.40 -66.03 -42.51
C ASP C 70 -54.30 -65.32 -41.50
N ARG C 71 -55.10 -66.07 -40.74
CA ARG C 71 -56.04 -65.45 -39.77
C ARG C 71 -55.24 -64.76 -38.65
N TYR C 72 -54.08 -65.30 -38.28
CA TYR C 72 -53.28 -64.75 -37.15
C TYR C 72 -52.19 -63.81 -37.64
N ALA C 73 -52.11 -63.53 -38.94
CA ALA C 73 -51.12 -62.56 -39.46
C ALA C 73 -51.55 -61.15 -39.06
N SER C 74 -51.04 -60.65 -37.93
CA SER C 74 -51.39 -59.32 -37.39
C SER C 74 -50.29 -58.32 -37.77
N LEU C 75 -50.61 -57.39 -38.65
CA LEU C 75 -49.62 -56.38 -39.11
C LEU C 75 -49.75 -55.08 -38.30
N ILE C 76 -50.86 -54.85 -37.62
CA ILE C 76 -51.08 -53.59 -36.86
C ILE C 76 -50.29 -53.63 -35.55
N PRO C 77 -50.45 -54.67 -34.68
CA PRO C 77 -49.76 -54.66 -33.39
C PRO C 77 -48.23 -54.53 -33.48
N VAL C 78 -47.60 -55.15 -34.48
CA VAL C 78 -46.12 -55.10 -34.64
C VAL C 78 -45.71 -53.66 -34.95
N SER C 79 -46.58 -52.90 -35.59
CA SER C 79 -46.30 -51.48 -35.92
C SER C 79 -46.09 -50.67 -34.62
N PHE C 80 -46.83 -50.98 -33.58
CA PHE C 80 -46.70 -50.24 -32.30
C PHE C 80 -45.34 -50.50 -31.70
N VAL C 81 -44.98 -51.78 -31.58
CA VAL C 81 -43.70 -52.16 -30.92
C VAL C 81 -42.56 -51.60 -31.78
N LEU C 82 -42.66 -51.66 -33.10
CA LEU C 82 -41.63 -51.07 -33.99
C LEU C 82 -41.53 -49.56 -33.76
N GLY C 83 -42.64 -48.83 -33.76
CA GLY C 83 -42.64 -47.37 -33.62
C GLY C 83 -41.95 -46.94 -32.34
N PHE C 84 -42.35 -47.55 -31.23
CA PHE C 84 -41.84 -47.16 -29.89
C PHE C 84 -40.36 -47.52 -29.77
N TYR C 85 -40.00 -48.73 -30.15
CA TYR C 85 -38.61 -49.23 -30.04
C TYR C 85 -37.69 -48.39 -30.93
N VAL C 86 -38.12 -48.12 -32.15
CA VAL C 86 -37.27 -47.38 -33.11
C VAL C 86 -37.16 -45.93 -32.63
N THR C 87 -38.21 -45.37 -32.07
CA THR C 87 -38.14 -44.00 -31.52
C THR C 87 -37.12 -43.97 -30.38
N LEU C 88 -37.14 -44.95 -29.49
CA LEU C 88 -36.14 -45.01 -28.39
C LEU C 88 -34.73 -45.11 -28.98
N VAL C 89 -34.54 -45.97 -29.98
CA VAL C 89 -33.21 -46.17 -30.59
C VAL C 89 -32.75 -44.87 -31.24
N VAL C 90 -33.64 -44.16 -31.92
CA VAL C 90 -33.29 -42.89 -32.60
C VAL C 90 -32.94 -41.82 -31.55
N HIS C 91 -33.67 -41.79 -30.44
CA HIS C 91 -33.36 -40.87 -29.32
C HIS C 91 -31.93 -41.15 -28.82
N ARG C 92 -31.62 -42.41 -28.55
CA ARG C 92 -30.27 -42.79 -28.09
C ARG C 92 -29.24 -42.44 -29.15
N TRP C 93 -29.56 -42.63 -30.43
CA TRP C 93 -28.61 -42.42 -31.54
C TRP C 93 -28.25 -40.94 -31.62
N TRP C 94 -29.24 -40.08 -31.56
CA TRP C 94 -28.98 -38.62 -31.64
C TRP C 94 -28.22 -38.15 -30.40
N ASN C 95 -28.62 -38.61 -29.23
CA ASN C 95 -27.94 -38.22 -27.97
C ASN C 95 -26.50 -38.72 -27.99
N GLN C 96 -26.25 -39.88 -28.60
CA GLN C 96 -24.87 -40.41 -28.75
C GLN C 96 -24.08 -39.51 -29.67
N TYR C 97 -24.67 -39.04 -30.77
CA TYR C 97 -23.97 -38.09 -31.65
C TYR C 97 -23.64 -36.81 -30.86
N LEU C 98 -24.58 -36.31 -30.08
CA LEU C 98 -24.33 -35.06 -29.30
C LEU C 98 -23.24 -35.28 -28.25
N SER C 99 -22.89 -36.53 -27.93
CA SER C 99 -21.88 -36.85 -26.90
C SER C 99 -20.48 -37.01 -27.51
N MET C 100 -20.32 -36.79 -28.81
CA MET C 100 -18.99 -36.89 -29.45
C MET C 100 -18.05 -35.90 -28.78
N PRO C 101 -16.81 -36.31 -28.46
CA PRO C 101 -15.87 -35.39 -27.82
C PRO C 101 -15.37 -34.35 -28.83
N LEU C 102 -15.93 -33.16 -28.77
CA LEU C 102 -15.54 -32.03 -29.64
C LEU C 102 -14.88 -30.97 -28.76
N THR C 103 -13.84 -30.36 -29.30
CA THR C 103 -12.91 -29.50 -28.53
C THR C 103 -13.04 -28.04 -28.99
N ASP C 104 -14.15 -27.66 -29.61
CA ASP C 104 -14.32 -26.29 -30.14
C ASP C 104 -14.49 -25.31 -28.98
N ALA C 105 -15.34 -25.64 -28.02
CA ALA C 105 -15.54 -24.81 -26.82
C ALA C 105 -14.21 -24.67 -26.06
N LEU C 106 -13.50 -25.77 -25.93
CA LEU C 106 -12.21 -25.80 -25.20
C LEU C 106 -11.20 -24.95 -25.96
N MET C 107 -11.17 -25.03 -27.29
CA MET C 107 -10.14 -24.27 -28.05
C MET C 107 -10.44 -22.78 -27.92
N CYS C 108 -11.71 -22.40 -27.91
CA CYS C 108 -12.07 -20.98 -27.80
C CYS C 108 -11.62 -20.45 -26.43
N VAL C 109 -11.92 -21.21 -25.38
CA VAL C 109 -11.51 -20.78 -24.02
C VAL C 109 -9.98 -20.72 -23.92
N VAL C 110 -9.29 -21.73 -24.45
CA VAL C 110 -7.80 -21.81 -24.32
C VAL C 110 -7.18 -20.63 -25.06
N VAL C 111 -7.60 -20.40 -26.31
CA VAL C 111 -6.97 -19.33 -27.11
C VAL C 111 -7.29 -17.99 -26.46
N GLY C 112 -8.40 -17.88 -25.74
CA GLY C 112 -8.77 -16.60 -25.10
C GLY C 112 -8.20 -16.45 -23.69
N THR C 113 -7.61 -17.48 -23.09
CA THR C 113 -7.24 -17.43 -21.65
C THR C 113 -5.80 -17.86 -21.36
N VAL C 114 -5.19 -18.70 -22.18
CA VAL C 114 -3.81 -19.21 -21.90
C VAL C 114 -2.85 -18.44 -22.80
N HIS C 115 -2.01 -17.60 -22.20
CA HIS C 115 -1.32 -16.50 -22.93
C HIS C 115 0.16 -16.76 -23.10
N GLY C 116 0.76 -16.02 -24.02
CA GLY C 116 2.21 -16.10 -24.28
C GLY C 116 2.52 -16.44 -25.71
N HIS C 117 3.26 -15.56 -26.37
CA HIS C 117 3.74 -15.79 -27.76
C HIS C 117 5.00 -16.66 -27.75
N ASP C 118 5.61 -16.88 -26.59
CA ASP C 118 6.88 -17.63 -26.46
C ASP C 118 6.63 -19.13 -26.67
N GLU C 119 7.68 -19.93 -26.52
CA GLU C 119 7.59 -21.39 -26.68
C GLU C 119 6.73 -21.99 -25.56
N ARG C 120 6.78 -21.42 -24.35
CA ARG C 120 6.13 -22.07 -23.18
C ARG C 120 4.61 -21.87 -23.28
N GLY C 121 4.15 -20.69 -23.65
CA GLY C 121 2.70 -20.44 -23.83
C GLY C 121 2.14 -21.29 -24.96
N ARG C 122 2.88 -21.40 -26.04
CA ARG C 122 2.48 -22.24 -27.19
C ARG C 122 2.43 -23.70 -26.76
N LEU C 123 3.42 -24.16 -26.00
CA LEU C 123 3.42 -25.54 -25.45
C LEU C 123 2.20 -25.74 -24.55
N TYR C 124 1.89 -24.75 -23.71
CA TYR C 124 0.72 -24.82 -22.82
C TYR C 124 -0.56 -25.02 -23.65
N ARG C 125 -0.78 -24.16 -24.63
CA ARG C 125 -2.02 -24.19 -25.43
C ARG C 125 -2.10 -25.52 -26.19
N ARG C 126 -1.03 -25.89 -26.86
CA ARG C 126 -1.01 -27.13 -27.69
C ARG C 126 -1.23 -28.33 -26.80
N THR C 127 -0.59 -28.40 -25.64
CA THR C 127 -0.68 -29.58 -24.77
C THR C 127 -2.09 -29.62 -24.15
N LEU C 128 -2.62 -28.48 -23.75
CA LEU C 128 -4.00 -28.45 -23.19
C LEU C 128 -4.97 -29.03 -24.21
N MET C 129 -4.88 -28.65 -25.47
CA MET C 129 -5.82 -29.18 -26.47
C MET C 129 -5.47 -30.62 -26.86
N ARG C 130 -4.20 -30.98 -26.79
CA ARG C 130 -3.78 -32.37 -27.10
C ARG C 130 -4.30 -33.32 -26.02
N TYR C 131 -4.39 -32.88 -24.77
CA TYR C 131 -4.93 -33.74 -23.69
C TYR C 131 -6.39 -34.07 -23.96
N ALA C 132 -7.18 -33.06 -24.34
CA ALA C 132 -8.61 -33.27 -24.67
C ALA C 132 -8.71 -34.18 -25.89
N GLY C 133 -7.89 -33.93 -26.91
CA GLY C 133 -7.85 -34.81 -28.09
C GLY C 133 -7.53 -36.25 -27.71
N LEU C 134 -6.59 -36.43 -26.78
CA LEU C 134 -6.14 -37.77 -26.38
C LEU C 134 -7.27 -38.48 -25.66
N SER C 135 -7.95 -37.81 -24.74
CA SER C 135 -9.09 -38.43 -24.03
C SER C 135 -10.21 -38.77 -25.02
N GLY C 136 -10.45 -37.90 -26.00
CA GLY C 136 -11.41 -38.21 -27.08
C GLY C 136 -11.02 -39.46 -27.84
N VAL C 137 -9.75 -39.56 -28.23
CA VAL C 137 -9.23 -40.74 -28.96
C VAL C 137 -9.42 -41.99 -28.09
N LEU C 138 -9.11 -41.90 -26.79
CA LEU C 138 -9.20 -43.08 -25.90
C LEU C 138 -10.64 -43.56 -25.79
N ILE C 139 -11.58 -42.64 -25.55
CA ILE C 139 -12.99 -43.07 -25.39
C ILE C 139 -13.51 -43.59 -26.73
N LEU C 140 -13.12 -42.94 -27.83
CA LEU C 140 -13.67 -43.36 -29.15
C LEU C 140 -13.13 -44.73 -29.53
N ARG C 141 -11.84 -44.99 -29.29
CA ARG C 141 -11.27 -46.33 -29.59
C ARG C 141 -11.87 -47.36 -28.63
N SER C 142 -12.35 -46.93 -27.47
CA SER C 142 -13.10 -47.84 -26.57
C SER C 142 -14.49 -48.14 -27.14
N VAL C 143 -15.11 -47.22 -27.87
CA VAL C 143 -16.54 -47.37 -28.25
C VAL C 143 -16.69 -47.61 -29.76
N SER C 144 -15.79 -47.13 -30.59
CA SER C 144 -15.93 -47.19 -32.07
C SER C 144 -15.01 -48.27 -32.64
N THR C 145 -15.54 -49.12 -33.51
CA THR C 145 -14.74 -50.21 -34.14
C THR C 145 -13.73 -49.61 -35.12
N ALA C 146 -14.12 -48.58 -35.88
CA ALA C 146 -13.23 -47.96 -36.88
C ALA C 146 -12.02 -47.31 -36.18
N VAL C 147 -12.27 -46.59 -35.09
CA VAL C 147 -11.17 -45.93 -34.34
C VAL C 147 -10.30 -47.00 -33.69
N PHE C 148 -10.90 -48.08 -33.21
CA PHE C 148 -10.12 -49.17 -32.60
C PHE C 148 -9.20 -49.80 -33.66
N LYS C 149 -9.71 -50.00 -34.87
CA LYS C 149 -8.87 -50.56 -35.95
C LYS C 149 -7.81 -49.53 -36.35
N ARG C 150 -8.08 -48.25 -36.16
CA ARG C 150 -7.06 -47.21 -36.41
C ARG C 150 -6.04 -47.16 -35.25
N PHE C 151 -6.47 -47.43 -34.02
CA PHE C 151 -5.59 -47.42 -32.83
C PHE C 151 -5.75 -48.73 -32.09
N PRO C 152 -5.26 -49.86 -32.65
CA PRO C 152 -5.43 -51.15 -31.99
C PRO C 152 -4.71 -51.24 -30.64
N THR C 153 -3.61 -50.50 -30.46
CA THR C 153 -2.85 -50.48 -29.21
C THR C 153 -2.60 -49.04 -28.78
N ILE C 154 -2.12 -48.88 -27.56
CA ILE C 154 -1.69 -47.55 -27.06
C ILE C 154 -0.41 -47.14 -27.81
N ASP C 155 0.35 -48.09 -28.33
CA ASP C 155 1.52 -47.77 -29.18
C ASP C 155 1.06 -46.96 -30.40
N HIS C 156 -0.06 -47.35 -31.00
CA HIS C 156 -0.60 -46.61 -32.17
C HIS C 156 -0.98 -45.20 -31.76
N VAL C 157 -1.50 -45.04 -30.54
CA VAL C 157 -1.84 -43.69 -30.02
C VAL C 157 -0.55 -42.88 -29.88
N VAL C 158 0.52 -43.51 -29.41
CA VAL C 158 1.81 -42.81 -29.19
C VAL C 158 2.40 -42.40 -30.54
N GLU C 159 2.45 -43.30 -31.51
CA GLU C 159 3.02 -43.00 -32.85
C GLU C 159 2.16 -41.93 -33.55
N ALA C 160 0.87 -41.85 -33.22
CA ALA C 160 -0.04 -40.86 -33.86
C ALA C 160 0.25 -39.46 -33.32
N GLY C 161 1.01 -39.32 -32.22
CA GLY C 161 1.38 -38.02 -31.66
C GLY C 161 0.41 -37.54 -30.60
N PHE C 162 -0.70 -38.25 -30.37
CA PHE C 162 -1.69 -37.84 -29.34
C PHE C 162 -1.08 -37.93 -27.94
N MET C 163 -0.33 -38.99 -27.67
CA MET C 163 0.34 -39.17 -26.37
C MET C 163 1.84 -39.35 -26.60
N THR C 164 2.65 -38.86 -25.68
CA THR C 164 4.13 -38.92 -25.77
C THR C 164 4.67 -40.15 -25.04
N ARG C 165 5.98 -40.35 -25.16
CA ARG C 165 6.70 -41.47 -24.50
C ARG C 165 6.55 -41.35 -22.98
N GLU C 166 6.85 -40.18 -22.44
CA GLU C 166 6.79 -39.96 -20.97
C GLU C 166 5.34 -40.06 -20.49
N GLU C 167 4.41 -39.47 -21.24
CA GLU C 167 2.97 -39.57 -20.91
C GLU C 167 2.56 -41.04 -20.97
N ARG C 168 3.10 -41.80 -21.91
CA ARG C 168 2.80 -43.25 -21.99
C ARG C 168 3.27 -43.95 -20.71
N LYS C 169 4.49 -43.66 -20.26
CA LYS C 169 5.01 -44.31 -19.03
C LYS C 169 4.14 -43.93 -17.83
N LYS C 170 3.75 -42.67 -17.72
CA LYS C 170 2.86 -42.24 -16.61
C LYS C 170 1.51 -42.95 -16.73
N PHE C 171 1.02 -43.12 -17.96
CA PHE C 171 -0.31 -43.71 -18.23
C PHE C 171 -0.32 -45.18 -17.79
N GLU C 172 0.69 -45.94 -18.20
CA GLU C 172 0.71 -47.40 -17.93
C GLU C 172 1.02 -47.68 -16.46
N ASN C 173 1.75 -46.81 -15.78
CA ASN C 173 2.15 -47.05 -14.37
C ASN C 173 0.97 -46.88 -13.42
N LEU C 174 -0.14 -46.29 -13.85
CA LEU C 174 -1.32 -46.11 -12.97
C LEU C 174 -1.96 -47.45 -12.70
N ASN C 175 -2.24 -47.71 -11.43
CA ASN C 175 -2.82 -49.00 -10.98
C ASN C 175 -4.35 -48.87 -10.95
N SER C 176 -4.99 -49.23 -12.05
CA SER C 176 -6.46 -49.24 -12.15
C SER C 176 -6.89 -50.27 -13.18
N SER C 177 -7.96 -50.99 -12.88
CA SER C 177 -8.52 -52.04 -13.77
C SER C 177 -9.63 -51.46 -14.66
N TYR C 178 -9.88 -50.15 -14.60
CA TYR C 178 -10.96 -49.50 -15.39
C TYR C 178 -10.37 -48.76 -16.57
N ASN C 179 -11.23 -48.45 -17.53
CA ASN C 179 -10.83 -47.66 -18.71
C ASN C 179 -10.26 -46.33 -18.26
N LYS C 180 -9.11 -45.95 -18.80
CA LYS C 180 -8.37 -44.73 -18.36
C LYS C 180 -8.55 -43.59 -19.36
N TYR C 181 -9.72 -43.45 -19.98
CA TYR C 181 -9.99 -42.33 -20.90
C TYR C 181 -10.03 -41.00 -20.13
N TRP C 182 -10.29 -41.05 -18.83
CA TRP C 182 -10.41 -39.84 -17.97
C TRP C 182 -9.03 -39.27 -17.62
N VAL C 183 -7.97 -40.05 -17.77
CA VAL C 183 -6.62 -39.63 -17.33
C VAL C 183 -6.20 -38.32 -17.98
N PRO C 184 -6.29 -38.12 -19.32
CA PRO C 184 -5.88 -36.85 -19.90
C PRO C 184 -6.71 -35.66 -19.40
N CYS C 185 -7.94 -35.88 -18.94
CA CYS C 185 -8.75 -34.80 -18.34
C CYS C 185 -8.15 -34.36 -17.00
N VAL C 186 -7.71 -35.31 -16.19
CA VAL C 186 -7.03 -34.98 -14.92
C VAL C 186 -5.72 -34.27 -15.24
N TRP C 187 -5.02 -34.69 -16.28
CA TRP C 187 -3.79 -34.01 -16.71
C TRP C 187 -4.12 -32.59 -17.14
N PHE C 188 -5.23 -32.39 -17.84
CA PHE C 188 -5.69 -31.05 -18.28
C PHE C 188 -5.92 -30.19 -17.03
N CYS C 189 -6.59 -30.72 -16.04
CA CYS C 189 -6.89 -29.94 -14.81
C CYS C 189 -5.57 -29.53 -14.14
N ASN C 190 -4.65 -30.47 -13.98
CA ASN C 190 -3.32 -30.17 -13.37
C ASN C 190 -2.58 -29.12 -14.20
N LEU C 191 -2.58 -29.24 -15.52
CA LEU C 191 -1.85 -28.29 -16.39
C LEU C 191 -2.49 -26.90 -16.32
N ALA C 192 -3.82 -26.83 -16.27
CA ALA C 192 -4.53 -25.55 -16.16
C ALA C 192 -4.19 -24.89 -14.82
N ALA C 193 -4.16 -25.67 -13.73
CA ALA C 193 -3.82 -25.13 -12.40
C ALA C 193 -2.37 -24.61 -12.44
N GLN C 194 -1.48 -25.35 -13.07
CA GLN C 194 -0.06 -24.93 -13.18
C GLN C 194 0.03 -23.63 -13.97
N ALA C 195 -0.72 -23.52 -15.07
CA ALA C 195 -0.70 -22.31 -15.92
C ALA C 195 -1.21 -21.11 -15.11
N ARG C 196 -2.28 -21.31 -14.34
CA ARG C 196 -2.81 -20.22 -13.50
C ARG C 196 -1.76 -19.82 -12.45
N ARG C 197 -1.11 -20.79 -11.82
CA ARG C 197 -0.09 -20.51 -10.80
C ARG C 197 1.07 -19.73 -11.43
N GLU C 198 1.44 -20.06 -12.66
CA GLU C 198 2.60 -19.43 -13.35
C GLU C 198 2.23 -18.09 -13.98
N GLY C 199 0.97 -17.68 -13.93
CA GLY C 199 0.54 -16.40 -14.50
C GLY C 199 0.16 -16.47 -15.97
N ARG C 200 0.24 -17.65 -16.61
CA ARG C 200 -0.16 -17.78 -18.03
C ARG C 200 -1.67 -17.48 -18.15
N ILE C 201 -2.47 -17.90 -17.18
CA ILE C 201 -3.88 -17.48 -17.09
C ILE C 201 -3.94 -16.26 -16.20
N ARG C 202 -4.41 -15.14 -16.73
CA ARG C 202 -4.28 -13.82 -16.06
C ARG C 202 -5.28 -13.69 -14.92
N ASP C 203 -6.48 -14.25 -15.05
CA ASP C 203 -7.58 -13.95 -14.11
C ASP C 203 -8.19 -15.23 -13.57
N ASN C 204 -8.78 -15.13 -12.39
CA ASN C 204 -9.33 -16.29 -11.66
C ASN C 204 -10.56 -16.84 -12.40
N GLY C 205 -11.39 -15.96 -12.95
CA GLY C 205 -12.57 -16.33 -13.77
C GLY C 205 -12.22 -17.22 -14.95
N ALA C 206 -11.10 -16.94 -15.59
CA ALA C 206 -10.65 -17.66 -16.80
C ALA C 206 -10.33 -19.11 -16.44
N PHE C 207 -9.68 -19.31 -15.28
CA PHE C 207 -9.33 -20.65 -14.82
C PHE C 207 -10.62 -21.44 -14.54
N LYS C 208 -11.60 -20.78 -13.91
CA LYS C 208 -12.91 -21.42 -13.61
C LYS C 208 -13.58 -21.79 -14.94
N LEU C 209 -13.54 -20.90 -15.92
CA LEU C 209 -14.19 -21.17 -17.23
C LEU C 209 -13.53 -22.37 -17.89
N LEU C 210 -12.20 -22.47 -17.80
CA LEU C 210 -11.46 -23.61 -18.38
C LEU C 210 -11.88 -24.92 -17.69
N LEU C 211 -11.94 -24.97 -16.37
CA LEU C 211 -12.38 -26.20 -15.66
C LEU C 211 -13.85 -26.52 -15.93
N GLU C 212 -14.74 -25.53 -16.06
CA GLU C 212 -16.15 -25.75 -16.45
C GLU C 212 -16.20 -26.38 -17.85
N GLU C 213 -15.46 -25.82 -18.81
CA GLU C 213 -15.46 -26.37 -20.19
C GLU C 213 -14.79 -27.75 -20.21
N LEU C 214 -13.76 -27.99 -19.39
CA LEU C 214 -13.13 -29.33 -19.30
C LEU C 214 -14.15 -30.36 -18.78
N ASN C 215 -14.92 -30.00 -17.76
CA ASN C 215 -15.89 -30.96 -17.19
C ASN C 215 -17.02 -31.24 -18.19
N VAL C 216 -17.41 -30.27 -19.03
CA VAL C 216 -18.40 -30.51 -20.12
C VAL C 216 -17.80 -31.52 -21.10
N PHE C 217 -16.56 -31.32 -21.54
CA PHE C 217 -15.88 -32.23 -22.48
C PHE C 217 -15.83 -33.63 -21.88
N ARG C 218 -15.39 -33.74 -20.63
CA ARG C 218 -15.20 -35.04 -19.95
C ARG C 218 -16.56 -35.74 -19.77
N SER C 219 -17.62 -35.01 -19.42
CA SER C 219 -18.97 -35.59 -19.25
C SER C 219 -19.44 -36.20 -20.58
N LYS C 220 -19.13 -35.56 -21.71
CA LYS C 220 -19.47 -36.09 -23.05
C LYS C 220 -18.71 -37.41 -23.23
N CYS C 221 -17.43 -37.47 -22.83
CA CYS C 221 -16.68 -38.73 -22.94
C CYS C 221 -17.33 -39.80 -22.05
N GLY C 222 -17.66 -39.45 -20.82
CA GLY C 222 -18.33 -40.37 -19.89
C GLY C 222 -19.69 -40.83 -20.43
N MET C 223 -20.41 -39.93 -21.10
CA MET C 223 -21.73 -40.26 -21.66
C MET C 223 -21.57 -41.25 -22.82
N LEU C 224 -20.53 -41.10 -23.64
CA LEU C 224 -20.25 -42.11 -24.69
C LEU C 224 -19.97 -43.45 -24.02
N PHE C 225 -19.19 -43.46 -22.96
CA PHE C 225 -18.92 -44.72 -22.23
C PHE C 225 -20.22 -45.32 -21.69
N HIS C 226 -21.11 -44.47 -21.16
CA HIS C 226 -22.40 -44.93 -20.58
C HIS C 226 -23.26 -45.57 -21.66
N TYR C 227 -23.36 -44.93 -22.82
CA TYR C 227 -24.18 -45.46 -23.93
C TYR C 227 -23.57 -46.77 -24.42
N ASP C 228 -22.25 -46.86 -24.47
CA ASP C 228 -21.57 -48.10 -24.91
C ASP C 228 -21.85 -49.22 -23.90
N TRP C 229 -21.77 -48.93 -22.61
CA TRP C 229 -21.93 -49.97 -21.56
C TRP C 229 -23.39 -50.39 -21.46
N ILE C 230 -24.29 -49.43 -21.39
CA ILE C 230 -25.73 -49.69 -21.15
C ILE C 230 -26.41 -49.76 -22.51
N SER C 231 -26.62 -50.96 -23.00
CA SER C 231 -27.31 -51.21 -24.28
C SER C 231 -28.81 -50.91 -24.10
N VAL C 232 -29.53 -50.81 -25.21
CA VAL C 232 -31.00 -50.92 -25.18
C VAL C 232 -31.28 -52.26 -24.52
N PRO C 233 -32.19 -52.36 -23.55
CA PRO C 233 -32.40 -53.62 -22.83
C PRO C 233 -32.62 -54.80 -23.79
N LEU C 234 -31.87 -55.86 -23.58
CA LEU C 234 -31.85 -57.03 -24.50
C LEU C 234 -33.26 -57.61 -24.62
N VAL C 235 -34.01 -57.63 -23.53
CA VAL C 235 -35.38 -58.22 -23.53
C VAL C 235 -36.26 -57.47 -24.54
N TYR C 236 -36.10 -56.15 -24.64
CA TYR C 236 -36.99 -55.31 -25.49
C TYR C 236 -36.60 -55.53 -26.94
N THR C 237 -35.31 -55.59 -27.22
CA THR C 237 -34.80 -55.92 -28.57
C THR C 237 -35.31 -57.29 -28.99
N GLN C 238 -35.25 -58.27 -28.09
CA GLN C 238 -35.75 -59.63 -28.40
C GLN C 238 -37.26 -59.59 -28.63
N VAL C 239 -37.99 -58.77 -27.87
CA VAL C 239 -39.46 -58.65 -28.07
C VAL C 239 -39.73 -58.15 -29.48
N VAL C 240 -39.06 -57.09 -29.91
CA VAL C 240 -39.34 -56.49 -31.24
C VAL C 240 -38.93 -57.51 -32.31
N THR C 241 -37.80 -58.18 -32.14
CA THR C 241 -37.32 -59.16 -33.13
C THR C 241 -38.33 -60.32 -33.22
N ILE C 242 -38.79 -60.82 -32.09
CA ILE C 242 -39.75 -61.95 -32.06
C ILE C 242 -41.06 -61.53 -32.72
N ALA C 243 -41.55 -60.32 -32.43
CA ALA C 243 -42.82 -59.83 -33.04
C ALA C 243 -42.65 -59.78 -34.56
N VAL C 244 -41.57 -59.19 -35.05
CA VAL C 244 -41.37 -59.02 -36.51
C VAL C 244 -41.21 -60.40 -37.17
N TYR C 245 -40.39 -61.27 -36.59
CA TYR C 245 -40.11 -62.60 -37.17
C TYR C 245 -41.37 -63.48 -37.09
N SER C 246 -42.15 -63.37 -36.03
CA SER C 246 -43.42 -64.13 -35.89
C SER C 246 -44.39 -63.68 -36.98
N TYR C 247 -44.52 -62.37 -37.18
CA TYR C 247 -45.41 -61.85 -38.24
C TYR C 247 -44.95 -62.36 -39.61
N PHE C 248 -43.65 -62.38 -39.85
CA PHE C 248 -43.15 -62.77 -41.20
C PHE C 248 -43.25 -64.27 -41.39
N LEU C 249 -43.08 -65.06 -40.33
CA LEU C 249 -43.32 -66.53 -40.39
C LEU C 249 -44.80 -66.77 -40.67
N ALA C 250 -45.69 -65.99 -40.08
CA ALA C 250 -47.15 -66.11 -40.34
C ALA C 250 -47.43 -65.73 -41.81
N CYS C 251 -46.76 -64.70 -42.33
CA CYS C 251 -46.98 -64.24 -43.72
C CYS C 251 -46.39 -65.23 -44.72
N LEU C 252 -45.33 -65.95 -44.34
CA LEU C 252 -44.68 -66.90 -45.26
C LEU C 252 -45.68 -68.00 -45.65
N ILE C 253 -46.49 -68.45 -44.70
CA ILE C 253 -47.42 -69.59 -44.95
C ILE C 253 -48.81 -69.06 -45.25
N GLY C 254 -49.34 -68.17 -44.41
CA GLY C 254 -50.72 -67.66 -44.54
C GLY C 254 -50.98 -66.94 -45.86
N ARG C 255 -49.94 -66.39 -46.49
CA ARG C 255 -50.10 -65.66 -47.76
C ARG C 255 -49.72 -66.54 -48.94
N GLN C 256 -49.56 -67.84 -48.74
CA GLN C 256 -49.25 -68.77 -49.85
C GLN C 256 -50.39 -68.76 -50.87
N PHE C 257 -50.04 -68.77 -52.14
CA PHE C 257 -51.05 -68.79 -53.24
C PHE C 257 -51.67 -70.18 -53.29
N LEU C 258 -52.95 -70.26 -52.96
CA LEU C 258 -53.69 -71.55 -53.03
C LEU C 258 -54.20 -71.79 -54.45
N ASP C 259 -54.48 -73.05 -54.74
CA ASP C 259 -55.02 -73.46 -56.06
C ASP C 259 -56.43 -72.89 -56.19
N PRO C 260 -56.71 -72.06 -57.22
CA PRO C 260 -58.07 -71.53 -57.40
C PRO C 260 -59.16 -72.58 -57.65
N ALA C 261 -58.79 -73.81 -58.02
CA ALA C 261 -59.75 -74.90 -58.31
C ALA C 261 -60.62 -75.22 -57.09
N GLN C 262 -60.11 -74.98 -55.87
CA GLN C 262 -60.91 -75.26 -54.64
C GLN C 262 -61.97 -74.18 -54.42
N GLY C 263 -61.79 -72.99 -54.99
CA GLY C 263 -62.81 -71.92 -54.91
C GLY C 263 -62.90 -71.30 -53.52
N TYR C 264 -61.86 -71.40 -52.70
CA TYR C 264 -61.85 -70.75 -51.37
C TYR C 264 -61.93 -69.24 -51.53
N LYS C 265 -62.75 -68.60 -50.70
CA LYS C 265 -62.91 -67.13 -50.74
C LYS C 265 -61.58 -66.46 -50.39
N ASP C 266 -61.39 -65.27 -50.96
CA ASP C 266 -60.18 -64.43 -50.76
C ASP C 266 -58.91 -65.15 -51.24
N HIS C 267 -59.04 -66.29 -51.90
CA HIS C 267 -57.86 -67.07 -52.38
C HIS C 267 -58.12 -67.60 -53.79
N ASP C 268 -58.93 -66.90 -54.58
CA ASP C 268 -59.31 -67.36 -55.94
C ASP C 268 -58.33 -66.84 -56.99
N LEU C 269 -57.10 -66.53 -56.60
CA LEU C 269 -56.07 -66.04 -57.55
C LEU C 269 -54.71 -66.58 -57.14
N ASP C 270 -53.80 -66.68 -58.10
CA ASP C 270 -52.42 -67.17 -57.84
C ASP C 270 -51.48 -66.45 -58.79
N LEU C 271 -50.80 -65.42 -58.29
CA LEU C 271 -49.83 -64.61 -59.08
C LEU C 271 -48.42 -65.18 -58.93
N CYS C 272 -48.24 -66.27 -58.19
CA CYS C 272 -46.95 -67.01 -58.00
C CYS C 272 -45.87 -66.09 -57.43
N VAL C 273 -46.19 -64.83 -57.16
CA VAL C 273 -45.27 -63.87 -56.50
C VAL C 273 -46.11 -63.00 -55.59
N PRO C 274 -45.84 -62.97 -54.27
CA PRO C 274 -46.64 -62.17 -53.34
C PRO C 274 -46.10 -60.74 -53.22
N ILE C 275 -46.18 -59.98 -54.30
CA ILE C 275 -45.54 -58.64 -54.41
C ILE C 275 -45.99 -57.74 -53.26
N PHE C 276 -47.26 -57.79 -52.86
CA PHE C 276 -47.76 -56.97 -51.73
C PHE C 276 -47.18 -57.48 -50.42
N THR C 277 -46.94 -58.77 -50.30
CA THR C 277 -46.24 -59.33 -49.12
C THR C 277 -44.78 -58.90 -49.15
N LEU C 278 -44.18 -58.82 -50.34
CA LEU C 278 -42.78 -58.34 -50.47
C LEU C 278 -42.72 -56.85 -50.09
N LEU C 279 -43.72 -56.06 -50.47
CA LEU C 279 -43.75 -54.63 -50.08
C LEU C 279 -43.90 -54.51 -48.56
N GLN C 280 -44.75 -55.33 -47.95
CA GLN C 280 -44.90 -55.36 -46.48
C GLN C 280 -43.59 -55.79 -45.84
N PHE C 281 -42.87 -56.71 -46.47
CA PHE C 281 -41.55 -57.14 -45.97
C PHE C 281 -40.60 -55.95 -46.00
N PHE C 282 -40.54 -55.25 -47.11
CA PHE C 282 -39.72 -54.02 -47.21
C PHE C 282 -40.07 -53.11 -46.01
N PHE C 283 -41.35 -52.84 -45.84
CA PHE C 283 -41.84 -51.92 -44.79
C PHE C 283 -41.35 -52.38 -43.41
N TYR C 284 -41.79 -53.54 -42.94
CA TYR C 284 -41.54 -53.96 -41.53
C TYR C 284 -40.07 -54.32 -41.32
N ALA C 285 -39.48 -55.06 -42.24
CA ALA C 285 -38.06 -55.48 -42.12
C ALA C 285 -37.16 -54.24 -42.13
N GLY C 286 -37.44 -53.26 -42.99
CA GLY C 286 -36.67 -52.00 -43.02
C GLY C 286 -36.89 -51.19 -41.76
N TRP C 287 -38.11 -51.19 -41.23
CA TRP C 287 -38.40 -50.47 -39.97
C TRP C 287 -37.54 -51.07 -38.85
N LEU C 288 -37.43 -52.39 -38.81
CA LEU C 288 -36.53 -53.05 -37.83
C LEU C 288 -35.07 -52.72 -38.18
N LYS C 289 -34.73 -52.67 -39.46
CA LYS C 289 -33.34 -52.42 -39.90
C LYS C 289 -32.88 -51.02 -39.50
N VAL C 290 -33.81 -50.07 -39.39
CA VAL C 290 -33.45 -48.70 -38.92
C VAL C 290 -32.83 -48.83 -37.52
N ALA C 291 -33.50 -49.53 -36.62
CA ALA C 291 -32.98 -49.76 -35.25
C ALA C 291 -31.71 -50.60 -35.33
N GLU C 292 -31.69 -51.62 -36.19
CA GLU C 292 -30.55 -52.56 -36.27
C GLU C 292 -29.29 -51.79 -36.70
N GLN C 293 -29.45 -50.74 -37.49
CA GLN C 293 -28.31 -49.90 -37.94
C GLN C 293 -27.97 -48.84 -36.89
N LEU C 294 -28.97 -48.25 -36.23
CA LEU C 294 -28.70 -47.13 -35.29
C LEU C 294 -28.43 -47.63 -33.87
N ILE C 295 -28.66 -48.90 -33.57
CA ILE C 295 -28.52 -49.40 -32.17
C ILE C 295 -27.07 -49.21 -31.69
N ASN C 296 -26.10 -49.43 -32.56
CA ASN C 296 -24.68 -49.11 -32.28
C ASN C 296 -24.19 -48.21 -33.41
N PRO C 297 -24.24 -46.89 -33.25
CA PRO C 297 -23.89 -45.98 -34.33
C PRO C 297 -22.38 -45.77 -34.51
N PHE C 298 -21.54 -46.52 -33.81
CA PHE C 298 -20.07 -46.36 -33.91
C PHE C 298 -19.45 -47.57 -34.60
N GLY C 299 -20.26 -48.37 -35.29
CA GLY C 299 -19.75 -49.51 -36.07
C GLY C 299 -19.26 -49.06 -37.43
N GLU C 300 -19.41 -49.92 -38.42
CA GLU C 300 -18.92 -49.63 -39.80
C GLU C 300 -20.09 -49.61 -40.78
N ASP C 301 -21.31 -49.36 -40.32
CA ASP C 301 -22.45 -49.15 -41.25
C ASP C 301 -22.20 -47.87 -42.06
N ASP C 302 -22.81 -47.79 -43.22
CA ASP C 302 -22.65 -46.62 -44.12
C ASP C 302 -23.24 -45.38 -43.43
N ASP C 303 -24.29 -45.54 -42.63
CA ASP C 303 -24.96 -44.39 -41.98
C ASP C 303 -24.41 -44.20 -40.56
N ASP C 304 -23.46 -45.01 -40.14
CA ASP C 304 -22.82 -44.83 -38.82
C ASP C 304 -21.96 -43.56 -38.80
N PHE C 305 -21.67 -43.07 -37.62
CA PHE C 305 -20.91 -41.81 -37.43
C PHE C 305 -19.48 -41.98 -37.92
N GLU C 306 -18.96 -40.93 -38.54
CA GLU C 306 -17.59 -40.87 -39.09
C GLU C 306 -16.65 -40.40 -37.97
N THR C 307 -16.36 -41.29 -37.05
CA THR C 307 -15.58 -40.96 -35.84
C THR C 307 -14.16 -40.56 -36.19
N ASN C 308 -13.53 -41.26 -37.13
CA ASN C 308 -12.12 -40.97 -37.51
C ASN C 308 -12.05 -39.56 -38.11
N PHE C 309 -12.99 -39.22 -38.97
CA PHE C 309 -13.03 -37.87 -39.59
C PHE C 309 -13.17 -36.82 -38.48
N LEU C 310 -14.02 -37.06 -37.49
CA LEU C 310 -14.22 -36.08 -36.39
C LEU C 310 -12.94 -35.95 -35.56
N ILE C 311 -12.25 -37.05 -35.30
CA ILE C 311 -10.95 -37.00 -34.57
C ILE C 311 -9.98 -36.11 -35.36
N ASP C 312 -9.85 -36.36 -36.66
CA ASP C 312 -8.89 -35.60 -37.51
C ASP C 312 -9.27 -34.12 -37.53
N ARG C 313 -10.55 -33.84 -37.71
CA ARG C 313 -11.03 -32.45 -37.83
C ARG C 313 -10.76 -31.73 -36.52
N CYS C 314 -11.12 -32.33 -35.41
CA CYS C 314 -10.98 -31.68 -34.09
C CYS C 314 -9.51 -31.41 -33.81
N PHE C 315 -8.65 -32.40 -34.07
CA PHE C 315 -7.21 -32.24 -33.78
C PHE C 315 -6.64 -31.09 -34.62
N GLN C 316 -6.88 -31.13 -35.93
CA GLN C 316 -6.30 -30.13 -36.85
C GLN C 316 -6.85 -28.74 -36.50
N VAL C 317 -8.15 -28.62 -36.33
CA VAL C 317 -8.77 -27.29 -36.08
C VAL C 317 -8.30 -26.76 -34.73
N SER C 318 -8.24 -27.59 -33.69
CA SER C 318 -7.83 -27.14 -32.34
C SER C 318 -6.38 -26.66 -32.39
N MET C 319 -5.50 -27.42 -33.05
CA MET C 319 -4.09 -27.01 -33.15
C MET C 319 -4.00 -25.68 -33.88
N LEU C 320 -4.71 -25.55 -35.00
CA LEU C 320 -4.71 -24.29 -35.78
C LEU C 320 -5.17 -23.13 -34.86
N ALA C 321 -6.31 -23.30 -34.19
CA ALA C 321 -6.95 -22.20 -33.43
C ALA C 321 -6.03 -21.78 -32.27
N VAL C 322 -5.42 -22.72 -31.55
CA VAL C 322 -4.67 -22.34 -30.31
C VAL C 322 -3.23 -21.98 -30.64
N ASP C 323 -2.71 -22.35 -31.80
CA ASP C 323 -1.28 -22.12 -32.11
C ASP C 323 -1.13 -21.02 -33.16
N GLU C 324 -1.67 -21.20 -34.36
CA GLU C 324 -1.42 -20.23 -35.45
C GLU C 324 -2.35 -19.03 -35.30
N MET C 325 -3.49 -19.19 -34.64
CA MET C 325 -4.47 -18.09 -34.53
C MET C 325 -4.40 -17.40 -33.17
N TYR C 326 -3.49 -17.78 -32.28
CA TYR C 326 -3.37 -17.13 -30.94
C TYR C 326 -2.93 -15.69 -31.14
N ASP C 327 -3.78 -14.74 -30.75
CA ASP C 327 -3.46 -13.29 -30.78
C ASP C 327 -2.94 -12.89 -32.17
N ASP C 328 -3.52 -13.45 -33.22
CA ASP C 328 -3.14 -13.12 -34.61
C ASP C 328 -4.37 -12.49 -35.27
N LEU C 329 -4.57 -11.20 -35.05
CA LEU C 329 -5.77 -10.49 -35.55
C LEU C 329 -5.36 -9.44 -36.58
N ALA C 330 -6.20 -9.26 -37.59
CA ALA C 330 -6.16 -8.09 -38.48
C ALA C 330 -6.42 -6.84 -37.64
N MET C 331 -5.76 -5.74 -37.97
CA MET C 331 -5.86 -4.50 -37.16
C MET C 331 -7.31 -4.00 -37.19
N LEU C 332 -7.76 -3.42 -36.09
CA LEU C 332 -9.14 -2.88 -35.98
C LEU C 332 -9.32 -1.76 -37.00
N GLU C 333 -10.29 -1.89 -37.89
CA GLU C 333 -10.61 -0.84 -38.88
C GLU C 333 -12.12 -0.72 -39.04
N LYS C 334 -12.55 0.42 -39.55
CA LYS C 334 -13.99 0.73 -39.75
C LYS C 334 -14.56 -0.16 -40.85
N ASP C 335 -15.78 -0.65 -40.65
CA ASP C 335 -16.45 -1.55 -41.62
C ASP C 335 -17.19 -0.71 -42.67
N LEU C 336 -17.88 -1.37 -43.58
CA LEU C 336 -18.63 -0.70 -44.68
C LEU C 336 -19.76 0.16 -44.12
N TYR C 337 -20.25 -0.10 -42.91
CA TYR C 337 -21.45 0.58 -42.37
C TYR C 337 -21.11 1.43 -41.16
N TRP C 338 -19.88 1.95 -41.10
CA TRP C 338 -19.45 2.80 -39.96
C TRP C 338 -20.30 4.07 -39.92
N ASP C 339 -20.54 4.68 -41.06
CA ASP C 339 -21.28 5.97 -41.13
C ASP C 339 -22.75 5.74 -41.51
N ALA C 340 -23.16 4.50 -41.79
CA ALA C 340 -24.54 4.20 -42.24
C ALA C 340 -25.43 4.01 -41.02
N ALA C 341 -26.58 4.67 -41.00
CA ALA C 341 -27.62 4.51 -39.96
C ALA C 341 -28.10 3.06 -39.95
N GLU C 342 -28.32 2.49 -41.13
CA GLU C 342 -28.72 1.06 -41.26
C GLU C 342 -27.52 0.25 -41.73
N ALA C 343 -27.34 -0.93 -41.13
CA ALA C 343 -26.30 -1.90 -41.54
C ALA C 343 -26.97 -3.05 -42.29
N ARG C 344 -27.02 -2.95 -43.61
CA ARG C 344 -27.69 -3.97 -44.46
C ARG C 344 -26.76 -4.33 -45.62
N ALA C 345 -26.63 -5.63 -45.87
CA ALA C 345 -25.80 -6.16 -46.96
C ALA C 345 -26.63 -6.21 -48.24
N PRO C 346 -25.98 -6.15 -49.41
CA PRO C 346 -26.70 -6.29 -50.67
C PRO C 346 -27.18 -7.72 -50.91
N TYR C 347 -28.06 -7.87 -51.89
CA TYR C 347 -28.56 -9.17 -52.38
C TYR C 347 -28.08 -9.39 -53.80
N THR C 348 -27.76 -10.65 -54.13
CA THR C 348 -27.43 -11.04 -55.52
C THR C 348 -28.68 -10.97 -56.38
N ALA C 349 -28.50 -11.01 -57.70
CA ALA C 349 -29.60 -11.02 -58.68
C ALA C 349 -30.48 -12.25 -58.51
N ALA C 350 -29.93 -13.35 -57.97
CA ALA C 350 -30.62 -14.65 -57.83
C ALA C 350 -31.51 -14.67 -56.58
N THR C 351 -31.33 -13.76 -55.63
CA THR C 351 -32.04 -13.79 -54.34
C THR C 351 -32.92 -12.55 -54.14
N ALA C 352 -32.68 -11.46 -54.86
CA ALA C 352 -33.45 -10.19 -54.69
C ALA C 352 -34.93 -10.44 -55.01
N PHE C 353 -35.23 -11.16 -56.08
CA PHE C 353 -36.63 -11.31 -56.56
C PHE C 353 -37.38 -12.30 -55.67
N LEU C 354 -36.70 -13.09 -54.85
CA LEU C 354 -37.39 -13.89 -53.80
C LEU C 354 -37.55 -13.03 -52.55
N MET C 355 -36.55 -12.21 -52.24
CA MET C 355 -36.49 -11.42 -50.99
C MET C 355 -37.11 -10.03 -51.25
N GLN C 356 -36.85 -9.06 -50.37
CA GLN C 356 -37.46 -7.71 -50.41
C GLN C 356 -38.98 -7.86 -50.19
N GLN C 357 -39.34 -8.40 -49.03
CA GLN C 357 -40.75 -8.60 -48.60
C GLN C 357 -40.93 -7.93 -47.25
N PRO C 358 -42.16 -7.54 -46.86
CA PRO C 358 -42.36 -6.83 -45.60
C PRO C 358 -41.94 -7.70 -44.40
N SER C 359 -41.24 -7.10 -43.45
CA SER C 359 -40.65 -7.84 -42.30
C SER C 359 -41.74 -8.12 -41.27
N PHE C 360 -41.74 -9.32 -40.73
CA PHE C 360 -42.74 -9.75 -39.72
C PHE C 360 -42.53 -8.95 -38.44
N GLN C 361 -43.56 -8.27 -37.98
CA GLN C 361 -43.48 -7.41 -36.77
C GLN C 361 -44.25 -8.02 -35.60
N GLY C 362 -45.15 -8.97 -35.86
CA GLY C 362 -46.02 -9.54 -34.83
C GLY C 362 -47.37 -9.90 -35.41
N SER C 363 -48.10 -10.75 -34.71
CA SER C 363 -49.44 -11.25 -35.15
C SER C 363 -50.50 -10.17 -34.98
N THR C 364 -50.29 -9.20 -34.09
CA THR C 364 -51.35 -8.30 -33.61
C THR C 364 -51.28 -6.95 -34.32
N PHE C 365 -50.39 -6.79 -35.31
CA PHE C 365 -50.15 -5.48 -35.95
C PHE C 365 -50.89 -5.38 -37.29
N ASP C 366 -51.74 -6.35 -37.62
CA ASP C 366 -52.56 -6.32 -38.86
C ASP C 366 -54.03 -6.12 -38.49
N ILE C 367 -54.31 -5.44 -37.39
CA ILE C 367 -55.70 -5.15 -36.96
C ILE C 367 -56.09 -3.77 -37.49
N THR D 2 -26.21 -55.60 -15.69
CA THR D 2 -26.45 -55.14 -17.09
C THR D 2 -25.90 -56.17 -18.09
N VAL D 3 -26.61 -56.34 -19.20
CA VAL D 3 -26.17 -57.25 -20.29
C VAL D 3 -25.78 -56.36 -21.47
N THR D 4 -24.51 -56.37 -21.81
CA THR D 4 -23.99 -55.52 -22.90
C THR D 4 -23.82 -56.38 -24.15
N TYR D 5 -24.42 -55.95 -25.25
CA TYR D 5 -24.33 -56.68 -26.54
C TYR D 5 -24.07 -55.74 -27.70
N THR D 6 -23.67 -54.50 -27.43
CA THR D 6 -23.48 -53.46 -28.46
C THR D 6 -22.33 -53.84 -29.40
N ALA D 7 -21.39 -54.67 -28.95
CA ALA D 7 -20.32 -55.21 -29.82
C ALA D 7 -20.94 -56.09 -30.90
N ARG D 8 -21.94 -56.90 -30.54
CA ARG D 8 -22.59 -57.83 -31.51
C ARG D 8 -23.35 -57.03 -32.56
N VAL D 9 -23.95 -55.92 -32.18
CA VAL D 9 -24.85 -55.17 -33.10
C VAL D 9 -24.13 -53.94 -33.64
N ALA D 10 -22.80 -53.97 -33.72
CA ALA D 10 -22.03 -52.82 -34.25
C ALA D 10 -22.46 -52.52 -35.70
N LYS D 11 -22.83 -53.55 -36.46
CA LYS D 11 -23.32 -53.38 -37.84
C LYS D 11 -24.68 -54.06 -38.00
N ALA D 12 -25.47 -53.53 -38.93
CA ALA D 12 -26.74 -54.16 -39.38
C ALA D 12 -26.39 -55.32 -40.29
N ARG D 13 -26.19 -56.50 -39.73
CA ARG D 13 -25.77 -57.69 -40.51
C ARG D 13 -27.01 -58.50 -40.92
N PHE D 14 -26.79 -59.52 -41.75
CA PHE D 14 -27.86 -60.44 -42.21
C PHE D 14 -28.53 -61.11 -41.00
N GLY D 15 -27.72 -61.61 -40.07
CA GLY D 15 -28.23 -62.31 -38.86
C GLY D 15 -27.95 -61.50 -37.61
N GLY D 16 -28.07 -60.17 -37.67
CA GLY D 16 -27.68 -59.32 -36.52
C GLY D 16 -28.59 -59.55 -35.33
N PHE D 17 -29.85 -59.12 -35.44
CA PHE D 17 -30.82 -59.24 -34.33
C PHE D 17 -31.26 -60.69 -34.15
N SER D 18 -31.21 -61.50 -35.21
CA SER D 18 -31.68 -62.90 -35.16
C SER D 18 -30.82 -63.71 -34.18
N LYS D 19 -29.50 -63.50 -34.17
CA LYS D 19 -28.62 -64.24 -33.24
C LYS D 19 -28.80 -63.74 -31.81
N LEU D 20 -29.36 -62.55 -31.60
CA LEU D 20 -29.64 -62.05 -30.23
C LEU D 20 -30.72 -62.92 -29.56
N LEU D 21 -31.52 -63.64 -30.35
CA LEU D 21 -32.53 -64.57 -29.78
C LEU D 21 -31.86 -65.83 -29.24
N LEU D 22 -30.56 -66.05 -29.47
CA LEU D 22 -29.87 -67.24 -28.94
C LEU D 22 -29.22 -66.94 -27.59
N LEU D 23 -29.20 -65.68 -27.15
CA LEU D 23 -28.63 -65.33 -25.83
C LEU D 23 -29.59 -65.76 -24.73
N TRP D 24 -29.04 -65.99 -23.55
CA TRP D 24 -29.83 -66.46 -22.38
C TRP D 24 -29.77 -65.44 -21.24
N ARG D 25 -28.60 -64.94 -20.90
CA ARG D 25 -28.44 -64.00 -19.76
C ARG D 25 -29.16 -62.68 -20.10
N GLY D 26 -30.13 -62.31 -19.27
CA GLY D 26 -30.93 -61.09 -19.45
C GLY D 26 -31.89 -61.18 -20.62
N SER D 27 -32.17 -62.38 -21.13
CA SER D 27 -33.02 -62.57 -22.31
C SER D 27 -34.49 -62.63 -21.92
N ILE D 28 -35.35 -62.62 -22.93
CA ILE D 28 -36.82 -62.79 -22.76
C ILE D 28 -37.13 -64.17 -22.18
N TYR D 29 -36.39 -65.21 -22.54
CA TYR D 29 -36.69 -66.59 -22.11
C TYR D 29 -36.50 -66.72 -20.60
N LYS D 30 -35.39 -66.18 -20.09
CA LYS D 30 -35.09 -66.30 -18.65
C LYS D 30 -36.16 -65.59 -17.84
N LEU D 31 -36.80 -64.57 -18.39
CA LEU D 31 -37.86 -63.82 -17.68
C LEU D 31 -39.22 -64.48 -17.85
N LEU D 32 -39.49 -65.18 -18.96
CA LEU D 32 -40.87 -65.63 -19.26
C LEU D 32 -41.09 -67.13 -19.08
N TRP D 33 -40.06 -67.98 -19.13
CA TRP D 33 -40.28 -69.44 -19.32
C TRP D 33 -41.25 -69.99 -18.27
N ARG D 34 -41.27 -69.44 -17.06
CA ARG D 34 -42.20 -69.93 -16.02
C ARG D 34 -43.65 -69.62 -16.41
N GLU D 35 -43.94 -68.38 -16.77
CA GLU D 35 -45.31 -68.00 -17.23
C GLU D 35 -45.63 -68.75 -18.52
N LEU D 36 -44.63 -69.00 -19.35
CA LEU D 36 -44.81 -69.75 -20.62
C LEU D 36 -45.29 -71.17 -20.30
N LEU D 37 -44.60 -71.85 -19.38
CA LEU D 37 -44.98 -73.22 -18.97
C LEU D 37 -46.36 -73.18 -18.31
N CYS D 38 -46.66 -72.16 -17.52
CA CYS D 38 -47.98 -72.05 -16.84
C CYS D 38 -49.08 -71.93 -17.89
N PHE D 39 -48.90 -71.03 -18.86
CA PHE D 39 -49.92 -70.80 -19.91
C PHE D 39 -50.09 -72.07 -20.74
N LEU D 40 -48.99 -72.72 -21.11
CA LEU D 40 -49.07 -73.98 -21.89
C LEU D 40 -49.77 -75.06 -21.07
N GLY D 41 -49.48 -75.14 -19.76
CA GLY D 41 -50.09 -76.14 -18.88
C GLY D 41 -51.60 -75.97 -18.81
N LEU D 42 -52.07 -74.75 -18.57
CA LEU D 42 -53.53 -74.49 -18.52
C LEU D 42 -54.14 -74.76 -19.89
N PHE D 43 -53.50 -74.34 -20.98
CA PHE D 43 -54.08 -74.54 -22.33
C PHE D 43 -54.21 -76.04 -22.62
N MET D 44 -53.14 -76.80 -22.35
CA MET D 44 -53.14 -78.25 -22.63
C MET D 44 -54.16 -78.96 -21.72
N ALA D 45 -54.25 -78.58 -20.45
CA ALA D 45 -55.21 -79.20 -19.51
C ALA D 45 -56.63 -78.93 -20.00
N LEU D 46 -56.92 -77.69 -20.40
CA LEU D 46 -58.28 -77.32 -20.87
C LEU D 46 -58.60 -78.09 -22.15
N SER D 47 -57.63 -78.19 -23.07
CA SER D 47 -57.83 -78.93 -24.35
C SER D 47 -58.08 -80.41 -24.05
N ALA D 48 -57.33 -80.99 -23.13
CA ALA D 48 -57.49 -82.43 -22.76
C ALA D 48 -58.87 -82.63 -22.13
N ALA D 49 -59.29 -81.74 -21.24
CA ALA D 49 -60.62 -81.83 -20.59
C ALA D 49 -61.70 -81.76 -21.68
N TYR D 50 -61.56 -80.84 -22.62
CA TYR D 50 -62.53 -80.69 -23.73
C TYR D 50 -62.58 -81.97 -24.56
N ARG D 51 -61.43 -82.55 -24.86
CA ARG D 51 -61.35 -83.74 -25.74
C ARG D 51 -61.93 -84.96 -25.03
N PHE D 52 -61.68 -85.13 -23.74
CA PHE D 52 -61.99 -86.40 -23.04
C PHE D 52 -63.08 -86.23 -21.98
N VAL D 53 -62.86 -85.38 -20.99
CA VAL D 53 -63.68 -85.42 -19.75
C VAL D 53 -65.09 -84.90 -20.03
N LEU D 54 -65.20 -83.79 -20.77
CA LEU D 54 -66.51 -83.13 -20.97
C LEU D 54 -67.43 -84.02 -21.79
N THR D 55 -68.71 -83.99 -21.47
CA THR D 55 -69.75 -84.72 -22.23
C THR D 55 -69.92 -84.10 -23.61
N GLU D 56 -70.56 -84.85 -24.51
CA GLU D 56 -70.89 -84.34 -25.86
C GLU D 56 -71.83 -83.12 -25.74
N GLU D 57 -72.81 -83.18 -24.85
CA GLU D 57 -73.77 -82.07 -24.65
C GLU D 57 -73.02 -80.83 -24.15
N GLN D 58 -72.13 -80.99 -23.18
CA GLN D 58 -71.37 -79.86 -22.58
C GLN D 58 -70.39 -79.30 -23.61
N LYS D 59 -69.95 -80.10 -24.57
CA LYS D 59 -68.91 -79.65 -25.54
C LYS D 59 -69.48 -78.56 -26.47
N ARG D 60 -70.76 -78.62 -26.79
CA ARG D 60 -71.39 -77.57 -27.62
C ARG D 60 -71.35 -76.24 -26.85
N TYR D 61 -71.70 -76.27 -25.57
CA TYR D 61 -71.65 -75.05 -24.72
C TYR D 61 -70.20 -74.56 -24.63
N PHE D 62 -69.26 -75.48 -24.47
CA PHE D 62 -67.83 -75.11 -24.31
C PHE D 62 -67.34 -74.43 -25.59
N GLU D 63 -67.70 -74.96 -26.76
CA GLU D 63 -67.21 -74.40 -28.04
C GLU D 63 -67.91 -73.07 -28.32
N LYS D 64 -69.18 -72.93 -27.93
CA LYS D 64 -69.85 -71.61 -28.03
C LYS D 64 -69.13 -70.60 -27.14
N LEU D 65 -68.72 -71.01 -25.94
CA LEU D 65 -67.97 -70.11 -25.03
C LEU D 65 -66.60 -69.80 -25.63
N VAL D 66 -65.99 -70.75 -26.34
CA VAL D 66 -64.70 -70.52 -27.02
C VAL D 66 -64.89 -69.44 -28.10
N LEU D 67 -65.95 -69.55 -28.89
CA LEU D 67 -66.23 -68.54 -29.95
C LEU D 67 -66.45 -67.18 -29.27
N TYR D 68 -67.23 -67.14 -28.20
CA TYR D 68 -67.54 -65.88 -27.48
C TYR D 68 -66.25 -65.25 -26.96
N CYS D 69 -65.37 -66.05 -26.37
CA CYS D 69 -64.10 -65.54 -25.78
C CYS D 69 -63.13 -65.14 -26.90
N ASP D 70 -63.21 -65.77 -28.06
CA ASP D 70 -62.34 -65.41 -29.21
C ASP D 70 -62.80 -64.07 -29.80
N ARG D 71 -64.10 -63.78 -29.75
CA ARG D 71 -64.62 -62.52 -30.34
C ARG D 71 -64.08 -61.32 -29.56
N TYR D 72 -63.87 -61.45 -28.24
CA TYR D 72 -63.42 -60.32 -27.39
C TYR D 72 -61.91 -60.33 -27.18
N ALA D 73 -61.18 -61.24 -27.82
CA ALA D 73 -59.69 -61.25 -27.74
C ALA D 73 -59.15 -60.06 -28.55
N SER D 74 -58.93 -58.93 -27.89
CA SER D 74 -58.44 -57.69 -28.54
C SER D 74 -56.93 -57.58 -28.32
N LEU D 75 -56.15 -57.73 -29.38
CA LEU D 75 -54.66 -57.66 -29.28
C LEU D 75 -54.16 -56.25 -29.62
N ILE D 76 -54.95 -55.43 -30.29
CA ILE D 76 -54.51 -54.07 -30.72
C ILE D 76 -54.55 -53.12 -29.51
N PRO D 77 -55.69 -52.98 -28.79
CA PRO D 77 -55.74 -51.99 -27.71
C PRO D 77 -54.68 -52.18 -26.61
N VAL D 78 -54.32 -53.43 -26.28
CA VAL D 78 -53.31 -53.71 -25.22
C VAL D 78 -51.95 -53.21 -25.70
N SER D 79 -51.73 -53.19 -27.01
CA SER D 79 -50.45 -52.70 -27.59
C SER D 79 -50.26 -51.21 -27.24
N PHE D 80 -51.33 -50.44 -27.22
CA PHE D 80 -51.22 -48.99 -26.91
C PHE D 80 -50.78 -48.82 -25.47
N VAL D 81 -51.49 -49.48 -24.55
CA VAL D 81 -51.20 -49.31 -23.10
C VAL D 81 -49.78 -49.83 -22.85
N LEU D 82 -49.38 -50.94 -23.48
CA LEU D 82 -48.00 -51.45 -23.34
C LEU D 82 -46.99 -50.43 -23.86
N GLY D 83 -47.18 -49.89 -25.05
CA GLY D 83 -46.23 -48.95 -25.66
C GLY D 83 -45.99 -47.74 -24.77
N PHE D 84 -47.08 -47.13 -24.32
CA PHE D 84 -47.00 -45.88 -23.52
C PHE D 84 -46.37 -46.16 -22.16
N TYR D 85 -46.84 -47.21 -21.48
CA TYR D 85 -46.36 -47.56 -20.13
C TYR D 85 -44.87 -47.94 -20.20
N VAL D 86 -44.49 -48.72 -21.19
CA VAL D 86 -43.09 -49.20 -21.29
C VAL D 86 -42.21 -48.00 -21.66
N THR D 87 -42.70 -47.09 -22.49
CA THR D 87 -41.92 -45.88 -22.84
C THR D 87 -41.70 -45.06 -21.56
N LEU D 88 -42.72 -44.89 -20.73
CA LEU D 88 -42.56 -44.14 -19.46
C LEU D 88 -41.52 -44.85 -18.58
N VAL D 89 -41.62 -46.17 -18.48
CA VAL D 89 -40.70 -46.94 -17.61
C VAL D 89 -39.27 -46.80 -18.13
N VAL D 90 -39.08 -46.85 -19.45
CA VAL D 90 -37.73 -46.73 -20.06
C VAL D 90 -37.19 -45.31 -19.82
N HIS D 91 -38.03 -44.30 -19.92
CA HIS D 91 -37.64 -42.91 -19.62
C HIS D 91 -37.14 -42.83 -18.17
N ARG D 92 -37.91 -43.36 -17.23
CA ARG D 92 -37.51 -43.36 -15.81
C ARG D 92 -36.21 -44.15 -15.64
N TRP D 93 -36.07 -45.26 -16.35
CA TRP D 93 -34.91 -46.18 -16.19
C TRP D 93 -33.64 -45.45 -16.63
N TRP D 94 -33.68 -44.79 -17.78
CA TRP D 94 -32.50 -44.07 -18.28
C TRP D 94 -32.17 -42.89 -17.38
N ASN D 95 -33.18 -42.14 -16.96
CA ASN D 95 -32.97 -40.97 -16.07
C ASN D 95 -32.40 -41.45 -14.73
N GLN D 96 -32.81 -42.63 -14.26
CA GLN D 96 -32.26 -43.22 -13.02
C GLN D 96 -30.79 -43.56 -13.23
N TYR D 97 -30.44 -44.12 -14.37
CA TYR D 97 -29.01 -44.39 -14.66
C TYR D 97 -28.23 -43.07 -14.65
N LEU D 98 -28.76 -42.03 -15.27
CA LEU D 98 -28.05 -40.73 -15.32
C LEU D 98 -27.92 -40.12 -13.91
N SER D 99 -28.68 -40.60 -12.94
CA SER D 99 -28.66 -40.06 -11.55
C SER D 99 -27.67 -40.83 -10.66
N MET D 100 -26.93 -41.78 -11.20
CA MET D 100 -25.93 -42.53 -10.40
C MET D 100 -24.91 -41.54 -9.84
N PRO D 101 -24.55 -41.66 -8.56
CA PRO D 101 -23.58 -40.73 -7.98
C PRO D 101 -22.16 -41.04 -8.50
N LEU D 102 -21.73 -40.24 -9.46
CA LEU D 102 -20.38 -40.36 -10.07
C LEU D 102 -19.57 -39.14 -9.65
N THR D 103 -18.30 -39.36 -9.37
CA THR D 103 -17.43 -38.35 -8.72
C THR D 103 -16.33 -37.90 -9.70
N ASP D 104 -16.53 -38.06 -11.00
CA ASP D 104 -15.50 -37.70 -11.99
C ASP D 104 -15.37 -36.17 -12.07
N ALA D 105 -16.49 -35.47 -12.16
CA ALA D 105 -16.50 -34.00 -12.18
C ALA D 105 -15.87 -33.46 -10.89
N LEU D 106 -16.23 -34.06 -9.76
CA LEU D 106 -15.72 -33.63 -8.45
C LEU D 106 -14.22 -33.90 -8.38
N MET D 107 -13.75 -35.04 -8.89
CA MET D 107 -12.30 -35.35 -8.79
C MET D 107 -11.52 -34.37 -9.65
N CYS D 108 -12.05 -34.01 -10.80
CA CYS D 108 -11.35 -33.06 -11.70
C CYS D 108 -11.22 -31.71 -10.99
N VAL D 109 -12.32 -31.24 -10.42
CA VAL D 109 -12.30 -29.93 -9.71
C VAL D 109 -11.33 -30.01 -8.51
N VAL D 110 -11.39 -31.09 -7.74
CA VAL D 110 -10.59 -31.21 -6.50
C VAL D 110 -9.11 -31.23 -6.88
N VAL D 111 -8.73 -32.07 -7.85
CA VAL D 111 -7.31 -32.20 -8.21
C VAL D 111 -6.84 -30.86 -8.79
N GLY D 112 -7.72 -30.08 -9.40
CA GLY D 112 -7.31 -28.80 -9.99
C GLY D 112 -7.40 -27.62 -9.01
N THR D 113 -7.96 -27.79 -7.81
CA THR D 113 -8.24 -26.62 -6.93
C THR D 113 -7.75 -26.81 -5.49
N VAL D 114 -7.64 -28.03 -4.99
CA VAL D 114 -7.23 -28.26 -3.56
C VAL D 114 -5.77 -28.67 -3.56
N HIS D 115 -4.90 -27.81 -3.04
CA HIS D 115 -3.44 -27.87 -3.34
C HIS D 115 -2.63 -28.34 -2.14
N GLY D 116 -1.40 -28.75 -2.41
CA GLY D 116 -0.46 -29.17 -1.37
C GLY D 116 0.05 -30.58 -1.59
N HIS D 117 1.36 -30.72 -1.72
CA HIS D 117 2.03 -32.04 -1.84
C HIS D 117 2.22 -32.67 -0.46
N ASP D 118 1.99 -31.92 0.61
CA ASP D 118 2.22 -32.39 2.01
C ASP D 118 1.12 -33.38 2.41
N GLU D 119 1.17 -33.83 3.65
CA GLU D 119 0.16 -34.77 4.20
C GLU D 119 -1.19 -34.08 4.30
N ARG D 120 -1.24 -32.79 4.60
CA ARG D 120 -2.52 -32.12 4.89
C ARG D 120 -3.30 -31.91 3.59
N GLY D 121 -2.63 -31.49 2.52
CA GLY D 121 -3.29 -31.33 1.22
C GLY D 121 -3.80 -32.65 0.68
N ARG D 122 -3.00 -33.69 0.83
CA ARG D 122 -3.39 -35.04 0.42
C ARG D 122 -4.58 -35.52 1.24
N LEU D 123 -4.58 -35.26 2.54
CA LEU D 123 -5.72 -35.60 3.43
C LEU D 123 -6.95 -34.83 2.95
N TYR D 124 -6.80 -33.55 2.62
CA TYR D 124 -7.91 -32.71 2.14
C TYR D 124 -8.52 -33.35 0.88
N ARG D 125 -7.70 -33.64 -0.11
CA ARG D 125 -8.19 -34.16 -1.41
C ARG D 125 -8.87 -35.52 -1.18
N ARG D 126 -8.19 -36.42 -0.47
CA ARG D 126 -8.72 -37.78 -0.25
C ARG D 126 -10.03 -37.71 0.53
N THR D 127 -10.10 -36.87 1.56
CA THR D 127 -11.30 -36.81 2.41
C THR D 127 -12.44 -36.17 1.61
N LEU D 128 -12.14 -35.13 0.84
CA LEU D 128 -13.20 -34.48 0.00
C LEU D 128 -13.82 -35.52 -0.92
N MET D 129 -13.01 -36.36 -1.57
CA MET D 129 -13.58 -37.35 -2.49
C MET D 129 -14.21 -38.52 -1.72
N ARG D 130 -13.69 -38.83 -0.54
CA ARG D 130 -14.26 -39.91 0.28
C ARG D 130 -15.65 -39.50 0.79
N TYR D 131 -15.88 -38.22 1.07
CA TYR D 131 -17.21 -37.75 1.52
C TYR D 131 -18.24 -37.99 0.42
N ALA D 132 -17.89 -37.63 -0.82
CA ALA D 132 -18.80 -37.84 -1.98
C ALA D 132 -19.02 -39.34 -2.17
N GLY D 133 -17.96 -40.14 -2.08
CA GLY D 133 -18.09 -41.60 -2.16
C GLY D 133 -19.02 -42.13 -1.08
N LEU D 134 -18.91 -41.59 0.13
CA LEU D 134 -19.70 -42.08 1.28
C LEU D 134 -21.17 -41.75 1.04
N SER D 135 -21.47 -40.54 0.60
CA SER D 135 -22.88 -40.16 0.32
C SER D 135 -23.43 -41.04 -0.82
N GLY D 136 -22.61 -41.32 -1.83
CA GLY D 136 -23.02 -42.25 -2.90
C GLY D 136 -23.34 -43.63 -2.35
N VAL D 137 -22.48 -44.15 -1.49
CA VAL D 137 -22.68 -45.48 -0.86
C VAL D 137 -23.99 -45.45 -0.05
N LEU D 138 -24.23 -44.37 0.71
CA LEU D 138 -25.42 -44.30 1.58
C LEU D 138 -26.70 -44.30 0.73
N ILE D 139 -26.74 -43.48 -0.31
CA ILE D 139 -27.97 -43.41 -1.14
C ILE D 139 -28.14 -44.73 -1.89
N LEU D 140 -27.05 -45.31 -2.37
CA LEU D 140 -27.17 -46.56 -3.17
C LEU D 140 -27.63 -47.72 -2.28
N ARG D 141 -27.09 -47.83 -1.06
CA ARG D 141 -27.54 -48.89 -0.13
C ARG D 141 -28.98 -48.61 0.30
N SER D 142 -29.43 -47.36 0.23
CA SER D 142 -30.86 -47.05 0.46
C SER D 142 -31.72 -47.52 -0.72
N VAL D 143 -31.19 -47.51 -1.94
CA VAL D 143 -32.04 -47.74 -3.15
C VAL D 143 -31.73 -49.09 -3.80
N SER D 144 -30.51 -49.62 -3.69
CA SER D 144 -30.09 -50.84 -4.41
C SER D 144 -30.04 -52.02 -3.45
N THR D 145 -30.63 -53.14 -3.84
CA THR D 145 -30.63 -54.37 -3.00
C THR D 145 -29.22 -54.96 -2.91
N ALA D 146 -28.48 -54.95 -4.01
CA ALA D 146 -27.11 -55.53 -4.05
C ALA D 146 -26.18 -54.74 -3.12
N VAL D 147 -26.26 -53.42 -3.16
CA VAL D 147 -25.40 -52.56 -2.30
C VAL D 147 -25.85 -52.74 -0.84
N PHE D 148 -27.14 -52.88 -0.61
CA PHE D 148 -27.64 -53.10 0.77
C PHE D 148 -27.10 -54.42 1.31
N LYS D 149 -27.09 -55.47 0.49
CA LYS D 149 -26.53 -56.77 0.93
C LYS D 149 -25.02 -56.64 1.10
N ARG D 150 -24.38 -55.74 0.38
CA ARG D 150 -22.93 -55.47 0.58
C ARG D 150 -22.71 -54.62 1.84
N PHE D 151 -23.63 -53.72 2.17
CA PHE D 151 -23.52 -52.85 3.37
C PHE D 151 -24.81 -52.96 4.18
N PRO D 152 -25.07 -54.11 4.82
CA PRO D 152 -26.30 -54.28 5.58
C PRO D 152 -26.43 -53.31 6.76
N THR D 153 -25.31 -52.89 7.33
CA THR D 153 -25.29 -51.94 8.47
C THR D 153 -24.32 -50.81 8.18
N ILE D 154 -24.37 -49.79 9.01
CA ILE D 154 -23.37 -48.68 8.95
C ILE D 154 -22.02 -49.21 9.42
N ASP D 155 -22.00 -50.28 10.22
CA ASP D 155 -20.73 -50.92 10.61
C ASP D 155 -20.01 -51.42 9.35
N HIS D 156 -20.74 -51.99 8.41
CA HIS D 156 -20.13 -52.47 7.14
C HIS D 156 -19.55 -51.28 6.37
N VAL D 157 -20.21 -50.15 6.43
CA VAL D 157 -19.70 -48.91 5.76
C VAL D 157 -18.40 -48.50 6.45
N VAL D 158 -18.35 -48.60 7.77
CA VAL D 158 -17.14 -48.18 8.53
C VAL D 158 -15.98 -49.12 8.22
N GLU D 159 -16.21 -50.42 8.25
CA GLU D 159 -15.14 -51.42 7.97
C GLU D 159 -14.68 -51.29 6.51
N ALA D 160 -15.55 -50.82 5.62
CA ALA D 160 -15.20 -50.67 4.18
C ALA D 160 -14.24 -49.47 3.99
N GLY D 161 -14.10 -48.60 4.99
CA GLY D 161 -13.19 -47.44 4.92
C GLY D 161 -13.88 -46.20 4.41
N PHE D 162 -15.14 -46.26 3.98
CA PHE D 162 -15.86 -45.08 3.46
C PHE D 162 -16.08 -44.06 4.59
N MET D 163 -16.43 -44.53 5.77
CA MET D 163 -16.63 -43.64 6.94
C MET D 163 -15.73 -44.12 8.08
N THR D 164 -15.25 -43.19 8.88
CA THR D 164 -14.34 -43.47 10.02
C THR D 164 -15.11 -43.64 11.32
N ARG D 165 -14.40 -44.00 12.37
CA ARG D 165 -14.97 -44.19 13.73
C ARG D 165 -15.55 -42.86 14.22
N GLU D 166 -14.78 -41.79 14.14
CA GLU D 166 -15.22 -40.45 14.63
C GLU D 166 -16.37 -39.95 13.76
N GLU D 167 -16.25 -40.12 12.45
CA GLU D 167 -17.35 -39.72 11.53
C GLU D 167 -18.58 -40.55 11.86
N ARG D 168 -18.41 -41.82 12.22
CA ARG D 168 -19.55 -42.66 12.63
C ARG D 168 -20.23 -42.07 13.87
N LYS D 169 -19.45 -41.67 14.87
CA LYS D 169 -20.03 -41.10 16.11
C LYS D 169 -20.78 -39.81 15.78
N LYS D 170 -20.20 -38.95 14.95
CA LYS D 170 -20.87 -37.70 14.54
C LYS D 170 -22.15 -38.04 13.78
N PHE D 171 -22.10 -39.07 12.93
CA PHE D 171 -23.24 -39.47 12.06
C PHE D 171 -24.41 -39.93 12.92
N GLU D 172 -24.16 -40.82 13.88
CA GLU D 172 -25.25 -41.42 14.69
C GLU D 172 -25.81 -40.41 15.70
N ASN D 173 -25.01 -39.45 16.15
CA ASN D 173 -25.46 -38.49 17.18
C ASN D 173 -26.44 -37.48 16.61
N LEU D 174 -26.55 -37.36 15.29
CA LEU D 174 -27.49 -36.40 14.67
C LEU D 174 -28.93 -36.84 14.92
N ASN D 175 -29.76 -35.92 15.37
CA ASN D 175 -31.17 -36.20 15.70
C ASN D 175 -32.03 -35.93 14.48
N SER D 176 -32.27 -36.95 13.67
CA SER D 176 -33.16 -36.85 12.50
C SER D 176 -33.74 -38.22 12.19
N SER D 177 -35.01 -38.26 11.83
CA SER D 177 -35.75 -39.50 11.49
C SER D 177 -35.70 -39.76 9.98
N TYR D 178 -34.98 -38.95 9.21
CA TYR D 178 -34.91 -39.10 7.74
C TYR D 178 -33.58 -39.72 7.33
N ASN D 179 -33.54 -40.22 6.10
CA ASN D 179 -32.31 -40.81 5.54
C ASN D 179 -31.21 -39.75 5.57
N LYS D 180 -30.02 -40.12 6.04
CA LYS D 180 -28.90 -39.16 6.23
C LYS D 180 -27.85 -39.31 5.13
N TYR D 181 -28.25 -39.61 3.90
CA TYR D 181 -27.29 -39.70 2.78
C TYR D 181 -26.70 -38.31 2.47
N TRP D 182 -27.40 -37.24 2.85
CA TRP D 182 -26.96 -35.85 2.58
C TRP D 182 -25.86 -35.41 3.53
N VAL D 183 -25.67 -36.09 4.65
CA VAL D 183 -24.71 -35.66 5.69
C VAL D 183 -23.30 -35.51 5.12
N PRO D 184 -22.71 -36.48 4.38
CA PRO D 184 -21.37 -36.29 3.85
C PRO D 184 -21.25 -35.11 2.89
N CYS D 185 -22.35 -34.71 2.24
CA CYS D 185 -22.33 -33.52 1.36
C CYS D 185 -22.17 -32.25 2.21
N VAL D 186 -22.86 -32.17 3.33
CA VAL D 186 -22.70 -31.02 4.26
C VAL D 186 -21.27 -31.04 4.80
N TRP D 187 -20.73 -32.23 5.09
CA TRP D 187 -19.33 -32.34 5.54
C TRP D 187 -18.39 -31.85 4.44
N PHE D 188 -18.69 -32.18 3.19
CA PHE D 188 -17.89 -31.72 2.03
C PHE D 188 -17.91 -30.19 1.99
N CYS D 189 -19.07 -29.59 2.15
CA CYS D 189 -19.19 -28.11 2.10
C CYS D 189 -18.34 -27.50 3.21
N ASN D 190 -18.47 -28.01 4.44
CA ASN D 190 -17.67 -27.51 5.58
C ASN D 190 -16.18 -27.68 5.32
N LEU D 191 -15.76 -28.83 4.78
CA LEU D 191 -14.33 -29.09 4.55
C LEU D 191 -13.80 -28.18 3.44
N ALA D 192 -14.60 -27.94 2.39
CA ALA D 192 -14.20 -27.04 1.29
C ALA D 192 -14.04 -25.62 1.84
N ALA D 193 -14.97 -25.17 2.69
CA ALA D 193 -14.89 -23.82 3.29
C ALA D 193 -13.63 -23.73 4.14
N GLN D 194 -13.33 -24.78 4.92
CA GLN D 194 -12.13 -24.80 5.77
C GLN D 194 -10.88 -24.72 4.89
N ALA D 195 -10.85 -25.47 3.78
CA ALA D 195 -9.69 -25.48 2.87
C ALA D 195 -9.50 -24.08 2.28
N ARG D 196 -10.58 -23.44 1.87
CA ARG D 196 -10.49 -22.07 1.32
C ARG D 196 -9.95 -21.12 2.40
N ARG D 197 -10.45 -21.23 3.62
CA ARG D 197 -10.02 -20.36 4.74
C ARG D 197 -8.52 -20.58 4.99
N GLU D 198 -8.05 -21.82 4.90
CA GLU D 198 -6.63 -22.17 5.21
C GLU D 198 -5.71 -21.88 4.03
N GLY D 199 -6.23 -21.45 2.88
CA GLY D 199 -5.41 -21.15 1.71
C GLY D 199 -5.13 -22.35 0.82
N ARG D 200 -5.65 -23.54 1.15
CA ARG D 200 -5.45 -24.72 0.28
C ARG D 200 -6.13 -24.48 -1.08
N ILE D 201 -7.29 -23.83 -1.08
CA ILE D 201 -7.92 -23.34 -2.33
C ILE D 201 -7.46 -21.91 -2.56
N ARG D 202 -6.78 -21.67 -3.66
CA ARG D 202 -6.04 -20.39 -3.88
C ARG D 202 -7.01 -19.26 -4.23
N ASP D 203 -8.09 -19.54 -4.95
CA ASP D 203 -8.92 -18.46 -5.54
C ASP D 203 -10.38 -18.67 -5.19
N ASN D 204 -11.13 -17.58 -5.16
CA ASN D 204 -12.55 -17.57 -4.74
C ASN D 204 -13.40 -18.33 -5.75
N GLY D 205 -13.12 -18.18 -7.04
CA GLY D 205 -13.79 -18.92 -8.14
C GLY D 205 -13.73 -20.42 -7.98
N ALA D 206 -12.61 -20.93 -7.51
CA ALA D 206 -12.36 -22.38 -7.36
C ALA D 206 -13.28 -22.94 -6.28
N PHE D 207 -13.46 -22.18 -5.19
CA PHE D 207 -14.34 -22.60 -4.09
C PHE D 207 -15.79 -22.66 -4.61
N LYS D 208 -16.17 -21.66 -5.40
CA LYS D 208 -17.55 -21.61 -5.98
C LYS D 208 -17.72 -22.82 -6.91
N LEU D 209 -16.70 -23.13 -7.71
CA LEU D 209 -16.80 -24.26 -8.66
C LEU D 209 -16.97 -25.56 -7.88
N LEU D 210 -16.24 -25.71 -6.77
CA LEU D 210 -16.34 -26.92 -5.91
C LEU D 210 -17.76 -27.04 -5.34
N LEU D 211 -18.33 -25.98 -4.79
CA LEU D 211 -19.72 -26.04 -4.25
C LEU D 211 -20.75 -26.26 -5.36
N GLU D 212 -20.57 -25.70 -6.56
CA GLU D 212 -21.45 -25.97 -7.72
C GLU D 212 -21.39 -27.46 -8.08
N GLU D 213 -20.18 -28.03 -8.17
CA GLU D 213 -20.03 -29.46 -8.52
C GLU D 213 -20.55 -30.34 -7.38
N LEU D 214 -20.38 -29.93 -6.12
CA LEU D 214 -20.95 -30.69 -4.97
C LEU D 214 -22.48 -30.71 -5.05
N ASN D 215 -23.10 -29.60 -5.38
CA ASN D 215 -24.59 -29.54 -5.43
C ASN D 215 -25.10 -30.37 -6.61
N VAL D 216 -24.36 -30.47 -7.72
CA VAL D 216 -24.72 -31.38 -8.85
C VAL D 216 -24.67 -32.82 -8.34
N PHE D 217 -23.59 -33.22 -7.67
CA PHE D 217 -23.44 -34.58 -7.14
C PHE D 217 -24.60 -34.89 -6.19
N ARG D 218 -24.87 -33.98 -5.25
CA ARG D 218 -25.91 -34.18 -4.21
C ARG D 218 -27.29 -34.27 -4.85
N SER D 219 -27.59 -33.44 -5.86
CA SER D 219 -28.89 -33.46 -6.56
C SER D 219 -29.10 -34.83 -7.23
N LYS D 220 -28.04 -35.43 -7.76
CA LYS D 220 -28.11 -36.78 -8.37
C LYS D 220 -28.47 -37.76 -7.25
N CYS D 221 -27.86 -37.62 -6.07
CA CYS D 221 -28.21 -38.52 -4.94
C CYS D 221 -29.69 -38.31 -4.56
N GLY D 222 -30.13 -37.07 -4.44
CA GLY D 222 -31.53 -36.75 -4.14
C GLY D 222 -32.48 -37.28 -5.22
N MET D 223 -32.06 -37.24 -6.46
CA MET D 223 -32.90 -37.72 -7.58
C MET D 223 -33.03 -39.26 -7.51
N LEU D 224 -31.97 -39.96 -7.13
CA LEU D 224 -32.09 -41.42 -6.90
C LEU D 224 -33.10 -41.67 -5.78
N PHE D 225 -33.02 -40.88 -4.71
CA PHE D 225 -33.99 -41.05 -3.60
C PHE D 225 -35.41 -40.77 -4.10
N HIS D 226 -35.58 -39.76 -4.95
CA HIS D 226 -36.92 -39.38 -5.48
C HIS D 226 -37.49 -40.52 -6.32
N TYR D 227 -36.67 -41.09 -7.20
CA TYR D 227 -37.12 -42.20 -8.07
C TYR D 227 -37.46 -43.42 -7.20
N ASP D 228 -36.68 -43.66 -6.16
CA ASP D 228 -36.94 -44.80 -5.25
C ASP D 228 -38.26 -44.58 -4.51
N TRP D 229 -38.50 -43.37 -4.03
CA TRP D 229 -39.70 -43.08 -3.21
C TRP D 229 -40.94 -43.06 -4.11
N ILE D 230 -40.87 -42.34 -5.21
CA ILE D 230 -42.04 -42.12 -6.10
C ILE D 230 -41.99 -43.18 -7.19
N SER D 231 -42.76 -44.24 -7.00
CA SER D 231 -42.87 -45.34 -7.99
C SER D 231 -43.67 -44.85 -9.19
N VAL D 232 -43.62 -45.60 -10.29
CA VAL D 232 -44.63 -45.47 -11.36
C VAL D 232 -45.97 -45.65 -10.67
N PRO D 233 -46.98 -44.79 -10.91
CA PRO D 233 -48.24 -44.89 -10.18
C PRO D 233 -48.82 -46.31 -10.22
N LEU D 234 -49.17 -46.83 -9.05
CA LEU D 234 -49.59 -48.24 -8.90
C LEU D 234 -50.82 -48.50 -9.77
N VAL D 235 -51.73 -47.53 -9.86
CA VAL D 235 -52.98 -47.69 -10.66
C VAL D 235 -52.63 -47.99 -12.12
N TYR D 236 -51.59 -47.35 -12.65
CA TYR D 236 -51.25 -47.46 -14.09
C TYR D 236 -50.60 -48.82 -14.32
N THR D 237 -49.73 -49.24 -13.41
CA THR D 237 -49.13 -50.59 -13.46
C THR D 237 -50.23 -51.65 -13.40
N GLN D 238 -51.20 -51.47 -12.51
CA GLN D 238 -52.33 -52.42 -12.40
C GLN D 238 -53.15 -52.40 -13.69
N VAL D 239 -53.33 -51.24 -14.30
CA VAL D 239 -54.09 -51.15 -15.58
C VAL D 239 -53.38 -51.99 -16.64
N VAL D 240 -52.08 -51.82 -16.79
CA VAL D 240 -51.33 -52.54 -17.87
C VAL D 240 -51.36 -54.04 -17.54
N THR D 241 -51.20 -54.41 -16.28
CA THR D 241 -51.19 -55.85 -15.89
C THR D 241 -52.58 -56.44 -16.17
N ILE D 242 -53.64 -55.73 -15.80
CA ILE D 242 -55.03 -56.23 -16.00
C ILE D 242 -55.29 -56.37 -17.50
N ALA D 243 -54.89 -55.41 -18.32
CA ALA D 243 -55.10 -55.47 -19.78
C ALA D 243 -54.39 -56.70 -20.34
N VAL D 244 -53.12 -56.91 -19.99
CA VAL D 244 -52.33 -58.03 -20.54
C VAL D 244 -52.93 -59.35 -20.07
N TYR D 245 -53.24 -59.47 -18.78
CA TYR D 245 -53.75 -60.74 -18.21
C TYR D 245 -55.16 -61.02 -18.73
N SER D 246 -55.98 -59.98 -18.94
CA SER D 246 -57.34 -60.13 -19.51
C SER D 246 -57.23 -60.66 -20.94
N TYR D 247 -56.33 -60.08 -21.73
CA TYR D 247 -56.13 -60.53 -23.11
C TYR D 247 -55.68 -62.00 -23.12
N PHE D 248 -54.79 -62.37 -22.21
CA PHE D 248 -54.23 -63.75 -22.22
C PHE D 248 -55.25 -64.74 -21.68
N LEU D 249 -56.08 -64.34 -20.73
CA LEU D 249 -57.22 -65.19 -20.27
C LEU D 249 -58.20 -65.38 -21.42
N ALA D 250 -58.45 -64.34 -22.22
CA ALA D 250 -59.32 -64.45 -23.40
C ALA D 250 -58.69 -65.39 -24.43
N CYS D 251 -57.38 -65.32 -24.61
CA CYS D 251 -56.67 -66.17 -25.61
C CYS D 251 -56.60 -67.62 -25.12
N LEU D 252 -56.58 -67.84 -23.81
CA LEU D 252 -56.48 -69.21 -23.26
C LEU D 252 -57.70 -70.03 -23.69
N ILE D 253 -58.87 -69.41 -23.70
CA ILE D 253 -60.14 -70.14 -24.00
C ILE D 253 -60.52 -69.91 -25.46
N GLY D 254 -60.56 -68.66 -25.90
CA GLY D 254 -61.03 -68.32 -27.26
C GLY D 254 -60.19 -68.95 -28.37
N ARG D 255 -58.93 -69.29 -28.09
CA ARG D 255 -58.04 -69.89 -29.11
C ARG D 255 -57.96 -71.40 -28.92
N GLN D 256 -58.84 -71.99 -28.11
CA GLN D 256 -58.85 -73.46 -27.92
C GLN D 256 -59.19 -74.14 -29.24
N PHE D 257 -58.48 -75.23 -29.53
CA PHE D 257 -58.70 -76.02 -30.76
C PHE D 257 -60.03 -76.77 -30.64
N LEU D 258 -61.01 -76.39 -31.44
CA LEU D 258 -62.31 -77.08 -31.44
C LEU D 258 -62.27 -78.32 -32.35
N ASP D 259 -63.18 -79.24 -32.10
CA ASP D 259 -63.31 -80.46 -32.91
C ASP D 259 -63.74 -80.08 -34.32
N PRO D 260 -62.96 -80.43 -35.37
CA PRO D 260 -63.37 -80.11 -36.75
C PRO D 260 -64.67 -80.77 -37.21
N ALA D 261 -65.14 -81.81 -36.51
CA ALA D 261 -66.38 -82.54 -36.88
C ALA D 261 -67.60 -81.61 -36.86
N GLN D 262 -67.59 -80.55 -36.06
CA GLN D 262 -68.74 -79.60 -36.02
C GLN D 262 -68.74 -78.69 -37.24
N GLY D 263 -67.60 -78.51 -37.90
CA GLY D 263 -67.53 -77.71 -39.15
C GLY D 263 -67.69 -76.22 -38.90
N TYR D 264 -67.42 -75.73 -37.69
CA TYR D 264 -67.47 -74.28 -37.40
C TYR D 264 -66.42 -73.55 -38.24
N LYS D 265 -66.82 -72.41 -38.80
CA LYS D 265 -65.89 -71.60 -39.63
C LYS D 265 -64.74 -71.09 -38.76
N ASP D 266 -63.58 -70.92 -39.40
CA ASP D 266 -62.33 -70.42 -38.78
C ASP D 266 -61.86 -71.38 -37.67
N HIS D 267 -62.46 -72.56 -37.53
CA HIS D 267 -62.09 -73.52 -36.46
C HIS D 267 -62.07 -74.94 -37.04
N ASP D 268 -61.80 -75.09 -38.32
CA ASP D 268 -61.84 -76.41 -39.00
C ASP D 268 -60.47 -77.11 -38.93
N LEU D 269 -59.64 -76.77 -37.95
CA LEU D 269 -58.31 -77.39 -37.80
C LEU D 269 -57.99 -77.52 -36.31
N ASP D 270 -57.13 -78.47 -35.98
CA ASP D 270 -56.71 -78.71 -34.58
C ASP D 270 -55.26 -79.19 -34.59
N LEU D 271 -54.33 -78.29 -34.32
CA LEU D 271 -52.87 -78.60 -34.29
C LEU D 271 -52.43 -78.96 -32.87
N CYS D 272 -53.36 -79.00 -31.91
CA CYS D 272 -53.13 -79.41 -30.50
C CYS D 272 -52.05 -78.56 -29.83
N VAL D 273 -51.48 -77.59 -30.54
CA VAL D 273 -50.51 -76.63 -29.99
C VAL D 273 -50.77 -75.28 -30.65
N PRO D 274 -51.09 -74.22 -29.88
CA PRO D 274 -51.39 -72.92 -30.46
C PRO D 274 -50.12 -72.08 -30.66
N ILE D 275 -49.24 -72.53 -31.54
CA ILE D 275 -47.88 -71.93 -31.71
C ILE D 275 -47.98 -70.42 -31.98
N PHE D 276 -48.95 -69.98 -32.77
CA PHE D 276 -49.14 -68.54 -33.03
C PHE D 276 -49.62 -67.82 -31.79
N THR D 277 -50.40 -68.48 -30.95
CA THR D 277 -50.80 -67.91 -29.64
C THR D 277 -49.58 -67.88 -28.72
N LEU D 278 -48.70 -68.88 -28.81
CA LEU D 278 -47.45 -68.88 -28.01
C LEU D 278 -46.54 -67.75 -28.48
N LEU D 279 -46.48 -67.48 -29.78
CA LEU D 279 -45.66 -66.35 -30.30
C LEU D 279 -46.24 -65.03 -29.81
N GLN D 280 -47.57 -64.89 -29.82
CA GLN D 280 -48.24 -63.68 -29.30
C GLN D 280 -47.97 -63.57 -27.79
N PHE D 281 -47.91 -64.70 -27.08
CA PHE D 281 -47.56 -64.69 -25.65
C PHE D 281 -46.16 -64.15 -25.48
N PHE D 282 -45.21 -64.68 -26.24
CA PHE D 282 -43.82 -64.15 -26.23
C PHE D 282 -43.87 -62.63 -26.39
N PHE D 283 -44.55 -62.17 -27.43
CA PHE D 283 -44.62 -60.74 -27.78
C PHE D 283 -45.15 -59.93 -26.59
N TYR D 284 -46.40 -60.14 -26.19
CA TYR D 284 -47.06 -59.26 -25.20
C TYR D 284 -46.48 -59.47 -23.79
N ALA D 285 -46.27 -60.71 -23.39
CA ALA D 285 -45.72 -61.02 -22.05
C ALA D 285 -44.31 -60.45 -21.93
N GLY D 286 -43.49 -60.56 -22.98
CA GLY D 286 -42.13 -59.97 -22.98
C GLY D 286 -42.19 -58.45 -22.99
N TRP D 287 -43.15 -57.88 -23.69
CA TRP D 287 -43.31 -56.41 -23.70
C TRP D 287 -43.62 -55.92 -22.28
N LEU D 288 -44.47 -56.65 -21.57
CA LEU D 288 -44.73 -56.33 -20.14
C LEU D 288 -43.47 -56.62 -19.31
N LYS D 289 -42.74 -57.67 -19.63
CA LYS D 289 -41.53 -58.06 -18.86
C LYS D 289 -40.43 -57.00 -18.98
N VAL D 290 -40.40 -56.26 -20.08
CA VAL D 290 -39.42 -55.15 -20.24
C VAL D 290 -39.65 -54.16 -19.10
N ALA D 291 -40.89 -53.73 -18.90
CA ALA D 291 -41.24 -52.81 -17.79
C ALA D 291 -41.01 -53.50 -16.45
N GLU D 292 -41.37 -54.77 -16.35
CA GLU D 292 -41.26 -55.51 -15.06
C GLU D 292 -39.79 -55.58 -14.62
N GLN D 293 -38.87 -55.62 -15.57
CA GLN D 293 -37.42 -55.66 -15.27
C GLN D 293 -36.88 -54.24 -15.05
N LEU D 294 -37.34 -53.25 -15.80
CA LEU D 294 -36.77 -51.89 -15.72
C LEU D 294 -37.47 -51.04 -14.65
N ILE D 295 -38.61 -51.48 -14.12
CA ILE D 295 -39.39 -50.63 -13.17
C ILE D 295 -38.54 -50.30 -11.94
N ASN D 296 -37.76 -51.26 -11.45
CA ASN D 296 -36.76 -51.02 -10.39
C ASN D 296 -35.42 -51.51 -10.91
N PRO D 297 -34.61 -50.61 -11.50
CA PRO D 297 -33.35 -51.03 -12.11
C PRO D 297 -32.20 -51.24 -11.11
N PHE D 298 -32.46 -51.20 -9.82
CA PHE D 298 -31.40 -51.36 -8.79
C PHE D 298 -31.57 -52.69 -8.05
N GLY D 299 -32.38 -53.61 -8.61
CA GLY D 299 -32.55 -54.94 -8.03
C GLY D 299 -31.41 -55.87 -8.44
N GLU D 300 -31.71 -57.14 -8.60
CA GLU D 300 -30.69 -58.17 -8.95
C GLU D 300 -31.02 -58.82 -10.29
N ASP D 301 -31.79 -58.15 -11.15
CA ASP D 301 -32.00 -58.65 -12.52
C ASP D 301 -30.67 -58.62 -13.27
N ASP D 302 -30.56 -59.46 -14.29
CA ASP D 302 -29.32 -59.54 -15.10
C ASP D 302 -29.09 -58.22 -15.82
N ASP D 303 -30.15 -57.53 -16.22
CA ASP D 303 -30.03 -56.26 -16.99
C ASP D 303 -30.09 -55.06 -16.04
N ASP D 304 -30.21 -55.30 -14.73
CA ASP D 304 -30.20 -54.19 -13.75
C ASP D 304 -28.80 -53.57 -13.67
N PHE D 305 -28.73 -52.36 -13.16
CA PHE D 305 -27.46 -51.60 -13.07
C PHE D 305 -26.51 -52.25 -12.09
N GLU D 306 -25.23 -52.23 -12.45
CA GLU D 306 -24.14 -52.81 -11.65
C GLU D 306 -23.65 -51.76 -10.66
N THR D 307 -24.43 -51.53 -9.63
CA THR D 307 -24.17 -50.44 -8.65
C THR D 307 -22.88 -50.69 -7.89
N ASN D 308 -22.62 -51.93 -7.48
CA ASN D 308 -21.39 -52.24 -6.70
C ASN D 308 -20.16 -51.95 -7.55
N PHE D 309 -20.18 -52.35 -8.81
CA PHE D 309 -19.05 -52.09 -9.73
C PHE D 309 -18.83 -50.58 -9.86
N LEU D 310 -19.90 -49.80 -9.97
CA LEU D 310 -19.78 -48.32 -10.10
C LEU D 310 -19.20 -47.73 -8.81
N ILE D 311 -19.63 -48.22 -7.65
CA ILE D 311 -19.06 -47.76 -6.35
C ILE D 311 -17.55 -48.02 -6.36
N ASP D 312 -17.14 -49.23 -6.70
CA ASP D 312 -15.70 -49.62 -6.68
C ASP D 312 -14.93 -48.76 -7.66
N ARG D 313 -15.46 -48.59 -8.87
CA ARG D 313 -14.76 -47.85 -9.94
C ARG D 313 -14.58 -46.41 -9.49
N CYS D 314 -15.66 -45.79 -9.01
CA CYS D 314 -15.62 -44.36 -8.63
C CYS D 314 -14.62 -44.17 -7.49
N PHE D 315 -14.67 -45.03 -6.49
CA PHE D 315 -13.77 -44.89 -5.32
C PHE D 315 -12.32 -44.99 -5.77
N GLN D 316 -12.00 -46.05 -6.51
CA GLN D 316 -10.60 -46.31 -6.92
C GLN D 316 -10.12 -45.19 -7.83
N VAL D 317 -10.91 -44.81 -8.82
CA VAL D 317 -10.49 -43.79 -9.81
C VAL D 317 -10.34 -42.43 -9.10
N SER D 318 -11.26 -42.07 -8.23
CA SER D 318 -11.20 -40.76 -7.53
C SER D 318 -9.96 -40.71 -6.64
N MET D 319 -9.69 -41.78 -5.90
CA MET D 319 -8.48 -41.80 -5.04
C MET D 319 -7.24 -41.67 -5.91
N LEU D 320 -7.17 -42.42 -7.01
CA LEU D 320 -6.02 -42.35 -7.92
C LEU D 320 -5.86 -40.89 -8.42
N ALA D 321 -6.93 -40.30 -8.93
CA ALA D 321 -6.86 -38.98 -9.60
C ALA D 321 -6.45 -37.90 -8.58
N VAL D 322 -6.98 -37.92 -7.37
CA VAL D 322 -6.72 -36.78 -6.44
C VAL D 322 -5.46 -37.02 -5.62
N ASP D 323 -4.95 -38.25 -5.55
CA ASP D 323 -3.78 -38.55 -4.68
C ASP D 323 -2.54 -38.80 -5.54
N GLU D 324 -2.54 -39.82 -6.39
CA GLU D 324 -1.32 -40.19 -7.11
C GLU D 324 -1.12 -39.28 -8.33
N MET D 325 -2.18 -38.69 -8.85
CA MET D 325 -2.08 -37.87 -10.07
C MET D 325 -2.09 -36.38 -9.74
N TYR D 326 -2.13 -35.97 -8.47
CA TYR D 326 -2.11 -34.53 -8.10
C TYR D 326 -0.77 -33.93 -8.51
N ASP D 327 -0.80 -32.98 -9.43
CA ASP D 327 0.41 -32.22 -9.87
C ASP D 327 1.53 -33.20 -10.26
N ASP D 328 1.19 -34.31 -10.89
CA ASP D 328 2.17 -35.30 -11.37
C ASP D 328 2.10 -35.33 -12.89
N LEU D 329 2.77 -34.40 -13.55
CA LEU D 329 2.70 -34.26 -15.02
C LEU D 329 4.06 -34.57 -15.63
N ALA D 330 4.04 -35.20 -16.81
CA ALA D 330 5.21 -35.26 -17.70
C ALA D 330 5.58 -33.84 -18.12
N MET D 331 6.87 -33.58 -18.26
CA MET D 331 7.35 -32.20 -18.56
C MET D 331 6.80 -31.77 -19.93
N LEU D 332 6.50 -30.49 -20.06
CA LEU D 332 5.98 -29.92 -21.33
C LEU D 332 7.03 -30.11 -22.42
N GLU D 333 6.66 -30.79 -23.51
CA GLU D 333 7.55 -30.97 -24.67
C GLU D 333 6.76 -30.85 -25.97
N LYS D 334 7.47 -30.57 -27.05
CA LYS D 334 6.87 -30.38 -28.38
C LYS D 334 6.32 -31.71 -28.89
N ASP D 335 5.16 -31.67 -29.53
CA ASP D 335 4.48 -32.89 -30.04
C ASP D 335 5.00 -33.19 -31.47
N LEU D 336 4.46 -34.23 -32.09
CA LEU D 336 4.88 -34.65 -33.45
C LEU D 336 4.56 -33.58 -34.48
N TYR D 337 3.61 -32.68 -34.22
CA TYR D 337 3.12 -31.71 -35.23
C TYR D 337 3.47 -30.28 -34.83
N TRP D 338 4.55 -30.09 -34.10
CA TRP D 338 4.97 -28.73 -33.66
C TRP D 338 5.30 -27.87 -34.88
N ASP D 339 6.01 -28.43 -35.85
CA ASP D 339 6.44 -27.68 -37.06
C ASP D 339 5.53 -27.94 -38.24
N ALA D 340 4.53 -28.81 -38.11
CA ALA D 340 3.64 -29.18 -39.23
C ALA D 340 2.48 -28.19 -39.31
N ALA D 341 2.23 -27.65 -40.50
CA ALA D 341 1.07 -26.77 -40.77
C ALA D 341 -0.24 -27.52 -40.47
N GLU D 342 -0.32 -28.78 -40.89
CA GLU D 342 -1.49 -29.63 -40.59
C GLU D 342 -1.12 -30.62 -39.48
N ALA D 343 -2.04 -30.83 -38.55
CA ALA D 343 -1.91 -31.83 -37.47
C ALA D 343 -2.83 -33.01 -37.78
N ARG D 344 -2.29 -34.02 -38.44
CA ARG D 344 -3.08 -35.21 -38.86
C ARG D 344 -2.33 -36.47 -38.47
N ALA D 345 -3.04 -37.42 -37.88
CA ALA D 345 -2.46 -38.72 -37.47
C ALA D 345 -2.53 -39.69 -38.63
N PRO D 346 -1.64 -40.70 -38.67
CA PRO D 346 -1.71 -41.71 -39.71
C PRO D 346 -2.89 -42.66 -39.53
N TYR D 347 -3.16 -43.44 -40.56
CA TYR D 347 -4.19 -44.50 -40.55
C TYR D 347 -3.50 -45.86 -40.70
N THR D 348 -4.04 -46.86 -40.02
CA THR D 348 -3.58 -48.26 -40.18
C THR D 348 -3.98 -48.78 -41.56
N ALA D 349 -3.40 -49.90 -41.96
CA ALA D 349 -3.71 -50.57 -43.24
C ALA D 349 -5.18 -51.01 -43.27
N ALA D 350 -5.79 -51.26 -42.11
CA ALA D 350 -7.16 -51.79 -41.98
C ALA D 350 -8.21 -50.67 -42.12
N THR D 351 -7.82 -49.41 -41.98
CA THR D 351 -8.78 -48.28 -41.97
C THR D 351 -8.55 -47.31 -43.13
N ALA D 352 -7.38 -47.32 -43.76
CA ALA D 352 -7.06 -46.38 -44.87
C ALA D 352 -8.03 -46.59 -46.04
N PHE D 353 -8.30 -47.84 -46.40
CA PHE D 353 -9.09 -48.14 -47.62
C PHE D 353 -10.57 -47.89 -47.36
N LEU D 354 -11.00 -47.75 -46.11
CA LEU D 354 -12.37 -47.25 -45.83
C LEU D 354 -12.36 -45.72 -45.80
N MET D 355 -11.29 -45.13 -45.27
CA MET D 355 -11.19 -43.67 -45.06
C MET D 355 -10.52 -43.03 -46.28
N GLN D 356 -10.03 -41.79 -46.15
CA GLN D 356 -9.48 -40.99 -47.27
C GLN D 356 -10.60 -40.70 -48.27
N GLN D 357 -11.64 -40.02 -47.80
CA GLN D 357 -12.81 -39.61 -48.61
C GLN D 357 -12.97 -38.10 -48.47
N PRO D 358 -13.61 -37.42 -49.44
CA PRO D 358 -13.74 -35.97 -49.37
C PRO D 358 -14.53 -35.53 -48.13
N SER D 359 -14.04 -34.50 -47.45
CA SER D 359 -14.61 -34.05 -46.16
C SER D 359 -15.88 -33.23 -46.43
N PHE D 360 -16.91 -33.46 -45.63
CA PHE D 360 -18.20 -32.76 -45.77
C PHE D 360 -18.01 -31.28 -45.41
N GLN D 361 -18.35 -30.40 -46.33
CA GLN D 361 -18.18 -28.94 -46.15
C GLN D 361 -19.52 -28.23 -45.95
N GLY D 362 -20.63 -28.87 -46.32
CA GLY D 362 -21.96 -28.24 -46.29
C GLY D 362 -22.82 -28.75 -47.42
N SER D 363 -24.12 -28.57 -47.29
CA SER D 363 -25.12 -29.05 -48.27
C SER D 363 -25.12 -28.16 -49.52
N THR D 364 -24.66 -26.92 -49.42
CA THR D 364 -24.88 -25.89 -50.45
C THR D 364 -23.63 -25.74 -51.33
N PHE D 365 -22.61 -26.55 -51.14
CA PHE D 365 -21.31 -26.37 -51.85
C PHE D 365 -21.19 -27.31 -53.05
N ASP D 366 -22.27 -28.02 -53.40
CA ASP D 366 -22.29 -28.92 -54.59
C ASP D 366 -23.20 -28.34 -55.66
N ILE D 367 -23.33 -27.02 -55.71
CA ILE D 367 -24.16 -26.33 -56.74
C ILE D 367 -23.25 -25.94 -57.91
N THR E 2 -48.46 -40.93 -1.39
CA THR E 2 -47.75 -41.79 -2.38
C THR E 2 -47.75 -43.25 -1.92
N VAL E 3 -47.88 -44.16 -2.86
CA VAL E 3 -47.82 -45.62 -2.57
C VAL E 3 -46.52 -46.13 -3.19
N THR E 4 -45.60 -46.57 -2.35
CA THR E 4 -44.28 -47.04 -2.82
C THR E 4 -44.29 -48.57 -2.84
N TYR E 5 -43.95 -49.16 -3.97
CA TYR E 5 -43.91 -50.64 -4.12
C TYR E 5 -42.66 -51.09 -4.86
N THR E 6 -41.67 -50.21 -5.00
CA THR E 6 -40.44 -50.50 -5.79
C THR E 6 -39.64 -51.62 -5.14
N ALA E 7 -39.79 -51.84 -3.83
CA ALA E 7 -39.17 -52.98 -3.12
C ALA E 7 -39.75 -54.29 -3.67
N ARG E 8 -41.06 -54.32 -3.91
CA ARG E 8 -41.74 -55.55 -4.40
C ARG E 8 -41.26 -55.88 -5.81
N VAL E 9 -41.02 -54.86 -6.63
CA VAL E 9 -40.72 -55.08 -8.08
C VAL E 9 -39.22 -54.93 -8.32
N ALA E 10 -38.38 -55.17 -7.30
CA ALA E 10 -36.91 -55.05 -7.47
C ALA E 10 -36.43 -56.00 -8.56
N LYS E 11 -37.07 -57.17 -8.71
CA LYS E 11 -36.73 -58.14 -9.77
C LYS E 11 -37.98 -58.49 -10.57
N ALA E 12 -37.77 -58.85 -11.83
CA ALA E 12 -38.81 -59.41 -12.72
C ALA E 12 -39.05 -60.86 -12.32
N ARG E 13 -39.95 -61.10 -11.36
CA ARG E 13 -40.21 -62.44 -10.83
C ARG E 13 -41.38 -63.09 -11.59
N PHE E 14 -41.63 -64.36 -11.31
CA PHE E 14 -42.74 -65.13 -11.91
C PHE E 14 -44.08 -64.44 -11.59
N GLY E 15 -44.27 -64.05 -10.34
CA GLY E 15 -45.52 -63.40 -9.88
C GLY E 15 -45.28 -61.96 -9.49
N GLY E 16 -44.42 -61.23 -10.22
CA GLY E 16 -44.03 -59.87 -9.82
C GLY E 16 -45.19 -58.91 -9.91
N PHE E 17 -45.65 -58.61 -11.12
CA PHE E 17 -46.76 -57.65 -11.33
C PHE E 17 -48.08 -58.27 -10.94
N SER E 18 -48.20 -59.59 -10.98
CA SER E 18 -49.48 -60.28 -10.67
C SER E 18 -49.87 -60.03 -9.21
N LYS E 19 -48.92 -60.09 -8.29
CA LYS E 19 -49.22 -59.84 -6.86
C LYS E 19 -49.54 -58.36 -6.60
N LEU E 20 -49.15 -57.46 -7.50
CA LEU E 20 -49.50 -56.03 -7.34
C LEU E 20 -51.01 -55.84 -7.49
N LEU E 21 -51.70 -56.79 -8.12
CA LEU E 21 -53.18 -56.73 -8.23
C LEU E 21 -53.84 -57.07 -6.89
N LEU E 22 -53.09 -57.54 -5.90
CA LEU E 22 -53.68 -57.86 -4.57
C LEU E 22 -53.59 -56.67 -3.62
N LEU E 23 -52.88 -55.60 -4.00
CA LEU E 23 -52.77 -54.40 -3.15
C LEU E 23 -54.09 -53.62 -3.21
N TRP E 24 -54.36 -52.85 -2.17
CA TRP E 24 -55.61 -52.06 -2.06
C TRP E 24 -55.32 -50.56 -1.99
N ARG E 25 -54.36 -50.15 -1.16
CA ARG E 25 -54.05 -48.72 -0.99
C ARG E 25 -53.47 -48.16 -2.29
N GLY E 26 -54.14 -47.16 -2.86
CA GLY E 26 -53.72 -46.52 -4.13
C GLY E 26 -53.94 -47.41 -5.33
N SER E 27 -54.75 -48.46 -5.20
CA SER E 27 -54.95 -49.43 -6.29
C SER E 27 -56.07 -48.97 -7.23
N ILE E 28 -56.20 -49.68 -8.35
CA ILE E 28 -57.29 -49.46 -9.33
C ILE E 28 -58.67 -49.71 -8.68
N TYR E 29 -58.76 -50.69 -7.78
CA TYR E 29 -60.07 -51.09 -7.19
C TYR E 29 -60.61 -49.94 -6.33
N LYS E 30 -59.75 -49.36 -5.50
CA LYS E 30 -60.19 -48.28 -4.58
C LYS E 30 -60.68 -47.08 -5.38
N LEU E 31 -60.16 -46.90 -6.60
CA LEU E 31 -60.58 -45.76 -7.45
C LEU E 31 -61.81 -46.11 -8.27
N LEU E 32 -62.04 -47.37 -8.64
CA LEU E 32 -63.10 -47.70 -9.63
C LEU E 32 -64.31 -48.38 -9.02
N TRP E 33 -64.24 -49.02 -7.86
CA TRP E 33 -65.31 -49.97 -7.44
C TRP E 33 -66.69 -49.30 -7.49
N ARG E 34 -66.79 -48.00 -7.22
CA ARG E 34 -68.10 -47.31 -7.26
C ARG E 34 -68.63 -47.28 -8.70
N GLU E 35 -67.82 -46.84 -9.66
CA GLU E 35 -68.24 -46.83 -11.09
C GLU E 35 -68.47 -48.27 -11.55
N LEU E 36 -67.70 -49.22 -11.02
CA LEU E 36 -67.85 -50.65 -11.36
C LEU E 36 -69.24 -51.12 -10.94
N LEU E 37 -69.63 -50.84 -9.69
CA LEU E 37 -70.96 -51.23 -9.17
C LEU E 37 -72.04 -50.50 -9.98
N CYS E 38 -71.83 -49.25 -10.34
CA CYS E 38 -72.83 -48.48 -11.11
C CYS E 38 -73.03 -49.14 -12.48
N PHE E 39 -71.93 -49.44 -13.17
CA PHE E 39 -72.01 -50.04 -14.53
C PHE E 39 -72.68 -51.41 -14.43
N LEU E 40 -72.30 -52.21 -13.44
CA LEU E 40 -72.91 -53.55 -13.26
C LEU E 40 -74.40 -53.40 -12.94
N GLY E 41 -74.77 -52.41 -12.11
CA GLY E 41 -76.17 -52.19 -11.74
C GLY E 41 -77.02 -51.85 -12.95
N LEU E 42 -76.56 -50.91 -13.77
CA LEU E 42 -77.31 -50.53 -15.00
C LEU E 42 -77.35 -51.74 -15.95
N PHE E 43 -76.26 -52.47 -16.12
CA PHE E 43 -76.24 -53.62 -17.05
C PHE E 43 -77.25 -54.68 -16.58
N MET E 44 -77.21 -55.03 -15.31
CA MET E 44 -78.09 -56.07 -14.74
C MET E 44 -79.56 -55.60 -14.82
N ALA E 45 -79.83 -54.33 -14.50
CA ALA E 45 -81.21 -53.80 -14.55
C ALA E 45 -81.72 -53.87 -16.00
N LEU E 46 -80.90 -53.48 -16.97
CA LEU E 46 -81.31 -53.48 -18.39
C LEU E 46 -81.55 -54.92 -18.84
N SER E 47 -80.67 -55.85 -18.44
CA SER E 47 -80.82 -57.28 -18.81
C SER E 47 -82.11 -57.84 -18.20
N ALA E 48 -82.40 -57.50 -16.93
CA ALA E 48 -83.61 -58.00 -16.24
C ALA E 48 -84.85 -57.43 -16.93
N ALA E 49 -84.83 -56.14 -17.29
CA ALA E 49 -85.98 -55.51 -17.99
C ALA E 49 -86.18 -56.22 -19.33
N TYR E 50 -85.11 -56.49 -20.06
CA TYR E 50 -85.19 -57.19 -21.37
C TYR E 50 -85.79 -58.59 -21.17
N ARG E 51 -85.34 -59.29 -20.14
CA ARG E 51 -85.77 -60.70 -19.91
C ARG E 51 -87.24 -60.74 -19.49
N PHE E 52 -87.69 -59.80 -18.66
CA PHE E 52 -89.02 -59.91 -18.00
C PHE E 52 -89.99 -58.82 -18.47
N VAL E 53 -89.63 -57.55 -18.27
CA VAL E 53 -90.65 -56.46 -18.33
C VAL E 53 -91.07 -56.22 -19.79
N LEU E 54 -90.10 -56.19 -20.70
CA LEU E 54 -90.38 -55.82 -22.11
C LEU E 54 -91.25 -56.89 -22.78
N THR E 55 -92.15 -56.45 -23.64
CA THR E 55 -93.01 -57.35 -24.43
C THR E 55 -92.16 -58.12 -25.45
N GLU E 56 -92.73 -59.19 -25.99
CA GLU E 56 -92.08 -59.96 -27.07
C GLU E 56 -91.87 -59.07 -28.29
N GLU E 57 -92.86 -58.26 -28.64
CA GLU E 57 -92.77 -57.36 -29.82
C GLU E 57 -91.65 -56.33 -29.60
N GLN E 58 -91.58 -55.74 -28.40
CA GLN E 58 -90.55 -54.71 -28.09
C GLN E 58 -89.16 -55.35 -28.03
N LYS E 59 -89.07 -56.65 -27.74
CA LYS E 59 -87.75 -57.31 -27.57
C LYS E 59 -87.01 -57.39 -28.91
N ARG E 60 -87.72 -57.53 -30.01
CA ARG E 60 -87.08 -57.54 -31.35
C ARG E 60 -86.43 -56.17 -31.60
N TYR E 61 -87.16 -55.09 -31.30
CA TYR E 61 -86.62 -53.72 -31.45
C TYR E 61 -85.42 -53.54 -30.52
N PHE E 62 -85.52 -54.04 -29.29
CA PHE E 62 -84.44 -53.88 -28.29
C PHE E 62 -83.18 -54.61 -28.79
N GLU E 63 -83.33 -55.82 -29.31
CA GLU E 63 -82.16 -56.61 -29.75
C GLU E 63 -81.57 -56.00 -31.04
N LYS E 64 -82.40 -55.45 -31.91
CA LYS E 64 -81.88 -54.71 -33.09
C LYS E 64 -81.07 -53.51 -32.61
N LEU E 65 -81.56 -52.80 -31.59
CA LEU E 65 -80.84 -51.64 -31.03
C LEU E 65 -79.53 -52.13 -30.37
N VAL E 66 -79.55 -53.31 -29.76
CA VAL E 66 -78.31 -53.90 -29.17
C VAL E 66 -77.29 -54.15 -30.28
N LEU E 67 -77.72 -54.73 -31.40
CA LEU E 67 -76.80 -54.99 -32.53
C LEU E 67 -76.26 -53.65 -33.04
N TYR E 68 -77.13 -52.65 -33.20
CA TYR E 68 -76.73 -51.32 -33.71
C TYR E 68 -75.69 -50.70 -32.78
N CYS E 69 -75.92 -50.76 -31.47
CA CYS E 69 -75.00 -50.16 -30.47
C CYS E 69 -73.70 -50.96 -30.39
N ASP E 70 -73.74 -52.26 -30.66
CA ASP E 70 -72.53 -53.10 -30.66
C ASP E 70 -71.66 -52.78 -31.88
N ARG E 71 -72.28 -52.41 -33.00
CA ARG E 71 -71.53 -52.12 -34.24
C ARG E 71 -70.67 -50.87 -34.04
N TYR E 72 -71.12 -49.90 -33.25
CA TYR E 72 -70.40 -48.61 -33.05
C TYR E 72 -69.53 -48.63 -31.80
N ALA E 73 -69.46 -49.76 -31.08
CA ALA E 73 -68.58 -49.87 -29.90
C ALA E 73 -67.13 -49.93 -30.37
N SER E 74 -66.45 -48.79 -30.43
CA SER E 74 -65.06 -48.68 -30.91
C SER E 74 -64.12 -48.62 -29.70
N LEU E 75 -63.34 -49.67 -29.48
CA LEU E 75 -62.40 -49.73 -28.33
C LEU E 75 -61.00 -49.28 -28.74
N ILE E 76 -60.67 -49.27 -30.02
CA ILE E 76 -59.31 -48.90 -30.49
C ILE E 76 -59.14 -47.38 -30.44
N PRO E 77 -60.03 -46.56 -31.07
CA PRO E 77 -59.80 -45.12 -31.09
C PRO E 77 -59.68 -44.46 -29.70
N VAL E 78 -60.44 -44.93 -28.72
CA VAL E 78 -60.39 -44.36 -27.35
C VAL E 78 -59.02 -44.63 -26.73
N SER E 79 -58.38 -45.73 -27.13
CA SER E 79 -57.03 -46.07 -26.63
C SER E 79 -56.03 -44.97 -27.03
N PHE E 80 -56.16 -44.39 -28.19
CA PHE E 80 -55.23 -43.33 -28.64
C PHE E 80 -55.38 -42.11 -27.76
N VAL E 81 -56.62 -41.65 -27.60
CA VAL E 81 -56.87 -40.39 -26.83
C VAL E 81 -56.45 -40.65 -25.39
N LEU E 82 -56.72 -41.84 -24.84
CA LEU E 82 -56.27 -42.19 -23.47
C LEU E 82 -54.74 -42.16 -23.37
N GLY E 83 -54.04 -42.81 -24.30
CA GLY E 83 -52.56 -42.90 -24.26
C GLY E 83 -51.93 -41.51 -24.26
N PHE E 84 -52.35 -40.68 -25.18
CA PHE E 84 -51.76 -39.32 -25.35
C PHE E 84 -52.08 -38.46 -24.15
N TYR E 85 -53.33 -38.42 -23.74
CA TYR E 85 -53.79 -37.58 -22.61
C TYR E 85 -53.10 -38.02 -21.31
N VAL E 86 -53.04 -39.33 -21.08
CA VAL E 86 -52.44 -39.84 -19.82
C VAL E 86 -50.94 -39.57 -19.85
N THR E 87 -50.30 -39.68 -21.01
CA THR E 87 -48.85 -39.38 -21.12
C THR E 87 -48.64 -37.90 -20.77
N LEU E 88 -49.47 -37.01 -21.27
CA LEU E 88 -49.34 -35.56 -20.95
C LEU E 88 -49.51 -35.37 -19.44
N VAL E 89 -50.52 -36.02 -18.86
CA VAL E 89 -50.81 -35.85 -17.41
C VAL E 89 -49.62 -36.38 -16.61
N VAL E 90 -49.04 -37.50 -17.01
CA VAL E 90 -47.89 -38.10 -16.28
C VAL E 90 -46.66 -37.18 -16.42
N HIS E 91 -46.46 -36.58 -17.58
CA HIS E 91 -45.37 -35.61 -17.78
C HIS E 91 -45.55 -34.44 -16.81
N ARG E 92 -46.76 -33.88 -16.75
CA ARG E 92 -47.04 -32.76 -15.82
C ARG E 92 -46.85 -33.23 -14.38
N TRP E 93 -47.25 -34.45 -14.07
CA TRP E 93 -47.21 -34.97 -12.68
C TRP E 93 -45.76 -35.07 -12.22
N TRP E 94 -44.91 -35.64 -13.05
CA TRP E 94 -43.48 -35.80 -12.69
C TRP E 94 -42.81 -34.43 -12.59
N ASN E 95 -43.09 -33.54 -13.54
CA ASN E 95 -42.49 -32.18 -13.53
C ASN E 95 -42.97 -31.42 -12.29
N GLN E 96 -44.20 -31.66 -11.87
CA GLN E 96 -44.74 -31.03 -10.62
C GLN E 96 -43.99 -31.57 -9.43
N TYR E 97 -43.71 -32.87 -9.38
CA TYR E 97 -42.91 -33.43 -8.28
C TYR E 97 -41.52 -32.78 -8.27
N LEU E 98 -40.90 -32.63 -9.44
CA LEU E 98 -39.54 -32.03 -9.51
C LEU E 98 -39.58 -30.55 -9.08
N SER E 99 -40.75 -29.93 -9.02
CA SER E 99 -40.90 -28.50 -8.66
C SER E 99 -41.14 -28.32 -7.16
N MET E 100 -41.15 -29.39 -6.37
CA MET E 100 -41.32 -29.28 -4.91
C MET E 100 -40.22 -28.39 -4.34
N PRO E 101 -40.57 -27.45 -3.44
CA PRO E 101 -39.55 -26.57 -2.87
C PRO E 101 -38.69 -27.34 -1.86
N LEU E 102 -37.50 -27.74 -2.32
CA LEU E 102 -36.53 -28.46 -1.48
C LEU E 102 -35.34 -27.54 -1.23
N THR E 103 -34.80 -27.58 -0.03
CA THR E 103 -33.81 -26.59 0.46
C THR E 103 -32.45 -27.26 0.68
N ASP E 104 -32.19 -28.39 0.04
CA ASP E 104 -30.92 -29.13 0.23
C ASP E 104 -29.77 -28.35 -0.40
N ALA E 105 -29.96 -27.89 -1.63
CA ALA E 105 -28.94 -27.08 -2.33
C ALA E 105 -28.66 -25.80 -1.53
N LEU E 106 -29.73 -25.17 -1.05
CA LEU E 106 -29.62 -23.92 -0.27
C LEU E 106 -28.90 -24.20 1.04
N MET E 107 -29.19 -25.32 1.71
CA MET E 107 -28.55 -25.58 3.01
C MET E 107 -27.06 -25.82 2.79
N CYS E 108 -26.71 -26.50 1.71
CA CYS E 108 -25.28 -26.79 1.43
C CYS E 108 -24.55 -25.46 1.21
N VAL E 109 -25.12 -24.59 0.39
CA VAL E 109 -24.47 -23.28 0.11
C VAL E 109 -24.39 -22.46 1.42
N VAL E 110 -25.46 -22.43 2.20
CA VAL E 110 -25.51 -21.58 3.42
C VAL E 110 -24.46 -22.09 4.41
N VAL E 111 -24.43 -23.40 4.66
CA VAL E 111 -23.49 -23.94 5.67
C VAL E 111 -22.06 -23.73 5.17
N GLY E 112 -21.85 -23.67 3.86
CA GLY E 112 -20.50 -23.48 3.32
C GLY E 112 -20.11 -22.02 3.14
N THR E 113 -21.03 -21.06 3.30
CA THR E 113 -20.74 -19.65 2.93
C THR E 113 -21.11 -18.64 4.02
N VAL E 114 -22.07 -18.92 4.89
CA VAL E 114 -22.51 -17.93 5.92
C VAL E 114 -21.89 -18.34 7.25
N HIS E 115 -20.95 -17.54 7.75
CA HIS E 115 -19.97 -18.00 8.78
C HIS E 115 -20.24 -17.38 10.13
N GLY E 116 -19.66 -17.98 11.16
CA GLY E 116 -19.76 -17.49 12.54
C GLY E 116 -20.33 -18.52 13.48
N HIS E 117 -19.56 -18.86 14.51
CA HIS E 117 -20.00 -19.78 15.58
C HIS E 117 -20.84 -19.03 16.62
N ASP E 118 -20.87 -17.70 16.56
CA ASP E 118 -21.57 -16.87 17.56
C ASP E 118 -23.09 -16.95 17.34
N GLU E 119 -23.85 -16.20 18.12
CA GLU E 119 -25.32 -16.16 18.02
C GLU E 119 -25.73 -15.53 16.69
N ARG E 120 -24.99 -14.54 16.19
CA ARG E 120 -25.43 -13.76 15.02
C ARG E 120 -25.28 -14.62 13.75
N GLY E 121 -24.17 -15.34 13.61
CA GLY E 121 -23.97 -16.23 12.45
C GLY E 121 -25.00 -17.35 12.45
N ARG E 122 -25.27 -17.91 13.61
CA ARG E 122 -26.28 -18.97 13.76
C ARG E 122 -27.66 -18.42 13.41
N LEU E 123 -27.98 -17.21 13.87
CA LEU E 123 -29.26 -16.54 13.52
C LEU E 123 -29.31 -16.34 12.00
N TYR E 124 -28.21 -15.90 11.38
CA TYR E 124 -28.15 -15.70 9.92
C TYR E 124 -28.49 -17.01 9.20
N ARG E 125 -27.80 -18.09 9.55
CA ARG E 125 -27.97 -19.39 8.84
C ARG E 125 -29.40 -19.88 9.04
N ARG E 126 -29.87 -19.88 10.29
CA ARG E 126 -31.22 -20.40 10.61
C ARG E 126 -32.27 -19.57 9.90
N THR E 127 -32.14 -18.25 9.91
CA THR E 127 -33.17 -17.37 9.32
C THR E 127 -33.13 -17.52 7.79
N LEU E 128 -31.95 -17.60 7.21
CA LEU E 128 -31.83 -17.80 5.73
C LEU E 128 -32.59 -19.07 5.33
N MET E 129 -32.41 -20.15 6.06
CA MET E 129 -33.10 -21.40 5.68
C MET E 129 -34.58 -21.35 6.06
N ARG E 130 -34.92 -20.63 7.12
CA ARG E 130 -36.33 -20.49 7.54
C ARG E 130 -37.10 -19.68 6.50
N TYR E 131 -36.47 -18.70 5.85
CA TYR E 131 -37.14 -17.91 4.80
C TYR E 131 -37.52 -18.81 3.63
N ALA E 132 -36.61 -19.67 3.19
CA ALA E 132 -36.87 -20.62 2.09
C ALA E 132 -37.97 -21.59 2.53
N GLY E 133 -37.89 -22.10 3.76
CA GLY E 133 -38.94 -22.98 4.30
C GLY E 133 -40.29 -22.28 4.29
N LEU E 134 -40.32 -21.00 4.65
CA LEU E 134 -41.58 -20.23 4.76
C LEU E 134 -42.17 -20.06 3.38
N SER E 135 -41.36 -19.71 2.39
CA SER E 135 -41.87 -19.56 1.00
C SER E 135 -42.38 -20.92 0.49
N GLY E 136 -41.68 -22.00 0.80
CA GLY E 136 -42.17 -23.34 0.47
C GLY E 136 -43.53 -23.64 1.09
N VAL E 137 -43.67 -23.34 2.37
CA VAL E 137 -44.95 -23.53 3.10
C VAL E 137 -46.05 -22.69 2.43
N LEU E 138 -45.74 -21.44 2.08
CA LEU E 138 -46.77 -20.55 1.49
C LEU E 138 -47.23 -21.09 0.14
N ILE E 139 -46.30 -21.47 -0.73
CA ILE E 139 -46.71 -21.95 -2.06
C ILE E 139 -47.45 -23.29 -1.91
N LEU E 140 -46.99 -24.14 -1.00
CA LEU E 140 -47.60 -25.48 -0.87
C LEU E 140 -49.02 -25.35 -0.31
N ARG E 141 -49.22 -24.48 0.69
CA ARG E 141 -50.58 -24.26 1.24
C ARG E 141 -51.44 -23.58 0.17
N SER E 142 -50.84 -22.88 -0.77
CA SER E 142 -51.61 -22.34 -1.92
C SER E 142 -52.01 -23.47 -2.88
N VAL E 143 -51.22 -24.52 -3.01
CA VAL E 143 -51.45 -25.54 -4.08
C VAL E 143 -51.93 -26.87 -3.50
N SER E 144 -51.57 -27.22 -2.27
CA SER E 144 -51.87 -28.55 -1.69
C SER E 144 -53.02 -28.44 -0.68
N THR E 145 -54.01 -29.31 -0.79
CA THR E 145 -55.17 -29.31 0.13
C THR E 145 -54.74 -29.76 1.53
N ALA E 146 -53.85 -30.74 1.62
CA ALA E 146 -53.38 -31.26 2.94
C ALA E 146 -52.62 -30.17 3.69
N VAL E 147 -51.73 -29.45 3.00
CA VAL E 147 -50.95 -28.36 3.65
C VAL E 147 -51.90 -27.23 4.02
N PHE E 148 -52.88 -26.95 3.18
CA PHE E 148 -53.86 -25.88 3.50
C PHE E 148 -54.63 -26.25 4.76
N LYS E 149 -55.04 -27.51 4.90
CA LYS E 149 -55.75 -27.95 6.11
C LYS E 149 -54.79 -27.93 7.30
N ARG E 150 -53.50 -28.09 7.06
CA ARG E 150 -52.50 -27.95 8.15
C ARG E 150 -52.26 -26.47 8.47
N PHE E 151 -52.33 -25.57 7.49
CA PHE E 151 -52.11 -24.12 7.69
C PHE E 151 -53.30 -23.37 7.10
N PRO E 152 -54.50 -23.46 7.72
CA PRO E 152 -55.66 -22.78 7.16
C PRO E 152 -55.53 -21.26 7.13
N THR E 153 -54.77 -20.68 8.05
CA THR E 153 -54.54 -19.22 8.11
C THR E 153 -53.05 -18.94 8.21
N ILE E 154 -52.69 -17.68 8.08
CA ILE E 154 -51.29 -17.24 8.29
C ILE E 154 -50.99 -17.31 9.79
N ASP E 155 -52.01 -17.25 10.65
CA ASP E 155 -51.80 -17.46 12.10
C ASP E 155 -51.22 -18.86 12.34
N HIS E 156 -51.71 -19.86 11.63
CA HIS E 156 -51.17 -21.24 11.77
C HIS E 156 -49.71 -21.27 11.34
N VAL E 157 -49.37 -20.50 10.33
CA VAL E 157 -47.96 -20.41 9.87
C VAL E 157 -47.12 -19.78 10.97
N VAL E 158 -47.66 -18.77 11.64
CA VAL E 158 -46.90 -18.05 12.70
C VAL E 158 -46.72 -18.97 13.91
N GLU E 159 -47.77 -19.66 14.35
CA GLU E 159 -47.68 -20.58 15.51
C GLU E 159 -46.74 -21.75 15.18
N ALA E 160 -46.62 -22.12 13.90
CA ALA E 160 -45.75 -23.24 13.48
C ALA E 160 -44.28 -22.85 13.57
N GLY E 161 -43.97 -21.56 13.72
CA GLY E 161 -42.58 -21.07 13.86
C GLY E 161 -41.96 -20.70 12.53
N PHE E 162 -42.63 -20.93 11.40
CA PHE E 162 -42.07 -20.60 10.07
C PHE E 162 -41.93 -19.09 9.92
N MET E 163 -42.92 -18.34 10.38
CA MET E 163 -42.88 -16.86 10.32
C MET E 163 -43.08 -16.31 11.73
N THR E 164 -42.44 -15.18 12.02
CA THR E 164 -42.50 -14.53 13.35
C THR E 164 -43.60 -13.46 13.38
N ARG E 165 -43.81 -12.90 14.57
CA ARG E 165 -44.80 -11.83 14.80
C ARG E 165 -44.43 -10.60 13.94
N GLU E 166 -43.18 -10.15 14.02
CA GLU E 166 -42.73 -8.96 13.27
C GLU E 166 -42.77 -9.23 11.77
N GLU E 167 -42.31 -10.42 11.37
CA GLU E 167 -42.38 -10.81 9.94
C GLU E 167 -43.84 -10.87 9.51
N ARG E 168 -44.74 -11.30 10.39
CA ARG E 168 -46.18 -11.31 10.06
C ARG E 168 -46.66 -9.87 9.81
N LYS E 169 -46.29 -8.92 10.66
CA LYS E 169 -46.73 -7.52 10.48
C LYS E 169 -46.18 -6.97 9.17
N LYS E 170 -44.91 -7.24 8.86
CA LYS E 170 -44.32 -6.79 7.58
C LYS E 170 -45.06 -7.45 6.42
N PHE E 171 -45.42 -8.73 6.56
CA PHE E 171 -46.07 -9.52 5.50
C PHE E 171 -47.44 -8.93 5.18
N GLU E 172 -48.25 -8.68 6.20
CA GLU E 172 -49.65 -8.23 5.98
C GLU E 172 -49.69 -6.77 5.51
N ASN E 173 -48.70 -5.95 5.89
CA ASN E 173 -48.72 -4.51 5.55
C ASN E 173 -48.42 -4.30 4.07
N LEU E 174 -47.90 -5.30 3.35
CA LEU E 174 -47.60 -5.14 1.91
C LEU E 174 -48.89 -5.01 1.12
N ASN E 175 -48.94 -4.03 0.24
CA ASN E 175 -50.15 -3.73 -0.57
C ASN E 175 -50.02 -4.48 -1.90
N SER E 176 -50.57 -5.68 -1.95
CA SER E 176 -50.61 -6.48 -3.19
C SER E 176 -51.79 -7.44 -3.14
N SER E 177 -52.47 -7.60 -4.28
CA SER E 177 -53.65 -8.47 -4.41
C SER E 177 -53.23 -9.87 -4.91
N TYR E 178 -51.93 -10.13 -5.06
CA TYR E 178 -51.44 -11.43 -5.57
C TYR E 178 -50.89 -12.27 -4.44
N ASN E 179 -50.73 -13.56 -4.71
CA ASN E 179 -50.15 -14.51 -3.73
C ASN E 179 -48.75 -14.01 -3.36
N LYS E 180 -48.46 -13.98 -2.07
CA LYS E 180 -47.18 -13.43 -1.55
C LYS E 180 -46.21 -14.53 -1.15
N TYR E 181 -46.20 -15.66 -1.85
CA TYR E 181 -45.23 -16.75 -1.57
C TYR E 181 -43.80 -16.29 -1.88
N TRP E 182 -43.64 -15.29 -2.74
CA TRP E 182 -42.31 -14.78 -3.17
C TRP E 182 -41.68 -13.90 -2.10
N VAL E 183 -42.47 -13.39 -1.16
CA VAL E 183 -41.96 -12.41 -0.16
C VAL E 183 -40.76 -12.95 0.61
N PRO E 184 -40.79 -14.18 1.20
CA PRO E 184 -39.62 -14.68 1.91
C PRO E 184 -38.37 -14.81 1.04
N CYS E 185 -38.53 -14.98 -0.27
CA CYS E 185 -37.38 -15.04 -1.19
C CYS E 185 -36.73 -13.65 -1.29
N VAL E 186 -37.52 -12.59 -1.37
CA VAL E 186 -36.99 -11.21 -1.37
C VAL E 186 -36.32 -10.95 -0.01
N TRP E 187 -36.91 -11.45 1.07
CA TRP E 187 -36.29 -11.32 2.40
C TRP E 187 -34.95 -12.05 2.41
N PHE E 188 -34.88 -13.22 1.80
CA PHE E 188 -33.64 -14.01 1.71
C PHE E 188 -32.58 -13.18 0.97
N CYS E 189 -32.96 -12.57 -0.14
CA CYS E 189 -32.00 -11.77 -0.94
C CYS E 189 -31.47 -10.61 -0.08
N ASN E 190 -32.36 -9.89 0.58
CA ASN E 190 -31.97 -8.76 1.46
C ASN E 190 -31.04 -9.26 2.59
N LEU E 191 -31.37 -10.39 3.21
CA LEU E 191 -30.57 -10.92 4.34
C LEU E 191 -29.20 -11.37 3.83
N ALA E 192 -29.13 -11.99 2.65
CA ALA E 192 -27.85 -12.43 2.08
C ALA E 192 -26.99 -11.20 1.78
N ALA E 193 -27.57 -10.14 1.22
CA ALA E 193 -26.83 -8.90 0.91
C ALA E 193 -26.31 -8.31 2.23
N GLN E 194 -27.13 -8.30 3.27
CA GLN E 194 -26.72 -7.76 4.58
C GLN E 194 -25.56 -8.59 5.13
N ALA E 195 -25.64 -9.92 5.02
CA ALA E 195 -24.58 -10.81 5.53
C ALA E 195 -23.27 -10.54 4.77
N ARG E 196 -23.36 -10.37 3.46
CA ARG E 196 -22.15 -10.06 2.66
C ARG E 196 -21.57 -8.71 3.10
N ARG E 197 -22.43 -7.71 3.29
CA ARG E 197 -21.98 -6.36 3.71
C ARG E 197 -21.30 -6.46 5.09
N GLU E 198 -21.81 -7.30 5.98
CA GLU E 198 -21.30 -7.42 7.37
C GLU E 198 -20.07 -8.33 7.44
N GLY E 199 -19.67 -8.95 6.34
CA GLY E 199 -18.50 -9.84 6.33
C GLY E 199 -18.82 -11.28 6.71
N ARG E 200 -20.08 -11.62 7.01
CA ARG E 200 -20.44 -13.03 7.33
C ARG E 200 -20.18 -13.91 6.10
N ILE E 201 -20.45 -13.40 4.91
CA ILE E 201 -20.03 -14.08 3.66
C ILE E 201 -18.69 -13.51 3.25
N ARG E 202 -17.67 -14.36 3.19
CA ARG E 202 -16.26 -13.91 3.07
C ARG E 202 -15.95 -13.44 1.65
N ASP E 203 -16.54 -14.06 0.63
CA ASP E 203 -16.10 -13.83 -0.78
C ASP E 203 -17.29 -13.48 -1.65
N ASN E 204 -17.01 -12.76 -2.72
CA ASN E 204 -18.05 -12.23 -3.64
C ASN E 204 -18.72 -13.39 -4.38
N GLY E 205 -17.95 -14.40 -4.80
CA GLY E 205 -18.46 -15.62 -5.46
C GLY E 205 -19.52 -16.35 -4.65
N ALA E 206 -19.33 -16.39 -3.33
CA ALA E 206 -20.23 -17.10 -2.41
C ALA E 206 -21.60 -16.42 -2.40
N PHE E 207 -21.60 -15.09 -2.41
CA PHE E 207 -22.85 -14.31 -2.43
C PHE E 207 -23.60 -14.60 -3.74
N LYS E 208 -22.85 -14.63 -4.85
CA LYS E 208 -23.46 -14.91 -6.17
C LYS E 208 -24.04 -16.33 -6.15
N LEU E 209 -23.31 -17.29 -5.58
CA LEU E 209 -23.79 -18.69 -5.53
C LEU E 209 -25.08 -18.77 -4.72
N LEU E 210 -25.15 -18.03 -3.60
CA LEU E 210 -26.37 -18.00 -2.76
C LEU E 210 -27.55 -17.42 -3.55
N LEU E 211 -27.39 -16.30 -4.25
CA LEU E 211 -28.50 -15.72 -5.06
C LEU E 211 -28.86 -16.63 -6.24
N GLU E 212 -27.92 -17.32 -6.88
CA GLU E 212 -28.21 -18.32 -7.94
C GLU E 212 -29.06 -19.46 -7.35
N GLU E 213 -28.66 -19.99 -6.20
CA GLU E 213 -29.42 -21.11 -5.57
C GLU E 213 -30.77 -20.59 -5.08
N LEU E 214 -30.87 -19.36 -4.59
CA LEU E 214 -32.18 -18.78 -4.17
C LEU E 214 -33.11 -18.68 -5.38
N ASN E 215 -32.61 -18.23 -6.53
CA ASN E 215 -33.48 -18.07 -7.72
C ASN E 215 -33.92 -19.44 -8.24
N VAL E 216 -33.10 -20.49 -8.11
CA VAL E 216 -33.52 -21.88 -8.45
C VAL E 216 -34.67 -22.29 -7.53
N PHE E 217 -34.53 -22.09 -6.22
CA PHE E 217 -35.57 -22.44 -5.24
C PHE E 217 -36.86 -21.70 -5.59
N ARG E 218 -36.76 -20.38 -5.82
CA ARG E 218 -37.94 -19.53 -6.06
C ARG E 218 -38.61 -19.93 -7.39
N SER E 219 -37.85 -20.25 -8.42
CA SER E 219 -38.40 -20.68 -9.73
C SER E 219 -39.23 -21.97 -9.54
N LYS E 220 -38.77 -22.87 -8.68
CA LYS E 220 -39.51 -24.12 -8.36
C LYS E 220 -40.83 -23.71 -7.71
N CYS E 221 -40.81 -22.75 -6.79
CA CYS E 221 -42.07 -22.28 -6.16
C CYS E 221 -42.99 -21.67 -7.24
N GLY E 222 -42.45 -20.82 -8.10
CA GLY E 222 -43.23 -20.23 -9.21
C GLY E 222 -43.77 -21.29 -10.15
N MET E 223 -43.00 -22.34 -10.39
CA MET E 223 -43.44 -23.43 -11.30
C MET E 223 -44.60 -24.20 -10.67
N LEU E 224 -44.56 -24.42 -9.35
CA LEU E 224 -45.72 -25.04 -8.68
C LEU E 224 -46.94 -24.14 -8.85
N PHE E 225 -46.78 -22.84 -8.69
CA PHE E 225 -47.90 -21.90 -8.89
C PHE E 225 -48.40 -21.98 -10.33
N HIS E 226 -47.50 -22.08 -11.29
CA HIS E 226 -47.87 -22.14 -12.73
C HIS E 226 -48.68 -23.40 -13.01
N TYR E 227 -48.23 -24.54 -12.50
CA TYR E 227 -48.95 -25.82 -12.70
C TYR E 227 -50.32 -25.76 -12.03
N ASP E 228 -50.39 -25.14 -10.86
CA ASP E 228 -51.68 -25.01 -10.14
C ASP E 228 -52.63 -24.11 -10.94
N TRP E 229 -52.14 -23.01 -11.48
CA TRP E 229 -53.00 -22.03 -12.19
C TRP E 229 -53.41 -22.60 -13.55
N ILE E 230 -52.45 -23.12 -14.30
CA ILE E 230 -52.69 -23.57 -15.70
C ILE E 230 -52.98 -25.06 -15.63
N SER E 231 -54.25 -25.41 -15.66
CA SER E 231 -54.70 -26.82 -15.67
C SER E 231 -54.41 -27.44 -17.04
N VAL E 232 -54.48 -28.76 -17.12
CA VAL E 232 -54.60 -29.44 -18.44
C VAL E 232 -55.83 -28.81 -19.09
N PRO E 233 -55.77 -28.40 -20.36
CA PRO E 233 -56.90 -27.71 -20.98
C PRO E 233 -58.22 -28.47 -20.79
N LEU E 234 -59.23 -27.77 -20.31
CA LEU E 234 -60.53 -28.38 -19.93
C LEU E 234 -61.14 -29.08 -21.14
N VAL E 235 -61.00 -28.52 -22.33
CA VAL E 235 -61.59 -29.10 -23.56
C VAL E 235 -61.01 -30.51 -23.78
N TYR E 236 -59.73 -30.70 -23.51
CA TYR E 236 -59.05 -31.98 -23.82
C TYR E 236 -59.49 -33.03 -22.79
N THR E 237 -59.58 -32.61 -21.53
CA THR E 237 -60.11 -33.49 -20.45
C THR E 237 -61.55 -33.90 -20.80
N GLN E 238 -62.37 -32.96 -21.24
CA GLN E 238 -63.76 -33.27 -21.63
C GLN E 238 -63.77 -34.21 -22.83
N VAL E 239 -62.85 -34.03 -23.77
CA VAL E 239 -62.78 -34.93 -24.95
C VAL E 239 -62.51 -36.35 -24.48
N VAL E 240 -61.54 -36.54 -23.61
CA VAL E 240 -61.16 -37.92 -23.17
C VAL E 240 -62.33 -38.50 -22.37
N THR E 241 -62.96 -37.69 -21.51
CA THR E 241 -64.08 -38.18 -20.68
C THR E 241 -65.24 -38.58 -21.60
N ILE E 242 -65.56 -37.75 -22.59
CA ILE E 242 -66.69 -38.03 -23.51
C ILE E 242 -66.38 -39.30 -24.31
N ALA E 243 -65.15 -39.47 -24.79
CA ALA E 243 -64.77 -40.68 -25.56
C ALA E 243 -64.97 -41.92 -24.68
N VAL E 244 -64.46 -41.89 -23.46
CA VAL E 244 -64.52 -43.08 -22.56
C VAL E 244 -65.98 -43.37 -22.21
N TYR E 245 -66.74 -42.35 -21.84
CA TYR E 245 -68.14 -42.52 -21.40
C TYR E 245 -69.01 -42.93 -22.59
N SER E 246 -68.74 -42.42 -23.79
CA SER E 246 -69.48 -42.80 -25.01
C SER E 246 -69.22 -44.29 -25.31
N TYR E 247 -67.97 -44.71 -25.22
CA TYR E 247 -67.63 -46.13 -25.46
C TYR E 247 -68.35 -47.00 -24.43
N PHE E 248 -68.39 -46.58 -23.18
CA PHE E 248 -68.98 -47.44 -22.12
C PHE E 248 -70.51 -47.43 -22.22
N LEU E 249 -71.11 -46.32 -22.64
CA LEU E 249 -72.57 -46.29 -22.91
C LEU E 249 -72.87 -47.22 -24.09
N ALA E 250 -72.01 -47.25 -25.10
CA ALA E 250 -72.18 -48.18 -26.25
C ALA E 250 -72.05 -49.62 -25.76
N CYS E 251 -71.11 -49.90 -24.86
CA CYS E 251 -70.87 -51.27 -24.35
C CYS E 251 -72.01 -51.70 -23.42
N LEU E 252 -72.65 -50.75 -22.73
CA LEU E 252 -73.74 -51.09 -21.77
C LEU E 252 -74.89 -51.75 -22.54
N ILE E 253 -75.20 -51.26 -23.73
CA ILE E 253 -76.36 -51.77 -24.51
C ILE E 253 -75.90 -52.79 -25.55
N GLY E 254 -74.89 -52.44 -26.34
CA GLY E 254 -74.43 -53.30 -27.45
C GLY E 254 -73.93 -54.67 -26.99
N ARG E 255 -73.48 -54.78 -25.74
CA ARG E 255 -72.95 -56.07 -25.21
C ARG E 255 -74.01 -56.77 -24.37
N GLN E 256 -75.27 -56.32 -24.43
CA GLN E 256 -76.36 -56.99 -23.67
C GLN E 256 -76.53 -58.43 -24.18
N PHE E 257 -76.73 -59.36 -23.26
CA PHE E 257 -76.94 -60.79 -23.60
C PHE E 257 -78.32 -60.94 -24.23
N LEU E 258 -78.37 -61.27 -25.51
CA LEU E 258 -79.66 -61.50 -26.21
C LEU E 258 -80.13 -62.94 -25.99
N ASP E 259 -81.42 -63.14 -26.17
CA ASP E 259 -82.05 -64.48 -26.05
C ASP E 259 -81.51 -65.36 -27.17
N PRO E 260 -80.87 -66.52 -26.86
CA PRO E 260 -80.37 -67.40 -27.92
C PRO E 260 -81.46 -68.00 -28.82
N ALA E 261 -82.73 -67.95 -28.41
CA ALA E 261 -83.87 -68.52 -29.17
C ALA E 261 -84.00 -67.84 -30.55
N GLN E 262 -83.57 -66.58 -30.68
CA GLN E 262 -83.65 -65.87 -31.99
C GLN E 262 -82.56 -66.36 -32.94
N GLY E 263 -81.47 -66.93 -32.43
CA GLY E 263 -80.42 -67.51 -33.28
C GLY E 263 -79.58 -66.45 -33.99
N TYR E 264 -79.53 -65.22 -33.49
CA TYR E 264 -78.69 -64.16 -34.07
C TYR E 264 -77.21 -64.56 -33.97
N LYS E 265 -76.46 -64.34 -35.04
CA LYS E 265 -75.02 -64.67 -35.05
C LYS E 265 -74.29 -63.81 -34.02
N ASP E 266 -73.21 -64.38 -33.49
CA ASP E 266 -72.33 -63.74 -32.48
C ASP E 266 -73.10 -63.44 -31.19
N HIS E 267 -74.34 -63.90 -31.05
CA HIS E 267 -75.17 -63.63 -29.85
C HIS E 267 -75.92 -64.89 -29.43
N ASP E 268 -75.37 -66.06 -29.70
CA ASP E 268 -76.04 -67.35 -29.42
C ASP E 268 -75.68 -67.86 -28.01
N LEU E 269 -75.31 -66.97 -27.10
CA LEU E 269 -74.97 -67.36 -25.71
C LEU E 269 -75.42 -66.25 -24.76
N ASP E 270 -75.67 -66.62 -23.52
CA ASP E 270 -76.10 -65.66 -22.48
C ASP E 270 -75.52 -66.12 -21.14
N LEU E 271 -74.43 -65.50 -20.71
CA LEU E 271 -73.74 -65.83 -19.43
C LEU E 271 -74.26 -64.93 -18.31
N CYS E 272 -75.22 -64.04 -18.60
CA CYS E 272 -75.90 -63.15 -17.61
C CYS E 272 -74.90 -62.26 -16.88
N VAL E 273 -73.61 -62.36 -17.20
CA VAL E 273 -72.55 -61.49 -16.66
C VAL E 273 -71.55 -61.24 -17.76
N PRO E 274 -71.30 -59.98 -18.16
CA PRO E 274 -70.38 -59.68 -19.26
C PRO E 274 -68.94 -59.52 -18.75
N ILE E 275 -68.36 -60.60 -18.24
CA ILE E 275 -67.05 -60.57 -17.53
C ILE E 275 -65.98 -59.94 -18.42
N PHE E 276 -65.98 -60.21 -19.72
CA PHE E 276 -65.01 -59.59 -20.64
C PHE E 276 -65.29 -58.10 -20.82
N THR E 277 -66.54 -57.70 -20.75
CA THR E 277 -66.89 -56.27 -20.75
C THR E 277 -66.46 -55.64 -19.42
N LEU E 278 -66.57 -56.38 -18.32
CA LEU E 278 -66.09 -55.88 -17.00
C LEU E 278 -64.57 -55.74 -17.03
N LEU E 279 -63.86 -56.66 -17.67
CA LEU E 279 -62.38 -56.56 -17.79
C LEU E 279 -62.03 -55.33 -18.64
N GLN E 280 -62.74 -55.10 -19.73
CA GLN E 280 -62.54 -53.91 -20.58
C GLN E 280 -62.86 -52.66 -19.77
N PHE E 281 -63.86 -52.73 -18.90
CA PHE E 281 -64.19 -51.58 -18.01
C PHE E 281 -63.00 -51.31 -17.10
N PHE E 282 -62.48 -52.35 -16.46
CA PHE E 282 -61.27 -52.21 -15.61
C PHE E 282 -60.20 -51.48 -16.43
N PHE E 283 -59.91 -52.00 -17.61
CA PHE E 283 -58.85 -51.45 -18.49
C PHE E 283 -59.07 -49.96 -18.75
N TYR E 284 -60.14 -49.61 -19.45
CA TYR E 284 -60.33 -48.22 -19.94
C TYR E 284 -60.64 -47.26 -18.78
N ALA E 285 -61.51 -47.66 -17.87
CA ALA E 285 -61.89 -46.81 -16.72
C ALA E 285 -60.66 -46.55 -15.84
N GLY E 286 -59.83 -47.57 -15.61
CA GLY E 286 -58.59 -47.40 -14.84
C GLY E 286 -57.59 -46.54 -15.59
N TRP E 287 -57.52 -46.68 -16.90
CA TRP E 287 -56.60 -45.85 -17.70
C TRP E 287 -57.01 -44.38 -17.55
N LEU E 288 -58.30 -44.10 -17.56
CA LEU E 288 -58.79 -42.72 -17.30
C LEU E 288 -58.51 -42.36 -15.83
N LYS E 289 -58.65 -43.30 -14.91
CA LYS E 289 -58.46 -43.04 -13.47
C LYS E 289 -57.01 -42.66 -13.16
N VAL E 290 -56.07 -43.16 -13.95
CA VAL E 290 -54.64 -42.78 -13.78
C VAL E 290 -54.54 -41.25 -13.92
N ALA E 291 -55.09 -40.70 -14.99
CA ALA E 291 -55.09 -39.25 -15.22
C ALA E 291 -55.93 -38.56 -14.12
N GLU E 292 -57.06 -39.15 -13.76
CA GLU E 292 -57.99 -38.53 -12.79
C GLU E 292 -57.30 -38.40 -11.43
N GLN E 293 -56.39 -39.31 -11.10
CA GLN E 293 -55.63 -39.25 -9.84
C GLN E 293 -54.40 -38.34 -9.98
N LEU E 294 -53.72 -38.34 -11.13
CA LEU E 294 -52.46 -37.57 -11.27
C LEU E 294 -52.72 -36.14 -11.75
N ILE E 295 -53.93 -35.80 -12.20
CA ILE E 295 -54.19 -34.46 -12.78
C ILE E 295 -53.92 -33.37 -11.73
N ASN E 296 -54.27 -33.61 -10.48
CA ASN E 296 -53.88 -32.73 -9.36
C ASN E 296 -53.19 -33.59 -8.32
N PRO E 297 -51.85 -33.66 -8.36
CA PRO E 297 -51.12 -34.56 -7.45
C PRO E 297 -50.92 -34.00 -6.04
N PHE E 298 -51.55 -32.88 -5.70
CA PHE E 298 -51.39 -32.27 -4.35
C PHE E 298 -52.70 -32.39 -3.57
N GLY E 299 -53.60 -33.26 -4.00
CA GLY E 299 -54.85 -33.53 -3.26
C GLY E 299 -54.62 -34.51 -2.14
N GLU E 300 -55.62 -35.32 -1.84
CA GLU E 300 -55.55 -36.30 -0.73
C GLU E 300 -55.70 -37.73 -1.27
N ASP E 301 -55.40 -37.96 -2.55
CA ASP E 301 -55.35 -39.34 -3.08
C ASP E 301 -54.22 -40.11 -2.39
N ASP E 302 -54.34 -41.42 -2.35
CA ASP E 302 -53.31 -42.28 -1.70
C ASP E 302 -51.98 -42.15 -2.45
N ASP E 303 -52.03 -41.96 -3.76
CA ASP E 303 -50.79 -41.89 -4.59
C ASP E 303 -50.37 -40.43 -4.78
N ASP E 304 -51.09 -39.49 -4.20
CA ASP E 304 -50.70 -38.06 -4.28
C ASP E 304 -49.44 -37.82 -3.44
N PHE E 305 -48.76 -36.71 -3.73
CA PHE E 305 -47.47 -36.38 -3.07
C PHE E 305 -47.71 -36.07 -1.59
N GLU E 306 -46.76 -36.50 -0.78
CA GLU E 306 -46.78 -36.31 0.69
C GLU E 306 -46.13 -34.97 1.00
N THR E 307 -46.86 -33.90 0.75
CA THR E 307 -46.32 -32.53 0.86
C THR E 307 -45.98 -32.19 2.32
N ASN E 308 -46.82 -32.59 3.27
CA ASN E 308 -46.57 -32.28 4.69
C ASN E 308 -45.27 -32.96 5.15
N PHE E 309 -45.08 -34.20 4.76
CA PHE E 309 -43.85 -34.95 5.13
C PHE E 309 -42.64 -34.22 4.54
N LEU E 310 -42.72 -33.76 3.31
CA LEU E 310 -41.59 -33.04 2.66
C LEU E 310 -41.31 -31.72 3.39
N ILE E 311 -42.35 -31.00 3.79
CA ILE E 311 -42.17 -29.75 4.58
C ILE E 311 -41.41 -30.08 5.86
N ASP E 312 -41.86 -31.10 6.60
CA ASP E 312 -41.24 -31.47 7.90
C ASP E 312 -39.79 -31.88 7.67
N ARG E 313 -39.55 -32.71 6.65
CA ARG E 313 -38.20 -33.26 6.39
C ARG E 313 -37.28 -32.10 6.06
N CYS E 314 -37.70 -31.23 5.15
CA CYS E 314 -36.83 -30.12 4.68
C CYS E 314 -36.52 -29.20 5.86
N PHE E 315 -37.52 -28.86 6.66
CA PHE E 315 -37.31 -27.93 7.79
C PHE E 315 -36.30 -28.54 8.76
N GLN E 316 -36.55 -29.77 9.19
CA GLN E 316 -35.70 -30.43 10.22
C GLN E 316 -34.29 -30.60 9.67
N VAL E 317 -34.15 -31.11 8.45
CA VAL E 317 -32.81 -31.39 7.88
C VAL E 317 -32.07 -30.06 7.67
N SER E 318 -32.71 -29.03 7.17
CA SER E 318 -32.06 -27.73 6.91
C SER E 318 -31.58 -27.13 8.24
N MET E 319 -32.42 -27.16 9.26
CA MET E 319 -32.01 -26.61 10.57
C MET E 319 -30.82 -27.40 11.09
N LEU E 320 -30.87 -28.73 11.02
CA LEU E 320 -29.75 -29.58 11.48
C LEU E 320 -28.47 -29.18 10.73
N ALA E 321 -28.54 -29.13 9.40
CA ALA E 321 -27.34 -28.95 8.55
C ALA E 321 -26.73 -27.57 8.81
N VAL E 322 -27.53 -26.52 8.94
CA VAL E 322 -26.95 -25.14 9.01
C VAL E 322 -26.64 -24.76 10.46
N ASP E 323 -27.19 -25.46 11.45
CA ASP E 323 -26.99 -25.06 12.86
C ASP E 323 -26.07 -26.05 13.57
N GLU E 324 -26.44 -27.32 13.66
CA GLU E 324 -25.67 -28.28 14.48
C GLU E 324 -24.46 -28.78 13.69
N MET E 325 -24.52 -28.74 12.36
CA MET E 325 -23.43 -29.29 11.53
C MET E 325 -22.54 -28.18 10.98
N TYR E 326 -22.77 -26.91 11.32
CA TYR E 326 -21.90 -25.80 10.82
C TYR E 326 -20.51 -25.96 11.40
N ASP E 327 -19.52 -26.17 10.54
CA ASP E 327 -18.08 -26.26 10.93
C ASP E 327 -17.91 -27.26 12.08
N ASP E 328 -18.64 -28.36 12.06
CA ASP E 328 -18.53 -29.43 13.07
C ASP E 328 -18.02 -30.68 12.37
N LEU E 329 -16.71 -30.77 12.17
CA LEU E 329 -16.11 -31.90 11.41
C LEU E 329 -15.24 -32.73 12.35
N ALA E 330 -15.24 -34.04 12.11
CA ALA E 330 -14.21 -34.95 12.66
C ALA E 330 -12.85 -34.54 12.10
N MET E 331 -11.81 -34.67 12.92
CA MET E 331 -10.46 -34.19 12.53
C MET E 331 -9.99 -35.00 11.32
N LEU E 332 -9.24 -34.35 10.43
CA LEU E 332 -8.71 -35.01 9.21
C LEU E 332 -7.76 -36.13 9.63
N GLU E 333 -8.05 -37.36 9.20
CA GLU E 333 -7.17 -38.53 9.47
C GLU E 333 -7.09 -39.41 8.23
N LYS E 334 -6.05 -40.23 8.19
CA LYS E 334 -5.79 -41.13 7.05
C LYS E 334 -6.85 -42.23 7.03
N ASP E 335 -7.31 -42.59 5.83
CA ASP E 335 -8.36 -43.62 5.65
C ASP E 335 -7.71 -45.01 5.58
N LEU E 336 -8.52 -46.04 5.36
CA LEU E 336 -8.03 -47.45 5.29
C LEU E 336 -7.10 -47.64 4.09
N TYR E 337 -7.18 -46.81 3.06
CA TYR E 337 -6.44 -47.03 1.81
C TYR E 337 -5.39 -45.93 1.58
N TRP E 338 -4.87 -45.36 2.65
CA TRP E 338 -3.84 -44.30 2.54
C TRP E 338 -2.58 -44.84 1.86
N ASP E 339 -2.16 -46.05 2.25
CA ASP E 339 -0.92 -46.66 1.72
C ASP E 339 -1.22 -47.66 0.61
N ALA E 340 -2.48 -47.93 0.31
CA ALA E 340 -2.87 -48.94 -0.71
C ALA E 340 -2.88 -48.30 -2.09
N ALA E 341 -2.22 -48.94 -3.05
CA ALA E 341 -2.22 -48.53 -4.48
C ALA E 341 -3.66 -48.54 -5.00
N GLU E 342 -4.42 -49.58 -4.67
CA GLU E 342 -5.85 -49.67 -5.05
C GLU E 342 -6.72 -49.37 -3.83
N ALA E 343 -7.78 -48.62 -4.04
CA ALA E 343 -8.79 -48.32 -3.00
C ALA E 343 -10.06 -49.12 -3.31
N ARG E 344 -10.17 -50.30 -2.71
CA ARG E 344 -11.32 -51.21 -2.95
C ARG E 344 -11.86 -51.70 -1.61
N ALA E 345 -13.18 -51.66 -1.46
CA ALA E 345 -13.87 -52.12 -0.25
C ALA E 345 -14.12 -53.62 -0.36
N PRO E 346 -14.25 -54.32 0.78
CA PRO E 346 -14.60 -55.74 0.75
C PRO E 346 -16.06 -55.97 0.35
N TYR E 347 -16.36 -57.22 0.05
CA TYR E 347 -17.73 -57.69 -0.24
C TYR E 347 -18.17 -58.65 0.84
N THR E 348 -19.46 -58.59 1.20
CA THR E 348 -20.07 -59.57 2.12
C THR E 348 -20.15 -60.95 1.45
N ALA E 349 -20.40 -61.98 2.25
CA ALA E 349 -20.57 -63.37 1.77
C ALA E 349 -21.78 -63.46 0.82
N ALA E 350 -22.77 -62.57 0.96
CA ALA E 350 -24.04 -62.60 0.20
C ALA E 350 -23.87 -61.95 -1.18
N THR E 351 -22.80 -61.18 -1.41
CA THR E 351 -22.64 -60.41 -2.67
C THR E 351 -21.39 -60.85 -3.44
N ALA E 352 -20.43 -61.51 -2.81
CA ALA E 352 -19.17 -61.92 -3.47
C ALA E 352 -19.47 -62.88 -4.63
N PHE E 353 -20.35 -63.85 -4.42
CA PHE E 353 -20.59 -64.92 -5.42
C PHE E 353 -21.44 -64.39 -6.57
N LEU E 354 -22.09 -63.23 -6.42
CA LEU E 354 -22.71 -62.55 -7.59
C LEU E 354 -21.65 -61.67 -8.27
N MET E 355 -20.79 -61.03 -7.49
CA MET E 355 -19.81 -60.05 -8.00
C MET E 355 -18.49 -60.77 -8.31
N GLN E 356 -17.39 -60.03 -8.45
CA GLN E 356 -16.06 -60.56 -8.87
C GLN E 356 -16.19 -61.08 -10.31
N GLN E 357 -16.55 -60.19 -11.22
CA GLN E 357 -16.68 -60.48 -12.67
C GLN E 357 -15.80 -59.49 -13.43
N PRO E 358 -15.37 -59.82 -14.66
CA PRO E 358 -14.48 -58.93 -15.41
C PRO E 358 -15.14 -57.57 -15.68
N SER E 359 -14.38 -56.50 -15.48
CA SER E 359 -14.92 -55.12 -15.58
C SER E 359 -15.04 -54.72 -17.04
N PHE E 360 -16.14 -54.08 -17.39
CA PHE E 360 -16.42 -53.64 -18.78
C PHE E 360 -15.41 -52.55 -19.16
N GLN E 361 -14.68 -52.75 -20.23
CA GLN E 361 -13.64 -51.79 -20.68
C GLN E 361 -14.06 -51.07 -21.97
N GLY E 362 -15.05 -51.60 -22.69
CA GLY E 362 -15.46 -51.06 -24.00
C GLY E 362 -15.91 -52.16 -24.92
N SER E 363 -16.66 -51.80 -25.95
CA SER E 363 -17.23 -52.75 -26.94
C SER E 363 -16.15 -53.28 -27.88
N THR E 364 -15.06 -52.55 -28.05
CA THR E 364 -14.09 -52.79 -29.15
C THR E 364 -12.88 -53.57 -28.64
N PHE E 365 -12.87 -54.00 -27.38
CA PHE E 365 -11.68 -54.64 -26.77
C PHE E 365 -11.79 -56.16 -26.77
N ASP E 366 -12.81 -56.72 -27.42
CA ASP E 366 -12.99 -58.19 -27.53
C ASP E 366 -12.75 -58.63 -28.97
N ILE E 367 -11.91 -57.91 -29.71
CA ILE E 367 -11.57 -58.26 -31.11
C ILE E 367 -10.29 -59.11 -31.09
N ALA F 2 15.95 19.76 -3.33
CA ALA F 2 14.95 19.84 -2.22
C ALA F 2 13.54 19.87 -2.80
N THR F 3 12.67 18.98 -2.33
CA THR F 3 11.28 18.87 -2.83
C THR F 3 10.36 19.74 -2.00
N SER F 4 9.21 20.07 -2.56
CA SER F 4 8.26 21.04 -1.95
C SER F 4 7.64 20.50 -0.67
N ALA F 5 7.09 21.40 0.15
CA ALA F 5 6.32 21.05 1.36
C ALA F 5 5.11 20.19 1.01
N SER F 6 4.43 20.46 -0.11
CA SER F 6 3.24 19.67 -0.51
C SER F 6 3.65 18.21 -0.78
N SER F 7 4.84 17.99 -1.31
CA SER F 7 5.30 16.61 -1.63
C SER F 7 5.53 15.84 -0.33
N HIS F 8 5.71 16.52 0.81
CA HIS F 8 5.97 15.84 2.09
C HIS F 8 4.66 15.48 2.81
N LEU F 9 3.51 15.93 2.32
CA LEU F 9 2.21 15.47 2.87
C LEU F 9 2.06 13.97 2.60
N ASN F 10 1.48 13.16 3.47
CA ASN F 10 1.33 11.68 3.29
C ASN F 10 0.53 11.31 2.02
N LYS F 11 1.19 10.72 1.03
CA LYS F 11 0.49 10.36 -0.24
C LYS F 11 -0.49 9.22 0.06
N GLY F 12 -0.15 8.32 0.96
CA GLY F 12 -1.06 7.26 1.41
C GLY F 12 -2.41 7.85 1.67
N ILE F 13 -2.50 8.93 2.46
CA ILE F 13 -3.81 9.52 2.86
C ILE F 13 -4.60 9.89 1.60
N LYS F 14 -4.07 10.75 0.77
CA LYS F 14 -4.74 11.15 -0.49
C LYS F 14 -5.31 9.92 -1.22
N GLN F 15 -4.50 8.90 -1.48
CA GLN F 15 -4.94 7.65 -2.15
C GLN F 15 -6.23 7.17 -1.48
N VAL F 16 -6.26 7.07 -0.16
CA VAL F 16 -7.45 6.52 0.56
C VAL F 16 -8.69 7.29 0.11
N TYR F 17 -8.62 8.63 0.00
CA TYR F 17 -9.76 9.46 -0.46
C TYR F 17 -10.00 9.20 -1.95
N MET F 18 -8.95 9.03 -2.73
CA MET F 18 -9.09 8.77 -4.19
C MET F 18 -9.65 7.38 -4.44
N ALA F 19 -9.62 6.48 -3.47
CA ALA F 19 -10.19 5.12 -3.60
C ALA F 19 -11.70 5.15 -3.36
N LEU F 20 -12.26 6.25 -2.83
CA LEU F 20 -13.72 6.34 -2.64
C LEU F 20 -14.37 6.31 -4.02
N PRO F 21 -15.46 5.54 -4.20
CA PRO F 21 -16.25 5.66 -5.43
C PRO F 21 -16.92 7.03 -5.50
N GLN F 22 -16.76 7.75 -6.62
CA GLN F 22 -17.21 9.16 -6.69
C GLN F 22 -18.70 9.24 -7.02
N GLY F 23 -19.27 8.20 -7.61
CA GLY F 23 -20.71 8.18 -7.94
C GLY F 23 -21.00 8.76 -9.31
N ASP F 24 -22.17 9.37 -9.45
CA ASP F 24 -22.70 9.77 -10.78
C ASP F 24 -22.03 11.07 -11.26
N LYS F 25 -21.52 11.91 -10.38
CA LYS F 25 -20.92 13.20 -10.81
C LYS F 25 -19.55 12.95 -11.44
N VAL F 26 -19.20 13.80 -12.38
CA VAL F 26 -17.94 13.71 -13.14
C VAL F 26 -17.17 15.03 -12.99
N GLN F 27 -15.86 14.93 -12.82
CA GLN F 27 -14.96 16.11 -12.75
C GLN F 27 -14.39 16.39 -14.13
N ALA F 28 -14.40 17.66 -14.52
CA ALA F 28 -13.73 18.12 -15.74
C ALA F 28 -12.74 19.22 -15.35
N MET F 29 -11.47 19.00 -15.68
CA MET F 29 -10.43 20.03 -15.45
C MET F 29 -10.22 20.83 -16.73
N TYR F 30 -10.55 22.11 -16.67
CA TYR F 30 -10.39 23.02 -17.83
C TYR F 30 -8.98 23.60 -17.79
N ILE F 31 -8.24 23.42 -18.87
CA ILE F 31 -6.82 23.84 -18.98
C ILE F 31 -6.72 24.91 -20.06
N TRP F 32 -5.99 25.96 -19.77
CA TRP F 32 -5.76 27.04 -20.78
C TRP F 32 -4.39 27.67 -20.62
N ILE F 33 -3.97 28.36 -21.64
CA ILE F 33 -2.67 29.07 -21.69
C ILE F 33 -2.89 30.49 -21.15
N ASP F 34 -2.06 30.92 -20.21
CA ASP F 34 -2.22 32.24 -19.56
C ASP F 34 -1.57 33.33 -20.45
N GLY F 35 -1.43 34.53 -19.91
CA GLY F 35 -0.98 35.72 -20.66
C GLY F 35 0.51 35.72 -20.95
N THR F 36 1.29 34.83 -20.35
CA THR F 36 2.73 34.73 -20.67
C THR F 36 2.93 33.94 -21.96
N GLY F 37 1.90 33.23 -22.43
CA GLY F 37 2.01 32.39 -23.63
C GLY F 37 2.82 31.13 -23.39
N GLU F 38 3.28 30.90 -22.16
CA GLU F 38 4.09 29.70 -21.84
C GLU F 38 3.59 29.02 -20.57
N GLY F 39 2.77 29.68 -19.77
CA GLY F 39 2.21 29.09 -18.54
C GLY F 39 0.84 28.50 -18.77
N LEU F 40 0.52 27.47 -18.01
CA LEU F 40 -0.79 26.79 -18.08
C LEU F 40 -1.54 27.03 -16.78
N ARG F 41 -2.85 27.19 -16.91
CA ARG F 41 -3.75 27.38 -15.78
C ARG F 41 -4.82 26.30 -15.86
N CYS F 42 -5.41 25.97 -14.73
CA CYS F 42 -6.49 24.97 -14.69
C CYS F 42 -7.43 25.23 -13.53
N LYS F 43 -8.65 24.77 -13.69
CA LYS F 43 -9.59 24.60 -12.56
C LYS F 43 -10.60 23.53 -12.93
N THR F 44 -11.38 23.12 -11.95
CA THR F 44 -12.27 21.96 -12.09
C THR F 44 -13.72 22.38 -11.89
N ARG F 45 -14.61 21.79 -12.68
CA ARG F 45 -16.06 21.89 -12.43
C ARG F 45 -16.66 20.49 -12.35
N THR F 46 -17.80 20.38 -11.68
CA THR F 46 -18.55 19.11 -11.62
C THR F 46 -19.56 19.07 -12.76
N LEU F 47 -19.59 17.95 -13.48
CA LEU F 47 -20.62 17.69 -14.52
C LEU F 47 -21.60 16.64 -13.99
N ASP F 48 -22.83 16.65 -14.50
CA ASP F 48 -23.87 15.68 -14.11
C ASP F 48 -23.54 14.28 -14.65
N SER F 49 -22.83 14.18 -15.77
CA SER F 49 -22.61 12.90 -16.46
C SER F 49 -21.33 12.97 -17.29
N GLU F 50 -20.84 11.82 -17.69
CA GLU F 50 -19.62 11.72 -18.52
C GLU F 50 -19.95 12.30 -19.89
N PRO F 51 -19.19 13.30 -20.38
CA PRO F 51 -19.39 13.80 -21.72
C PRO F 51 -18.91 12.79 -22.78
N LYS F 52 -19.70 12.58 -23.82
CA LYS F 52 -19.33 11.57 -24.85
C LYS F 52 -18.31 12.19 -25.82
N CYS F 53 -18.42 13.50 -26.08
CA CYS F 53 -17.46 14.18 -26.97
C CYS F 53 -17.19 15.58 -26.45
N ILE F 54 -16.26 16.27 -27.11
CA ILE F 54 -15.88 17.67 -26.77
C ILE F 54 -17.08 18.59 -26.92
N GLU F 55 -18.04 18.26 -27.78
CA GLU F 55 -19.20 19.16 -28.05
C GLU F 55 -20.11 19.29 -26.81
N GLU F 56 -20.13 18.28 -25.95
CA GLU F 56 -21.06 18.28 -24.78
C GLU F 56 -20.52 19.17 -23.65
N LEU F 57 -19.27 19.61 -23.72
CA LEU F 57 -18.68 20.37 -22.59
C LEU F 57 -19.14 21.82 -22.67
N PRO F 58 -19.68 22.37 -21.57
CA PRO F 58 -20.09 23.77 -21.57
C PRO F 58 -18.88 24.70 -21.66
N GLU F 59 -19.08 25.88 -22.22
CA GLU F 59 -18.11 26.98 -22.14
C GLU F 59 -18.03 27.45 -20.71
N TRP F 60 -16.86 27.93 -20.32
CA TRP F 60 -16.67 28.45 -18.95
C TRP F 60 -15.96 29.79 -19.01
N ASN F 61 -15.61 30.32 -17.86
CA ASN F 61 -15.01 31.67 -17.78
C ASN F 61 -14.07 31.73 -16.58
N PHE F 62 -13.27 32.77 -16.54
CA PHE F 62 -12.33 33.02 -15.43
C PHE F 62 -11.99 34.51 -15.44
N ASP F 63 -11.27 34.94 -14.41
CA ASP F 63 -10.82 36.34 -14.28
C ASP F 63 -9.48 36.49 -14.98
N GLY F 64 -9.43 37.25 -16.06
CA GLY F 64 -8.20 37.43 -16.84
C GLY F 64 -7.18 38.29 -16.12
N SER F 65 -7.61 39.17 -15.24
CA SER F 65 -6.69 40.05 -14.49
C SER F 65 -5.79 39.22 -13.56
N SER F 66 -6.19 37.98 -13.25
CA SER F 66 -5.42 37.06 -12.38
C SER F 66 -4.54 36.13 -13.22
N THR F 67 -4.56 36.23 -14.54
CA THR F 67 -3.77 35.34 -15.43
C THR F 67 -2.92 36.14 -16.40
N PHE F 68 -2.64 37.41 -16.08
CA PHE F 68 -1.86 38.33 -16.95
C PHE F 68 -2.56 38.49 -18.31
N GLN F 69 -3.89 38.43 -18.35
CA GLN F 69 -4.59 38.40 -19.67
C GLN F 69 -5.60 39.53 -19.83
N SER F 70 -5.88 40.32 -18.80
CA SER F 70 -6.78 41.48 -18.94
C SER F 70 -6.50 42.48 -17.82
N GLU F 71 -7.00 43.69 -17.99
CA GLU F 71 -6.92 44.74 -16.95
C GLU F 71 -8.19 45.54 -16.97
N GLY F 72 -8.49 46.16 -15.83
CA GLY F 72 -9.65 47.05 -15.65
C GLY F 72 -10.96 46.29 -15.54
N SER F 73 -12.04 46.95 -15.96
CA SER F 73 -13.43 46.51 -15.68
C SER F 73 -13.74 45.19 -16.39
N ASN F 74 -13.45 45.09 -17.68
CA ASN F 74 -13.90 43.94 -18.50
C ASN F 74 -12.81 42.88 -18.53
N SER F 75 -12.44 42.36 -17.36
CA SER F 75 -11.33 41.40 -17.24
C SER F 75 -11.85 39.95 -17.31
N ASP F 76 -13.15 39.73 -17.43
CA ASP F 76 -13.71 38.37 -17.54
C ASP F 76 -13.34 37.80 -18.91
N MET F 77 -12.76 36.61 -18.90
CA MET F 77 -12.35 35.92 -20.13
C MET F 77 -13.21 34.66 -20.26
N TYR F 78 -13.23 34.08 -21.44
CA TYR F 78 -14.08 32.91 -21.74
C TYR F 78 -13.23 31.74 -22.18
N LEU F 79 -13.63 30.55 -21.72
CA LEU F 79 -12.95 29.28 -22.06
C LEU F 79 -13.85 28.49 -22.98
N VAL F 80 -13.37 28.19 -24.17
CA VAL F 80 -14.11 27.36 -25.15
C VAL F 80 -13.36 26.04 -25.27
N PRO F 81 -13.94 24.91 -24.86
CA PRO F 81 -13.28 23.62 -24.99
C PRO F 81 -12.87 23.32 -26.44
N ALA F 82 -11.65 22.81 -26.61
CA ALA F 82 -11.05 22.54 -27.92
C ALA F 82 -10.66 21.07 -28.06
N ALA F 83 -10.12 20.45 -27.02
CA ALA F 83 -9.73 19.03 -27.05
C ALA F 83 -10.02 18.39 -25.69
N MET F 84 -10.47 17.15 -25.71
CA MET F 84 -10.80 16.38 -24.49
C MET F 84 -9.80 15.22 -24.36
N PHE F 85 -9.46 14.90 -23.13
CA PHE F 85 -8.60 13.74 -22.81
C PHE F 85 -9.09 13.10 -21.52
N ARG F 86 -8.73 11.85 -21.33
CA ARG F 86 -9.01 11.15 -20.05
C ARG F 86 -8.10 11.72 -18.97
N ASP F 87 -8.63 11.89 -17.77
CA ASP F 87 -7.87 12.44 -16.63
C ASP F 87 -7.04 11.33 -15.97
N PRO F 88 -5.70 11.35 -16.08
CA PRO F 88 -4.88 10.32 -15.43
C PRO F 88 -4.70 10.51 -13.92
N PHE F 89 -5.01 11.70 -13.41
CA PHE F 89 -4.88 12.00 -11.97
C PHE F 89 -6.16 11.60 -11.24
N ARG F 90 -7.29 11.62 -11.92
CA ARG F 90 -8.61 11.29 -11.30
C ARG F 90 -9.20 10.02 -11.90
N LYS F 91 -8.65 9.50 -13.00
CA LYS F 91 -9.10 8.27 -13.71
C LYS F 91 -10.48 8.52 -14.36
N ASP F 92 -10.86 7.64 -15.27
CA ASP F 92 -12.22 7.60 -15.86
C ASP F 92 -13.27 7.63 -14.76
N PRO F 93 -14.40 8.31 -14.96
CA PRO F 93 -14.73 9.00 -16.22
C PRO F 93 -14.36 10.49 -16.27
N ASN F 94 -13.51 10.93 -15.36
CA ASN F 94 -13.12 12.36 -15.27
C ASN F 94 -12.27 12.73 -16.49
N LYS F 95 -12.32 14.00 -16.88
CA LYS F 95 -11.74 14.46 -18.15
C LYS F 95 -10.77 15.62 -17.94
N LEU F 96 -9.81 15.73 -18.85
CA LEU F 96 -9.02 16.97 -19.02
C LEU F 96 -9.57 17.69 -20.24
N VAL F 97 -9.86 18.97 -20.08
CA VAL F 97 -10.49 19.78 -21.14
C VAL F 97 -9.55 20.93 -21.48
N PHE F 98 -8.86 20.82 -22.61
CA PHE F 98 -7.98 21.90 -23.09
C PHE F 98 -8.84 22.92 -23.85
N CYS F 99 -8.74 24.18 -23.47
CA CYS F 99 -9.65 25.22 -23.96
C CYS F 99 -8.87 26.34 -24.64
N GLU F 100 -9.53 27.00 -25.60
CA GLU F 100 -9.10 28.29 -26.15
C GLU F 100 -9.61 29.41 -25.25
N VAL F 101 -8.91 30.53 -25.25
CA VAL F 101 -9.26 31.70 -24.41
C VAL F 101 -9.78 32.80 -25.33
N PHE F 102 -10.87 33.42 -24.92
CA PHE F 102 -11.48 34.56 -25.64
C PHE F 102 -11.71 35.71 -24.68
N LYS F 103 -11.63 36.93 -25.20
CA LYS F 103 -11.85 38.16 -24.41
C LYS F 103 -13.35 38.32 -24.12
N TYR F 104 -13.71 39.35 -23.39
CA TYR F 104 -15.12 39.63 -23.02
C TYR F 104 -15.98 39.85 -24.28
N ASN F 105 -15.40 40.38 -25.34
CA ASN F 105 -16.14 40.65 -26.61
C ASN F 105 -16.00 39.48 -27.59
N ARG F 106 -15.63 38.29 -27.10
CA ARG F 106 -15.52 37.04 -27.91
C ARG F 106 -14.39 37.12 -28.95
N LYS F 107 -13.50 38.10 -28.89
CA LYS F 107 -12.30 38.08 -29.74
C LYS F 107 -11.25 37.16 -29.11
N PRO F 108 -10.42 36.50 -29.92
CA PRO F 108 -9.37 35.63 -29.38
C PRO F 108 -8.41 36.41 -28.47
N ALA F 109 -7.98 35.77 -27.39
CA ALA F 109 -6.98 36.34 -26.47
C ALA F 109 -5.62 36.42 -27.17
N GLU F 110 -4.74 37.27 -26.66
CA GLU F 110 -3.44 37.53 -27.32
C GLU F 110 -2.61 36.26 -27.37
N THR F 111 -2.66 35.43 -26.34
CA THR F 111 -1.93 34.14 -26.30
C THR F 111 -2.76 33.01 -26.90
N ASN F 112 -3.94 33.31 -27.43
CA ASN F 112 -4.73 32.31 -28.20
C ASN F 112 -4.16 32.23 -29.60
N LEU F 113 -3.20 31.34 -29.82
CA LEU F 113 -2.63 31.12 -31.17
C LEU F 113 -3.34 29.98 -31.87
N ARG F 114 -4.12 29.17 -31.16
CA ARG F 114 -4.81 28.00 -31.77
C ARG F 114 -5.87 28.49 -32.77
N HIS F 115 -6.52 29.60 -32.47
CA HIS F 115 -7.65 30.10 -33.30
C HIS F 115 -7.18 30.30 -34.74
N THR F 116 -6.05 30.97 -34.92
CA THR F 116 -5.49 31.19 -36.28
C THR F 116 -4.87 29.89 -36.79
N CYS F 117 -4.19 29.15 -35.92
CA CYS F 117 -3.50 27.91 -36.33
C CYS F 117 -4.50 26.91 -36.92
N LYS F 118 -5.68 26.79 -36.31
CA LYS F 118 -6.72 25.85 -36.82
C LYS F 118 -7.16 26.30 -38.22
N ARG F 119 -7.35 27.60 -38.43
CA ARG F 119 -7.80 28.10 -39.76
C ARG F 119 -6.75 27.76 -40.81
N ILE F 120 -5.47 27.91 -40.49
CA ILE F 120 -4.38 27.59 -41.44
C ILE F 120 -4.39 26.09 -41.73
N MET F 121 -4.55 25.26 -40.69
CA MET F 121 -4.54 23.79 -40.87
C MET F 121 -5.71 23.37 -41.75
N ASP F 122 -6.89 23.98 -41.57
CA ASP F 122 -8.08 23.64 -42.39
C ASP F 122 -7.81 23.99 -43.86
N MET F 123 -6.99 25.01 -44.10
CA MET F 123 -6.69 25.46 -45.48
C MET F 123 -5.88 24.38 -46.23
N VAL F 124 -4.99 23.68 -45.55
CA VAL F 124 -4.10 22.69 -46.20
C VAL F 124 -4.49 21.29 -45.78
N SER F 125 -5.75 21.06 -45.42
CA SER F 125 -6.18 19.76 -44.85
C SER F 125 -5.91 18.61 -45.83
N ASN F 126 -6.12 18.83 -47.13
CA ASN F 126 -5.97 17.76 -48.16
C ASN F 126 -4.51 17.27 -48.21
N GLN F 127 -3.55 18.15 -47.95
CA GLN F 127 -2.11 17.77 -48.00
C GLN F 127 -1.72 16.98 -46.75
N ARG F 128 -2.57 16.94 -45.73
CA ARG F 128 -2.42 16.10 -44.51
C ARG F 128 -1.05 16.32 -43.86
N PRO F 129 -0.79 17.51 -43.28
CA PRO F 129 0.49 17.75 -42.64
C PRO F 129 0.61 16.98 -41.32
N TRP F 130 1.72 16.27 -41.17
CA TRP F 130 2.02 15.51 -39.94
C TRP F 130 3.15 16.18 -39.21
N PHE F 131 3.05 16.21 -37.89
CA PHE F 131 4.08 16.85 -37.03
C PHE F 131 4.54 15.88 -35.98
N GLY F 132 5.77 16.06 -35.53
CA GLY F 132 6.29 15.42 -34.32
C GLY F 132 7.19 16.36 -33.58
N MET F 133 7.07 16.40 -32.26
CA MET F 133 7.92 17.31 -31.45
C MET F 133 8.66 16.54 -30.37
N GLU F 134 9.96 16.77 -30.27
CA GLU F 134 10.78 16.20 -29.18
C GLU F 134 10.90 17.26 -28.08
N GLN F 135 10.08 17.15 -27.06
CA GLN F 135 10.03 18.13 -25.96
C GLN F 135 11.12 17.78 -24.96
N GLU F 136 12.16 18.59 -24.91
CA GLU F 136 13.19 18.46 -23.85
C GLU F 136 12.79 19.34 -22.65
N TYR F 137 13.10 18.85 -21.47
CA TYR F 137 12.80 19.59 -20.23
C TYR F 137 13.85 19.21 -19.21
N THR F 138 13.97 20.05 -18.19
CA THR F 138 14.88 19.85 -17.07
C THR F 138 14.07 19.80 -15.79
N LEU F 139 14.31 18.78 -14.99
CA LEU F 139 13.75 18.69 -13.64
C LEU F 139 14.56 19.60 -12.72
N MET F 140 13.88 20.39 -11.91
CA MET F 140 14.53 21.31 -10.95
C MET F 140 13.91 21.12 -9.58
N GLY F 141 14.73 21.25 -8.55
CA GLY F 141 14.25 21.42 -7.17
C GLY F 141 13.57 22.75 -7.01
N THR F 142 12.89 22.94 -5.90
CA THR F 142 12.17 24.22 -5.61
C THR F 142 13.17 25.36 -5.41
N ASP F 143 14.45 25.08 -5.22
CA ASP F 143 15.50 26.09 -5.02
C ASP F 143 16.01 26.68 -6.34
N GLY F 144 15.56 26.18 -7.48
CA GLY F 144 15.99 26.67 -8.81
C GLY F 144 17.27 26.00 -9.29
N HIS F 145 17.68 24.94 -8.60
CA HIS F 145 18.86 24.12 -9.00
C HIS F 145 18.34 22.80 -9.55
N PRO F 146 18.98 22.19 -10.57
CA PRO F 146 18.43 20.99 -11.20
C PRO F 146 18.24 19.85 -10.23
N PHE F 147 17.22 19.02 -10.46
CA PHE F 147 16.93 17.89 -9.53
C PHE F 147 18.09 16.90 -9.51
N GLY F 148 18.58 16.52 -8.33
CA GLY F 148 19.63 15.49 -8.24
C GLY F 148 21.05 16.05 -8.24
N TRP F 149 21.23 17.33 -8.57
CA TRP F 149 22.61 17.89 -8.67
C TRP F 149 23.15 18.14 -7.26
N PRO F 150 24.48 18.11 -6.99
CA PRO F 150 24.96 18.42 -5.65
C PRO F 150 24.52 19.84 -5.23
N SER F 151 24.26 20.01 -3.95
CA SER F 151 23.87 21.29 -3.34
C SER F 151 24.89 22.36 -3.73
N ASN F 152 24.43 23.36 -4.47
CA ASN F 152 25.23 24.53 -4.91
C ASN F 152 26.42 24.08 -5.76
N GLY F 153 26.30 22.96 -6.48
CA GLY F 153 27.42 22.38 -7.22
C GLY F 153 26.99 21.69 -8.50
N PHE F 154 27.88 20.90 -9.02
CA PHE F 154 27.72 20.27 -10.33
C PHE F 154 28.04 18.80 -10.23
N PRO F 155 27.34 17.98 -11.04
CA PRO F 155 27.75 16.60 -11.21
C PRO F 155 28.96 16.55 -12.13
N GLY F 156 29.42 15.33 -12.39
CA GLY F 156 30.53 15.10 -13.31
C GLY F 156 30.23 15.68 -14.68
N PRO F 157 31.24 15.86 -15.54
CA PRO F 157 31.01 16.39 -16.88
C PRO F 157 30.05 15.51 -17.69
N GLN F 158 29.42 16.13 -18.68
CA GLN F 158 28.48 15.43 -19.61
C GLN F 158 29.20 14.31 -20.37
N GLY F 159 28.48 13.27 -20.70
CA GLY F 159 29.03 12.12 -21.43
C GLY F 159 28.31 10.84 -21.05
N PRO F 160 28.13 10.58 -19.75
CA PRO F 160 27.44 9.36 -19.33
C PRO F 160 25.93 9.49 -19.11
N TYR F 161 25.37 10.67 -19.21
CA TYR F 161 23.96 10.89 -18.77
C TYR F 161 22.97 10.61 -19.88
N TYR F 162 23.35 10.89 -21.11
CA TYR F 162 22.47 10.70 -22.28
C TYR F 162 22.07 9.21 -22.34
N CYS F 163 20.77 8.95 -22.20
CA CYS F 163 20.21 7.58 -22.23
C CYS F 163 20.82 6.74 -21.10
N GLY F 164 21.20 7.35 -19.99
CA GLY F 164 21.94 6.67 -18.92
C GLY F 164 21.02 5.88 -18.04
N VAL F 165 21.57 4.86 -17.40
CA VAL F 165 20.85 4.05 -16.41
C VAL F 165 21.75 3.90 -15.19
N GLY F 166 21.15 3.94 -14.02
CA GLY F 166 21.89 3.87 -12.76
C GLY F 166 21.69 5.12 -11.93
N ALA F 167 21.93 5.02 -10.65
CA ALA F 167 21.62 6.11 -9.69
C ALA F 167 22.50 7.32 -9.97
N ASP F 168 23.68 7.13 -10.55
CA ASP F 168 24.62 8.24 -10.86
C ASP F 168 24.45 8.75 -12.28
N LYS F 169 23.53 8.20 -13.08
CA LYS F 169 23.38 8.61 -14.51
C LYS F 169 22.03 9.28 -14.75
N ALA F 170 20.93 8.72 -14.27
CA ALA F 170 19.56 9.23 -14.56
C ALA F 170 18.99 9.84 -13.29
N TYR F 171 18.56 11.08 -13.35
CA TYR F 171 17.97 11.78 -12.18
C TYR F 171 16.47 11.97 -12.41
N GLY F 172 15.66 11.46 -11.48
CA GLY F 172 14.20 11.65 -11.48
C GLY F 172 13.51 10.86 -12.59
N ARG F 173 13.91 9.62 -12.85
CA ARG F 173 13.21 8.73 -13.81
C ARG F 173 11.78 8.38 -13.33
N ASP F 174 11.52 8.40 -12.01
CA ASP F 174 10.17 8.13 -11.50
C ASP F 174 9.17 9.08 -12.15
N ILE F 175 9.55 10.34 -12.31
CA ILE F 175 8.69 11.37 -12.91
C ILE F 175 8.48 11.03 -14.37
N VAL F 176 9.53 10.58 -15.04
CA VAL F 176 9.48 10.28 -16.49
C VAL F 176 8.54 9.10 -16.71
N GLU F 177 8.66 8.06 -15.91
CA GLU F 177 7.82 6.85 -16.05
C GLU F 177 6.35 7.23 -15.78
N ALA F 178 6.10 8.02 -14.74
CA ALA F 178 4.73 8.39 -14.35
C ALA F 178 4.11 9.24 -15.46
N HIS F 179 4.88 10.18 -15.99
CA HIS F 179 4.39 11.08 -17.06
C HIS F 179 4.04 10.26 -18.31
N TYR F 180 4.95 9.37 -18.72
CA TYR F 180 4.78 8.51 -19.93
C TYR F 180 3.47 7.74 -19.81
N ARG F 181 3.25 7.09 -18.67
CA ARG F 181 2.02 6.29 -18.44
C ARG F 181 0.82 7.22 -18.40
N ALA F 182 0.98 8.33 -17.69
CA ALA F 182 -0.15 9.27 -17.56
C ALA F 182 -0.57 9.76 -18.95
N CYS F 183 0.38 10.05 -19.81
CA CYS F 183 0.08 10.48 -21.19
C CYS F 183 -0.58 9.34 -21.98
N LEU F 184 -0.08 8.12 -21.85
CA LEU F 184 -0.68 6.97 -22.59
C LEU F 184 -2.13 6.78 -22.13
N TYR F 185 -2.39 6.85 -20.82
CA TYR F 185 -3.75 6.71 -20.27
C TYR F 185 -4.62 7.83 -20.80
N ALA F 186 -4.13 9.07 -20.83
CA ALA F 186 -4.92 10.25 -21.21
C ALA F 186 -5.28 10.20 -22.71
N GLY F 187 -4.58 9.42 -23.51
CA GLY F 187 -4.75 9.42 -24.97
C GLY F 187 -3.82 10.41 -25.67
N ILE F 188 -2.74 10.82 -25.04
CA ILE F 188 -1.71 11.65 -25.69
C ILE F 188 -0.86 10.76 -26.60
N LYS F 189 -0.53 11.27 -27.78
CA LYS F 189 0.27 10.53 -28.79
C LYS F 189 1.77 10.67 -28.42
N ILE F 190 2.16 10.02 -27.33
CA ILE F 190 3.56 10.07 -26.86
C ILE F 190 4.32 8.90 -27.45
N GLY F 191 5.42 9.20 -28.16
CA GLY F 191 6.12 8.23 -29.00
C GLY F 191 7.32 7.63 -28.31
N GLY F 192 7.77 8.20 -27.20
CA GLY F 192 8.95 7.68 -26.51
C GLY F 192 9.61 8.71 -25.63
N THR F 193 10.59 8.28 -24.86
CA THR F 193 11.32 9.14 -23.91
C THR F 193 12.79 8.73 -23.94
N ASN F 194 13.64 9.66 -23.52
CA ASN F 194 15.06 9.34 -23.26
C ASN F 194 15.60 10.31 -22.22
N ALA F 195 16.65 9.89 -21.55
CA ALA F 195 17.49 10.76 -20.71
C ALA F 195 18.38 11.59 -21.64
N GLU F 196 18.48 12.87 -21.36
CA GLU F 196 19.24 13.82 -22.18
C GLU F 196 20.67 13.93 -21.68
N VAL F 197 21.48 14.68 -22.41
CA VAL F 197 22.94 14.76 -22.17
C VAL F 197 23.18 15.43 -20.82
N MET F 198 22.43 16.49 -20.54
CA MET F 198 22.47 17.15 -19.23
C MET F 198 21.80 16.20 -18.24
N PRO F 199 22.44 15.90 -17.10
CA PRO F 199 21.78 15.12 -16.05
C PRO F 199 20.58 15.88 -15.49
N ALA F 200 19.53 15.16 -15.12
CA ALA F 200 18.19 15.68 -14.71
C ALA F 200 17.44 16.29 -15.89
N GLN F 201 18.02 16.26 -17.09
CA GLN F 201 17.31 16.70 -18.33
C GLN F 201 16.72 15.47 -19.01
N TRP F 202 15.51 15.61 -19.54
CA TRP F 202 14.80 14.49 -20.19
C TRP F 202 14.10 14.99 -21.43
N GLU F 203 13.51 14.07 -22.15
CA GLU F 203 12.77 14.39 -23.39
C GLU F 203 11.66 13.36 -23.57
N PHE F 204 10.52 13.83 -24.06
CA PHE F 204 9.47 12.93 -24.58
C PHE F 204 9.12 13.38 -25.98
N GLN F 205 8.78 12.44 -26.82
CA GLN F 205 8.37 12.70 -28.22
C GLN F 205 6.84 12.65 -28.29
N ILE F 206 6.27 13.64 -28.95
CA ILE F 206 4.80 13.70 -29.21
C ILE F 206 4.60 13.63 -30.70
N GLY F 207 3.85 12.64 -31.16
CA GLY F 207 3.53 12.52 -32.59
C GLY F 207 3.64 11.09 -33.10
N PRO F 208 3.32 10.85 -34.38
CA PRO F 208 2.89 11.87 -35.33
C PRO F 208 1.46 12.38 -35.08
N CYS F 209 1.28 13.68 -35.22
CA CYS F 209 -0.02 14.35 -35.04
C CYS F 209 -0.34 15.10 -36.33
N GLU F 210 -1.62 15.10 -36.70
CA GLU F 210 -2.07 15.76 -37.93
C GLU F 210 -2.65 17.13 -37.58
N GLY F 211 -2.13 18.16 -38.24
CA GLY F 211 -2.67 19.52 -38.20
C GLY F 211 -2.74 20.07 -36.80
N ILE F 212 -3.92 20.48 -36.36
CA ILE F 212 -4.10 21.17 -35.06
C ILE F 212 -3.88 20.21 -33.90
N ASP F 213 -3.87 18.90 -34.13
CA ASP F 213 -3.67 17.93 -33.03
C ASP F 213 -2.27 18.05 -32.42
N MET F 214 -1.31 18.60 -33.14
CA MET F 214 0.08 18.67 -32.61
C MET F 214 0.11 19.61 -31.40
N GLY F 215 -0.49 20.79 -31.52
CA GLY F 215 -0.51 21.78 -30.43
C GLY F 215 -1.31 21.26 -29.25
N ASP F 216 -2.46 20.64 -29.49
CA ASP F 216 -3.31 20.13 -28.39
C ASP F 216 -2.55 19.06 -27.60
N HIS F 217 -1.97 18.10 -28.28
CA HIS F 217 -1.28 16.96 -27.63
C HIS F 217 -0.06 17.45 -26.85
N LEU F 218 0.71 18.37 -27.41
CA LEU F 218 1.94 18.83 -26.74
C LEU F 218 1.55 19.68 -25.52
N TRP F 219 0.59 20.58 -25.68
CA TRP F 219 0.20 21.46 -24.56
C TRP F 219 -0.33 20.62 -23.39
N VAL F 220 -1.13 19.62 -23.70
CA VAL F 220 -1.72 18.76 -22.63
C VAL F 220 -0.61 17.89 -22.05
N ALA F 221 0.28 17.39 -22.88
CA ALA F 221 1.46 16.64 -22.38
C ALA F 221 2.29 17.51 -21.43
N ARG F 222 2.49 18.78 -21.76
CA ARG F 222 3.16 19.72 -20.85
C ARG F 222 2.39 19.85 -19.55
N PHE F 223 1.05 19.99 -19.63
CA PHE F 223 0.22 20.14 -18.42
C PHE F 223 0.38 18.90 -17.53
N ILE F 224 0.32 17.72 -18.14
CA ILE F 224 0.41 16.46 -17.35
C ILE F 224 1.79 16.40 -16.69
N LEU F 225 2.84 16.78 -17.41
CA LEU F 225 4.20 16.78 -16.81
C LEU F 225 4.23 17.71 -15.60
N HIS F 226 3.71 18.93 -15.73
CA HIS F 226 3.67 19.90 -14.61
C HIS F 226 2.89 19.29 -13.45
N ARG F 227 1.74 18.68 -13.76
CA ARG F 227 0.88 18.11 -12.69
C ARG F 227 1.55 16.89 -12.05
N VAL F 228 2.17 16.05 -12.85
CA VAL F 228 2.94 14.88 -12.31
C VAL F 228 4.12 15.39 -11.46
N CYS F 229 4.85 16.37 -11.94
CA CYS F 229 6.01 16.93 -11.21
C CYS F 229 5.50 17.57 -9.90
N GLU F 230 4.34 18.21 -9.94
CA GLU F 230 3.74 18.81 -8.72
C GLU F 230 3.50 17.71 -7.67
N ASP F 231 3.09 16.51 -8.10
CA ASP F 231 2.86 15.40 -7.15
C ASP F 231 4.18 15.01 -6.47
N PHE F 232 5.25 14.93 -7.23
CA PHE F 232 6.58 14.55 -6.71
C PHE F 232 7.26 15.71 -5.99
N GLY F 233 6.75 16.94 -6.15
CA GLY F 233 7.28 18.14 -5.47
C GLY F 233 8.51 18.70 -6.15
N VAL F 234 8.66 18.50 -7.46
CA VAL F 234 9.75 19.11 -8.25
C VAL F 234 9.14 19.94 -9.36
N ILE F 235 9.96 20.70 -10.06
CA ILE F 235 9.53 21.62 -11.13
C ILE F 235 10.09 21.10 -12.45
N ALA F 236 9.23 21.07 -13.46
CA ALA F 236 9.66 20.85 -14.85
C ALA F 236 9.79 22.22 -15.51
N THR F 237 11.00 22.54 -15.96
CA THR F 237 11.26 23.80 -16.68
C THR F 237 11.45 23.49 -18.16
N PHE F 238 10.90 24.34 -19.01
CA PHE F 238 11.13 24.31 -20.47
C PHE F 238 12.06 25.45 -20.86
N ASP F 239 12.83 25.98 -19.91
CA ASP F 239 13.81 27.04 -20.21
C ASP F 239 14.80 26.49 -21.22
N PRO F 240 15.06 27.21 -22.34
CA PRO F 240 15.98 26.70 -23.35
C PRO F 240 17.43 26.53 -22.87
N LYS F 241 17.80 27.19 -21.78
CA LYS F 241 19.17 27.07 -21.22
C LYS F 241 19.10 27.20 -19.71
N PRO F 242 18.65 26.16 -18.99
CA PRO F 242 18.48 26.26 -17.55
C PRO F 242 19.79 26.59 -16.82
N ILE F 243 20.91 26.03 -17.26
CA ILE F 243 22.22 26.21 -16.58
C ILE F 243 23.22 26.77 -17.58
N PRO F 244 23.87 27.91 -17.29
CA PRO F 244 24.89 28.44 -18.18
C PRO F 244 26.15 27.57 -18.21
N GLY F 245 26.86 27.61 -19.33
CA GLY F 245 28.18 26.98 -19.47
C GLY F 245 28.15 25.77 -20.37
N ASN F 246 28.88 24.72 -20.02
CA ASN F 246 28.96 23.49 -20.85
C ASN F 246 27.88 22.52 -20.40
N TRP F 247 26.65 23.00 -20.34
CA TRP F 247 25.47 22.17 -20.03
C TRP F 247 24.44 22.39 -21.14
N ASN F 248 23.93 21.29 -21.68
CA ASN F 248 23.08 21.32 -22.91
C ASN F 248 21.82 22.14 -22.67
N GLY F 249 21.43 22.89 -23.69
CA GLY F 249 20.12 23.54 -23.76
C GLY F 249 19.01 22.53 -23.98
N ALA F 250 17.78 22.97 -23.86
CA ALA F 250 16.58 22.17 -24.16
C ALA F 250 15.91 22.78 -25.40
N GLY F 251 15.75 21.97 -26.44
CA GLY F 251 15.00 22.37 -27.64
C GLY F 251 13.74 21.56 -27.81
N CYS F 252 12.93 21.97 -28.78
CA CYS F 252 11.73 21.22 -29.20
C CYS F 252 11.85 20.98 -30.69
N HIS F 253 12.60 19.95 -31.07
CA HIS F 253 12.83 19.61 -32.49
C HIS F 253 11.51 19.18 -33.13
N THR F 254 11.16 19.80 -34.24
CA THR F 254 9.88 19.57 -34.91
C THR F 254 10.12 18.81 -36.21
N ASN F 255 9.47 17.66 -36.34
CA ASN F 255 9.47 16.87 -37.60
C ASN F 255 8.24 17.25 -38.41
N PHE F 256 8.41 17.45 -39.70
CA PHE F 256 7.32 17.90 -40.59
C PHE F 256 7.35 17.07 -41.87
N SER F 257 6.17 16.62 -42.29
CA SER F 257 5.98 15.92 -43.58
C SER F 257 4.57 16.17 -44.06
N THR F 258 4.40 16.16 -45.38
CA THR F 258 3.06 16.20 -46.02
C THR F 258 2.80 14.88 -46.70
N LYS F 259 1.62 14.75 -47.29
CA LYS F 259 1.27 13.54 -48.08
C LYS F 259 2.27 13.40 -49.24
N ALA F 260 2.65 14.51 -49.88
CA ALA F 260 3.61 14.47 -51.00
C ALA F 260 4.98 13.99 -50.50
N MET F 261 5.43 14.49 -49.35
CA MET F 261 6.77 14.15 -48.83
C MET F 261 6.80 12.68 -48.40
N ARG F 262 5.69 12.14 -47.91
CA ARG F 262 5.68 10.74 -47.43
C ARG F 262 5.64 9.77 -48.61
N GLU F 263 5.06 10.19 -49.74
CA GLU F 263 4.94 9.30 -50.93
C GLU F 263 6.32 9.04 -51.54
N GLU F 264 6.36 8.03 -52.41
CA GLU F 264 7.62 7.63 -53.10
C GLU F 264 8.22 8.84 -53.82
N ASN F 265 9.54 8.98 -53.71
CA ASN F 265 10.29 10.12 -54.31
C ASN F 265 9.76 11.43 -53.73
N GLY F 266 9.41 11.43 -52.44
CA GLY F 266 8.96 12.63 -51.73
C GLY F 266 10.11 13.51 -51.29
N LEU F 267 11.35 13.11 -51.52
CA LEU F 267 12.53 13.93 -51.11
C LEU F 267 12.53 15.26 -51.88
N LYS F 268 12.12 15.26 -53.14
CA LYS F 268 12.09 16.51 -53.94
C LYS F 268 11.18 17.54 -53.27
N TYR F 269 10.05 17.12 -52.73
CA TYR F 269 9.13 18.03 -52.01
C TYR F 269 9.76 18.42 -50.67
N ILE F 270 10.53 17.53 -50.05
CA ILE F 270 11.24 17.86 -48.78
C ILE F 270 12.25 18.97 -49.08
N GLU F 271 13.03 18.81 -50.15
CA GLU F 271 14.07 19.82 -50.52
C GLU F 271 13.40 21.15 -50.88
N GLU F 272 12.27 21.11 -51.58
CA GLU F 272 11.55 22.35 -51.95
C GLU F 272 11.08 23.08 -50.70
N ALA F 273 10.59 22.35 -49.70
CA ALA F 273 10.12 22.96 -48.43
C ALA F 273 11.31 23.60 -47.70
N ILE F 274 12.46 22.93 -47.72
CA ILE F 274 13.65 23.40 -46.95
C ILE F 274 14.20 24.67 -47.59
N GLU F 275 14.28 24.72 -48.91
CA GLU F 275 14.81 25.92 -49.60
C GLU F 275 13.84 27.10 -49.39
N LYS F 276 12.55 26.83 -49.27
CA LYS F 276 11.59 27.88 -48.87
C LYS F 276 11.88 28.34 -47.44
N LEU F 277 12.20 27.40 -46.55
CA LEU F 277 12.56 27.75 -45.15
C LEU F 277 13.87 28.53 -45.13
N SER F 278 14.76 28.27 -46.08
CA SER F 278 16.08 28.94 -46.14
C SER F 278 15.91 30.45 -46.24
N LYS F 279 14.84 30.90 -46.89
CA LYS F 279 14.63 32.34 -47.17
C LYS F 279 13.84 33.02 -46.05
N ARG F 280 13.38 32.30 -45.02
CA ARG F 280 12.56 32.91 -43.95
C ARG F 280 13.11 32.54 -42.57
N HIS F 281 14.43 32.48 -42.41
CA HIS F 281 15.05 32.08 -41.13
C HIS F 281 14.64 33.04 -40.00
N GLN F 282 14.66 34.33 -40.26
CA GLN F 282 14.35 35.35 -39.23
C GLN F 282 12.88 35.27 -38.83
N TYR F 283 11.98 35.05 -39.78
CA TYR F 283 10.53 34.97 -39.49
C TYR F 283 10.26 33.79 -38.55
N HIS F 284 10.95 32.67 -38.78
CA HIS F 284 10.71 31.45 -37.97
C HIS F 284 11.33 31.60 -36.58
N ILE F 285 12.49 32.25 -36.48
CA ILE F 285 13.16 32.44 -35.16
C ILE F 285 12.23 33.26 -34.26
N ARG F 286 11.58 34.29 -34.79
CA ARG F 286 10.63 35.11 -34.00
C ARG F 286 9.46 34.25 -33.53
N ALA F 287 8.94 33.38 -34.39
CA ALA F 287 7.76 32.54 -34.07
C ALA F 287 8.14 31.41 -33.12
N TYR F 288 9.40 30.96 -33.13
CA TYR F 288 9.83 29.75 -32.39
C TYR F 288 10.09 30.04 -30.92
N ASP F 289 9.66 31.20 -30.42
CA ASP F 289 9.97 31.59 -29.03
C ASP F 289 8.87 32.50 -28.51
N PRO F 290 8.40 32.29 -27.27
CA PRO F 290 7.29 33.09 -26.76
C PRO F 290 7.59 34.59 -26.62
N LYS F 291 8.86 34.97 -26.52
CA LYS F 291 9.23 36.40 -26.36
C LYS F 291 10.10 36.87 -27.54
N GLY F 292 9.84 36.35 -28.74
CA GLY F 292 10.41 36.88 -29.99
C GLY F 292 11.79 36.32 -30.34
N GLY F 293 12.35 35.40 -29.55
CA GLY F 293 13.63 34.74 -29.89
C GLY F 293 14.76 35.12 -28.94
N LEU F 294 14.48 35.81 -27.83
CA LEU F 294 15.56 36.18 -26.88
C LEU F 294 15.97 34.95 -26.06
N ASP F 295 15.00 34.15 -25.61
CA ASP F 295 15.31 32.94 -24.80
C ASP F 295 16.16 31.97 -25.63
N ASN F 296 15.79 31.76 -26.89
CA ASN F 296 16.48 30.79 -27.76
C ASN F 296 17.88 31.30 -28.14
N ALA F 297 18.18 32.58 -27.92
CA ALA F 297 19.54 33.13 -28.19
C ALA F 297 20.54 32.49 -27.23
N ARG F 298 20.12 32.19 -26.00
CA ARG F 298 21.00 31.52 -25.01
C ARG F 298 21.26 30.07 -25.43
N ARG F 299 20.37 29.45 -26.19
CA ARG F 299 20.53 28.02 -26.58
C ARG F 299 21.23 27.92 -27.94
N LEU F 300 20.77 28.69 -28.93
CA LEU F 300 21.28 28.56 -30.32
C LEU F 300 22.62 29.29 -30.42
N THR F 301 23.66 28.65 -29.90
CA THR F 301 25.03 29.20 -29.93
C THR F 301 25.91 28.45 -30.93
N GLY F 302 25.44 27.35 -31.50
CA GLY F 302 26.22 26.57 -32.48
C GLY F 302 27.30 25.72 -31.85
N PHE F 303 27.23 25.43 -30.55
CA PHE F 303 28.31 24.69 -29.83
C PHE F 303 27.84 23.32 -29.38
N HIS F 304 26.83 23.28 -28.49
CA HIS F 304 26.33 22.01 -27.89
C HIS F 304 25.26 21.36 -28.78
N GLU F 305 25.69 20.78 -29.89
CA GLU F 305 24.77 20.12 -30.87
C GLU F 305 23.66 21.08 -31.31
N THR F 306 23.90 22.39 -31.24
CA THR F 306 22.92 23.41 -31.69
C THR F 306 23.44 24.09 -32.94
N SER F 307 22.57 24.84 -33.58
CA SER F 307 22.94 25.71 -34.73
C SER F 307 23.10 27.15 -34.22
N ASN F 308 23.48 28.04 -35.13
CA ASN F 308 23.60 29.49 -34.80
C ASN F 308 22.27 30.16 -35.06
N ILE F 309 21.85 31.03 -34.15
CA ILE F 309 20.55 31.73 -34.28
C ILE F 309 20.59 32.70 -35.46
N ASN F 310 21.77 33.22 -35.80
CA ASN F 310 21.90 34.26 -36.86
C ASN F 310 22.09 33.61 -38.24
N ASP F 311 22.37 32.32 -38.33
CA ASP F 311 22.71 31.69 -39.62
C ASP F 311 21.85 30.44 -39.84
N PHE F 312 21.36 30.29 -41.07
CA PHE F 312 20.54 29.13 -41.48
C PHE F 312 21.42 28.12 -42.19
N SER F 313 21.20 26.85 -41.91
CA SER F 313 21.92 25.74 -42.59
C SER F 313 21.06 24.50 -42.61
N ALA F 314 21.17 23.72 -43.67
CA ALA F 314 20.44 22.46 -43.84
C ALA F 314 21.37 21.41 -44.43
N GLY F 315 21.11 20.16 -44.11
CA GLY F 315 21.89 19.04 -44.66
C GLY F 315 21.36 17.71 -44.20
N VAL F 316 21.80 16.66 -44.88
CA VAL F 316 21.45 15.27 -44.51
C VAL F 316 22.33 14.86 -43.33
N ALA F 317 21.69 14.36 -42.27
CA ALA F 317 22.37 13.84 -41.06
C ALA F 317 23.28 14.93 -40.47
N ASN F 318 22.83 16.18 -40.49
CA ASN F 318 23.60 17.32 -39.95
C ASN F 318 22.96 17.71 -38.60
N ARG F 319 23.57 17.29 -37.51
CA ARG F 319 23.06 17.61 -36.14
C ARG F 319 23.21 19.12 -35.87
N GLY F 320 24.27 19.74 -36.39
CA GLY F 320 24.56 21.16 -36.17
C GLY F 320 23.78 22.08 -37.09
N ALA F 321 22.99 21.54 -38.03
CA ALA F 321 22.25 22.39 -38.99
C ALA F 321 20.94 22.87 -38.37
N SER F 322 20.41 23.95 -38.92
CA SER F 322 19.07 24.47 -38.56
C SER F 322 18.00 23.44 -38.95
N ILE F 323 18.16 22.82 -40.11
CA ILE F 323 17.22 21.81 -40.63
C ILE F 323 18.02 20.55 -40.94
N ARG F 324 17.53 19.41 -40.50
CA ARG F 324 18.21 18.12 -40.71
C ARG F 324 17.28 17.21 -41.52
N ILE F 325 17.80 16.64 -42.58
CA ILE F 325 17.13 15.52 -43.29
C ILE F 325 17.75 14.25 -42.74
N PRO F 326 16.94 13.34 -42.15
CA PRO F 326 17.48 12.09 -41.62
C PRO F 326 18.15 11.26 -42.72
N ARG F 327 19.19 10.51 -42.34
CA ARG F 327 19.98 9.71 -43.29
C ARG F 327 19.07 8.69 -43.98
N THR F 328 18.17 8.06 -43.24
CA THR F 328 17.23 7.07 -43.80
C THR F 328 16.31 7.76 -44.82
N VAL F 329 15.85 8.96 -44.50
CA VAL F 329 14.94 9.71 -45.41
C VAL F 329 15.69 10.00 -46.72
N GLY F 330 16.95 10.39 -46.64
CA GLY F 330 17.80 10.59 -47.84
C GLY F 330 17.91 9.32 -48.66
N GLN F 331 18.10 8.17 -47.99
CA GLN F 331 18.28 6.87 -48.67
C GLN F 331 16.97 6.43 -49.31
N GLU F 332 15.87 6.49 -48.55
CA GLU F 332 14.54 6.04 -49.03
C GLU F 332 13.94 7.08 -49.98
N LYS F 333 14.52 8.28 -50.07
CA LYS F 333 14.04 9.38 -50.97
C LYS F 333 12.62 9.81 -50.59
N LYS F 334 12.22 9.58 -49.34
CA LYS F 334 10.89 10.00 -48.87
C LYS F 334 10.88 10.06 -47.34
N GLY F 335 9.88 10.75 -46.79
CA GLY F 335 9.64 10.80 -45.33
C GLY F 335 9.45 12.22 -44.84
N TYR F 336 10.28 12.65 -43.89
CA TYR F 336 10.08 13.93 -43.16
C TYR F 336 11.41 14.65 -43.06
N PHE F 337 11.36 15.87 -42.57
CA PHE F 337 12.57 16.63 -42.17
C PHE F 337 12.35 17.20 -40.77
N GLU F 338 13.46 17.44 -40.10
CA GLU F 338 13.45 17.90 -38.68
C GLU F 338 13.90 19.35 -38.65
N ASP F 339 13.05 20.21 -38.11
CA ASP F 339 13.42 21.60 -37.75
C ASP F 339 13.97 21.58 -36.33
N ARG F 340 15.27 21.82 -36.16
CA ARG F 340 15.93 21.77 -34.84
C ARG F 340 16.00 23.16 -34.19
N ARG F 341 15.46 24.19 -34.83
CA ARG F 341 15.53 25.57 -34.30
C ARG F 341 14.64 25.78 -33.08
N PRO F 342 13.38 25.27 -33.03
CA PRO F 342 12.46 25.71 -31.97
C PRO F 342 12.97 25.43 -30.56
N SER F 343 12.76 26.40 -29.68
CA SER F 343 13.15 26.35 -28.25
C SER F 343 12.22 25.39 -27.50
N ALA F 344 12.65 24.94 -26.34
CA ALA F 344 11.84 24.01 -25.51
C ALA F 344 10.56 24.70 -25.01
N ASN F 345 10.59 26.01 -24.81
CA ASN F 345 9.40 26.77 -24.31
C ASN F 345 8.64 27.38 -25.48
N CYS F 346 8.77 26.84 -26.69
CA CYS F 346 8.00 27.33 -27.85
C CYS F 346 6.51 26.98 -27.72
N ASP F 347 5.68 27.76 -28.36
CA ASP F 347 4.25 27.43 -28.54
C ASP F 347 4.11 26.57 -29.77
N PRO F 348 3.65 25.31 -29.65
CA PRO F 348 3.49 24.47 -30.84
C PRO F 348 2.53 25.04 -31.88
N PHE F 349 1.50 25.79 -31.47
CA PHE F 349 0.57 26.43 -32.43
C PHE F 349 1.34 27.42 -33.31
N ALA F 350 2.24 28.20 -32.72
CA ALA F 350 3.09 29.15 -33.49
C ALA F 350 4.04 28.39 -34.41
N VAL F 351 4.63 27.31 -33.91
CA VAL F 351 5.65 26.57 -34.70
C VAL F 351 4.99 25.90 -35.90
N THR F 352 3.90 25.18 -35.69
CA THR F 352 3.22 24.43 -36.77
C THR F 352 2.67 25.41 -37.80
N GLU F 353 2.09 26.52 -37.35
CA GLU F 353 1.51 27.53 -38.27
C GLU F 353 2.62 28.11 -39.15
N ALA F 354 3.79 28.42 -38.58
CA ALA F 354 4.91 29.01 -39.35
C ALA F 354 5.37 28.01 -40.41
N LEU F 355 5.46 26.73 -40.07
CA LEU F 355 5.92 25.70 -41.04
C LEU F 355 4.91 25.61 -42.19
N ILE F 356 3.62 25.63 -41.91
CA ILE F 356 2.60 25.51 -42.98
C ILE F 356 2.64 26.78 -43.84
N ARG F 357 2.74 27.95 -43.24
CA ARG F 357 2.69 29.23 -44.00
C ARG F 357 3.89 29.29 -44.97
N THR F 358 5.08 28.98 -44.50
CA THR F 358 6.30 29.10 -45.32
C THR F 358 6.32 27.98 -46.38
N CYS F 359 6.10 26.74 -45.97
CA CYS F 359 6.37 25.56 -46.83
C CYS F 359 5.18 25.25 -47.74
N LEU F 360 3.95 25.45 -47.27
CA LEU F 360 2.74 24.98 -48.00
C LEU F 360 1.97 26.14 -48.61
N LEU F 361 1.86 27.27 -47.93
CA LEU F 361 1.12 28.44 -48.47
C LEU F 361 2.07 29.41 -49.17
N ASN F 362 3.37 29.13 -49.20
CA ASN F 362 4.38 29.94 -49.94
C ASN F 362 4.28 31.40 -49.51
N GLU F 363 4.09 31.64 -48.22
CA GLU F 363 4.03 33.02 -47.70
C GLU F 363 5.45 33.58 -47.62
N THR F 364 5.56 34.88 -47.86
CA THR F 364 6.86 35.60 -47.79
C THR F 364 6.67 36.87 -46.97
N GLY F 365 7.77 37.57 -46.74
CA GLY F 365 7.77 38.83 -45.98
C GLY F 365 7.91 38.59 -44.48
N ASP F 366 7.73 39.66 -43.71
CA ASP F 366 8.02 39.67 -42.26
C ASP F 366 6.73 39.58 -41.45
N GLU F 367 5.56 39.55 -42.10
CA GLU F 367 4.28 39.47 -41.38
C GLU F 367 3.41 38.38 -41.97
N PRO F 368 2.64 37.66 -41.14
CA PRO F 368 1.74 36.63 -41.64
C PRO F 368 0.64 37.21 -42.52
N PHE F 369 0.31 36.47 -43.58
CA PHE F 369 -0.77 36.87 -44.51
C PHE F 369 -2.11 36.82 -43.79
N GLN F 370 -2.99 37.76 -44.12
CA GLN F 370 -4.35 37.80 -43.54
C GLN F 370 -5.31 37.05 -44.46
N TYR F 371 -6.13 36.19 -43.87
CA TYR F 371 -7.23 35.45 -44.53
C TYR F 371 -6.67 34.37 -45.46
N LYS F 372 -5.34 34.30 -45.62
CA LYS F 372 -4.71 33.22 -46.41
C LYS F 372 -3.39 32.83 -45.75
N ALA G 2 4.93 23.58 8.66
CA ALA G 2 5.16 22.44 9.58
C ALA G 2 3.84 21.75 9.90
N THR G 3 3.77 20.44 9.70
CA THR G 3 2.53 19.66 9.93
C THR G 3 2.50 19.14 11.35
N SER G 4 1.30 18.77 11.81
CA SER G 4 1.07 18.41 13.22
C SER G 4 1.74 17.08 13.58
N ALA G 5 1.92 16.83 14.87
CA ALA G 5 2.43 15.54 15.40
C ALA G 5 1.50 14.39 15.01
N SER G 6 0.18 14.60 15.00
CA SER G 6 -0.78 13.53 14.63
C SER G 6 -0.55 13.10 13.17
N SER G 7 -0.20 14.05 12.30
CA SER G 7 0.02 13.73 10.86
C SER G 7 1.25 12.85 10.70
N HIS G 8 2.15 12.83 11.68
CA HIS G 8 3.39 12.03 11.59
C HIS G 8 3.19 10.61 12.11
N LEU G 9 2.04 10.30 12.69
CA LEU G 9 1.71 8.90 13.05
C LEU G 9 1.58 8.07 11.77
N ASN G 10 2.00 6.81 11.70
CA ASN G 10 1.95 5.97 10.47
C ASN G 10 0.52 5.80 9.92
N LYS G 11 0.22 6.37 8.75
CA LYS G 11 -1.15 6.28 8.17
C LYS G 11 -1.40 4.82 7.75
N GLY G 12 -0.36 4.13 7.28
CA GLY G 12 -0.46 2.71 6.95
C GLY G 12 -1.16 1.98 8.05
N ILE G 13 -0.75 2.17 9.31
CA ILE G 13 -1.31 1.43 10.46
C ILE G 13 -2.83 1.68 10.52
N LYS G 14 -3.24 2.90 10.66
CA LYS G 14 -4.69 3.25 10.70
C LYS G 14 -5.46 2.50 9.60
N GLN G 15 -5.03 2.61 8.34
CA GLN G 15 -5.67 1.91 7.20
C GLN G 15 -5.90 0.45 7.58
N VAL G 16 -4.89 -0.24 8.07
CA VAL G 16 -4.99 -1.69 8.40
C VAL G 16 -6.21 -1.91 9.29
N TYR G 17 -6.41 -1.05 10.31
CA TYR G 17 -7.57 -1.15 11.23
C TYR G 17 -8.85 -0.77 10.47
N MET G 18 -8.78 0.21 9.59
CA MET G 18 -9.96 0.64 8.80
C MET G 18 -10.35 -0.41 7.76
N ALA G 19 -9.46 -1.34 7.43
CA ALA G 19 -9.75 -2.44 6.48
C ALA G 19 -10.51 -3.56 7.19
N LEU G 20 -10.58 -3.58 8.52
CA LEU G 20 -11.35 -4.62 9.23
C LEU G 20 -12.82 -4.45 8.86
N PRO G 21 -13.55 -5.53 8.56
CA PRO G 21 -15.00 -5.45 8.43
C PRO G 21 -15.64 -5.09 9.76
N GLN G 22 -16.49 -4.07 9.81
CA GLN G 22 -16.99 -3.55 11.11
C GLN G 22 -18.19 -4.36 11.60
N GLY G 23 -18.88 -5.08 10.70
CA GLY G 23 -20.01 -5.92 11.09
C GLY G 23 -21.33 -5.16 11.09
N ASP G 24 -22.24 -5.54 11.96
CA ASP G 24 -23.65 -5.08 11.92
C ASP G 24 -23.77 -3.67 12.51
N LYS G 25 -22.87 -3.25 13.39
CA LYS G 25 -22.98 -1.91 14.03
C LYS G 25 -22.59 -0.82 13.04
N VAL G 26 -23.20 0.33 13.19
CA VAL G 26 -22.99 1.50 12.31
C VAL G 26 -22.57 2.69 13.16
N GLN G 27 -21.60 3.45 12.65
CA GLN G 27 -21.13 4.70 13.32
C GLN G 27 -21.87 5.89 12.73
N ALA G 28 -22.34 6.79 13.60
CA ALA G 28 -22.92 8.07 13.19
C ALA G 28 -22.14 9.18 13.87
N MET G 29 -21.58 10.08 13.09
CA MET G 29 -20.87 11.26 13.63
C MET G 29 -21.84 12.45 13.65
N TYR G 30 -22.15 12.92 14.85
CA TYR G 30 -23.06 14.07 15.03
C TYR G 30 -22.22 15.35 14.99
N ILE G 31 -22.57 16.25 14.09
CA ILE G 31 -21.83 17.51 13.85
C ILE G 31 -22.73 18.68 14.22
N TRP G 32 -22.19 19.65 14.93
CA TRP G 32 -22.95 20.87 15.29
C TRP G 32 -22.05 22.09 15.34
N ILE G 33 -22.66 23.25 15.30
CA ILE G 33 -21.97 24.55 15.38
C ILE G 33 -21.88 24.95 16.85
N ASP G 34 -20.68 25.33 17.29
CA ASP G 34 -20.44 25.66 18.72
C ASP G 34 -20.85 27.13 18.98
N GLY G 35 -20.51 27.65 20.15
CA GLY G 35 -20.94 28.98 20.62
C GLY G 35 -20.23 30.14 19.92
N THR G 36 -19.18 29.90 19.17
CA THR G 36 -18.52 30.96 18.40
C THR G 36 -19.30 31.26 17.12
N GLY G 37 -20.22 30.38 16.73
CA GLY G 37 -20.98 30.53 15.48
C GLY G 37 -20.14 30.26 14.24
N GLU G 38 -18.87 29.88 14.42
CA GLU G 38 -17.97 29.61 13.27
C GLU G 38 -17.21 28.30 13.44
N GLY G 39 -17.18 27.74 14.65
CA GLY G 39 -16.51 26.45 14.92
C GLY G 39 -17.47 25.29 14.85
N LEU G 40 -16.96 24.14 14.45
CA LEU G 40 -17.75 22.89 14.37
C LEU G 40 -17.23 21.90 15.40
N ARG G 41 -18.17 21.17 15.98
CA ARG G 41 -17.87 20.12 16.98
C ARG G 41 -18.47 18.82 16.46
N CYS G 42 -17.92 17.71 16.89
CA CYS G 42 -18.44 16.39 16.51
C CYS G 42 -18.15 15.36 17.57
N LYS G 43 -18.98 14.34 17.59
CA LYS G 43 -18.68 13.07 18.30
C LYS G 43 -19.46 11.95 17.66
N THR G 44 -19.13 10.73 18.04
CA THR G 44 -19.66 9.53 17.35
C THR G 44 -20.46 8.69 18.34
N ARG G 45 -21.54 8.10 17.85
CA ARG G 45 -22.27 7.06 18.59
C ARG G 45 -22.41 5.82 17.71
N THR G 46 -22.58 4.67 18.34
CA THR G 46 -22.85 3.41 17.62
C THR G 46 -24.36 3.23 17.47
N LEU G 47 -24.80 2.91 16.26
CA LEU G 47 -26.21 2.53 15.98
C LEU G 47 -26.28 1.02 15.71
N ASP G 48 -27.44 0.43 15.98
CA ASP G 48 -27.67 -1.01 15.75
C ASP G 48 -27.71 -1.32 14.25
N SER G 49 -28.12 -0.38 13.41
CA SER G 49 -28.36 -0.63 11.98
C SER G 49 -28.22 0.67 11.20
N GLU G 50 -28.08 0.55 9.89
CA GLU G 50 -27.96 1.71 8.99
C GLU G 50 -29.29 2.45 8.99
N PRO G 51 -29.32 3.76 9.31
CA PRO G 51 -30.55 4.52 9.22
C PRO G 51 -30.94 4.77 7.75
N LYS G 52 -32.21 4.59 7.43
CA LYS G 52 -32.66 4.76 6.02
C LYS G 52 -32.85 6.24 5.71
N CYS G 53 -33.27 7.02 6.71
CA CYS G 53 -33.45 8.48 6.53
C CYS G 53 -33.05 9.22 7.79
N ILE G 54 -33.07 10.54 7.72
CA ILE G 54 -32.74 11.43 8.86
C ILE G 54 -33.71 11.20 10.01
N GLU G 55 -34.93 10.76 9.73
CA GLU G 55 -35.97 10.59 10.78
C GLU G 55 -35.60 9.47 11.77
N GLU G 56 -34.81 8.48 11.33
CA GLU G 56 -34.50 7.31 12.19
C GLU G 56 -33.39 7.66 13.19
N LEU G 57 -32.72 8.79 13.05
CA LEU G 57 -31.57 9.10 13.94
C LEU G 57 -32.10 9.64 15.27
N PRO G 58 -31.65 9.07 16.41
CA PRO G 58 -32.08 9.58 17.70
C PRO G 58 -31.50 10.97 17.96
N GLU G 59 -32.21 11.75 18.77
CA GLU G 59 -31.68 13.01 19.32
C GLU G 59 -30.57 12.66 20.31
N TRP G 60 -29.60 13.56 20.42
CA TRP G 60 -28.48 13.34 21.35
C TRP G 60 -28.27 14.61 22.17
N ASN G 61 -27.22 14.62 22.96
CA ASN G 61 -26.95 15.75 23.87
C ASN G 61 -25.44 15.88 24.08
N PHE G 62 -25.04 16.99 24.65
CA PHE G 62 -23.63 17.26 24.98
C PHE G 62 -23.60 18.34 26.07
N ASP G 63 -22.40 18.59 26.58
CA ASP G 63 -22.19 19.63 27.62
C ASP G 63 -21.92 20.96 26.94
N GLY G 64 -22.83 21.92 27.07
CA GLY G 64 -22.69 23.23 26.41
C GLY G 64 -21.60 24.08 27.04
N SER G 65 -21.29 23.87 28.32
CA SER G 65 -20.24 24.64 28.99
C SER G 65 -18.86 24.36 28.37
N SER G 66 -18.72 23.25 27.66
CA SER G 66 -17.47 22.87 26.98
C SER G 66 -17.45 23.33 25.53
N THR G 67 -18.51 23.99 25.04
CA THR G 67 -18.58 24.43 23.63
C THR G 67 -18.90 25.92 23.55
N PHE G 68 -18.64 26.68 24.62
CA PHE G 68 -18.94 28.13 24.70
C PHE G 68 -20.44 28.36 24.50
N GLN G 69 -21.30 27.45 24.93
CA GLN G 69 -22.75 27.55 24.61
C GLN G 69 -23.63 27.57 25.85
N SER G 70 -23.11 27.36 27.04
CA SER G 70 -23.92 27.46 28.27
C SER G 70 -23.00 27.69 29.47
N GLU G 71 -23.59 28.10 30.58
CA GLU G 71 -22.86 28.26 31.85
C GLU G 71 -23.77 27.85 32.99
N GLY G 72 -23.14 27.47 34.09
CA GLY G 72 -23.83 27.10 35.34
C GLY G 72 -24.48 25.72 35.27
N SER G 73 -25.55 25.54 36.02
CA SER G 73 -26.14 24.22 36.32
C SER G 73 -26.72 23.59 35.05
N ASN G 74 -27.53 24.33 34.30
CA ASN G 74 -28.30 23.74 33.17
C ASN G 74 -27.51 23.91 31.87
N SER G 75 -26.32 23.33 31.82
CA SER G 75 -25.42 23.50 30.67
C SER G 75 -25.62 22.37 29.64
N ASP G 76 -26.50 21.40 29.92
CA ASP G 76 -26.77 20.30 28.97
C ASP G 76 -27.53 20.86 27.76
N MET G 77 -27.01 20.59 26.57
CA MET G 77 -27.63 21.05 25.31
C MET G 77 -28.10 19.81 24.57
N TYR G 78 -28.96 20.02 23.58
CA TYR G 78 -29.58 18.91 22.82
C TYR G 78 -29.23 19.05 21.35
N LEU G 79 -29.00 17.89 20.73
CA LEU G 79 -28.69 17.80 19.29
C LEU G 79 -29.87 17.15 18.58
N VAL G 80 -30.44 17.88 17.63
CA VAL G 80 -31.56 17.35 16.81
C VAL G 80 -31.03 17.19 15.40
N PRO G 81 -30.94 15.95 14.88
CA PRO G 81 -30.48 15.74 13.50
C PRO G 81 -31.30 16.53 12.48
N ALA G 82 -30.60 17.15 11.53
CA ALA G 82 -31.21 18.02 10.52
C ALA G 82 -30.90 17.52 9.11
N ALA G 83 -29.69 17.06 8.84
CA ALA G 83 -29.30 16.53 7.52
C ALA G 83 -28.35 15.36 7.70
N MET G 84 -28.49 14.36 6.85
CA MET G 84 -27.65 13.14 6.87
C MET G 84 -26.81 13.10 5.61
N PHE G 85 -25.60 12.59 5.74
CA PHE G 85 -24.66 12.39 4.60
C PHE G 85 -23.90 11.09 4.82
N ARG G 86 -23.39 10.54 3.74
CA ARG G 86 -22.49 9.36 3.84
C ARG G 86 -21.14 9.81 4.43
N ASP G 87 -20.57 8.99 5.28
CA ASP G 87 -19.27 9.30 5.94
C ASP G 87 -18.12 8.94 5.01
N PRO G 88 -17.37 9.91 4.48
CA PRO G 88 -16.24 9.59 3.60
C PRO G 88 -14.98 9.12 4.34
N PHE G 89 -14.91 9.36 5.64
CA PHE G 89 -13.76 8.95 6.47
C PHE G 89 -13.94 7.51 6.94
N ARG G 90 -15.18 7.04 7.08
CA ARG G 90 -15.47 5.67 7.60
C ARG G 90 -16.16 4.83 6.52
N LYS G 91 -16.59 5.43 5.41
CA LYS G 91 -17.27 4.76 4.27
C LYS G 91 -18.66 4.25 4.71
N ASP G 92 -19.50 3.91 3.73
CA ASP G 92 -20.80 3.24 3.96
C ASP G 92 -20.60 2.03 4.86
N PRO G 93 -21.55 1.73 5.77
CA PRO G 93 -22.81 2.46 5.91
C PRO G 93 -22.80 3.58 6.96
N ASN G 94 -21.62 3.99 7.40
CA ASN G 94 -21.48 5.02 8.46
C ASN G 94 -21.94 6.38 7.91
N LYS G 95 -22.42 7.23 8.80
CA LYS G 95 -23.10 8.48 8.40
C LYS G 95 -22.48 9.69 9.08
N LEU G 96 -22.60 10.84 8.41
CA LEU G 96 -22.40 12.16 9.04
C LEU G 96 -23.76 12.75 9.32
N VAL G 97 -23.98 13.19 10.55
CA VAL G 97 -25.28 13.72 10.98
C VAL G 97 -25.11 15.16 11.42
N PHE G 98 -25.54 16.09 10.58
CA PHE G 98 -25.51 17.52 10.92
C PHE G 98 -26.74 17.86 11.75
N CYS G 99 -26.53 18.46 12.91
CA CYS G 99 -27.61 18.66 13.89
C CYS G 99 -27.79 20.14 14.22
N GLU G 100 -29.02 20.50 14.58
CA GLU G 100 -29.33 21.77 15.24
C GLU G 100 -29.09 21.64 16.74
N VAL G 101 -28.79 22.75 17.39
CA VAL G 101 -28.50 22.78 18.84
C VAL G 101 -29.68 23.46 19.55
N PHE G 102 -30.12 22.88 20.65
CA PHE G 102 -31.18 23.44 21.49
C PHE G 102 -30.72 23.48 22.94
N LYS G 103 -31.23 24.46 23.68
CA LYS G 103 -30.90 24.63 25.12
C LYS G 103 -31.63 23.56 25.93
N TYR G 104 -31.41 23.56 27.24
CA TYR G 104 -32.04 22.58 28.16
C TYR G 104 -33.57 22.69 28.11
N ASN G 105 -34.10 23.89 27.86
CA ASN G 105 -35.57 24.11 27.82
C ASN G 105 -36.10 24.01 26.40
N ARG G 106 -35.35 23.36 25.48
CA ARG G 106 -35.75 23.11 24.07
C ARG G 106 -35.87 24.40 23.26
N LYS G 107 -35.38 25.54 23.75
CA LYS G 107 -35.29 26.75 22.90
C LYS G 107 -34.04 26.66 22.04
N PRO G 108 -34.07 27.24 20.82
CA PRO G 108 -32.90 27.21 19.96
C PRO G 108 -31.68 27.88 20.61
N ALA G 109 -30.51 27.32 20.40
CA ALA G 109 -29.23 27.90 20.88
C ALA G 109 -28.94 29.20 20.13
N GLU G 110 -28.11 30.05 20.71
CA GLU G 110 -27.84 31.39 20.14
C GLU G 110 -27.21 31.27 18.77
N THR G 111 -26.35 30.30 18.55
CA THR G 111 -25.70 30.05 17.24
C THR G 111 -26.55 29.12 16.37
N ASN G 112 -27.73 28.73 16.83
CA ASN G 112 -28.69 27.97 15.99
C ASN G 112 -29.41 28.97 15.10
N LEU G 113 -28.87 29.22 13.91
CA LEU G 113 -29.54 30.12 12.93
C LEU G 113 -30.39 29.31 11.97
N ARG G 114 -30.22 27.99 11.91
CA ARG G 114 -30.98 27.16 10.94
C ARG G 114 -32.47 27.15 11.32
N HIS G 115 -32.79 27.20 12.60
CA HIS G 115 -34.18 27.08 13.08
C HIS G 115 -35.03 28.19 12.44
N THR G 116 -34.56 29.42 12.47
CA THR G 116 -35.28 30.56 11.86
C THR G 116 -35.13 30.49 10.35
N CYS G 117 -33.95 30.14 9.86
CA CYS G 117 -33.68 30.10 8.40
C CYS G 117 -34.65 29.13 7.71
N LYS G 118 -34.89 27.96 8.32
CA LYS G 118 -35.81 26.96 7.73
C LYS G 118 -37.22 27.56 7.66
N ARG G 119 -37.66 28.26 8.69
CA ARG G 119 -39.03 28.85 8.70
C ARG G 119 -39.15 29.86 7.56
N ILE G 120 -38.12 30.67 7.34
CA ILE G 120 -38.14 31.68 6.26
C ILE G 120 -38.17 30.97 4.91
N MET G 121 -37.39 29.91 4.75
CA MET G 121 -37.33 29.17 3.46
C MET G 121 -38.70 28.53 3.18
N ASP G 122 -39.37 27.98 4.20
CA ASP G 122 -40.70 27.37 4.02
C ASP G 122 -41.71 28.42 3.57
N MET G 123 -41.52 29.67 3.98
CA MET G 123 -42.44 30.77 3.64
C MET G 123 -42.40 31.06 2.13
N VAL G 124 -41.23 30.96 1.51
CA VAL G 124 -41.05 31.32 0.09
C VAL G 124 -40.80 30.07 -0.74
N SER G 125 -41.27 28.90 -0.29
CA SER G 125 -40.95 27.62 -0.94
C SER G 125 -41.40 27.61 -2.41
N ASN G 126 -42.56 28.19 -2.72
CA ASN G 126 -43.12 28.16 -4.09
C ASN G 126 -42.21 28.92 -5.07
N GLN G 127 -41.52 29.95 -4.60
CA GLN G 127 -40.62 30.75 -5.47
C GLN G 127 -39.31 29.99 -5.73
N ARG G 128 -39.04 28.91 -4.99
CA ARG G 128 -37.90 27.98 -5.21
C ARG G 128 -36.58 28.74 -5.26
N PRO G 129 -36.11 29.32 -4.15
CA PRO G 129 -34.85 30.04 -4.15
C PRO G 129 -33.65 29.08 -4.25
N TRP G 130 -32.77 29.36 -5.20
CA TRP G 130 -31.53 28.58 -5.40
C TRP G 130 -30.34 29.39 -4.96
N PHE G 131 -29.39 28.73 -4.32
CA PHE G 131 -28.16 29.40 -3.83
C PHE G 131 -26.94 28.68 -4.33
N GLY G 132 -25.86 29.42 -4.45
CA GLY G 132 -24.52 28.85 -4.65
C GLY G 132 -23.50 29.66 -3.91
N MET G 133 -22.56 28.99 -3.25
CA MET G 133 -21.52 29.71 -2.48
C MET G 133 -20.13 29.28 -2.92
N GLU G 134 -19.27 30.26 -3.18
CA GLU G 134 -17.84 30.00 -3.49
C GLU G 134 -17.04 30.17 -2.19
N GLN G 135 -16.76 29.06 -1.53
CA GLN G 135 -16.06 29.08 -0.22
C GLN G 135 -14.56 29.16 -0.50
N GLU G 136 -13.97 30.31 -0.20
CA GLU G 136 -12.50 30.44 -0.25
C GLU G 136 -11.93 30.12 1.13
N TYR G 137 -10.76 29.51 1.15
CA TYR G 137 -10.08 29.15 2.40
C TYR G 137 -8.58 29.17 2.13
N THR G 138 -7.83 29.27 3.22
CA THR G 138 -6.37 29.25 3.18
C THR G 138 -5.88 28.08 4.02
N LEU G 139 -4.98 27.31 3.43
CA LEU G 139 -4.28 26.24 4.16
C LEU G 139 -3.17 26.89 4.99
N MET G 140 -3.06 26.49 6.25
CA MET G 140 -2.04 27.01 7.16
C MET G 140 -1.34 25.85 7.84
N GLY G 141 -0.05 26.01 8.07
CA GLY G 141 0.69 25.13 9.00
C GLY G 141 0.24 25.34 10.42
N THR G 142 0.66 24.46 11.32
CA THR G 142 0.27 24.56 12.76
C THR G 142 0.91 25.79 13.40
N ASP G 143 1.89 26.42 12.75
CA ASP G 143 2.58 27.62 13.28
C ASP G 143 1.81 28.91 12.99
N GLY G 144 0.70 28.86 12.26
CA GLY G 144 -0.12 30.04 11.92
C GLY G 144 0.39 30.76 10.68
N HIS G 145 1.31 30.12 9.96
CA HIS G 145 1.83 30.66 8.67
C HIS G 145 1.24 29.81 7.55
N PRO G 146 0.92 30.38 6.37
CA PRO G 146 0.24 29.62 5.32
C PRO G 146 1.01 28.39 4.88
N PHE G 147 0.30 27.34 4.49
CA PHE G 147 0.98 26.07 4.08
C PHE G 147 1.83 26.30 2.83
N GLY G 148 3.10 25.88 2.85
CA GLY G 148 3.94 25.98 1.64
C GLY G 148 4.76 27.26 1.56
N TRP G 149 4.46 28.26 2.40
CA TRP G 149 5.17 29.56 2.29
C TRP G 149 6.56 29.43 2.90
N PRO G 150 7.60 30.20 2.49
CA PRO G 150 8.90 30.07 3.15
C PRO G 150 8.79 30.39 4.65
N SER G 151 9.60 29.70 5.44
CA SER G 151 9.67 29.88 6.90
C SER G 151 9.87 31.37 7.23
N ASN G 152 8.90 31.96 7.90
CA ASN G 152 8.91 33.37 8.36
C ASN G 152 9.03 34.31 7.17
N GLY G 153 8.55 33.93 6.00
CA GLY G 153 8.74 34.72 4.77
C GLY G 153 7.57 34.64 3.82
N PHE G 154 7.82 35.04 2.61
CA PHE G 154 6.77 35.17 1.58
C PHE G 154 7.22 34.53 0.30
N PRO G 155 6.27 33.96 -0.46
CA PRO G 155 6.56 33.54 -1.81
C PRO G 155 6.62 34.76 -2.71
N GLY G 156 6.84 34.52 -3.99
CA GLY G 156 6.85 35.58 -5.00
C GLY G 156 5.52 36.32 -5.01
N PRO G 157 5.47 37.51 -5.62
CA PRO G 157 4.23 38.28 -5.67
C PRO G 157 3.11 37.50 -6.38
N GLN G 158 1.87 37.87 -6.07
CA GLN G 158 0.66 37.26 -6.68
C GLN G 158 0.67 37.48 -8.20
N GLY G 159 0.08 36.54 -8.93
CA GLY G 159 -0.01 36.62 -10.39
C GLY G 159 0.01 35.23 -10.99
N PRO G 160 0.94 34.36 -10.58
CA PRO G 160 0.97 33.02 -11.14
C PRO G 160 0.19 31.93 -10.37
N TYR G 161 -0.40 32.27 -9.22
CA TYR G 161 -0.94 31.23 -8.32
C TYR G 161 -2.39 30.91 -8.65
N TYR G 162 -3.14 31.89 -9.09
CA TYR G 162 -4.55 31.72 -9.43
C TYR G 162 -4.68 30.63 -10.53
N CYS G 163 -5.34 29.54 -10.19
CA CYS G 163 -5.56 28.38 -11.10
C CYS G 163 -4.20 27.82 -11.54
N GLY G 164 -3.18 27.91 -10.70
CA GLY G 164 -1.82 27.53 -11.08
C GLY G 164 -1.60 26.04 -10.99
N VAL G 165 -0.64 25.57 -11.75
CA VAL G 165 -0.23 24.15 -11.71
C VAL G 165 1.30 24.13 -11.64
N GLY G 166 1.82 23.18 -10.87
CA GLY G 166 3.27 23.08 -10.67
C GLY G 166 3.62 23.26 -9.22
N ALA G 167 4.80 22.77 -8.82
CA ALA G 167 5.21 22.73 -7.41
C ALA G 167 5.39 24.16 -6.87
N ASP G 168 5.69 25.11 -7.72
CA ASP G 168 5.90 26.52 -7.31
C ASP G 168 4.63 27.36 -7.44
N LYS G 169 3.52 26.79 -7.89
CA LYS G 169 2.27 27.57 -8.12
C LYS G 169 1.15 27.14 -7.16
N ALA G 170 0.91 25.85 -6.99
CA ALA G 170 -0.22 25.33 -6.18
C ALA G 170 0.33 24.70 -4.92
N TYR G 171 -0.13 25.12 -3.76
CA TYR G 171 0.32 24.57 -2.46
C TYR G 171 -0.81 23.76 -1.83
N GLY G 172 -0.54 22.48 -1.55
CA GLY G 172 -1.48 21.58 -0.84
C GLY G 172 -2.66 21.20 -1.70
N ARG G 173 -2.46 20.88 -2.99
CA ARG G 173 -3.54 20.35 -3.86
C ARG G 173 -4.00 18.95 -3.39
N ASP G 174 -3.16 18.18 -2.71
CA ASP G 174 -3.56 16.85 -2.20
C ASP G 174 -4.80 17.01 -1.32
N ILE G 175 -4.84 18.05 -0.50
CA ILE G 175 -5.97 18.32 0.40
C ILE G 175 -7.19 18.66 -0.44
N VAL G 176 -7.00 19.43 -1.47
CA VAL G 176 -8.11 19.90 -2.34
C VAL G 176 -8.72 18.70 -3.04
N GLU G 177 -7.90 17.83 -3.60
CA GLU G 177 -8.39 16.63 -4.32
C GLU G 177 -9.14 15.72 -3.34
N ALA G 178 -8.59 15.51 -2.14
CA ALA G 178 -9.18 14.59 -1.15
C ALA G 178 -10.53 15.16 -0.71
N HIS G 179 -10.58 16.47 -0.45
CA HIS G 179 -11.83 17.13 -0.01
C HIS G 179 -12.90 17.02 -1.08
N TYR G 180 -12.56 17.31 -2.33
CA TYR G 180 -13.48 17.27 -3.50
C TYR G 180 -14.11 15.89 -3.57
N ARG G 181 -13.29 14.84 -3.54
CA ARG G 181 -13.78 13.44 -3.62
C ARG G 181 -14.60 13.13 -2.38
N ALA G 182 -14.09 13.53 -1.22
CA ALA G 182 -14.80 13.23 0.03
C ALA G 182 -16.20 13.86 -0.02
N CYS G 183 -16.32 15.08 -0.51
CA CYS G 183 -17.62 15.74 -0.65
C CYS G 183 -18.50 15.02 -1.67
N LEU G 184 -17.95 14.60 -2.80
CA LEU G 184 -18.75 13.90 -3.84
C LEU G 184 -19.27 12.59 -3.23
N TYR G 185 -18.42 11.84 -2.52
CA TYR G 185 -18.83 10.57 -1.89
C TYR G 185 -19.93 10.85 -0.87
N ALA G 186 -19.78 11.90 -0.05
CA ALA G 186 -20.71 12.20 1.04
C ALA G 186 -22.10 12.61 0.49
N GLY G 187 -22.19 13.04 -0.76
CA GLY G 187 -23.43 13.59 -1.32
C GLY G 187 -23.51 15.10 -1.16
N ILE G 188 -22.39 15.78 -0.96
CA ILE G 188 -22.36 17.27 -0.96
C ILE G 188 -22.41 17.76 -2.41
N LYS G 189 -23.19 18.82 -2.63
CA LYS G 189 -23.38 19.42 -3.98
C LYS G 189 -22.19 20.34 -4.28
N ILE G 190 -21.03 19.75 -4.47
CA ILE G 190 -19.79 20.52 -4.76
C ILE G 190 -19.63 20.66 -6.27
N GLY G 191 -19.53 21.91 -6.74
CA GLY G 191 -19.63 22.23 -8.16
C GLY G 191 -18.27 22.40 -8.81
N GLY G 192 -17.21 22.52 -8.03
CA GLY G 192 -15.87 22.71 -8.60
C GLY G 192 -14.92 23.34 -7.62
N THR G 193 -13.66 23.42 -8.03
CA THR G 193 -12.57 23.95 -7.20
C THR G 193 -11.64 24.75 -8.08
N ASN G 194 -10.89 25.65 -7.47
CA ASN G 194 -9.77 26.32 -8.16
C ASN G 194 -8.75 26.77 -7.12
N ALA G 195 -7.52 26.94 -7.57
CA ALA G 195 -6.45 27.61 -6.81
C ALA G 195 -6.72 29.13 -6.88
N GLU G 196 -6.60 29.78 -5.74
CA GLU G 196 -6.88 31.21 -5.61
C GLU G 196 -5.61 32.02 -5.85
N VAL G 197 -5.77 33.34 -5.85
CA VAL G 197 -4.68 34.28 -6.25
C VAL G 197 -3.58 34.19 -5.19
N MET G 198 -3.95 34.15 -3.93
CA MET G 198 -2.99 33.94 -2.83
C MET G 198 -2.52 32.49 -2.93
N PRO G 199 -1.21 32.22 -2.92
CA PRO G 199 -0.72 30.85 -2.85
C PRO G 199 -1.12 30.20 -1.53
N ALA G 200 -1.40 28.90 -1.56
CA ALA G 200 -1.97 28.09 -0.46
C ALA G 200 -3.44 28.46 -0.18
N GLN G 201 -4.00 29.39 -0.94
CA GLN G 201 -5.44 29.73 -0.85
C GLN G 201 -6.20 28.96 -1.93
N TRP G 202 -7.38 28.45 -1.59
CA TRP G 202 -8.18 27.62 -2.51
C TRP G 202 -9.64 28.01 -2.37
N GLU G 203 -10.44 27.42 -3.22
CA GLU G 203 -11.90 27.67 -3.21
C GLU G 203 -12.61 26.41 -3.72
N PHE G 204 -13.75 26.12 -3.12
CA PHE G 204 -14.70 25.13 -3.67
C PHE G 204 -16.06 25.79 -3.78
N GLN G 205 -16.82 25.41 -4.79
CA GLN G 205 -18.18 25.93 -5.03
C GLN G 205 -19.18 24.89 -4.51
N ILE G 206 -20.16 25.35 -3.77
CA ILE G 206 -21.28 24.50 -3.27
C ILE G 206 -22.55 25.02 -3.91
N GLY G 207 -23.25 24.15 -4.64
CA GLY G 207 -24.54 24.53 -5.23
C GLY G 207 -24.70 24.03 -6.65
N PRO G 208 -25.86 24.27 -7.30
CA PRO G 208 -26.97 24.99 -6.70
C PRO G 208 -27.74 24.19 -5.64
N CYS G 209 -28.11 24.86 -4.56
CA CYS G 209 -28.88 24.25 -3.45
C CYS G 209 -30.16 25.05 -3.27
N GLU G 210 -31.23 24.35 -2.95
CA GLU G 210 -32.55 24.99 -2.77
C GLU G 210 -32.80 25.20 -1.28
N GLY G 211 -33.12 26.44 -0.92
CA GLY G 211 -33.60 26.81 0.41
C GLY G 211 -32.62 26.42 1.50
N ILE G 212 -33.07 25.65 2.48
CA ILE G 212 -32.26 25.32 3.67
C ILE G 212 -31.10 24.38 3.30
N ASP G 213 -31.11 23.77 2.12
CA ASP G 213 -30.02 22.85 1.73
C ASP G 213 -28.69 23.59 1.56
N MET G 214 -28.71 24.89 1.34
CA MET G 214 -27.45 25.64 1.10
C MET G 214 -26.62 25.63 2.38
N GLY G 215 -27.22 25.93 3.52
CA GLY G 215 -26.51 25.97 4.80
C GLY G 215 -26.03 24.58 5.21
N ASP G 216 -26.85 23.56 5.02
CA ASP G 216 -26.47 22.19 5.41
C ASP G 216 -25.27 21.73 4.58
N HIS G 217 -25.32 21.91 3.28
CA HIS G 217 -24.24 21.43 2.37
C HIS G 217 -22.93 22.18 2.66
N LEU G 218 -23.00 23.50 2.87
CA LEU G 218 -21.77 24.28 3.08
C LEU G 218 -21.17 23.93 4.44
N TRP G 219 -22.00 23.85 5.47
CA TRP G 219 -21.48 23.56 6.83
C TRP G 219 -20.81 22.20 6.85
N VAL G 220 -21.42 21.21 6.20
CA VAL G 220 -20.86 19.84 6.19
C VAL G 220 -19.62 19.84 5.30
N ALA G 221 -19.64 20.55 4.19
CA ALA G 221 -18.44 20.71 3.34
C ALA G 221 -17.29 21.33 4.15
N ARG G 222 -17.57 22.33 4.97
CA ARG G 222 -16.56 22.90 5.88
C ARG G 222 -16.06 21.84 6.85
N PHE G 223 -16.97 21.05 7.44
CA PHE G 223 -16.56 20.00 8.40
C PHE G 223 -15.63 19.00 7.71
N ILE G 224 -15.99 18.58 6.50
CA ILE G 224 -15.17 17.57 5.78
C ILE G 224 -13.80 18.16 5.49
N LEU G 225 -13.75 19.44 5.10
CA LEU G 225 -12.45 20.09 4.83
C LEU G 225 -11.60 20.08 6.12
N HIS G 226 -12.17 20.47 7.25
CA HIS G 226 -11.44 20.46 8.54
C HIS G 226 -10.97 19.04 8.84
N ARG G 227 -11.84 18.06 8.65
CA ARG G 227 -11.48 16.65 8.97
C ARG G 227 -10.42 16.14 7.99
N VAL G 228 -10.54 16.45 6.73
CA VAL G 228 -9.52 16.07 5.72
C VAL G 228 -8.18 16.78 6.05
N CYS G 229 -8.22 18.07 6.38
CA CYS G 229 -6.99 18.83 6.71
C CYS G 229 -6.38 18.23 7.98
N GLU G 230 -7.21 17.81 8.93
CA GLU G 230 -6.71 17.18 10.18
C GLU G 230 -5.92 15.91 9.82
N ASP G 231 -6.35 15.15 8.82
CA ASP G 231 -5.63 13.93 8.40
C ASP G 231 -4.23 14.30 7.87
N PHE G 232 -4.15 15.34 7.08
CA PHE G 232 -2.87 15.80 6.50
C PHE G 232 -2.04 16.59 7.50
N GLY G 233 -2.62 17.00 8.63
CA GLY G 233 -1.91 17.73 9.69
C GLY G 233 -1.74 19.20 9.40
N VAL G 234 -2.63 19.79 8.60
CA VAL G 234 -2.64 21.24 8.34
C VAL G 234 -3.99 21.81 8.77
N ILE G 235 -4.10 23.12 8.79
CA ILE G 235 -5.32 23.85 9.23
C ILE G 235 -5.93 24.54 8.03
N ALA G 236 -7.24 24.41 7.89
CA ALA G 236 -8.03 25.21 6.94
C ALA G 236 -8.61 26.38 7.72
N THR G 237 -8.26 27.59 7.34
CA THR G 237 -8.81 28.81 7.96
C THR G 237 -9.80 29.46 7.00
N PHE G 238 -10.88 29.96 7.52
CA PHE G 238 -11.87 30.76 6.78
C PHE G 238 -11.74 32.22 7.20
N ASP G 239 -10.59 32.61 7.75
CA ASP G 239 -10.34 34.03 8.11
C ASP G 239 -10.44 34.85 6.85
N PRO G 240 -11.23 35.96 6.85
CA PRO G 240 -11.38 36.76 5.64
C PRO G 240 -10.09 37.44 5.17
N LYS G 241 -9.09 37.56 6.04
CA LYS G 241 -7.80 38.17 5.67
C LYS G 241 -6.68 37.51 6.45
N PRO G 242 -6.28 36.28 6.08
CA PRO G 242 -5.28 35.55 6.85
C PRO G 242 -3.94 36.29 6.95
N ILE G 243 -3.51 36.96 5.87
CA ILE G 243 -2.19 37.64 5.81
C ILE G 243 -2.41 39.09 5.46
N PRO G 244 -1.93 40.05 6.27
CA PRO G 244 -2.05 41.47 5.94
C PRO G 244 -1.19 41.85 4.74
N GLY G 245 -1.62 42.88 4.02
CA GLY G 245 -0.82 43.50 2.94
C GLY G 245 -1.40 43.21 1.57
N ASN G 246 -0.55 42.96 0.58
CA ASN G 246 -0.99 42.70 -0.81
C ASN G 246 -1.19 41.21 -0.99
N TRP G 247 -1.96 40.61 -0.11
CA TRP G 247 -2.36 39.18 -0.22
C TRP G 247 -3.88 39.12 -0.12
N ASN G 248 -4.48 38.40 -1.07
CA ASN G 248 -5.96 38.40 -1.24
C ASN G 248 -6.67 37.89 0.00
N GLY G 249 -7.79 38.52 0.33
CA GLY G 249 -8.74 38.02 1.33
C GLY G 249 -9.48 36.79 0.82
N ALA G 250 -10.20 36.14 1.71
CA ALA G 250 -11.08 35.01 1.37
C ALA G 250 -12.53 35.47 1.58
N GLY G 251 -13.34 35.38 0.53
CA GLY G 251 -14.77 35.64 0.62
C GLY G 251 -15.60 34.39 0.36
N CYS G 252 -16.90 34.52 0.58
CA CYS G 252 -17.88 33.48 0.24
C CYS G 252 -18.93 34.12 -0.65
N HIS G 253 -18.64 34.22 -1.93
CA HIS G 253 -19.55 34.85 -2.90
C HIS G 253 -20.81 34.00 -3.04
N THR G 254 -21.96 34.62 -2.88
CA THR G 254 -23.25 33.92 -2.88
C THR G 254 -24.01 34.26 -4.16
N ASN G 255 -24.37 33.23 -4.91
CA ASN G 255 -25.25 33.36 -6.09
C ASN G 255 -26.69 33.11 -5.66
N PHE G 256 -27.61 33.94 -6.13
CA PHE G 256 -29.03 33.86 -5.73
C PHE G 256 -29.90 33.99 -6.98
N SER G 257 -30.90 33.13 -7.08
CA SER G 257 -31.93 33.21 -8.14
C SER G 257 -33.23 32.60 -7.60
N THR G 258 -34.34 33.08 -8.11
CA THR G 258 -35.67 32.49 -7.85
C THR G 258 -36.20 31.88 -9.14
N LYS G 259 -37.38 31.28 -9.05
CA LYS G 259 -38.06 30.72 -10.25
C LYS G 259 -38.31 31.86 -11.25
N ALA G 260 -38.71 33.03 -10.77
CA ALA G 260 -38.97 34.20 -11.63
C ALA G 260 -37.67 34.63 -12.33
N MET G 261 -36.57 34.69 -11.60
CA MET G 261 -35.29 35.18 -12.16
C MET G 261 -34.76 34.17 -13.19
N ARG G 262 -35.00 32.88 -12.99
CA ARG G 262 -34.47 31.86 -13.93
C ARG G 262 -35.29 31.84 -15.22
N GLU G 263 -36.57 32.20 -15.15
CA GLU G 263 -37.46 32.16 -16.34
C GLU G 263 -37.05 33.24 -17.34
N GLU G 264 -37.56 33.11 -18.56
CA GLU G 264 -37.27 34.06 -19.66
C GLU G 264 -37.60 35.49 -19.21
N ASN G 265 -36.72 36.42 -19.56
CA ASN G 265 -36.84 37.85 -19.17
C ASN G 265 -36.88 37.96 -17.64
N GLY G 266 -36.11 37.12 -16.96
CA GLY G 266 -35.99 37.17 -15.49
C GLY G 266 -35.03 38.24 -15.01
N LEU G 267 -34.39 38.98 -15.92
CA LEU G 267 -33.46 40.05 -15.52
C LEU G 267 -34.20 41.15 -14.76
N LYS G 268 -35.44 41.46 -15.14
CA LYS G 268 -36.23 42.51 -14.46
C LYS G 268 -36.39 42.15 -12.98
N TYR G 269 -36.62 40.89 -12.66
CA TYR G 269 -36.75 40.44 -11.26
C TYR G 269 -35.37 40.48 -10.60
N ILE G 270 -34.31 40.22 -11.35
CA ILE G 270 -32.92 40.31 -10.80
C ILE G 270 -32.66 41.76 -10.40
N GLU G 271 -32.98 42.70 -11.29
CA GLU G 271 -32.74 44.15 -11.03
C GLU G 271 -33.60 44.60 -9.84
N GLU G 272 -34.85 44.14 -9.75
CA GLU G 272 -35.73 44.51 -8.62
C GLU G 272 -35.14 44.01 -7.30
N ALA G 273 -34.58 42.80 -7.28
CA ALA G 273 -33.97 42.24 -6.06
C ALA G 273 -32.74 43.09 -5.68
N ILE G 274 -31.96 43.51 -6.66
CA ILE G 274 -30.68 44.22 -6.39
C ILE G 274 -30.99 45.62 -5.84
N GLU G 275 -31.97 46.31 -6.40
CA GLU G 275 -32.33 47.66 -5.91
C GLU G 275 -32.90 47.57 -4.50
N LYS G 276 -33.59 46.48 -4.18
CA LYS G 276 -34.00 46.22 -2.78
C LYS G 276 -32.76 46.02 -1.89
N LEU G 277 -31.76 45.30 -2.40
CA LEU G 277 -30.49 45.09 -1.64
C LEU G 277 -29.76 46.41 -1.48
N SER G 278 -29.91 47.33 -2.45
CA SER G 278 -29.22 48.64 -2.43
C SER G 278 -29.59 49.41 -1.17
N LYS G 279 -30.81 49.24 -0.68
CA LYS G 279 -31.33 50.03 0.47
C LYS G 279 -31.04 49.35 1.80
N ARG G 280 -30.44 48.16 1.82
CA ARG G 280 -30.20 47.44 3.10
C ARG G 280 -28.75 46.97 3.19
N HIS G 281 -27.79 47.77 2.71
CA HIS G 281 -26.37 47.37 2.70
C HIS G 281 -25.86 47.12 4.13
N GLN G 282 -26.22 47.98 5.06
CA GLN G 282 -25.73 47.86 6.46
C GLN G 282 -26.33 46.62 7.13
N TYR G 283 -27.59 46.33 6.87
CA TYR G 283 -28.27 45.16 7.49
C TYR G 283 -27.56 43.87 7.03
N HIS G 284 -27.17 43.81 5.76
CA HIS G 284 -26.54 42.59 5.19
C HIS G 284 -25.10 42.46 5.68
N ILE G 285 -24.39 43.57 5.82
CA ILE G 285 -22.97 43.53 6.29
C ILE G 285 -22.95 42.93 7.71
N ARG G 286 -23.89 43.32 8.57
CA ARG G 286 -23.97 42.76 9.94
C ARG G 286 -24.23 41.26 9.88
N ALA G 287 -25.11 40.81 8.99
CA ALA G 287 -25.50 39.38 8.90
C ALA G 287 -24.38 38.56 8.24
N TYR G 288 -23.55 39.18 7.40
CA TYR G 288 -22.56 38.45 6.56
C TYR G 288 -21.30 38.11 7.34
N ASP G 289 -21.33 38.24 8.67
CA ASP G 289 -20.10 38.02 9.46
C ASP G 289 -20.50 37.55 10.84
N PRO G 290 -19.81 36.54 11.41
CA PRO G 290 -20.19 35.98 12.70
C PRO G 290 -20.09 36.97 13.87
N LYS G 291 -19.27 38.01 13.74
CA LYS G 291 -19.09 39.00 14.83
C LYS G 291 -19.51 40.40 14.38
N GLY G 292 -20.54 40.48 13.53
CA GLY G 292 -21.22 41.75 13.21
C GLY G 292 -20.56 42.54 12.08
N GLY G 293 -19.50 42.04 11.46
CA GLY G 293 -18.88 42.70 10.29
C GLY G 293 -17.49 43.25 10.58
N LEU G 294 -16.88 42.93 11.72
CA LEU G 294 -15.52 43.45 12.04
C LEU G 294 -14.47 42.65 11.23
N ASP G 295 -14.63 41.33 11.13
CA ASP G 295 -13.68 40.50 10.37
C ASP G 295 -13.67 40.91 8.90
N ASN G 296 -14.85 41.12 8.33
CA ASN G 296 -14.98 41.46 6.90
C ASN G 296 -14.46 42.88 6.62
N ALA G 297 -14.26 43.70 7.65
CA ALA G 297 -13.69 45.06 7.47
C ALA G 297 -12.25 44.94 6.97
N ARG G 298 -11.52 43.92 7.42
CA ARG G 298 -10.13 43.69 6.98
C ARG G 298 -10.11 43.25 5.50
N ARG G 299 -11.19 42.63 5.01
CA ARG G 299 -11.20 42.13 3.61
C ARG G 299 -11.81 43.18 2.67
N LEU G 300 -12.96 43.75 3.04
CA LEU G 300 -13.71 44.67 2.14
C LEU G 300 -13.04 46.04 2.18
N THR G 301 -11.91 46.16 1.50
CA THR G 301 -11.14 47.43 1.41
C THR G 301 -11.28 48.07 0.03
N GLY G 302 -11.88 47.39 -0.94
CA GLY G 302 -12.06 47.94 -2.30
C GLY G 302 -10.79 47.91 -3.13
N PHE G 303 -9.80 47.10 -2.77
CA PHE G 303 -8.48 47.09 -3.47
C PHE G 303 -8.26 45.78 -4.23
N HIS G 304 -8.20 44.65 -3.48
CA HIS G 304 -7.88 43.32 -4.07
C HIS G 304 -9.15 42.63 -4.59
N GLU G 305 -9.68 43.11 -5.70
CA GLU G 305 -10.93 42.55 -6.32
C GLU G 305 -12.07 42.55 -5.30
N THR G 306 -12.04 43.42 -4.29
CA THR G 306 -13.11 43.53 -3.29
C THR G 306 -13.84 44.84 -3.47
N SER G 307 -14.97 44.98 -2.80
CA SER G 307 -15.73 46.24 -2.73
C SER G 307 -15.42 46.93 -1.39
N ASN G 308 -15.99 48.11 -1.19
CA ASN G 308 -15.83 48.86 0.07
C ASN G 308 -16.94 48.44 1.02
N ILE G 309 -16.61 48.22 2.28
CA ILE G 309 -17.60 47.78 3.30
C ILE G 309 -18.61 48.90 3.56
N ASN G 310 -18.20 50.16 3.40
CA ASN G 310 -19.08 51.32 3.73
C ASN G 310 -19.95 51.73 2.53
N ASP G 311 -19.68 51.24 1.33
CA ASP G 311 -20.39 51.72 0.12
C ASP G 311 -20.94 50.52 -0.66
N PHE G 312 -22.17 50.66 -1.12
CA PHE G 312 -22.86 49.64 -1.94
C PHE G 312 -22.74 50.01 -3.41
N SER G 313 -22.51 49.02 -4.25
CA SER G 313 -22.45 49.20 -5.72
C SER G 313 -22.86 47.91 -6.42
N ALA G 314 -23.51 48.05 -7.56
CA ALA G 314 -23.95 46.90 -8.38
C ALA G 314 -23.69 47.23 -9.85
N GLY G 315 -23.46 46.19 -10.64
CA GLY G 315 -23.26 46.36 -12.09
C GLY G 315 -23.07 45.04 -12.77
N VAL G 316 -23.19 45.06 -14.09
CA VAL G 316 -22.96 43.88 -14.94
C VAL G 316 -21.44 43.69 -15.10
N ALA G 317 -20.97 42.49 -14.80
CA ALA G 317 -19.53 42.10 -14.96
C ALA G 317 -18.65 43.07 -14.16
N ASN G 318 -19.11 43.47 -12.97
CA ASN G 318 -18.34 44.38 -12.09
C ASN G 318 -17.74 43.55 -10.96
N ARG G 319 -16.46 43.22 -11.06
CA ARG G 319 -15.76 42.42 -10.01
C ARG G 319 -15.65 43.24 -8.71
N GLY G 320 -15.46 44.55 -8.84
CA GLY G 320 -15.28 45.46 -7.68
C GLY G 320 -16.60 45.87 -7.03
N ALA G 321 -17.74 45.46 -7.58
CA ALA G 321 -19.05 45.87 -7.03
C ALA G 321 -19.44 44.96 -5.86
N SER G 322 -20.33 45.45 -5.02
CA SER G 322 -20.95 44.67 -3.93
C SER G 322 -21.80 43.54 -4.54
N ILE G 323 -22.52 43.84 -5.61
CA ILE G 323 -23.39 42.86 -6.31
C ILE G 323 -22.97 42.84 -7.77
N ARG G 324 -22.80 41.66 -8.33
CA ARG G 324 -22.39 41.50 -9.74
C ARG G 324 -23.47 40.72 -10.46
N ILE G 325 -23.89 41.25 -11.61
CA ILE G 325 -24.72 40.49 -12.57
C ILE G 325 -23.76 39.93 -13.60
N PRO G 326 -23.69 38.60 -13.78
CA PRO G 326 -22.80 38.03 -14.78
C PRO G 326 -23.13 38.52 -16.19
N ARG G 327 -22.11 38.63 -17.03
CA ARG G 327 -22.24 39.17 -18.40
C ARG G 327 -23.23 38.29 -19.19
N THR G 328 -23.13 36.97 -19.04
CA THR G 328 -24.04 36.04 -19.74
C THR G 328 -25.47 36.26 -19.26
N VAL G 329 -25.66 36.48 -17.97
CA VAL G 329 -27.02 36.70 -17.41
C VAL G 329 -27.61 37.97 -18.01
N GLY G 330 -26.80 39.02 -18.14
CA GLY G 330 -27.23 40.26 -18.82
C GLY G 330 -27.64 40.00 -20.27
N GLN G 331 -26.87 39.19 -20.97
CA GLN G 331 -27.12 38.90 -22.41
C GLN G 331 -28.38 38.03 -22.55
N GLU G 332 -28.49 36.97 -21.75
CA GLU G 332 -29.63 36.03 -21.82
C GLU G 332 -30.87 36.65 -21.15
N LYS G 333 -30.72 37.76 -20.43
CA LYS G 333 -31.84 38.46 -19.75
C LYS G 333 -32.49 37.55 -18.69
N LYS G 334 -31.74 36.58 -18.18
CA LYS G 334 -32.25 35.68 -17.12
C LYS G 334 -31.09 34.99 -16.41
N GLY G 335 -31.36 34.45 -15.24
CA GLY G 335 -30.39 33.65 -14.47
C GLY G 335 -30.29 34.08 -13.02
N TYR G 336 -29.11 34.45 -12.57
CA TYR G 336 -28.82 34.69 -11.14
C TYR G 336 -28.01 35.97 -11.00
N PHE G 337 -27.80 36.39 -9.77
CA PHE G 337 -26.84 37.46 -9.45
C PHE G 337 -25.96 37.00 -8.29
N GLU G 338 -24.78 37.58 -8.22
CA GLU G 338 -23.75 37.18 -7.23
C GLU G 338 -23.61 38.28 -6.19
N ASP G 339 -23.83 37.93 -4.93
CA ASP G 339 -23.48 38.80 -3.80
C ASP G 339 -22.05 38.51 -3.39
N ARG G 340 -21.15 39.47 -3.62
CA ARG G 340 -19.70 39.28 -3.34
C ARG G 340 -19.32 39.80 -1.95
N ARG G 341 -20.27 40.31 -1.18
CA ARG G 341 -20.00 40.88 0.15
C ARG G 341 -19.63 39.83 1.19
N PRO G 342 -20.31 38.66 1.28
CA PRO G 342 -20.12 37.78 2.44
C PRO G 342 -18.66 37.32 2.63
N SER G 343 -18.23 37.32 3.88
CA SER G 343 -16.88 36.90 4.32
C SER G 343 -16.76 35.37 4.22
N ALA G 344 -15.54 34.87 4.18
CA ALA G 344 -15.29 33.42 4.08
C ALA G 344 -15.78 32.70 5.34
N ASN G 345 -15.77 33.36 6.50
CA ASN G 345 -16.22 32.75 7.77
C ASN G 345 -17.67 33.10 8.07
N CYS G 346 -18.46 33.45 7.06
CA CYS G 346 -19.90 33.74 7.25
C CYS G 346 -20.68 32.46 7.58
N ASP G 347 -21.79 32.62 8.26
CA ASP G 347 -22.77 31.54 8.45
C ASP G 347 -23.71 31.53 7.26
N PRO G 348 -23.75 30.45 6.46
CA PRO G 348 -24.67 30.42 5.31
C PRO G 348 -26.15 30.56 5.70
N PHE G 349 -26.56 30.09 6.88
CA PHE G 349 -27.96 30.26 7.35
C PHE G 349 -28.28 31.74 7.48
N ALA G 350 -27.36 32.54 8.02
CA ALA G 350 -27.54 34.01 8.15
C ALA G 350 -27.57 34.65 6.77
N VAL G 351 -26.69 34.22 5.88
CA VAL G 351 -26.56 34.86 4.54
C VAL G 351 -27.82 34.59 3.72
N THR G 352 -28.25 33.34 3.65
CA THR G 352 -29.42 32.96 2.82
C THR G 352 -30.69 33.60 3.38
N GLU G 353 -30.82 33.63 4.70
CA GLU G 353 -32.02 34.22 5.35
C GLU G 353 -32.08 35.72 5.02
N ALA G 354 -30.95 36.42 5.08
CA ALA G 354 -30.93 37.88 4.80
C ALA G 354 -31.33 38.13 3.35
N LEU G 355 -30.86 37.31 2.42
CA LEU G 355 -31.21 37.50 0.99
C LEU G 355 -32.71 37.29 0.79
N ILE G 356 -33.29 36.28 1.41
CA ILE G 356 -34.74 36.01 1.24
C ILE G 356 -35.54 37.15 1.89
N ARG G 357 -35.15 37.59 3.07
CA ARG G 357 -35.92 38.64 3.80
C ARG G 357 -35.94 39.93 2.98
N THR G 358 -34.79 40.36 2.48
CA THR G 358 -34.69 41.65 1.76
C THR G 358 -35.36 41.53 0.38
N CYS G 359 -35.03 40.48 -0.37
CA CYS G 359 -35.38 40.40 -1.82
C CYS G 359 -36.78 39.83 -2.01
N LEU G 360 -37.21 38.88 -1.18
CA LEU G 360 -38.48 38.13 -1.42
C LEU G 360 -39.56 38.53 -0.44
N LEU G 361 -39.24 38.78 0.82
CA LEU G 361 -40.27 39.17 1.83
C LEU G 361 -40.33 40.70 1.95
N ASN G 362 -39.51 41.45 1.21
CA ASN G 362 -39.56 42.94 1.18
C ASN G 362 -39.46 43.50 2.60
N GLU G 363 -38.62 42.89 3.42
CA GLU G 363 -38.41 43.39 4.79
C GLU G 363 -37.54 44.65 4.75
N THR G 364 -37.80 45.56 5.67
CA THR G 364 -37.05 46.83 5.80
C THR G 364 -36.68 47.03 7.26
N GLY G 365 -35.89 48.08 7.52
CA GLY G 365 -35.46 48.44 8.88
C GLY G 365 -34.19 47.70 9.29
N ASP G 366 -33.84 47.82 10.56
CA ASP G 366 -32.53 47.35 11.08
C ASP G 366 -32.70 46.04 11.85
N GLU G 367 -33.93 45.53 11.98
CA GLU G 367 -34.15 44.27 12.72
C GLU G 367 -35.02 43.34 11.89
N PRO G 368 -34.76 42.03 11.96
CA PRO G 368 -35.58 41.05 11.24
C PRO G 368 -37.03 41.04 11.74
N PHE G 369 -37.96 40.88 10.82
CA PHE G 369 -39.41 40.80 11.14
C PHE G 369 -39.67 39.52 11.92
N GLN G 370 -40.58 39.60 12.88
CA GLN G 370 -40.99 38.42 13.68
C GLN G 370 -42.20 37.76 13.03
N TYR G 371 -42.16 36.44 12.90
CA TYR G 371 -43.26 35.58 12.43
C TYR G 371 -43.51 35.79 10.93
N LYS G 372 -42.79 36.73 10.30
CA LYS G 372 -42.87 36.92 8.83
C LYS G 372 -41.49 37.30 8.29
N ALA H 2 6.90 12.64 21.16
CA ALA H 2 7.90 11.73 20.54
C ALA H 2 7.39 10.29 20.61
N THR H 3 7.37 9.60 19.48
CA THR H 3 6.86 8.21 19.42
C THR H 3 8.00 7.23 19.62
N SER H 4 7.66 6.00 19.98
CA SER H 4 8.64 4.98 20.38
C SER H 4 9.51 4.52 19.19
N ALA H 5 10.64 3.91 19.48
CA ALA H 5 11.53 3.29 18.47
C ALA H 5 10.79 2.19 17.70
N SER H 6 9.93 1.40 18.37
CA SER H 6 9.19 0.31 17.69
C SER H 6 8.25 0.91 16.64
N SER H 7 7.69 2.08 16.89
CA SER H 7 6.74 2.71 15.93
C SER H 7 7.49 3.14 14.67
N HIS H 8 8.81 3.29 14.74
CA HIS H 8 9.61 3.74 13.57
C HIS H 8 10.06 2.56 12.71
N LEU H 9 9.83 1.33 13.15
CA LEU H 9 10.07 0.15 12.28
C LEU H 9 9.10 0.19 11.10
N ASN H 10 9.47 -0.21 9.89
CA ASN H 10 8.59 -0.15 8.67
C ASN H 10 7.29 -0.97 8.84
N LYS H 11 6.14 -0.32 8.91
CA LYS H 11 4.85 -1.03 9.11
C LYS H 11 4.54 -1.83 7.83
N GLY H 12 4.90 -1.29 6.67
CA GLY H 12 4.76 -2.00 5.40
C GLY H 12 5.27 -3.40 5.55
N ILE H 13 6.48 -3.59 6.09
CA ILE H 13 7.10 -4.94 6.20
C ILE H 13 6.18 -5.86 7.00
N LYS H 14 5.87 -5.51 8.22
CA LYS H 14 4.97 -6.33 9.08
C LYS H 14 3.72 -6.76 8.28
N GLN H 15 3.00 -5.83 7.66
CA GLN H 15 1.81 -6.13 6.84
C GLN H 15 2.14 -7.29 5.88
N VAL H 16 3.24 -7.22 5.16
CA VAL H 16 3.59 -8.25 4.15
C VAL H 16 3.57 -9.62 4.83
N TYR H 17 4.12 -9.75 6.05
CA TYR H 17 4.11 -11.03 6.79
C TYR H 17 2.69 -11.33 7.25
N MET H 18 1.93 -10.32 7.65
CA MET H 18 0.54 -10.53 8.11
C MET H 18 -0.38 -10.90 6.96
N ALA H 19 0.03 -10.67 5.71
CA ALA H 19 -0.74 -11.05 4.51
C ALA H 19 -0.54 -12.53 4.19
N LEU H 20 0.45 -13.20 4.78
CA LEU H 20 0.65 -14.64 4.53
C LEU H 20 -0.57 -15.39 5.06
N PRO H 21 -1.13 -16.35 4.33
CA PRO H 21 -2.14 -17.24 4.89
C PRO H 21 -1.55 -18.10 6.00
N GLN H 22 -2.17 -18.12 7.18
CA GLN H 22 -1.53 -18.78 8.35
C GLN H 22 -1.80 -20.28 8.34
N GLY H 23 -2.83 -20.74 7.64
CA GLY H 23 -3.14 -22.18 7.55
C GLY H 23 -4.05 -22.65 8.68
N ASP H 24 -3.90 -23.90 9.08
CA ASP H 24 -4.86 -24.57 9.98
C ASP H 24 -4.65 -24.13 11.44
N LYS H 25 -3.46 -23.69 11.81
CA LYS H 25 -3.20 -23.31 13.23
C LYS H 25 -3.85 -21.96 13.54
N VAL H 26 -4.26 -21.81 14.78
CA VAL H 26 -4.95 -20.60 15.27
C VAL H 26 -4.17 -20.03 16.46
N GLN H 27 -4.06 -18.71 16.50
CA GLN H 27 -3.41 -17.99 17.63
C GLN H 27 -4.46 -17.56 18.62
N ALA H 28 -4.19 -17.78 19.91
CA ALA H 28 -5.02 -17.26 21.00
C ALA H 28 -4.15 -16.42 21.92
N MET H 29 -4.52 -15.16 22.10
CA MET H 29 -3.81 -14.27 23.02
C MET H 29 -4.54 -14.27 24.37
N TYR H 30 -3.86 -14.78 25.39
CA TYR H 30 -4.42 -14.83 26.77
C TYR H 30 -4.09 -13.52 27.47
N ILE H 31 -5.12 -12.83 27.95
CA ILE H 31 -5.00 -11.51 28.60
C ILE H 31 -5.41 -11.64 30.06
N TRP H 32 -4.65 -11.05 30.94
CA TRP H 32 -4.99 -11.05 32.39
C TRP H 32 -4.52 -9.77 33.06
N ILE H 33 -5.08 -9.52 34.24
CA ILE H 33 -4.75 -8.35 35.08
C ILE H 33 -3.61 -8.73 36.00
N ASP H 34 -2.57 -7.91 36.04
CA ASP H 34 -1.35 -8.23 36.85
C ASP H 34 -1.59 -7.80 38.31
N GLY H 35 -0.53 -7.80 39.11
CA GLY H 35 -0.59 -7.57 40.57
C GLY H 35 -0.84 -6.12 40.95
N THR H 36 -0.74 -5.18 40.03
CA THR H 36 -1.05 -3.77 40.31
C THR H 36 -2.57 -3.55 40.30
N GLY H 37 -3.34 -4.49 39.75
CA GLY H 37 -4.79 -4.35 39.62
C GLY H 37 -5.19 -3.35 38.54
N GLU H 38 -4.22 -2.77 37.83
CA GLU H 38 -4.52 -1.78 36.77
C GLU H 38 -3.76 -2.08 35.49
N GLY H 39 -2.73 -2.94 35.54
CA GLY H 39 -1.96 -3.32 34.35
C GLY H 39 -2.46 -4.61 33.73
N LEU H 40 -2.31 -4.71 32.43
CA LEU H 40 -2.71 -5.92 31.67
C LEU H 40 -1.47 -6.60 31.12
N ARG H 41 -1.51 -7.93 31.13
CA ARG H 41 -0.43 -8.77 30.59
C ARG H 41 -1.04 -9.67 29.53
N CYS H 42 -0.23 -10.11 28.60
CA CYS H 42 -0.70 -11.04 27.55
C CYS H 42 0.44 -11.92 27.07
N LYS H 43 0.07 -13.07 26.54
CA LYS H 43 0.95 -13.91 25.70
C LYS H 43 0.10 -14.77 24.79
N THR H 44 0.75 -15.42 23.84
CA THR H 44 0.05 -16.13 22.77
C THR H 44 0.41 -17.60 22.81
N ARG H 45 -0.57 -18.46 22.53
CA ARG H 45 -0.33 -19.89 22.27
C ARG H 45 -0.94 -20.27 20.93
N THR H 46 -0.42 -21.33 20.33
CA THR H 46 -0.99 -21.89 19.08
C THR H 46 -2.03 -22.95 19.44
N LEU H 47 -3.20 -22.87 18.83
CA LEU H 47 -4.24 -23.92 18.93
C LEU H 47 -4.30 -24.70 17.62
N ASP H 48 -4.74 -25.95 17.68
CA ASP H 48 -4.89 -26.81 16.49
C ASP H 48 -6.05 -26.33 15.60
N SER H 49 -7.07 -25.69 16.17
CA SER H 49 -8.29 -25.33 15.42
C SER H 49 -8.97 -24.14 16.10
N GLU H 50 -9.88 -23.51 15.37
CA GLU H 50 -10.64 -22.36 15.89
C GLU H 50 -11.56 -22.85 17.00
N PRO H 51 -11.49 -22.28 18.22
CA PRO H 51 -12.42 -22.65 19.28
C PRO H 51 -13.82 -22.10 18.98
N LYS H 52 -14.84 -22.93 19.18
CA LYS H 52 -16.24 -22.49 18.88
C LYS H 52 -16.76 -21.64 20.03
N CYS H 53 -16.35 -21.95 21.26
CA CYS H 53 -16.79 -21.17 22.44
C CYS H 53 -15.64 -21.07 23.44
N ILE H 54 -15.87 -20.30 24.50
CA ILE H 54 -14.89 -20.09 25.60
C ILE H 54 -14.59 -21.43 26.28
N GLU H 55 -15.50 -22.38 26.26
CA GLU H 55 -15.32 -23.68 26.97
C GLU H 55 -14.19 -24.50 26.33
N GLU H 56 -13.92 -24.33 25.04
CA GLU H 56 -12.92 -25.16 24.34
C GLU H 56 -11.49 -24.67 24.64
N LEU H 57 -11.31 -23.51 25.25
CA LEU H 57 -9.96 -22.96 25.46
C LEU H 57 -9.32 -23.64 26.66
N PRO H 58 -8.10 -24.17 26.52
CA PRO H 58 -7.42 -24.77 27.66
C PRO H 58 -7.03 -23.71 28.70
N GLU H 59 -6.95 -24.14 29.96
CA GLU H 59 -6.33 -23.32 31.02
C GLU H 59 -4.84 -23.21 30.74
N TRP H 60 -4.26 -22.09 31.16
CA TRP H 60 -2.82 -21.89 30.96
C TRP H 60 -2.20 -21.39 32.27
N ASN H 61 -0.94 -21.03 32.22
CA ASN H 61 -0.21 -20.63 33.44
C ASN H 61 0.88 -19.63 33.06
N PHE H 62 1.43 -18.99 34.07
CA PHE H 62 2.54 -18.02 33.90
C PHE H 62 3.26 -17.90 35.24
N ASP H 63 4.37 -17.19 35.22
CA ASP H 63 5.18 -16.94 36.44
C ASP H 63 4.66 -15.68 37.13
N GLY H 64 4.08 -15.83 38.31
CA GLY H 64 3.49 -14.68 39.04
C GLY H 64 4.55 -13.75 39.60
N SER H 65 5.76 -14.24 39.86
CA SER H 65 6.85 -13.40 40.39
C SER H 65 7.25 -12.34 39.37
N SER H 66 6.92 -12.53 38.10
CA SER H 66 7.23 -11.57 37.02
C SER H 66 6.05 -10.63 36.76
N THR H 67 4.95 -10.76 37.48
CA THR H 67 3.75 -9.90 37.26
C THR H 67 3.31 -9.26 38.56
N PHE H 68 4.21 -9.13 39.54
CA PHE H 68 3.90 -8.57 40.88
C PHE H 68 2.78 -9.37 41.55
N GLN H 69 2.70 -10.67 41.32
CA GLN H 69 1.54 -11.46 41.82
C GLN H 69 1.94 -12.62 42.71
N SER H 70 3.22 -12.94 42.85
CA SER H 70 3.66 -14.01 43.77
C SER H 70 5.13 -13.81 44.13
N GLU H 71 5.56 -14.48 45.17
CA GLU H 71 6.98 -14.48 45.58
C GLU H 71 7.34 -15.86 46.07
N GLY H 72 8.64 -16.16 46.02
CA GLY H 72 9.22 -17.42 46.51
C GLY H 72 8.94 -18.60 45.60
N SER H 73 8.86 -19.79 46.18
CA SER H 73 8.89 -21.08 45.45
C SER H 73 7.62 -21.23 44.61
N ASN H 74 6.45 -21.03 45.19
CA ASN H 74 5.16 -21.37 44.52
C ASN H 74 4.63 -20.14 43.80
N SER H 75 5.41 -19.62 42.86
CA SER H 75 5.05 -18.37 42.14
C SER H 75 4.28 -18.67 40.85
N ASP H 76 4.07 -19.95 40.51
CA ASP H 76 3.29 -20.32 39.31
C ASP H 76 1.82 -19.96 39.52
N MET H 77 1.25 -19.20 38.60
CA MET H 77 -0.16 -18.79 38.65
C MET H 77 -0.89 -19.46 37.50
N TYR H 78 -2.21 -19.48 37.57
CA TYR H 78 -3.04 -20.17 36.57
C TYR H 78 -3.99 -19.19 35.91
N LEU H 79 -4.18 -19.39 34.61
CA LEU H 79 -5.08 -18.56 33.79
C LEU H 79 -6.29 -19.40 33.40
N VAL H 80 -7.47 -18.96 33.80
CA VAL H 80 -8.73 -19.64 33.43
C VAL H 80 -9.47 -18.70 32.49
N PRO H 81 -9.68 -19.10 31.22
CA PRO H 81 -10.42 -18.27 30.28
C PRO H 81 -11.82 -17.91 30.79
N ALA H 82 -12.20 -16.65 30.61
CA ALA H 82 -13.46 -16.10 31.12
C ALA H 82 -14.31 -15.53 29.99
N ALA H 83 -13.69 -14.83 29.03
CA ALA H 83 -14.41 -14.25 27.89
C ALA H 83 -13.55 -14.34 26.64
N MET H 84 -14.16 -14.61 25.51
CA MET H 84 -13.48 -14.74 24.21
C MET H 84 -13.93 -13.58 23.31
N PHE H 85 -13.01 -13.10 22.48
CA PHE H 85 -13.29 -12.06 21.47
C PHE H 85 -12.48 -12.36 20.23
N ARG H 86 -12.92 -11.82 19.11
CA ARG H 86 -12.15 -11.91 17.84
C ARG H 86 -10.91 -11.02 17.95
N ASP H 87 -9.79 -11.48 17.44
CA ASP H 87 -8.51 -10.73 17.48
C ASP H 87 -8.48 -9.70 16.34
N PRO H 88 -8.54 -8.40 16.63
CA PRO H 88 -8.47 -7.39 15.55
C PRO H 88 -7.07 -7.14 15.02
N PHE H 89 -6.04 -7.57 15.75
CA PHE H 89 -4.64 -7.38 15.34
C PHE H 89 -4.20 -8.54 14.44
N ARG H 90 -4.81 -9.71 14.59
CA ARG H 90 -4.44 -10.92 13.80
C ARG H 90 -5.59 -11.36 12.90
N LYS H 91 -6.79 -10.82 13.07
CA LYS H 91 -8.02 -11.14 12.29
C LYS H 91 -8.48 -12.57 12.60
N ASP H 92 -9.70 -12.89 12.21
CA ASP H 92 -10.25 -14.27 12.25
C ASP H 92 -9.30 -15.23 11.57
N PRO H 93 -9.15 -16.47 12.07
CA PRO H 93 -9.91 -16.97 13.22
C PRO H 93 -9.23 -16.82 14.59
N ASN H 94 -8.20 -15.99 14.66
CA ASN H 94 -7.42 -15.81 15.91
C ASN H 94 -8.30 -15.11 16.96
N LYS H 95 -8.01 -15.36 18.22
CA LYS H 95 -8.90 -14.94 19.33
C LYS H 95 -8.14 -14.14 20.38
N LEU H 96 -8.87 -13.28 21.08
CA LEU H 96 -8.41 -12.68 22.35
C LEU H 96 -9.12 -13.41 23.48
N VAL H 97 -8.36 -13.88 24.45
CA VAL H 97 -8.90 -14.69 25.56
C VAL H 97 -8.62 -13.94 26.86
N PHE H 98 -9.65 -13.34 27.42
CA PHE H 98 -9.54 -12.66 28.73
C PHE H 98 -9.71 -13.70 29.83
N CYS H 99 -8.77 -13.76 30.75
CA CYS H 99 -8.69 -14.84 31.75
C CYS H 99 -8.73 -14.28 33.17
N GLU H 100 -9.26 -15.09 34.08
CA GLU H 100 -9.10 -14.89 35.52
C GLU H 100 -7.78 -15.50 35.98
N VAL H 101 -7.23 -14.97 37.05
CA VAL H 101 -5.92 -15.43 37.59
C VAL H 101 -6.19 -16.17 38.90
N PHE H 102 -5.53 -17.31 39.08
CA PHE H 102 -5.61 -18.11 40.30
C PHE H 102 -4.22 -18.44 40.78
N LYS H 103 -4.08 -18.58 42.10
CA LYS H 103 -2.79 -18.93 42.74
C LYS H 103 -2.48 -20.41 42.49
N TYR H 104 -1.33 -20.85 42.98
CA TYR H 104 -0.89 -22.26 42.81
C TYR H 104 -1.89 -23.22 43.46
N ASN H 105 -2.57 -22.81 44.53
CA ASN H 105 -3.53 -23.68 45.26
C ASN H 105 -4.96 -23.42 44.75
N ARG H 106 -5.12 -22.85 43.55
CA ARG H 106 -6.43 -22.62 42.88
C ARG H 106 -7.29 -21.61 43.63
N LYS H 107 -6.75 -20.86 44.59
CA LYS H 107 -7.49 -19.72 45.18
C LYS H 107 -7.37 -18.52 44.25
N PRO H 108 -8.39 -17.65 44.21
CA PRO H 108 -8.33 -16.45 43.37
C PRO H 108 -7.15 -15.55 43.75
N ALA H 109 -6.52 -14.96 42.73
CA ALA H 109 -5.43 -13.99 42.94
C ALA H 109 -5.98 -12.71 43.57
N GLU H 110 -5.11 -11.94 44.20
CA GLU H 110 -5.55 -10.73 44.96
C GLU H 110 -6.22 -9.73 44.01
N THR H 111 -5.71 -9.58 42.80
CA THR H 111 -6.31 -8.66 41.79
C THR H 111 -7.39 -9.37 40.97
N ASN H 112 -7.73 -10.62 41.29
CA ASN H 112 -8.87 -11.31 40.68
C ASN H 112 -10.13 -10.82 41.37
N LEU H 113 -10.76 -9.77 40.86
CA LEU H 113 -12.03 -9.27 41.42
C LEU H 113 -13.21 -9.87 40.67
N ARG H 114 -13.00 -10.46 39.50
CA ARG H 114 -14.10 -11.01 38.69
C ARG H 114 -14.73 -12.20 39.41
N HIS H 115 -13.95 -12.99 40.13
CA HIS H 115 -14.43 -14.23 40.77
C HIS H 115 -15.59 -13.90 41.72
N THR H 116 -15.42 -12.88 42.56
CA THR H 116 -16.48 -12.46 43.50
C THR H 116 -17.55 -11.69 42.73
N CYS H 117 -17.15 -10.86 41.78
CA CYS H 117 -18.11 -10.03 41.02
C CYS H 117 -19.13 -10.91 40.29
N LYS H 118 -18.67 -12.02 39.69
CA LYS H 118 -19.57 -12.94 38.97
C LYS H 118 -20.58 -13.55 39.96
N ARG H 119 -20.14 -13.93 41.15
CA ARG H 119 -21.06 -14.53 42.15
C ARG H 119 -22.14 -13.52 42.53
N ILE H 120 -21.76 -12.26 42.71
CA ILE H 120 -22.74 -11.20 43.08
C ILE H 120 -23.72 -11.00 41.92
N MET H 121 -23.22 -10.98 40.68
CA MET H 121 -24.09 -10.76 39.50
C MET H 121 -25.08 -11.94 39.38
N ASP H 122 -24.64 -13.18 39.62
CA ASP H 122 -25.54 -14.35 39.54
C ASP H 122 -26.64 -14.24 40.59
N MET H 123 -26.36 -13.60 41.72
CA MET H 123 -27.33 -13.46 42.82
C MET H 123 -28.49 -12.56 42.39
N VAL H 124 -28.23 -11.52 41.59
CA VAL H 124 -29.28 -10.55 41.20
C VAL H 124 -29.61 -10.70 39.73
N SER H 125 -29.41 -11.89 39.15
CA SER H 125 -29.56 -12.09 37.69
C SER H 125 -30.97 -11.72 37.22
N ASN H 126 -32.00 -12.05 38.00
CA ASN H 126 -33.41 -11.81 37.59
C ASN H 126 -33.69 -10.32 37.44
N GLN H 127 -33.02 -9.47 38.23
CA GLN H 127 -33.23 -8.01 38.16
C GLN H 127 -32.53 -7.41 36.93
N ARG H 128 -31.66 -8.19 36.27
CA ARG H 128 -31.01 -7.82 34.98
C ARG H 128 -30.33 -6.45 35.08
N PRO H 129 -29.24 -6.33 35.86
CA PRO H 129 -28.53 -5.05 35.97
C PRO H 129 -27.76 -4.74 34.69
N TRP H 130 -27.98 -3.53 34.18
CA TRP H 130 -27.27 -3.03 32.98
C TRP H 130 -26.28 -1.95 33.39
N PHE H 131 -25.11 -1.97 32.76
CA PHE H 131 -24.05 -0.99 33.05
C PHE H 131 -23.60 -0.32 31.78
N GLY H 132 -23.11 0.90 31.92
CA GLY H 132 -22.37 1.59 30.87
C GLY H 132 -21.25 2.39 31.46
N MET H 133 -20.08 2.37 30.84
CA MET H 133 -18.92 3.12 31.37
C MET H 133 -18.34 4.04 30.30
N GLU H 134 -18.13 5.29 30.66
CA GLU H 134 -17.45 6.26 29.78
C GLU H 134 -15.97 6.31 30.17
N GLN H 135 -15.14 5.58 29.45
CA GLN H 135 -13.70 5.46 29.76
C GLN H 135 -12.99 6.66 29.14
N GLU H 136 -12.54 7.58 29.98
CA GLU H 136 -11.67 8.68 29.53
C GLU H 136 -10.21 8.24 29.64
N TYR H 137 -9.40 8.71 28.71
CA TYR H 137 -7.96 8.39 28.69
C TYR H 137 -7.25 9.55 28.03
N THR H 138 -5.95 9.62 28.29
CA THR H 138 -5.06 10.62 27.71
C THR H 138 -3.97 9.92 26.93
N LEU H 139 -3.77 10.37 25.69
CA LEU H 139 -2.64 9.91 24.88
C LEU H 139 -1.38 10.65 25.35
N MET H 140 -0.30 9.92 25.53
CA MET H 140 0.98 10.49 25.95
C MET H 140 2.09 10.00 25.04
N GLY H 141 3.06 10.87 24.78
CA GLY H 141 4.34 10.46 24.18
C GLY H 141 5.13 9.61 25.14
N THR H 142 6.19 8.99 24.66
CA THR H 142 7.05 8.11 25.50
C THR H 142 7.79 8.94 26.56
N ASP H 143 7.83 10.27 26.42
CA ASP H 143 8.51 11.18 27.36
C ASP H 143 7.65 11.50 28.59
N GLY H 144 6.40 11.05 28.65
CA GLY H 144 5.49 11.31 29.77
C GLY H 144 4.76 12.63 29.63
N HIS H 145 4.85 13.25 28.44
CA HIS H 145 4.11 14.50 28.13
C HIS H 145 2.97 14.14 27.18
N PRO H 146 1.80 14.79 27.25
CA PRO H 146 0.66 14.37 26.44
C PRO H 146 0.94 14.41 24.94
N PHE H 147 0.33 13.51 24.19
CA PHE H 147 0.59 13.46 22.72
C PHE H 147 0.13 14.75 22.05
N GLY H 148 0.98 15.37 21.22
CA GLY H 148 0.56 16.57 20.46
C GLY H 148 0.84 17.88 21.16
N TRP H 149 1.19 17.85 22.46
CA TRP H 149 1.38 19.12 23.21
C TRP H 149 2.74 19.72 22.83
N PRO H 150 2.98 21.05 22.89
CA PRO H 150 4.31 21.57 22.59
C PRO H 150 5.36 20.97 23.53
N SER H 151 6.55 20.78 23.00
CA SER H 151 7.72 20.25 23.77
C SER H 151 7.91 21.08 25.04
N ASN H 152 7.74 20.43 26.18
CA ASN H 152 7.94 21.02 27.52
C ASN H 152 6.99 22.19 27.74
N GLY H 153 5.82 22.18 27.11
CA GLY H 153 4.90 23.31 27.14
C GLY H 153 3.44 22.91 27.10
N PHE H 154 2.61 23.87 26.82
CA PHE H 154 1.15 23.71 26.88
C PHE H 154 0.52 24.24 25.62
N PRO H 155 -0.59 23.61 25.19
CA PRO H 155 -1.40 24.20 24.15
C PRO H 155 -2.22 25.36 24.73
N GLY H 156 -3.03 25.96 23.89
CA GLY H 156 -3.94 27.02 24.32
C GLY H 156 -4.86 26.54 25.43
N PRO H 157 -5.51 27.46 26.17
CA PRO H 157 -6.41 27.06 27.24
C PRO H 157 -7.57 26.19 26.71
N GLN H 158 -8.14 25.40 27.62
CA GLN H 158 -9.29 24.51 27.32
C GLN H 158 -10.49 25.33 26.84
N GLY H 159 -11.31 24.75 25.98
CA GLY H 159 -12.50 25.41 25.44
C GLY H 159 -12.79 24.91 24.04
N PRO H 160 -11.79 24.87 23.15
CA PRO H 160 -12.03 24.38 21.80
C PRO H 160 -11.78 22.89 21.55
N TYR H 161 -11.31 22.14 22.53
CA TYR H 161 -10.82 20.77 22.28
C TYR H 161 -11.94 19.75 22.43
N TYR H 162 -12.87 20.00 23.32
CA TYR H 162 -14.00 19.09 23.57
C TYR H 162 -14.78 18.89 22.25
N CYS H 163 -14.80 17.67 21.75
CA CYS H 163 -15.50 17.29 20.51
C CYS H 163 -14.92 18.10 19.34
N GLY H 164 -13.65 18.46 19.38
CA GLY H 164 -13.04 19.37 18.40
C GLY H 164 -12.67 18.64 17.14
N VAL H 165 -12.60 19.38 16.06
CA VAL H 165 -12.13 18.85 14.76
C VAL H 165 -11.13 19.84 14.19
N GLY H 166 -10.09 19.32 13.56
CA GLY H 166 -9.02 20.16 13.00
C GLY H 166 -7.70 19.83 13.65
N ALA H 167 -6.61 20.17 12.97
CA ALA H 167 -5.25 19.79 13.40
C ALA H 167 -4.90 20.46 14.73
N ASP H 168 -5.49 21.60 15.03
CA ASP H 168 -5.21 22.35 16.27
C ASP H 168 -6.21 22.01 17.38
N LYS H 169 -7.18 21.13 17.15
CA LYS H 169 -8.23 20.82 18.17
C LYS H 169 -8.13 19.38 18.64
N ALA H 170 -7.99 18.41 17.75
CA ALA H 170 -8.01 16.96 18.12
C ALA H 170 -6.60 16.39 17.93
N TYR H 171 -6.05 15.79 18.96
CA TYR H 171 -4.70 15.18 18.91
C TYR H 171 -4.82 13.65 18.94
N GLY H 172 -4.27 13.00 17.92
CA GLY H 172 -4.19 11.53 17.85
C GLY H 172 -5.55 10.89 17.60
N ARG H 173 -6.38 11.44 16.72
CA ARG H 173 -7.66 10.80 16.31
C ARG H 173 -7.42 9.49 15.53
N ASP H 174 -6.28 9.32 14.89
CA ASP H 174 -5.96 8.06 14.18
C ASP H 174 -6.08 6.89 15.16
N ILE H 175 -5.59 7.07 16.37
CA ILE H 175 -5.63 6.04 17.42
C ILE H 175 -7.08 5.78 17.79
N VAL H 176 -7.86 6.82 17.90
CA VAL H 176 -9.27 6.71 18.34
C VAL H 176 -10.06 5.95 17.27
N GLU H 177 -9.86 6.28 16.01
CA GLU H 177 -10.58 5.60 14.91
C GLU H 177 -10.18 4.13 14.87
N ALA H 178 -8.88 3.83 15.01
CA ALA H 178 -8.38 2.45 14.92
C ALA H 178 -8.94 1.65 16.09
N HIS H 179 -8.93 2.23 17.27
CA HIS H 179 -9.44 1.54 18.48
C HIS H 179 -10.93 1.23 18.33
N TYR H 180 -11.71 2.21 17.91
CA TYR H 180 -13.19 2.10 17.72
C TYR H 180 -13.47 0.92 16.79
N ARG H 181 -12.80 0.88 15.65
CA ARG H 181 -13.00 -0.20 14.66
C ARG H 181 -12.52 -1.52 15.24
N ALA H 182 -11.36 -1.47 15.87
CA ALA H 182 -10.80 -2.71 16.44
C ALA H 182 -11.77 -3.29 17.46
N CYS H 183 -12.38 -2.46 18.29
CA CYS H 183 -13.38 -2.91 19.28
C CYS H 183 -14.63 -3.46 18.56
N LEU H 184 -15.10 -2.79 17.54
CA LEU H 184 -16.32 -3.25 16.81
C LEU H 184 -16.02 -4.63 16.19
N TYR H 185 -14.85 -4.80 15.57
CA TYR H 185 -14.46 -6.09 14.96
C TYR H 185 -14.37 -7.15 16.05
N ALA H 186 -13.79 -6.84 17.21
CA ALA H 186 -13.56 -7.82 18.28
C ALA H 186 -14.89 -8.27 18.90
N GLY H 187 -15.97 -7.52 18.74
CA GLY H 187 -17.24 -7.80 19.42
C GLY H 187 -17.36 -7.07 20.75
N ILE H 188 -16.59 -6.02 20.97
CA ILE H 188 -16.75 -5.16 22.17
C ILE H 188 -17.96 -4.25 21.98
N LYS H 189 -18.74 -4.08 23.04
CA LYS H 189 -19.98 -3.26 23.02
C LYS H 189 -19.58 -1.78 23.20
N ILE H 190 -18.94 -1.23 22.18
CA ILE H 190 -18.48 0.18 22.21
C ILE H 190 -19.57 1.07 21.62
N GLY H 191 -20.02 2.05 22.39
CA GLY H 191 -21.22 2.83 22.08
C GLY H 191 -20.90 4.15 21.43
N GLY H 192 -19.66 4.59 21.46
CA GLY H 192 -19.29 5.88 20.85
C GLY H 192 -18.01 6.43 21.42
N THR H 193 -17.55 7.52 20.84
CA THR H 193 -16.30 8.19 21.23
C THR H 193 -16.50 9.69 21.14
N ASN H 194 -15.67 10.43 21.87
CA ASN H 194 -15.59 11.89 21.69
C ASN H 194 -14.21 12.35 22.11
N ALA H 195 -13.82 13.50 21.60
CA ALA H 195 -12.65 14.26 22.07
C ALA H 195 -13.04 14.96 23.38
N GLU H 196 -12.16 14.88 24.36
CA GLU H 196 -12.42 15.44 25.69
C GLU H 196 -11.91 16.88 25.78
N VAL H 197 -12.17 17.52 26.91
CA VAL H 197 -11.92 18.97 27.09
C VAL H 197 -10.40 19.19 27.06
N MET H 198 -9.65 18.32 27.72
CA MET H 198 -8.18 18.36 27.65
C MET H 198 -7.78 17.91 26.25
N PRO H 199 -6.94 18.66 25.54
CA PRO H 199 -6.41 18.19 24.26
C PRO H 199 -5.56 16.94 24.45
N ALA H 200 -5.60 16.03 23.48
CA ALA H 200 -5.01 14.67 23.52
C ALA H 200 -5.74 13.75 24.50
N GLN H 201 -6.80 14.24 25.14
CA GLN H 201 -7.66 13.39 26.00
C GLN H 201 -8.88 12.94 25.19
N TRP H 202 -9.28 11.68 25.37
CA TRP H 202 -10.40 11.10 24.59
C TRP H 202 -11.24 10.25 25.52
N GLU H 203 -12.32 9.76 24.98
CA GLU H 203 -13.26 8.90 25.73
C GLU H 203 -13.93 7.94 24.76
N PHE H 204 -14.15 6.71 25.22
CA PHE H 204 -15.04 5.77 24.52
C PHE H 204 -16.05 5.25 25.54
N GLN H 205 -17.26 5.00 25.08
CA GLN H 205 -18.35 4.46 25.91
C GLN H 205 -18.45 2.95 25.65
N ILE H 206 -18.54 2.19 26.73
CA ILE H 206 -18.75 0.72 26.68
C ILE H 206 -20.09 0.43 27.31
N GLY H 207 -20.98 -0.19 26.55
CA GLY H 207 -22.29 -0.60 27.09
C GLY H 207 -23.42 -0.32 26.13
N PRO H 208 -24.67 -0.69 26.48
CA PRO H 208 -25.00 -1.33 27.75
C PRO H 208 -24.56 -2.79 27.85
N CYS H 209 -24.04 -3.17 29.00
CA CYS H 209 -23.57 -4.54 29.28
C CYS H 209 -24.33 -5.06 30.49
N GLU H 210 -24.67 -6.34 30.47
CA GLU H 210 -25.43 -6.97 31.56
C GLU H 210 -24.47 -7.71 32.48
N GLY H 211 -24.52 -7.39 33.77
CA GLY H 211 -23.83 -8.12 34.83
C GLY H 211 -22.34 -8.17 34.62
N ILE H 212 -21.77 -9.38 34.57
CA ILE H 212 -20.30 -9.56 34.51
C ILE H 212 -19.76 -9.12 33.16
N ASP H 213 -20.60 -8.93 32.14
CA ASP H 213 -20.11 -8.52 30.81
C ASP H 213 -19.50 -7.12 30.84
N MET H 214 -19.85 -6.29 31.82
CA MET H 214 -19.35 -4.89 31.84
C MET H 214 -17.83 -4.93 32.07
N GLY H 215 -17.36 -5.70 33.05
CA GLY H 215 -15.93 -5.77 33.37
C GLY H 215 -15.15 -6.41 32.23
N ASP H 216 -15.68 -7.46 31.62
CA ASP H 216 -14.98 -8.16 30.51
C ASP H 216 -14.80 -7.21 29.33
N HIS H 217 -15.87 -6.53 28.93
CA HIS H 217 -15.84 -5.65 27.74
C HIS H 217 -14.91 -4.46 27.98
N LEU H 218 -14.95 -3.87 29.18
CA LEU H 218 -14.12 -2.67 29.44
C LEU H 218 -12.65 -3.09 29.53
N TRP H 219 -12.35 -4.19 30.21
CA TRP H 219 -10.94 -4.61 30.37
C TRP H 219 -10.35 -4.94 29.01
N VAL H 220 -11.11 -5.61 28.15
CA VAL H 220 -10.60 -6.00 26.81
C VAL H 220 -10.52 -4.73 25.95
N ALA H 221 -11.47 -3.83 26.07
CA ALA H 221 -11.39 -2.53 25.37
C ALA H 221 -10.14 -1.76 25.80
N ARG H 222 -9.80 -1.77 27.08
CA ARG H 222 -8.54 -1.18 27.55
C ARG H 222 -7.34 -1.89 26.92
N PHE H 223 -7.37 -3.22 26.86
CA PHE H 223 -6.24 -3.98 26.27
C PHE H 223 -6.07 -3.58 24.80
N ILE H 224 -7.18 -3.51 24.07
CA ILE H 224 -7.10 -3.18 22.62
C ILE H 224 -6.54 -1.77 22.46
N LEU H 225 -6.97 -0.84 23.31
CA LEU H 225 -6.44 0.54 23.24
C LEU H 225 -4.93 0.53 23.46
N HIS H 226 -4.45 -0.18 24.50
CA HIS H 226 -3.00 -0.28 24.78
C HIS H 226 -2.30 -0.88 23.56
N ARG H 227 -2.87 -1.94 23.01
CA ARG H 227 -2.22 -2.64 21.86
C ARG H 227 -2.26 -1.75 20.61
N VAL H 228 -3.36 -1.08 20.37
CA VAL H 228 -3.44 -0.12 19.23
C VAL H 228 -2.45 1.04 19.44
N CYS H 229 -2.38 1.58 20.64
CA CYS H 229 -1.45 2.70 20.96
C CYS H 229 0.00 2.19 20.79
N GLU H 230 0.26 0.96 21.17
CA GLU H 230 1.60 0.36 21.00
C GLU H 230 1.98 0.36 19.51
N ASP H 231 1.03 0.09 18.62
CA ASP H 231 1.30 0.09 17.17
C ASP H 231 1.72 1.51 16.71
N PHE H 232 1.03 2.52 17.18
CA PHE H 232 1.32 3.92 16.82
C PHE H 232 2.51 4.47 17.59
N GLY H 233 2.97 3.78 18.63
CA GLY H 233 4.15 4.18 19.42
C GLY H 233 3.85 5.27 20.44
N VAL H 234 2.61 5.35 20.90
CA VAL H 234 2.22 6.29 21.99
C VAL H 234 1.65 5.49 23.15
N ILE H 235 1.43 6.14 24.27
CA ILE H 235 0.93 5.51 25.51
C ILE H 235 -0.46 6.04 25.79
N ALA H 236 -1.37 5.13 26.12
CA ALA H 236 -2.69 5.48 26.67
C ALA H 236 -2.60 5.37 28.19
N THR H 237 -2.81 6.49 28.88
CA THR H 237 -2.82 6.51 30.35
C THR H 237 -4.26 6.64 30.84
N PHE H 238 -4.60 5.92 31.88
CA PHE H 238 -5.89 6.04 32.59
C PHE H 238 -5.66 6.76 33.92
N ASP H 239 -4.57 7.51 34.04
CA ASP H 239 -4.30 8.31 35.25
C ASP H 239 -5.45 9.30 35.43
N PRO H 240 -6.07 9.38 36.63
CA PRO H 240 -7.19 10.29 36.82
C PRO H 240 -6.83 11.77 36.68
N LYS H 241 -5.56 12.12 36.78
CA LYS H 241 -5.12 13.52 36.62
C LYS H 241 -3.74 13.55 36.00
N PRO H 242 -3.62 13.30 34.68
CA PRO H 242 -2.31 13.22 34.04
C PRO H 242 -1.49 14.51 34.18
N ILE H 243 -2.15 15.67 34.10
CA ILE H 243 -1.45 16.99 34.13
C ILE H 243 -2.04 17.82 35.25
N PRO H 244 -1.22 18.32 36.20
CA PRO H 244 -1.73 19.19 37.26
C PRO H 244 -2.18 20.55 36.72
N GLY H 245 -3.12 21.17 37.41
CA GLY H 245 -3.54 22.56 37.15
C GLY H 245 -4.92 22.64 36.54
N ASN H 246 -5.12 23.53 35.58
CA ASN H 246 -6.44 23.73 34.94
C ASN H 246 -6.53 22.84 33.71
N TRP H 247 -6.25 21.56 33.90
CA TRP H 247 -6.42 20.53 32.84
C TRP H 247 -7.28 19.41 33.40
N ASN H 248 -8.29 19.03 32.64
CA ASN H 248 -9.35 18.10 33.12
C ASN H 248 -8.76 16.75 33.50
N GLY H 249 -9.28 16.19 34.59
CA GLY H 249 -9.04 14.80 34.97
C GLY H 249 -9.74 13.84 34.02
N ALA H 250 -9.42 12.56 34.15
CA ALA H 250 -10.09 11.47 33.42
C ALA H 250 -10.89 10.65 34.43
N GLY H 251 -12.19 10.53 34.21
CA GLY H 251 -13.05 9.65 35.01
C GLY H 251 -13.61 8.50 34.21
N CYS H 252 -14.26 7.58 34.88
CA CYS H 252 -15.01 6.48 34.25
C CYS H 252 -16.43 6.52 34.79
N HIS H 253 -17.24 7.37 34.21
CA HIS H 253 -18.65 7.56 34.64
C HIS H 253 -19.44 6.28 34.36
N THR H 254 -20.10 5.76 35.38
CA THR H 254 -20.82 4.49 35.30
C THR H 254 -22.32 4.74 35.31
N ASN H 255 -23.00 4.26 34.27
CA ASN H 255 -24.48 4.29 34.21
C ASN H 255 -25.01 2.96 34.73
N PHE H 256 -26.04 3.01 35.56
CA PHE H 256 -26.61 1.81 36.20
C PHE H 256 -28.13 1.86 36.10
N SER H 257 -28.73 0.74 35.74
CA SER H 257 -30.20 0.56 35.72
C SER H 257 -30.50 -0.91 35.95
N THR H 258 -31.66 -1.17 36.55
CA THR H 258 -32.22 -2.53 36.68
C THR H 258 -33.47 -2.64 35.82
N LYS H 259 -34.05 -3.83 35.81
CA LYS H 259 -35.33 -4.06 35.10
C LYS H 259 -36.40 -3.13 35.70
N ALA H 260 -36.42 -2.96 37.02
CA ALA H 260 -37.40 -2.09 37.69
C ALA H 260 -37.18 -0.64 37.24
N MET H 261 -35.94 -0.18 37.19
CA MET H 261 -35.65 1.24 36.87
C MET H 261 -35.98 1.51 35.40
N ARG H 262 -35.82 0.52 34.52
CA ARG H 262 -36.08 0.75 33.08
C ARG H 262 -37.60 0.77 32.81
N GLU H 263 -38.39 0.06 33.61
CA GLU H 263 -39.85 -0.02 33.41
C GLU H 263 -40.50 1.34 33.70
N GLU H 264 -41.75 1.47 33.26
CA GLU H 264 -42.53 2.71 33.45
C GLU H 264 -42.57 3.08 34.93
N ASN H 265 -42.40 4.37 35.22
CA ASN H 265 -42.35 4.91 36.60
C ASN H 265 -41.21 4.24 37.37
N GLY H 266 -40.10 3.98 36.69
CA GLY H 266 -38.89 3.41 37.31
C GLY H 266 -38.06 4.45 38.04
N LEU H 267 -38.45 5.73 38.00
CA LEU H 267 -37.68 6.79 38.70
C LEU H 267 -37.70 6.54 40.21
N LYS H 268 -38.80 6.04 40.76
CA LYS H 268 -38.89 5.78 42.23
C LYS H 268 -37.80 4.79 42.64
N TYR H 269 -37.55 3.77 41.82
CA TYR H 269 -36.49 2.78 42.12
C TYR H 269 -35.12 3.43 41.91
N ILE H 270 -35.02 4.37 40.97
CA ILE H 270 -33.74 5.11 40.76
C ILE H 270 -33.44 5.94 42.01
N GLU H 271 -34.44 6.64 42.52
CA GLU H 271 -34.27 7.50 43.73
C GLU H 271 -33.95 6.62 44.94
N GLU H 272 -34.58 5.46 45.06
CA GLU H 272 -34.32 4.55 46.20
C GLU H 272 -32.86 4.06 46.14
N ALA H 273 -32.35 3.75 44.95
CA ALA H 273 -30.96 3.30 44.79
C ALA H 273 -30.00 4.43 45.18
N ILE H 274 -30.33 5.66 44.80
CA ILE H 274 -29.41 6.81 45.02
C ILE H 274 -29.35 7.13 46.51
N GLU H 275 -30.48 7.11 47.21
CA GLU H 275 -30.48 7.40 48.65
C GLU H 275 -29.73 6.30 49.41
N LYS H 276 -29.77 5.07 48.92
CA LYS H 276 -28.91 3.99 49.48
C LYS H 276 -27.44 4.32 49.22
N LEU H 277 -27.12 4.84 48.03
CA LEU H 277 -25.73 5.23 47.72
C LEU H 277 -25.31 6.42 48.58
N SER H 278 -26.26 7.27 48.96
CA SER H 278 -25.98 8.47 49.78
C SER H 278 -25.32 8.07 51.11
N LYS H 279 -25.68 6.91 51.64
CA LYS H 279 -25.22 6.47 52.98
C LYS H 279 -23.93 5.67 52.89
N ARG H 280 -23.39 5.40 51.70
CA ARG H 280 -22.16 4.57 51.57
C ARG H 280 -21.13 5.26 50.69
N HIS H 281 -21.01 6.58 50.76
CA HIS H 281 -20.08 7.35 49.90
C HIS H 281 -18.63 6.88 50.12
N GLN H 282 -18.23 6.70 51.37
CA GLN H 282 -16.83 6.31 51.68
C GLN H 282 -16.54 4.91 51.18
N TYR H 283 -17.49 3.98 51.31
CA TYR H 283 -17.29 2.58 50.88
C TYR H 283 -17.04 2.56 49.36
N HIS H 284 -17.78 3.37 48.62
CA HIS H 284 -17.68 3.38 47.13
C HIS H 284 -16.39 4.06 46.69
N ILE H 285 -15.97 5.11 47.38
CA ILE H 285 -14.72 5.84 47.02
C ILE H 285 -13.53 4.87 47.14
N ARG H 286 -13.50 4.05 48.18
CA ARG H 286 -12.42 3.05 48.36
C ARG H 286 -12.45 2.04 47.20
N ALA H 287 -13.63 1.60 46.78
CA ALA H 287 -13.77 0.57 45.71
C ALA H 287 -13.48 1.18 44.34
N TYR H 288 -13.70 2.49 44.17
CA TYR H 288 -13.64 3.14 42.83
C TYR H 288 -12.20 3.45 42.41
N ASP H 289 -11.22 2.90 43.11
CA ASP H 289 -9.82 3.25 42.81
C ASP H 289 -8.93 2.07 43.18
N PRO H 290 -7.95 1.72 42.32
CA PRO H 290 -7.13 0.54 42.58
C PRO H 290 -6.27 0.63 43.85
N LYS H 291 -5.98 1.83 44.33
CA LYS H 291 -5.14 2.01 45.55
C LYS H 291 -5.93 2.72 46.65
N GLY H 292 -7.23 2.45 46.75
CA GLY H 292 -8.06 2.86 47.90
C GLY H 292 -8.62 4.26 47.82
N GLY H 293 -8.38 5.01 46.73
CA GLY H 293 -8.98 6.35 46.53
C GLY H 293 -7.96 7.47 46.57
N LEU H 294 -6.66 7.18 46.59
CA LEU H 294 -5.64 8.25 46.62
C LEU H 294 -5.51 8.89 45.23
N ASP H 295 -5.52 8.08 44.17
CA ASP H 295 -5.42 8.63 42.79
C ASP H 295 -6.60 9.54 42.49
N ASN H 296 -7.81 9.12 42.86
CA ASN H 296 -9.03 9.88 42.56
C ASN H 296 -9.09 11.16 43.41
N ALA H 297 -8.28 11.29 44.45
CA ALA H 297 -8.22 12.52 45.26
C ALA H 297 -7.70 13.68 44.41
N ARG H 298 -6.78 13.39 43.49
CA ARG H 298 -6.23 14.42 42.59
C ARG H 298 -7.30 14.86 41.58
N ARG H 299 -8.28 14.02 41.27
CA ARG H 299 -9.31 14.36 40.25
C ARG H 299 -10.54 14.97 40.94
N LEU H 300 -11.03 14.33 42.00
CA LEU H 300 -12.30 14.76 42.64
C LEU H 300 -12.03 15.97 43.54
N THR H 301 -11.88 17.12 42.91
CA THR H 301 -11.62 18.40 43.61
C THR H 301 -12.85 19.30 43.60
N GLY H 302 -13.89 18.95 42.85
CA GLY H 302 -15.12 19.77 42.78
C GLY H 302 -14.97 21.01 41.90
N PHE H 303 -13.98 21.07 41.02
CA PHE H 303 -13.70 22.29 40.21
C PHE H 303 -13.99 22.06 38.73
N HIS H 304 -13.24 21.12 38.11
CA HIS H 304 -13.33 20.86 36.64
C HIS H 304 -14.43 19.84 36.34
N GLU H 305 -15.68 20.26 36.45
CA GLU H 305 -16.87 19.38 36.19
C GLU H 305 -16.79 18.12 37.06
N THR H 306 -16.09 18.17 38.20
CA THR H 306 -15.99 17.03 39.13
C THR H 306 -16.76 17.36 40.41
N SER H 307 -16.95 16.34 41.24
CA SER H 307 -17.52 16.51 42.59
C SER H 307 -16.39 16.49 43.61
N ASN H 308 -16.73 16.66 44.88
CA ASN H 308 -15.74 16.61 45.98
C ASN H 308 -15.65 15.17 46.47
N ILE H 309 -14.44 14.70 46.71
CA ILE H 309 -14.22 13.30 47.17
C ILE H 309 -14.78 13.12 48.58
N ASN H 310 -14.80 14.18 49.38
CA ASN H 310 -15.22 14.09 50.81
C ASN H 310 -16.74 14.27 50.96
N ASP H 311 -17.45 14.74 49.93
CA ASP H 311 -18.89 15.08 50.06
C ASP H 311 -19.69 14.38 48.96
N PHE H 312 -20.84 13.83 49.34
CA PHE H 312 -21.76 13.16 48.40
C PHE H 312 -22.87 14.14 48.03
N SER H 313 -23.26 14.12 46.77
CA SER H 313 -24.38 14.95 46.25
C SER H 313 -25.02 14.27 45.06
N ALA H 314 -26.32 14.42 44.92
CA ALA H 314 -27.09 13.87 43.79
C ALA H 314 -28.10 14.90 43.33
N GLY H 315 -28.44 14.85 42.05
CA GLY H 315 -29.47 15.73 41.48
C GLY H 315 -29.71 15.44 40.03
N VAL H 316 -30.81 15.97 39.52
CA VAL H 316 -31.18 15.86 38.10
C VAL H 316 -30.34 16.87 37.30
N ALA H 317 -29.66 16.39 36.26
CA ALA H 317 -28.85 17.22 35.34
C ALA H 317 -27.79 17.99 36.14
N ASN H 318 -27.21 17.37 37.15
CA ASN H 318 -26.17 18.00 37.99
C ASN H 318 -24.81 17.41 37.58
N ARG H 319 -24.05 18.15 36.78
CA ARG H 319 -22.71 17.69 36.32
C ARG H 319 -21.74 17.64 37.51
N GLY H 320 -21.88 18.57 38.46
CA GLY H 320 -20.98 18.66 39.62
C GLY H 320 -21.36 17.70 40.74
N ALA H 321 -22.44 16.93 40.60
CA ALA H 321 -22.87 16.00 41.68
C ALA H 321 -22.10 14.68 41.58
N SER H 322 -22.07 13.96 42.70
CA SER H 322 -21.51 12.60 42.76
C SER H 322 -22.37 11.66 41.89
N ILE H 323 -23.69 11.83 41.95
CA ILE H 323 -24.64 11.01 41.17
C ILE H 323 -25.51 11.96 40.37
N ARG H 324 -25.69 11.67 39.09
CA ARG H 324 -26.51 12.51 38.19
C ARG H 324 -27.66 11.67 37.65
N ILE H 325 -28.86 12.20 37.75
CA ILE H 325 -30.04 11.65 37.03
C ILE H 325 -30.16 12.48 35.76
N PRO H 326 -30.10 11.86 34.57
CA PRO H 326 -30.24 12.61 33.32
C PRO H 326 -31.59 13.31 33.24
N ARG H 327 -31.61 14.46 32.59
CA ARG H 327 -32.83 15.30 32.48
C ARG H 327 -33.95 14.50 31.79
N THR H 328 -33.61 13.75 30.75
CA THR H 328 -34.60 12.93 30.02
C THR H 328 -35.16 11.85 30.96
N VAL H 329 -34.30 11.25 31.76
CA VAL H 329 -34.74 10.18 32.70
C VAL H 329 -35.73 10.77 33.71
N GLY H 330 -35.46 11.98 34.19
CA GLY H 330 -36.40 12.70 35.09
C GLY H 330 -37.74 12.94 34.40
N GLN H 331 -37.71 13.34 33.14
CA GLN H 331 -38.94 13.66 32.37
C GLN H 331 -39.72 12.37 32.08
N GLU H 332 -39.05 11.34 31.59
CA GLU H 332 -39.69 10.06 31.23
C GLU H 332 -40.02 9.24 32.49
N LYS H 333 -39.51 9.64 33.66
CA LYS H 333 -39.76 8.95 34.95
C LYS H 333 -39.23 7.51 34.91
N LYS H 334 -38.26 7.23 34.05
CA LYS H 334 -37.65 5.89 33.97
C LYS H 334 -36.28 5.98 33.28
N GLY H 335 -35.48 4.94 33.45
CA GLY H 335 -34.19 4.79 32.76
C GLY H 335 -33.06 4.43 33.70
N TYR H 336 -32.02 5.26 33.75
CA TYR H 336 -30.76 4.92 34.47
C TYR H 336 -30.31 6.14 35.25
N PHE H 337 -29.28 5.95 36.06
CA PHE H 337 -28.56 7.06 36.71
C PHE H 337 -27.07 6.86 36.50
N GLU H 338 -26.34 7.96 36.55
CA GLU H 338 -24.89 7.99 36.27
C GLU H 338 -24.14 8.23 37.56
N ASP H 339 -23.26 7.30 37.91
CA ASP H 339 -22.27 7.49 38.99
C ASP H 339 -21.03 8.13 38.37
N ARG H 340 -20.75 9.39 38.71
CA ARG H 340 -19.62 10.15 38.13
C ARG H 340 -18.37 10.05 39.02
N ARG H 341 -18.43 9.33 40.12
CA ARG H 341 -17.29 9.24 41.08
C ARG H 341 -16.14 8.41 40.52
N PRO H 342 -16.35 7.24 39.86
CA PRO H 342 -15.23 6.35 39.58
C PRO H 342 -14.12 7.00 38.72
N SER H 343 -12.88 6.72 39.11
CA SER H 343 -11.66 7.20 38.44
C SER H 343 -11.48 6.47 37.10
N ALA H 344 -10.68 7.05 36.22
CA ALA H 344 -10.42 6.43 34.89
C ALA H 344 -9.66 5.12 35.04
N ASN H 345 -8.85 4.96 36.07
CA ASN H 345 -8.06 3.72 36.29
C ASN H 345 -8.78 2.78 37.26
N CYS H 346 -10.09 2.92 37.41
CA CYS H 346 -10.88 2.00 38.26
C CYS H 346 -10.95 0.60 37.66
N ASP H 347 -11.14 -0.39 38.51
CA ASP H 347 -11.46 -1.77 38.09
C ASP H 347 -12.97 -1.85 37.91
N PRO H 348 -13.49 -2.13 36.70
CA PRO H 348 -14.93 -2.23 36.53
C PRO H 348 -15.57 -3.35 37.37
N PHE H 349 -14.85 -4.45 37.65
CA PHE H 349 -15.40 -5.52 38.52
C PHE H 349 -15.66 -4.96 39.91
N ALA H 350 -14.78 -4.15 40.45
CA ALA H 350 -14.96 -3.51 41.77
C ALA H 350 -16.13 -2.52 41.71
N VAL H 351 -16.22 -1.75 40.64
CA VAL H 351 -17.25 -0.67 40.54
C VAL H 351 -18.63 -1.32 40.45
N THR H 352 -18.81 -2.28 39.54
CA THR H 352 -20.13 -2.92 39.31
C THR H 352 -20.56 -3.68 40.58
N GLU H 353 -19.62 -4.36 41.22
CA GLU H 353 -19.94 -5.15 42.43
C GLU H 353 -20.42 -4.21 43.55
N ALA H 354 -19.75 -3.07 43.72
CA ALA H 354 -20.13 -2.10 44.77
C ALA H 354 -21.54 -1.56 44.50
N LEU H 355 -21.86 -1.27 43.25
CA LEU H 355 -23.20 -0.74 42.91
C LEU H 355 -24.27 -1.80 43.22
N ILE H 356 -24.03 -3.05 42.89
CA ILE H 356 -25.03 -4.12 43.15
C ILE H 356 -25.17 -4.32 44.66
N ARG H 357 -24.06 -4.35 45.39
CA ARG H 357 -24.10 -4.63 46.85
C ARG H 357 -24.91 -3.54 47.56
N THR H 358 -24.63 -2.28 47.27
CA THR H 358 -25.29 -1.15 47.96
C THR H 358 -26.75 -1.04 47.51
N CYS H 359 -27.00 -1.06 46.21
CA CYS H 359 -28.33 -0.67 45.65
C CYS H 359 -29.28 -1.87 45.63
N LEU H 360 -28.78 -3.07 45.39
CA LEU H 360 -29.66 -4.25 45.14
C LEU H 360 -29.64 -5.23 46.31
N LEU H 361 -28.49 -5.45 46.94
CA LEU H 361 -28.40 -6.39 48.08
C LEU H 361 -28.53 -5.64 49.40
N ASN H 362 -28.68 -4.32 49.38
CA ASN H 362 -28.92 -3.49 50.60
C ASN H 362 -27.82 -3.76 51.64
N GLU H 363 -26.59 -3.90 51.19
CA GLU H 363 -25.46 -4.11 52.12
C GLU H 363 -25.11 -2.80 52.79
N THR H 364 -24.67 -2.88 54.04
CA THR H 364 -24.25 -1.72 54.84
C THR H 364 -22.93 -2.03 55.51
N GLY H 365 -22.36 -1.02 56.17
CA GLY H 365 -21.08 -1.14 56.89
C GLY H 365 -19.89 -0.88 55.98
N ASP H 366 -18.70 -1.15 56.50
CA ASP H 366 -17.43 -0.77 55.85
C ASP H 366 -16.79 -1.98 55.17
N GLU H 367 -17.38 -3.17 55.28
CA GLU H 367 -16.79 -4.37 54.65
C GLU H 367 -17.87 -5.10 53.86
N PRO H 368 -17.49 -5.70 52.72
CA PRO H 368 -18.43 -6.48 51.93
C PRO H 368 -18.93 -7.71 52.68
N PHE H 369 -20.22 -8.01 52.50
CA PHE H 369 -20.86 -9.20 53.11
C PHE H 369 -20.25 -10.46 52.52
N GLN H 370 -20.09 -11.48 53.34
CA GLN H 370 -19.59 -12.80 52.88
C GLN H 370 -20.76 -13.70 52.53
N TYR H 371 -20.66 -14.35 51.36
CA TYR H 371 -21.61 -15.37 50.87
C TYR H 371 -22.96 -14.72 50.49
N LYS H 372 -23.11 -13.42 50.72
CA LYS H 372 -24.33 -12.69 50.27
C LYS H 372 -23.93 -11.27 49.82
N ALA I 2 13.47 30.82 17.75
CA ALA I 2 14.48 30.69 16.67
C ALA I 2 15.18 32.03 16.44
N THR I 3 16.50 32.04 16.47
CA THR I 3 17.28 33.30 16.31
C THR I 3 17.64 33.50 14.85
N SER I 4 17.97 34.73 14.50
CA SER I 4 18.18 35.14 13.09
C SER I 4 19.44 34.49 12.49
N ALA I 5 19.52 34.47 11.17
CA ALA I 5 20.72 34.00 10.43
C ALA I 5 21.94 34.86 10.78
N SER I 6 21.78 36.17 10.98
CA SER I 6 22.92 37.05 11.32
C SER I 6 23.50 36.64 12.69
N SER I 7 22.66 36.20 13.61
CA SER I 7 23.13 35.81 14.97
C SER I 7 23.98 34.55 14.87
N HIS I 8 23.87 33.78 13.79
CA HIS I 8 24.64 32.52 13.64
C HIS I 8 25.99 32.76 12.98
N LEU I 9 26.26 33.97 12.51
CA LEU I 9 27.62 34.32 12.02
C LEU I 9 28.60 34.27 13.20
N ASN I 10 29.84 33.83 13.06
CA ASN I 10 30.83 33.72 14.18
C ASN I 10 31.11 35.07 14.87
N LYS I 11 30.69 35.22 16.12
CA LYS I 11 30.88 36.51 16.84
C LYS I 11 32.39 36.68 17.12
N GLY I 12 33.10 35.59 17.37
CA GLY I 12 34.56 35.62 17.54
C GLY I 12 35.17 36.44 16.44
N ILE I 13 34.82 36.18 15.17
CA ILE I 13 35.44 36.88 14.01
C ILE I 13 35.23 38.39 14.17
N LYS I 14 34.00 38.85 14.23
CA LYS I 14 33.69 40.29 14.41
C LYS I 14 34.59 40.91 15.49
N GLN I 15 34.63 40.32 16.69
CA GLN I 15 35.48 40.81 17.81
C GLN I 15 36.89 41.06 17.29
N VAL I 16 37.48 40.10 16.59
CA VAL I 16 38.89 40.23 16.12
C VAL I 16 39.03 41.53 15.34
N TYR I 17 38.07 41.88 14.46
CA TYR I 17 38.10 43.14 13.70
C TYR I 17 37.85 44.32 14.65
N MET I 18 36.99 44.15 15.62
CA MET I 18 36.68 45.25 16.59
C MET I 18 37.86 45.49 17.53
N ALA I 19 38.80 44.54 17.63
CA ALA I 19 40.01 44.70 18.48
C ALA I 19 41.06 45.52 17.73
N LEU I 20 40.92 45.75 16.43
CA LEU I 20 41.89 46.59 15.68
C LEU I 20 41.80 48.00 16.25
N PRO I 21 42.95 48.67 16.50
CA PRO I 21 42.92 50.09 16.81
C PRO I 21 42.44 50.90 15.61
N GLN I 22 41.43 51.77 15.79
CA GLN I 22 40.79 52.43 14.64
C GLN I 22 41.58 53.66 14.20
N GLY I 23 42.41 54.23 15.08
CA GLY I 23 43.24 55.39 14.73
C GLY I 23 42.52 56.71 14.98
N ASP I 24 42.82 57.72 14.18
CA ASP I 24 42.40 59.11 14.44
C ASP I 24 40.94 59.33 14.05
N LYS I 25 40.40 58.55 13.13
CA LYS I 25 39.00 58.76 12.67
C LYS I 25 38.01 58.27 13.75
N VAL I 26 36.88 58.91 13.80
CA VAL I 26 35.81 58.61 14.79
C VAL I 26 34.51 58.32 14.04
N GLN I 27 33.79 57.31 14.52
CA GLN I 27 32.46 56.94 13.96
C GLN I 27 31.37 57.63 14.78
N ALA I 28 30.40 58.22 14.09
CA ALA I 28 29.19 58.76 14.71
C ALA I 28 27.98 58.09 14.08
N MET I 29 27.15 57.46 14.90
CA MET I 29 25.91 56.84 14.43
C MET I 29 24.76 57.82 14.67
N TYR I 30 24.16 58.29 13.58
CA TYR I 30 23.01 59.22 13.65
C TYR I 30 21.73 58.40 13.76
N ILE I 31 20.95 58.67 14.79
CA ILE I 31 19.70 57.91 15.09
C ILE I 31 18.53 58.88 14.97
N TRP I 32 17.47 58.43 14.33
CA TRP I 32 16.23 59.25 14.22
C TRP I 32 14.99 58.39 14.20
N ILE I 33 13.86 59.01 14.45
CA ILE I 33 12.53 58.37 14.45
C ILE I 33 11.96 58.45 13.04
N ASP I 34 11.50 57.33 12.51
CA ASP I 34 10.99 57.28 11.11
C ASP I 34 9.53 57.73 11.09
N GLY I 35 8.85 57.54 9.95
CA GLY I 35 7.49 58.05 9.71
C GLY I 35 6.40 57.28 10.45
N THR I 36 6.70 56.14 11.04
CA THR I 36 5.71 55.40 11.85
C THR I 36 5.59 56.03 13.24
N GLY I 37 6.55 56.88 13.63
CA GLY I 37 6.57 57.49 14.98
C GLY I 37 6.96 56.48 16.05
N GLU I 38 7.27 55.25 15.69
CA GLU I 38 7.65 54.21 16.68
C GLU I 38 8.91 53.46 16.26
N GLY I 39 9.33 53.57 15.00
CA GLY I 39 10.54 52.91 14.49
C GLY I 39 11.74 53.84 14.53
N LEU I 40 12.91 53.26 14.73
CA LEU I 40 14.18 54.02 14.74
C LEU I 40 15.01 53.62 13.55
N ARG I 41 15.71 54.60 13.00
CA ARG I 41 16.62 54.41 11.86
C ARG I 41 17.99 54.92 12.28
N CYS I 42 19.02 54.41 11.65
CA CYS I 42 20.40 54.86 11.93
C CYS I 42 21.27 54.69 10.72
N LYS I 43 22.32 55.49 10.67
CA LYS I 43 23.48 55.26 9.78
C LYS I 43 24.70 55.94 10.38
N THR I 44 25.86 55.64 9.81
CA THR I 44 27.14 56.05 10.40
C THR I 44 27.88 56.95 9.43
N ARG I 45 28.56 57.96 9.96
CA ARG I 45 29.54 58.76 9.19
C ARG I 45 30.86 58.77 9.93
N THR I 46 31.93 59.00 9.18
CA THR I 46 33.28 59.15 9.77
C THR I 46 33.52 60.64 10.09
N LEU I 47 34.00 60.91 11.29
CA LEU I 47 34.46 62.28 11.68
C LEU I 47 35.98 62.29 11.77
N ASP I 48 36.57 63.46 11.57
CA ASP I 48 38.04 63.64 11.64
C ASP I 48 38.53 63.50 13.10
N SER I 49 37.70 63.81 14.08
CA SER I 49 38.14 63.87 15.50
C SER I 49 36.93 63.66 16.41
N GLU I 50 37.21 63.37 17.67
CA GLU I 50 36.15 63.15 18.68
C GLU I 50 35.47 64.48 18.93
N PRO I 51 34.13 64.56 18.77
CA PRO I 51 33.42 65.79 19.11
C PRO I 51 33.36 65.99 20.63
N LYS I 52 33.61 67.23 21.07
CA LYS I 52 33.64 67.50 22.54
C LYS I 52 32.20 67.68 23.04
N CYS I 53 31.32 68.23 22.20
CA CYS I 53 29.90 68.41 22.59
C CYS I 53 29.00 68.18 21.38
N ILE I 54 27.70 68.20 21.62
CA ILE I 54 26.67 68.03 20.56
C ILE I 54 26.79 69.13 19.52
N GLU I 55 27.30 70.31 19.89
CA GLU I 55 27.38 71.47 18.95
C GLU I 55 28.37 71.19 17.80
N GLU I 56 29.37 70.35 18.02
CA GLU I 56 30.42 70.12 17.00
C GLU I 56 29.92 69.15 15.91
N LEU I 57 28.79 68.49 16.10
CA LEU I 57 28.33 67.46 15.13
C LEU I 57 27.67 68.15 13.96
N PRO I 58 28.09 67.84 12.71
CA PRO I 58 27.43 68.42 11.55
C PRO I 58 26.00 67.92 11.39
N GLU I 59 25.16 68.73 10.78
CA GLU I 59 23.83 68.29 10.32
C GLU I 59 24.02 67.29 9.18
N TRP I 60 23.08 66.37 9.05
CA TRP I 60 23.16 65.37 7.98
C TRP I 60 21.79 65.27 7.30
N ASN I 61 21.65 64.33 6.40
CA ASN I 61 20.41 64.19 5.61
C ASN I 61 20.22 62.72 5.23
N PHE I 62 19.03 62.40 4.76
CA PHE I 62 18.68 61.05 4.30
C PHE I 62 17.48 61.18 3.36
N ASP I 63 17.14 60.06 2.73
CA ASP I 63 15.97 59.99 1.82
C ASP I 63 14.72 59.66 2.62
N GLY I 64 13.79 60.59 2.71
CA GLY I 64 12.57 60.39 3.51
C GLY I 64 11.61 59.42 2.87
N SER I 65 11.65 59.26 1.55
CA SER I 65 10.76 58.31 0.84
C SER I 65 11.09 56.86 1.26
N SER I 66 12.26 56.61 1.81
CA SER I 66 12.69 55.27 2.28
C SER I 66 12.40 55.10 3.77
N THR I 67 11.85 56.09 4.45
CA THR I 67 11.58 56.00 5.90
C THR I 67 10.12 56.34 6.21
N PHE I 68 9.23 56.20 5.22
CA PHE I 68 7.79 56.54 5.35
C PHE I 68 7.62 58.01 5.76
N GLN I 69 8.50 58.90 5.32
CA GLN I 69 8.49 60.30 5.82
C GLN I 69 8.35 61.33 4.72
N SER I 70 8.40 60.95 3.45
CA SER I 70 8.18 61.91 2.34
C SER I 70 7.79 61.15 1.08
N GLU I 71 7.26 61.87 0.11
CA GLU I 71 6.92 61.31 -1.21
C GLU I 71 7.23 62.35 -2.28
N GLY I 72 7.45 61.86 -3.50
CA GLY I 72 7.69 62.68 -4.69
C GLY I 72 9.08 63.29 -4.70
N SER I 73 9.20 64.45 -5.34
CA SER I 73 10.51 65.05 -5.72
C SER I 73 11.29 65.46 -4.47
N ASN I 74 10.68 66.18 -3.55
CA ASN I 74 11.41 66.80 -2.42
C ASN I 74 11.38 65.87 -1.22
N SER I 75 11.92 64.67 -1.38
CA SER I 75 11.88 63.63 -0.32
C SER I 75 13.12 63.69 0.57
N ASP I 76 14.07 64.58 0.29
CA ASP I 76 15.29 64.71 1.13
C ASP I 76 14.90 65.33 2.48
N MET I 77 15.29 64.66 3.54
CA MET I 77 15.01 65.13 4.92
C MET I 77 16.35 65.49 5.56
N TYR I 78 16.28 66.23 6.66
CA TYR I 78 17.49 66.72 7.34
C TYR I 78 17.52 66.21 8.77
N LEU I 79 18.73 65.88 9.21
CA LEU I 79 18.99 65.39 10.58
C LEU I 79 19.74 66.46 11.35
N VAL I 80 19.17 66.94 12.42
CA VAL I 80 19.82 67.92 13.31
C VAL I 80 20.13 67.22 14.62
N PRO I 81 21.42 67.05 14.98
CA PRO I 81 21.77 66.42 16.24
C PRO I 81 21.14 67.13 17.44
N ALA I 82 20.62 66.33 18.37
CA ALA I 82 19.88 66.83 19.55
C ALA I 82 20.55 66.34 20.85
N ALA I 83 20.99 65.10 20.91
CA ALA I 83 21.66 64.54 22.09
C ALA I 83 22.78 63.60 21.66
N MET I 84 23.87 63.62 22.39
CA MET I 84 25.06 62.78 22.12
C MET I 84 25.22 61.77 23.26
N PHE I 85 25.67 60.58 22.93
CA PHE I 85 25.99 59.52 23.91
C PHE I 85 27.21 58.76 23.44
N ARG I 86 27.87 58.11 24.37
CA ARG I 86 29.01 57.21 24.03
C ARG I 86 28.46 55.95 23.35
N ASP I 87 29.15 55.47 22.33
CA ASP I 87 28.72 54.28 21.57
C ASP I 87 29.16 53.01 22.31
N PRO I 88 28.23 52.22 22.87
CA PRO I 88 28.62 50.98 23.55
C PRO I 88 28.94 49.82 22.62
N PHE I 89 28.57 49.92 21.35
CA PHE I 89 28.83 48.86 20.34
C PHE I 89 30.21 49.08 19.73
N ARG I 90 30.69 50.32 19.68
CA ARG I 90 32.00 50.65 19.04
C ARG I 90 32.98 51.18 20.08
N LYS I 91 32.55 51.49 21.30
CA LYS I 91 33.36 52.02 22.43
C LYS I 91 33.86 53.44 22.09
N ASP I 92 34.33 54.15 23.11
CA ASP I 92 35.02 55.46 22.96
C ASP I 92 36.11 55.34 21.90
N PRO I 93 36.33 56.40 21.09
CA PRO I 93 35.61 57.67 21.19
C PRO I 93 34.38 57.81 20.29
N ASN I 94 33.89 56.70 19.76
CA ASN I 94 32.74 56.71 18.83
C ASN I 94 31.47 57.12 19.59
N LYS I 95 30.53 57.72 18.88
CA LYS I 95 29.36 58.37 19.50
C LYS I 95 28.06 57.85 18.91
N LEU I 96 27.00 57.91 19.73
CA LEU I 96 25.61 57.80 19.24
C LEU I 96 25.02 59.20 19.21
N VAL I 97 24.45 59.57 18.07
CA VAL I 97 23.92 60.93 17.86
C VAL I 97 22.42 60.83 17.59
N PHE I 98 21.62 61.17 18.58
CA PHE I 98 20.15 61.21 18.41
C PHE I 98 19.76 62.54 17.79
N CYS I 99 19.01 62.48 16.70
CA CYS I 99 18.74 63.68 15.88
C CYS I 99 17.24 63.91 15.75
N GLU I 100 16.88 65.18 15.58
CA GLU I 100 15.54 65.60 15.13
C GLU I 100 15.49 65.55 13.61
N VAL I 101 14.30 65.34 13.07
CA VAL I 101 14.09 65.24 11.61
C VAL I 101 13.37 66.49 11.13
N PHE I 102 13.83 67.05 10.03
CA PHE I 102 13.20 68.23 9.40
C PHE I 102 12.97 67.95 7.92
N LYS I 103 11.93 68.56 7.37
CA LYS I 103 11.58 68.41 5.94
C LYS I 103 12.58 69.21 5.09
N TYR I 104 12.40 69.15 3.78
CA TYR I 104 13.29 69.88 2.82
C TYR I 104 13.23 71.39 3.07
N ASN I 105 12.10 71.91 3.53
CA ASN I 105 11.92 73.36 3.76
C ASN I 105 12.21 73.72 5.22
N ARG I 106 12.93 72.86 5.96
CA ARG I 106 13.36 73.07 7.35
C ARG I 106 12.18 73.11 8.33
N LYS I 107 10.99 72.71 7.93
CA LYS I 107 9.87 72.53 8.90
C LYS I 107 10.03 71.19 9.60
N PRO I 108 9.61 71.07 10.86
CA PRO I 108 9.69 69.80 11.57
C PRO I 108 8.91 68.69 10.87
N ALA I 109 9.46 67.49 10.87
CA ALA I 109 8.79 66.29 10.31
C ALA I 109 7.58 65.93 11.17
N GLU I 110 6.65 65.19 10.61
CA GLU I 110 5.37 64.88 11.29
C GLU I 110 5.63 64.08 12.56
N THR I 111 6.60 63.18 12.55
CA THR I 111 6.97 62.38 13.74
C THR I 111 8.03 63.10 14.58
N ASN I 112 8.40 64.31 14.22
CA ASN I 112 9.28 65.15 15.07
C ASN I 112 8.42 65.78 16.16
N LEU I 113 8.30 65.11 17.29
CA LEU I 113 7.55 65.65 18.45
C LEU I 113 8.49 66.38 19.41
N ARG I 114 9.80 66.19 19.29
CA ARG I 114 10.76 66.81 20.21
C ARG I 114 10.76 68.32 20.03
N HIS I 115 10.58 68.79 18.80
CA HIS I 115 10.68 70.24 18.49
C HIS I 115 9.68 71.02 19.35
N THR I 116 8.44 70.57 19.41
CA THR I 116 7.41 71.24 20.24
C THR I 116 7.65 70.89 21.71
N CYS I 117 8.03 69.66 22.00
CA CYS I 117 8.23 69.22 23.40
C CYS I 117 9.31 70.07 24.08
N LYS I 118 10.40 70.38 23.37
CA LYS I 118 11.49 71.20 23.94
C LYS I 118 10.95 72.60 24.25
N ARG I 119 10.15 73.18 23.37
CA ARG I 119 9.60 74.54 23.59
C ARG I 119 8.73 74.54 24.85
N ILE I 120 7.93 73.51 25.04
CA ILE I 120 7.05 73.41 26.24
C ILE I 120 7.93 73.28 27.49
N MET I 121 8.97 72.45 27.43
CA MET I 121 9.86 72.22 28.59
C MET I 121 10.56 73.53 28.95
N ASP I 122 11.01 74.31 27.96
CA ASP I 122 11.69 75.60 28.23
C ASP I 122 10.71 76.57 28.92
N MET I 123 9.42 76.45 28.65
CA MET I 123 8.40 77.34 29.23
C MET I 123 8.30 77.11 30.74
N VAL I 124 8.43 75.88 31.20
CA VAL I 124 8.25 75.54 32.63
C VAL I 124 9.58 75.18 33.26
N SER I 125 10.68 75.67 32.73
CA SER I 125 12.04 75.26 33.17
C SER I 125 12.23 75.52 34.67
N ASN I 126 11.72 76.64 35.18
CA ASN I 126 11.94 77.03 36.60
C ASN I 126 11.28 76.01 37.54
N GLN I 127 10.17 75.41 37.12
CA GLN I 127 9.46 74.42 37.99
C GLN I 127 10.20 73.07 37.99
N ARG I 128 11.18 72.89 37.10
CA ARG I 128 12.09 71.71 37.06
C ARG I 128 11.30 70.41 37.06
N PRO I 129 10.58 70.08 35.97
CA PRO I 129 9.82 68.84 35.91
C PRO I 129 10.75 67.63 35.75
N TRP I 130 10.56 66.64 36.61
CA TRP I 130 11.31 65.38 36.56
C TRP I 130 10.42 64.26 36.09
N PHE I 131 10.97 63.38 35.26
CA PHE I 131 10.21 62.24 34.71
C PHE I 131 10.95 60.95 34.98
N GLY I 132 10.19 59.87 35.05
CA GLY I 132 10.74 58.52 35.03
C GLY I 132 9.82 57.60 34.27
N MET I 133 10.38 56.73 33.44
CA MET I 133 9.54 55.81 32.64
C MET I 133 9.98 54.37 32.85
N GLU I 134 9.00 53.50 33.12
CA GLU I 134 9.25 52.05 33.22
C GLU I 134 8.91 51.42 31.88
N GLN I 135 9.92 51.19 31.05
CA GLN I 135 9.73 50.66 29.68
C GLN I 135 9.62 49.14 29.78
N GLU I 136 8.44 48.61 29.57
CA GLU I 136 8.25 47.15 29.44
C GLU I 136 8.40 46.75 27.97
N TYR I 137 8.97 45.57 27.75
CA TYR I 137 9.16 45.05 26.40
C TYR I 137 9.12 43.53 26.48
N THR I 138 8.88 42.92 25.33
CA THR I 138 8.84 41.46 25.19
C THR I 138 9.89 41.06 24.17
N LEU I 139 10.70 40.09 24.55
CA LEU I 139 11.65 39.46 23.61
C LEU I 139 10.88 38.47 22.74
N MET I 140 11.12 38.52 21.44
CA MET I 140 10.46 37.62 20.47
C MET I 140 11.51 36.99 19.58
N GLY I 141 11.28 35.74 19.21
CA GLY I 141 12.02 35.10 18.11
C GLY I 141 11.66 35.71 16.79
N THR I 142 12.41 35.40 15.75
CA THR I 142 12.16 35.97 14.39
C THR I 142 10.83 35.44 13.83
N ASP I 143 10.25 34.40 14.42
CA ASP I 143 8.99 33.79 13.98
C ASP I 143 7.76 34.53 14.51
N GLY I 144 7.94 35.55 15.35
CA GLY I 144 6.83 36.35 15.93
C GLY I 144 6.25 35.70 17.18
N HIS I 145 6.94 34.68 17.71
CA HIS I 145 6.54 34.02 18.97
C HIS I 145 7.54 34.45 20.05
N PRO I 146 7.12 34.63 21.32
CA PRO I 146 8.01 35.18 22.35
C PRO I 146 9.26 34.33 22.54
N PHE I 147 10.39 34.97 22.88
CA PHE I 147 11.66 34.23 23.04
C PHE I 147 11.55 33.24 24.19
N GLY I 148 11.93 31.98 23.98
CA GLY I 148 11.95 30.99 25.08
C GLY I 148 10.66 30.19 25.22
N TRP I 149 9.58 30.60 24.55
CA TRP I 149 8.28 29.91 24.73
C TRP I 149 8.30 28.59 23.94
N PRO I 150 7.55 27.53 24.31
CA PRO I 150 7.55 26.32 23.50
C PRO I 150 7.08 26.62 22.07
N SER I 151 7.63 25.90 21.11
CA SER I 151 7.28 26.01 19.69
C SER I 151 5.76 25.87 19.53
N ASN I 152 5.13 26.94 19.06
CA ASN I 152 3.67 27.00 18.77
C ASN I 152 2.86 26.75 20.04
N GLY I 153 3.40 27.08 21.21
CA GLY I 153 2.76 26.76 22.49
C GLY I 153 3.00 27.80 23.55
N PHE I 154 2.73 27.41 24.78
CA PHE I 154 2.75 28.32 25.91
C PHE I 154 3.53 27.70 27.05
N PRO I 155 4.21 28.56 27.84
CA PRO I 155 4.79 28.09 29.09
C PRO I 155 3.68 27.95 30.12
N GLY I 156 4.06 27.57 31.32
CA GLY I 156 3.13 27.45 32.45
C GLY I 156 2.43 28.77 32.70
N PRO I 157 1.32 28.78 33.45
CA PRO I 157 0.61 30.01 33.75
C PRO I 157 1.51 31.02 34.49
N GLN I 158 1.14 32.29 34.37
CA GLN I 158 1.85 33.41 35.04
C GLN I 158 1.82 33.24 36.57
N GLY I 159 2.84 33.71 37.24
CA GLY I 159 2.95 33.61 38.70
C GLY I 159 4.40 33.51 39.13
N PRO I 160 5.20 32.62 38.50
CA PRO I 160 6.60 32.50 38.88
C PRO I 160 7.59 33.35 38.08
N TYR I 161 7.15 34.07 37.07
CA TYR I 161 8.08 34.70 36.11
C TYR I 161 8.49 36.10 36.58
N TYR I 162 7.59 36.80 37.22
CA TYR I 162 7.85 38.17 37.70
C TYR I 162 9.06 38.13 38.66
N CYS I 163 10.13 38.82 38.28
CA CYS I 163 11.37 38.90 39.06
C CYS I 163 11.95 37.49 39.26
N GLY I 164 11.74 36.58 38.31
CA GLY I 164 12.11 35.18 38.48
C GLY I 164 13.57 34.95 38.19
N VAL I 165 14.10 33.90 38.77
CA VAL I 165 15.49 33.47 38.50
C VAL I 165 15.47 31.96 38.26
N GLY I 166 16.28 31.51 37.33
CA GLY I 166 16.33 30.11 36.93
C GLY I 166 15.96 29.94 35.49
N ALA I 167 16.36 28.82 34.90
CA ALA I 167 16.21 28.57 33.46
C ALA I 167 14.74 28.49 33.07
N ASP I 168 13.88 28.10 33.98
CA ASP I 168 12.42 27.96 33.73
C ASP I 168 11.65 29.22 34.12
N LYS I 169 12.30 30.27 34.62
CA LYS I 169 11.59 31.49 35.09
C LYS I 169 11.94 32.70 34.22
N ALA I 170 13.21 32.94 33.93
CA ALA I 170 13.66 34.16 33.20
C ALA I 170 14.13 33.75 31.82
N TYR I 171 13.57 34.35 30.78
CA TYR I 171 13.95 34.07 29.38
C TYR I 171 14.73 35.25 28.80
N GLY I 172 15.94 34.99 28.33
CA GLY I 172 16.78 35.99 27.63
C GLY I 172 17.31 37.06 28.57
N ARG I 173 17.76 36.70 29.77
CA ARG I 173 18.43 37.65 30.70
C ARG I 173 19.78 38.15 30.13
N ASP I 174 20.43 37.37 29.26
CA ASP I 174 21.70 37.82 28.64
C ASP I 174 21.48 39.16 27.94
N ILE I 175 20.36 39.31 27.27
CA ILE I 175 20.01 40.55 26.55
C ILE I 175 19.81 41.66 27.56
N VAL I 176 19.16 41.36 28.66
CA VAL I 176 18.84 42.37 29.69
C VAL I 176 20.14 42.87 30.32
N GLU I 177 21.04 41.97 30.65
CA GLU I 177 22.33 42.35 31.28
C GLU I 177 23.14 43.19 30.30
N ALA I 178 23.19 42.79 29.02
CA ALA I 178 23.99 43.49 28.01
C ALA I 178 23.42 44.88 27.80
N HIS I 179 22.10 44.98 27.72
CA HIS I 179 21.42 46.28 27.51
C HIS I 179 21.70 47.23 28.68
N TYR I 180 21.54 46.73 29.90
CA TYR I 180 21.75 47.51 31.15
C TYR I 180 23.15 48.10 31.15
N ARG I 181 24.15 47.28 30.87
CA ARG I 181 25.57 47.72 30.84
C ARG I 181 25.77 48.70 29.68
N ALA I 182 25.21 48.34 28.54
CA ALA I 182 25.38 49.19 27.35
C ALA I 182 24.81 50.58 27.64
N CYS I 183 23.65 50.65 28.28
CA CYS I 183 23.06 51.94 28.66
C CYS I 183 23.93 52.68 29.69
N LEU I 184 24.45 51.98 30.68
CA LEU I 184 25.30 52.64 31.71
C LEU I 184 26.55 53.20 31.01
N TYR I 185 27.18 52.45 30.12
CA TYR I 185 28.37 52.91 29.38
C TYR I 185 28.01 54.12 28.54
N ALA I 186 26.87 54.09 27.86
CA ALA I 186 26.47 55.16 26.92
C ALA I 186 26.16 56.47 27.68
N GLY I 187 25.91 56.41 28.98
CA GLY I 187 25.45 57.58 29.75
C GLY I 187 23.94 57.71 29.79
N ILE I 188 23.21 56.63 29.55
CA ILE I 188 21.73 56.62 29.72
C ILE I 188 21.41 56.53 31.20
N LYS I 189 20.41 57.27 31.65
CA LYS I 189 19.98 57.31 33.06
C LYS I 189 19.06 56.11 33.34
N ILE I 190 19.64 54.92 33.32
CA ILE I 190 18.88 53.67 33.55
C ILE I 190 18.91 53.33 35.04
N GLY I 191 17.73 53.20 35.63
CA GLY I 191 17.58 53.13 37.09
C GLY I 191 17.45 51.70 37.58
N GLY I 192 17.19 50.74 36.70
CA GLY I 192 17.04 49.36 37.13
C GLY I 192 16.28 48.53 36.14
N THR I 193 16.20 47.23 36.39
CA THR I 193 15.53 46.26 35.50
C THR I 193 14.81 45.24 36.37
N ASN I 194 13.83 44.59 35.78
CA ASN I 194 13.21 43.41 36.41
C ASN I 194 12.62 42.53 35.32
N ALA I 195 12.46 41.26 35.65
CA ALA I 195 11.66 40.30 34.84
C ALA I 195 10.18 40.58 35.13
N GLU I 196 9.39 40.62 34.06
CA GLU I 196 7.96 40.93 34.15
C GLU I 196 7.15 39.66 34.34
N VAL I 197 5.85 39.83 34.52
CA VAL I 197 4.94 38.72 34.89
C VAL I 197 4.86 37.75 33.71
N MET I 198 4.75 38.28 32.51
CA MET I 198 4.81 37.46 31.29
C MET I 198 6.25 36.95 31.14
N PRO I 199 6.46 35.64 30.96
CA PRO I 199 7.80 35.15 30.65
C PRO I 199 8.31 35.69 29.32
N ALA I 200 9.60 35.95 29.24
CA ALA I 200 10.29 36.64 28.11
C ALA I 200 9.94 38.14 28.05
N GLN I 201 9.12 38.60 29.00
CA GLN I 201 8.82 40.06 29.10
C GLN I 201 9.74 40.67 30.17
N TRP I 202 10.25 41.87 29.91
CA TRP I 202 11.20 42.54 30.83
C TRP I 202 10.85 44.01 30.90
N GLU I 203 11.56 44.70 31.76
CA GLU I 203 11.36 46.15 31.96
C GLU I 203 12.68 46.77 32.39
N PHE I 204 12.93 47.97 31.89
CA PHE I 204 14.01 48.83 32.44
C PHE I 204 13.40 50.18 32.77
N GLN I 205 13.93 50.79 33.82
CA GLN I 205 13.49 52.13 34.28
C GLN I 205 14.50 53.17 33.77
N ILE I 206 13.97 54.24 33.21
CA ILE I 206 14.79 55.40 32.75
C ILE I 206 14.40 56.59 33.59
N GLY I 207 15.36 57.18 34.28
CA GLY I 207 15.10 58.40 35.07
C GLY I 207 15.77 58.36 36.42
N PRO I 208 15.64 59.44 37.22
CA PRO I 208 14.89 60.63 36.86
C PRO I 208 15.58 61.51 35.81
N CYS I 209 14.80 62.03 34.88
CA CYS I 209 15.30 62.90 33.80
C CYS I 209 14.52 64.21 33.87
N GLU I 210 15.22 65.31 33.60
CA GLU I 210 14.60 66.65 33.66
C GLU I 210 14.23 67.09 32.25
N GLY I 211 12.96 67.46 32.08
CA GLY I 211 12.45 68.11 30.87
C GLY I 211 12.66 67.26 29.63
N ILE I 212 13.34 67.82 28.63
CA ILE I 212 13.50 67.16 27.31
C ILE I 212 14.42 65.94 27.42
N ASP I 213 15.18 65.80 28.51
CA ASP I 213 16.11 64.65 28.65
C ASP I 213 15.35 63.33 28.76
N MET I 214 14.08 63.34 29.14
CA MET I 214 13.34 62.06 29.31
C MET I 214 13.17 61.39 27.94
N GLY I 215 12.75 62.15 26.93
CA GLY I 215 12.54 61.59 25.59
C GLY I 215 13.84 61.15 24.97
N ASP I 216 14.90 61.92 25.12
CA ASP I 216 16.22 61.57 24.53
C ASP I 216 16.73 60.26 25.14
N HIS I 217 16.71 60.16 26.46
CA HIS I 217 17.26 58.97 27.15
C HIS I 217 16.44 57.72 26.82
N LEU I 218 15.11 57.84 26.78
CA LEU I 218 14.27 56.65 26.53
C LEU I 218 14.43 56.22 25.06
N TRP I 219 14.42 57.16 24.14
CA TRP I 219 14.52 56.81 22.70
C TRP I 219 15.87 56.13 22.44
N VAL I 220 16.93 56.64 23.04
CA VAL I 220 18.28 56.05 22.80
C VAL I 220 18.35 54.72 23.54
N ALA I 221 17.78 54.62 24.71
CA ALA I 221 17.67 53.32 25.43
C ALA I 221 16.93 52.29 24.57
N ARG I 222 15.85 52.68 23.91
CA ARG I 222 15.14 51.80 22.96
C ARG I 222 16.06 51.41 21.82
N PHE I 223 16.81 52.36 21.26
CA PHE I 223 17.72 52.07 20.13
C PHE I 223 18.77 51.04 20.58
N ILE I 224 19.34 51.24 21.76
CA ILE I 224 20.41 50.33 22.25
C ILE I 224 19.80 48.93 22.44
N LEU I 225 18.58 48.86 22.98
CA LEU I 225 17.93 47.54 23.16
C LEU I 225 17.76 46.86 21.80
N HIS I 226 17.25 47.58 20.80
CA HIS I 226 17.08 47.01 19.44
C HIS I 226 18.44 46.55 18.92
N ARG I 227 19.46 47.37 19.09
CA ARG I 227 20.81 47.03 18.56
C ARG I 227 21.41 45.85 19.33
N VAL I 228 21.25 45.84 20.63
CA VAL I 228 21.72 44.68 21.45
C VAL I 228 20.94 43.41 21.06
N CYS I 229 19.63 43.50 20.90
CA CYS I 229 18.79 42.34 20.51
C CYS I 229 19.21 41.88 19.11
N GLU I 230 19.54 42.81 18.22
CA GLU I 230 20.01 42.46 16.86
C GLU I 230 21.28 41.61 16.96
N ASP I 231 22.17 41.91 17.91
CA ASP I 231 23.41 41.12 18.09
C ASP I 231 23.06 39.68 18.48
N PHE I 232 22.12 39.51 19.39
CA PHE I 232 21.70 38.17 19.87
C PHE I 232 20.77 37.49 18.87
N GLY I 233 20.24 38.21 17.88
CA GLY I 233 19.38 37.64 16.83
C GLY I 233 17.94 37.47 17.29
N VAL I 234 17.48 38.27 18.25
CA VAL I 234 16.06 38.26 18.69
C VAL I 234 15.49 39.67 18.48
N ILE I 235 14.19 39.80 18.65
CA ILE I 235 13.46 41.07 18.44
C ILE I 235 12.93 41.53 19.78
N ALA I 236 13.12 42.83 20.06
CA ALA I 236 12.45 43.50 21.19
C ALA I 236 11.22 44.20 20.62
N THR I 237 10.05 43.81 21.11
CA THR I 237 8.78 44.46 20.72
C THR I 237 8.28 45.33 21.87
N PHE I 238 7.76 46.49 21.53
CA PHE I 238 7.08 47.39 22.48
C PHE I 238 5.58 47.33 22.23
N ASP I 239 5.10 46.27 21.60
CA ASP I 239 3.64 46.08 21.39
C ASP I 239 2.96 46.05 22.75
N PRO I 240 1.91 46.85 22.98
CA PRO I 240 1.25 46.86 24.28
C PRO I 240 0.60 45.53 24.67
N LYS I 241 0.33 44.65 23.71
CA LYS I 241 -0.27 43.33 24.00
C LYS I 241 0.27 42.32 23.01
N PRO I 242 1.52 41.85 23.18
CA PRO I 242 2.11 40.94 22.21
C PRO I 242 1.34 39.62 22.05
N ILE I 243 0.79 39.08 23.13
CA ILE I 243 0.08 37.79 23.12
C ILE I 243 -1.32 37.98 23.67
N PRO I 244 -2.38 37.62 22.92
CA PRO I 244 -3.74 37.72 23.45
C PRO I 244 -4.00 36.72 24.59
N GLY I 245 -4.93 37.07 25.46
CA GLY I 245 -5.44 36.16 26.50
C GLY I 245 -4.97 36.55 27.89
N ASN I 246 -4.63 35.59 28.72
CA ASN I 246 -4.20 35.85 30.12
C ASN I 246 -2.68 36.01 30.15
N TRP I 247 -2.17 36.88 29.30
CA TRP I 247 -0.73 37.24 29.27
C TRP I 247 -0.64 38.75 29.35
N ASN I 248 0.21 39.23 30.26
CA ASN I 248 0.28 40.66 30.61
C ASN I 248 0.67 41.51 29.41
N GLY I 249 0.03 42.68 29.30
CA GLY I 249 0.45 43.73 28.37
C GLY I 249 1.74 44.38 28.81
N ALA I 250 2.30 45.19 27.94
CA ALA I 250 3.49 46.01 28.23
C ALA I 250 3.06 47.48 28.26
N GLY I 251 3.30 48.15 29.39
CA GLY I 251 3.06 49.60 29.49
C GLY I 251 4.36 50.37 29.68
N CYS I 252 4.26 51.68 29.65
CA CYS I 252 5.36 52.59 29.97
C CYS I 252 4.87 53.55 31.05
N HIS I 253 4.91 53.10 32.29
CA HIS I 253 4.43 53.89 33.44
C HIS I 253 5.33 55.12 33.62
N THR I 254 4.72 56.29 33.67
CA THR I 254 5.47 57.56 33.74
C THR I 254 5.30 58.15 35.13
N ASN I 255 6.42 58.41 35.79
CA ASN I 255 6.46 59.13 37.08
C ASN I 255 6.70 60.62 36.81
N PHE I 256 5.97 61.48 37.47
CA PHE I 256 6.04 62.94 37.23
C PHE I 256 6.09 63.65 38.59
N SER I 257 6.98 64.62 38.69
CA SER I 257 7.06 65.51 39.87
C SER I 257 7.64 66.85 39.43
N THR I 258 7.26 67.91 40.13
CA THR I 258 7.86 69.25 39.95
C THR I 258 8.63 69.60 41.21
N LYS I 259 9.27 70.77 41.19
CA LYS I 259 9.97 71.30 42.38
C LYS I 259 8.97 71.44 43.53
N ALA I 260 7.76 71.92 43.25
CA ALA I 260 6.71 72.09 44.28
C ALA I 260 6.33 70.72 44.86
N MET I 261 6.15 69.72 44.01
CA MET I 261 5.68 68.39 44.48
C MET I 261 6.79 67.72 45.31
N ARG I 262 8.06 67.96 44.98
CA ARG I 262 9.17 67.30 45.71
C ARG I 262 9.37 67.97 47.08
N GLU I 263 9.05 69.24 47.21
CA GLU I 263 9.25 69.99 48.49
C GLU I 263 8.29 69.47 49.56
N GLU I 264 8.58 69.83 50.80
CA GLU I 264 7.75 69.42 51.96
C GLU I 264 6.30 69.82 51.74
N ASN I 265 5.38 68.93 52.08
CA ASN I 265 3.92 69.12 51.89
C ASN I 265 3.63 69.35 50.41
N GLY I 266 4.36 68.65 49.54
CA GLY I 266 4.14 68.71 48.08
C GLY I 266 2.98 67.83 47.63
N LEU I 267 2.34 67.10 48.54
CA LEU I 267 1.20 66.24 48.16
C LEU I 267 0.04 67.09 47.63
N LYS I 268 -0.18 68.27 48.20
CA LYS I 268 -1.29 69.16 47.75
C LYS I 268 -1.10 69.49 46.27
N TYR I 269 0.12 69.74 45.83
CA TYR I 269 0.40 70.04 44.41
C TYR I 269 0.25 68.75 43.59
N ILE I 270 0.56 67.59 44.17
CA ILE I 270 0.36 66.30 43.48
C ILE I 270 -1.13 66.10 43.24
N GLU I 271 -1.95 66.33 44.26
CA GLU I 271 -3.42 66.14 44.15
C GLU I 271 -3.99 67.16 43.14
N GLU I 272 -3.50 68.39 43.13
CA GLU I 272 -3.98 69.42 42.19
C GLU I 272 -3.66 68.98 40.75
N ALA I 273 -2.49 68.41 40.52
CA ALA I 273 -2.09 67.94 39.17
C ALA I 273 -3.01 66.78 38.75
N ILE I 274 -3.33 65.89 39.68
CA ILE I 274 -4.11 64.67 39.34
C ILE I 274 -5.56 65.06 39.02
N GLU I 275 -6.14 65.98 39.76
CA GLU I 275 -7.54 66.42 39.49
C GLU I 275 -7.59 67.15 38.16
N LYS I 276 -6.53 67.86 37.79
CA LYS I 276 -6.42 68.43 36.42
C LYS I 276 -6.37 67.31 35.38
N LEU I 277 -5.63 66.24 35.67
CA LEU I 277 -5.55 65.08 34.74
C LEU I 277 -6.91 64.38 34.67
N SER I 278 -7.69 64.43 35.75
CA SER I 278 -9.01 63.77 35.81
C SER I 278 -9.92 64.30 34.71
N LYS I 279 -9.76 65.57 34.35
CA LYS I 279 -10.67 66.24 33.38
C LYS I 279 -10.17 66.11 31.95
N ARG I 280 -9.00 65.50 31.72
CA ARG I 280 -8.45 65.40 30.33
C ARG I 280 -8.04 63.96 30.02
N HIS I 281 -8.80 62.98 30.47
CA HIS I 281 -8.46 61.55 30.26
C HIS I 281 -8.39 61.23 28.76
N GLN I 282 -9.35 61.70 27.99
CA GLN I 282 -9.41 61.38 26.54
C GLN I 282 -8.24 62.03 25.80
N TYR I 283 -7.88 63.26 26.16
CA TYR I 283 -6.77 63.98 25.50
C TYR I 283 -5.46 63.20 25.71
N HIS I 284 -5.26 62.66 26.91
CA HIS I 284 -4.00 61.95 27.25
C HIS I 284 -3.98 60.57 26.57
N ILE I 285 -5.12 59.90 26.48
CA ILE I 285 -5.17 58.56 25.84
C ILE I 285 -4.75 58.69 24.38
N ARG I 286 -5.21 59.73 23.69
CA ARG I 286 -4.82 59.97 22.28
C ARG I 286 -3.31 60.20 22.18
N ALA I 287 -2.73 60.97 23.11
CA ALA I 287 -1.30 61.31 23.07
C ALA I 287 -0.44 60.11 23.49
N TYR I 288 -0.98 59.20 24.30
CA TYR I 288 -0.18 58.11 24.92
C TYR I 288 0.03 56.94 23.95
N ASP I 289 -0.27 57.12 22.67
CA ASP I 289 -0.18 56.00 21.71
C ASP I 289 0.14 56.56 20.34
N PRO I 290 1.05 55.92 19.58
CA PRO I 290 1.46 56.45 18.29
C PRO I 290 0.34 56.51 17.25
N LYS I 291 -0.71 55.69 17.39
CA LYS I 291 -1.82 55.67 16.41
C LYS I 291 -3.14 56.05 17.08
N GLY I 292 -3.09 56.97 18.05
CA GLY I 292 -4.29 57.63 18.61
C GLY I 292 -4.97 56.85 19.74
N GLY I 293 -4.42 55.71 20.16
CA GLY I 293 -4.96 54.96 21.32
C GLY I 293 -5.58 53.63 20.93
N LEU I 294 -5.43 53.17 19.70
CA LEU I 294 -6.01 51.86 19.29
C LEU I 294 -5.16 50.72 19.87
N ASP I 295 -3.84 50.83 19.82
CA ASP I 295 -2.94 49.78 20.35
C ASP I 295 -3.18 49.61 21.85
N ASN I 296 -3.29 50.70 22.58
CA ASN I 296 -3.45 50.66 24.04
C ASN I 296 -4.83 50.15 24.43
N ALA I 297 -5.79 50.08 23.49
CA ALA I 297 -7.13 49.51 23.77
C ALA I 297 -7.00 48.02 24.07
N ARG I 298 -6.06 47.34 23.41
CA ARG I 298 -5.81 45.90 23.67
C ARG I 298 -5.21 45.69 25.06
N ARG I 299 -4.51 46.69 25.60
CA ARG I 299 -3.84 46.53 26.91
C ARG I 299 -4.75 47.03 28.04
N LEU I 300 -5.32 48.22 27.88
CA LEU I 300 -6.10 48.87 28.97
C LEU I 300 -7.49 48.24 29.02
N THR I 301 -7.56 47.03 29.57
CA THR I 301 -8.83 46.28 29.73
C THR I 301 -9.30 46.27 31.18
N GLY I 302 -8.48 46.73 32.13
CA GLY I 302 -8.87 46.75 33.55
C GLY I 302 -8.78 45.39 34.21
N PHE I 303 -8.05 44.43 33.64
CA PHE I 303 -8.00 43.04 34.18
C PHE I 303 -6.61 42.71 34.73
N HIS I 304 -5.59 42.72 33.86
CA HIS I 304 -4.20 42.31 34.24
C HIS I 304 -3.42 43.49 34.81
N GLU I 305 -3.74 43.90 36.03
CA GLU I 305 -3.09 45.04 36.72
C GLU I 305 -3.17 46.30 35.85
N THR I 306 -4.14 46.41 34.97
CA THR I 306 -4.34 47.60 34.11
C THR I 306 -5.60 48.32 34.53
N SER I 307 -5.78 49.53 34.02
CA SER I 307 -7.02 50.32 34.20
C SER I 307 -7.86 50.18 32.94
N ASN I 308 -9.05 50.79 32.95
CA ASN I 308 -9.94 50.80 31.78
C ASN I 308 -9.60 52.02 30.93
N ILE I 309 -9.56 51.82 29.62
CA ILE I 309 -9.20 52.93 28.67
C ILE I 309 -10.32 53.98 28.68
N ASN I 310 -11.56 53.58 28.94
CA ASN I 310 -12.72 54.50 28.86
C ASN I 310 -12.97 55.23 30.19
N ASP I 311 -12.34 54.80 31.28
CA ASP I 311 -12.65 55.36 32.62
C ASP I 311 -11.35 55.81 33.31
N PHE I 312 -11.40 56.97 33.93
CA PHE I 312 -10.26 57.54 34.69
C PHE I 312 -10.46 57.24 36.17
N SER I 313 -9.38 56.89 36.85
CA SER I 313 -9.39 56.66 38.31
C SER I 313 -8.02 56.96 38.89
N ALA I 314 -8.00 57.47 40.11
CA ALA I 314 -6.75 57.78 40.84
C ALA I 314 -6.91 57.36 42.29
N GLY I 315 -5.79 57.01 42.92
CA GLY I 315 -5.79 56.64 44.33
C GLY I 315 -4.41 56.35 44.83
N VAL I 316 -4.27 56.31 46.14
CA VAL I 316 -2.99 55.95 46.81
C VAL I 316 -2.83 54.43 46.77
N ALA I 317 -1.70 53.97 46.26
CA ALA I 317 -1.33 52.53 46.20
C ALA I 317 -2.41 51.77 45.43
N ASN I 318 -2.94 52.36 44.36
CA ASN I 318 -3.97 51.72 43.51
C ASN I 318 -3.31 51.26 42.22
N ARG I 319 -3.00 49.98 42.13
CA ARG I 319 -2.36 49.39 40.91
C ARG I 319 -3.33 49.45 39.73
N GLY I 320 -4.62 49.27 39.98
CA GLY I 320 -5.67 49.25 38.93
C GLY I 320 -6.11 50.64 38.50
N ALA I 321 -5.61 51.70 39.13
CA ALA I 321 -6.04 53.08 38.79
C ALA I 321 -5.26 53.59 37.58
N SER I 322 -5.82 54.59 36.92
CA SER I 322 -5.14 55.32 35.82
C SER I 322 -3.94 56.07 36.38
N ILE I 323 -4.08 56.66 37.56
CA ILE I 323 -3.00 57.41 38.22
C ILE I 323 -2.83 56.82 39.62
N ARG I 324 -1.58 56.57 40.01
CA ARG I 324 -1.27 55.98 41.32
C ARG I 324 -0.37 56.95 42.08
N ILE I 325 -0.75 57.25 43.31
CA ILE I 325 0.14 57.94 44.27
C ILE I 325 0.79 56.85 45.11
N PRO I 326 2.13 56.75 45.11
CA PRO I 326 2.80 55.71 45.91
C PRO I 326 2.48 55.88 47.41
N ARG I 327 2.43 54.77 48.12
CA ARG I 327 2.07 54.76 49.55
C ARG I 327 3.06 55.61 50.34
N THR I 328 4.35 55.51 50.03
CA THR I 328 5.39 56.32 50.70
C THR I 328 5.15 57.80 50.43
N VAL I 329 4.79 58.15 49.21
CA VAL I 329 4.55 59.57 48.85
C VAL I 329 3.37 60.09 49.67
N GLY I 330 2.33 59.30 49.83
CA GLY I 330 1.19 59.67 50.70
C GLY I 330 1.63 59.89 52.14
N GLN I 331 2.50 59.03 52.65
CA GLN I 331 2.96 59.10 54.06
C GLN I 331 3.88 60.32 54.24
N GLU I 332 4.85 60.50 53.33
CA GLU I 332 5.82 61.61 53.42
C GLU I 332 5.17 62.92 52.99
N LYS I 333 3.97 62.89 52.40
CA LYS I 333 3.23 64.09 51.94
C LYS I 333 4.03 64.85 50.87
N LYS I 334 4.91 64.15 50.15
CA LYS I 334 5.69 64.78 49.06
C LYS I 334 6.25 63.70 48.14
N GLY I 335 6.66 64.10 46.95
CA GLY I 335 7.33 63.22 45.98
C GLY I 335 6.73 63.31 44.59
N TYR I 336 6.27 62.18 44.05
CA TYR I 336 5.85 62.09 42.64
C TYR I 336 4.54 61.32 42.57
N PHE I 337 3.96 61.27 41.38
CA PHE I 337 2.84 60.37 41.07
C PHE I 337 3.13 59.63 39.78
N GLU I 338 2.52 58.47 39.63
CA GLU I 338 2.76 57.58 38.49
C GLU I 338 1.54 57.57 37.59
N ASP I 339 1.75 57.95 36.33
CA ASP I 339 0.73 57.75 35.27
C ASP I 339 0.93 56.36 34.67
N ARG I 340 -0.02 55.46 34.89
CA ARG I 340 0.10 54.06 34.43
C ARG I 340 -0.61 53.87 33.08
N ARG I 341 -1.17 54.91 32.50
CA ARG I 341 -1.92 54.81 31.22
C ARG I 341 -1.00 54.56 30.03
N PRO I 342 0.17 55.22 29.88
CA PRO I 342 0.89 55.16 28.60
C PRO I 342 1.28 53.73 28.18
N SER I 343 1.12 53.46 26.90
CA SER I 343 1.45 52.17 26.26
C SER I 343 2.97 52.00 26.16
N ALA I 344 3.43 50.77 25.99
CA ALA I 344 4.88 50.50 25.87
C ALA I 344 5.45 51.13 24.60
N ASN I 345 4.67 51.27 23.55
CA ASN I 345 5.13 51.85 22.26
C ASN I 345 4.80 53.34 22.20
N CYS I 346 4.59 54.00 23.33
CA CYS I 346 4.33 55.46 23.34
C CYS I 346 5.58 56.25 22.96
N ASP I 347 5.37 57.45 22.44
CA ASP I 347 6.46 58.42 22.23
C ASP I 347 6.63 59.21 23.52
N PRO I 348 7.81 59.14 24.18
CA PRO I 348 8.00 59.89 25.42
C PRO I 348 7.86 61.42 25.23
N PHE I 349 8.20 61.96 24.05
CA PHE I 349 8.02 63.41 23.78
C PHE I 349 6.54 63.77 23.87
N ALA I 350 5.67 62.94 23.33
CA ALA I 350 4.20 63.16 23.39
C ALA I 350 3.72 63.02 24.84
N VAL I 351 4.23 62.03 25.56
CA VAL I 351 3.74 61.75 26.94
C VAL I 351 4.15 62.91 27.86
N THR I 352 5.41 63.30 27.84
CA THR I 352 5.93 64.35 28.74
C THR I 352 5.26 65.69 28.42
N GLU I 353 5.08 65.99 27.15
CA GLU I 353 4.45 67.26 26.72
C GLU I 353 3.01 67.32 27.23
N ALA I 354 2.27 66.22 27.13
CA ALA I 354 0.85 66.18 27.57
C ALA I 354 0.79 66.40 29.09
N LEU I 355 1.70 65.80 29.84
CA LEU I 355 1.70 65.97 31.32
C LEU I 355 1.97 67.44 31.66
N ILE I 356 2.92 68.08 31.01
CA ILE I 356 3.25 69.49 31.31
C ILE I 356 2.07 70.37 30.91
N ARG I 357 1.48 70.15 29.75
CA ARG I 357 0.38 71.02 29.24
C ARG I 357 -0.81 70.96 30.21
N THR I 358 -1.21 69.77 30.61
CA THR I 358 -2.41 69.60 31.48
C THR I 358 -2.10 70.09 32.90
N CYS I 359 -0.99 69.66 33.48
CA CYS I 359 -0.72 69.83 34.93
C CYS I 359 -0.09 71.18 35.22
N LEU I 360 0.77 71.70 34.34
CA LEU I 360 1.59 72.90 34.63
C LEU I 360 1.09 74.12 33.85
N LEU I 361 0.69 73.95 32.60
CA LEU I 361 0.22 75.09 31.77
C LEU I 361 -1.31 75.21 31.84
N ASN I 362 -1.99 74.31 32.57
CA ASN I 362 -3.46 74.39 32.79
C ASN I 362 -4.19 74.46 31.45
N GLU I 363 -3.73 73.72 30.46
CA GLU I 363 -4.38 73.69 29.15
C GLU I 363 -5.65 72.84 29.23
N THR I 364 -6.66 73.23 28.49
CA THR I 364 -7.95 72.51 28.41
C THR I 364 -8.34 72.33 26.95
N GLY I 365 -9.43 71.60 26.73
CA GLY I 365 -9.97 71.33 25.39
C GLY I 365 -9.32 70.13 24.75
N ASP I 366 -9.61 69.92 23.47
CA ASP I 366 -9.25 68.69 22.74
C ASP I 366 -8.04 68.93 21.84
N GLU I 367 -7.50 70.15 21.80
CA GLU I 367 -6.33 70.44 20.94
C GLU I 367 -5.29 71.19 21.75
N PRO I 368 -3.99 70.92 21.49
CA PRO I 368 -2.91 71.63 22.17
C PRO I 368 -2.91 73.13 21.84
N PHE I 369 -2.63 73.94 22.85
CA PHE I 369 -2.53 75.41 22.70
C PHE I 369 -1.35 75.75 21.80
N GLN I 370 -1.52 76.77 20.97
CA GLN I 370 -0.43 77.26 20.09
C GLN I 370 0.34 78.37 20.80
N TYR I 371 1.67 78.28 20.75
CA TYR I 371 2.61 79.31 21.25
C TYR I 371 2.59 79.37 22.78
N LYS I 372 1.71 78.60 23.43
CA LYS I 372 1.70 78.50 24.91
C LYS I 372 1.34 77.08 25.32
N ALA J 2 19.11 2.06 16.90
CA ALA J 2 19.37 2.51 15.51
C ALA J 2 19.30 1.33 14.54
N THR J 3 18.48 1.45 13.50
CA THR J 3 18.29 0.34 12.53
C THR J 3 19.27 0.49 11.38
N SER J 4 19.49 -0.61 10.67
CA SER J 4 20.53 -0.69 9.62
C SER J 4 20.21 0.19 8.41
N ALA J 5 21.22 0.49 7.60
CA ALA J 5 21.06 1.22 6.32
C ALA J 5 20.14 0.44 5.37
N SER J 6 20.22 -0.89 5.35
CA SER J 6 19.36 -1.70 4.44
C SER J 6 17.89 -1.53 4.83
N SER J 7 17.59 -1.37 6.11
CA SER J 7 16.18 -1.22 6.57
C SER J 7 15.63 0.12 6.09
N HIS J 8 16.48 1.08 5.74
CA HIS J 8 16.02 2.42 5.29
C HIS J 8 15.78 2.46 3.79
N LEU J 9 16.13 1.40 3.06
CA LEU J 9 15.75 1.31 1.62
C LEU J 9 14.22 1.22 1.51
N ASN J 10 13.56 1.80 0.53
CA ASN J 10 12.07 1.79 0.38
C ASN J 10 11.49 0.36 0.27
N LYS J 11 10.75 -0.09 1.28
CA LYS J 11 10.19 -1.47 1.27
C LYS J 11 9.10 -1.54 0.18
N GLY J 12 8.37 -0.45 -0.02
CA GLY J 12 7.38 -0.36 -1.10
C GLY J 12 7.98 -0.87 -2.38
N ILE J 13 9.17 -0.40 -2.76
CA ILE J 13 9.82 -0.78 -4.05
C ILE J 13 9.98 -2.30 -4.10
N LYS J 14 10.69 -2.88 -3.17
CA LYS J 14 10.89 -4.35 -3.13
C LYS J 14 9.55 -5.09 -3.36
N GLN J 15 8.50 -4.76 -2.59
CA GLN J 15 7.16 -5.37 -2.74
C GLN J 15 6.78 -5.36 -4.23
N VAL J 16 6.88 -4.23 -4.90
CA VAL J 16 6.45 -4.10 -6.31
C VAL J 16 7.13 -5.21 -7.13
N TYR J 17 8.43 -5.46 -6.92
CA TYR J 17 9.16 -6.53 -7.63
C TYR J 17 8.67 -7.89 -7.14
N MET J 18 8.39 -8.03 -5.87
CA MET J 18 7.90 -9.32 -5.30
C MET J 18 6.47 -9.62 -5.77
N ALA J 19 5.74 -8.62 -6.27
CA ALA J 19 4.37 -8.82 -6.81
C ALA J 19 4.43 -9.36 -8.23
N LEU J 20 5.59 -9.33 -8.90
CA LEU J 20 5.69 -9.90 -10.26
C LEU J 20 5.44 -11.40 -10.17
N PRO J 21 4.63 -11.98 -11.08
CA PRO J 21 4.55 -13.43 -11.16
C PRO J 21 5.89 -14.02 -11.62
N GLN J 22 6.42 -15.00 -10.89
CA GLN J 22 7.79 -15.48 -11.15
C GLN J 22 7.81 -16.51 -12.28
N GLY J 23 6.68 -17.15 -12.57
CA GLY J 23 6.60 -18.13 -13.67
C GLY J 23 6.95 -19.54 -13.23
N ASP J 24 7.52 -20.32 -14.13
CA ASP J 24 7.69 -21.78 -13.92
C ASP J 24 8.90 -22.06 -13.01
N LYS J 25 9.88 -21.17 -12.94
CA LYS J 25 11.09 -21.42 -12.11
C LYS J 25 10.75 -21.27 -10.62
N VAL J 26 11.45 -22.04 -9.81
CA VAL J 26 11.25 -22.05 -8.36
C VAL J 26 12.59 -21.75 -7.66
N GLN J 27 12.52 -20.94 -6.61
CA GLN J 27 13.71 -20.62 -5.78
C GLN J 27 13.77 -21.56 -4.58
N ALA J 28 14.96 -22.08 -4.32
CA ALA J 28 15.22 -22.88 -3.11
C ALA J 28 16.37 -22.22 -2.35
N MET J 29 16.13 -21.86 -1.11
CA MET J 29 17.18 -21.29 -0.24
C MET J 29 17.77 -22.41 0.61
N TYR J 30 19.04 -22.71 0.39
CA TYR J 30 19.76 -23.75 1.16
C TYR J 30 20.35 -23.11 2.40
N ILE J 31 20.00 -23.65 3.57
CA ILE J 31 20.42 -23.11 4.88
C ILE J 31 21.30 -24.15 5.56
N TRP J 32 22.39 -23.70 6.13
CA TRP J 32 23.29 -24.61 6.90
C TRP J 32 23.96 -23.88 8.06
N ILE J 33 24.48 -24.66 8.98
CA ILE J 33 25.20 -24.17 10.18
C ILE J 33 26.68 -24.03 9.83
N ASP J 34 27.25 -22.88 10.13
CA ASP J 34 28.67 -22.59 9.76
C ASP J 34 29.60 -23.19 10.83
N GLY J 35 30.89 -22.84 10.78
CA GLY J 35 31.94 -23.42 11.62
C GLY J 35 31.90 -22.95 13.07
N THR J 36 31.13 -21.92 13.40
CA THR J 36 30.99 -21.47 14.80
C THR J 36 30.01 -22.38 15.54
N GLY J 37 29.22 -23.19 14.82
CA GLY J 37 28.19 -24.04 15.43
C GLY J 37 27.00 -23.25 15.93
N GLU J 38 26.98 -21.95 15.73
CA GLU J 38 25.85 -21.10 16.19
C GLU J 38 25.37 -20.15 15.10
N GLY J 39 26.15 -19.95 14.04
CA GLY J 39 25.77 -19.08 12.92
C GLY J 39 25.13 -19.87 11.78
N LEU J 40 24.22 -19.22 11.07
CA LEU J 40 23.54 -19.83 9.91
C LEU J 40 23.97 -19.11 8.65
N ARG J 41 24.11 -19.88 7.58
CA ARG J 41 24.45 -19.37 6.25
C ARG J 41 23.37 -19.81 5.29
N CYS J 42 23.21 -19.08 4.22
CA CYS J 42 22.22 -19.42 3.18
C CYS J 42 22.66 -18.92 1.83
N LYS J 43 22.17 -19.58 0.80
CA LYS J 43 22.17 -19.06 -0.59
C LYS J 43 21.05 -19.71 -1.37
N THR J 44 20.79 -19.18 -2.55
CA THR J 44 19.61 -19.57 -3.33
C THR J 44 20.05 -20.17 -4.66
N ARG J 45 19.32 -21.20 -5.11
CA ARG J 45 19.45 -21.71 -6.49
C ARG J 45 18.08 -21.73 -7.14
N THR J 46 18.06 -21.69 -8.46
CA THR J 46 16.82 -21.82 -9.25
C THR J 46 16.58 -23.30 -9.56
N LEU J 47 15.36 -23.76 -9.33
CA LEU J 47 14.92 -25.12 -9.75
C LEU J 47 13.96 -24.99 -10.93
N ASP J 48 13.90 -26.03 -11.76
CA ASP J 48 12.98 -26.06 -12.92
C ASP J 48 11.52 -26.17 -12.47
N SER J 49 11.25 -26.78 -11.31
CA SER J 49 9.87 -27.07 -10.88
C SER J 49 9.82 -27.17 -9.36
N GLU J 50 8.62 -27.12 -8.81
CA GLU J 50 8.41 -27.22 -7.36
C GLU J 50 8.75 -28.64 -6.93
N PRO J 51 9.66 -28.83 -5.97
CA PRO J 51 9.95 -30.17 -5.45
C PRO J 51 8.79 -30.69 -4.60
N LYS J 52 8.41 -31.94 -4.80
CA LYS J 52 7.25 -32.51 -4.05
C LYS J 52 7.71 -32.93 -2.66
N CYS J 53 8.96 -33.39 -2.53
CA CYS J 53 9.50 -33.79 -1.21
C CYS J 53 10.98 -33.41 -1.13
N ILE J 54 11.56 -33.63 0.05
CA ILE J 54 12.99 -33.35 0.31
C ILE J 54 13.87 -34.21 -0.61
N GLU J 55 13.40 -35.36 -1.04
CA GLU J 55 14.22 -36.29 -1.86
C GLU J 55 14.53 -35.69 -3.24
N GLU J 56 13.68 -34.81 -3.76
CA GLU J 56 13.86 -34.27 -5.12
C GLU J 56 14.92 -33.15 -5.14
N LEU J 57 15.37 -32.66 -3.98
CA LEU J 57 16.30 -31.52 -3.96
C LEU J 57 17.71 -32.01 -4.24
N PRO J 58 18.43 -31.41 -5.20
CA PRO J 58 19.81 -31.81 -5.45
C PRO J 58 20.73 -31.44 -4.29
N GLU J 59 21.79 -32.19 -4.12
CA GLU J 59 22.90 -31.81 -3.22
C GLU J 59 23.60 -30.59 -3.81
N TRP J 60 24.15 -29.76 -2.94
CA TRP J 60 24.87 -28.56 -3.40
C TRP J 60 26.20 -28.47 -2.67
N ASN J 61 26.91 -27.38 -2.88
CA ASN J 61 28.26 -27.21 -2.29
C ASN J 61 28.52 -25.73 -2.05
N PHE J 62 29.56 -25.46 -1.31
CA PHE J 62 29.99 -24.08 -1.00
C PHE J 62 31.47 -24.14 -0.59
N ASP J 63 32.06 -22.96 -0.44
CA ASP J 63 33.47 -22.82 -0.01
C ASP J 63 33.53 -22.79 1.51
N GLY J 64 34.10 -23.83 2.12
CA GLY J 64 34.17 -23.92 3.59
C GLY J 64 35.14 -22.93 4.20
N SER J 65 36.16 -22.50 3.45
CA SER J 65 37.14 -21.53 3.96
C SER J 65 36.47 -20.17 4.23
N SER J 66 35.31 -19.92 3.65
CA SER J 66 34.53 -18.66 3.84
C SER J 66 33.50 -18.83 4.94
N THR J 67 33.39 -19.99 5.57
CA THR J 67 32.36 -20.23 6.62
C THR J 67 33.02 -20.77 7.89
N PHE J 68 34.32 -20.53 8.08
CA PHE J 68 35.10 -21.04 9.24
C PHE J 68 35.03 -22.57 9.30
N GLN J 69 34.95 -23.26 8.17
CA GLN J 69 34.70 -24.72 8.18
C GLN J 69 35.78 -25.52 7.46
N SER J 70 36.72 -24.88 6.78
CA SER J 70 37.84 -25.61 6.14
C SER J 70 39.00 -24.65 5.90
N GLU J 71 40.17 -25.22 5.63
CA GLU J 71 41.37 -24.44 5.27
C GLU J 71 42.14 -25.19 4.21
N GLY J 72 42.94 -24.45 3.46
CA GLY J 72 43.84 -24.98 2.42
C GLY J 72 43.10 -25.43 1.18
N SER J 73 43.66 -26.41 0.49
CA SER J 73 43.26 -26.78 -0.90
C SER J 73 41.84 -27.35 -0.91
N ASN J 74 41.53 -28.30 -0.05
CA ASN J 74 40.27 -29.06 -0.13
C ASN J 74 39.22 -28.41 0.77
N SER J 75 38.91 -27.15 0.49
CA SER J 75 37.98 -26.35 1.33
C SER J 75 36.54 -26.46 0.81
N ASP J 76 36.30 -27.17 -0.29
CA ASP J 76 34.93 -27.34 -0.82
C ASP J 76 34.13 -28.26 0.13
N MET J 77 32.98 -27.78 0.55
CA MET J 77 32.09 -28.56 1.46
C MET J 77 30.83 -28.89 0.68
N TYR J 78 30.07 -29.85 1.19
CA TYR J 78 28.86 -30.34 0.51
C TYR J 78 27.64 -30.13 1.39
N LEU J 79 26.54 -29.77 0.74
CA LEU J 79 25.24 -29.56 1.40
C LEU J 79 24.30 -30.67 1.00
N VAL J 80 23.82 -31.41 1.98
CA VAL J 80 22.83 -32.50 1.75
C VAL J 80 21.53 -32.03 2.37
N PRO J 81 20.46 -31.82 1.58
CA PRO J 81 19.17 -31.42 2.14
C PRO J 81 18.65 -32.41 3.18
N ALA J 82 18.13 -31.88 4.28
CA ALA J 82 17.67 -32.68 5.42
C ALA J 82 16.20 -32.41 5.72
N ALA J 83 15.75 -31.16 5.66
CA ALA J 83 14.35 -30.79 5.90
C ALA J 83 13.93 -29.67 4.95
N MET J 84 12.71 -29.72 4.48
CA MET J 84 12.14 -28.72 3.55
C MET J 84 11.03 -27.96 4.27
N PHE J 85 10.91 -26.69 3.96
CA PHE J 85 9.82 -25.82 4.47
C PHE J 85 9.40 -24.85 3.39
N ARG J 86 8.19 -24.35 3.51
CA ARG J 86 7.70 -23.28 2.60
C ARG J 86 8.44 -21.97 2.91
N ASP J 87 8.80 -21.23 1.88
CA ASP J 87 9.54 -19.96 2.04
C ASP J 87 8.55 -18.83 2.36
N PRO J 88 8.57 -18.26 3.58
CA PRO J 88 7.66 -17.16 3.91
C PRO J 88 8.10 -15.81 3.35
N PHE J 89 9.35 -15.68 2.93
CA PHE J 89 9.88 -14.42 2.36
C PHE J 89 9.59 -14.36 0.86
N ARG J 90 9.47 -15.51 0.20
CA ARG J 90 9.24 -15.56 -1.27
C ARG J 90 7.89 -16.19 -1.58
N LYS J 91 7.21 -16.79 -0.61
CA LYS J 91 5.88 -17.45 -0.74
C LYS J 91 6.01 -18.71 -1.61
N ASP J 92 4.98 -19.56 -1.57
CA ASP J 92 4.84 -20.73 -2.46
C ASP J 92 5.03 -20.29 -3.92
N PRO J 93 5.66 -21.12 -4.76
CA PRO J 93 6.13 -22.45 -4.39
C PRO J 93 7.60 -22.53 -3.93
N ASN J 94 8.19 -21.40 -3.61
CA ASN J 94 9.62 -21.34 -3.21
C ASN J 94 9.80 -22.03 -1.85
N LYS J 95 10.98 -22.57 -1.62
CA LYS J 95 11.24 -23.45 -0.47
C LYS J 95 12.43 -22.96 0.35
N LEU J 96 12.40 -23.29 1.64
CA LEU J 96 13.60 -23.23 2.51
C LEU J 96 14.12 -24.65 2.67
N VAL J 97 15.41 -24.84 2.41
CA VAL J 97 16.03 -26.18 2.44
C VAL J 97 17.12 -26.18 3.51
N PHE J 98 16.84 -26.80 4.64
CA PHE J 98 17.84 -26.95 5.71
C PHE J 98 18.70 -28.16 5.41
N CYS J 99 20.01 -27.97 5.40
CA CYS J 99 20.96 -28.99 4.93
C CYS J 99 21.97 -29.35 6.01
N GLU J 100 22.45 -30.59 5.94
CA GLU J 100 23.64 -31.04 6.67
C GLU J 100 24.88 -30.69 5.87
N VAL J 101 26.00 -30.50 6.56
CA VAL J 101 27.28 -30.12 5.93
C VAL J 101 28.22 -31.32 5.99
N PHE J 102 28.89 -31.59 4.88
CA PHE J 102 29.89 -32.67 4.79
C PHE J 102 31.17 -32.13 4.20
N LYS J 103 32.29 -32.72 4.61
CA LYS J 103 33.64 -32.33 4.11
C LYS J 103 33.82 -32.82 2.67
N TYR J 104 34.96 -32.51 2.08
CA TYR J 104 35.28 -32.93 0.69
C TYR J 104 35.28 -34.46 0.57
N ASN J 105 35.63 -35.18 1.62
CA ASN J 105 35.70 -36.67 1.60
C ASN J 105 34.40 -37.28 2.13
N ARG J 106 33.29 -36.50 2.14
CA ARG J 106 31.94 -36.96 2.52
C ARG J 106 31.86 -37.32 4.02
N LYS J 107 32.84 -36.97 4.83
CA LYS J 107 32.70 -37.11 6.30
C LYS J 107 31.90 -35.93 6.84
N PRO J 108 31.13 -36.12 7.92
CA PRO J 108 30.38 -35.02 8.50
C PRO J 108 31.29 -33.87 8.96
N ALA J 109 30.83 -32.65 8.76
CA ALA J 109 31.55 -31.44 9.23
C ALA J 109 31.54 -31.39 10.76
N GLU J 110 32.46 -30.65 11.33
CA GLU J 110 32.63 -30.62 12.81
C GLU J 110 31.37 -30.07 13.48
N THR J 111 30.72 -29.09 12.88
CA THR J 111 29.46 -28.52 13.42
C THR J 111 28.24 -29.28 12.90
N ASN J 112 28.44 -30.35 12.15
CA ASN J 112 27.33 -31.25 11.75
C ASN J 112 27.03 -32.17 12.93
N LEU J 113 26.12 -31.76 13.79
CA LEU J 113 25.70 -32.61 14.94
C LEU J 113 24.45 -33.40 14.58
N ARG J 114 23.75 -33.06 13.50
CA ARG J 114 22.50 -33.75 13.12
C ARG J 114 22.81 -35.19 12.70
N HIS J 115 23.95 -35.41 12.07
CA HIS J 115 24.30 -36.75 11.52
C HIS J 115 24.27 -37.79 12.64
N THR J 116 24.91 -37.49 13.76
CA THR J 116 24.92 -38.42 14.91
C THR J 116 23.56 -38.36 15.62
N CYS J 117 22.98 -37.18 15.73
CA CYS J 117 21.69 -37.01 16.45
C CYS J 117 20.60 -37.87 15.79
N LYS J 118 20.56 -37.91 14.45
CA LYS J 118 19.56 -38.71 13.73
C LYS J 118 19.77 -40.20 14.05
N ARG J 119 21.01 -40.67 14.08
CA ARG J 119 21.29 -42.09 14.37
C ARG J 119 20.79 -42.44 15.78
N ILE J 120 21.01 -41.55 16.74
CA ILE J 120 20.54 -41.80 18.13
C ILE J 120 19.02 -41.83 18.16
N MET J 121 18.37 -40.90 17.46
CA MET J 121 16.89 -40.82 17.45
C MET J 121 16.32 -42.11 16.81
N ASP J 122 16.94 -42.61 15.75
CA ASP J 122 16.46 -43.86 15.09
C ASP J 122 16.58 -45.03 16.05
N MET J 123 17.55 -44.99 16.96
CA MET J 123 17.78 -46.09 17.93
C MET J 123 16.61 -46.19 18.91
N VAL J 124 16.03 -45.06 19.30
CA VAL J 124 14.95 -45.05 20.34
C VAL J 124 13.62 -44.68 19.69
N SER J 125 13.46 -44.94 18.40
CA SER J 125 12.25 -44.48 17.66
C SER J 125 10.96 -45.02 18.30
N ASN J 126 10.97 -46.28 18.76
CA ASN J 126 9.75 -46.93 19.30
C ASN J 126 9.28 -46.20 20.56
N GLN J 127 10.20 -45.63 21.34
CA GLN J 127 9.83 -44.92 22.59
C GLN J 127 9.25 -43.54 22.27
N ARG J 128 9.37 -43.07 21.03
CA ARG J 128 8.74 -41.82 20.53
C ARG J 128 9.07 -40.63 21.41
N PRO J 129 10.33 -40.17 21.45
CA PRO J 129 10.69 -39.03 22.28
C PRO J 129 10.15 -37.71 21.68
N TRP J 130 9.47 -36.95 22.53
CA TRP J 130 8.92 -35.64 22.15
C TRP J 130 9.73 -34.55 22.83
N PHE J 131 9.97 -33.46 22.11
CA PHE J 131 10.74 -32.31 22.63
C PHE J 131 9.95 -31.05 22.46
N GLY J 132 10.22 -30.09 23.32
CA GLY J 132 9.78 -28.70 23.15
C GLY J 132 10.84 -27.76 23.65
N MET J 133 11.09 -26.69 22.91
CA MET J 133 12.11 -25.71 23.32
C MET J 133 11.54 -24.31 23.39
N GLU J 134 11.80 -23.61 24.50
CA GLU J 134 11.42 -22.19 24.65
C GLU J 134 12.64 -21.34 24.29
N GLN J 135 12.68 -20.85 23.07
CA GLN J 135 13.83 -20.07 22.56
C GLN J 135 13.66 -18.63 23.01
N GLU J 136 14.48 -18.19 23.95
CA GLU J 136 14.53 -16.76 24.32
C GLU J 136 15.58 -16.05 23.46
N TYR J 137 15.30 -14.81 23.12
CA TYR J 137 16.22 -14.00 22.31
C TYR J 137 16.02 -12.55 22.70
N THR J 138 17.01 -11.74 22.37
CA THR J 138 17.00 -10.29 22.62
C THR J 138 17.16 -9.59 21.29
N LEU J 139 16.26 -8.62 21.05
CA LEU J 139 16.40 -7.73 19.89
C LEU J 139 17.45 -6.67 20.22
N MET J 140 18.36 -6.43 19.28
CA MET J 140 19.41 -5.42 19.45
C MET J 140 19.45 -4.52 18.24
N GLY J 141 19.75 -3.24 18.47
CA GLY J 141 20.13 -2.32 17.39
C GLY J 141 21.47 -2.70 16.81
N THR J 142 21.83 -2.10 15.69
CA THR J 142 23.13 -2.40 15.01
C THR J 142 24.30 -1.91 15.87
N ASP J 143 24.06 -1.07 16.88
CA ASP J 143 25.10 -0.52 17.77
C ASP J 143 25.47 -1.50 18.89
N GLY J 144 24.79 -2.63 19.02
CA GLY J 144 25.07 -3.64 20.07
C GLY J 144 24.34 -3.32 21.37
N HIS J 145 23.41 -2.37 21.32
CA HIS J 145 22.56 -2.03 22.49
C HIS J 145 21.15 -2.56 22.20
N PRO J 146 20.39 -3.04 23.21
CA PRO J 146 19.10 -3.68 22.97
C PRO J 146 18.12 -2.78 22.24
N PHE J 147 17.26 -3.35 21.41
CA PHE J 147 16.30 -2.53 20.62
C PHE J 147 15.34 -1.80 21.56
N GLY J 148 15.16 -0.49 21.39
CA GLY J 148 14.16 0.24 22.20
C GLY J 148 14.72 0.86 23.47
N TRP J 149 15.93 0.48 23.87
CA TRP J 149 16.48 0.98 25.16
C TRP J 149 16.96 2.42 24.97
N PRO J 150 17.00 3.30 26.00
CA PRO J 150 17.53 4.66 25.79
C PRO J 150 18.98 4.60 25.31
N SER J 151 19.34 5.55 24.46
CA SER J 151 20.71 5.70 23.93
C SER J 151 21.72 5.71 25.08
N ASN J 152 22.58 4.71 25.11
CA ASN J 152 23.67 4.55 26.10
C ASN J 152 23.10 4.45 27.52
N GLY J 153 21.89 3.94 27.68
CA GLY J 153 21.20 3.93 28.97
C GLY J 153 20.31 2.72 29.18
N PHE J 154 19.46 2.83 30.15
CA PHE J 154 18.63 1.71 30.59
C PHE J 154 17.19 2.16 30.72
N PRO J 155 16.24 1.24 30.45
CA PRO J 155 14.86 1.50 30.79
C PRO J 155 14.67 1.32 32.29
N GLY J 156 13.44 1.48 32.73
CA GLY J 156 13.07 1.26 34.13
C GLY J 156 13.41 -0.15 34.56
N PRO J 157 13.47 -0.41 35.88
CA PRO J 157 13.78 -1.75 36.36
C PRO J 157 12.77 -2.80 35.85
N GLN J 158 13.21 -4.06 35.82
CA GLN J 158 12.37 -5.20 35.40
C GLN J 158 11.15 -5.34 36.32
N GLY J 159 10.05 -5.84 35.78
CA GLY J 159 8.81 -6.03 36.54
C GLY J 159 7.61 -5.86 35.63
N PRO J 160 7.55 -4.79 34.83
CA PRO J 160 6.41 -4.59 33.94
C PRO J 160 6.56 -5.16 32.53
N TYR J 161 7.70 -5.69 32.16
CA TYR J 161 7.97 -6.02 30.74
C TYR J 161 7.52 -7.44 30.39
N TYR J 162 7.61 -8.34 31.34
CA TYR J 162 7.21 -9.75 31.12
C TYR J 162 5.72 -9.78 30.69
N CYS J 163 5.47 -10.25 29.48
CA CYS J 163 4.12 -10.36 28.90
C CYS J 163 3.47 -8.98 28.84
N GLY J 164 4.26 -7.93 28.67
CA GLY J 164 3.77 -6.55 28.75
C GLY J 164 3.11 -6.11 27.46
N VAL J 165 2.23 -5.15 27.58
CA VAL J 165 1.57 -4.54 26.40
C VAL J 165 1.63 -3.02 26.59
N GLY J 166 1.85 -2.31 25.49
CA GLY J 166 2.00 -0.85 25.53
C GLY J 166 3.35 -0.43 25.04
N ALA J 167 3.46 0.82 24.63
CA ALA J 167 4.68 1.34 23.98
C ALA J 167 5.85 1.35 24.97
N ASP J 168 5.58 1.44 26.25
CA ASP J 168 6.63 1.48 27.30
C ASP J 168 6.90 0.09 27.88
N LYS J 169 6.23 -0.96 27.43
CA LYS J 169 6.40 -2.32 28.01
C LYS J 169 7.01 -3.28 27.00
N ALA J 170 6.52 -3.33 25.77
CA ALA J 170 6.97 -4.32 24.75
C ALA J 170 7.77 -3.59 23.68
N TYR J 171 8.98 -4.02 23.42
CA TYR J 171 9.86 -3.42 22.38
C TYR J 171 9.99 -4.37 21.20
N GLY J 172 9.62 -3.89 20.01
CA GLY J 172 9.80 -4.64 18.75
C GLY J 172 8.84 -5.81 18.63
N ARG J 173 7.57 -5.67 19.02
CA ARG J 173 6.53 -6.71 18.80
C ARG J 173 6.25 -6.93 17.31
N ASP J 174 6.48 -5.94 16.44
CA ASP J 174 6.27 -6.11 14.99
C ASP J 174 7.11 -7.29 14.51
N ILE J 175 8.32 -7.42 15.00
CA ILE J 175 9.24 -8.51 14.61
C ILE J 175 8.65 -9.83 15.12
N VAL J 176 8.13 -9.83 16.32
CA VAL J 176 7.60 -11.05 16.95
C VAL J 176 6.39 -11.53 16.16
N GLU J 177 5.49 -10.63 15.81
CA GLU J 177 4.27 -10.99 15.06
C GLU J 177 4.67 -11.53 13.68
N ALA J 178 5.62 -10.87 13.00
CA ALA J 178 6.04 -11.26 11.64
C ALA J 178 6.68 -12.63 11.70
N HIS J 179 7.54 -12.86 12.69
CA HIS J 179 8.23 -14.15 12.85
C HIS J 179 7.23 -15.27 13.10
N TYR J 180 6.30 -15.05 14.01
CA TYR J 180 5.26 -16.05 14.39
C TYR J 180 4.50 -16.47 13.14
N ARG J 181 4.03 -15.51 12.36
CA ARG J 181 3.28 -15.80 11.12
C ARG J 181 4.19 -16.48 10.10
N ALA J 182 5.40 -15.96 9.98
CA ALA J 182 6.33 -16.52 9.00
C ALA J 182 6.59 -17.99 9.34
N CYS J 183 6.76 -18.33 10.60
CA CYS J 183 6.94 -19.72 11.04
C CYS J 183 5.69 -20.56 10.77
N LEU J 184 4.51 -20.02 11.05
CA LEU J 184 3.25 -20.79 10.81
C LEU J 184 3.13 -21.06 9.30
N TYR J 185 3.40 -20.07 8.46
CA TYR J 185 3.33 -20.25 6.98
C TYR J 185 4.36 -21.30 6.56
N ALA J 186 5.57 -21.25 7.09
CA ALA J 186 6.67 -22.14 6.67
C ALA J 186 6.37 -23.60 7.08
N GLY J 187 5.48 -23.84 8.03
CA GLY J 187 5.26 -25.18 8.58
C GLY J 187 6.12 -25.47 9.79
N ILE J 188 6.64 -24.45 10.46
CA ILE J 188 7.37 -24.64 11.73
C ILE J 188 6.35 -24.87 12.86
N LYS J 189 6.66 -25.79 13.75
CA LYS J 189 5.78 -26.16 14.88
C LYS J 189 5.99 -25.15 16.03
N ILE J 190 5.53 -23.92 15.79
CA ILE J 190 5.67 -22.83 16.79
C ILE J 190 4.42 -22.80 17.66
N GLY J 191 4.62 -22.92 18.97
CA GLY J 191 3.53 -23.16 19.93
C GLY J 191 3.07 -21.90 20.60
N GLY J 192 3.82 -20.81 20.50
CA GLY J 192 3.42 -19.56 21.15
C GLY J 192 4.59 -18.63 21.37
N THR J 193 4.29 -17.43 21.83
CA THR J 193 5.29 -16.37 22.08
C THR J 193 4.91 -15.63 23.34
N ASN J 194 5.90 -14.98 23.94
CA ASN J 194 5.64 -14.02 25.03
C ASN J 194 6.76 -13.00 25.07
N ALA J 195 6.47 -11.85 25.64
CA ALA J 195 7.47 -10.84 26.02
C ALA J 195 8.15 -11.33 27.30
N GLU J 196 9.47 -11.23 27.34
CA GLU J 196 10.28 -11.69 28.47
C GLU J 196 10.47 -10.58 29.49
N VAL J 197 11.11 -10.92 30.59
CA VAL J 197 11.24 -10.02 31.76
C VAL J 197 12.12 -8.84 31.36
N MET J 198 13.21 -9.12 30.66
CA MET J 198 14.07 -8.06 30.10
C MET J 198 13.28 -7.39 28.97
N PRO J 199 13.16 -6.06 28.95
CA PRO J 199 12.57 -5.38 27.81
C PRO J 199 13.40 -5.58 26.55
N ALA J 200 12.73 -5.67 25.41
CA ALA J 200 13.30 -6.05 24.08
C ALA J 200 13.71 -7.53 24.03
N GLN J 201 13.49 -8.27 25.11
CA GLN J 201 13.72 -9.74 25.12
C GLN J 201 12.39 -10.44 24.86
N TRP J 202 12.43 -11.51 24.06
CA TRP J 202 11.21 -12.25 23.68
C TRP J 202 11.51 -13.73 23.70
N GLU J 203 10.47 -14.50 23.47
CA GLU J 203 10.58 -15.98 23.45
C GLU J 203 9.52 -16.53 22.51
N PHE J 204 9.89 -17.57 21.78
CA PHE J 204 8.91 -18.40 21.05
C PHE J 204 9.14 -19.85 21.45
N GLN J 205 8.06 -20.60 21.50
CA GLN J 205 8.09 -22.04 21.83
C GLN J 205 8.01 -22.85 20.52
N ILE J 206 8.88 -23.83 20.41
CA ILE J 206 8.89 -24.78 19.26
C ILE J 206 8.58 -26.15 19.81
N GLY J 207 7.51 -26.76 19.30
CA GLY J 207 7.16 -28.14 19.70
C GLY J 207 5.69 -28.32 19.94
N PRO J 208 5.23 -29.54 20.27
CA PRO J 208 6.08 -30.71 20.42
C PRO J 208 6.62 -31.27 19.09
N CYS J 209 7.88 -31.67 19.09
CA CYS J 209 8.54 -32.24 17.91
C CYS J 209 9.08 -33.62 18.31
N GLU J 210 9.00 -34.55 17.37
CA GLU J 210 9.46 -35.94 17.62
C GLU J 210 10.85 -36.12 17.05
N GLY J 211 11.78 -36.58 17.89
CA GLY J 211 13.11 -37.01 17.49
C GLY J 211 13.89 -35.91 16.79
N ILE J 212 14.35 -36.18 15.57
CA ILE J 212 15.24 -35.26 14.84
C ILE J 212 14.48 -34.00 14.41
N ASP J 213 13.15 -34.00 14.44
CA ASP J 213 12.37 -32.81 14.01
C ASP J 213 12.60 -31.63 14.94
N MET J 214 13.03 -31.84 16.18
CA MET J 214 13.21 -30.73 17.14
C MET J 214 14.33 -29.80 16.63
N GLY J 215 15.46 -30.38 16.25
CA GLY J 215 16.60 -29.59 15.78
C GLY J 215 16.29 -28.89 14.48
N ASP J 216 15.62 -29.56 13.55
CA ASP J 216 15.29 -28.96 12.23
C ASP J 216 14.36 -27.76 12.44
N HIS J 217 13.31 -27.93 13.21
CA HIS J 217 12.30 -26.86 13.41
C HIS J 217 12.92 -25.66 14.13
N LEU J 218 13.75 -25.91 15.15
CA LEU J 218 14.31 -24.78 15.92
C LEU J 218 15.35 -24.06 15.06
N TRP J 219 16.20 -24.78 14.36
CA TRP J 219 17.25 -24.14 13.54
C TRP J 219 16.60 -23.28 12.45
N VAL J 220 15.55 -23.79 11.82
CA VAL J 220 14.88 -23.03 10.74
C VAL J 220 14.11 -21.87 11.37
N ALA J 221 13.50 -22.07 12.51
CA ALA J 221 12.85 -20.96 13.25
C ALA J 221 13.86 -19.86 13.58
N ARG J 222 15.07 -20.23 14.00
CA ARG J 222 16.15 -19.25 14.20
C ARG J 222 16.49 -18.54 12.91
N PHE J 223 16.59 -19.27 11.80
CA PHE J 223 16.93 -18.66 10.50
C PHE J 223 15.85 -17.64 10.12
N ILE J 224 14.59 -18.02 10.28
CA ILE J 224 13.47 -17.11 9.89
C ILE J 224 13.53 -15.86 10.77
N LEU J 225 13.80 -16.03 12.06
CA LEU J 225 13.91 -14.85 12.96
C LEU J 225 15.03 -13.93 12.47
N HIS J 226 16.21 -14.47 12.16
CA HIS J 226 17.34 -13.66 11.65
C HIS J 226 16.91 -12.97 10.37
N ARG J 227 16.25 -13.69 9.47
CA ARG J 227 15.85 -13.11 8.15
C ARG J 227 14.75 -12.06 8.35
N VAL J 228 13.80 -12.32 9.22
CA VAL J 228 12.75 -11.32 9.54
C VAL J 228 13.39 -10.08 10.20
N CYS J 229 14.30 -10.28 11.14
CA CYS J 229 14.98 -9.16 11.83
C CYS J 229 15.81 -8.37 10.81
N GLU J 230 16.42 -9.08 9.85
CA GLU J 230 17.20 -8.40 8.78
C GLU J 230 16.28 -7.46 7.99
N ASP J 231 15.03 -7.85 7.75
CA ASP J 231 14.08 -6.99 7.02
C ASP J 231 13.82 -5.70 7.82
N PHE J 232 13.63 -5.82 9.12
CA PHE J 232 13.35 -4.66 10.00
C PHE J 232 14.62 -3.89 10.32
N GLY J 233 15.80 -4.44 10.04
CA GLY J 233 17.09 -3.77 10.26
C GLY J 233 17.55 -3.84 11.71
N VAL J 234 17.14 -4.87 12.45
CA VAL J 234 17.63 -5.10 13.83
C VAL J 234 18.27 -6.49 13.89
N ILE J 235 18.91 -6.79 15.00
CA ILE J 235 19.65 -8.06 15.21
C ILE J 235 18.93 -8.84 16.29
N ALA J 236 18.73 -10.13 16.03
CA ALA J 236 18.29 -11.09 17.06
C ALA J 236 19.54 -11.78 17.58
N THR J 237 19.80 -11.62 18.88
CA THR J 237 20.93 -12.31 19.54
C THR J 237 20.39 -13.44 20.41
N PHE J 238 21.09 -14.55 20.41
CA PHE J 238 20.82 -15.70 21.29
C PHE J 238 21.90 -15.74 22.37
N ASP J 239 22.57 -14.64 22.62
CA ASP J 239 23.59 -14.56 23.71
C ASP J 239 22.89 -14.88 25.02
N PRO J 240 23.41 -15.81 25.84
CA PRO J 240 22.76 -16.16 27.10
C PRO J 240 22.69 -15.01 28.11
N LYS J 241 23.52 -13.98 27.95
CA LYS J 241 23.50 -12.83 28.87
C LYS J 241 23.88 -11.58 28.09
N PRO J 242 22.95 -11.03 27.28
CA PRO J 242 23.29 -9.88 26.45
C PRO J 242 23.74 -8.65 27.24
N ILE J 243 23.13 -8.41 28.40
CA ILE J 243 23.43 -7.21 29.23
C ILE J 243 23.83 -7.66 30.62
N PRO J 244 25.02 -7.26 31.12
CA PRO J 244 25.40 -7.61 32.49
C PRO J 244 24.55 -6.90 33.54
N GLY J 245 24.42 -7.52 34.70
CA GLY J 245 23.80 -6.90 35.89
C GLY J 245 22.45 -7.51 36.21
N ASN J 246 21.47 -6.72 36.60
CA ASN J 246 20.13 -7.21 36.98
C ASN J 246 19.23 -7.20 35.76
N TRP J 247 19.71 -7.82 34.69
CA TRP J 247 18.92 -8.02 33.45
C TRP J 247 18.95 -9.50 33.10
N ASN J 248 17.77 -10.06 32.85
CA ASN J 248 17.60 -11.53 32.69
C ASN J 248 18.44 -12.06 31.53
N GLY J 249 19.01 -13.24 31.74
CA GLY J 249 19.63 -14.03 30.68
C GLY J 249 18.58 -14.62 29.75
N ALA J 250 19.02 -15.18 28.65
CA ALA J 250 18.18 -15.90 27.69
C ALA J 250 18.57 -17.38 27.75
N GLY J 251 17.59 -18.24 28.05
CA GLY J 251 17.80 -19.70 28.00
C GLY J 251 16.97 -20.35 26.93
N CYS J 252 17.19 -21.63 26.72
CA CYS J 252 16.38 -22.48 25.83
C CYS J 252 15.90 -23.67 26.64
N HIS J 253 14.84 -23.48 27.39
CA HIS J 253 14.28 -24.54 28.26
C HIS J 253 13.73 -25.67 27.39
N THR J 254 14.17 -26.89 27.67
CA THR J 254 13.82 -28.06 26.85
C THR J 254 12.86 -28.94 27.65
N ASN J 255 11.70 -29.21 27.06
CA ASN J 255 10.71 -30.17 27.61
C ASN J 255 10.96 -31.54 26.95
N PHE J 256 10.94 -32.59 27.75
CA PHE J 256 11.24 -33.96 27.26
C PHE J 256 10.20 -34.92 27.83
N SER J 257 9.69 -35.79 26.98
CA SER J 257 8.78 -36.89 27.39
C SER J 257 8.95 -38.03 26.41
N THR J 258 8.73 -39.25 26.89
CA THR J 258 8.65 -40.45 26.04
C THR J 258 7.23 -40.98 26.05
N LYS J 259 6.99 -42.05 25.30
CA LYS J 259 5.68 -42.72 25.29
C LYS J 259 5.36 -43.20 26.71
N ALA J 260 6.35 -43.74 27.43
CA ALA J 260 6.15 -44.23 28.80
C ALA J 260 5.77 -43.06 29.72
N MET J 261 6.45 -41.92 29.60
CA MET J 261 6.21 -40.77 30.50
C MET J 261 4.83 -40.17 30.21
N ARG J 262 4.37 -40.21 28.97
CA ARG J 262 3.06 -39.60 28.63
C ARG J 262 1.91 -40.50 29.10
N GLU J 263 2.13 -41.81 29.17
CA GLU J 263 1.06 -42.77 29.57
C GLU J 263 0.72 -42.58 31.05
N GLU J 264 -0.40 -43.16 31.44
CA GLU J 264 -0.90 -43.09 32.84
C GLU J 264 0.18 -43.58 33.80
N ASN J 265 0.35 -42.87 34.91
CA ASN J 265 1.39 -43.18 35.94
C ASN J 265 2.77 -43.13 35.28
N GLY J 266 2.97 -42.20 34.35
CA GLY J 266 4.27 -41.98 33.70
C GLY J 266 5.22 -41.15 34.56
N LEU J 267 4.79 -40.69 35.73
CA LEU J 267 5.68 -39.90 36.61
C LEU J 267 6.88 -40.74 37.07
N LYS J 268 6.67 -42.02 37.32
CA LYS J 268 7.78 -42.92 37.78
C LYS J 268 8.88 -42.91 36.73
N TYR J 269 8.55 -42.96 35.44
CA TYR J 269 9.56 -42.91 34.36
C TYR J 269 10.17 -41.51 34.29
N ILE J 270 9.39 -40.47 34.60
CA ILE J 270 9.92 -39.09 34.64
C ILE J 270 10.98 -39.00 35.73
N GLU J 271 10.66 -39.51 36.92
CA GLU J 271 11.60 -39.47 38.07
C GLU J 271 12.85 -40.31 37.76
N GLU J 272 12.69 -41.45 37.11
CA GLU J 272 13.84 -42.31 36.75
C GLU J 272 14.76 -41.56 35.78
N ALA J 273 14.20 -40.83 34.82
CA ALA J 273 15.00 -40.06 33.84
C ALA J 273 15.75 -38.95 34.58
N ILE J 274 15.11 -38.30 35.54
CA ILE J 274 15.71 -37.12 36.23
C ILE J 274 16.86 -37.59 37.12
N GLU J 275 16.70 -38.70 37.83
CA GLU J 275 17.79 -39.21 38.70
C GLU J 275 18.97 -39.66 37.84
N LYS J 276 18.71 -40.16 36.64
CA LYS J 276 19.80 -40.43 35.67
C LYS J 276 20.48 -39.13 35.26
N LEU J 277 19.71 -38.07 35.06
CA LEU J 277 20.28 -36.74 34.71
C LEU J 277 21.06 -36.19 35.90
N SER J 278 20.66 -36.53 37.12
CA SER J 278 21.32 -36.04 38.35
C SER J 278 22.81 -36.44 38.35
N LYS J 279 23.13 -37.58 37.76
CA LYS J 279 24.51 -38.13 37.81
C LYS J 279 25.35 -37.65 36.63
N ARG J 280 24.79 -36.89 35.68
CA ARG J 280 25.56 -36.45 34.50
C ARG J 280 25.42 -34.94 34.28
N HIS J 281 25.40 -34.16 35.35
CA HIS J 281 25.22 -32.69 35.24
C HIS J 281 26.35 -32.07 34.41
N GLN J 282 27.58 -32.46 34.65
CA GLN J 282 28.75 -31.86 33.95
C GLN J 282 28.71 -32.24 32.46
N TYR J 283 28.33 -33.46 32.12
CA TYR J 283 28.29 -33.91 30.72
C TYR J 283 27.27 -33.06 29.95
N HIS J 284 26.14 -32.75 30.57
CA HIS J 284 25.05 -32.00 29.89
C HIS J 284 25.43 -30.53 29.77
N ILE J 285 26.11 -29.97 30.78
CA ILE J 285 26.51 -28.53 30.73
C ILE J 285 27.45 -28.32 29.55
N ARG J 286 28.38 -29.25 29.31
CA ARG J 286 29.31 -29.15 28.16
C ARG J 286 28.52 -29.20 26.84
N ALA J 287 27.52 -30.07 26.75
CA ALA J 287 26.74 -30.24 25.50
C ALA J 287 25.78 -29.07 25.31
N TYR J 288 25.35 -28.40 26.37
CA TYR J 288 24.27 -27.38 26.29
C TYR J 288 24.80 -26.03 25.84
N ASP J 289 26.02 -25.98 25.31
CA ASP J 289 26.62 -24.68 24.93
C ASP J 289 27.59 -24.91 23.79
N PRO J 290 27.59 -24.04 22.76
CA PRO J 290 28.44 -24.26 21.60
C PRO J 290 29.95 -24.22 21.90
N LYS J 291 30.36 -23.55 22.99
CA LYS J 291 31.80 -23.45 23.34
C LYS J 291 32.07 -24.10 24.70
N GLY J 292 31.37 -25.18 25.01
CA GLY J 292 31.69 -26.06 26.15
C GLY J 292 31.10 -25.61 27.48
N GLY J 293 30.32 -24.53 27.52
CA GLY J 293 29.64 -24.09 28.75
C GLY J 293 30.17 -22.78 29.31
N LEU J 294 31.03 -22.06 28.59
CA LEU J 294 31.55 -20.77 29.08
C LEU J 294 30.47 -19.68 28.96
N ASP J 295 29.75 -19.65 27.85
CA ASP J 295 28.68 -18.64 27.65
C ASP J 295 27.61 -18.80 28.72
N ASN J 296 27.20 -20.02 28.99
CA ASN J 296 26.10 -20.30 29.95
C ASN J 296 26.56 -20.02 31.38
N ALA J 297 27.86 -19.87 31.63
CA ALA J 297 28.38 -19.51 32.98
C ALA J 297 27.90 -18.11 33.35
N ARG J 298 27.80 -17.22 32.36
CA ARG J 298 27.31 -15.83 32.61
C ARG J 298 25.81 -15.86 32.94
N ARG J 299 25.07 -16.86 32.49
CA ARG J 299 23.61 -16.90 32.72
C ARG J 299 23.30 -17.72 33.98
N LEU J 300 23.89 -18.90 34.10
CA LEU J 300 23.54 -19.84 35.21
C LEU J 300 24.26 -19.38 36.48
N THR J 301 23.72 -18.33 37.09
CA THR J 301 24.26 -17.76 38.35
C THR J 301 23.38 -18.09 39.55
N GLY J 302 22.19 -18.65 39.33
CA GLY J 302 21.27 -19.00 40.43
C GLY J 302 20.55 -17.81 41.01
N PHE J 303 20.47 -16.68 40.30
CA PHE J 303 19.87 -15.43 40.85
C PHE J 303 18.58 -15.07 40.12
N HIS J 304 18.68 -14.79 38.80
CA HIS J 304 17.51 -14.34 37.99
C HIS J 304 16.72 -15.53 37.44
N GLU J 305 15.97 -16.19 38.31
CA GLU J 305 15.15 -17.38 37.93
C GLU J 305 16.02 -18.44 37.25
N THR J 306 17.32 -18.46 37.52
CA THR J 306 18.25 -19.47 36.94
C THR J 306 18.73 -20.40 38.05
N SER J 307 19.36 -21.49 37.66
CA SER J 307 20.03 -22.41 38.59
C SER J 307 21.54 -22.11 38.59
N ASN J 308 22.27 -22.83 39.42
CA ASN J 308 23.76 -22.70 39.47
C ASN J 308 24.36 -23.67 38.48
N ILE J 309 25.36 -23.21 37.74
CA ILE J 309 26.03 -24.06 36.70
C ILE J 309 26.79 -25.19 37.39
N ASN J 310 27.27 -24.99 38.61
CA ASN J 310 28.12 -25.99 39.31
C ASN J 310 27.27 -26.99 40.10
N ASP J 311 25.98 -26.74 40.30
CA ASP J 311 25.14 -27.60 41.18
C ASP J 311 23.88 -28.03 40.45
N PHE J 312 23.52 -29.30 40.59
CA PHE J 312 22.31 -29.88 40.00
C PHE J 312 21.21 -29.91 41.05
N SER J 313 19.99 -29.60 40.63
CA SER J 313 18.81 -29.67 41.51
C SER J 313 17.56 -29.95 40.68
N ALA J 314 16.63 -30.69 41.23
CA ALA J 314 15.34 -31.00 40.59
C ALA J 314 14.22 -30.91 41.61
N GLY J 315 13.03 -30.57 41.14
CA GLY J 315 11.86 -30.51 42.01
C GLY J 315 10.60 -30.18 41.24
N VAL J 316 9.47 -30.39 41.88
CA VAL J 316 8.15 -30.05 41.30
C VAL J 316 7.94 -28.54 41.46
N ALA J 317 7.61 -27.87 40.36
CA ALA J 317 7.30 -26.42 40.33
C ALA J 317 8.48 -25.62 40.91
N ASN J 318 9.70 -26.05 40.62
CA ASN J 318 10.93 -25.36 41.10
C ASN J 318 11.52 -24.58 39.93
N ARG J 319 11.28 -23.28 39.90
CA ARG J 319 11.82 -22.40 38.82
C ARG J 319 13.35 -22.31 38.92
N GLY J 320 13.89 -22.32 40.14
CA GLY J 320 15.33 -22.19 40.39
C GLY J 320 16.09 -23.50 40.22
N ALA J 321 15.40 -24.62 39.95
CA ALA J 321 16.06 -25.94 39.82
C ALA J 321 16.63 -26.11 38.41
N SER J 322 17.60 -27.00 38.29
CA SER J 322 18.16 -27.41 36.98
C SER J 322 17.07 -28.13 36.17
N ILE J 323 16.28 -28.96 36.83
CA ILE J 323 15.18 -29.72 36.18
C ILE J 323 13.91 -29.41 36.95
N ARG J 324 12.83 -29.11 36.22
CA ARG J 324 11.54 -28.77 36.83
C ARG J 324 10.51 -29.79 36.34
N ILE J 325 9.77 -30.36 37.27
CA ILE J 325 8.54 -31.14 36.96
C ILE J 325 7.39 -30.18 37.13
N PRO J 326 6.58 -29.94 36.08
CA PRO J 326 5.44 -29.02 36.21
C PRO J 326 4.44 -29.53 37.27
N ARG J 327 3.78 -28.59 37.94
CA ARG J 327 2.84 -28.91 39.03
C ARG J 327 1.72 -29.80 38.51
N THR J 328 1.20 -29.52 37.32
CA THR J 328 0.13 -30.32 36.70
C THR J 328 0.64 -31.73 36.43
N VAL J 329 1.87 -31.86 35.96
CA VAL J 329 2.45 -33.20 35.67
C VAL J 329 2.54 -34.00 36.96
N GLY J 330 2.94 -33.36 38.06
CA GLY J 330 2.96 -34.02 39.39
C GLY J 330 1.57 -34.48 39.80
N GLN J 331 0.56 -33.65 39.56
CA GLN J 331 -0.84 -33.97 39.96
C GLN J 331 -1.38 -35.09 39.08
N GLU J 332 -1.22 -34.98 37.76
CA GLU J 332 -1.75 -35.98 36.80
C GLU J 332 -0.88 -37.23 36.82
N LYS J 333 0.30 -37.20 37.45
CA LYS J 333 1.23 -38.36 37.53
C LYS J 333 1.69 -38.80 36.14
N LYS J 334 1.67 -37.88 35.18
CA LYS J 334 2.16 -38.19 33.81
C LYS J 334 2.45 -36.89 33.07
N GLY J 335 3.21 -36.99 31.99
CA GLY J 335 3.50 -35.87 31.08
C GLY J 335 4.97 -35.74 30.77
N TYR J 336 5.56 -34.58 31.06
CA TYR J 336 6.93 -34.24 30.62
C TYR J 336 7.68 -33.61 31.79
N PHE J 337 8.96 -33.39 31.58
CA PHE J 337 9.78 -32.57 32.51
C PHE J 337 10.56 -31.56 31.68
N GLU J 338 10.92 -30.46 32.34
CA GLU J 338 11.60 -29.33 31.68
C GLU J 338 13.04 -29.27 32.15
N ASP J 339 13.97 -29.35 31.21
CA ASP J 339 15.39 -29.06 31.46
C ASP J 339 15.62 -27.56 31.25
N ARG J 340 15.89 -26.83 32.32
CA ARG J 340 16.06 -25.36 32.26
C ARG J 340 17.53 -24.97 32.10
N ARG J 341 18.44 -25.93 32.01
CA ARG J 341 19.89 -25.64 31.91
C ARG J 341 20.28 -25.06 30.56
N PRO J 342 19.79 -25.55 29.40
CA PRO J 342 20.38 -25.16 28.12
C PRO J 342 20.33 -23.65 27.86
N SER J 343 21.43 -23.13 27.32
CA SER J 343 21.61 -21.71 26.97
C SER J 343 20.77 -21.37 25.72
N ALA J 344 20.52 -20.09 25.51
CA ALA J 344 19.73 -19.65 24.34
C ALA J 344 20.48 -19.94 23.03
N ASN J 345 21.80 -19.95 23.04
CA ASN J 345 22.61 -20.21 21.83
C ASN J 345 23.02 -21.67 21.76
N CYS J 346 22.30 -22.56 22.43
CA CYS J 346 22.60 -24.01 22.35
C CYS J 346 22.25 -24.57 20.96
N ASP J 347 22.92 -25.66 20.60
CA ASP J 347 22.55 -26.45 19.41
C ASP J 347 21.49 -27.46 19.83
N PRO J 348 20.26 -27.40 19.28
CA PRO J 348 19.24 -28.37 19.67
C PRO J 348 19.63 -29.83 19.36
N PHE J 349 20.43 -30.09 18.31
CA PHE J 349 20.90 -31.47 18.01
C PHE J 349 21.74 -31.98 19.18
N ALA J 350 22.60 -31.15 19.74
CA ALA J 350 23.44 -31.53 20.91
C ALA J 350 22.55 -31.75 22.14
N VAL J 351 21.57 -30.88 22.33
CA VAL J 351 20.72 -30.94 23.55
C VAL J 351 19.86 -32.20 23.52
N THR J 352 19.18 -32.45 22.41
CA THR J 352 18.26 -33.60 22.28
C THR J 352 19.05 -34.91 22.37
N GLU J 353 20.21 -34.97 21.74
CA GLU J 353 21.05 -36.17 21.74
C GLU J 353 21.50 -36.49 23.17
N ALA J 354 21.90 -35.47 23.93
CA ALA J 354 22.38 -35.67 25.33
C ALA J 354 21.23 -36.21 26.18
N LEU J 355 20.02 -35.68 25.99
CA LEU J 355 18.86 -36.16 26.79
C LEU J 355 18.57 -37.62 26.47
N ILE J 356 18.61 -38.01 25.21
CA ILE J 356 18.31 -39.42 24.82
C ILE J 356 19.42 -40.31 25.37
N ARG J 357 20.69 -39.92 25.23
CA ARG J 357 21.82 -40.78 25.65
C ARG J 357 21.75 -41.04 27.16
N THR J 358 21.53 -40.00 27.96
CA THR J 358 21.52 -40.15 29.44
C THR J 358 20.25 -40.88 29.88
N CYS J 359 19.09 -40.46 29.41
CA CYS J 359 17.79 -40.89 29.97
C CYS J 359 17.33 -42.20 29.35
N LEU J 360 17.58 -42.44 28.07
CA LEU J 360 16.99 -43.58 27.33
C LEU J 360 18.03 -44.66 27.04
N LEU J 361 19.26 -44.29 26.70
CA LEU J 361 20.32 -45.28 26.38
C LEU J 361 21.17 -45.56 27.62
N ASN J 362 20.90 -44.91 28.75
CA ASN J 362 21.59 -45.18 30.04
C ASN J 362 23.10 -45.06 29.86
N GLU J 363 23.54 -44.08 29.08
CA GLU J 363 24.98 -43.86 28.88
C GLU J 363 25.57 -43.18 30.12
N THR J 364 26.80 -43.51 30.42
CA THR J 364 27.56 -42.93 31.56
C THR J 364 28.94 -42.51 31.09
N GLY J 365 29.67 -41.86 31.98
CA GLY J 365 31.03 -41.39 31.71
C GLY J 365 31.04 -40.01 31.09
N ASP J 366 32.22 -39.58 30.64
CA ASP J 366 32.46 -38.19 30.19
C ASP J 366 32.49 -38.12 28.67
N GLU J 367 32.34 -39.24 27.96
CA GLU J 367 32.37 -39.22 26.48
C GLU J 367 31.18 -40.01 25.95
N PRO J 368 30.60 -39.57 24.82
CA PRO J 368 29.50 -40.28 24.19
C PRO J 368 29.91 -41.67 23.70
N PHE J 369 29.01 -42.64 23.87
CA PHE J 369 29.24 -44.02 23.41
C PHE J 369 29.30 -44.05 21.89
N GLN J 370 30.17 -44.88 21.36
CA GLN J 370 30.28 -45.07 19.89
C GLN J 370 29.38 -46.21 19.44
N TYR J 371 28.63 -45.98 18.36
CA TYR J 371 27.78 -46.98 17.68
C TYR J 371 26.57 -47.36 18.55
N LYS J 372 26.49 -46.83 19.78
CA LYS J 372 25.30 -47.04 20.64
C LYS J 372 25.04 -45.78 21.45
N ALA K 2 24.71 6.45 1.77
CA ALA K 2 23.73 7.52 1.44
C ALA K 2 23.09 7.25 0.07
N THR K 3 21.76 7.24 0.02
CA THR K 3 21.03 6.93 -1.22
C THR K 3 20.73 8.22 -1.97
N SER K 4 20.44 8.08 -3.26
CA SER K 4 20.30 9.23 -4.19
C SER K 4 19.05 10.06 -3.86
N ALA K 5 19.02 11.30 -4.35
CA ALA K 5 17.84 12.19 -4.25
C ALA K 5 16.62 11.57 -4.94
N SER K 6 16.81 10.88 -6.08
CA SER K 6 15.68 10.26 -6.81
C SER K 6 15.04 9.17 -5.93
N SER K 7 15.83 8.46 -5.13
CA SER K 7 15.29 7.37 -4.28
C SER K 7 14.42 7.97 -3.18
N HIS K 8 14.55 9.26 -2.88
CA HIS K 8 13.76 9.90 -1.81
C HIS K 8 12.44 10.44 -2.33
N LEU K 9 12.23 10.42 -3.64
CA LEU K 9 10.89 10.78 -4.20
C LEU K 9 9.87 9.73 -3.74
N ASN K 10 8.62 10.06 -3.44
CA ASN K 10 7.59 9.10 -2.94
C ASN K 10 7.32 7.95 -3.94
N LYS K 11 7.69 6.72 -3.60
CA LYS K 11 7.50 5.58 -4.51
C LYS K 11 5.98 5.29 -4.62
N GLY K 12 5.25 5.49 -3.55
CA GLY K 12 3.78 5.37 -3.57
C GLY K 12 3.23 6.08 -4.77
N ILE K 13 3.63 7.34 -5.00
CA ILE K 13 3.07 8.16 -6.11
C ILE K 13 3.31 7.44 -7.44
N LYS K 14 4.54 7.17 -7.78
CA LYS K 14 4.88 6.45 -9.03
C LYS K 14 3.96 5.24 -9.22
N GLN K 15 3.86 4.35 -8.23
CA GLN K 15 2.99 3.15 -8.29
C GLN K 15 1.59 3.58 -8.77
N VAL K 16 1.01 4.60 -8.19
CA VAL K 16 -0.38 5.04 -8.53
C VAL K 16 -0.45 5.25 -10.05
N TYR K 17 0.55 5.91 -10.66
CA TYR K 17 0.59 6.13 -12.11
C TYR K 17 0.83 4.80 -12.83
N MET K 18 1.65 3.94 -12.27
CA MET K 18 1.95 2.62 -12.91
C MET K 18 0.74 1.69 -12.81
N ALA K 19 -0.23 1.98 -11.94
CA ALA K 19 -1.47 1.18 -11.82
C ALA K 19 -2.47 1.58 -12.90
N LEU K 20 -2.28 2.69 -13.59
CA LEU K 20 -3.20 3.08 -14.69
C LEU K 20 -3.10 2.01 -15.78
N PRO K 21 -4.23 1.55 -16.35
CA PRO K 21 -4.17 0.72 -17.54
C PRO K 21 -3.62 1.51 -18.72
N GLN K 22 -2.60 0.99 -19.41
CA GLN K 22 -1.89 1.78 -20.44
C GLN K 22 -2.64 1.74 -21.78
N GLY K 23 -3.49 0.74 -21.99
CA GLY K 23 -4.27 0.64 -23.24
C GLY K 23 -3.53 -0.12 -24.33
N ASP K 24 -3.78 0.25 -25.58
CA ASP K 24 -3.33 -0.55 -26.75
C ASP K 24 -1.85 -0.30 -27.05
N LYS K 25 -1.29 0.84 -26.65
CA LYS K 25 0.13 1.14 -26.96
C LYS K 25 1.06 0.31 -26.06
N VAL K 26 2.21 -0.02 -26.60
CA VAL K 26 3.22 -0.85 -25.91
C VAL K 26 4.55 -0.07 -25.86
N GLN K 27 5.22 -0.15 -24.72
CA GLN K 27 6.56 0.47 -24.56
C GLN K 27 7.64 -0.57 -24.83
N ALA K 28 8.65 -0.18 -25.60
CA ALA K 28 9.85 -1.00 -25.82
C ALA K 28 11.07 -0.19 -25.38
N MET K 29 11.84 -0.73 -24.46
CA MET K 29 13.09 -0.09 -24.02
C MET K 29 14.25 -0.71 -24.78
N TYR K 30 14.91 0.09 -25.62
CA TYR K 30 16.07 -0.35 -26.40
C TYR K 30 17.33 -0.17 -25.56
N ILE K 31 18.08 -1.25 -25.38
CA ILE K 31 19.29 -1.27 -24.53
C ILE K 31 20.49 -1.56 -25.41
N TRP K 32 21.56 -0.83 -25.21
CA TRP K 32 22.82 -1.07 -25.96
C TRP K 32 24.05 -0.75 -25.11
N ILE K 33 25.18 -1.25 -25.56
CA ILE K 33 26.49 -1.05 -24.91
C ILE K 33 27.11 0.21 -25.50
N ASP K 34 27.56 1.13 -24.65
CA ASP K 34 28.13 2.42 -25.10
C ASP K 34 29.61 2.23 -25.49
N GLY K 35 30.32 3.33 -25.71
CA GLY K 35 31.70 3.34 -26.22
C GLY K 35 32.74 2.91 -25.20
N THR K 36 32.39 2.81 -23.92
CA THR K 36 33.34 2.32 -22.90
C THR K 36 33.40 0.78 -22.94
N GLY K 37 32.46 0.13 -23.61
CA GLY K 37 32.40 -1.34 -23.65
C GLY K 37 31.95 -1.95 -22.35
N GLU K 38 31.62 -1.13 -21.34
CA GLU K 38 31.17 -1.64 -20.03
C GLU K 38 29.91 -0.93 -19.54
N GLY K 39 29.55 0.20 -20.14
CA GLY K 39 28.33 0.95 -19.77
C GLY K 39 27.16 0.60 -20.67
N LEU K 40 25.97 0.66 -20.10
CA LEU K 40 24.72 0.39 -20.84
C LEU K 40 23.92 1.68 -20.96
N ARG K 41 23.28 1.82 -22.10
CA ARG K 41 22.41 2.97 -22.40
C ARG K 41 21.04 2.43 -22.77
N CYS K 42 20.02 3.23 -22.57
CA CYS K 42 18.64 2.83 -22.92
C CYS K 42 17.81 4.04 -23.26
N LYS K 43 16.78 3.81 -24.07
CA LYS K 43 15.65 4.74 -24.24
C LYS K 43 14.43 3.97 -24.69
N THR K 44 13.29 4.63 -24.67
CA THR K 44 11.99 3.97 -24.87
C THR K 44 11.32 4.54 -26.11
N ARG K 45 10.64 3.67 -26.86
CA ARG K 45 9.73 4.11 -27.93
C ARG K 45 8.37 3.46 -27.71
N THR K 46 7.33 4.09 -28.25
CA THR K 46 5.96 3.52 -28.22
C THR K 46 5.75 2.67 -29.47
N LEU K 47 5.23 1.47 -29.29
CA LEU K 47 4.80 0.60 -30.42
C LEU K 47 3.27 0.55 -30.46
N ASP K 48 2.71 0.30 -31.64
CA ASP K 48 1.24 0.20 -31.83
C ASP K 48 0.71 -1.07 -31.17
N SER K 49 1.50 -2.13 -31.06
CA SER K 49 1.01 -3.44 -30.58
C SER K 49 2.17 -4.24 -29.99
N GLU K 50 1.84 -5.28 -29.25
CA GLU K 50 2.85 -6.15 -28.64
C GLU K 50 3.57 -6.92 -29.74
N PRO K 51 4.91 -6.84 -29.82
CA PRO K 51 5.64 -7.64 -30.79
C PRO K 51 5.63 -9.12 -30.41
N LYS K 52 5.40 -9.99 -31.38
CA LYS K 52 5.33 -11.45 -31.09
C LYS K 52 6.75 -12.02 -31.00
N CYS K 53 7.68 -11.48 -31.79
CA CYS K 53 9.08 -11.95 -31.75
C CYS K 53 10.02 -10.76 -31.97
N ILE K 54 11.31 -11.02 -31.85
CA ILE K 54 12.38 -10.00 -32.05
C ILE K 54 12.33 -9.47 -33.48
N GLU K 55 11.83 -10.24 -34.44
CA GLU K 55 11.82 -9.81 -35.87
C GLU K 55 10.88 -8.63 -36.09
N GLU K 56 9.84 -8.47 -35.27
CA GLU K 56 8.83 -7.41 -35.49
C GLU K 56 9.34 -6.05 -34.99
N LEU K 57 10.45 -6.01 -34.25
CA LEU K 57 10.91 -4.73 -33.66
C LEU K 57 11.64 -3.92 -34.72
N PRO K 58 11.27 -2.65 -34.92
CA PRO K 58 11.98 -1.81 -35.88
C PRO K 58 13.40 -1.50 -35.41
N GLU K 59 14.29 -1.27 -36.37
CA GLU K 59 15.63 -0.72 -36.08
C GLU K 59 15.45 0.72 -35.61
N TRP K 60 16.37 1.17 -34.76
CA TRP K 60 16.31 2.54 -34.25
C TRP K 60 17.69 3.17 -34.37
N ASN K 61 17.84 4.36 -33.83
CA ASN K 61 19.10 5.10 -33.95
C ASN K 61 19.27 6.01 -32.73
N PHE K 62 20.48 6.53 -32.58
CA PHE K 62 20.81 7.47 -31.48
C PHE K 62 22.05 8.26 -31.92
N ASP K 63 22.38 9.26 -31.11
CA ASP K 63 23.58 10.10 -31.36
C ASP K 63 24.79 9.45 -30.68
N GLY K 64 25.75 8.98 -31.48
CA GLY K 64 26.94 8.29 -30.95
C GLY K 64 27.89 9.24 -30.24
N SER K 65 27.89 10.52 -30.61
CA SER K 65 28.78 11.51 -29.95
C SER K 65 28.40 11.69 -28.48
N SER K 66 27.20 11.30 -28.09
CA SER K 66 26.73 11.39 -26.69
C SER K 66 26.95 10.08 -25.94
N THR K 67 27.50 9.05 -26.57
CA THR K 67 27.72 7.73 -25.93
C THR K 67 29.16 7.29 -26.07
N PHE K 68 30.09 8.23 -26.30
CA PHE K 68 31.53 7.94 -26.51
C PHE K 68 31.72 7.00 -27.70
N GLN K 69 30.88 7.09 -28.72
CA GLN K 69 30.91 6.09 -29.83
C GLN K 69 31.13 6.72 -31.20
N SER K 70 31.11 8.03 -31.33
CA SER K 70 31.39 8.68 -32.63
C SER K 70 31.82 10.12 -32.39
N GLU K 71 32.40 10.73 -33.41
CA GLU K 71 32.78 12.17 -33.37
C GLU K 71 32.54 12.76 -34.74
N GLY K 72 32.35 14.07 -34.77
CA GLY K 72 32.17 14.87 -35.99
C GLY K 72 30.80 14.69 -36.61
N SER K 73 30.74 14.83 -37.93
CA SER K 73 29.47 14.99 -38.68
C SER K 73 28.64 13.70 -38.61
N ASN K 74 29.24 12.56 -38.90
CA ASN K 74 28.47 11.30 -39.08
C ASN K 74 28.44 10.54 -37.76
N SER K 75 27.87 11.16 -36.73
CA SER K 75 27.86 10.59 -35.37
C SER K 75 26.58 9.78 -35.13
N ASP K 76 25.66 9.72 -36.10
CA ASP K 76 24.42 8.92 -35.95
C ASP K 76 24.77 7.43 -35.98
N MET K 77 24.32 6.70 -34.98
CA MET K 77 24.56 5.25 -34.88
C MET K 77 23.22 4.55 -35.02
N TYR K 78 23.25 3.26 -35.28
CA TYR K 78 22.03 2.46 -35.53
C TYR K 78 21.93 1.35 -34.51
N LEU K 79 20.69 1.09 -34.08
CA LEU K 79 20.38 0.02 -33.12
C LEU K 79 19.61 -1.07 -33.84
N VAL K 80 20.16 -2.27 -33.84
CA VAL K 80 19.50 -3.45 -34.46
C VAL K 80 19.12 -4.38 -33.32
N PRO K 81 17.82 -4.61 -33.08
CA PRO K 81 17.40 -5.52 -32.03
C PRO K 81 18.01 -6.93 -32.19
N ALA K 82 18.46 -7.50 -31.09
CA ALA K 82 19.17 -8.79 -31.06
C ALA K 82 18.44 -9.78 -30.15
N ALA K 83 17.96 -9.35 -28.99
CA ALA K 83 17.24 -10.23 -28.05
C ALA K 83 16.11 -9.44 -27.40
N MET K 84 14.99 -10.08 -27.16
CA MET K 84 13.79 -9.48 -26.54
C MET K 84 13.57 -10.15 -25.19
N PHE K 85 13.09 -9.37 -24.23
CA PHE K 85 12.71 -9.87 -22.89
C PHE K 85 11.49 -9.12 -22.41
N ARG K 86 10.77 -9.71 -21.48
CA ARG K 86 9.64 -9.03 -20.82
C ARG K 86 10.18 -7.93 -19.90
N ASP K 87 9.52 -6.78 -19.88
CA ASP K 87 9.94 -5.64 -19.05
C ASP K 87 9.44 -5.83 -17.61
N PRO K 88 10.32 -6.06 -16.63
CA PRO K 88 9.88 -6.21 -15.24
C PRO K 88 9.56 -4.89 -14.53
N PHE K 89 9.98 -3.77 -15.09
CA PHE K 89 9.73 -2.44 -14.51
C PHE K 89 8.38 -1.91 -15.00
N ARG K 90 7.94 -2.33 -16.18
CA ARG K 90 6.66 -1.84 -16.78
C ARG K 90 5.65 -2.97 -16.91
N LYS K 91 6.06 -4.23 -16.71
CA LYS K 91 5.21 -5.44 -16.81
C LYS K 91 4.76 -5.67 -18.27
N ASP K 92 4.26 -6.86 -18.55
CA ASP K 92 3.62 -7.20 -19.85
C ASP K 92 2.57 -6.16 -20.18
N PRO K 93 2.41 -5.81 -21.47
CA PRO K 93 3.15 -6.40 -22.58
C PRO K 93 4.43 -5.66 -23.01
N ASN K 94 4.90 -4.76 -22.16
CA ASN K 94 6.10 -3.93 -22.48
C ASN K 94 7.35 -4.82 -22.53
N LYS K 95 8.32 -4.42 -23.32
CA LYS K 95 9.48 -5.27 -23.63
C LYS K 95 10.80 -4.56 -23.33
N LEU K 96 11.82 -5.37 -23.03
CA LEU K 96 13.23 -4.91 -23.06
C LEU K 96 13.85 -5.42 -24.35
N VAL K 97 14.48 -4.54 -25.11
CA VAL K 97 15.05 -4.88 -26.42
C VAL K 97 16.56 -4.62 -26.37
N PHE K 98 17.33 -5.69 -26.28
CA PHE K 98 18.80 -5.58 -26.31
C PHE K 98 19.25 -5.53 -27.77
N CYS K 99 20.03 -4.52 -28.11
CA CYS K 99 20.37 -4.23 -29.51
C CYS K 99 21.88 -4.24 -29.72
N GLU K 100 22.28 -4.58 -30.94
CA GLU K 100 23.64 -4.35 -31.45
C GLU K 100 23.75 -2.93 -31.97
N VAL K 101 24.95 -2.39 -31.94
CA VAL K 101 25.22 -0.99 -32.39
C VAL K 101 25.99 -1.06 -33.72
N PHE K 102 25.59 -0.24 -34.66
CA PHE K 102 26.26 -0.12 -35.96
C PHE K 102 26.54 1.35 -36.26
N LYS K 103 27.63 1.59 -37.00
CA LYS K 103 28.03 2.96 -37.39
C LYS K 103 27.10 3.47 -38.50
N TYR K 104 27.30 4.70 -38.93
CA TYR K 104 26.49 5.33 -39.99
C TYR K 104 26.58 4.52 -41.30
N ASN K 105 27.70 3.88 -41.56
CA ASN K 105 27.90 3.09 -42.81
C ASN K 105 27.57 1.62 -42.59
N ARG K 106 26.80 1.29 -41.54
CA ARG K 106 26.31 -0.08 -41.23
C ARG K 106 27.46 -1.03 -40.85
N LYS K 107 28.66 -0.53 -40.58
CA LYS K 107 29.72 -1.39 -40.01
C LYS K 107 29.50 -1.51 -38.50
N PRO K 108 29.89 -2.65 -37.90
CA PRO K 108 29.73 -2.82 -36.46
C PRO K 108 30.51 -1.76 -35.67
N ALA K 109 29.93 -1.30 -34.58
CA ALA K 109 30.59 -0.35 -33.66
C ALA K 109 31.76 -1.03 -32.96
N GLU K 110 32.70 -0.25 -32.45
CA GLU K 110 33.94 -0.80 -31.85
C GLU K 110 33.60 -1.66 -30.64
N THR K 111 32.61 -1.27 -29.85
CA THR K 111 32.18 -2.06 -28.67
C THR K 111 31.11 -3.08 -29.06
N ASN K 112 30.77 -3.21 -30.33
CA ASN K 112 29.89 -4.28 -30.81
C ASN K 112 30.72 -5.55 -30.94
N LEU K 113 30.78 -6.35 -29.89
CA LEU K 113 31.49 -7.64 -29.93
C LEU K 113 30.55 -8.78 -30.27
N ARG K 114 29.23 -8.56 -30.18
CA ARG K 114 28.25 -9.63 -30.44
C ARG K 114 28.29 -10.03 -31.91
N HIS K 115 28.54 -9.10 -32.80
CA HIS K 115 28.49 -9.35 -34.26
C HIS K 115 29.46 -10.47 -34.62
N THR K 116 30.70 -10.39 -34.13
CA THR K 116 31.71 -11.43 -34.39
C THR K 116 31.41 -12.65 -33.52
N CYS K 117 30.99 -12.45 -32.29
CA CYS K 117 30.71 -13.57 -31.35
C CYS K 117 29.64 -14.49 -31.93
N LYS K 118 28.58 -13.92 -32.51
CA LYS K 118 27.50 -14.73 -33.11
C LYS K 118 28.05 -15.57 -34.27
N ARG K 119 28.91 -15.00 -35.10
CA ARG K 119 29.48 -15.75 -36.25
C ARG K 119 30.30 -16.92 -35.74
N ILE K 120 31.07 -16.73 -34.68
CA ILE K 120 31.89 -17.82 -34.11
C ILE K 120 30.97 -18.90 -33.53
N MET K 121 29.91 -18.50 -32.84
CA MET K 121 28.98 -19.47 -32.22
C MET K 121 28.28 -20.28 -33.33
N ASP K 122 27.90 -19.65 -34.43
CA ASP K 122 27.24 -20.38 -35.55
C ASP K 122 28.20 -21.40 -36.15
N MET K 123 29.50 -21.14 -36.09
CA MET K 123 30.53 -22.04 -36.66
C MET K 123 30.58 -23.35 -35.86
N VAL K 124 30.39 -23.30 -34.54
CA VAL K 124 30.52 -24.51 -33.68
C VAL K 124 29.15 -24.91 -33.16
N SER K 125 28.06 -24.58 -33.86
CA SER K 125 26.70 -24.80 -33.36
C SER K 125 26.45 -26.28 -33.03
N ASN K 126 26.96 -27.19 -33.86
CA ASN K 126 26.71 -28.65 -33.70
C ASN K 126 27.30 -29.15 -32.38
N GLN K 127 28.41 -28.55 -31.92
CA GLN K 127 29.06 -28.99 -30.66
C GLN K 127 28.28 -28.46 -29.44
N ARG K 128 27.34 -27.54 -29.64
CA ARG K 128 26.40 -27.04 -28.61
C ARG K 128 27.16 -26.55 -27.37
N PRO K 129 27.91 -25.44 -27.46
CA PRO K 129 28.64 -24.93 -26.31
C PRO K 129 27.68 -24.29 -25.28
N TRP K 130 27.82 -24.72 -24.04
CA TRP K 130 27.02 -24.17 -22.92
C TRP K 130 27.92 -23.33 -22.03
N PHE K 131 27.37 -22.22 -21.56
CA PHE K 131 28.13 -21.29 -20.67
C PHE K 131 27.34 -21.03 -19.42
N GLY K 132 28.06 -20.71 -18.37
CA GLY K 132 27.49 -20.16 -17.13
C GLY K 132 28.42 -19.12 -16.55
N MET K 133 27.87 -18.01 -16.09
CA MET K 133 28.71 -16.94 -15.51
C MET K 133 28.23 -16.58 -14.11
N GLU K 134 29.17 -16.52 -13.17
CA GLU K 134 28.88 -16.05 -11.80
C GLU K 134 29.25 -14.57 -11.71
N GLN K 135 28.27 -13.70 -11.86
CA GLN K 135 28.50 -12.24 -11.88
C GLN K 135 28.56 -11.75 -10.43
N GLU K 136 29.74 -11.38 -9.98
CA GLU K 136 29.89 -10.72 -8.67
C GLU K 136 29.79 -9.20 -8.86
N TYR K 137 29.20 -8.54 -7.89
CA TYR K 137 29.05 -7.07 -7.92
C TYR K 137 29.05 -6.57 -6.49
N THR K 138 29.32 -5.29 -6.35
CA THR K 138 29.32 -4.59 -5.05
C THR K 138 28.30 -3.48 -5.11
N LEU K 139 27.45 -3.43 -4.09
CA LEU K 139 26.52 -2.30 -3.91
C LEU K 139 27.30 -1.14 -3.30
N MET K 140 27.12 0.05 -3.86
CA MET K 140 27.79 1.26 -3.35
C MET K 140 26.75 2.36 -3.16
N GLY K 141 26.97 3.17 -2.14
CA GLY K 141 26.25 4.46 -1.99
C GLY K 141 26.68 5.42 -3.06
N THR K 142 25.97 6.53 -3.19
CA THR K 142 26.29 7.56 -4.22
C THR K 142 27.62 8.25 -3.89
N ASP K 143 28.15 8.08 -2.68
CA ASP K 143 29.42 8.69 -2.24
C ASP K 143 30.64 7.88 -2.69
N GLY K 144 30.46 6.72 -3.31
CA GLY K 144 31.56 5.85 -3.77
C GLY K 144 32.07 4.93 -2.68
N HIS K 145 31.34 4.85 -1.57
CA HIS K 145 31.67 3.92 -0.46
C HIS K 145 30.65 2.78 -0.49
N PRO K 146 31.02 1.53 -0.15
CA PRO K 146 30.10 0.40 -0.30
C PRO K 146 28.82 0.58 0.50
N PHE K 147 27.70 0.05 0.00
CA PHE K 147 26.40 0.22 0.70
C PHE K 147 26.44 -0.47 2.06
N GLY K 148 26.03 0.23 3.12
CA GLY K 148 25.95 -0.42 4.46
C GLY K 148 27.21 -0.27 5.29
N TRP K 149 28.33 0.15 4.70
CA TRP K 149 29.60 0.22 5.46
C TRP K 149 29.58 1.45 6.38
N PRO K 150 30.29 1.49 7.53
CA PRO K 150 30.28 2.71 8.34
C PRO K 150 30.82 3.90 7.53
N SER K 151 30.29 5.07 7.82
CA SER K 151 30.70 6.35 7.19
C SER K 151 32.22 6.50 7.31
N ASN K 152 32.89 6.51 6.17
CA ASN K 152 34.36 6.71 6.06
C ASN K 152 35.11 5.62 6.81
N GLY K 153 34.54 4.42 6.93
CA GLY K 153 35.13 3.35 7.73
C GLY K 153 34.87 1.97 7.17
N PHE K 154 35.08 0.99 8.00
CA PHE K 154 35.04 -0.41 7.59
C PHE K 154 34.20 -1.20 8.57
N PRO K 155 33.51 -2.24 8.05
CA PRO K 155 32.87 -3.20 8.93
C PRO K 155 33.94 -4.13 9.51
N GLY K 156 33.50 -5.09 10.30
CA GLY K 156 34.38 -6.10 10.87
C GLY K 156 35.11 -6.87 9.77
N PRO K 157 36.19 -7.59 10.10
CA PRO K 157 36.92 -8.35 9.09
C PRO K 157 36.02 -9.40 8.41
N GLN K 158 36.43 -9.79 7.21
CA GLN K 158 35.72 -10.82 6.40
C GLN K 158 35.68 -12.16 7.15
N GLY K 159 34.64 -12.93 6.93
CA GLY K 159 34.48 -14.24 7.57
C GLY K 159 33.01 -14.56 7.77
N PRO K 160 32.22 -13.62 8.32
CA PRO K 160 30.80 -13.89 8.53
C PRO K 160 29.86 -13.44 7.40
N TYR K 161 30.37 -12.80 6.36
CA TYR K 161 29.48 -12.13 5.37
C TYR K 161 29.09 -13.08 4.25
N TYR K 162 29.99 -13.97 3.88
CA TYR K 162 29.75 -14.94 2.79
C TYR K 162 28.49 -15.77 3.14
N CYS K 163 27.46 -15.65 2.32
CA CYS K 163 26.19 -16.37 2.50
C CYS K 163 25.57 -16.00 3.84
N GLY K 164 25.80 -14.79 4.34
CA GLY K 164 25.38 -14.39 5.69
C GLY K 164 23.93 -14.00 5.73
N VAL K 165 23.34 -14.12 6.90
CA VAL K 165 21.96 -13.67 7.14
C VAL K 165 21.95 -12.87 8.43
N GLY K 166 21.16 -11.82 8.47
CA GLY K 166 21.10 -10.92 9.62
C GLY K 166 21.52 -9.51 9.23
N ALA K 167 21.11 -8.55 10.03
CA ALA K 167 21.30 -7.12 9.72
C ALA K 167 22.79 -6.77 9.70
N ASP K 168 23.61 -7.49 10.45
CA ASP K 168 25.06 -7.24 10.53
C ASP K 168 25.85 -8.10 9.55
N LYS K 169 25.21 -8.95 8.74
CA LYS K 169 25.93 -9.87 7.82
C LYS K 169 25.65 -9.52 6.36
N ALA K 170 24.40 -9.31 5.97
CA ALA K 170 24.01 -9.09 4.56
C ALA K 170 23.59 -7.64 4.38
N TYR K 171 24.20 -6.93 3.45
CA TYR K 171 23.86 -5.52 3.17
C TYR K 171 23.14 -5.41 1.83
N GLY K 172 21.94 -4.85 1.84
CA GLY K 172 21.16 -4.56 0.62
C GLY K 172 20.62 -5.83 -0.03
N ARG K 173 20.11 -6.78 0.74
CA ARG K 173 19.43 -7.99 0.19
C ARG K 173 18.12 -7.62 -0.53
N ASP K 174 17.48 -6.50 -0.17
CA ASP K 174 16.25 -6.06 -0.87
C ASP K 174 16.53 -5.93 -2.38
N ILE K 175 17.68 -5.40 -2.72
CA ILE K 175 18.09 -5.22 -4.13
C ILE K 175 18.28 -6.59 -4.76
N VAL K 176 18.87 -7.50 -4.04
CA VAL K 176 19.19 -8.84 -4.57
C VAL K 176 17.88 -9.59 -4.84
N GLU K 177 16.94 -9.53 -3.91
CA GLU K 177 15.64 -10.22 -4.08
C GLU K 177 14.89 -9.61 -5.27
N ALA K 178 14.88 -8.28 -5.38
CA ALA K 178 14.13 -7.58 -6.44
C ALA K 178 14.75 -7.94 -7.78
N HIS K 179 16.07 -7.94 -7.86
CA HIS K 179 16.79 -8.25 -9.12
C HIS K 179 16.49 -9.69 -9.55
N TYR K 180 16.59 -10.63 -8.63
CA TYR K 180 16.36 -12.08 -8.88
C TYR K 180 14.97 -12.26 -9.48
N ARG K 181 13.96 -11.68 -8.86
CA ARG K 181 12.56 -11.78 -9.34
C ARG K 181 12.43 -11.07 -10.68
N ALA K 182 13.02 -9.89 -10.77
CA ALA K 182 12.91 -9.11 -12.01
C ALA K 182 13.51 -9.93 -13.16
N CYS K 183 14.63 -10.59 -12.94
CA CYS K 183 15.26 -11.44 -13.96
C CYS K 183 14.37 -12.65 -14.29
N LEU K 184 13.79 -13.28 -13.29
CA LEU K 184 12.91 -14.46 -13.54
C LEU K 184 11.71 -14.00 -14.37
N TYR K 185 11.10 -12.88 -14.03
CA TYR K 185 9.94 -12.34 -14.78
C TYR K 185 10.37 -12.03 -16.22
N ALA K 186 11.54 -11.42 -16.41
CA ALA K 186 12.00 -10.97 -17.74
C ALA K 186 12.31 -12.19 -18.64
N GLY K 187 12.52 -13.37 -18.09
CA GLY K 187 12.97 -14.53 -18.86
C GLY K 187 14.48 -14.67 -18.90
N ILE K 188 15.20 -14.04 -17.97
CA ILE K 188 16.66 -14.24 -17.84
C ILE K 188 16.92 -15.58 -17.17
N LYS K 189 17.92 -16.30 -17.66
CA LYS K 189 18.30 -17.64 -17.13
C LYS K 189 19.18 -17.45 -15.88
N ILE K 190 18.57 -16.97 -14.81
CA ILE K 190 19.28 -16.72 -13.54
C ILE K 190 19.19 -17.97 -12.66
N GLY K 191 20.34 -18.50 -12.27
CA GLY K 191 20.43 -19.83 -11.63
C GLY K 191 20.51 -19.74 -10.13
N GLY K 192 20.76 -18.57 -9.57
CA GLY K 192 20.87 -18.44 -8.11
C GLY K 192 21.66 -17.22 -7.71
N THR K 193 21.69 -16.96 -6.41
CA THR K 193 22.37 -15.79 -5.83
C THR K 193 23.02 -16.21 -4.52
N ASN K 194 24.01 -15.45 -4.10
CA ASN K 194 24.57 -15.59 -2.75
C ASN K 194 25.19 -14.27 -2.34
N ALA K 195 25.30 -14.09 -1.03
CA ALA K 195 26.10 -13.01 -0.42
C ALA K 195 27.58 -13.41 -0.51
N GLU K 196 28.40 -12.47 -0.91
CA GLU K 196 29.84 -12.70 -1.11
C GLU K 196 30.62 -12.41 0.16
N VAL K 197 31.91 -12.68 0.12
CA VAL K 197 32.78 -12.62 1.32
C VAL K 197 32.87 -11.16 1.77
N MET K 198 33.04 -10.25 0.83
CA MET K 198 33.01 -8.81 1.12
C MET K 198 31.57 -8.45 1.48
N PRO K 199 31.33 -7.77 2.60
CA PRO K 199 29.99 -7.26 2.90
C PRO K 199 29.56 -6.23 1.87
N ALA K 200 28.26 -6.21 1.55
CA ALA K 200 27.63 -5.43 0.46
C ALA K 200 28.03 -5.95 -0.93
N GLN K 201 28.82 -7.02 -0.99
CA GLN K 201 29.16 -7.69 -2.27
C GLN K 201 28.21 -8.88 -2.46
N TRP K 202 27.74 -9.08 -3.69
CA TRP K 202 26.78 -10.15 -3.99
C TRP K 202 27.16 -10.79 -5.32
N GLU K 203 26.44 -11.84 -5.65
CA GLU K 203 26.67 -12.58 -6.91
C GLU K 203 25.35 -13.17 -7.37
N PHE K 204 25.14 -13.18 -8.68
CA PHE K 204 24.07 -13.98 -9.30
C PHE K 204 24.69 -14.81 -10.39
N GLN K 205 24.14 -16.00 -10.58
CA GLN K 205 24.60 -16.96 -11.62
C GLN K 205 23.64 -16.85 -12.82
N ILE K 206 24.22 -16.76 -14.00
CA ILE K 206 23.45 -16.76 -15.28
C ILE K 206 23.84 -17.99 -16.05
N GLY K 207 22.87 -18.83 -16.37
CA GLY K 207 23.12 -20.03 -17.18
C GLY K 207 22.41 -21.26 -16.66
N PRO K 208 22.53 -22.41 -17.35
CA PRO K 208 23.33 -22.55 -18.56
C PRO K 208 22.70 -21.89 -19.79
N CYS K 209 23.52 -21.25 -20.60
CA CYS K 209 23.10 -20.57 -21.84
C CYS K 209 23.90 -21.15 -22.99
N GLU K 210 23.25 -21.31 -24.13
CA GLU K 210 23.89 -21.90 -25.33
C GLU K 210 24.33 -20.77 -26.25
N GLY K 211 25.62 -20.78 -26.61
CA GLY K 211 26.20 -19.93 -27.65
C GLY K 211 26.00 -18.45 -27.35
N ILE K 212 25.38 -17.73 -28.26
CA ILE K 212 25.25 -16.26 -28.17
C ILE K 212 24.29 -15.88 -27.04
N ASP K 213 23.49 -16.80 -26.52
CA ASP K 213 22.53 -16.47 -25.44
C ASP K 213 23.24 -16.07 -24.15
N MET K 214 24.50 -16.46 -23.96
CA MET K 214 25.21 -16.16 -22.70
C MET K 214 25.41 -14.64 -22.59
N GLY K 215 25.89 -14.01 -23.66
CA GLY K 215 26.14 -12.56 -23.65
C GLY K 215 24.85 -11.79 -23.52
N ASP K 216 23.80 -12.19 -24.22
CA ASP K 216 22.50 -11.47 -24.17
C ASP K 216 21.93 -11.52 -22.75
N HIS K 217 21.90 -12.70 -22.15
CA HIS K 217 21.29 -12.88 -20.81
C HIS K 217 22.09 -12.12 -19.76
N LEU K 218 23.42 -12.16 -19.83
CA LEU K 218 24.24 -11.50 -18.79
C LEU K 218 24.13 -9.97 -18.96
N TRP K 219 24.20 -9.48 -20.18
CA TRP K 219 24.15 -8.02 -20.41
C TRP K 219 22.80 -7.48 -19.93
N VAL K 220 21.72 -8.19 -20.22
CA VAL K 220 20.36 -7.72 -19.81
C VAL K 220 20.23 -7.89 -18.30
N ALA K 221 20.76 -8.95 -17.74
CA ALA K 221 20.80 -9.12 -16.26
C ALA K 221 21.55 -7.95 -15.61
N ARG K 222 22.66 -7.53 -16.18
CA ARG K 222 23.38 -6.33 -15.70
C ARG K 222 22.50 -5.10 -15.81
N PHE K 223 21.80 -4.93 -16.93
CA PHE K 223 20.92 -3.75 -17.13
C PHE K 223 19.83 -3.74 -16.04
N ILE K 224 19.22 -4.90 -15.80
CA ILE K 224 18.12 -4.98 -14.81
C ILE K 224 18.67 -4.63 -13.43
N LEU K 225 19.86 -5.13 -13.11
CA LEU K 225 20.48 -4.81 -11.80
C LEU K 225 20.68 -3.30 -11.68
N HIS K 226 21.25 -2.65 -12.71
CA HIS K 226 21.46 -1.19 -12.69
C HIS K 226 20.11 -0.50 -12.51
N ARG K 227 19.10 -0.94 -13.25
CA ARG K 227 17.76 -0.28 -13.19
C ARG K 227 17.11 -0.54 -11.84
N VAL K 228 17.22 -1.74 -11.31
CA VAL K 228 16.69 -2.05 -9.94
C VAL K 228 17.44 -1.21 -8.89
N CYS K 229 18.77 -1.14 -9.00
CA CYS K 229 19.58 -0.36 -8.04
C CYS K 229 19.21 1.13 -8.16
N GLU K 230 18.94 1.60 -9.37
CA GLU K 230 18.52 3.00 -9.58
C GLU K 230 17.21 3.27 -8.80
N ASP K 231 16.30 2.30 -8.75
CA ASP K 231 15.04 2.47 -8.01
C ASP K 231 15.33 2.65 -6.51
N PHE K 232 16.23 1.85 -5.97
CA PHE K 232 16.61 1.90 -4.54
C PHE K 232 17.55 3.06 -4.25
N GLY K 233 18.13 3.68 -5.26
CA GLY K 233 19.03 4.85 -5.12
C GLY K 233 20.44 4.46 -4.73
N VAL K 234 20.88 3.26 -5.08
CA VAL K 234 22.28 2.82 -4.86
C VAL K 234 22.89 2.46 -6.21
N ILE K 235 24.19 2.21 -6.22
CA ILE K 235 24.96 1.90 -7.45
C ILE K 235 25.45 0.47 -7.35
N ALA K 236 25.28 -0.27 -8.44
CA ALA K 236 25.92 -1.59 -8.61
C ALA K 236 27.20 -1.36 -9.41
N THR K 237 28.34 -1.70 -8.82
CA THR K 237 29.63 -1.62 -9.53
C THR K 237 30.11 -3.02 -9.87
N PHE K 238 30.67 -3.17 -11.05
CA PHE K 238 31.34 -4.40 -11.49
C PHE K 238 32.84 -4.19 -11.47
N ASP K 239 33.32 -3.21 -10.71
CA ASP K 239 34.78 -2.98 -10.57
C ASP K 239 35.41 -4.25 -10.00
N PRO K 240 36.48 -4.80 -10.60
CA PRO K 240 37.08 -6.01 -10.09
C PRO K 240 37.68 -5.89 -8.69
N LYS K 241 37.96 -4.67 -8.23
CA LYS K 241 38.51 -4.46 -6.88
C LYS K 241 37.99 -3.14 -6.34
N PRO K 242 36.72 -3.08 -5.90
CA PRO K 242 36.14 -1.82 -5.44
C PRO K 242 36.90 -1.19 -4.26
N ILE K 243 37.39 -2.01 -3.33
CA ILE K 243 38.06 -1.52 -2.10
C ILE K 243 39.44 -2.13 -2.03
N PRO K 244 40.52 -1.33 -1.92
CA PRO K 244 41.86 -1.89 -1.77
C PRO K 244 42.05 -2.56 -0.41
N GLY K 245 42.95 -3.53 -0.36
CA GLY K 245 43.40 -4.16 0.89
C GLY K 245 42.89 -5.58 1.04
N ASN K 246 42.49 -5.97 2.24
CA ASN K 246 42.01 -7.35 2.50
C ASN K 246 40.50 -7.40 2.31
N TRP K 247 40.04 -6.93 1.17
CA TRP K 247 38.62 -7.01 0.78
C TRP K 247 38.56 -7.66 -0.60
N ASN K 248 37.69 -8.66 -0.72
CA ASN K 248 37.64 -9.53 -1.92
C ASN K 248 37.33 -8.73 -3.18
N GLY K 249 38.00 -9.09 -4.27
CA GLY K 249 37.64 -8.63 -5.62
C GLY K 249 36.35 -9.24 -6.10
N ALA K 250 35.85 -8.73 -7.21
CA ALA K 250 34.66 -9.29 -7.89
C ALA K 250 35.13 -9.88 -9.22
N GLY K 251 34.86 -11.17 -9.42
CA GLY K 251 35.13 -11.84 -10.71
C GLY K 251 33.86 -12.27 -11.40
N CYS K 252 34.00 -12.74 -12.62
CA CYS K 252 32.91 -13.36 -13.38
C CYS K 252 33.38 -14.74 -13.83
N HIS K 253 33.27 -15.70 -12.95
CA HIS K 253 33.73 -17.09 -13.22
C HIS K 253 32.86 -17.70 -14.32
N THR K 254 33.49 -18.22 -15.36
CA THR K 254 32.78 -18.73 -16.54
C THR K 254 32.91 -20.25 -16.56
N ASN K 255 31.77 -20.93 -16.58
CA ASN K 255 31.69 -22.40 -16.76
C ASN K 255 31.51 -22.70 -18.25
N PHE K 256 32.24 -23.67 -18.77
CA PHE K 256 32.20 -24.01 -20.20
C PHE K 256 32.13 -25.52 -20.35
N SER K 257 31.27 -25.98 -21.24
CA SER K 257 31.14 -27.40 -21.62
C SER K 257 30.62 -27.48 -23.04
N THR K 258 31.01 -28.54 -23.74
CA THR K 258 30.45 -28.87 -25.06
C THR K 258 29.64 -30.15 -24.96
N LYS K 259 29.04 -30.57 -26.06
CA LYS K 259 28.30 -31.84 -26.11
C LYS K 259 29.26 -32.99 -25.78
N ALA K 260 30.50 -32.94 -26.27
CA ALA K 260 31.49 -33.99 -26.00
C ALA K 260 31.82 -34.02 -24.50
N MET K 261 32.02 -32.85 -23.89
CA MET K 261 32.42 -32.79 -22.47
C MET K 261 31.27 -33.26 -21.57
N ARG K 262 30.02 -33.02 -21.97
CA ARG K 262 28.87 -33.42 -21.13
C ARG K 262 28.63 -34.93 -21.22
N GLU K 263 28.98 -35.55 -22.34
CA GLU K 263 28.75 -37.01 -22.55
C GLU K 263 29.66 -37.82 -21.64
N GLU K 264 29.33 -39.10 -21.50
CA GLU K 264 30.09 -40.04 -20.65
C GLU K 264 31.57 -40.02 -21.05
N ASN K 265 32.45 -40.03 -20.05
CA ASN K 265 33.92 -39.96 -20.25
C ASN K 265 34.27 -38.68 -21.02
N GLY K 266 33.57 -37.60 -20.73
CA GLY K 266 33.84 -36.27 -21.33
C GLY K 266 34.99 -35.55 -20.64
N LEU K 267 35.58 -36.13 -19.60
CA LEU K 267 36.71 -35.48 -18.90
C LEU K 267 37.91 -35.35 -19.84
N LYS K 268 38.14 -36.33 -20.71
CA LYS K 268 39.29 -36.29 -21.66
C LYS K 268 39.17 -35.04 -22.54
N TYR K 269 37.96 -34.70 -22.99
CA TYR K 269 37.75 -33.48 -23.81
C TYR K 269 37.90 -32.24 -22.93
N ILE K 270 37.54 -32.34 -21.65
CA ILE K 270 37.72 -31.20 -20.71
C ILE K 270 39.22 -30.94 -20.56
N GLU K 271 40.01 -31.99 -20.34
CA GLU K 271 41.47 -31.86 -20.17
C GLU K 271 42.11 -31.32 -21.46
N GLU K 272 41.65 -31.79 -22.62
CA GLU K 272 42.19 -31.31 -23.92
C GLU K 272 41.91 -29.81 -24.07
N ALA K 273 40.74 -29.35 -23.67
CA ALA K 273 40.39 -27.91 -23.77
C ALA K 273 41.29 -27.11 -22.83
N ILE K 274 41.55 -27.62 -21.64
CA ILE K 274 42.32 -26.87 -20.60
C ILE K 274 43.78 -26.76 -21.04
N GLU K 275 44.36 -27.81 -21.58
CA GLU K 275 45.77 -27.76 -22.03
C GLU K 275 45.90 -26.81 -23.22
N LYS K 276 44.87 -26.72 -24.05
CA LYS K 276 44.84 -25.67 -25.11
C LYS K 276 44.78 -24.28 -24.47
N LEU K 277 44.01 -24.12 -23.39
CA LEU K 277 43.94 -22.82 -22.68
C LEU K 277 45.28 -22.52 -22.01
N SER K 278 46.02 -23.56 -21.61
CA SER K 278 47.32 -23.40 -20.93
C SER K 278 48.29 -22.60 -21.82
N LYS K 279 48.18 -22.75 -23.13
CA LYS K 279 49.13 -22.14 -24.08
C LYS K 279 48.69 -20.75 -24.51
N ARG K 280 47.52 -20.27 -24.09
CA ARG K 280 47.02 -18.93 -24.55
C ARG K 280 46.59 -18.09 -23.35
N HIS K 281 47.30 -18.16 -22.24
CA HIS K 281 46.93 -17.40 -21.02
C HIS K 281 46.91 -15.90 -21.29
N GLN K 282 47.91 -15.38 -21.98
CA GLN K 282 48.02 -13.92 -22.24
C GLN K 282 46.90 -13.47 -23.17
N TYR K 283 46.55 -14.26 -24.18
CA TYR K 283 45.48 -13.89 -25.14
C TYR K 283 44.16 -13.75 -24.39
N HIS K 284 43.89 -14.65 -23.44
CA HIS K 284 42.60 -14.65 -22.71
C HIS K 284 42.57 -13.51 -21.70
N ILE K 285 43.69 -13.20 -21.06
CA ILE K 285 43.74 -12.09 -20.06
C ILE K 285 43.38 -10.78 -20.76
N ARG K 286 43.89 -10.56 -21.97
CA ARG K 286 43.56 -9.33 -22.74
C ARG K 286 42.06 -9.29 -23.05
N ALA K 287 41.47 -10.42 -23.42
CA ALA K 287 40.04 -10.49 -23.81
C ALA K 287 39.15 -10.39 -22.57
N TYR K 288 39.63 -10.80 -21.39
CA TYR K 288 38.77 -10.93 -20.19
C TYR K 288 38.58 -9.59 -19.49
N ASP K 289 38.93 -8.49 -20.13
CA ASP K 289 38.85 -7.17 -19.46
C ASP K 289 38.60 -6.11 -20.51
N PRO K 290 37.69 -5.14 -20.24
CA PRO K 290 37.34 -4.14 -21.25
C PRO K 290 38.51 -3.22 -21.66
N LYS K 291 39.53 -3.08 -20.80
CA LYS K 291 40.68 -2.19 -21.11
C LYS K 291 41.99 -2.99 -21.16
N GLY K 292 41.92 -4.23 -21.64
CA GLY K 292 43.11 -5.03 -21.99
C GLY K 292 43.72 -5.80 -20.82
N GLY K 293 43.14 -5.74 -19.62
CA GLY K 293 43.61 -6.54 -18.46
C GLY K 293 44.21 -5.69 -17.37
N LEU K 294 44.09 -4.36 -17.40
CA LEU K 294 44.65 -3.50 -16.34
C LEU K 294 43.76 -3.58 -15.10
N ASP K 295 42.43 -3.54 -15.27
CA ASP K 295 41.50 -3.61 -14.13
C ASP K 295 41.67 -4.94 -13.39
N ASN K 296 41.78 -6.03 -14.12
CA ASN K 296 41.87 -7.38 -13.51
C ASN K 296 43.24 -7.57 -12.84
N ALA K 297 44.22 -6.71 -13.10
CA ALA K 297 45.54 -6.78 -12.41
C ALA K 297 45.35 -6.48 -10.92
N ARG K 298 44.43 -5.59 -10.58
CA ARG K 298 44.14 -5.26 -9.17
C ARG K 298 43.47 -6.45 -8.47
N ARG K 299 42.77 -7.32 -9.21
CA ARG K 299 42.05 -8.46 -8.58
C ARG K 299 42.93 -9.71 -8.59
N LEU K 300 43.55 -10.04 -9.73
CA LEU K 300 44.29 -11.31 -9.88
C LEU K 300 45.66 -11.15 -9.22
N THR K 301 45.68 -11.21 -7.90
CA THR K 301 46.92 -11.09 -7.11
C THR K 301 47.34 -12.44 -6.52
N GLY K 302 46.50 -13.47 -6.62
CA GLY K 302 46.83 -14.80 -6.08
C GLY K 302 46.68 -14.89 -4.57
N PHE K 303 45.95 -13.98 -3.92
CA PHE K 303 45.84 -13.94 -2.45
C PHE K 303 44.43 -14.30 -1.97
N HIS K 304 43.44 -13.47 -2.36
CA HIS K 304 42.03 -13.62 -1.89
C HIS K 304 41.26 -14.58 -2.80
N GLU K 305 41.54 -15.88 -2.69
CA GLU K 305 40.88 -16.93 -3.51
C GLU K 305 41.02 -16.61 -5.02
N THR K 306 42.04 -15.85 -5.40
CA THR K 306 42.30 -15.53 -6.82
C THR K 306 43.56 -16.23 -7.27
N SER K 307 43.79 -16.23 -8.58
CA SER K 307 45.04 -16.72 -9.19
C SER K 307 45.94 -15.52 -9.51
N ASN K 308 47.13 -15.80 -10.02
CA ASN K 308 48.07 -14.74 -10.46
C ASN K 308 47.80 -14.40 -11.91
N ILE K 309 47.80 -13.12 -12.24
CA ILE K 309 47.51 -12.67 -13.63
C ILE K 309 48.65 -13.10 -14.55
N ASN K 310 49.87 -13.22 -14.03
CA ASN K 310 51.06 -13.52 -14.88
C ASN K 310 51.27 -15.04 -15.02
N ASP K 311 50.59 -15.87 -14.24
CA ASP K 311 50.86 -17.34 -14.24
C ASP K 311 49.55 -18.10 -14.44
N PHE K 312 49.60 -19.13 -15.28
CA PHE K 312 48.45 -20.01 -15.55
C PHE K 312 48.59 -21.28 -14.71
N SER K 313 47.47 -21.74 -14.17
CA SER K 313 47.43 -23.00 -13.39
C SER K 313 46.03 -23.61 -13.51
N ALA K 314 45.98 -24.94 -13.52
CA ALA K 314 44.72 -25.70 -13.57
C ALA K 314 44.80 -26.88 -12.63
N GLY K 315 43.66 -27.30 -12.11
CA GLY K 315 43.59 -28.46 -11.22
C GLY K 315 42.17 -28.78 -10.81
N VAL K 316 41.99 -29.97 -10.28
CA VAL K 316 40.68 -30.41 -9.75
C VAL K 316 40.48 -29.78 -8.37
N ALA K 317 39.35 -29.11 -8.17
CA ALA K 317 38.96 -28.51 -6.89
C ALA K 317 40.04 -27.52 -6.43
N ASN K 318 40.63 -26.78 -7.37
CA ASN K 318 41.68 -25.78 -7.06
C ASN K 318 41.05 -24.40 -7.16
N ARG K 319 40.72 -23.81 -6.01
CA ARG K 319 40.11 -22.44 -5.96
C ARG K 319 41.13 -21.40 -6.43
N GLY K 320 42.40 -21.60 -6.11
CA GLY K 320 43.48 -20.65 -6.45
C GLY K 320 43.98 -20.79 -7.88
N ALA K 321 43.48 -21.76 -8.65
CA ALA K 321 43.95 -22.00 -10.03
C ALA K 321 43.24 -21.05 -11.00
N SER K 322 43.85 -20.83 -12.15
CA SER K 322 43.24 -20.08 -13.27
C SER K 322 42.03 -20.85 -13.79
N ILE K 323 42.15 -22.16 -13.89
CA ILE K 323 41.06 -23.04 -14.37
C ILE K 323 40.82 -24.10 -13.30
N ARG K 324 39.55 -24.32 -12.97
CA ARG K 324 39.17 -25.31 -11.93
C ARG K 324 38.27 -26.36 -12.59
N ILE K 325 38.60 -27.62 -12.37
CA ILE K 325 37.70 -28.75 -12.68
C ILE K 325 36.99 -29.09 -11.37
N PRO K 326 35.65 -29.02 -11.33
CA PRO K 326 34.93 -29.34 -10.10
C PRO K 326 35.19 -30.80 -9.67
N ARG K 327 35.19 -31.04 -8.37
CA ARG K 327 35.48 -32.36 -7.80
C ARG K 327 34.49 -33.39 -8.33
N THR K 328 33.21 -33.03 -8.40
CA THR K 328 32.16 -33.94 -8.93
C THR K 328 32.45 -34.26 -10.39
N VAL K 329 32.87 -33.27 -11.17
CA VAL K 329 33.16 -33.49 -12.61
C VAL K 329 34.31 -34.48 -12.74
N GLY K 330 35.34 -34.35 -11.90
CA GLY K 330 36.45 -35.32 -11.86
C GLY K 330 35.96 -36.73 -11.54
N GLN K 331 35.04 -36.84 -10.58
CA GLN K 331 34.54 -38.16 -10.13
C GLN K 331 33.64 -38.76 -11.22
N GLU K 332 32.71 -37.98 -11.76
CA GLU K 332 31.77 -38.46 -12.80
C GLU K 332 32.47 -38.57 -14.16
N LYS K 333 33.69 -38.04 -14.30
CA LYS K 333 34.48 -38.10 -15.56
C LYS K 333 33.74 -37.37 -16.69
N LYS K 334 32.86 -36.43 -16.36
CA LYS K 334 32.15 -35.65 -17.38
C LYS K 334 31.60 -34.36 -16.76
N GLY K 335 31.25 -33.40 -17.60
CA GLY K 335 30.59 -32.16 -17.17
C GLY K 335 31.25 -30.93 -17.77
N TYR K 336 31.70 -30.01 -16.92
CA TYR K 336 32.17 -28.68 -17.35
C TYR K 336 33.46 -28.35 -16.62
N PHE K 337 34.08 -27.25 -16.99
CA PHE K 337 35.19 -26.65 -16.24
C PHE K 337 34.93 -25.16 -16.07
N GLU K 338 35.52 -24.61 -15.03
CA GLU K 338 35.30 -23.20 -14.64
C GLU K 338 36.55 -22.40 -14.95
N ASP K 339 36.41 -21.37 -15.77
CA ASP K 339 37.45 -20.35 -15.96
C ASP K 339 37.25 -19.25 -14.91
N ARG K 340 38.16 -19.15 -13.96
CA ARG K 340 38.03 -18.18 -12.84
C ARG K 340 38.78 -16.87 -13.15
N ARG K 341 39.39 -16.75 -14.31
CA ARG K 341 40.18 -15.54 -14.68
C ARG K 341 39.30 -14.33 -14.93
N PRO K 342 38.17 -14.41 -15.65
CA PRO K 342 37.49 -13.19 -16.10
C PRO K 342 37.07 -12.26 -14.96
N SER K 343 37.28 -10.96 -15.18
CA SER K 343 36.94 -9.87 -14.25
C SER K 343 35.42 -9.68 -14.21
N ALA K 344 34.94 -9.04 -13.14
CA ALA K 344 33.49 -8.78 -12.99
C ALA K 344 32.98 -7.83 -14.08
N ASN K 345 33.81 -6.93 -14.58
CA ASN K 345 33.41 -5.96 -15.64
C ASN K 345 33.78 -6.47 -17.02
N CYS K 346 33.96 -7.78 -17.18
CA CYS K 346 34.26 -8.36 -18.52
C CYS K 346 33.05 -8.27 -19.45
N ASP K 347 33.31 -8.25 -20.74
CA ASP K 347 32.26 -8.40 -21.76
C ASP K 347 32.06 -9.89 -22.00
N PRO K 348 30.85 -10.44 -21.73
CA PRO K 348 30.63 -11.87 -21.97
C PRO K 348 30.82 -12.29 -23.43
N PHE K 349 30.54 -11.39 -24.40
CA PHE K 349 30.76 -11.71 -25.83
C PHE K 349 32.25 -11.96 -26.08
N ALA K 350 33.13 -11.16 -25.49
CA ALA K 350 34.60 -11.35 -25.61
C ALA K 350 35.01 -12.65 -24.92
N VAL K 351 34.45 -12.92 -23.75
CA VAL K 351 34.87 -14.10 -22.94
C VAL K 351 34.47 -15.38 -23.67
N THR K 352 33.21 -15.48 -24.08
CA THR K 352 32.68 -16.71 -24.74
C THR K 352 33.41 -16.93 -26.07
N GLU K 353 33.64 -15.87 -26.82
CA GLU K 353 34.32 -15.98 -28.14
C GLU K 353 35.74 -16.51 -27.94
N ALA K 354 36.46 -16.01 -26.93
CA ALA K 354 37.85 -16.45 -26.67
C ALA K 354 37.86 -17.93 -26.31
N LEU K 355 36.91 -18.38 -25.50
CA LEU K 355 36.85 -19.81 -25.09
C LEU K 355 36.61 -20.68 -26.33
N ILE K 356 35.70 -20.29 -27.20
CA ILE K 356 35.39 -21.10 -28.41
C ILE K 356 36.62 -21.10 -29.33
N ARG K 357 37.25 -19.95 -29.54
CA ARG K 357 38.39 -19.86 -30.49
C ARG K 357 39.54 -20.75 -30.02
N THR K 358 39.89 -20.68 -28.76
CA THR K 358 41.04 -21.45 -28.23
C THR K 358 40.70 -22.94 -28.14
N CYS K 359 39.55 -23.28 -27.56
CA CYS K 359 39.23 -24.68 -27.19
C CYS K 359 38.62 -25.45 -28.36
N LEU K 360 37.82 -24.81 -29.19
CA LEU K 360 37.02 -25.52 -30.23
C LEU K 360 37.56 -25.28 -31.63
N LEU K 361 38.02 -24.06 -31.94
CA LEU K 361 38.56 -23.75 -33.28
C LEU K 361 40.08 -23.89 -33.30
N ASN K 362 40.71 -24.24 -32.18
CA ASN K 362 42.17 -24.52 -32.10
C ASN K 362 42.95 -23.33 -32.66
N GLU K 363 42.50 -22.12 -32.37
CA GLU K 363 43.21 -20.91 -32.81
C GLU K 363 44.45 -20.69 -31.94
N THR K 364 45.50 -20.17 -32.56
CA THR K 364 46.77 -19.87 -31.87
C THR K 364 47.22 -18.47 -32.25
N GLY K 365 48.29 -18.01 -31.61
CA GLY K 365 48.87 -16.68 -31.85
C GLY K 365 48.23 -15.60 -31.00
N ASP K 366 48.56 -14.36 -31.29
CA ASP K 366 48.19 -13.21 -30.45
C ASP K 366 47.02 -12.44 -31.06
N GLU K 367 46.52 -12.84 -32.22
CA GLU K 367 45.40 -12.13 -32.86
C GLU K 367 44.34 -13.14 -33.29
N PRO K 368 43.04 -12.76 -33.19
CA PRO K 368 41.97 -13.63 -33.63
C PRO K 368 42.02 -13.90 -35.13
N PHE K 369 41.70 -15.14 -35.50
CA PHE K 369 41.66 -15.56 -36.93
C PHE K 369 40.52 -14.82 -37.63
N GLN K 370 40.74 -14.45 -38.88
CA GLN K 370 39.71 -13.79 -39.71
C GLN K 370 38.94 -14.85 -40.50
N TYR K 371 37.61 -14.74 -40.48
CA TYR K 371 36.68 -15.57 -41.27
C TYR K 371 36.65 -17.01 -40.75
N LYS K 372 37.48 -17.34 -39.76
CA LYS K 372 37.42 -18.68 -39.11
C LYS K 372 37.74 -18.52 -37.62
N ALA L 2 22.77 30.22 3.87
CA ALA L 2 23.72 29.14 4.25
C ALA L 2 25.16 29.62 4.06
N THR L 3 25.98 29.49 5.09
CA THR L 3 27.38 29.98 5.05
C THR L 3 28.30 28.84 4.60
N SER L 4 29.48 29.21 4.14
CA SER L 4 30.42 28.26 3.49
C SER L 4 30.99 27.26 4.51
N ALA L 5 31.53 26.15 4.01
CA ALA L 5 32.23 25.14 4.83
C ALA L 5 33.44 25.76 5.54
N SER L 6 34.17 26.68 4.89
CA SER L 6 35.35 27.32 5.51
C SER L 6 34.92 28.13 6.74
N SER L 7 33.73 28.74 6.70
CA SER L 7 33.26 29.57 7.83
C SER L 7 32.95 28.67 9.03
N HIS L 8 32.76 27.37 8.83
CA HIS L 8 32.44 26.45 9.94
C HIS L 8 33.69 25.89 10.58
N LEU L 9 34.87 26.14 10.03
CA LEU L 9 36.14 25.78 10.71
C LEU L 9 36.26 26.60 12.00
N ASN L 10 36.79 26.08 13.10
CA ASN L 10 36.90 26.81 14.41
C ASN L 10 37.74 28.11 14.30
N LYS L 11 37.12 29.27 14.45
CA LYS L 11 37.84 30.55 14.32
C LYS L 11 38.80 30.70 15.52
N GLY L 12 38.39 30.20 16.68
CA GLY L 12 39.25 30.18 17.87
C GLY L 12 40.61 29.66 17.49
N ILE L 13 40.70 28.52 16.78
CA ILE L 13 42.00 27.89 16.44
C ILE L 13 42.85 28.90 15.65
N LYS L 14 42.37 29.35 14.53
CA LYS L 14 43.10 30.35 13.69
C LYS L 14 43.67 31.47 14.57
N GLN L 15 42.84 32.13 15.39
CA GLN L 15 43.27 33.21 16.30
C GLN L 15 44.52 32.74 17.06
N VAL L 16 44.51 31.57 17.66
CA VAL L 16 45.64 31.07 18.48
C VAL L 16 46.92 31.16 17.64
N TYR L 17 46.89 30.76 16.36
CA TYR L 17 48.06 30.84 15.47
C TYR L 17 48.36 32.30 15.14
N MET L 18 47.34 33.11 14.96
CA MET L 18 47.53 34.56 14.65
C MET L 18 48.07 35.32 15.87
N ALA L 19 47.97 34.76 17.06
CA ALA L 19 48.52 35.38 18.30
C ALA L 19 50.01 35.11 18.41
N LEU L 20 50.57 34.19 17.64
CA LEU L 20 52.04 33.94 17.67
C LEU L 20 52.74 35.21 17.20
N PRO L 21 53.81 35.65 17.88
CA PRO L 21 54.65 36.71 17.34
C PRO L 21 55.35 36.24 16.07
N GLN L 22 55.25 37.00 14.97
CA GLN L 22 55.74 36.51 13.67
C GLN L 22 57.24 36.75 13.52
N GLY L 23 57.81 37.68 14.27
CA GLY L 23 59.27 37.95 14.22
C GLY L 23 59.62 38.98 13.17
N ASP L 24 60.81 38.86 12.59
CA ASP L 24 61.40 39.92 11.74
C ASP L 24 60.78 39.89 10.34
N LYS L 25 60.27 38.76 9.88
CA LYS L 25 59.71 38.67 8.50
C LYS L 25 58.36 39.39 8.44
N VAL L 26 58.07 39.95 7.28
CA VAL L 26 56.84 40.72 7.03
C VAL L 26 56.10 40.09 5.83
N GLN L 27 54.78 40.01 5.95
CA GLN L 27 53.92 39.52 4.84
C GLN L 27 53.40 40.69 4.04
N ALA L 28 53.46 40.58 2.71
CA ALA L 28 52.85 41.55 1.80
C ALA L 28 51.87 40.79 0.90
N MET L 29 50.62 41.21 0.91
CA MET L 29 49.59 40.63 0.03
C MET L 29 49.46 41.51 -1.21
N TYR L 30 49.82 40.97 -2.37
CA TYR L 30 49.72 41.68 -3.66
C TYR L 30 48.33 41.47 -4.23
N ILE L 31 47.62 42.55 -4.50
CA ILE L 31 46.23 42.53 -4.99
C ILE L 31 46.19 43.12 -6.39
N TRP L 32 45.48 42.47 -7.28
CA TRP L 32 45.32 43.00 -8.67
C TRP L 32 43.95 42.64 -9.24
N ILE L 33 43.59 43.34 -10.29
CA ILE L 33 42.31 43.13 -11.02
C ILE L 33 42.55 42.10 -12.11
N ASP L 34 41.70 41.09 -12.18
CA ASP L 34 41.87 39.98 -13.15
C ASP L 34 41.29 40.40 -14.52
N GLY L 35 41.15 39.44 -15.43
CA GLY L 35 40.75 39.69 -16.83
C GLY L 35 39.28 40.00 -17.00
N THR L 36 38.45 39.80 -15.98
CA THR L 36 37.03 40.17 -16.06
C THR L 36 36.86 41.68 -15.83
N GLY L 37 37.89 42.36 -15.32
CA GLY L 37 37.80 43.80 -14.99
C GLY L 37 36.96 44.07 -13.77
N GLU L 38 36.43 43.04 -13.11
CA GLU L 38 35.59 43.21 -11.91
C GLU L 38 36.01 42.30 -10.77
N GLY L 39 36.82 41.28 -11.05
CA GLY L 39 37.32 40.34 -10.02
C GLY L 39 38.69 40.75 -9.51
N LEU L 40 38.95 40.44 -8.25
CA LEU L 40 40.24 40.73 -7.61
C LEU L 40 40.95 39.41 -7.29
N ARG L 41 42.26 39.44 -7.46
CA ARG L 41 43.13 38.30 -7.16
C ARG L 41 44.18 38.75 -6.15
N CYS L 42 44.70 37.83 -5.40
CA CYS L 42 45.75 38.15 -4.41
C CYS L 42 46.64 36.95 -4.17
N LYS L 43 47.87 37.24 -3.76
CA LYS L 43 48.77 36.24 -3.14
C LYS L 43 49.76 36.95 -2.25
N THR L 44 50.49 36.18 -1.46
CA THR L 44 51.35 36.74 -0.41
C THR L 44 52.80 36.37 -0.67
N ARG L 45 53.70 37.29 -0.38
CA ARG L 45 55.15 36.99 -0.33
C ARG L 45 55.70 37.43 1.01
N THR L 46 56.81 36.82 1.41
CA THR L 46 57.53 37.23 2.64
C THR L 46 58.58 38.28 2.28
N LEU L 47 58.61 39.36 3.04
CA LEU L 47 59.68 40.40 2.93
C LEU L 47 60.60 40.29 4.14
N ASP L 48 61.85 40.72 3.98
CA ASP L 48 62.85 40.71 5.07
C ASP L 48 62.51 41.75 6.13
N SER L 49 61.84 42.84 5.77
CA SER L 49 61.61 43.97 6.70
C SER L 49 60.37 44.74 6.25
N GLU L 50 59.87 45.57 7.15
CA GLU L 50 58.68 46.41 6.87
C GLU L 50 59.07 47.44 5.84
N PRO L 51 58.36 47.53 4.70
CA PRO L 51 58.62 48.58 3.72
C PRO L 51 58.16 49.95 4.25
N LYS L 52 58.98 50.97 4.07
CA LYS L 52 58.63 52.32 4.58
C LYS L 52 57.67 53.00 3.61
N CYS L 53 57.82 52.73 2.32
CA CYS L 53 56.91 53.33 1.30
C CYS L 53 56.66 52.31 0.19
N ILE L 54 55.77 52.68 -0.73
CA ILE L 54 55.41 51.84 -1.91
C ILE L 54 56.64 51.60 -2.78
N GLU L 55 57.62 52.50 -2.77
CA GLU L 55 58.82 52.38 -3.64
C GLU L 55 59.67 51.17 -3.25
N GLU L 56 59.65 50.74 -1.99
CA GLU L 56 60.52 49.65 -1.51
C GLU L 56 59.96 48.28 -1.92
N LEU L 57 58.72 48.20 -2.40
CA LEU L 57 58.12 46.88 -2.70
C LEU L 57 58.63 46.39 -4.05
N PRO L 58 59.14 45.15 -4.13
CA PRO L 58 59.57 44.60 -5.40
C PRO L 58 58.39 44.37 -6.34
N GLU L 59 58.66 44.42 -7.63
CA GLU L 59 57.70 43.96 -8.66
C GLU L 59 57.58 42.45 -8.55
N TRP L 60 56.41 41.95 -8.90
CA TRP L 60 56.17 40.49 -8.85
C TRP L 60 55.52 40.05 -10.15
N ASN L 61 55.12 38.79 -10.21
CA ASN L 61 54.55 38.22 -11.44
C ASN L 61 53.57 37.12 -11.07
N PHE L 62 52.80 36.70 -12.06
CA PHE L 62 51.83 35.60 -11.91
C PHE L 62 51.52 35.05 -13.30
N ASP L 63 50.78 33.96 -13.32
CA ASP L 63 50.36 33.31 -14.59
C ASP L 63 49.04 33.92 -15.05
N GLY L 64 49.07 34.64 -16.16
CA GLY L 64 47.87 35.33 -16.68
C GLY L 64 46.85 34.36 -17.24
N SER L 65 47.27 33.19 -17.70
CA SER L 65 46.33 32.19 -18.25
C SER L 65 45.38 31.68 -17.16
N SER L 66 45.74 31.85 -15.89
CA SER L 66 44.91 31.42 -14.75
C SER L 66 44.04 32.57 -14.24
N THR L 67 44.11 33.76 -14.83
CA THR L 67 43.33 34.94 -14.37
C THR L 67 42.54 35.55 -15.52
N PHE L 68 42.28 34.77 -16.58
CA PHE L 68 41.57 35.25 -17.78
C PHE L 68 42.32 36.42 -18.42
N GLN L 69 43.64 36.46 -18.34
CA GLN L 69 44.40 37.66 -18.78
C GLN L 69 45.44 37.35 -19.86
N SER L 70 45.69 36.09 -20.18
CA SER L 70 46.63 35.75 -21.28
C SER L 70 46.34 34.35 -21.77
N GLU L 71 46.88 34.03 -22.94
CA GLU L 71 46.77 32.67 -23.52
C GLU L 71 48.08 32.34 -24.21
N GLY L 72 48.34 31.05 -24.35
CA GLY L 72 49.52 30.51 -25.05
C GLY L 72 50.81 30.66 -24.27
N SER L 73 51.92 30.79 -24.98
CA SER L 73 53.28 30.65 -24.42
C SER L 73 53.58 31.81 -23.45
N ASN L 74 53.33 33.04 -23.87
CA ASN L 74 53.79 34.23 -23.09
C ASN L 74 52.68 34.69 -22.17
N SER L 75 52.25 33.82 -21.27
CA SER L 75 51.11 34.10 -20.37
C SER L 75 51.60 34.71 -19.04
N ASP L 76 52.90 34.86 -18.84
CA ASP L 76 53.43 35.48 -17.60
C ASP L 76 53.09 36.97 -17.60
N MET L 77 52.48 37.43 -16.53
CA MET L 77 52.10 38.84 -16.37
C MET L 77 52.93 39.41 -15.22
N TYR L 78 52.99 40.72 -15.13
CA TYR L 78 53.81 41.42 -14.13
C TYR L 78 52.95 42.29 -13.25
N LEU L 79 53.31 42.32 -11.97
CA LEU L 79 52.61 43.14 -10.95
C LEU L 79 53.52 44.27 -10.53
N VAL L 80 53.07 45.50 -10.72
CA VAL L 80 53.83 46.70 -10.30
C VAL L 80 53.04 47.33 -9.16
N PRO L 81 53.60 47.37 -7.94
CA PRO L 81 52.90 48.01 -6.83
C PRO L 81 52.53 49.47 -7.12
N ALA L 82 51.31 49.83 -6.75
CA ALA L 82 50.75 51.17 -7.03
C ALA L 82 50.34 51.88 -5.74
N ALA L 83 49.74 51.17 -4.79
CA ALA L 83 49.32 51.75 -3.50
C ALA L 83 49.54 50.73 -2.39
N MET L 84 49.95 51.20 -1.23
CA MET L 84 50.22 50.36 -0.04
C MET L 84 49.19 50.72 1.04
N PHE L 85 48.79 49.71 1.79
CA PHE L 85 47.89 49.88 2.96
C PHE L 85 48.30 48.92 4.04
N ARG L 86 47.92 49.23 5.27
CA ARG L 86 48.13 48.31 6.41
C ARG L 86 47.19 47.11 6.27
N ASP L 87 47.68 45.93 6.58
CA ASP L 87 46.88 44.69 6.47
C ASP L 87 46.00 44.52 7.72
N PRO L 88 44.67 44.64 7.61
CA PRO L 88 43.80 44.46 8.78
C PRO L 88 43.56 43.00 9.17
N PHE L 89 43.88 42.07 8.28
CA PHE L 89 43.71 40.62 8.54
C PHE L 89 44.95 40.07 9.24
N ARG L 90 46.10 40.67 9.01
CA ARG L 90 47.39 40.18 9.60
C ARG L 90 47.98 41.20 10.56
N LYS L 91 47.45 42.43 10.61
CA LYS L 91 47.90 43.55 11.49
C LYS L 91 49.30 44.01 11.07
N ASP L 92 49.70 45.18 11.56
CA ASP L 92 51.08 45.71 11.41
C ASP L 92 52.08 44.66 11.85
N PRO L 93 53.24 44.56 11.18
CA PRO L 93 53.64 45.45 10.09
C PRO L 93 53.31 44.94 8.67
N ASN L 94 52.44 43.94 8.57
CA ASN L 94 52.08 43.32 7.28
C ASN L 94 51.29 44.33 6.43
N LYS L 95 51.38 44.20 5.12
CA LYS L 95 50.86 45.21 4.19
C LYS L 95 49.92 44.60 3.16
N LEU L 96 48.99 45.43 2.68
CA LEU L 96 48.24 45.14 1.44
C LEU L 96 48.85 45.97 0.32
N VAL L 97 49.18 45.32 -0.79
CA VAL L 97 49.86 45.98 -1.92
C VAL L 97 48.96 45.88 -3.15
N PHE L 98 48.33 46.98 -3.50
CA PHE L 98 47.49 47.04 -4.72
C PHE L 98 48.40 47.33 -5.91
N CYS L 99 48.32 46.50 -6.93
CA CYS L 99 49.27 46.53 -8.06
C CYS L 99 48.55 46.74 -9.38
N GLU L 100 49.26 47.37 -10.32
CA GLU L 100 48.89 47.39 -11.74
C GLU L 100 49.39 46.13 -12.41
N VAL L 101 48.71 45.71 -13.47
CA VAL L 101 49.07 44.49 -14.22
C VAL L 101 49.67 44.89 -15.57
N PHE L 102 50.74 44.25 -15.95
CA PHE L 102 51.41 44.47 -17.24
C PHE L 102 51.64 43.13 -17.94
N LYS L 103 51.60 43.16 -19.26
CA LYS L 103 51.83 41.95 -20.09
C LYS L 103 53.32 41.58 -20.07
N TYR L 104 53.68 40.49 -20.73
CA TYR L 104 55.08 40.01 -20.80
C TYR L 104 55.98 41.07 -21.44
N ASN L 105 55.47 41.87 -22.36
CA ASN L 105 56.27 42.91 -23.06
C ASN L 105 56.13 44.27 -22.37
N ARG L 106 55.71 44.29 -21.09
CA ARG L 106 55.60 45.51 -20.25
C ARG L 106 54.52 46.47 -20.76
N LYS L 107 53.65 46.07 -21.68
CA LYS L 107 52.48 46.90 -22.03
C LYS L 107 51.39 46.68 -20.98
N PRO L 108 50.56 47.71 -20.72
CA PRO L 108 49.48 47.56 -19.75
C PRO L 108 48.50 46.45 -20.15
N ALA L 109 48.02 45.71 -19.16
CA ALA L 109 46.99 44.67 -19.37
C ALA L 109 45.66 45.31 -19.78
N GLU L 110 44.80 44.55 -20.40
CA GLU L 110 43.52 45.09 -20.95
C GLU L 110 42.65 45.65 -19.82
N THR L 111 42.64 45.01 -18.66
CA THR L 111 41.88 45.49 -17.49
C THR L 111 42.70 46.45 -16.64
N ASN L 112 43.91 46.80 -17.07
CA ASN L 112 44.71 47.86 -16.41
C ASN L 112 44.19 49.21 -16.89
N LEU L 113 43.23 49.77 -16.18
CA LEU L 113 42.70 51.11 -16.51
C LEU L 113 43.41 52.19 -15.70
N ARG L 114 44.14 51.82 -14.65
CA ARG L 114 44.81 52.81 -13.78
C ARG L 114 45.92 53.50 -14.57
N HIS L 115 46.60 52.80 -15.46
CA HIS L 115 47.76 53.34 -16.19
C HIS L 115 47.35 54.61 -16.95
N THR L 116 46.25 54.56 -17.67
CA THR L 116 45.75 55.73 -18.42
C THR L 116 45.11 56.72 -17.44
N CYS L 117 44.39 56.21 -16.45
CA CYS L 117 43.68 57.09 -15.48
C CYS L 117 44.69 57.99 -14.75
N LYS L 118 45.83 57.44 -14.35
CA LYS L 118 46.86 58.24 -13.65
C LYS L 118 47.38 59.35 -14.57
N ARG L 119 47.60 59.06 -15.85
CA ARG L 119 48.11 60.07 -16.80
C ARG L 119 47.09 61.21 -16.93
N ILE L 120 45.81 60.88 -16.99
CA ILE L 120 44.75 61.91 -17.10
C ILE L 120 44.72 62.74 -15.82
N MET L 121 44.83 62.10 -14.66
CA MET L 121 44.79 62.82 -13.37
C MET L 121 46.00 63.77 -13.27
N ASP L 122 47.17 63.34 -13.72
CA ASP L 122 48.38 64.21 -13.67
C ASP L 122 48.18 65.43 -14.57
N MET L 123 47.39 65.29 -15.63
CA MET L 123 47.15 66.39 -16.58
C MET L 123 46.36 67.52 -15.91
N VAL L 124 45.42 67.18 -15.02
CA VAL L 124 44.53 68.19 -14.40
C VAL L 124 44.87 68.33 -12.93
N SER L 125 46.10 68.03 -12.52
CA SER L 125 46.49 68.01 -11.10
C SER L 125 46.21 69.36 -10.42
N ASN L 126 46.48 70.47 -11.11
CA ASN L 126 46.33 71.83 -10.51
C ASN L 126 44.88 72.10 -10.14
N GLN L 127 43.93 71.55 -10.90
CA GLN L 127 42.49 71.79 -10.62
C GLN L 127 42.02 70.94 -9.42
N ARG L 128 42.84 69.99 -8.96
CA ARG L 128 42.61 69.18 -7.74
C ARG L 128 41.23 68.54 -7.74
N PRO L 129 40.98 67.56 -8.62
CA PRO L 129 39.68 66.90 -8.66
C PRO L 129 39.48 65.97 -7.44
N TRP L 130 38.36 66.15 -6.77
CA TRP L 130 37.99 65.30 -5.61
C TRP L 130 36.84 64.40 -6.01
N PHE L 131 36.89 63.16 -5.53
CA PHE L 131 35.84 62.16 -5.83
C PHE L 131 35.32 61.57 -4.54
N GLY L 132 34.08 61.11 -4.59
CA GLY L 132 33.50 60.26 -3.55
C GLY L 132 32.59 59.23 -4.18
N MET L 133 32.66 58.00 -3.71
CA MET L 133 31.82 56.93 -4.27
C MET L 133 31.02 56.24 -3.18
N GLU L 134 29.71 56.09 -3.42
CA GLU L 134 28.83 55.32 -2.50
C GLU L 134 28.70 53.91 -3.06
N GLN L 135 29.48 52.99 -2.53
CA GLN L 135 29.51 51.59 -3.02
C GLN L 135 28.37 50.83 -2.36
N GLU L 136 27.35 50.50 -3.13
CA GLU L 136 26.29 49.60 -2.65
C GLU L 136 26.66 48.15 -2.98
N TYR L 137 26.29 47.25 -2.10
CA TYR L 137 26.56 45.81 -2.30
C TYR L 137 25.47 45.04 -1.59
N THR L 138 25.33 43.79 -2.00
CA THR L 138 24.37 42.84 -1.40
C THR L 138 25.12 41.66 -0.85
N LEU L 139 24.82 41.32 0.40
CA LEU L 139 25.34 40.09 1.01
C LEU L 139 24.51 38.91 0.49
N MET L 140 25.19 37.85 0.09
CA MET L 140 24.52 36.63 -0.42
C MET L 140 25.09 35.42 0.30
N GLY L 141 24.22 34.44 0.54
CA GLY L 141 24.66 33.09 0.93
C GLY L 141 25.37 32.41 -0.21
N THR L 142 26.00 31.29 0.06
CA THR L 142 26.75 30.53 -0.98
C THR L 142 25.78 29.93 -2.00
N ASP L 143 24.48 29.90 -1.71
CA ASP L 143 23.44 29.35 -2.61
C ASP L 143 22.99 30.35 -3.68
N GLY L 144 23.48 31.60 -3.64
CA GLY L 144 23.11 32.65 -4.61
C GLY L 144 21.84 33.38 -4.22
N HIS L 145 21.37 33.15 -2.98
CA HIS L 145 20.19 33.87 -2.44
C HIS L 145 20.70 34.87 -1.41
N PRO L 146 20.08 36.06 -1.27
CA PRO L 146 20.62 37.09 -0.38
C PRO L 146 20.75 36.62 1.06
N PHE L 147 21.75 37.13 1.78
CA PHE L 147 21.98 36.68 3.19
C PHE L 147 20.79 37.08 4.06
N GLY L 148 20.25 36.14 4.84
CA GLY L 148 19.16 36.49 5.79
C GLY L 148 17.76 36.31 5.23
N TRP L 149 17.62 36.13 3.91
CA TRP L 149 16.27 36.04 3.30
C TRP L 149 15.68 34.66 3.58
N PRO L 150 14.34 34.46 3.65
CA PRO L 150 13.82 33.10 3.86
C PRO L 150 14.28 32.17 2.73
N SER L 151 14.49 30.91 3.09
CA SER L 151 14.89 29.84 2.14
C SER L 151 13.91 29.83 0.96
N ASN L 152 14.42 30.12 -0.22
CA ASN L 152 13.67 30.10 -1.50
C ASN L 152 12.51 31.09 -1.46
N GLY L 153 12.63 32.17 -0.69
CA GLY L 153 11.53 33.11 -0.49
C GLY L 153 11.99 34.54 -0.32
N PHE L 154 11.09 35.35 0.18
CA PHE L 154 11.30 36.80 0.27
C PHE L 154 10.93 37.28 1.65
N PRO L 155 11.64 38.32 2.12
CA PRO L 155 11.21 39.01 3.33
C PRO L 155 10.02 39.91 2.98
N GLY L 156 9.53 40.62 3.98
CA GLY L 156 8.46 41.60 3.80
C GLY L 156 8.83 42.64 2.75
N PRO L 157 7.86 43.38 2.22
CA PRO L 157 8.15 44.41 1.23
C PRO L 157 9.13 45.47 1.78
N GLN L 158 9.81 46.14 0.86
CA GLN L 158 10.76 47.23 1.17
C GLN L 158 10.05 48.38 1.89
N GLY L 159 10.75 49.07 2.76
CA GLY L 159 10.20 50.20 3.52
C GLY L 159 10.86 50.31 4.87
N PRO L 160 10.99 49.21 5.62
CA PRO L 160 11.64 49.28 6.93
C PRO L 160 13.14 48.97 6.96
N TYR L 161 13.74 48.61 5.85
CA TYR L 161 15.13 48.07 5.86
C TYR L 161 16.15 49.19 5.73
N TYR L 162 15.83 50.22 4.99
CA TYR L 162 16.75 51.35 4.77
C TYR L 162 17.12 51.96 6.14
N CYS L 163 18.40 51.91 6.48
CA CYS L 163 18.93 52.44 7.75
C CYS L 163 18.25 51.74 8.93
N GLY L 164 17.84 50.48 8.77
CA GLY L 164 17.05 49.78 9.79
C GLY L 164 17.91 49.24 10.89
N VAL L 165 17.31 49.05 12.05
CA VAL L 165 17.98 48.43 13.20
C VAL L 165 17.03 47.38 13.77
N GLY L 166 17.57 46.27 14.21
CA GLY L 166 16.79 45.15 14.72
C GLY L 166 17.00 43.90 13.88
N ALA L 167 16.70 42.76 14.46
CA ALA L 167 16.98 41.46 13.84
C ALA L 167 16.15 41.27 12.56
N ASP L 168 15.00 41.91 12.47
CA ASP L 168 14.10 41.79 11.31
C ASP L 168 14.34 42.91 10.30
N LYS L 169 15.27 43.84 10.53
CA LYS L 169 15.49 45.00 9.62
C LYS L 169 16.86 44.93 8.96
N ALA L 170 17.93 44.67 9.70
CA ALA L 170 19.32 44.70 9.17
C ALA L 170 19.86 43.29 9.12
N TYR L 171 20.32 42.84 7.96
CA TYR L 171 20.89 41.49 7.78
C TYR L 171 22.40 41.59 7.58
N GLY L 172 23.15 40.91 8.44
CA GLY L 172 24.62 40.80 8.32
C GLY L 172 25.33 42.11 8.65
N ARG L 173 24.91 42.83 9.68
CA ARG L 173 25.62 44.04 10.16
C ARG L 173 27.02 43.70 10.73
N ASP L 174 27.23 42.46 11.22
CA ASP L 174 28.56 42.05 11.72
C ASP L 174 29.61 42.26 10.62
N ILE L 175 29.26 41.94 9.40
CA ILE L 175 30.17 42.08 8.24
C ILE L 175 30.42 43.57 8.01
N VAL L 176 29.40 44.37 8.13
CA VAL L 176 29.50 45.83 7.85
C VAL L 176 30.41 46.46 8.90
N GLU L 177 30.22 46.13 10.17
CA GLU L 177 31.05 46.69 11.25
C GLU L 177 32.51 46.26 11.06
N ALA L 178 32.75 44.99 10.73
CA ALA L 178 34.11 44.44 10.60
C ALA L 178 34.78 45.13 9.42
N HIS L 179 34.06 45.29 8.32
CA HIS L 179 34.61 45.92 7.10
C HIS L 179 34.99 47.38 7.39
N TYR L 180 34.09 48.13 8.02
CA TYR L 180 34.27 49.56 8.37
C TYR L 180 35.56 49.71 9.17
N ARG L 181 35.72 48.91 10.21
CA ARG L 181 36.91 48.96 11.08
C ARG L 181 38.14 48.53 10.29
N ALA L 182 37.98 47.46 9.53
CA ALA L 182 39.13 46.95 8.75
C ALA L 182 39.61 48.03 7.80
N CYS L 183 38.70 48.74 7.15
CA CYS L 183 39.07 49.86 6.25
C CYS L 183 39.73 51.00 7.03
N LEU L 184 39.20 51.36 8.18
CA LEU L 184 39.79 52.46 8.99
C LEU L 184 41.22 52.06 9.38
N TYR L 185 41.43 50.83 9.83
CA TYR L 185 42.76 50.34 10.24
C TYR L 185 43.69 50.37 9.02
N ALA L 186 43.22 49.95 7.85
CA ALA L 186 44.05 49.83 6.65
C ALA L 186 44.47 51.23 6.14
N GLY L 187 43.78 52.28 6.52
CA GLY L 187 44.01 53.62 5.97
C GLY L 187 43.14 53.92 4.75
N ILE L 188 42.04 53.20 4.58
CA ILE L 188 41.05 53.51 3.51
C ILE L 188 40.22 54.71 3.96
N LYS L 189 39.95 55.62 3.03
CA LYS L 189 39.16 56.85 3.30
C LYS L 189 37.67 56.51 3.26
N ILE L 190 37.22 55.76 4.25
CA ILE L 190 35.80 55.34 4.34
C ILE L 190 35.03 56.36 5.16
N GLY L 191 33.98 56.91 4.57
CA GLY L 191 33.28 58.08 5.12
C GLY L 191 32.04 57.71 5.89
N GLY L 192 31.55 56.48 5.76
CA GLY L 192 30.34 56.06 6.47
C GLY L 192 29.68 54.87 5.81
N THR L 193 28.65 54.36 6.47
CA THR L 193 27.91 53.17 6.02
C THR L 193 26.43 53.38 6.31
N ASN L 194 25.60 52.66 5.60
CA ASN L 194 24.16 52.58 5.94
C ASN L 194 23.60 51.28 5.42
N ALA L 195 22.51 50.84 6.02
CA ALA L 195 21.66 49.75 5.50
C ALA L 195 20.83 50.32 4.34
N GLU L 196 20.76 49.57 3.26
CA GLU L 196 20.06 49.98 2.05
C GLU L 196 18.61 49.52 2.08
N VAL L 197 17.85 49.93 1.08
CA VAL L 197 16.37 49.71 1.04
C VAL L 197 16.11 48.21 0.92
N MET L 198 16.87 47.54 0.07
CA MET L 198 16.80 46.06 -0.03
C MET L 198 17.40 45.50 1.25
N PRO L 199 16.72 44.58 1.94
CA PRO L 199 17.32 43.89 3.07
C PRO L 199 18.51 43.05 2.63
N ALA L 200 19.53 42.96 3.48
CA ALA L 200 20.85 42.35 3.21
C ALA L 200 21.67 43.19 2.23
N GLN L 201 21.15 44.32 1.78
CA GLN L 201 21.91 45.27 0.92
C GLN L 201 22.49 46.37 1.82
N TRP L 202 23.72 46.77 1.54
CA TRP L 202 24.43 47.77 2.36
C TRP L 202 25.20 48.71 1.44
N GLU L 203 25.78 49.71 2.04
CA GLU L 203 26.58 50.72 1.30
C GLU L 203 27.66 51.25 2.22
N PHE L 204 28.83 51.50 1.66
CA PHE L 204 29.88 52.29 2.33
C PHE L 204 30.30 53.40 1.39
N GLN L 205 30.65 54.54 1.96
CA GLN L 205 31.11 55.72 1.20
C GLN L 205 32.65 55.76 1.27
N ILE L 206 33.27 55.97 0.14
CA ILE L 206 34.74 56.15 0.04
C ILE L 206 35.00 57.56 -0.46
N GLY L 207 35.74 58.34 0.31
CA GLY L 207 36.12 59.69 -0.11
C GLY L 207 35.99 60.70 1.01
N PRO L 208 36.35 61.99 0.76
CA PRO L 208 36.85 62.45 -0.53
C PRO L 208 38.27 61.99 -0.86
N CYS L 209 38.50 61.62 -2.10
CA CYS L 209 39.81 61.17 -2.60
C CYS L 209 40.20 62.06 -3.77
N GLU L 210 41.48 62.37 -3.85
CA GLU L 210 42.00 63.24 -4.93
C GLU L 210 42.60 62.39 -6.03
N GLY L 211 42.13 62.61 -7.26
CA GLY L 211 42.71 62.05 -8.48
C GLY L 211 42.74 60.53 -8.45
N ILE L 212 43.92 59.95 -8.61
CA ILE L 212 44.06 58.48 -8.76
C ILE L 212 43.76 57.78 -7.44
N ASP L 213 43.72 58.49 -6.31
CA ASP L 213 43.46 57.84 -5.00
C ASP L 213 42.05 57.28 -4.93
N MET L 214 41.12 57.75 -5.75
CA MET L 214 39.71 57.27 -5.67
C MET L 214 39.67 55.79 -6.08
N GLY L 215 40.31 55.44 -7.19
CA GLY L 215 40.31 54.06 -7.68
C GLY L 215 41.04 53.14 -6.73
N ASP L 216 42.18 53.57 -6.21
CA ASP L 216 42.99 52.72 -5.28
C ASP L 216 42.17 52.42 -4.02
N HIS L 217 41.59 53.45 -3.41
CA HIS L 217 40.85 53.29 -2.14
C HIS L 217 39.61 52.41 -2.33
N LEU L 218 38.89 52.60 -3.44
CA LEU L 218 37.64 51.83 -3.65
C LEU L 218 38.01 50.37 -3.97
N TRP L 219 38.99 50.14 -4.81
CA TRP L 219 39.36 48.77 -5.19
C TRP L 219 39.83 48.00 -3.95
N VAL L 220 40.62 48.64 -3.09
CA VAL L 220 41.14 47.96 -1.88
C VAL L 220 39.99 47.80 -0.90
N ALA L 221 39.11 48.78 -0.79
CA ALA L 221 37.89 48.64 0.05
C ALA L 221 37.05 47.45 -0.43
N ARG L 222 36.90 47.27 -1.73
CA ARG L 222 36.21 46.08 -2.28
C ARG L 222 36.95 44.81 -1.88
N PHE L 223 38.28 44.80 -1.99
CA PHE L 223 39.07 43.60 -1.62
C PHE L 223 38.85 43.26 -0.15
N ILE L 224 38.89 44.27 0.71
CA ILE L 224 38.74 44.03 2.17
C ILE L 224 37.34 43.48 2.43
N LEU L 225 36.33 44.02 1.75
CA LEU L 225 34.95 43.51 1.93
C LEU L 225 34.90 42.03 1.53
N HIS L 226 35.45 41.67 0.36
CA HIS L 226 35.48 40.26 -0.09
C HIS L 226 36.19 39.42 0.95
N ARG L 227 37.33 39.89 1.44
CA ARG L 227 38.14 39.11 2.40
C ARG L 227 37.41 39.00 3.74
N VAL L 228 36.80 40.08 4.20
CA VAL L 228 35.99 40.04 5.45
C VAL L 228 34.79 39.09 5.27
N CYS L 229 34.10 39.18 4.13
CA CYS L 229 32.93 38.31 3.86
C CYS L 229 33.40 36.85 3.79
N GLU L 230 34.58 36.61 3.23
CA GLU L 230 35.15 35.25 3.16
C GLU L 230 35.32 34.69 4.59
N ASP L 231 35.71 35.53 5.55
CA ASP L 231 35.88 35.07 6.94
C ASP L 231 34.52 34.63 7.51
N PHE L 232 33.48 35.39 7.26
CA PHE L 232 32.12 35.08 7.75
C PHE L 232 31.45 34.00 6.92
N GLY L 233 31.98 33.66 5.75
CA GLY L 233 31.46 32.59 4.88
C GLY L 233 30.28 33.03 4.05
N VAL L 234 30.17 34.33 3.74
CA VAL L 234 29.13 34.85 2.84
C VAL L 234 29.81 35.54 1.66
N ILE L 235 29.03 35.92 0.66
CA ILE L 235 29.53 36.55 -0.58
C ILE L 235 29.01 37.97 -0.63
N ALA L 236 29.90 38.91 -0.96
CA ALA L 236 29.53 40.29 -1.29
C ALA L 236 29.44 40.37 -2.81
N THR L 237 28.27 40.70 -3.32
CA THR L 237 28.08 40.89 -4.78
C THR L 237 27.93 42.37 -5.07
N PHE L 238 28.52 42.82 -6.15
CA PHE L 238 28.37 44.19 -6.68
C PHE L 238 27.48 44.13 -7.92
N ASP L 239 26.69 43.07 -8.08
CA ASP L 239 25.74 42.97 -9.21
C ASP L 239 24.78 44.15 -9.12
N PRO L 240 24.58 44.92 -10.22
CA PRO L 240 23.69 46.07 -10.17
C PRO L 240 22.22 45.72 -9.89
N LYS L 241 21.82 44.47 -10.10
CA LYS L 241 20.43 44.04 -9.83
C LYS L 241 20.45 42.60 -9.38
N PRO L 242 20.84 42.32 -8.11
CA PRO L 242 20.95 40.93 -7.66
C PRO L 242 19.62 40.16 -7.73
N ILE L 243 18.51 40.82 -7.42
CA ILE L 243 17.17 40.16 -7.38
C ILE L 243 16.23 40.89 -8.32
N PRO L 244 15.60 40.20 -9.29
CA PRO L 244 14.64 40.85 -10.16
C PRO L 244 13.36 41.25 -9.41
N GLY L 245 12.69 42.28 -9.91
CA GLY L 245 11.36 42.68 -9.43
C GLY L 245 11.39 43.98 -8.66
N ASN L 246 10.63 44.08 -7.58
CA ASN L 246 10.54 45.31 -6.76
C ASN L 246 11.58 45.24 -5.66
N TRP L 247 12.82 44.97 -6.02
CA TRP L 247 13.96 44.98 -5.09
C TRP L 247 15.04 45.88 -5.68
N ASN L 248 15.54 46.79 -4.85
CA ASN L 248 16.44 47.88 -5.31
C ASN L 248 17.71 47.33 -5.93
N GLY L 249 18.15 47.97 -7.00
CA GLY L 249 19.49 47.75 -7.57
C GLY L 249 20.58 48.31 -6.68
N ALA L 250 21.82 47.99 -7.01
CA ALA L 250 23.00 48.56 -6.33
C ALA L 250 23.73 49.45 -7.33
N GLY L 251 23.92 50.72 -6.97
CA GLY L 251 24.72 51.66 -7.77
C GLY L 251 25.97 52.09 -7.04
N CYS L 252 26.82 52.81 -7.75
CA CYS L 252 28.01 53.45 -7.18
C CYS L 252 27.95 54.93 -7.53
N HIS L 253 27.20 55.68 -6.75
CA HIS L 253 27.01 57.14 -6.99
C HIS L 253 28.34 57.86 -6.78
N THR L 254 28.75 58.64 -7.76
CA THR L 254 30.05 59.32 -7.76
C THR L 254 29.83 60.81 -7.55
N ASN L 255 30.45 61.35 -6.52
CA ASN L 255 30.49 62.81 -6.26
C ASN L 255 31.76 63.39 -6.89
N PHE L 256 31.64 64.51 -7.56
CA PHE L 256 32.77 65.12 -8.28
C PHE L 256 32.78 66.63 -7.99
N SER L 257 33.95 67.16 -7.70
CA SER L 257 34.17 68.61 -7.54
C SER L 257 35.62 68.92 -7.90
N THR L 258 35.84 70.13 -8.38
CA THR L 258 37.20 70.68 -8.61
C THR L 258 37.45 71.81 -7.64
N LYS L 259 38.65 72.38 -7.69
CA LYS L 259 39.00 73.55 -6.87
C LYS L 259 38.04 74.70 -7.21
N ALA L 260 37.72 74.89 -8.50
CA ALA L 260 36.79 75.96 -8.94
C ALA L 260 35.40 75.71 -8.34
N MET L 261 34.92 74.47 -8.39
CA MET L 261 33.54 74.16 -7.94
C MET L 261 33.46 74.32 -6.41
N ARG L 262 34.53 74.04 -5.68
CA ARG L 262 34.50 74.13 -4.21
C ARG L 262 34.56 75.60 -3.76
N GLU L 263 35.18 76.47 -4.55
CA GLU L 263 35.34 77.90 -4.18
C GLU L 263 33.98 78.61 -4.23
N GLU L 264 33.93 79.79 -3.62
CA GLU L 264 32.70 80.60 -3.57
C GLU L 264 32.15 80.83 -4.98
N ASN L 265 30.84 80.72 -5.12
CA ASN L 265 30.14 80.85 -6.43
C ASN L 265 30.68 79.80 -7.39
N GLY L 266 30.98 78.61 -6.89
CA GLY L 266 31.43 77.48 -7.72
C GLY L 266 30.29 76.75 -8.40
N LEU L 267 29.05 77.16 -8.17
CA LEU L 267 27.89 76.50 -8.82
C LEU L 267 27.94 76.70 -10.34
N LYS L 268 28.40 77.85 -10.81
CA LYS L 268 28.49 78.12 -12.27
C LYS L 268 29.40 77.07 -12.92
N TYR L 269 30.50 76.71 -12.28
CA TYR L 269 31.41 75.67 -12.81
C TYR L 269 30.74 74.30 -12.70
N ILE L 270 29.93 74.09 -11.67
CA ILE L 270 29.18 72.81 -11.52
C ILE L 270 28.20 72.69 -12.69
N GLU L 271 27.46 73.75 -12.98
CA GLU L 271 26.47 73.74 -14.09
C GLU L 271 27.19 73.54 -15.43
N GLU L 272 28.34 74.18 -15.62
CA GLU L 272 29.11 74.04 -16.88
C GLU L 272 29.55 72.58 -17.05
N ALA L 273 29.97 71.93 -15.98
CA ALA L 273 30.41 70.51 -16.04
C ALA L 273 29.21 69.63 -16.40
N ILE L 274 28.05 69.92 -15.84
CA ILE L 274 26.84 69.07 -16.03
C ILE L 274 26.34 69.19 -17.46
N GLU L 275 26.33 70.39 -18.02
CA GLU L 275 25.85 70.59 -19.41
C GLU L 275 26.84 69.91 -20.38
N LYS L 276 28.12 69.88 -20.04
CA LYS L 276 29.10 69.07 -20.82
C LYS L 276 28.76 67.58 -20.70
N LEU L 277 28.38 67.13 -19.51
CA LEU L 277 27.98 65.71 -19.32
C LEU L 277 26.69 65.42 -20.08
N SER L 278 25.82 66.43 -20.23
CA SER L 278 24.53 66.27 -20.93
C SER L 278 24.74 65.77 -22.35
N LYS L 279 25.85 66.17 -22.98
CA LYS L 279 26.10 65.87 -24.40
C LYS L 279 26.87 64.56 -24.58
N ARG L 280 27.27 63.88 -23.50
CA ARG L 280 28.06 62.63 -23.63
C ARG L 280 27.45 61.52 -22.78
N HIS L 281 26.13 61.43 -22.71
CA HIS L 281 25.45 60.41 -21.89
C HIS L 281 25.84 59.00 -22.32
N GLN L 282 25.86 58.74 -23.62
CA GLN L 282 26.15 57.39 -24.15
C GLN L 282 27.61 57.02 -23.86
N TYR L 283 28.53 57.95 -23.99
CA TYR L 283 29.97 57.68 -23.76
C TYR L 283 30.17 57.25 -22.30
N HIS L 284 29.47 57.91 -21.37
CA HIS L 284 29.64 57.63 -19.93
C HIS L 284 28.97 56.29 -19.57
N ILE L 285 27.83 55.98 -20.17
CA ILE L 285 27.12 54.72 -19.87
C ILE L 285 28.03 53.53 -20.24
N ARG L 286 28.71 53.62 -21.37
CA ARG L 286 29.66 52.55 -21.79
C ARG L 286 30.80 52.42 -20.77
N ALA L 287 31.32 53.53 -20.28
CA ALA L 287 32.47 53.52 -19.34
C ALA L 287 32.02 53.08 -17.95
N TYR L 288 30.75 53.30 -17.59
CA TYR L 288 30.27 53.08 -16.20
C TYR L 288 29.95 51.62 -15.92
N ASP L 289 30.38 50.71 -16.78
CA ASP L 289 30.03 49.28 -16.62
C ASP L 289 31.13 48.44 -17.23
N PRO L 290 31.55 47.35 -16.54
CA PRO L 290 32.67 46.55 -17.04
C PRO L 290 32.40 45.86 -18.39
N LYS L 291 31.13 45.64 -18.75
CA LYS L 291 30.79 44.97 -20.03
C LYS L 291 29.98 45.89 -20.93
N GLY L 292 30.27 47.20 -20.90
CA GLY L 292 29.77 48.17 -21.89
C GLY L 292 28.40 48.74 -21.56
N GLY L 293 27.79 48.38 -20.44
CA GLY L 293 26.50 48.96 -20.00
C GLY L 293 25.34 47.98 -20.04
N LEU L 294 25.59 46.68 -20.23
CA LEU L 294 24.49 45.69 -20.26
C LEU L 294 24.02 45.41 -18.83
N ASP L 295 24.94 45.28 -17.88
CA ASP L 295 24.57 45.01 -16.46
C ASP L 295 23.74 46.16 -15.92
N ASN L 296 24.14 47.39 -16.20
CA ASN L 296 23.46 48.58 -15.66
C ASN L 296 22.09 48.79 -16.32
N ALA L 297 21.82 48.10 -17.45
CA ALA L 297 20.49 48.17 -18.10
C ALA L 297 19.43 47.55 -17.17
N ARG L 298 19.79 46.52 -16.42
CA ARG L 298 18.86 45.89 -15.45
C ARG L 298 18.58 46.84 -14.28
N ARG L 299 19.48 47.76 -13.97
CA ARG L 299 19.29 48.66 -12.81
C ARG L 299 18.65 49.97 -13.26
N LEU L 300 19.17 50.58 -14.33
CA LEU L 300 18.71 51.93 -14.75
C LEU L 300 17.40 51.78 -15.51
N THR L 301 16.32 51.58 -14.77
CA THR L 301 14.96 51.43 -15.34
C THR L 301 14.11 52.66 -15.07
N GLY L 302 14.58 53.60 -14.25
CA GLY L 302 13.81 54.82 -13.93
C GLY L 302 12.67 54.58 -12.94
N PHE L 303 12.69 53.49 -12.18
CA PHE L 303 11.57 53.14 -11.27
C PHE L 303 11.99 53.25 -9.80
N HIS L 304 12.96 52.41 -9.40
CA HIS L 304 13.41 52.32 -7.97
C HIS L 304 14.48 53.36 -7.66
N GLU L 305 14.10 54.62 -7.57
CA GLU L 305 15.03 55.75 -7.29
C GLU L 305 16.18 55.75 -8.31
N THR L 306 15.98 55.20 -9.50
CA THR L 306 16.99 55.21 -10.58
C THR L 306 16.54 56.11 -11.70
N SER L 307 17.45 56.39 -12.62
CA SER L 307 17.16 57.13 -13.86
C SER L 307 17.01 56.13 -15.01
N ASN L 308 16.69 56.62 -16.19
CA ASN L 308 16.59 55.78 -17.40
C ASN L 308 17.96 55.72 -18.07
N ILE L 309 18.35 54.54 -18.51
CA ILE L 309 19.68 54.36 -19.16
C ILE L 309 19.71 55.08 -20.51
N ASN L 310 18.56 55.22 -21.16
CA ASN L 310 18.51 55.81 -22.53
C ASN L 310 18.34 57.34 -22.47
N ASP L 311 18.03 57.92 -21.32
CA ASP L 311 17.71 59.37 -21.24
C ASP L 311 18.56 60.02 -20.14
N PHE L 312 19.10 61.20 -20.45
CA PHE L 312 19.90 62.00 -19.50
C PHE L 312 19.01 63.06 -18.87
N SER L 313 19.19 63.29 -17.58
CA SER L 313 18.47 64.36 -16.85
C SER L 313 19.30 64.83 -15.67
N ALA L 314 19.21 66.11 -15.36
CA ALA L 314 19.92 66.73 -14.23
C ALA L 314 18.98 67.69 -13.53
N GLY L 315 19.20 67.88 -12.24
CA GLY L 315 18.42 68.83 -11.44
C GLY L 315 18.88 68.89 -10.02
N VAL L 316 18.44 69.94 -9.33
CA VAL L 316 18.74 70.12 -7.89
C VAL L 316 17.81 69.22 -7.08
N ALA L 317 18.40 68.40 -6.20
CA ALA L 317 17.65 67.50 -5.28
C ALA L 317 16.75 66.55 -6.11
N ASN L 318 17.24 66.09 -7.25
CA ASN L 318 16.48 65.17 -8.13
C ASN L 318 17.07 63.77 -7.95
N ARG L 319 16.41 62.94 -7.16
CA ARG L 319 16.87 61.53 -6.93
C ARG L 319 16.76 60.72 -8.21
N GLY L 320 15.73 60.99 -9.02
CA GLY L 320 15.47 60.24 -10.27
C GLY L 320 16.31 60.72 -11.44
N ALA L 321 17.12 61.77 -11.28
CA ALA L 321 17.91 62.32 -12.39
C ALA L 321 19.21 61.53 -12.55
N SER L 322 19.80 61.62 -13.73
CA SER L 322 21.13 61.05 -14.03
C SER L 322 22.18 61.77 -13.19
N ILE L 323 22.05 63.09 -13.06
CA ILE L 323 22.99 63.93 -12.29
C ILE L 323 22.16 64.71 -11.28
N ARG L 324 22.62 64.74 -10.03
CA ARG L 324 21.91 65.44 -8.95
C ARG L 324 22.85 66.50 -8.38
N ILE L 325 22.35 67.71 -8.27
CA ILE L 325 23.02 68.79 -7.49
C ILE L 325 22.35 68.78 -6.11
N PRO L 326 23.10 68.55 -5.03
CA PRO L 326 22.51 68.55 -3.69
C PRO L 326 21.86 69.90 -3.37
N ARG L 327 20.80 69.87 -2.58
CA ARG L 327 20.03 71.08 -2.23
C ARG L 327 20.94 72.08 -1.52
N THR L 328 21.78 71.61 -0.61
CA THR L 328 22.73 72.50 0.12
C THR L 328 23.70 73.13 -0.87
N VAL L 329 24.18 72.37 -1.84
CA VAL L 329 25.13 72.91 -2.85
C VAL L 329 24.45 74.02 -3.64
N GLY L 330 23.19 73.83 -4.01
CA GLY L 330 22.41 74.89 -4.68
C GLY L 330 22.29 76.14 -3.83
N GLN L 331 22.04 75.96 -2.53
CA GLN L 331 21.85 77.10 -1.60
C GLN L 331 23.19 77.81 -1.37
N GLU L 332 24.25 77.06 -1.09
CA GLU L 332 25.59 77.64 -0.82
C GLU L 332 26.25 78.10 -2.12
N LYS L 333 25.71 77.74 -3.29
CA LYS L 333 26.24 78.14 -4.61
C LYS L 333 27.67 77.59 -4.81
N LYS L 334 28.01 76.51 -4.12
CA LYS L 334 29.33 75.88 -4.28
C LYS L 334 29.29 74.45 -3.74
N GLY L 335 30.27 73.64 -4.13
CA GLY L 335 30.45 72.28 -3.62
C GLY L 335 30.67 71.27 -4.74
N TYR L 336 29.82 70.25 -4.81
CA TYR L 336 30.03 69.09 -5.70
C TYR L 336 28.70 68.75 -6.38
N PHE L 337 28.76 67.83 -7.31
CA PHE L 337 27.57 67.21 -7.91
C PHE L 337 27.73 65.70 -7.89
N GLU L 338 26.61 65.00 -7.90
CA GLU L 338 26.59 63.53 -7.79
C GLU L 338 26.17 62.94 -9.14
N ASP L 339 27.02 62.10 -9.69
CA ASP L 339 26.66 61.25 -10.85
C ASP L 339 26.07 59.95 -10.31
N ARG L 340 24.77 59.75 -10.53
CA ARG L 340 24.06 58.56 -10.00
C ARG L 340 24.00 57.44 -11.04
N ARG L 341 24.59 57.62 -12.20
CA ARG L 341 24.54 56.60 -13.28
C ARG L 341 25.39 55.38 -12.98
N PRO L 342 26.62 55.48 -12.45
CA PRO L 342 27.52 54.31 -12.41
C PRO L 342 26.94 53.13 -11.63
N SER L 343 27.13 51.94 -12.18
CA SER L 343 26.70 50.65 -11.61
C SER L 343 27.57 50.29 -10.41
N ALA L 344 27.08 49.40 -9.56
CA ALA L 344 27.83 48.97 -8.35
C ALA L 344 29.11 48.22 -8.75
N ASN L 345 29.12 47.53 -9.88
CA ASN L 345 30.29 46.76 -10.36
C ASN L 345 31.13 47.58 -11.32
N CYS L 346 31.02 48.90 -11.30
CA CYS L 346 31.85 49.77 -12.17
C CYS L 346 33.31 49.74 -11.73
N ASP L 347 34.21 50.02 -12.67
CA ASP L 347 35.63 50.27 -12.38
C ASP L 347 35.79 51.74 -12.05
N PRO L 348 36.22 52.09 -10.81
CA PRO L 348 36.38 53.52 -10.49
C PRO L 348 37.41 54.24 -11.37
N PHE L 349 38.44 53.54 -11.87
CA PHE L 349 39.43 54.16 -12.79
C PHE L 349 38.72 54.61 -14.07
N ALA L 350 37.81 53.80 -14.60
CA ALA L 350 37.02 54.16 -15.81
C ALA L 350 36.08 55.32 -15.49
N VAL L 351 35.46 55.30 -14.33
CA VAL L 351 34.43 56.33 -13.97
C VAL L 351 35.13 57.67 -13.79
N THR L 352 36.19 57.72 -13.00
CA THR L 352 36.89 58.99 -12.70
C THR L 352 37.51 59.56 -13.99
N GLU L 353 38.09 58.71 -14.81
CA GLU L 353 38.73 59.15 -16.06
C GLU L 353 37.68 59.78 -16.98
N ALA L 354 36.51 59.17 -17.10
CA ALA L 354 35.43 59.68 -17.98
C ALA L 354 34.98 61.05 -17.48
N LEU L 355 34.84 61.22 -16.17
CA LEU L 355 34.40 62.52 -15.60
C LEU L 355 35.44 63.60 -15.92
N ILE L 356 36.72 63.30 -15.77
CA ILE L 356 37.78 64.30 -16.04
C ILE L 356 37.80 64.62 -17.53
N ARG L 357 37.72 63.62 -18.40
CA ARG L 357 37.82 63.83 -19.86
C ARG L 357 36.67 64.73 -20.34
N THR L 358 35.45 64.45 -19.92
CA THR L 358 34.28 65.20 -20.39
C THR L 358 34.26 66.60 -19.76
N CYS L 359 34.43 66.69 -18.45
CA CYS L 359 34.17 67.94 -17.70
C CYS L 359 35.38 68.86 -17.71
N LEU L 360 36.60 68.33 -17.67
CA LEU L 360 37.82 69.15 -17.46
C LEU L 360 38.65 69.25 -18.74
N LEU L 361 38.76 68.18 -19.52
CA LEU L 361 39.55 68.22 -20.77
C LEU L 361 38.65 68.52 -21.98
N ASN L 362 37.34 68.69 -21.78
CA ASN L 362 36.39 69.09 -22.84
C ASN L 362 36.51 68.13 -24.03
N GLU L 363 36.65 66.85 -23.75
CA GLU L 363 36.72 65.83 -24.82
C GLU L 363 35.32 65.58 -25.37
N THR L 364 35.25 65.31 -26.66
CA THR L 364 33.98 65.00 -27.36
C THR L 364 34.17 63.76 -28.21
N GLY L 365 33.07 63.30 -28.80
CA GLY L 365 33.07 62.12 -29.68
C GLY L 365 32.88 60.83 -28.90
N ASP L 366 33.05 59.71 -29.59
CA ASP L 366 32.70 58.37 -29.04
C ASP L 366 33.96 57.62 -28.61
N GLU L 367 35.15 58.22 -28.78
CA GLU L 367 36.40 57.53 -28.39
C GLU L 367 37.26 58.49 -27.57
N PRO L 368 37.98 57.97 -26.56
CA PRO L 368 38.87 58.79 -25.76
C PRO L 368 40.03 59.37 -26.59
N PHE L 369 40.38 60.62 -26.30
CA PHE L 369 41.50 61.30 -26.98
C PHE L 369 42.81 60.61 -26.61
N GLN L 370 43.72 60.53 -27.57
CA GLN L 370 45.06 59.96 -27.33
C GLN L 370 46.03 61.07 -26.96
N TYR L 371 46.81 60.82 -25.90
CA TYR L 371 47.92 61.68 -25.42
C TYR L 371 47.37 62.97 -24.81
N LYS L 372 46.05 63.18 -24.85
CA LYS L 372 45.41 64.34 -24.18
C LYS L 372 44.05 63.91 -23.62
N ALA M 2 33.41 17.40 5.32
CA ALA M 2 33.11 16.98 6.72
C ALA M 2 34.41 16.92 7.53
N THR M 3 34.44 17.60 8.67
CA THR M 3 35.65 17.66 9.52
C THR M 3 35.62 16.55 10.55
N SER M 4 36.78 16.23 11.10
CA SER M 4 36.96 15.06 11.99
C SER M 4 36.24 15.25 13.33
N ALA M 5 36.00 14.15 14.04
CA ALA M 5 35.44 14.17 15.41
C ALA M 5 36.35 14.95 16.36
N SER M 6 37.68 14.85 16.22
CA SER M 6 38.62 15.57 17.10
C SER M 6 38.44 17.09 16.93
N SER M 7 38.14 17.54 15.71
CA SER M 7 37.97 18.99 15.46
C SER M 7 36.72 19.51 16.16
N HIS M 8 35.79 18.64 16.52
CA HIS M 8 34.53 19.06 17.17
C HIS M 8 34.68 19.12 18.69
N LEU M 9 35.80 18.66 19.24
CA LEU M 9 36.07 18.86 20.69
C LEU M 9 36.22 20.37 20.96
N ASN M 10 35.78 20.92 22.08
CA ASN M 10 35.86 22.37 22.40
C ASN M 10 37.31 22.91 22.40
N LYS M 11 37.66 23.76 21.45
CA LYS M 11 39.04 24.29 21.36
C LYS M 11 39.28 25.23 22.55
N GLY M 12 38.24 25.96 22.97
CA GLY M 12 38.32 26.80 24.17
C GLY M 12 38.96 26.04 25.28
N ILE M 13 38.49 24.82 25.57
CA ILE M 13 39.00 24.02 26.72
C ILE M 13 40.51 23.84 26.57
N LYS M 14 40.96 23.23 25.51
CA LYS M 14 42.41 23.02 25.25
C LYS M 14 43.20 24.31 25.55
N GLN M 15 42.82 25.44 24.95
CA GLN M 15 43.49 26.75 25.19
C GLN M 15 43.66 26.95 26.70
N VAL M 16 42.62 26.78 27.49
CA VAL M 16 42.67 27.03 28.95
C VAL M 16 43.84 26.24 29.54
N TYR M 17 44.03 24.98 29.14
CA TYR M 17 45.16 24.14 29.64
C TYR M 17 46.47 24.67 29.04
N MET M 18 46.46 25.10 27.80
CA MET M 18 47.69 25.64 27.15
C MET M 18 48.08 26.99 27.73
N ALA M 19 47.18 27.67 28.44
CA ALA M 19 47.48 28.96 29.10
C ALA M 19 48.19 28.71 30.44
N LEU M 20 48.20 27.49 30.96
CA LEU M 20 48.92 27.21 32.23
C LEU M 20 50.40 27.45 31.98
N PRO M 21 51.11 28.13 32.91
CA PRO M 21 52.57 28.17 32.82
C PRO M 21 53.16 26.78 33.04
N GLN M 22 54.04 26.33 32.13
CA GLN M 22 54.51 24.92 32.17
C GLN M 22 55.66 24.75 33.16
N GLY M 23 56.36 25.83 33.50
CA GLY M 23 57.47 25.77 34.47
C GLY M 23 58.80 25.44 33.82
N ASP M 24 59.67 24.76 34.54
CA ASP M 24 61.09 24.58 34.14
C ASP M 24 61.22 23.50 33.07
N LYS M 25 60.29 22.55 32.98
CA LYS M 25 60.42 21.44 32.00
C LYS M 25 60.10 21.95 30.59
N VAL M 26 60.73 21.36 29.61
CA VAL M 26 60.58 21.73 28.20
C VAL M 26 60.16 20.50 27.40
N GLN M 27 59.23 20.70 26.46
CA GLN M 27 58.78 19.62 25.54
C GLN M 27 59.56 19.69 24.25
N ALA M 28 60.02 18.54 23.78
CA ALA M 28 60.65 18.41 22.46
C ALA M 28 59.87 17.37 21.66
N MET M 29 59.37 17.77 20.51
CA MET M 29 58.67 16.85 19.59
C MET M 29 59.66 16.34 18.55
N TYR M 30 59.95 15.05 18.58
CA TYR M 30 60.87 14.42 17.61
C TYR M 30 60.07 13.99 16.39
N ILE M 31 60.48 14.46 15.22
CA ILE M 31 59.78 14.22 13.94
C ILE M 31 60.69 13.42 13.03
N TRP M 32 60.15 12.41 12.40
CA TRP M 32 60.93 11.59 11.42
C TRP M 32 60.05 11.10 10.29
N ILE M 33 60.71 10.67 9.23
CA ILE M 33 60.05 10.12 8.02
C ILE M 33 59.90 8.61 8.21
N ASP M 34 58.70 8.08 7.99
CA ASP M 34 58.42 6.64 8.21
C ASP M 34 58.86 5.83 6.97
N GLY M 35 58.47 4.57 6.92
CA GLY M 35 58.92 3.62 5.89
C GLY M 35 58.28 3.83 4.53
N THR M 36 57.25 4.66 4.42
CA THR M 36 56.65 4.97 3.11
C THR M 36 57.49 6.02 2.39
N GLY M 37 58.39 6.70 3.09
CA GLY M 37 59.20 7.78 2.50
C GLY M 37 58.40 9.05 2.25
N GLU M 38 57.12 9.06 2.61
CA GLU M 38 56.26 10.24 2.39
C GLU M 38 55.46 10.60 3.65
N GLY M 39 55.37 9.71 4.62
CA GLY M 39 54.65 9.97 5.88
C GLY M 39 55.59 10.44 6.97
N LEU M 40 55.06 11.26 7.86
CA LEU M 40 55.82 11.80 9.01
C LEU M 40 55.25 11.23 10.30
N ARG M 41 56.14 10.95 11.24
CA ARG M 41 55.78 10.45 12.56
C ARG M 41 56.36 11.40 13.59
N CYS M 42 55.76 11.43 14.76
CA CYS M 42 56.26 12.29 15.85
C CYS M 42 55.91 11.70 17.20
N LYS M 43 56.71 12.05 18.19
CA LYS M 43 56.35 11.89 19.61
C LYS M 43 57.12 12.89 20.43
N THR M 44 56.75 13.01 21.70
CA THR M 44 57.26 14.08 22.56
C THR M 44 58.01 13.48 23.75
N ARG M 45 59.10 14.12 24.14
CA ARG M 45 59.77 13.82 25.42
C ARG M 45 59.91 15.11 26.23
N THR M 46 60.03 14.95 27.55
CA THR M 46 60.29 16.10 28.44
C THR M 46 61.80 16.27 28.60
N LEU M 47 62.27 17.50 28.46
CA LEU M 47 63.68 17.86 28.76
C LEU M 47 63.73 18.67 30.05
N ASP M 48 64.86 18.62 30.75
CA ASP M 48 65.06 19.39 32.01
C ASP M 48 65.15 20.90 31.72
N SER M 49 65.62 21.30 30.54
CA SER M 49 65.90 22.71 30.24
C SER M 49 65.83 22.94 28.74
N GLU M 50 65.74 24.20 28.35
CA GLU M 50 65.69 24.58 26.93
C GLU M 50 67.03 24.27 26.29
N PRO M 51 67.07 23.48 25.21
CA PRO M 51 68.33 23.24 24.50
C PRO M 51 68.78 24.49 23.74
N LYS M 52 70.07 24.82 23.83
CA LYS M 52 70.58 26.05 23.16
C LYS M 52 70.81 25.76 21.68
N CYS M 53 71.21 24.53 21.35
CA CYS M 53 71.44 24.14 19.94
C CYS M 53 71.01 22.70 19.73
N ILE M 54 71.06 22.26 18.48
CA ILE M 54 70.71 20.87 18.07
C ILE M 54 71.64 19.88 18.77
N GLU M 55 72.86 20.27 19.12
CA GLU M 55 73.85 19.33 19.72
C GLU M 55 73.40 18.87 21.10
N GLU M 56 72.62 19.67 21.82
CA GLU M 56 72.24 19.33 23.21
C GLU M 56 71.10 18.29 23.24
N LEU M 57 70.46 18.00 22.11
CA LEU M 57 69.29 17.09 22.12
C LEU M 57 69.78 15.66 22.15
N PRO M 58 69.27 14.83 23.09
CA PRO M 58 69.66 13.43 23.12
C PRO M 58 69.11 12.67 21.92
N GLU M 59 69.81 11.62 21.53
CA GLU M 59 69.29 10.63 20.57
C GLU M 59 68.14 9.89 21.21
N TRP M 60 67.19 9.46 20.39
CA TRP M 60 66.03 8.71 20.91
C TRP M 60 65.81 7.48 20.03
N ASN M 61 64.73 6.77 20.28
CA ASN M 61 64.46 5.51 19.58
C ASN M 61 62.95 5.30 19.49
N PHE M 62 62.55 4.36 18.66
CA PHE M 62 61.13 3.99 18.48
C PHE M 62 61.10 2.58 17.90
N ASP M 63 59.89 2.03 17.81
CA ASP M 63 59.67 0.68 17.24
C ASP M 63 59.46 0.81 15.74
N GLY M 64 60.38 0.30 14.94
CA GLY M 64 60.30 0.41 13.48
C GLY M 64 59.21 -0.46 12.88
N SER M 65 58.85 -1.55 13.55
CA SER M 65 57.79 -2.45 13.05
C SER M 65 56.43 -1.73 13.02
N SER M 66 56.29 -0.65 13.77
CA SER M 66 55.04 0.16 13.83
C SER M 66 55.10 1.33 12.84
N THR M 67 56.19 1.50 12.10
CA THR M 67 56.34 2.63 11.14
C THR M 67 56.70 2.13 9.75
N PHE M 68 56.41 0.86 9.45
CA PHE M 68 56.75 0.23 8.15
C PHE M 68 58.26 0.29 7.91
N GLN M 69 59.08 0.21 8.96
CA GLN M 69 60.54 0.43 8.80
C GLN M 69 61.38 -0.75 9.29
N SER M 70 60.80 -1.75 9.92
CA SER M 70 61.57 -2.95 10.33
C SER M 70 60.61 -4.12 10.53
N GLU M 71 61.16 -5.32 10.59
CA GLU M 71 60.39 -6.53 10.90
C GLU M 71 61.24 -7.45 11.75
N GLY M 72 60.57 -8.32 12.50
CA GLY M 72 61.20 -9.34 13.34
C GLY M 72 61.81 -8.76 14.61
N SER M 73 62.85 -9.43 15.10
CA SER M 73 63.39 -9.21 16.47
C SER M 73 64.00 -7.81 16.58
N ASN M 74 64.86 -7.41 15.64
CA ASN M 74 65.66 -6.18 15.79
C ASN M 74 64.93 -5.02 15.11
N SER M 75 63.73 -4.72 15.57
CA SER M 75 62.87 -3.70 14.95
C SER M 75 63.08 -2.32 15.61
N ASP M 76 63.92 -2.22 16.65
CA ASP M 76 64.20 -0.94 17.31
C ASP M 76 65.02 -0.05 16.36
N MET M 77 64.54 1.16 16.14
CA MET M 77 65.21 2.13 15.26
C MET M 77 65.69 3.28 16.13
N TYR M 78 66.59 4.09 15.60
CA TYR M 78 67.21 5.20 16.36
C TYR M 78 66.93 6.52 15.66
N LEU M 79 66.69 7.54 16.49
CA LEU M 79 66.42 8.91 16.01
C LEU M 79 67.61 9.78 16.38
N VAL M 80 68.25 10.36 15.38
CA VAL M 80 69.38 11.30 15.60
C VAL M 80 68.90 12.68 15.19
N PRO M 81 68.80 13.64 16.12
CA PRO M 81 68.38 14.99 15.78
C PRO M 81 69.26 15.62 14.69
N ALA M 82 68.63 16.28 13.73
CA ALA M 82 69.29 16.86 12.57
C ALA M 82 69.02 18.37 12.48
N ALA M 83 67.81 18.82 12.75
CA ALA M 83 67.46 20.25 12.71
C ALA M 83 66.47 20.56 13.84
N MET M 84 66.62 21.73 14.44
CA MET M 84 65.76 22.19 15.55
C MET M 84 64.95 23.40 15.06
N PHE M 85 63.72 23.50 15.54
CA PHE M 85 62.84 24.65 15.27
C PHE M 85 62.03 24.95 16.50
N ARG M 86 61.54 26.18 16.59
CA ARG M 86 60.60 26.57 17.68
C ARG M 86 59.25 25.89 17.44
N ASP M 87 58.62 25.42 18.50
CA ASP M 87 57.31 24.73 18.42
C ASP M 87 56.19 25.76 18.36
N PRO M 88 55.49 25.91 17.22
CA PRO M 88 54.38 26.87 17.14
C PRO M 88 53.09 26.39 17.81
N PHE M 89 52.97 25.10 18.09
CA PHE M 89 51.78 24.52 18.73
C PHE M 89 51.90 24.63 20.25
N ARG M 90 53.13 24.64 20.78
CA ARG M 90 53.36 24.69 22.25
C ARG M 90 54.06 25.98 22.64
N LYS M 91 54.56 26.77 21.69
CA LYS M 91 55.27 28.06 21.91
C LYS M 91 56.62 27.82 22.59
N ASP M 92 57.49 28.83 22.57
CA ASP M 92 58.77 28.83 23.32
C ASP M 92 58.50 28.47 24.78
N PRO M 93 59.41 27.73 25.44
CA PRO M 93 60.67 27.29 24.86
C PRO M 93 60.66 25.88 24.23
N ASN M 94 59.47 25.36 23.97
CA ASN M 94 59.31 23.99 23.41
C ASN M 94 59.83 23.96 21.97
N LYS M 95 60.30 22.80 21.54
CA LYS M 95 61.02 22.67 20.26
C LYS M 95 60.41 21.60 19.37
N LEU M 96 60.58 21.78 18.06
CA LEU M 96 60.39 20.69 17.08
C LEU M 96 61.76 20.18 16.68
N VAL M 97 61.94 18.87 16.75
CA VAL M 97 63.24 18.23 16.49
C VAL M 97 63.09 17.29 15.31
N PHE M 98 63.57 17.69 14.15
CA PHE M 98 63.56 16.83 12.96
C PHE M 98 64.77 15.90 13.01
N CYS M 99 64.54 14.61 12.88
CA CYS M 99 65.59 13.60 13.11
C CYS M 99 65.78 12.73 11.89
N GLU M 100 67.01 12.22 11.74
CA GLU M 100 67.33 11.12 10.82
C GLU M 100 67.03 9.79 11.51
N VAL M 101 66.73 8.78 10.72
CA VAL M 101 66.39 7.42 11.24
C VAL M 101 67.55 6.49 10.92
N PHE M 102 67.92 5.68 11.89
CA PHE M 102 68.98 4.66 11.73
C PHE M 102 68.46 3.32 12.23
N LYS M 103 68.97 2.24 11.62
CA LYS M 103 68.59 0.87 12.00
C LYS M 103 69.26 0.50 13.33
N TYR M 104 68.99 -0.70 13.82
CA TYR M 104 69.55 -1.19 15.10
C TYR M 104 71.09 -1.23 15.03
N ASN M 105 71.66 -1.47 13.87
CA ASN M 105 73.14 -1.56 13.70
C ASN M 105 73.72 -0.21 13.25
N ARG M 106 72.99 0.90 13.49
CA ARG M 106 73.44 2.29 13.20
C ARG M 106 73.62 2.54 11.70
N LYS M 107 73.15 1.67 10.82
CA LYS M 107 73.12 1.98 9.38
C LYS M 107 71.90 2.85 9.08
N PRO M 108 71.98 3.75 8.08
CA PRO M 108 70.85 4.60 7.74
C PRO M 108 69.63 3.77 7.32
N ALA M 109 68.45 4.21 7.71
CA ALA M 109 67.18 3.58 7.30
C ALA M 109 66.95 3.77 5.81
N GLU M 110 66.12 2.93 5.22
CA GLU M 110 65.91 2.95 3.75
C GLU M 110 65.32 4.29 3.31
N THR M 111 64.44 4.87 4.10
CA THR M 111 63.84 6.19 3.79
C THR M 111 64.69 7.33 4.36
N ASN M 112 65.85 7.03 4.95
CA ASN M 112 66.82 8.08 5.36
C ASN M 112 67.60 8.49 4.12
N LEU M 113 67.12 9.51 3.42
CA LEU M 113 67.84 10.06 2.25
C LEU M 113 68.71 11.24 2.65
N ARG M 114 68.50 11.81 3.84
CA ARG M 114 69.28 12.98 4.28
C ARG M 114 70.75 12.60 4.48
N HIS M 115 71.02 11.39 4.94
CA HIS M 115 72.39 10.96 5.27
C HIS M 115 73.30 11.11 4.05
N THR M 116 72.85 10.62 2.91
CA THR M 116 73.63 10.73 1.65
C THR M 116 73.53 12.16 1.12
N CYS M 117 72.36 12.78 1.23
CA CYS M 117 72.16 14.15 0.69
C CYS M 117 73.12 15.13 1.37
N LYS M 118 73.31 15.01 2.69
CA LYS M 118 74.23 15.91 3.42
C LYS M 118 75.66 15.71 2.90
N ARG M 119 76.08 14.48 2.66
CA ARG M 119 77.45 14.21 2.17
C ARG M 119 77.65 14.87 0.80
N ILE M 120 76.65 14.79 -0.06
CA ILE M 120 76.73 15.41 -1.41
C ILE M 120 76.81 16.92 -1.27
N MET M 121 75.99 17.50 -0.38
CA MET M 121 75.97 18.97 -0.18
C MET M 121 77.33 19.44 0.35
N ASP M 122 77.94 18.69 1.27
CA ASP M 122 79.26 19.06 1.82
C ASP M 122 80.32 19.05 0.71
N MET M 123 80.14 18.19 -0.28
CA MET M 123 81.11 18.06 -1.40
C MET M 123 81.12 19.34 -2.25
N VAL M 124 79.98 19.99 -2.43
CA VAL M 124 79.87 21.17 -3.31
C VAL M 124 79.62 22.42 -2.48
N SER M 125 80.04 22.44 -1.22
CA SER M 125 79.71 23.54 -0.28
C SER M 125 80.21 24.88 -0.82
N ASN M 126 81.41 24.92 -1.43
CA ASN M 126 82.02 26.18 -1.91
C ASN M 126 81.16 26.82 -3.00
N GLN M 127 80.47 26.00 -3.81
CA GLN M 127 79.63 26.54 -4.91
C GLN M 127 78.32 27.10 -4.37
N ARG M 128 78.00 26.83 -3.10
CA ARG M 128 76.85 27.42 -2.37
C ARG M 128 75.54 27.22 -3.14
N PRO M 129 75.05 25.97 -3.27
CA PRO M 129 73.79 25.74 -3.98
C PRO M 129 72.59 26.23 -3.18
N TRP M 130 71.75 27.01 -3.84
CA TRP M 130 70.50 27.54 -3.24
C TRP M 130 69.32 26.84 -3.87
N PHE M 131 68.32 26.53 -3.06
CA PHE M 131 67.09 25.85 -3.53
C PHE M 131 65.88 26.63 -3.10
N GLY M 132 64.82 26.48 -3.87
CA GLY M 132 63.47 26.93 -3.48
C GLY M 132 62.44 25.94 -3.97
N MET M 133 61.46 25.63 -3.15
CA MET M 133 60.41 24.67 -3.55
C MET M 133 59.03 25.27 -3.38
N GLU M 134 58.21 25.16 -4.42
CA GLU M 134 56.79 25.57 -4.36
C GLU M 134 55.94 24.35 -4.04
N GLN M 135 55.61 24.15 -2.78
CA GLN M 135 54.85 22.97 -2.33
C GLN M 135 53.37 23.22 -2.57
N GLU M 136 52.80 22.53 -3.54
CA GLU M 136 51.34 22.55 -3.74
C GLU M 136 50.70 21.41 -2.93
N TYR M 137 49.52 21.67 -2.41
CA TYR M 137 48.78 20.67 -1.62
C TYR M 137 47.31 20.94 -1.81
N THR M 138 46.51 19.92 -1.51
CA THR M 138 45.05 19.99 -1.57
C THR M 138 44.50 19.69 -0.19
N LEU M 139 43.60 20.55 0.27
CA LEU M 139 42.85 20.30 1.51
C LEU M 139 41.72 19.32 1.18
N MET M 140 41.56 18.31 2.02
CA MET M 140 40.51 17.29 1.86
C MET M 140 39.76 17.12 3.16
N GLY M 141 38.46 16.87 3.05
CA GLY M 141 37.66 16.38 4.18
C GLY M 141 38.07 14.98 4.55
N THR M 142 37.59 14.49 5.69
CA THR M 142 37.92 13.12 6.16
C THR M 142 37.30 12.07 5.23
N ASP M 143 36.36 12.45 4.37
CA ASP M 143 35.68 11.53 3.44
C ASP M 143 36.50 11.28 2.16
N GLY M 144 37.63 11.94 1.98
CA GLY M 144 38.49 11.79 0.80
C GLY M 144 38.05 12.67 -0.36
N HIS M 145 37.14 13.61 -0.09
CA HIS M 145 36.69 14.60 -1.10
C HIS M 145 37.30 15.95 -0.72
N PRO M 146 37.67 16.81 -1.68
CA PRO M 146 38.38 18.05 -1.35
C PRO M 146 37.59 18.95 -0.42
N PHE M 147 38.29 19.70 0.44
CA PHE M 147 37.60 20.57 1.43
C PHE M 147 36.80 21.65 0.71
N GLY M 148 35.52 21.83 1.06
CA GLY M 148 34.73 22.93 0.48
C GLY M 148 33.95 22.55 -0.77
N TRP M 149 34.24 21.38 -1.37
CA TRP M 149 33.57 21.00 -2.64
C TRP M 149 32.14 20.52 -2.34
N PRO M 150 31.14 20.63 -3.25
CA PRO M 150 29.82 20.10 -2.93
C PRO M 150 29.89 18.59 -2.64
N SER M 151 29.02 18.15 -1.74
CA SER M 151 28.90 16.73 -1.35
C SER M 151 28.73 15.87 -2.61
N ASN M 152 29.69 15.01 -2.86
CA ASN M 152 29.70 14.04 -3.99
C ASN M 152 29.64 14.78 -5.32
N GLY M 153 30.16 16.00 -5.39
CA GLY M 153 30.04 16.83 -6.59
C GLY M 153 31.25 17.71 -6.83
N PHE M 154 31.05 18.69 -7.69
CA PHE M 154 32.13 19.55 -8.15
C PHE M 154 31.72 20.99 -8.06
N PRO M 155 32.69 21.88 -7.79
CA PRO M 155 32.44 23.31 -7.92
C PRO M 155 32.45 23.68 -9.40
N GLY M 156 32.27 24.95 -9.67
CA GLY M 156 32.33 25.48 -11.03
C GLY M 156 33.67 25.17 -11.68
N PRO M 157 33.78 25.27 -13.01
CA PRO M 157 35.04 25.00 -13.69
C PRO M 157 36.16 25.93 -13.19
N GLN M 158 37.39 25.47 -13.37
CA GLN M 158 38.62 26.23 -12.99
C GLN M 158 38.69 27.55 -13.77
N GLY M 159 39.27 28.56 -13.17
CA GLY M 159 39.41 29.88 -13.79
C GLY M 159 39.39 30.97 -12.74
N PRO M 160 38.42 30.95 -11.80
CA PRO M 160 38.38 31.98 -10.77
C PRO M 160 39.09 31.66 -9.46
N TYR M 161 39.64 30.46 -9.31
CA TYR M 161 40.13 30.01 -7.98
C TYR M 161 41.58 30.40 -7.75
N TYR M 162 42.36 30.42 -8.81
CA TYR M 162 43.80 30.75 -8.71
C TYR M 162 43.93 32.18 -8.12
N CYS M 163 44.55 32.26 -6.95
CA CYS M 163 44.77 33.54 -6.24
C CYS M 163 43.42 34.19 -5.93
N GLY M 164 42.37 33.41 -5.73
CA GLY M 164 41.01 33.94 -5.58
C GLY M 164 40.75 34.44 -4.19
N VAL M 165 39.81 35.35 -4.06
CA VAL M 165 39.36 35.86 -2.76
C VAL M 165 37.84 35.85 -2.77
N GLY M 166 37.25 35.51 -1.63
CA GLY M 166 35.80 35.40 -1.50
C GLY M 166 35.40 34.00 -1.13
N ALA M 167 34.20 33.86 -0.58
CA ALA M 167 33.72 32.58 -0.02
C ALA M 167 33.56 31.53 -1.14
N ASP M 168 33.32 31.96 -2.36
CA ASP M 168 33.12 31.04 -3.51
C ASP M 168 34.43 30.83 -4.28
N LYS M 169 35.55 31.43 -3.89
CA LYS M 169 36.82 31.29 -4.64
C LYS M 169 37.88 30.55 -3.85
N ALA M 170 38.08 30.88 -2.57
CA ALA M 170 39.18 30.30 -1.74
C ALA M 170 38.55 29.40 -0.70
N TYR M 171 38.98 28.15 -0.63
CA TYR M 171 38.47 27.17 0.36
C TYR M 171 39.56 26.87 1.39
N GLY M 172 39.24 27.10 2.66
CA GLY M 172 40.12 26.76 3.79
C GLY M 172 41.33 27.68 3.88
N ARG M 173 41.17 28.98 3.67
CA ARG M 173 42.26 29.97 3.87
C ARG M 173 42.68 30.07 5.35
N ASP M 174 41.78 29.75 6.30
CA ASP M 174 42.14 29.77 7.73
C ASP M 174 43.34 28.87 7.97
N ILE M 175 43.38 27.72 7.32
CA ILE M 175 44.48 26.75 7.46
C ILE M 175 45.74 27.37 6.88
N VAL M 176 45.61 28.04 5.75
CA VAL M 176 46.77 28.62 5.04
C VAL M 176 47.37 29.72 5.90
N GLU M 177 46.55 30.58 6.47
CA GLU M 177 47.04 31.70 7.31
C GLU M 177 47.72 31.12 8.56
N ALA M 178 47.12 30.11 9.19
CA ALA M 178 47.65 29.53 10.43
C ALA M 178 48.99 28.86 10.13
N HIS M 179 49.07 28.13 9.02
CA HIS M 179 50.30 27.44 8.63
C HIS M 179 51.42 28.45 8.37
N TYR M 180 51.13 29.49 7.60
CA TYR M 180 52.10 30.55 7.23
C TYR M 180 52.70 31.14 8.51
N ARG M 181 51.85 31.52 9.45
CA ARG M 181 52.30 32.12 10.73
C ARG M 181 53.08 31.08 11.53
N ALA M 182 52.53 29.87 11.57
CA ALA M 182 53.19 28.81 12.36
C ALA M 182 54.60 28.58 11.82
N CYS M 183 54.76 28.57 10.51
CA CYS M 183 56.09 28.41 9.89
C CYS M 183 57.00 29.60 10.21
N LEU M 184 56.48 30.82 10.13
CA LEU M 184 57.29 32.02 10.42
C LEU M 184 57.75 31.96 11.89
N TYR M 185 56.87 31.60 12.81
CA TYR M 185 57.21 31.49 14.24
C TYR M 185 58.27 30.41 14.41
N ALA M 186 58.13 29.26 13.75
CA ALA M 186 59.03 28.11 13.93
C ALA M 186 60.43 28.43 13.39
N GLY M 187 60.58 29.42 12.53
CA GLY M 187 61.86 29.69 11.85
C GLY M 187 61.97 28.98 10.52
N ILE M 188 60.87 28.56 9.92
CA ILE M 188 60.87 27.99 8.56
C ILE M 188 61.01 29.13 7.54
N LYS M 189 61.80 28.92 6.51
CA LYS M 189 62.07 29.93 5.45
C LYS M 189 60.91 29.87 4.43
N ILE M 190 59.74 30.31 4.86
CA ILE M 190 58.54 30.32 4.00
C ILE M 190 58.45 31.67 3.29
N GLY M 191 58.40 31.63 1.96
CA GLY M 191 58.56 32.82 1.12
C GLY M 191 57.23 33.38 0.66
N GLY M 192 56.14 32.65 0.81
CA GLY M 192 54.83 33.14 0.36
C GLY M 192 53.85 32.02 0.12
N THR M 193 52.62 32.40 -0.15
CA THR M 193 51.51 31.44 -0.38
C THR M 193 50.62 31.99 -1.50
N ASN M 194 49.89 31.09 -2.12
CA ASN M 194 48.81 31.51 -3.05
C ASN M 194 47.76 30.41 -3.09
N ALA M 195 46.56 30.79 -3.48
CA ALA M 195 45.48 29.85 -3.85
C ALA M 195 45.78 29.33 -5.26
N GLU M 196 45.64 28.03 -5.43
CA GLU M 196 45.95 27.35 -6.71
C GLU M 196 44.72 27.31 -7.60
N VAL M 197 44.91 26.80 -8.81
CA VAL M 197 43.86 26.84 -9.86
C VAL M 197 42.72 25.92 -9.43
N MET M 198 43.04 24.76 -8.89
CA MET M 198 42.03 23.85 -8.31
C MET M 198 41.53 24.51 -7.03
N PRO M 199 40.22 24.64 -6.84
CA PRO M 199 39.68 25.11 -5.57
C PRO M 199 40.01 24.12 -4.44
N ALA M 200 40.26 24.65 -3.25
CA ALA M 200 40.78 23.92 -2.05
C ALA M 200 42.23 23.48 -2.23
N GLN M 201 42.85 23.82 -3.36
CA GLN M 201 44.30 23.57 -3.58
C GLN M 201 45.07 24.84 -3.24
N TRP M 202 46.22 24.69 -2.59
CA TRP M 202 47.03 25.84 -2.16
C TRP M 202 48.50 25.52 -2.40
N GLU M 203 49.33 26.50 -2.15
CA GLU M 203 50.79 26.37 -2.32
C GLU M 203 51.48 27.30 -1.32
N PHE M 204 52.59 26.82 -0.78
CA PHE M 204 53.53 27.69 -0.05
C PHE M 204 54.91 27.50 -0.64
N GLN M 205 55.68 28.56 -0.65
CA GLN M 205 57.08 28.54 -1.16
C GLN M 205 58.03 28.45 0.04
N ILE M 206 58.99 27.56 -0.08
CA ILE M 206 60.07 27.39 0.94
C ILE M 206 61.38 27.74 0.28
N GLY M 207 62.08 28.73 0.82
CA GLY M 207 63.41 29.10 0.31
C GLY M 207 63.60 30.60 0.21
N PRO M 208 64.79 31.08 -0.20
CA PRO M 208 65.91 30.22 -0.60
C PRO M 208 66.60 29.52 0.57
N CYS M 209 66.96 28.27 0.39
CA CYS M 209 67.66 27.45 1.40
C CYS M 209 68.96 26.94 0.78
N GLU M 210 70.00 26.89 1.59
CA GLU M 210 71.32 26.46 1.12
C GLU M 210 71.53 24.99 1.50
N GLY M 211 71.86 24.17 0.51
CA GLY M 211 72.29 22.78 0.69
C GLY M 211 71.26 21.95 1.42
N ILE M 212 71.66 21.34 2.53
CA ILE M 212 70.79 20.38 3.26
C ILE M 212 69.62 21.11 3.93
N ASP M 213 69.67 22.43 4.06
CA ASP M 213 68.56 23.17 4.72
C ASP M 213 67.27 23.08 3.91
N MET M 214 67.33 22.79 2.63
CA MET M 214 66.10 22.76 1.80
C MET M 214 65.21 21.60 2.27
N GLY M 215 65.79 20.41 2.44
CA GLY M 215 65.02 19.23 2.87
C GLY M 215 64.50 19.41 4.27
N ASP M 216 65.30 19.94 5.18
CA ASP M 216 64.86 20.12 6.59
C ASP M 216 63.67 21.08 6.65
N HIS M 217 63.78 22.22 5.99
CA HIS M 217 62.73 23.26 6.04
C HIS M 217 61.44 22.75 5.40
N LEU M 218 61.53 22.06 4.27
CA LEU M 218 60.31 21.60 3.58
C LEU M 218 59.66 20.48 4.40
N TRP M 219 60.44 19.55 4.90
CA TRP M 219 59.86 18.40 5.65
C TRP M 219 59.15 18.93 6.91
N VAL M 220 59.77 19.89 7.59
CA VAL M 220 59.17 20.44 8.84
C VAL M 220 57.96 21.29 8.45
N ALA M 221 58.05 22.04 7.37
CA ALA M 221 56.88 22.79 6.85
C ALA M 221 55.71 21.84 6.54
N ARG M 222 55.99 20.70 5.95
CA ARG M 222 54.97 19.66 5.73
C ARG M 222 54.40 19.18 7.05
N PHE M 223 55.26 18.93 8.05
CA PHE M 223 54.79 18.44 9.36
C PHE M 223 53.86 19.48 9.99
N ILE M 224 54.25 20.76 9.93
CA ILE M 224 53.44 21.83 10.56
C ILE M 224 52.09 21.90 9.84
N LEU M 225 52.10 21.78 8.52
CA LEU M 225 50.81 21.81 7.76
C LEU M 225 49.92 20.65 8.23
N HIS M 226 50.46 19.44 8.32
CA HIS M 226 49.68 18.27 8.79
C HIS M 226 49.16 18.54 10.19
N ARG M 227 50.01 19.08 11.07
CA ARG M 227 49.61 19.32 12.47
C ARG M 227 48.57 20.45 12.54
N VAL M 228 48.76 21.50 11.77
CA VAL M 228 47.75 22.60 11.69
C VAL M 228 46.43 22.06 11.12
N CYS M 229 46.48 21.28 10.06
CA CYS M 229 45.27 20.70 9.43
C CYS M 229 44.59 19.76 10.44
N GLU M 230 45.37 19.03 11.22
CA GLU M 230 44.81 18.14 12.27
C GLU M 230 44.00 18.97 13.27
N ASP M 231 44.45 20.17 13.61
CA ASP M 231 43.71 21.04 14.55
C ASP M 231 42.35 21.42 13.96
N PHE M 232 42.32 21.77 12.69
CA PHE M 232 41.07 22.17 12.00
C PHE M 232 40.23 20.96 11.61
N GLY M 233 40.77 19.75 11.69
CA GLY M 233 40.05 18.50 11.40
C GLY M 233 39.93 18.22 9.91
N VAL M 234 40.86 18.70 9.10
CA VAL M 234 40.92 18.38 7.65
C VAL M 234 42.26 17.73 7.34
N ILE M 235 42.41 17.22 6.14
CA ILE M 235 43.62 16.50 5.70
C ILE M 235 44.30 17.33 4.62
N ALA M 236 45.61 17.47 4.74
CA ALA M 236 46.46 18.02 3.66
C ALA M 236 47.04 16.84 2.90
N THR M 237 46.73 16.74 1.62
CA THR M 237 47.29 15.68 0.75
C THR M 237 48.32 16.31 -0.18
N PHE M 238 49.41 15.60 -0.39
CA PHE M 238 50.46 15.95 -1.38
C PHE M 238 50.34 15.02 -2.57
N ASP M 239 49.18 14.39 -2.77
CA ASP M 239 48.95 13.52 -3.94
C ASP M 239 49.13 14.36 -5.19
N PRO M 240 49.94 13.93 -6.18
CA PRO M 240 50.16 14.72 -7.38
C PRO M 240 48.90 14.93 -8.23
N LYS M 241 47.87 14.11 -8.05
CA LYS M 241 46.61 14.27 -8.81
C LYS M 241 45.46 13.81 -7.94
N PRO M 242 45.04 14.63 -6.96
CA PRO M 242 43.99 14.23 -6.03
C PRO M 242 42.65 13.89 -6.73
N ILE M 243 42.30 14.64 -7.76
CA ILE M 243 41.00 14.47 -8.47
C ILE M 243 41.27 14.23 -9.95
N PRO M 244 40.77 13.12 -10.53
CA PRO M 244 40.95 12.90 -11.97
C PRO M 244 40.14 13.89 -12.81
N GLY M 245 40.63 14.15 -14.03
CA GLY M 245 39.89 14.92 -15.04
C GLY M 245 40.50 16.28 -15.27
N ASN M 246 39.68 17.31 -15.44
CA ASN M 246 40.18 18.69 -15.72
C ASN M 246 40.35 19.42 -14.40
N TRP M 247 41.07 18.82 -13.48
CA TRP M 247 41.45 19.45 -12.19
C TRP M 247 42.95 19.34 -12.03
N ASN M 248 43.58 20.48 -11.71
CA ASN M 248 45.05 20.60 -11.72
C ASN M 248 45.70 19.62 -10.74
N GLY M 249 46.82 19.06 -11.16
CA GLY M 249 47.71 18.31 -10.28
C GLY M 249 48.44 19.22 -9.31
N ALA M 250 49.11 18.63 -8.34
CA ALA M 250 49.98 19.35 -7.39
C ALA M 250 51.42 18.95 -7.68
N GLY M 251 52.27 19.93 -7.96
CA GLY M 251 53.72 19.71 -8.12
C GLY M 251 54.51 20.39 -7.04
N CYS M 252 55.80 20.11 -7.01
CA CYS M 252 56.78 20.80 -6.14
C CYS M 252 57.88 21.35 -7.03
N HIS M 253 57.63 22.51 -7.63
CA HIS M 253 58.60 23.15 -8.54
C HIS M 253 59.84 23.57 -7.76
N THR M 254 61.00 23.15 -8.23
CA THR M 254 62.27 23.37 -7.53
C THR M 254 63.08 24.42 -8.30
N ASN M 255 63.46 25.49 -7.62
CA ASN M 255 64.38 26.52 -8.17
C ASN M 255 65.80 26.17 -7.71
N PHE M 256 66.75 26.26 -8.62
CA PHE M 256 68.16 25.89 -8.34
C PHE M 256 69.07 26.97 -8.90
N SER M 257 70.06 27.36 -8.11
CA SER M 257 71.13 28.29 -8.54
C SER M 257 72.37 27.99 -7.73
N THR M 258 73.53 28.25 -8.33
CA THR M 258 74.83 28.20 -7.63
C THR M 258 75.40 29.61 -7.53
N LYS M 259 76.55 29.73 -6.89
CA LYS M 259 77.26 31.03 -6.81
C LYS M 259 77.58 31.50 -8.23
N ALA M 260 78.00 30.60 -9.12
CA ALA M 260 78.32 30.96 -10.52
C ALA M 260 77.06 31.47 -11.23
N MET M 261 75.93 30.79 -11.05
CA MET M 261 74.69 31.17 -11.77
C MET M 261 74.17 32.51 -11.24
N ARG M 262 74.37 32.81 -9.97
CA ARG M 262 73.85 34.08 -9.41
C ARG M 262 74.72 35.26 -9.84
N GLU M 263 76.00 35.03 -10.10
CA GLU M 263 76.94 36.12 -10.48
C GLU M 263 76.60 36.64 -11.88
N GLU M 264 77.15 37.80 -12.20
CA GLU M 264 76.93 38.46 -13.51
C GLU M 264 77.28 37.50 -14.64
N ASN M 265 76.43 37.48 -15.67
CA ASN M 265 76.57 36.58 -16.85
C ASN M 265 76.57 35.12 -16.36
N GLY M 266 75.74 34.83 -15.35
CA GLY M 266 75.56 33.46 -14.84
C GLY M 266 74.62 32.63 -15.69
N LEU M 267 74.03 33.20 -16.74
CA LEU M 267 73.11 32.45 -17.61
C LEU M 267 73.86 31.31 -18.31
N LYS M 268 75.11 31.52 -18.70
CA LYS M 268 75.90 30.46 -19.38
C LYS M 268 75.99 29.23 -18.49
N TYR M 269 76.19 29.41 -17.18
CA TYR M 269 76.24 28.28 -16.23
C TYR M 269 74.84 27.69 -16.07
N ILE M 270 73.80 28.51 -16.15
CA ILE M 270 72.41 28.01 -16.07
C ILE M 270 72.16 27.09 -17.28
N GLU M 271 72.55 27.55 -18.47
CA GLU M 271 72.33 26.76 -19.72
C GLU M 271 73.16 25.46 -19.65
N GLU M 272 74.38 25.53 -19.13
CA GLU M 272 75.24 24.32 -19.02
C GLU M 272 74.58 23.30 -18.08
N ALA M 273 73.99 23.76 -16.98
CA ALA M 273 73.31 22.86 -16.02
C ALA M 273 72.10 22.21 -16.69
N ILE M 274 71.36 22.98 -17.49
CA ILE M 274 70.10 22.50 -18.10
C ILE M 274 70.41 21.44 -19.17
N GLU M 275 71.44 21.68 -19.98
CA GLU M 275 71.80 20.70 -21.04
C GLU M 275 72.33 19.41 -20.38
N LYS M 276 72.96 19.51 -19.23
CA LYS M 276 73.32 18.31 -18.45
C LYS M 276 72.04 17.61 -17.97
N LEU M 277 71.04 18.37 -17.54
CA LEU M 277 69.75 17.78 -17.11
C LEU M 277 69.04 17.15 -18.29
N SER M 278 69.25 17.70 -19.49
CA SER M 278 68.59 17.20 -20.73
C SER M 278 68.93 15.72 -20.95
N LYS M 279 70.13 15.30 -20.55
CA LYS M 279 70.63 13.94 -20.84
C LYS M 279 70.28 12.96 -19.71
N ARG M 280 69.64 13.41 -18.62
CA ARG M 280 69.33 12.52 -17.48
C ARG M 280 67.86 12.64 -17.07
N HIS M 281 66.96 12.81 -18.02
CA HIS M 281 65.51 13.00 -17.72
C HIS M 281 64.95 11.80 -16.96
N GLN M 282 65.29 10.59 -17.38
CA GLN M 282 64.74 9.37 -16.76
C GLN M 282 65.28 9.21 -15.34
N TYR M 283 66.55 9.52 -15.11
CA TYR M 283 67.17 9.39 -13.77
C TYR M 283 66.44 10.31 -12.79
N HIS M 284 66.11 11.52 -13.23
CA HIS M 284 65.47 12.53 -12.34
C HIS M 284 64.01 12.15 -12.09
N ILE M 285 63.32 11.63 -13.09
CA ILE M 285 61.89 11.24 -12.92
C ILE M 285 61.79 10.16 -11.84
N ARG M 286 62.71 9.20 -11.83
CA ARG M 286 62.72 8.14 -10.80
C ARG M 286 62.94 8.76 -9.41
N ALA M 287 63.85 9.73 -9.31
CA ALA M 287 64.20 10.36 -8.00
C ALA M 287 63.09 11.30 -7.54
N TYR M 288 62.31 11.87 -8.47
CA TYR M 288 61.34 12.95 -8.15
C TYR M 288 60.03 12.38 -7.59
N ASP M 289 60.01 11.12 -7.20
CA ASP M 289 58.75 10.49 -6.74
C ASP M 289 59.08 9.38 -5.77
N PRO M 290 58.34 9.28 -4.64
CA PRO M 290 58.67 8.29 -3.63
C PRO M 290 58.54 6.83 -4.10
N LYS M 291 57.75 6.57 -5.14
CA LYS M 291 57.55 5.17 -5.64
C LYS M 291 58.04 5.06 -7.09
N GLY M 292 59.09 5.78 -7.46
CA GLY M 292 59.82 5.58 -8.73
C GLY M 292 59.23 6.34 -9.91
N GLY M 293 58.17 7.14 -9.72
CA GLY M 293 57.61 7.96 -10.80
C GLY M 293 56.24 7.53 -11.25
N LEU M 294 55.57 6.61 -10.56
CA LEU M 294 54.22 6.17 -10.96
C LEU M 294 53.19 7.23 -10.56
N ASP M 295 53.32 7.83 -9.38
CA ASP M 295 52.36 8.87 -8.93
C ASP M 295 52.42 10.07 -9.87
N ASN M 296 53.64 10.49 -10.25
CA ASN M 296 53.82 11.68 -11.09
C ASN M 296 53.36 11.41 -12.53
N ALA M 297 53.14 10.15 -12.91
CA ALA M 297 52.61 9.81 -14.26
C ALA M 297 51.18 10.36 -14.39
N ARG M 298 50.42 10.34 -13.30
CA ARG M 298 49.03 10.89 -13.32
C ARG M 298 49.06 12.41 -13.47
N ARG M 299 50.13 13.08 -13.05
CA ARG M 299 50.20 14.56 -13.11
C ARG M 299 50.87 15.01 -14.42
N LEU M 300 52.02 14.42 -14.75
CA LEU M 300 52.82 14.88 -15.92
C LEU M 300 52.18 14.34 -17.20
N THR M 301 51.09 14.96 -17.61
CA THR M 301 50.36 14.58 -18.84
C THR M 301 50.57 15.60 -19.96
N GLY M 302 51.19 16.74 -19.67
CA GLY M 302 51.44 17.77 -20.69
C GLY M 302 50.20 18.58 -21.04
N PHE M 303 49.17 18.59 -20.18
CA PHE M 303 47.88 19.29 -20.49
C PHE M 303 47.66 20.48 -19.58
N HIS M 304 47.54 20.22 -18.26
CA HIS M 304 47.21 21.29 -17.27
C HIS M 304 48.47 21.99 -16.78
N GLU M 305 49.07 22.83 -17.63
CA GLU M 305 50.31 23.58 -17.31
C GLU M 305 51.43 22.61 -16.86
N THR M 306 51.37 21.35 -17.28
CA THR M 306 52.41 20.35 -16.95
C THR M 306 53.18 19.99 -18.22
N SER M 307 54.29 19.30 -18.03
CA SER M 307 55.08 18.73 -19.15
C SER M 307 54.73 17.24 -19.29
N ASN M 308 55.33 16.60 -20.28
CA ASN M 308 55.14 15.14 -20.49
C ASN M 308 56.20 14.39 -19.70
N ILE M 309 55.81 13.33 -19.04
CA ILE M 309 56.75 12.52 -18.21
C ILE M 309 57.78 11.83 -19.10
N ASN M 310 57.41 11.51 -20.34
CA ASN M 310 58.29 10.74 -21.26
C ASN M 310 59.22 11.66 -22.06
N ASP M 311 58.98 12.97 -22.07
CA ASP M 311 59.75 13.89 -22.94
C ASP M 311 60.31 15.05 -22.11
N PHE M 312 61.57 15.39 -22.38
CA PHE M 312 62.26 16.52 -21.72
C PHE M 312 62.19 17.74 -22.62
N SER M 313 61.96 18.90 -22.03
CA SER M 313 61.97 20.18 -22.77
C SER M 313 62.38 21.32 -21.82
N ALA M 314 63.07 22.30 -22.35
CA ALA M 314 63.51 23.49 -21.60
C ALA M 314 63.33 24.72 -22.47
N GLY M 315 63.09 25.85 -21.82
CA GLY M 315 62.95 27.13 -22.53
C GLY M 315 62.76 28.28 -21.58
N VAL M 316 62.93 29.48 -22.10
CA VAL M 316 62.70 30.73 -21.33
C VAL M 316 61.19 30.98 -21.28
N ALA M 317 60.67 31.18 -20.08
CA ALA M 317 59.24 31.51 -19.84
C ALA M 317 58.35 30.42 -20.45
N ASN M 318 58.76 29.16 -20.36
CA ASN M 318 57.99 28.02 -20.90
C ASN M 318 57.33 27.31 -19.71
N ARG M 319 56.05 27.56 -19.49
CA ARG M 319 55.28 26.91 -18.40
C ARG M 319 55.14 25.40 -18.66
N GLY M 320 54.99 25.02 -19.92
CA GLY M 320 54.79 23.62 -20.33
C GLY M 320 56.09 22.83 -20.42
N ALA M 321 57.24 23.45 -20.19
CA ALA M 321 58.55 22.77 -20.32
C ALA M 321 58.87 22.02 -19.01
N SER M 322 59.74 21.03 -19.12
CA SER M 322 60.29 20.31 -17.95
C SER M 322 61.13 21.28 -17.10
N ILE M 323 61.90 22.14 -17.76
CA ILE M 323 62.76 23.13 -17.09
C ILE M 323 62.40 24.49 -17.65
N ARG M 324 62.23 25.47 -16.77
CA ARG M 324 61.86 26.84 -17.18
C ARG M 324 62.96 27.79 -16.69
N ILE M 325 63.44 28.63 -17.60
CA ILE M 325 64.29 29.79 -17.23
C ILE M 325 63.35 30.98 -17.15
N PRO M 326 63.26 31.65 -15.99
CA PRO M 326 62.38 32.81 -15.87
C PRO M 326 62.78 33.93 -16.86
N ARG M 327 61.79 34.68 -17.32
CA ARG M 327 62.01 35.74 -18.33
C ARG M 327 62.99 36.77 -17.78
N THR M 328 62.86 37.15 -16.51
CA THR M 328 63.76 38.13 -15.88
C THR M 328 65.18 37.56 -15.85
N VAL M 329 65.33 36.28 -15.55
CA VAL M 329 66.68 35.64 -15.48
C VAL M 329 67.32 35.70 -16.88
N GLY M 330 66.53 35.44 -17.93
CA GLY M 330 67.03 35.58 -19.31
C GLY M 330 67.48 37.01 -19.61
N GLN M 331 66.72 37.99 -19.15
CA GLN M 331 67.03 39.42 -19.42
C GLN M 331 68.26 39.84 -18.63
N GLU M 332 68.31 39.51 -17.33
CA GLU M 332 69.43 39.91 -16.45
C GLU M 332 70.66 39.03 -16.71
N LYS M 333 70.50 37.93 -17.48
CA LYS M 333 71.62 37.00 -17.82
C LYS M 333 72.20 36.36 -16.55
N LYS M 334 71.41 36.29 -15.48
CA LYS M 334 71.86 35.63 -14.24
C LYS M 334 70.65 35.27 -13.38
N GLY M 335 70.86 34.38 -12.42
CA GLY M 335 69.84 34.00 -11.43
C GLY M 335 69.70 32.50 -11.27
N TYR M 336 68.51 31.98 -11.49
CA TYR M 336 68.17 30.56 -11.18
C TYR M 336 67.38 29.98 -12.34
N PHE M 337 67.15 28.69 -12.27
CA PHE M 337 66.20 28.00 -13.17
C PHE M 337 65.27 27.14 -12.33
N GLU M 338 64.10 26.88 -12.88
CA GLU M 338 63.02 26.14 -12.17
C GLU M 338 62.87 24.77 -12.81
N ASP M 339 63.03 23.73 -12.00
CA ASP M 339 62.67 22.35 -12.38
C ASP M 339 61.21 22.13 -12.02
N ARG M 340 60.34 22.00 -13.01
CA ARG M 340 58.88 21.85 -12.80
C ARG M 340 58.46 20.38 -12.76
N ARG M 341 59.40 19.45 -12.90
CA ARG M 341 59.08 18.00 -12.94
C ARG M 341 58.65 17.46 -11.59
N PRO M 342 59.29 17.80 -10.44
CA PRO M 342 59.03 17.07 -9.20
C PRO M 342 57.57 17.12 -8.76
N SER M 343 57.08 15.96 -8.30
CA SER M 343 55.71 15.76 -7.79
C SER M 343 55.56 16.44 -6.43
N ALA M 344 54.33 16.69 -6.03
CA ALA M 344 54.04 17.34 -4.73
C ALA M 344 54.47 16.44 -3.56
N ASN M 345 54.43 15.12 -3.74
CA ASN M 345 54.80 14.17 -2.66
C ASN M 345 56.25 13.73 -2.82
N CYS M 346 57.09 14.51 -3.50
CA CYS M 346 58.52 14.18 -3.64
C CYS M 346 59.25 14.34 -2.31
N ASP M 347 60.35 13.62 -2.15
CA ASP M 347 61.30 13.83 -1.04
C ASP M 347 62.27 14.91 -1.45
N PRO M 348 62.32 16.06 -0.75
CA PRO M 348 63.27 17.10 -1.13
C PRO M 348 64.74 16.67 -1.05
N PHE M 349 65.09 15.74 -0.16
CA PHE M 349 66.48 15.21 -0.08
C PHE M 349 66.83 14.51 -1.39
N ALA M 350 65.92 13.73 -1.94
CA ALA M 350 66.13 13.05 -3.24
C ALA M 350 66.23 14.08 -4.37
N VAL M 351 65.37 15.09 -4.34
CA VAL M 351 65.31 16.07 -5.46
C VAL M 351 66.60 16.90 -5.47
N THR M 352 67.00 17.45 -4.32
CA THR M 352 68.18 18.32 -4.23
C THR M 352 69.45 17.52 -4.57
N GLU M 353 69.53 16.29 -4.09
CA GLU M 353 70.72 15.44 -4.34
C GLU M 353 70.83 15.16 -5.84
N ALA M 354 69.72 14.87 -6.52
CA ALA M 354 69.75 14.57 -7.97
C ALA M 354 70.21 15.80 -8.74
N LEU M 355 69.75 16.99 -8.35
CA LEU M 355 70.15 18.23 -9.06
C LEU M 355 71.66 18.46 -8.88
N ILE M 356 72.19 18.26 -7.69
CA ILE M 356 73.65 18.47 -7.45
C ILE M 356 74.44 17.43 -8.23
N ARG M 357 74.02 16.16 -8.20
CA ARG M 357 74.79 15.07 -8.86
C ARG M 357 74.87 15.34 -10.36
N THR M 358 73.75 15.66 -11.00
CA THR M 358 73.72 15.85 -12.46
C THR M 358 74.44 17.15 -12.85
N CYS M 359 74.11 18.26 -12.18
CA CYS M 359 74.51 19.61 -12.64
C CYS M 359 75.91 19.97 -12.14
N LEU M 360 76.28 19.55 -10.92
CA LEU M 360 77.52 20.03 -10.27
C LEU M 360 78.59 18.95 -10.24
N LEU M 361 78.22 17.69 -10.00
CA LEU M 361 79.21 16.58 -9.94
C LEU M 361 79.32 15.88 -11.29
N ASN M 362 78.55 16.30 -12.30
CA ASN M 362 78.64 15.76 -13.68
C ASN M 362 78.49 14.25 -13.67
N GLU M 363 77.61 13.73 -12.83
CA GLU M 363 77.36 12.27 -12.78
C GLU M 363 76.53 11.86 -13.98
N THR M 364 76.78 10.66 -14.48
CA THR M 364 76.05 10.08 -15.62
C THR M 364 75.64 8.65 -15.27
N GLY M 365 74.87 8.04 -16.16
CA GLY M 365 74.38 6.66 -16.00
C GLY M 365 73.09 6.60 -15.22
N ASP M 366 72.68 5.38 -14.86
CA ASP M 366 71.36 5.12 -14.27
C ASP M 366 71.46 4.90 -12.76
N GLU M 367 72.66 4.95 -12.19
CA GLU M 367 72.82 4.74 -10.74
C GLU M 367 73.70 5.83 -10.16
N PRO M 368 73.41 6.28 -8.93
CA PRO M 368 74.22 7.29 -8.27
C PRO M 368 75.66 6.79 -8.00
N PHE M 369 76.62 7.69 -8.18
CA PHE M 369 78.05 7.38 -7.92
C PHE M 369 78.24 7.13 -6.44
N GLN M 370 79.12 6.19 -6.11
CA GLN M 370 79.47 5.90 -4.70
C GLN M 370 80.69 6.72 -4.29
N TYR M 371 80.60 7.34 -3.13
CA TYR M 371 81.71 8.09 -2.46
C TYR M 371 82.01 9.38 -3.22
N LYS M 372 81.36 9.63 -4.35
CA LYS M 372 81.50 10.91 -5.09
C LYS M 372 80.14 11.29 -5.70
N ALA N 2 30.68 10.08 20.11
CA ALA N 2 29.68 11.01 20.68
C ALA N 2 30.13 11.49 22.05
N THR N 3 30.19 12.80 22.27
CA THR N 3 30.66 13.38 23.54
C THR N 3 29.49 13.59 24.49
N SER N 4 29.78 13.73 25.76
CA SER N 4 28.76 13.78 26.83
C SER N 4 27.93 15.07 26.76
N ALA N 5 26.77 15.06 27.40
CA ALA N 5 25.90 16.26 27.54
C ALA N 5 26.64 17.37 28.30
N SER N 6 27.46 17.03 29.31
CA SER N 6 28.19 18.05 30.09
C SER N 6 29.19 18.78 29.17
N SER N 7 29.78 18.07 28.21
CA SER N 7 30.78 18.70 27.29
C SER N 7 30.08 19.71 26.39
N HIS N 8 28.76 19.63 26.24
CA HIS N 8 28.02 20.56 25.34
C HIS N 8 27.58 21.82 26.09
N LEU N 9 27.76 21.87 27.40
CA LEU N 9 27.51 23.13 28.16
C LEU N 9 28.54 24.19 27.70
N ASN N 10 28.21 25.47 27.59
CA ASN N 10 29.14 26.53 27.11
C ASN N 10 30.41 26.66 27.98
N LYS N 11 31.57 26.32 27.45
CA LYS N 11 32.83 26.37 28.23
C LYS N 11 33.17 27.85 28.50
N GLY N 12 32.87 28.73 27.54
CA GLY N 12 33.04 30.18 27.72
C GLY N 12 32.49 30.58 29.05
N ILE N 13 31.25 30.18 29.39
CA ILE N 13 30.59 30.62 30.65
C ILE N 13 31.46 30.20 31.84
N LYS N 14 31.72 28.94 32.00
CA LYS N 14 32.57 28.44 33.11
C LYS N 14 33.84 29.31 33.26
N GLN N 15 34.60 29.51 32.18
CA GLN N 15 35.82 30.35 32.20
C GLN N 15 35.50 31.67 32.89
N VAL N 16 34.44 32.35 32.51
CA VAL N 16 34.09 33.69 33.06
C VAL N 16 34.05 33.58 34.59
N TYR N 17 33.45 32.52 35.15
CA TYR N 17 33.40 32.31 36.62
C TYR N 17 34.79 31.97 37.13
N MET N 18 35.56 31.20 36.38
CA MET N 18 36.93 30.82 36.80
C MET N 18 37.89 32.01 36.74
N ALA N 19 37.52 33.07 36.04
CA ALA N 19 38.34 34.31 35.96
C ALA N 19 38.11 35.17 37.20
N LEU N 20 37.08 34.91 38.00
CA LEU N 20 36.84 35.70 39.23
C LEU N 20 38.04 35.45 40.16
N PRO N 21 38.59 36.50 40.80
CA PRO N 21 39.56 36.29 41.87
C PRO N 21 38.89 35.61 43.07
N GLN N 22 39.47 34.50 43.56
CA GLN N 22 38.78 33.69 44.59
C GLN N 22 39.01 34.26 45.98
N GLY N 23 40.05 35.06 46.18
CA GLY N 23 40.33 35.69 47.49
C GLY N 23 41.18 34.80 48.38
N ASP N 24 40.98 34.91 49.69
CA ASP N 24 41.89 34.31 50.69
C ASP N 24 41.64 32.80 50.83
N LYS N 25 40.44 32.31 50.52
CA LYS N 25 40.13 30.87 50.69
C LYS N 25 40.82 30.05 49.60
N VAL N 26 41.17 28.84 49.95
CA VAL N 26 41.88 27.90 49.05
C VAL N 26 41.07 26.61 48.94
N GLN N 27 40.99 26.07 47.72
CA GLN N 27 40.32 24.77 47.47
C GLN N 27 41.34 23.66 47.48
N ALA N 28 41.02 22.56 48.17
CA ALA N 28 41.82 21.33 48.15
C ALA N 28 40.93 20.18 47.68
N MET N 29 41.33 19.53 46.61
CA MET N 29 40.60 18.35 46.09
C MET N 29 41.27 17.09 46.64
N TYR N 30 40.55 16.35 47.47
CA TYR N 30 41.06 15.09 48.07
C TYR N 30 40.73 13.95 47.10
N ILE N 31 41.75 13.22 46.69
CA ILE N 31 41.64 12.12 45.71
C ILE N 31 41.99 10.81 46.40
N TRP N 32 41.21 9.79 46.17
CA TRP N 32 41.50 8.44 46.73
C TRP N 32 41.05 7.34 45.79
N ILE N 33 41.56 6.15 46.04
CA ILE N 33 41.23 4.94 45.26
C ILE N 33 40.04 4.26 45.92
N ASP N 34 39.02 3.93 45.14
CA ASP N 34 37.77 3.34 45.68
C ASP N 34 37.95 1.82 45.86
N GLY N 35 36.87 1.10 46.13
CA GLY N 35 36.89 -0.33 46.47
C GLY N 35 37.16 -1.25 45.28
N THR N 36 37.12 -0.74 44.06
CA THR N 36 37.45 -1.55 42.87
C THR N 36 38.97 -1.67 42.72
N GLY N 37 39.73 -0.82 43.42
CA GLY N 37 41.19 -0.79 43.29
C GLY N 37 41.66 -0.19 41.98
N GLU N 38 40.73 0.27 41.13
CA GLU N 38 41.09 0.87 39.82
C GLU N 38 40.38 2.19 39.58
N GLY N 39 39.33 2.49 40.35
CA GLY N 39 38.58 3.76 40.23
C GLY N 39 39.08 4.80 41.20
N LEU N 40 38.98 6.05 40.80
CA LEU N 40 39.38 7.20 41.64
C LEU N 40 38.15 8.01 42.01
N ARG N 41 38.16 8.52 43.23
CA ARG N 41 37.08 9.35 43.77
C ARG N 41 37.71 10.67 44.22
N CYS N 42 36.92 11.71 44.24
CA CYS N 42 37.40 13.02 44.72
C CYS N 42 36.27 13.83 45.30
N LYS N 43 36.63 14.75 46.18
CA LYS N 43 35.74 15.86 46.60
C LYS N 43 36.61 17.01 47.08
N THR N 44 35.98 18.16 47.29
CA THR N 44 36.71 19.40 47.57
C THR N 44 36.31 19.94 48.93
N ARG N 45 37.28 20.50 49.65
CA ARG N 45 37.00 21.28 50.87
C ARG N 45 37.66 22.65 50.72
N THR N 46 37.13 23.63 51.46
CA THR N 46 37.74 24.97 51.53
C THR N 46 38.73 25.02 52.68
N LEU N 47 39.92 25.53 52.42
CA LEU N 47 40.94 25.81 53.48
C LEU N 47 41.03 27.32 53.70
N ASP N 48 41.44 27.72 54.90
CA ASP N 48 41.61 29.16 55.24
C ASP N 48 42.81 29.76 54.50
N SER N 49 43.82 28.96 54.17
CA SER N 49 45.08 29.48 53.59
C SER N 49 45.76 28.38 52.78
N GLU N 50 46.72 28.79 51.96
CA GLU N 50 47.48 27.85 51.13
C GLU N 50 48.35 26.99 52.04
N PRO N 51 48.25 25.65 51.97
CA PRO N 51 49.13 24.79 52.75
C PRO N 51 50.56 24.82 52.18
N LYS N 52 51.54 24.92 53.06
CA LYS N 52 52.96 25.00 52.59
C LYS N 52 53.46 23.59 52.27
N CYS N 53 52.99 22.59 53.01
CA CYS N 53 53.41 21.18 52.75
C CYS N 53 52.23 20.26 53.00
N ILE N 54 52.43 18.98 52.69
CA ILE N 54 51.42 17.91 52.89
C ILE N 54 51.05 17.80 54.37
N GLU N 55 51.96 18.16 55.28
CA GLU N 55 51.69 18.00 56.74
C GLU N 55 50.57 18.93 57.22
N GLU N 56 50.36 20.06 56.55
CA GLU N 56 49.36 21.06 57.01
C GLU N 56 47.94 20.63 56.63
N LEU N 57 47.77 19.62 55.77
CA LEU N 57 46.42 19.26 55.30
C LEU N 57 45.72 18.42 56.35
N PRO N 58 44.49 18.79 56.75
CA PRO N 58 43.75 17.98 57.70
C PRO N 58 43.35 16.62 57.11
N GLU N 59 43.21 15.63 57.98
CA GLU N 59 42.57 14.35 57.61
C GLU N 59 41.10 14.61 57.34
N TRP N 60 40.53 13.82 56.44
CA TRP N 60 39.11 13.95 56.12
C TRP N 60 38.45 12.58 56.14
N ASN N 61 37.20 12.52 55.74
CA ASN N 61 36.44 11.25 55.81
C ASN N 61 35.39 11.25 54.69
N PHE N 62 34.81 10.09 54.46
CA PHE N 62 33.75 9.90 53.46
C PHE N 62 32.97 8.64 53.83
N ASP N 63 31.88 8.41 53.12
CA ASP N 63 31.03 7.21 53.32
C ASP N 63 31.56 6.08 52.44
N GLY N 64 32.09 5.03 53.05
CA GLY N 64 32.67 3.90 52.29
C GLY N 64 31.62 3.06 51.61
N SER N 65 30.40 3.04 52.12
CA SER N 65 29.31 2.25 51.49
C SER N 65 28.97 2.80 50.10
N SER N 66 29.34 4.04 49.82
CA SER N 66 29.10 4.68 48.50
C SER N 66 30.31 4.53 47.59
N THR N 67 31.38 3.89 48.02
CA THR N 67 32.61 3.73 47.19
C THR N 67 33.02 2.27 47.11
N PHE N 68 32.09 1.34 47.34
CA PHE N 68 32.35 -0.12 47.33
C PHE N 68 33.42 -0.47 48.37
N GLN N 69 33.47 0.24 49.49
CA GLN N 69 34.60 0.06 50.45
C GLN N 69 34.14 -0.32 51.85
N SER N 70 32.85 -0.28 52.14
CA SER N 70 32.35 -0.72 53.47
C SER N 70 30.88 -1.09 53.36
N GLU N 71 30.37 -1.78 54.37
CA GLU N 71 28.94 -2.13 54.46
C GLU N 71 28.52 -2.04 55.92
N GLY N 72 27.23 -1.85 56.13
CA GLY N 72 26.59 -1.80 57.45
C GLY N 72 26.89 -0.51 58.21
N SER N 73 26.90 -0.61 59.53
CA SER N 73 26.87 0.55 60.43
C SER N 73 28.16 1.37 60.31
N ASN N 74 29.32 0.71 60.38
CA ASN N 74 30.62 1.43 60.49
C ASN N 74 31.21 1.62 59.10
N SER N 75 30.49 2.31 58.23
CA SER N 75 30.90 2.49 56.82
C SER N 75 31.72 3.78 56.64
N ASP N 76 31.91 4.56 57.69
CA ASP N 76 32.72 5.81 57.60
C ASP N 76 34.20 5.42 57.42
N MET N 77 34.81 5.99 56.39
CA MET N 77 36.23 5.73 56.09
C MET N 77 36.98 7.04 56.30
N TYR N 78 38.30 6.95 56.39
CA TYR N 78 39.16 8.12 56.68
C TYR N 78 40.15 8.32 55.56
N LEU N 79 40.39 9.60 55.25
CA LEU N 79 41.34 10.01 54.21
C LEU N 79 42.54 10.66 54.89
N VAL N 80 43.71 10.09 54.67
CA VAL N 80 44.98 10.66 55.21
C VAL N 80 45.78 11.16 54.02
N PRO N 81 46.02 12.48 53.91
CA PRO N 81 46.81 13.01 52.81
C PRO N 81 48.20 12.36 52.73
N ALA N 82 48.62 12.03 51.51
CA ALA N 82 49.89 11.32 51.26
C ALA N 82 50.78 12.13 50.31
N ALA N 83 50.23 12.76 49.29
CA ALA N 83 51.01 13.57 48.34
C ALA N 83 50.18 14.79 47.92
N MET N 84 50.83 15.92 47.76
CA MET N 84 50.20 17.19 47.35
C MET N 84 50.71 17.57 45.96
N PHE N 85 49.83 18.17 45.17
CA PHE N 85 50.18 18.70 43.84
C PHE N 85 49.42 19.99 43.60
N ARG N 86 49.92 20.80 42.70
CA ARG N 86 49.19 22.02 42.27
C ARG N 86 47.97 21.62 41.43
N ASP N 87 46.86 22.29 41.62
CA ASP N 87 45.61 22.00 40.89
C ASP N 87 45.64 22.66 39.52
N PRO N 88 45.73 21.90 38.42
CA PRO N 88 45.73 22.50 37.08
C PRO N 88 44.34 22.94 36.58
N PHE N 89 43.28 22.46 37.22
CA PHE N 89 41.90 22.81 36.84
C PHE N 89 41.48 24.09 37.55
N ARG N 90 42.05 24.39 38.72
CA ARG N 90 41.67 25.59 39.52
C ARG N 90 42.84 26.55 39.63
N LYS N 91 44.05 26.15 39.24
CA LYS N 91 45.30 26.97 39.29
C LYS N 91 45.71 27.22 40.74
N ASP N 92 46.95 27.67 40.94
CA ASP N 92 47.45 28.14 42.24
C ASP N 92 46.50 29.15 42.84
N PRO N 93 46.30 29.17 44.16
CA PRO N 93 47.00 28.29 45.10
C PRO N 93 46.28 26.98 45.46
N ASN N 94 45.27 26.62 44.68
CA ASN N 94 44.44 25.42 44.95
C ASN N 94 45.30 24.15 44.74
N LYS N 95 44.96 23.09 45.44
CA LYS N 95 45.81 21.89 45.51
C LYS N 95 45.03 20.64 45.14
N LEU N 96 45.75 19.65 44.63
CA LEU N 96 45.27 18.26 44.55
C LEU N 96 45.91 17.46 45.68
N VAL N 97 45.09 16.77 46.46
CA VAL N 97 45.57 16.04 47.64
C VAL N 97 45.27 14.56 47.45
N PHE N 98 46.29 13.78 47.14
CA PHE N 98 46.15 12.32 47.01
C PHE N 98 46.24 11.70 48.39
N CYS N 99 45.26 10.90 48.76
CA CYS N 99 45.13 10.39 50.14
C CYS N 99 45.12 8.87 50.16
N GLU N 100 45.60 8.32 51.28
CA GLU N 100 45.38 6.90 51.64
C GLU N 100 44.03 6.75 52.32
N VAL N 101 43.45 5.57 52.21
CA VAL N 101 42.12 5.28 52.79
C VAL N 101 42.31 4.35 53.99
N PHE N 102 41.62 4.64 55.08
CA PHE N 102 41.64 3.82 56.30
C PHE N 102 40.21 3.53 56.74
N LYS N 103 40.02 2.37 57.36
CA LYS N 103 38.70 1.94 57.87
C LYS N 103 38.35 2.74 59.13
N TYR N 104 37.18 2.51 59.68
CA TYR N 104 36.71 3.20 60.91
C TYR N 104 37.66 2.95 62.08
N ASN N 105 38.30 1.78 62.12
CA ASN N 105 39.22 1.41 63.24
C ASN N 105 40.66 1.74 62.88
N ARG N 106 40.89 2.63 61.90
CA ARG N 106 42.23 3.14 61.47
C ARG N 106 43.08 2.03 60.85
N LYS N 107 42.52 0.88 60.51
CA LYS N 107 43.27 -0.12 59.71
C LYS N 107 43.22 0.27 58.24
N PRO N 108 44.27 -0.05 57.46
CA PRO N 108 44.27 0.28 56.04
C PRO N 108 43.11 -0.39 55.30
N ALA N 109 42.53 0.33 54.35
CA ALA N 109 41.46 -0.20 53.48
C ALA N 109 42.02 -1.28 52.56
N GLU N 110 41.15 -2.14 52.05
CA GLU N 110 41.59 -3.30 51.24
C GLU N 110 42.31 -2.83 49.98
N THR N 111 41.86 -1.76 49.37
CA THR N 111 42.51 -1.18 48.17
C THR N 111 43.61 -0.18 48.54
N ASN N 112 43.90 -0.02 49.82
CA ASN N 112 45.06 0.78 50.29
C ASN N 112 46.29 -0.09 50.15
N LEU N 113 46.96 -0.02 49.01
CA LEU N 113 48.23 -0.76 48.80
C LEU N 113 49.42 0.12 49.11
N ARG N 114 49.24 1.43 49.21
CA ARG N 114 50.37 2.37 49.45
C ARG N 114 50.93 2.13 50.85
N HIS N 115 50.10 1.80 51.82
CA HIS N 115 50.53 1.66 53.23
C HIS N 115 51.65 0.64 53.32
N THR N 116 51.48 -0.52 52.71
CA THR N 116 52.51 -1.59 52.71
C THR N 116 53.63 -1.19 51.75
N CYS N 117 53.29 -0.62 50.61
CA CYS N 117 54.30 -0.26 49.58
C CYS N 117 55.32 0.72 50.17
N LYS N 118 54.85 1.71 50.94
CA LYS N 118 55.76 2.71 51.55
C LYS N 118 56.72 2.00 52.52
N ARG N 119 56.22 1.05 53.31
CA ARG N 119 57.08 0.33 54.29
C ARG N 119 58.17 -0.43 53.54
N ILE N 120 57.82 -1.07 52.43
CA ILE N 120 58.81 -1.83 51.63
C ILE N 120 59.84 -0.87 51.05
N MET N 121 59.39 0.28 50.54
CA MET N 121 60.32 1.27 49.92
C MET N 121 61.27 1.81 50.99
N ASP N 122 60.79 2.06 52.21
CA ASP N 122 61.66 2.56 53.30
C ASP N 122 62.73 1.52 53.64
N MET N 123 62.42 0.24 53.46
CA MET N 123 63.35 -0.86 53.79
C MET N 123 64.55 -0.84 52.84
N VAL N 124 64.36 -0.48 51.58
CA VAL N 124 65.44 -0.53 50.57
C VAL N 124 65.81 0.89 50.16
N SER N 125 65.61 1.88 51.03
CA SER N 125 65.81 3.30 50.66
C SER N 125 67.25 3.55 50.19
N ASN N 126 68.24 2.94 50.84
CA ASN N 126 69.67 3.19 50.52
C ASN N 126 69.99 2.75 49.09
N GLN N 127 69.32 1.71 48.59
CA GLN N 127 69.57 1.21 47.20
C GLN N 127 68.93 2.14 46.17
N ARG N 128 68.06 3.07 46.59
CA ARG N 128 67.47 4.14 45.75
C ARG N 128 66.82 3.55 44.49
N PRO N 129 65.71 2.81 44.63
CA PRO N 129 65.04 2.24 43.47
C PRO N 129 64.31 3.32 42.65
N TRP N 130 64.58 3.32 41.36
CA TRP N 130 63.94 4.26 40.41
C TRP N 130 62.96 3.49 39.54
N PHE N 131 61.82 4.11 39.26
CA PHE N 131 60.78 3.49 38.43
C PHE N 131 60.39 4.42 37.31
N GLY N 132 59.92 3.84 36.23
CA GLY N 132 59.24 4.58 35.15
C GLY N 132 58.13 3.75 34.59
N MET N 133 56.97 4.36 34.34
CA MET N 133 55.82 3.61 33.80
C MET N 133 55.31 4.26 32.52
N GLU N 134 55.11 3.45 31.49
CA GLU N 134 54.49 3.92 30.23
C GLU N 134 53.00 3.58 30.28
N GLN N 135 52.19 4.55 30.65
CA GLN N 135 50.74 4.34 30.81
C GLN N 135 50.08 4.47 29.45
N GLU N 136 49.62 3.35 28.90
CA GLU N 136 48.79 3.38 27.67
C GLU N 136 47.32 3.49 28.06
N TYR N 137 46.55 4.19 27.25
CA TYR N 137 45.11 4.36 27.48
C TYR N 137 44.46 4.54 26.13
N THR N 138 43.15 4.31 26.12
CA THR N 138 42.31 4.48 24.93
C THR N 138 41.23 5.50 25.24
N LEU N 139 41.10 6.48 24.35
CA LEU N 139 39.98 7.43 24.42
C LEU N 139 38.73 6.76 23.86
N MET N 140 37.62 6.90 24.57
CA MET N 140 36.34 6.31 24.16
C MET N 140 35.26 7.38 24.21
N GLY N 141 34.32 7.31 23.27
CA GLY N 141 33.06 8.05 23.37
C GLY N 141 32.21 7.51 24.50
N THR N 142 31.15 8.22 24.85
CA THR N 142 30.24 7.79 25.95
C THR N 142 29.47 6.53 25.55
N ASP N 143 29.48 6.15 24.27
CA ASP N 143 28.78 4.95 23.76
C ASP N 143 29.60 3.67 23.96
N GLY N 144 30.83 3.76 24.45
CA GLY N 144 31.71 2.59 24.68
C GLY N 144 32.48 2.20 23.43
N HIS N 145 32.45 3.06 22.40
CA HIS N 145 33.24 2.85 21.16
C HIS N 145 34.40 3.84 21.17
N PRO N 146 35.59 3.50 20.65
CA PRO N 146 36.75 4.38 20.76
C PRO N 146 36.52 5.75 20.15
N PHE N 147 37.14 6.78 20.71
CA PHE N 147 36.93 8.16 20.20
C PHE N 147 37.46 8.28 18.76
N GLY N 148 36.65 8.82 17.85
CA GLY N 148 37.13 9.07 16.48
C GLY N 148 36.86 7.92 15.51
N TRP N 149 36.46 6.75 16.01
CA TRP N 149 36.27 5.57 15.12
C TRP N 149 34.94 5.72 14.38
N PRO N 150 34.74 5.17 13.16
CA PRO N 150 33.43 5.28 12.50
C PRO N 150 32.33 4.66 13.38
N SER N 151 31.14 5.25 13.32
CA SER N 151 29.95 4.79 14.04
C SER N 151 29.73 3.30 13.75
N ASN N 152 29.83 2.49 14.79
CA ASN N 152 29.60 1.02 14.76
C ASN N 152 30.58 0.35 13.79
N GLY N 153 31.76 0.92 13.60
CA GLY N 153 32.71 0.42 12.61
C GLY N 153 34.16 0.58 13.02
N PHE N 154 35.03 0.45 12.06
CA PHE N 154 36.47 0.42 12.29
C PHE N 154 37.16 1.36 11.34
N PRO N 155 38.27 1.97 11.80
CA PRO N 155 39.15 2.69 10.89
C PRO N 155 39.97 1.68 10.08
N GLY N 156 40.83 2.20 9.23
CA GLY N 156 41.75 1.37 8.45
C GLY N 156 42.62 0.52 9.35
N PRO N 157 43.25 -0.53 8.81
CA PRO N 157 44.10 -1.38 9.62
C PRO N 157 45.25 -0.60 10.28
N GLN N 158 45.78 -1.15 11.37
CA GLN N 158 46.92 -0.56 12.12
C GLN N 158 48.16 -0.47 11.22
N GLY N 159 48.98 0.52 11.46
CA GLY N 159 50.22 0.74 10.70
C GLY N 159 50.55 2.22 10.63
N PRO N 160 49.57 3.09 10.30
CA PRO N 160 49.86 4.52 10.23
C PRO N 160 49.59 5.32 11.51
N TYR N 161 49.04 4.71 12.55
CA TYR N 161 48.54 5.48 13.72
C TYR N 161 49.62 5.70 14.76
N TYR N 162 50.52 4.75 14.90
CA TYR N 162 51.61 4.85 15.89
C TYR N 162 52.45 6.12 15.59
N CYS N 163 52.45 7.04 16.54
CA CYS N 163 53.18 8.32 16.43
C CYS N 163 52.68 9.12 15.21
N GLY N 164 51.41 8.96 14.85
CA GLY N 164 50.87 9.54 13.62
C GLY N 164 50.52 10.99 13.79
N VAL N 165 50.52 11.72 12.69
CA VAL N 165 50.09 13.13 12.68
C VAL N 165 49.14 13.30 11.51
N GLY N 166 48.12 14.11 11.70
CA GLY N 166 47.09 14.33 10.68
C GLY N 166 45.73 13.90 11.18
N ALA N 167 44.69 14.41 10.55
CA ALA N 167 43.30 14.20 11.02
C ALA N 167 42.91 12.72 10.90
N ASP N 168 43.51 12.00 9.99
CA ASP N 168 43.20 10.57 9.75
C ASP N 168 44.15 9.65 10.53
N LYS N 169 45.11 10.17 11.28
CA LYS N 169 46.11 9.33 12.00
C LYS N 169 45.95 9.43 13.51
N ALA N 170 45.82 10.64 14.07
CA ALA N 170 45.79 10.85 15.54
C ALA N 170 44.38 11.28 15.94
N TYR N 171 43.77 10.58 16.87
CA TYR N 171 42.40 10.89 17.36
C TYR N 171 42.49 11.44 18.78
N GLY N 172 41.96 12.65 18.97
CA GLY N 172 41.85 13.28 20.31
C GLY N 172 43.20 13.72 20.86
N ARG N 173 44.07 14.30 20.04
CA ARG N 173 45.36 14.88 20.52
C ARG N 173 45.12 16.10 21.44
N ASP N 174 43.99 16.80 21.30
CA ASP N 174 43.67 17.94 22.19
C ASP N 174 43.71 17.48 23.65
N ILE N 175 43.19 16.31 23.91
CA ILE N 175 43.16 15.73 25.27
C ILE N 175 44.60 15.45 25.71
N VAL N 176 45.39 14.93 24.82
CA VAL N 176 46.78 14.53 25.14
C VAL N 176 47.59 15.78 25.47
N GLU N 177 47.45 16.83 24.68
CA GLU N 177 48.20 18.09 24.91
C GLU N 177 47.75 18.70 26.24
N ALA N 178 46.45 18.72 26.52
CA ALA N 178 45.90 19.34 27.74
C ALA N 178 46.40 18.55 28.95
N HIS N 179 46.37 17.23 28.87
CA HIS N 179 46.81 16.36 29.98
C HIS N 179 48.30 16.58 30.26
N TYR N 180 49.13 16.58 29.23
CA TYR N 180 50.59 16.76 29.32
C TYR N 180 50.89 18.06 30.06
N ARG N 181 50.26 19.15 29.63
CA ARG N 181 50.47 20.48 30.26
C ARG N 181 49.93 20.45 31.69
N ALA N 182 48.75 19.88 31.85
CA ALA N 182 48.13 19.84 33.18
C ALA N 182 49.06 19.10 34.15
N CYS N 183 49.65 17.99 33.72
CA CYS N 183 50.60 17.24 34.55
C CYS N 183 51.86 18.06 34.83
N LEU N 184 52.40 18.75 33.84
CA LEU N 184 53.62 19.56 34.04
C LEU N 184 53.31 20.67 35.06
N TYR N 185 52.16 21.33 34.93
CA TYR N 185 51.76 22.40 35.89
C TYR N 185 51.60 21.80 37.28
N ALA N 186 50.98 20.63 37.41
CA ALA N 186 50.69 20.01 38.71
C ALA N 186 51.99 19.58 39.41
N GLY N 187 53.09 19.42 38.70
CA GLY N 187 54.32 18.86 39.26
C GLY N 187 54.41 17.35 39.11
N ILE N 188 53.66 16.77 38.18
CA ILE N 188 53.79 15.32 37.86
C ILE N 188 55.04 15.13 36.99
N LYS N 189 55.78 14.06 37.27
CA LYS N 189 57.04 13.73 36.55
C LYS N 189 56.67 13.02 35.23
N ILE N 190 56.08 13.76 34.31
CA ILE N 190 55.67 13.21 33.00
C ILE N 190 56.80 13.39 32.00
N GLY N 191 57.25 12.28 31.41
CA GLY N 191 58.47 12.25 30.62
C GLY N 191 58.22 12.35 29.13
N GLY N 192 56.98 12.19 28.69
CA GLY N 192 56.67 12.26 27.26
C GLY N 192 55.38 11.56 26.91
N THR N 193 54.98 11.69 25.67
CA THR N 193 53.72 11.11 25.14
C THR N 193 53.97 10.61 23.74
N ASN N 194 53.13 9.69 23.30
CA ASN N 194 53.09 9.29 21.88
C ASN N 194 51.71 8.76 21.55
N ALA N 195 51.37 8.81 20.28
CA ALA N 195 50.20 8.11 19.71
C ALA N 195 50.57 6.62 19.58
N GLU N 196 49.65 5.77 20.00
CA GLU N 196 49.87 4.32 20.00
C GLU N 196 49.40 3.71 18.68
N VAL N 197 49.63 2.41 18.54
CA VAL N 197 49.40 1.69 17.25
C VAL N 197 47.89 1.68 16.97
N MET N 198 47.10 1.42 17.99
CA MET N 198 45.64 1.51 17.89
C MET N 198 45.28 2.99 17.75
N PRO N 199 44.48 3.38 16.76
CA PRO N 199 43.99 4.74 16.68
C PRO N 199 43.10 5.07 17.88
N ALA N 200 43.16 6.31 18.35
CA ALA N 200 42.52 6.82 19.60
C ALA N 200 43.20 6.24 20.85
N GLN N 201 44.24 5.44 20.68
CA GLN N 201 45.05 4.94 21.83
C GLN N 201 46.28 5.83 21.98
N TRP N 202 46.64 6.14 23.22
CA TRP N 202 47.77 7.04 23.51
C TRP N 202 48.55 6.49 24.68
N GLU N 203 49.65 7.15 24.98
CA GLU N 203 50.53 6.76 26.09
C GLU N 203 51.22 8.01 26.64
N PHE N 204 51.38 8.05 27.95
CA PHE N 204 52.28 9.03 28.59
C PHE N 204 53.23 8.26 29.49
N GLN N 205 54.45 8.76 29.60
CA GLN N 205 55.49 8.16 30.46
C GLN N 205 55.57 8.96 31.76
N ILE N 206 55.59 8.26 32.87
CA ILE N 206 55.77 8.87 34.22
C ILE N 206 57.08 8.36 34.78
N GLY N 207 57.99 9.28 35.11
CA GLY N 207 59.26 8.90 35.73
C GLY N 207 60.44 9.66 35.16
N PRO N 208 61.67 9.43 35.68
CA PRO N 208 61.92 8.49 36.76
C PRO N 208 61.43 8.98 38.13
N CYS N 209 60.86 8.07 38.90
CA CYS N 209 60.35 8.34 40.26
C CYS N 209 61.05 7.40 41.23
N GLU N 210 61.35 7.91 42.41
CA GLU N 210 62.05 7.11 43.44
C GLU N 210 61.03 6.58 44.44
N GLY N 211 61.06 5.27 44.63
CA GLY N 211 60.30 4.58 45.69
C GLY N 211 58.82 4.84 45.60
N ILE N 212 58.23 5.35 46.66
CA ILE N 212 56.76 5.51 46.76
C ILE N 212 56.27 6.61 45.81
N ASP N 213 57.15 7.46 45.28
CA ASP N 213 56.73 8.54 44.38
C ASP N 213 56.16 7.99 43.07
N MET N 214 56.49 6.77 42.69
CA MET N 214 56.02 6.22 41.39
C MET N 214 54.50 6.06 41.45
N GLY N 215 53.97 5.47 42.52
CA GLY N 215 52.53 5.24 42.65
C GLY N 215 51.79 6.55 42.78
N ASP N 216 52.31 7.50 43.55
CA ASP N 216 51.62 8.81 43.74
C ASP N 216 51.52 9.54 42.39
N HIS N 217 52.62 9.63 41.66
CA HIS N 217 52.66 10.39 40.39
C HIS N 217 51.74 9.74 39.35
N LEU N 218 51.76 8.41 39.26
CA LEU N 218 50.95 7.74 38.23
C LEU N 218 49.46 7.86 38.59
N TRP N 219 49.12 7.65 39.84
CA TRP N 219 47.69 7.69 40.25
C TRP N 219 47.14 9.09 40.02
N VAL N 220 47.92 10.12 40.33
CA VAL N 220 47.45 11.52 40.15
C VAL N 220 47.43 11.83 38.66
N ALA N 221 48.40 11.36 37.91
CA ALA N 221 48.40 11.51 36.44
C ALA N 221 47.14 10.86 35.84
N ARG N 222 46.75 9.68 36.33
CA ARG N 222 45.49 9.05 35.91
C ARG N 222 44.30 9.93 36.28
N PHE N 223 44.29 10.50 37.49
CA PHE N 223 43.16 11.36 37.92
C PHE N 223 43.06 12.57 36.99
N ILE N 224 44.20 13.19 36.68
CA ILE N 224 44.19 14.41 35.83
C ILE N 224 43.67 14.03 34.44
N LEU N 225 44.10 12.88 33.92
CA LEU N 225 43.60 12.42 32.59
C LEU N 225 42.08 12.27 32.64
N HIS N 226 41.54 11.59 33.66
CA HIS N 226 40.08 11.42 33.80
C HIS N 226 39.41 12.78 33.87
N ARG N 227 39.98 13.69 34.67
CA ARG N 227 39.36 15.03 34.85
C ARG N 227 39.47 15.85 33.56
N VAL N 228 40.59 15.78 32.88
CA VAL N 228 40.75 16.46 31.57
C VAL N 228 39.78 15.85 30.54
N CYS N 229 39.67 14.54 30.49
CA CYS N 229 38.76 13.85 29.55
C CYS N 229 37.31 14.23 29.89
N GLU N 230 36.99 14.36 31.17
CA GLU N 230 35.65 14.78 31.60
C GLU N 230 35.33 16.16 31.02
N ASP N 231 36.31 17.07 30.96
CA ASP N 231 36.09 18.41 30.39
C ASP N 231 35.73 18.30 28.91
N PHE N 232 36.43 17.46 28.18
CA PHE N 232 36.19 17.27 26.73
C PHE N 232 34.98 16.39 26.47
N GLY N 233 34.46 15.70 27.48
CA GLY N 233 33.26 14.84 27.37
C GLY N 233 33.56 13.49 26.76
N VAL N 234 34.78 12.98 26.92
CA VAL N 234 35.15 11.61 26.47
C VAL N 234 35.65 10.84 27.68
N ILE N 235 35.85 9.54 27.51
CA ILE N 235 36.28 8.62 28.60
C ILE N 235 37.67 8.13 28.27
N ALA N 236 38.55 8.15 29.26
CA ALA N 236 39.85 7.47 29.19
C ALA N 236 39.69 6.12 29.88
N THR N 237 39.92 5.05 29.12
CA THR N 237 39.87 3.68 29.66
C THR N 237 41.29 3.14 29.78
N PHE N 238 41.57 2.44 30.85
CA PHE N 238 42.83 1.70 31.06
C PHE N 238 42.57 0.21 30.89
N ASP N 239 41.49 -0.15 30.20
CA ASP N 239 41.20 -1.58 29.91
C ASP N 239 42.36 -2.15 29.12
N PRO N 240 42.94 -3.30 29.52
CA PRO N 240 44.07 -3.86 28.80
C PRO N 240 43.77 -4.28 27.36
N LYS N 241 42.49 -4.47 27.02
CA LYS N 241 42.10 -4.86 25.65
C LYS N 241 40.74 -4.25 25.34
N PRO N 242 40.67 -2.94 25.06
CA PRO N 242 39.39 -2.28 24.83
C PRO N 242 38.60 -2.88 23.66
N ILE N 243 39.29 -3.26 22.58
CA ILE N 243 38.62 -3.78 21.36
C ILE N 243 39.19 -5.15 21.03
N PRO N 244 38.34 -6.19 20.90
CA PRO N 244 38.84 -7.52 20.53
C PRO N 244 39.33 -7.55 19.08
N GLY N 245 40.27 -8.46 18.81
CA GLY N 245 40.73 -8.75 17.45
C GLY N 245 42.13 -8.26 17.19
N ASN N 246 42.40 -7.71 16.01
CA ASN N 246 43.75 -7.23 15.63
C ASN N 246 43.86 -5.76 15.99
N TRP N 247 43.54 -5.43 17.23
CA TRP N 247 43.72 -4.07 17.78
C TRP N 247 44.53 -4.18 19.07
N ASN N 248 45.57 -3.36 19.16
CA ASN N 248 46.58 -3.48 20.25
C ASN N 248 45.94 -3.30 21.63
N GLY N 249 46.41 -4.10 22.57
CA GLY N 249 46.11 -3.91 24.00
C GLY N 249 46.82 -2.69 24.56
N ALA N 250 46.47 -2.32 25.77
CA ALA N 250 47.14 -1.24 26.51
C ALA N 250 47.87 -1.88 27.70
N GLY N 251 49.19 -1.67 27.77
CA GLY N 251 49.98 -2.09 28.93
C GLY N 251 50.54 -0.92 29.69
N CYS N 252 51.14 -1.21 30.83
CA CYS N 252 51.89 -0.24 31.64
C CYS N 252 53.29 -0.78 31.86
N HIS N 253 54.15 -0.59 30.87
CA HIS N 253 55.54 -1.10 30.93
C HIS N 253 56.30 -0.37 32.03
N THR N 254 56.92 -1.14 32.92
CA THR N 254 57.60 -0.59 34.10
C THR N 254 59.11 -0.74 33.92
N ASN N 255 59.82 0.38 34.00
CA ASN N 255 61.30 0.40 34.00
C ASN N 255 61.77 0.41 35.46
N PHE N 256 62.77 -0.40 35.76
CA PHE N 256 63.28 -0.55 37.15
C PHE N 256 64.80 -0.51 37.11
N SER N 257 65.39 0.23 38.04
CA SER N 257 66.85 0.27 38.25
C SER N 257 67.11 0.62 39.71
N THR N 258 68.24 0.13 40.21
CA THR N 258 68.75 0.52 41.56
C THR N 258 70.03 1.32 41.38
N LYS N 259 70.58 1.77 42.49
CA LYS N 259 71.89 2.48 42.48
C LYS N 259 72.95 1.54 41.89
N ALA N 260 72.93 0.27 42.24
CA ALA N 260 73.91 -0.72 41.72
C ALA N 260 73.74 -0.86 40.20
N MET N 261 72.51 -0.95 39.72
CA MET N 261 72.26 -1.18 38.28
C MET N 261 72.67 0.06 37.49
N ARG N 262 72.51 1.25 38.04
CA ARG N 262 72.84 2.49 37.30
C ARG N 262 74.36 2.69 37.24
N GLU N 263 75.10 2.20 38.23
CA GLU N 263 76.57 2.38 38.28
C GLU N 263 77.24 1.57 37.17
N GLU N 264 78.51 1.91 36.92
CA GLU N 264 79.32 1.23 35.88
C GLU N 264 79.30 -0.29 36.10
N ASN N 265 79.15 -1.04 35.01
CA ASN N 265 79.07 -2.52 35.04
C ASN N 265 77.88 -2.94 35.91
N GLY N 266 76.78 -2.19 35.84
CA GLY N 266 75.55 -2.50 36.56
C GLY N 266 74.71 -3.55 35.84
N LEU N 267 75.14 -4.02 34.67
CA LEU N 267 74.37 -5.05 33.93
C LEU N 267 74.32 -6.35 34.73
N LYS N 268 75.39 -6.70 35.43
CA LYS N 268 75.42 -7.95 36.24
C LYS N 268 74.29 -7.92 37.26
N TYR N 269 74.04 -6.78 37.90
CA TYR N 269 72.94 -6.64 38.88
C TYR N 269 71.61 -6.67 38.15
N ILE N 270 71.56 -6.15 36.92
CA ILE N 270 70.31 -6.20 36.10
C ILE N 270 69.99 -7.67 35.80
N GLU N 271 70.99 -8.43 35.38
CA GLU N 271 70.79 -9.87 35.04
C GLU N 271 70.39 -10.65 36.31
N GLU N 272 71.00 -10.34 37.44
CA GLU N 272 70.66 -11.03 38.72
C GLU N 272 69.19 -10.76 39.09
N ALA N 273 68.73 -9.52 38.90
CA ALA N 273 67.33 -9.16 39.21
C ALA N 273 66.39 -9.93 38.27
N ILE N 274 66.76 -10.06 37.00
CA ILE N 274 65.87 -10.68 35.98
C ILE N 274 65.76 -12.18 36.25
N GLU N 275 66.85 -12.84 36.59
CA GLU N 275 66.82 -14.30 36.86
C GLU N 275 66.00 -14.55 38.14
N LYS N 276 66.03 -13.63 39.09
CA LYS N 276 65.13 -13.70 40.27
C LYS N 276 63.67 -13.56 39.81
N LEU N 277 63.41 -12.65 38.87
CA LEU N 277 62.04 -12.47 38.33
C LEU N 277 61.62 -13.71 37.55
N SER N 278 62.58 -14.41 36.94
CA SER N 278 62.29 -15.63 36.13
C SER N 278 61.59 -16.68 36.98
N LYS N 279 61.89 -16.73 38.27
CA LYS N 279 61.36 -17.79 39.17
C LYS N 279 60.05 -17.37 39.83
N ARG N 280 59.55 -16.16 39.61
CA ARG N 280 58.31 -15.69 40.27
C ARG N 280 57.34 -15.11 39.25
N HIS N 281 57.24 -15.68 38.06
CA HIS N 281 56.37 -15.15 36.99
C HIS N 281 54.90 -15.14 37.45
N GLN N 282 54.44 -16.21 38.07
CA GLN N 282 53.03 -16.32 38.50
C GLN N 282 52.72 -15.31 39.59
N TYR N 283 53.64 -15.11 40.53
CA TYR N 283 53.42 -14.16 41.65
C TYR N 283 53.24 -12.75 41.10
N HIS N 284 54.02 -12.39 40.08
CA HIS N 284 53.98 -11.02 39.51
C HIS N 284 52.72 -10.84 38.66
N ILE N 285 52.30 -11.87 37.94
CA ILE N 285 51.09 -11.78 37.08
C ILE N 285 49.88 -11.49 37.98
N ARG N 286 49.79 -12.13 39.12
CA ARG N 286 48.67 -11.89 40.08
C ARG N 286 48.72 -10.43 40.56
N ALA N 287 49.90 -9.91 40.86
CA ALA N 287 50.06 -8.54 41.41
C ALA N 287 49.84 -7.49 40.31
N TYR N 288 50.09 -7.83 39.05
CA TYR N 288 50.10 -6.85 37.94
C TYR N 288 48.69 -6.55 37.43
N ASP N 289 47.67 -6.95 38.17
CA ASP N 289 46.28 -6.77 37.68
C ASP N 289 45.35 -6.64 38.87
N PRO N 290 44.40 -5.69 38.83
CA PRO N 290 43.54 -5.45 39.99
C PRO N 290 42.64 -6.64 40.36
N LYS N 291 42.36 -7.54 39.41
CA LYS N 291 41.48 -8.71 39.69
C LYS N 291 42.24 -10.02 39.49
N GLY N 292 43.54 -10.03 39.81
CA GLY N 292 44.32 -11.28 39.92
C GLY N 292 44.93 -11.75 38.60
N GLY N 293 44.75 -11.03 37.50
CA GLY N 293 45.38 -11.37 36.21
C GLY N 293 44.40 -11.81 35.14
N LEU N 294 43.10 -11.68 35.37
CA LEU N 294 42.09 -12.10 34.35
C LEU N 294 42.04 -11.05 33.22
N ASP N 295 42.07 -9.75 33.56
CA ASP N 295 42.03 -8.69 32.54
C ASP N 295 43.25 -8.79 31.62
N ASN N 296 44.43 -9.01 32.20
CA ASN N 296 45.68 -9.05 31.43
C ASN N 296 45.75 -10.33 30.57
N ALA N 297 44.89 -11.32 30.82
CA ALA N 297 44.85 -12.54 29.98
C ALA N 297 44.38 -12.17 28.57
N ARG N 298 43.48 -11.19 28.45
CA ARG N 298 43.00 -10.74 27.12
C ARG N 298 44.12 -10.01 26.38
N ARG N 299 45.08 -9.42 27.08
CA ARG N 299 46.17 -8.64 26.42
C ARG N 299 47.39 -9.54 26.17
N LEU N 300 47.82 -10.28 27.18
CA LEU N 300 49.07 -11.08 27.08
C LEU N 300 48.79 -12.35 26.29
N THR N 301 48.70 -12.21 24.98
CA THR N 301 48.45 -13.35 24.06
C THR N 301 49.70 -13.71 23.26
N GLY N 302 50.76 -12.90 23.33
CA GLY N 302 52.01 -13.19 22.60
C GLY N 302 51.93 -12.84 21.12
N PHE N 303 50.97 -12.03 20.69
CA PHE N 303 50.76 -11.74 19.25
C PHE N 303 51.10 -10.29 18.91
N HIS N 304 50.35 -9.34 19.51
CA HIS N 304 50.49 -7.89 19.20
C HIS N 304 51.58 -7.25 20.06
N GLU N 305 52.84 -7.54 19.77
CA GLU N 305 54.00 -7.01 20.52
C GLU N 305 53.86 -7.32 22.02
N THR N 306 53.13 -8.37 22.38
CA THR N 306 52.96 -8.79 23.79
C THR N 306 53.67 -10.12 24.00
N SER N 307 53.81 -10.50 25.26
CA SER N 307 54.34 -11.83 25.65
C SER N 307 53.16 -12.74 26.01
N ASN N 308 53.46 -13.98 26.34
CA ASN N 308 52.43 -14.95 26.77
C ASN N 308 52.28 -14.85 28.28
N ILE N 309 51.05 -14.86 28.77
CA ILE N 309 50.77 -14.75 30.22
C ILE N 309 51.28 -16.00 30.94
N ASN N 310 51.29 -17.15 30.27
CA ASN N 310 51.67 -18.43 30.93
C ASN N 310 53.17 -18.69 30.86
N ASP N 311 53.93 -17.93 30.07
CA ASP N 311 55.37 -18.22 29.86
C ASP N 311 56.20 -16.96 30.12
N PHE N 312 57.31 -17.13 30.81
CA PHE N 312 58.27 -16.04 31.11
C PHE N 312 59.41 -16.09 30.11
N SER N 313 59.85 -14.93 29.65
CA SER N 313 61.01 -14.80 28.75
C SER N 313 61.67 -13.45 28.95
N ALA N 314 62.98 -13.41 28.80
CA ALA N 314 63.78 -12.18 28.91
C ALA N 314 64.84 -12.17 27.82
N GLY N 315 65.22 -10.98 27.39
CA GLY N 315 66.29 -10.82 26.40
C GLY N 315 66.59 -9.37 26.12
N VAL N 316 67.71 -9.14 25.48
CA VAL N 316 68.13 -7.79 25.06
C VAL N 316 67.35 -7.42 23.79
N ALA N 317 66.70 -6.25 23.81
CA ALA N 317 65.95 -5.70 22.66
C ALA N 317 64.88 -6.70 22.21
N ASN N 318 64.25 -7.39 23.15
CA ASN N 318 63.18 -8.37 22.85
C ASN N 318 61.84 -7.74 23.18
N ARG N 319 61.13 -7.26 22.17
CA ARG N 319 59.80 -6.63 22.36
C ARG N 319 58.77 -7.68 22.82
N GLY N 320 58.90 -8.91 22.34
CA GLY N 320 57.97 -10.00 22.66
C GLY N 320 58.27 -10.67 23.99
N ALA N 321 59.34 -10.29 24.69
CA ALA N 321 59.71 -10.93 25.96
C ALA N 321 58.91 -10.32 27.11
N SER N 322 58.80 -11.07 28.21
CA SER N 322 58.22 -10.59 29.47
C SER N 322 59.08 -9.46 30.04
N ILE N 323 60.40 -9.61 29.96
CA ILE N 323 61.36 -8.60 30.45
C ILE N 323 62.29 -8.25 29.30
N ARG N 324 62.51 -6.96 29.10
CA ARG N 324 63.38 -6.48 28.01
C ARG N 324 64.52 -5.68 28.62
N ILE N 325 65.73 -6.00 28.22
CA ILE N 325 66.93 -5.16 28.50
C ILE N 325 67.12 -4.31 27.26
N PRO N 326 67.09 -2.97 27.37
CA PRO N 326 67.29 -2.10 26.21
C PRO N 326 68.67 -2.34 25.59
N ARG N 327 68.75 -2.18 24.27
CA ARG N 327 69.99 -2.43 23.50
C ARG N 327 71.12 -1.52 24.03
N THR N 328 70.80 -0.26 24.30
CA THR N 328 71.79 0.71 24.82
C THR N 328 72.29 0.24 26.19
N VAL N 329 71.39 -0.26 27.03
CA VAL N 329 71.75 -0.72 28.39
C VAL N 329 72.72 -1.91 28.26
N GLY N 330 72.46 -2.81 27.32
CA GLY N 330 73.38 -3.93 27.04
C GLY N 330 74.75 -3.43 26.60
N GLN N 331 74.79 -2.41 25.75
CA GLN N 331 76.06 -1.86 25.21
C GLN N 331 76.81 -1.12 26.32
N GLU N 332 76.12 -0.25 27.06
CA GLU N 332 76.75 0.55 28.14
C GLU N 332 77.01 -0.31 29.37
N LYS N 333 76.46 -1.52 29.44
CA LYS N 333 76.64 -2.47 30.57
C LYS N 333 76.08 -1.86 31.87
N LYS N 334 75.14 -0.94 31.77
CA LYS N 334 74.50 -0.34 32.95
C LYS N 334 73.17 0.30 32.56
N GLY N 335 72.33 0.57 33.54
CA GLY N 335 71.06 1.29 33.36
C GLY N 335 69.89 0.59 34.01
N TYR N 336 68.87 0.26 33.23
CA TYR N 336 67.57 -0.24 33.77
C TYR N 336 67.12 -1.42 32.93
N PHE N 337 66.06 -2.06 33.37
CA PHE N 337 65.34 -3.08 32.56
C PHE N 337 63.85 -2.76 32.61
N GLU N 338 63.16 -3.22 31.57
CA GLU N 338 61.72 -2.92 31.39
C GLU N 338 60.92 -4.19 31.64
N ASP N 339 60.01 -4.14 32.59
CA ASP N 339 58.98 -5.18 32.78
C ASP N 339 57.79 -4.83 31.91
N ARG N 340 57.53 -5.61 30.87
CA ARG N 340 56.44 -5.34 29.90
C ARG N 340 55.16 -6.09 30.28
N ARG N 341 55.15 -6.84 31.37
CA ARG N 341 53.98 -7.64 31.78
C ARG N 341 52.82 -6.79 32.28
N PRO N 342 53.03 -5.74 33.12
CA PRO N 342 51.90 -5.10 33.79
C PRO N 342 50.84 -4.54 32.83
N SER N 343 49.59 -4.75 33.18
CA SER N 343 48.40 -4.29 32.43
C SER N 343 48.25 -2.77 32.59
N ALA N 344 47.50 -2.15 31.70
CA ALA N 344 47.28 -0.69 31.74
C ALA N 344 46.48 -0.29 32.99
N ASN N 345 45.62 -1.18 33.50
CA ASN N 345 44.80 -0.89 34.69
C ASN N 345 45.45 -1.44 35.95
N CYS N 346 46.77 -1.65 35.94
CA CYS N 346 47.49 -2.12 37.14
C CYS N 346 47.54 -1.03 38.21
N ASP N 347 47.68 -1.45 39.46
CA ASP N 347 47.99 -0.53 40.58
C ASP N 347 49.49 -0.38 40.65
N PRO N 348 50.05 0.83 40.46
CA PRO N 348 51.50 1.00 40.55
C PRO N 348 52.08 0.63 41.93
N PHE N 349 51.33 0.81 43.02
CA PHE N 349 51.79 0.40 44.37
C PHE N 349 52.04 -1.11 44.40
N ALA N 350 51.14 -1.89 43.80
CA ALA N 350 51.30 -3.37 43.72
C ALA N 350 52.49 -3.72 42.83
N VAL N 351 52.64 -3.03 41.72
CA VAL N 351 53.70 -3.36 40.74
C VAL N 351 55.07 -3.07 41.34
N THR N 352 55.26 -1.88 41.89
CA THR N 352 56.56 -1.46 42.44
C THR N 352 56.92 -2.33 43.65
N GLU N 353 55.95 -2.64 44.49
CA GLU N 353 56.20 -3.48 45.69
C GLU N 353 56.65 -4.88 45.26
N ALA N 354 56.01 -5.45 44.24
CA ALA N 354 56.38 -6.81 43.77
C ALA N 354 57.81 -6.80 43.22
N LEU N 355 58.19 -5.77 42.49
CA LEU N 355 59.56 -5.69 41.92
C LEU N 355 60.58 -5.60 43.06
N ILE N 356 60.32 -4.81 44.08
CA ILE N 356 61.28 -4.67 45.20
C ILE N 356 61.35 -5.99 45.97
N ARG N 357 60.21 -6.63 46.23
CA ARG N 357 60.20 -7.87 47.05
C ARG N 357 61.00 -8.96 46.34
N THR N 358 60.77 -9.16 45.06
CA THR N 358 61.43 -10.25 44.30
C THR N 358 62.91 -9.91 44.09
N CYS N 359 63.21 -8.72 43.62
CA CYS N 359 64.57 -8.38 43.10
C CYS N 359 65.49 -7.93 44.23
N LEU N 360 64.98 -7.23 45.24
CA LEU N 360 65.83 -6.56 46.26
C LEU N 360 65.73 -7.28 47.61
N LEU N 361 64.56 -7.76 48.01
CA LEU N 361 64.40 -8.44 49.31
C LEU N 361 64.49 -9.95 49.13
N ASN N 362 64.68 -10.45 47.90
CA ASN N 362 64.90 -11.90 47.61
C ASN N 362 63.75 -12.72 48.22
N GLU N 363 62.53 -12.22 48.13
CA GLU N 363 61.36 -12.96 48.63
C GLU N 363 61.02 -14.08 47.66
N THR N 364 60.54 -15.19 48.19
CA THR N 364 60.12 -16.37 47.40
C THR N 364 58.75 -16.83 47.90
N GLY N 365 58.19 -17.81 47.20
CA GLY N 365 56.88 -18.39 47.53
C GLY N 365 55.73 -17.63 46.90
N ASP N 366 54.51 -17.97 47.29
CA ASP N 366 53.28 -17.47 46.65
C ASP N 366 52.64 -16.39 47.49
N GLU N 367 53.20 -16.03 48.64
CA GLU N 367 52.60 -14.98 49.50
C GLU N 367 53.68 -14.00 49.92
N PRO N 368 53.33 -12.71 50.02
CA PRO N 368 54.28 -11.70 50.47
C PRO N 368 54.74 -11.94 51.92
N PHE N 369 56.01 -11.69 52.17
CA PHE N 369 56.60 -11.83 53.53
C PHE N 369 55.98 -10.78 54.44
N GLN N 370 55.76 -11.15 55.69
CA GLN N 370 55.25 -10.20 56.72
C GLN N 370 56.41 -9.56 57.46
N TYR N 371 56.34 -8.24 57.61
CA TYR N 371 57.29 -7.41 58.40
C TYR N 371 58.65 -7.35 57.71
N LYS N 372 58.84 -8.05 56.60
CA LYS N 372 60.08 -7.95 55.80
C LYS N 372 59.73 -8.07 54.31
N ALA O 2 18.36 18.38 27.79
CA ALA O 2 18.17 19.49 26.82
C ALA O 2 18.26 20.83 27.56
N THR O 3 19.11 21.73 27.09
CA THR O 3 19.31 23.04 27.75
C THR O 3 18.38 24.07 27.14
N SER O 4 18.16 25.16 27.86
CA SER O 4 17.15 26.18 27.51
C SER O 4 17.55 26.96 26.25
N ALA O 5 16.58 27.62 25.62
CA ALA O 5 16.81 28.52 24.46
C ALA O 5 17.74 29.67 24.85
N SER O 6 17.63 30.20 26.08
CA SER O 6 18.50 31.33 26.51
C SER O 6 19.96 30.87 26.55
N SER O 7 20.21 29.61 26.91
CA SER O 7 21.60 29.09 27.00
C SER O 7 22.20 29.01 25.60
N HIS O 8 21.40 28.99 24.55
CA HIS O 8 21.91 28.89 23.16
C HIS O 8 22.21 30.25 22.56
N LEU O 9 21.87 31.33 23.24
CA LEU O 9 22.29 32.69 22.80
C LEU O 9 23.82 32.78 22.90
N ASN O 10 24.54 33.45 22.01
CA ASN O 10 26.03 33.55 22.02
C ASN O 10 26.57 34.18 23.32
N LYS O 11 27.27 33.41 24.15
CA LYS O 11 27.79 33.93 25.44
C LYS O 11 28.92 34.93 25.13
N GLY O 12 29.69 34.68 24.08
CA GLY O 12 30.71 35.62 23.63
C GLY O 12 30.15 37.01 23.59
N ILE O 13 28.98 37.20 22.96
CA ILE O 13 28.39 38.56 22.80
C ILE O 13 28.19 39.20 24.17
N LYS O 14 27.43 38.59 25.04
CA LYS O 14 27.19 39.10 26.41
C LYS O 14 28.51 39.57 27.05
N GLN O 15 29.53 38.71 27.08
CA GLN O 15 30.87 39.04 27.64
C GLN O 15 31.32 40.40 27.08
N VAL O 16 31.25 40.59 25.78
CA VAL O 16 31.75 41.84 25.13
C VAL O 16 31.08 43.03 25.82
N TYR O 17 29.76 42.97 26.08
CA TYR O 17 29.04 44.05 26.77
C TYR O 17 29.47 44.11 28.23
N MET O 18 29.70 42.97 28.86
CA MET O 18 30.14 42.93 30.28
C MET O 18 31.56 43.44 30.44
N ALA O 19 32.34 43.51 29.35
CA ALA O 19 33.73 44.04 29.39
C ALA O 19 33.71 45.56 29.34
N LEU O 20 32.58 46.20 29.02
CA LEU O 20 32.51 47.67 29.01
C LEU O 20 32.72 48.15 30.44
N PRO O 21 33.54 49.20 30.67
CA PRO O 21 33.59 49.83 31.98
C PRO O 21 32.27 50.51 32.30
N GLN O 22 31.68 50.22 33.47
CA GLN O 22 30.30 50.69 33.76
C GLN O 22 30.30 52.12 34.28
N GLY O 23 31.43 52.61 34.79
CA GLY O 23 31.53 54.00 35.29
C GLY O 23 31.12 54.13 36.74
N ASP O 24 30.57 55.28 37.11
CA ASP O 24 30.34 55.66 38.53
C ASP O 24 29.10 54.95 39.08
N LYS O 25 28.14 54.56 38.25
CA LYS O 25 26.90 53.93 38.75
C LYS O 25 27.18 52.49 39.18
N VAL O 26 26.43 52.05 40.18
CA VAL O 26 26.57 50.69 40.75
C VAL O 26 25.22 49.98 40.69
N GLN O 27 25.27 48.70 40.34
CA GLN O 27 24.06 47.84 40.31
C GLN O 27 23.92 47.10 41.63
N ALA O 28 22.71 47.09 42.18
CA ALA O 28 22.38 46.27 43.35
C ALA O 28 21.21 45.36 43.00
N MET O 29 21.41 44.06 43.14
CA MET O 29 20.35 43.07 42.90
C MET O 29 19.70 42.72 44.24
N TYR O 30 18.44 43.07 44.39
CA TYR O 30 17.65 42.79 45.61
C TYR O 30 17.04 41.41 45.48
N ILE O 31 17.32 40.53 46.44
CA ILE O 31 16.87 39.12 46.42
C ILE O 31 15.93 38.91 47.61
N TRP O 32 14.83 38.24 47.37
CA TRP O 32 13.88 37.90 48.46
C TRP O 32 13.19 36.57 48.20
N ILE O 33 12.61 36.03 49.26
CA ILE O 33 11.86 34.75 49.23
C ILE O 33 10.41 35.06 48.91
N ASP O 34 9.85 34.36 47.93
CA ASP O 34 8.46 34.63 47.48
C ASP O 34 7.47 33.89 48.40
N GLY O 35 6.20 33.84 48.00
CA GLY O 35 5.09 33.31 48.83
C GLY O 35 5.08 31.79 48.94
N THR O 36 5.87 31.08 48.15
CA THR O 36 5.96 29.61 48.27
C THR O 36 6.89 29.24 49.43
N GLY O 37 7.69 30.20 49.93
CA GLY O 37 8.67 29.93 51.00
C GLY O 37 9.87 29.14 50.51
N GLU O 38 9.93 28.82 49.22
CA GLU O 38 11.06 28.04 48.65
C GLU O 38 11.60 28.68 47.39
N GLY O 39 10.87 29.60 46.77
CA GLY O 39 11.32 30.29 45.55
C GLY O 39 11.98 31.63 45.87
N LEU O 40 12.93 32.01 45.04
CA LEU O 40 13.65 33.30 45.18
C LEU O 40 13.29 34.20 44.01
N ARG O 41 13.17 35.49 44.32
CA ARG O 41 12.88 36.54 43.33
C ARG O 41 13.99 37.56 43.41
N CYS O 42 14.21 38.27 42.33
CA CYS O 42 15.23 39.33 42.30
C CYS O 42 14.85 40.40 41.29
N LYS O 43 15.38 41.59 41.53
CA LYS O 43 15.43 42.67 40.52
C LYS O 43 16.57 43.61 40.87
N THR O 44 16.89 44.50 39.94
CA THR O 44 18.09 45.34 40.05
C THR O 44 17.69 46.80 40.08
N ARG O 45 18.41 47.59 40.89
CA ARG O 45 18.32 49.06 40.83
C ARG O 45 19.71 49.64 40.66
N THR O 46 19.77 50.84 40.11
CA THR O 46 21.04 51.58 39.99
C THR O 46 21.26 52.44 41.23
N LEU O 47 22.46 52.36 41.81
CA LEU O 47 22.88 53.26 42.92
C LEU O 47 23.89 54.28 42.39
N ASP O 48 23.95 55.43 43.04
CA ASP O 48 24.92 56.50 42.65
C ASP O 48 26.36 56.09 42.99
N SER O 49 26.56 55.23 43.99
CA SER O 49 27.92 54.92 44.48
C SER O 49 27.91 53.55 45.16
N GLU O 50 29.09 52.99 45.36
CA GLU O 50 29.24 51.68 46.02
C GLU O 50 28.85 51.84 47.48
N PRO O 51 27.88 51.04 47.99
CA PRO O 51 27.55 51.09 49.41
C PRO O 51 28.66 50.47 50.25
N LYS O 52 29.01 51.12 51.35
CA LYS O 52 30.13 50.62 52.21
C LYS O 52 29.60 49.50 53.11
N CYS O 53 28.34 49.60 53.53
CA CYS O 53 27.74 48.55 54.39
C CYS O 53 26.27 48.36 54.02
N ILE O 54 25.64 47.37 54.63
CA ILE O 54 24.20 47.05 54.43
C ILE O 54 23.33 48.25 54.83
N GLU O 55 23.79 49.09 55.75
CA GLU O 55 22.98 50.22 56.26
C GLU O 55 22.74 51.27 55.17
N GLU O 56 23.63 51.40 54.19
CA GLU O 56 23.52 52.45 53.16
C GLU O 56 22.49 52.07 52.10
N LEU O 57 22.02 50.82 52.06
CA LEU O 57 21.11 50.39 50.96
C LEU O 57 19.71 50.86 51.28
N PRO O 58 19.03 51.55 50.33
CA PRO O 58 17.66 51.97 50.55
C PRO O 58 16.71 50.77 50.60
N GLU O 59 15.61 50.94 51.33
CA GLU O 59 14.48 49.99 51.27
C GLU O 59 13.83 50.08 49.90
N TRP O 60 13.28 48.98 49.43
CA TRP O 60 12.61 48.97 48.13
C TRP O 60 11.25 48.29 48.27
N ASN O 61 10.57 48.08 47.16
CA ASN O 61 9.21 47.52 47.17
C ASN O 61 8.98 46.73 45.88
N PHE O 62 7.91 45.96 45.87
CA PHE O 62 7.51 45.17 44.70
C PHE O 62 6.02 44.86 44.85
N ASP O 63 5.45 44.27 43.80
CA ASP O 63 4.03 43.86 43.78
C ASP O 63 3.92 42.45 44.33
N GLY O 64 3.29 42.28 45.50
CA GLY O 64 3.17 40.97 46.14
C GLY O 64 2.20 40.07 45.42
N SER O 65 1.23 40.61 44.69
CA SER O 65 0.25 39.80 43.95
C SER O 65 0.94 39.02 42.83
N SER O 66 2.12 39.43 42.42
CA SER O 66 2.92 38.75 41.37
C SER O 66 3.92 37.76 41.98
N THR O 67 3.98 37.62 43.30
CA THR O 67 4.95 36.71 43.96
C THR O 67 4.23 35.77 44.91
N PHE O 68 2.92 35.54 44.72
CA PHE O 68 2.10 34.69 45.60
C PHE O 68 2.13 35.21 47.04
N GLN O 69 2.23 36.52 47.24
CA GLN O 69 2.43 37.06 48.61
C GLN O 69 1.36 38.06 49.02
N SER O 70 0.46 38.47 48.14
CA SER O 70 -0.65 39.37 48.53
C SER O 70 -1.78 39.25 47.51
N GLU O 71 -2.94 39.74 47.88
CA GLU O 71 -4.11 39.80 46.98
C GLU O 71 -4.86 41.09 47.25
N GLY O 72 -5.61 41.53 46.24
CA GLY O 72 -6.48 42.71 46.30
C GLY O 72 -5.70 44.02 46.26
N SER O 73 -6.26 45.04 46.89
CA SER O 73 -5.81 46.45 46.72
C SER O 73 -4.41 46.65 47.30
N ASN O 74 -4.17 46.19 48.53
CA ASN O 74 -2.91 46.53 49.24
C ASN O 74 -1.89 45.43 49.01
N SER O 75 -1.53 45.20 47.76
CA SER O 75 -0.62 44.10 47.38
C SER O 75 0.84 44.57 47.34
N ASP O 76 1.11 45.85 47.59
CA ASP O 76 2.50 46.37 47.60
C ASP O 76 3.23 45.83 48.83
N MET O 77 4.37 45.22 48.61
CA MET O 77 5.21 44.66 49.69
C MET O 77 6.49 45.48 49.76
N TYR O 78 7.21 45.35 50.86
CA TYR O 78 8.42 46.14 51.11
C TYR O 78 9.61 45.21 51.29
N LEU O 79 10.74 45.65 50.76
CA LEU O 79 12.02 44.92 50.85
C LEU O 79 12.95 45.69 51.77
N VAL O 80 13.38 45.06 52.85
CA VAL O 80 14.35 45.66 53.79
C VAL O 80 15.63 44.87 53.67
N PRO O 81 16.74 45.49 53.20
CA PRO O 81 18.01 44.80 53.09
C PRO O 81 18.46 44.20 54.43
N ALA O 82 18.95 42.96 54.38
CA ALA O 82 19.35 42.20 55.57
C ALA O 82 20.82 41.78 55.49
N ALA O 83 21.30 41.36 54.32
CA ALA O 83 22.70 40.95 54.14
C ALA O 83 23.18 41.39 52.75
N MET O 84 24.41 41.81 52.66
CA MET O 84 25.05 42.27 51.42
C MET O 84 26.15 41.28 51.03
N PHE O 85 26.32 41.08 49.74
CA PHE O 85 27.41 40.25 49.18
C PHE O 85 27.90 40.88 47.89
N ARG O 86 29.11 40.54 47.51
CA ARG O 86 29.66 40.96 46.19
C ARG O 86 28.94 40.20 45.08
N ASP O 87 28.64 40.87 43.99
CA ASP O 87 27.93 40.26 42.84
C ASP O 87 28.93 39.50 41.96
N PRO O 88 28.88 38.16 41.91
CA PRO O 88 29.80 37.41 41.04
C PRO O 88 29.43 37.42 39.56
N PHE O 89 28.20 37.80 39.24
CA PHE O 89 27.72 37.85 37.85
C PHE O 89 28.07 39.21 37.23
N ARG O 90 28.18 40.25 38.03
CA ARG O 90 28.47 41.63 37.54
C ARG O 90 29.81 42.12 38.05
N LYS O 91 30.45 41.43 39.00
CA LYS O 91 31.76 41.77 39.61
C LYS O 91 31.64 43.06 40.44
N ASP O 92 32.64 43.33 41.27
CA ASP O 92 32.78 44.60 42.01
C ASP O 92 32.66 45.76 41.06
N PRO O 93 32.04 46.88 41.48
CA PRO O 93 31.52 47.06 42.83
C PRO O 93 30.03 46.72 43.02
N ASN O 94 29.46 45.99 42.08
CA ASN O 94 28.02 45.64 42.11
C ASN O 94 27.77 44.65 43.27
N LYS O 95 26.56 44.68 43.80
CA LYS O 95 26.24 43.95 45.04
C LYS O 95 25.03 43.04 44.87
N LEU O 96 25.00 41.98 45.66
CA LEU O 96 23.77 41.18 45.89
C LEU O 96 23.21 41.59 47.24
N VAL O 97 21.93 41.93 47.27
CA VAL O 97 21.27 42.43 48.49
C VAL O 97 20.14 41.47 48.85
N PHE O 98 20.36 40.66 49.87
CA PHE O 98 19.32 39.74 50.38
C PHE O 98 18.43 40.51 51.35
N CYS O 99 17.14 40.48 51.12
CA CYS O 99 16.17 41.34 51.84
C CYS O 99 15.11 40.50 52.55
N GLU O 100 14.61 41.04 53.65
CA GLU O 100 13.38 40.57 54.31
C GLU O 100 12.18 41.21 53.62
N VAL O 101 11.04 40.53 53.67
CA VAL O 101 9.80 41.01 53.02
C VAL O 101 8.82 41.44 54.12
N PHE O 102 8.19 42.57 53.93
CA PHE O 102 7.17 43.10 54.84
C PHE O 102 5.92 43.47 54.07
N LYS O 103 4.78 43.35 54.72
CA LYS O 103 3.46 43.69 54.13
C LYS O 103 3.32 45.22 54.03
N TYR O 104 2.21 45.67 53.47
CA TYR O 104 1.93 47.12 53.32
C TYR O 104 1.90 47.82 54.68
N ASN O 105 1.49 47.13 55.74
CA ASN O 105 1.39 47.73 57.10
C ASN O 105 2.65 47.43 57.91
N ARG O 106 3.77 47.11 57.24
CA ARG O 106 5.10 46.88 57.86
C ARG O 106 5.12 45.64 58.77
N LYS O 107 4.11 44.78 58.72
CA LYS O 107 4.19 43.48 59.42
C LYS O 107 4.99 42.51 58.56
N PRO O 108 5.72 41.55 59.18
CA PRO O 108 6.48 40.58 58.40
C PRO O 108 5.58 39.74 57.49
N ALA O 109 6.07 39.45 56.31
CA ALA O 109 5.37 38.57 55.35
C ALA O 109 5.32 37.13 55.88
N GLU O 110 4.40 36.34 55.38
CA GLU O 110 4.17 34.97 55.91
C GLU O 110 5.42 34.11 55.70
N THR O 111 6.11 34.28 54.59
CA THR O 111 7.37 33.53 54.31
C THR O 111 8.59 34.27 54.86
N ASN O 112 8.39 35.38 55.56
CA ASN O 112 9.49 36.06 56.28
C ASN O 112 9.72 35.31 57.59
N LEU O 113 10.61 34.33 57.58
CA LEU O 113 10.97 33.59 58.81
C LEU O 113 12.20 34.20 59.47
N ARG O 114 12.95 35.04 58.75
CA ARG O 114 14.19 35.63 59.30
C ARG O 114 13.86 36.56 60.46
N HIS O 115 12.74 37.27 60.38
CA HIS O 115 12.38 38.29 61.40
C HIS O 115 12.33 37.66 62.78
N THR O 116 11.67 36.53 62.91
CA THR O 116 11.59 35.81 64.21
C THR O 116 12.92 35.10 64.47
N CYS O 117 13.53 34.53 63.44
CA CYS O 117 14.80 33.78 63.62
C CYS O 117 15.88 34.68 64.20
N LYS O 118 15.98 35.93 63.72
CA LYS O 118 16.98 36.88 64.23
C LYS O 118 16.73 37.16 65.72
N ARG O 119 15.47 37.33 66.12
CA ARG O 119 15.14 37.62 67.53
C ARG O 119 15.58 36.44 68.41
N ILE O 120 15.35 35.23 67.95
CA ILE O 120 15.74 34.02 68.73
C ILE O 120 17.27 33.96 68.82
N MET O 121 17.97 34.24 67.72
CA MET O 121 19.45 34.18 67.70
C MET O 121 20.01 35.25 68.67
N ASP O 122 19.42 36.43 68.70
CA ASP O 122 19.90 37.51 69.62
C ASP O 122 19.71 37.07 71.07
N MET O 123 18.70 36.24 71.34
CA MET O 123 18.41 35.77 72.72
C MET O 123 19.54 34.87 73.22
N VAL O 124 20.13 34.06 72.36
CA VAL O 124 21.17 33.08 72.78
C VAL O 124 22.53 33.50 72.24
N SER O 125 22.74 34.79 72.00
CA SER O 125 23.98 35.27 71.34
C SER O 125 25.23 34.84 72.13
N ASN O 126 25.17 34.90 73.47
CA ASN O 126 26.36 34.62 74.32
C ASN O 126 26.80 33.16 74.15
N GLN O 127 25.86 32.24 73.88
CA GLN O 127 26.20 30.80 73.72
C GLN O 127 26.83 30.56 72.35
N ARG O 128 26.77 31.53 71.44
CA ARG O 128 27.45 31.52 70.11
C ARG O 128 27.12 30.23 69.34
N PRO O 129 25.86 30.07 68.88
CA PRO O 129 25.50 28.88 68.12
C PRO O 129 26.09 28.90 66.71
N TRP O 130 26.76 27.81 66.36
CA TRP O 130 27.36 27.65 65.01
C TRP O 130 26.56 26.62 64.23
N PHE O 131 26.37 26.89 62.95
CA PHE O 131 25.61 25.98 62.05
C PHE O 131 26.44 25.64 60.85
N GLY O 132 26.17 24.48 60.28
CA GLY O 132 26.65 24.10 58.96
C GLY O 132 25.59 23.31 58.22
N MET O 133 25.40 23.58 56.95
CA MET O 133 24.38 22.87 56.16
C MET O 133 24.99 22.25 54.91
N GLU O 134 24.71 20.97 54.69
CA GLU O 134 25.11 20.28 53.45
C GLU O 134 23.94 20.31 52.48
N GLN O 135 23.95 21.25 51.55
CA GLN O 135 22.85 21.45 50.59
C GLN O 135 23.03 20.49 49.43
N GLU O 136 22.20 19.47 49.36
CA GLU O 136 22.16 18.59 48.18
C GLU O 136 21.17 19.14 47.16
N TYR O 137 21.49 18.97 45.90
CA TYR O 137 20.62 19.43 44.80
C TYR O 137 20.85 18.50 43.62
N THR O 138 19.89 18.53 42.71
CA THR O 138 19.93 17.75 41.46
C THR O 138 19.84 18.71 40.30
N LEU O 139 20.76 18.55 39.35
CA LEU O 139 20.70 19.28 38.08
C LEU O 139 19.67 18.59 37.18
N MET O 140 18.81 19.39 36.57
CA MET O 140 17.77 18.88 35.66
C MET O 140 17.80 19.65 34.36
N GLY O 141 17.53 18.96 33.26
CA GLY O 141 17.21 19.62 31.98
C GLY O 141 15.89 20.34 32.06
N THR O 142 15.59 21.15 31.07
CA THR O 142 14.31 21.92 31.03
C THR O 142 13.12 20.97 30.86
N ASP O 143 13.34 19.71 30.49
CA ASP O 143 12.28 18.71 30.28
C ASP O 143 11.84 18.05 31.59
N GLY O 144 12.48 18.35 32.72
CA GLY O 144 12.15 17.77 34.03
C GLY O 144 12.83 16.44 34.26
N HIS O 145 13.79 16.09 33.40
CA HIS O 145 14.60 14.85 33.57
C HIS O 145 16.00 15.28 34.01
N PRO O 146 16.71 14.52 34.86
CA PRO O 146 17.99 14.95 35.41
C PRO O 146 19.02 15.26 34.32
N PHE O 147 19.89 16.23 34.58
CA PHE O 147 20.91 16.61 33.56
C PHE O 147 21.85 15.44 33.29
N GLY O 148 22.07 15.09 32.01
CA GLY O 148 23.05 14.04 31.67
C GLY O 148 22.46 12.64 31.57
N TRP O 149 21.22 12.44 32.03
CA TRP O 149 20.64 11.07 32.04
C TRP O 149 20.20 10.71 30.61
N PRO O 150 20.15 9.42 30.18
CA PRO O 150 19.67 9.12 28.84
C PRO O 150 18.23 9.62 28.66
N SER O 151 17.92 10.05 27.43
CA SER O 151 16.59 10.52 27.04
C SER O 151 15.53 9.48 27.44
N ASN O 152 14.65 9.87 28.33
CA ASN O 152 13.52 9.03 28.82
C ASN O 152 14.03 7.75 29.47
N GLY O 153 15.23 7.76 30.04
CA GLY O 153 15.85 6.55 30.58
C GLY O 153 16.70 6.81 31.80
N PHE O 154 17.52 5.84 32.12
CA PHE O 154 18.31 5.84 33.35
C PHE O 154 19.75 5.50 33.04
N PRO O 155 20.67 6.09 33.82
CA PRO O 155 22.06 5.65 33.76
C PRO O 155 22.19 4.32 34.51
N GLY O 156 23.40 3.81 34.57
CA GLY O 156 23.70 2.60 35.32
C GLY O 156 23.31 2.75 36.78
N PRO O 157 23.20 1.63 37.53
CA PRO O 157 22.83 1.71 38.93
C PRO O 157 23.84 2.55 39.74
N GLN O 158 23.37 3.07 40.87
CA GLN O 158 24.20 3.88 41.81
C GLN O 158 25.37 3.05 42.33
N GLY O 159 26.47 3.70 42.62
CA GLY O 159 27.68 3.05 43.14
C GLY O 159 28.93 3.78 42.68
N PRO O 160 29.04 4.12 41.39
CA PRO O 160 30.22 4.84 40.92
C PRO O 160 30.11 6.36 40.89
N TYR O 161 28.97 6.93 41.21
CA TYR O 161 28.74 8.38 40.96
C TYR O 161 29.18 9.22 42.15
N TYR O 162 29.03 8.70 43.34
CA TYR O 162 29.40 9.43 44.58
C TYR O 162 30.90 9.81 44.50
N CYS O 163 31.18 11.09 44.49
CA CYS O 163 32.55 11.64 44.41
C CYS O 163 33.24 11.15 43.14
N GLY O 164 32.48 10.92 42.07
CA GLY O 164 33.01 10.31 40.84
C GLY O 164 33.72 11.31 39.98
N VAL O 165 34.63 10.82 39.17
CA VAL O 165 35.34 11.65 38.18
C VAL O 165 35.31 10.91 36.85
N GLY O 166 35.16 11.64 35.77
CA GLY O 166 35.05 11.06 34.43
C GLY O 166 33.73 11.39 33.81
N ALA O 167 33.66 11.30 32.48
CA ALA O 167 32.48 11.73 31.71
C ALA O 167 31.28 10.84 32.04
N ASP O 168 31.50 9.61 32.44
CA ASP O 168 30.41 8.65 32.77
C ASP O 168 30.08 8.66 34.26
N LYS O 169 30.75 9.46 35.09
CA LYS O 169 30.52 9.44 36.56
C LYS O 169 29.92 10.76 37.04
N ALA O 170 30.45 11.91 36.63
CA ALA O 170 30.02 13.23 37.15
C ALA O 170 29.29 13.97 36.03
N TYR O 171 28.07 14.41 36.29
CA TYR O 171 27.26 15.15 35.30
C TYR O 171 27.14 16.62 35.72
N GLY O 172 27.57 17.52 34.84
CA GLY O 172 27.42 18.97 35.05
C GLY O 172 28.36 19.51 36.13
N ARG O 173 29.60 19.06 36.18
CA ARG O 173 30.62 19.63 37.10
C ARG O 173 30.97 21.09 36.75
N ASP O 174 30.79 21.51 35.50
CA ASP O 174 31.04 22.92 35.11
C ASP O 174 30.20 23.84 35.99
N ILE O 175 28.97 23.47 36.24
CA ILE O 175 28.04 24.26 37.07
C ILE O 175 28.57 24.29 38.50
N VAL O 176 29.05 23.16 38.97
CA VAL O 176 29.52 23.03 40.37
C VAL O 176 30.75 23.91 40.56
N GLU O 177 31.69 23.87 39.63
CA GLU O 177 32.92 24.67 39.72
C GLU O 177 32.56 26.16 39.67
N ALA O 178 31.66 26.56 38.78
CA ALA O 178 31.29 27.97 38.60
C ALA O 178 30.60 28.46 39.87
N HIS O 179 29.70 27.65 40.41
CA HIS O 179 28.96 28.01 41.64
C HIS O 179 29.93 28.19 42.82
N TYR O 180 30.83 27.24 43.00
CA TYR O 180 31.83 27.24 44.10
C TYR O 180 32.62 28.55 44.05
N ARG O 181 33.15 28.88 42.88
CA ARG O 181 33.94 30.13 42.70
C ARG O 181 33.06 31.34 42.91
N ALA O 182 31.86 31.29 42.33
CA ALA O 182 30.95 32.43 42.45
C ALA O 182 30.65 32.69 43.92
N CYS O 183 30.42 31.65 44.70
CA CYS O 183 30.18 31.78 46.15
C CYS O 183 31.42 32.32 46.87
N LEU O 184 32.60 31.83 46.53
CA LEU O 184 33.85 32.31 47.19
C LEU O 184 34.02 33.80 46.88
N TYR O 185 33.81 34.22 45.63
CA TYR O 185 33.93 35.63 45.23
C TYR O 185 32.90 36.46 46.00
N ALA O 186 31.67 35.98 46.12
CA ALA O 186 30.56 36.74 46.74
C ALA O 186 30.81 36.91 48.24
N GLY O 187 31.65 36.11 48.86
CA GLY O 187 31.82 36.10 50.32
C GLY O 187 30.90 35.11 51.02
N ILE O 188 30.39 34.12 50.31
CA ILE O 188 29.61 33.03 50.94
C ILE O 188 30.57 32.06 51.63
N LYS O 189 30.20 31.59 52.80
CA LYS O 189 31.02 30.66 53.61
C LYS O 189 30.80 29.23 53.10
N ILE O 190 31.30 28.97 51.89
CA ILE O 190 31.15 27.64 51.26
C ILE O 190 32.36 26.78 51.62
N GLY O 191 32.11 25.62 52.21
CA GLY O 191 33.15 24.80 52.84
C GLY O 191 33.62 23.68 51.96
N GLY O 192 32.91 23.38 50.88
CA GLY O 192 33.31 22.29 49.99
C GLY O 192 32.16 21.76 49.17
N THR O 193 32.47 20.87 48.25
CA THR O 193 31.49 20.27 47.33
C THR O 193 31.84 18.80 47.14
N ASN O 194 30.85 18.03 46.72
CA ASN O 194 31.09 16.64 46.27
C ASN O 194 29.99 16.26 45.30
N ALA O 195 30.30 15.28 44.46
CA ALA O 195 29.30 14.57 43.64
C ALA O 195 28.56 13.58 44.54
N GLU O 196 27.25 13.55 44.41
CA GLU O 196 26.38 12.70 45.25
C GLU O 196 26.17 11.34 44.60
N VAL O 197 25.49 10.47 45.31
CA VAL O 197 25.34 9.04 44.91
C VAL O 197 24.50 8.99 43.64
N MET O 198 23.44 9.78 43.58
CA MET O 198 22.63 9.92 42.36
C MET O 198 23.47 10.68 41.34
N PRO O 199 23.63 10.18 40.11
CA PRO O 199 24.28 10.95 39.06
C PRO O 199 23.50 12.22 38.75
N ALA O 200 24.21 13.30 38.42
CA ALA O 200 23.69 14.68 38.25
C ALA O 200 23.24 15.30 39.57
N GLN O 201 23.40 14.58 40.68
CA GLN O 201 23.13 15.14 42.03
C GLN O 201 24.44 15.61 42.64
N TRP O 202 24.41 16.76 43.31
CA TRP O 202 25.62 17.36 43.89
C TRP O 202 25.29 17.92 45.26
N GLU O 203 26.31 18.40 45.93
CA GLU O 203 26.16 18.98 47.28
C GLU O 203 27.24 20.05 47.47
N PHE O 204 26.87 21.12 48.15
CA PHE O 204 27.86 22.09 48.67
C PHE O 204 27.58 22.28 50.15
N GLN O 205 28.64 22.49 50.91
CA GLN O 205 28.56 22.73 52.36
C GLN O 205 28.66 24.24 52.61
N ILE O 206 27.78 24.74 53.44
CA ILE O 206 27.79 26.17 53.88
C ILE O 206 28.04 26.19 55.37
N GLY O 207 29.11 26.86 55.78
CA GLY O 207 29.41 27.00 57.22
C GLY O 207 30.87 26.81 57.53
N PRO O 208 31.28 26.96 58.81
CA PRO O 208 30.39 27.29 59.91
C PRO O 208 29.90 28.74 59.90
N CYS O 209 28.63 28.93 60.22
CA CYS O 209 27.99 30.26 60.28
C CYS O 209 27.40 30.43 61.67
N GLU O 210 27.49 31.66 62.19
CA GLU O 210 27.00 31.96 63.55
C GLU O 210 25.62 32.60 63.44
N GLY O 211 24.65 32.02 64.15
CA GLY O 211 23.32 32.59 64.34
C GLY O 211 22.60 32.83 63.03
N ILE O 212 22.19 34.07 62.80
CA ILE O 212 21.34 34.42 61.63
C ILE O 212 22.15 34.31 60.33
N ASP O 213 23.49 34.26 60.40
CA ASP O 213 24.31 34.17 59.17
C ASP O 213 24.08 32.87 58.42
N MET O 214 23.58 31.82 59.08
CA MET O 214 23.40 30.52 58.40
C MET O 214 22.33 30.65 57.32
N GLY O 215 21.19 31.27 57.66
CA GLY O 215 20.09 31.43 56.70
C GLY O 215 20.47 32.36 55.56
N ASP O 216 21.16 33.45 55.86
CA ASP O 216 21.56 34.43 54.82
C ASP O 216 22.51 33.76 53.82
N HIS O 217 23.52 33.08 54.31
CA HIS O 217 24.56 32.46 53.44
C HIS O 217 23.94 31.35 52.58
N LEU O 218 23.06 30.53 53.17
CA LEU O 218 22.50 29.40 52.41
C LEU O 218 21.51 29.94 51.37
N TRP O 219 20.67 30.89 51.73
CA TRP O 219 19.67 31.43 50.79
C TRP O 219 20.38 32.09 49.61
N VAL O 220 21.45 32.84 49.87
CA VAL O 220 22.18 33.53 48.78
C VAL O 220 22.95 32.49 47.98
N ALA O 221 23.52 31.49 48.63
CA ALA O 221 24.16 30.37 47.91
C ALA O 221 23.16 29.67 46.98
N ARG O 222 21.94 29.45 47.44
CA ARG O 222 20.87 28.91 46.57
C ARG O 222 20.60 29.86 45.40
N PHE O 223 20.52 31.16 45.65
CA PHE O 223 20.25 32.14 44.58
C PHE O 223 21.38 32.07 43.53
N ILE O 224 22.62 32.03 44.00
CA ILE O 224 23.77 32.02 43.06
C ILE O 224 23.71 30.74 42.23
N LEU O 225 23.39 29.61 42.86
CA LEU O 225 23.27 28.33 42.12
C LEU O 225 22.21 28.46 41.03
N HIS O 226 21.01 28.99 41.37
CA HIS O 226 19.93 29.18 40.39
C HIS O 226 20.43 30.08 39.27
N ARG O 227 21.11 31.17 39.63
CA ARG O 227 21.57 32.16 38.60
C ARG O 227 22.69 31.55 37.75
N VAL O 228 23.59 30.82 38.36
CA VAL O 228 24.66 30.11 37.59
C VAL O 228 24.03 29.04 36.68
N CYS O 229 23.08 28.28 37.19
CA CYS O 229 22.39 27.23 36.39
C CYS O 229 21.62 27.90 35.24
N GLU O 230 21.03 29.06 35.49
CA GLU O 230 20.32 29.81 34.44
C GLU O 230 21.29 30.16 33.30
N ASP O 231 22.53 30.50 33.62
CA ASP O 231 23.54 30.82 32.58
C ASP O 231 23.81 29.58 31.71
N PHE O 232 23.94 28.42 32.32
CA PHE O 232 24.22 27.16 31.60
C PHE O 232 22.95 26.60 30.96
N GLY O 233 21.77 27.10 31.32
CA GLY O 233 20.48 26.68 30.74
C GLY O 233 19.96 25.39 31.33
N VAL O 234 20.33 25.08 32.56
CA VAL O 234 19.78 23.90 33.29
C VAL O 234 19.10 24.39 34.57
N ILE O 235 18.40 23.51 35.24
CA ILE O 235 17.63 23.81 36.47
C ILE O 235 18.29 23.09 37.64
N ALA O 236 18.46 23.81 38.74
CA ALA O 236 18.83 23.22 40.03
C ALA O 236 17.55 23.02 40.83
N THR O 237 17.25 21.78 41.17
CA THR O 237 16.07 21.46 41.99
C THR O 237 16.54 21.08 43.40
N PHE O 238 15.83 21.54 44.40
CA PHE O 238 16.03 21.14 45.81
C PHE O 238 14.91 20.18 46.22
N ASP O 239 14.24 19.55 45.25
CA ASP O 239 13.20 18.54 45.57
C ASP O 239 13.83 17.43 46.38
N PRO O 240 13.25 17.05 47.54
CA PRO O 240 13.85 16.01 48.36
C PRO O 240 13.91 14.62 47.70
N LYS O 241 13.12 14.40 46.65
CA LYS O 241 13.13 13.11 45.93
C LYS O 241 12.82 13.36 44.47
N PRO O 242 13.78 13.88 43.69
CA PRO O 242 13.51 14.22 42.29
C PRO O 242 13.06 13.01 41.44
N ILE O 243 13.63 11.85 41.68
CA ILE O 243 13.33 10.63 40.88
C ILE O 243 12.86 9.53 41.81
N PRO O 244 11.68 8.93 41.59
CA PRO O 244 11.22 7.82 42.42
C PRO O 244 12.05 6.56 42.20
N GLY O 245 12.12 5.72 43.22
CA GLY O 245 12.71 4.37 43.12
C GLY O 245 14.03 4.27 43.86
N ASN O 246 15.01 3.58 43.30
CA ASN O 246 16.33 3.38 43.96
C ASN O 246 17.26 4.50 43.53
N TRP O 247 16.82 5.73 43.66
CA TRP O 247 17.66 6.92 43.42
C TRP O 247 17.59 7.80 44.65
N ASN O 248 18.77 8.23 45.11
CA ASN O 248 18.90 8.92 46.41
C ASN O 248 18.11 10.22 46.44
N GLY O 249 17.49 10.50 47.58
CA GLY O 249 16.90 11.80 47.89
C GLY O 249 17.97 12.85 48.11
N ALA O 250 17.54 14.10 48.19
CA ALA O 250 18.40 15.24 48.53
C ALA O 250 17.98 15.75 49.91
N GLY O 251 18.92 15.78 50.86
CA GLY O 251 18.68 16.38 52.18
C GLY O 251 19.54 17.61 52.40
N CYS O 252 19.29 18.29 53.49
CA CYS O 252 20.12 19.42 53.96
C CYS O 252 20.53 19.12 55.39
N HIS O 253 21.56 18.32 55.55
CA HIS O 253 22.06 17.91 56.88
C HIS O 253 22.61 19.12 57.61
N THR O 254 22.13 19.35 58.82
CA THR O 254 22.49 20.53 59.61
C THR O 254 23.39 20.12 60.77
N ASN O 255 24.57 20.74 60.83
CA ASN O 255 25.50 20.57 61.97
C ASN O 255 25.26 21.69 62.97
N PHE O 256 25.20 21.36 64.25
CA PHE O 256 24.90 22.35 65.31
C PHE O 256 25.88 22.15 66.46
N SER O 257 26.40 23.26 66.97
CA SER O 257 27.26 23.29 68.17
C SER O 257 27.10 24.64 68.84
N THR O 258 27.28 24.64 70.16
CA THR O 258 27.35 25.89 70.96
C THR O 258 28.76 26.04 71.50
N LYS O 259 29.00 27.14 72.20
CA LYS O 259 30.30 27.37 72.88
C LYS O 259 30.55 26.23 73.88
N ALA O 260 29.52 25.80 74.60
CA ALA O 260 29.65 24.71 75.59
C ALA O 260 30.03 23.40 74.87
N MET O 261 29.38 23.11 73.75
CA MET O 261 29.62 21.83 73.05
C MET O 261 31.02 21.82 72.43
N ARG O 262 31.53 22.97 72.01
CA ARG O 262 32.86 23.03 71.36
C ARG O 262 33.97 22.91 72.42
N GLU O 263 33.71 23.34 73.65
CA GLU O 263 34.74 23.32 74.72
C GLU O 263 35.02 21.87 75.14
N GLU O 264 36.12 21.69 75.86
CA GLU O 264 36.57 20.37 76.34
C GLU O 264 35.44 19.70 77.13
N ASN O 265 35.24 18.40 76.89
CA ASN O 265 34.15 17.60 77.52
C ASN O 265 32.81 18.21 77.18
N GLY O 266 32.67 18.72 75.95
CA GLY O 266 31.39 19.28 75.45
C GLY O 266 30.43 18.20 74.97
N LEU O 267 30.83 16.93 75.01
CA LEU O 267 29.93 15.83 74.58
C LEU O 267 28.71 15.76 75.49
N LYS O 268 28.87 16.02 76.78
CA LYS O 268 27.71 15.96 77.73
C LYS O 268 26.64 16.97 77.29
N TYR O 269 27.04 18.15 76.84
CA TYR O 269 26.07 19.16 76.35
C TYR O 269 25.49 18.71 75.01
N ILE O 270 26.28 18.00 74.20
CA ILE O 270 25.79 17.46 72.91
C ILE O 270 24.69 16.43 73.21
N GLU O 271 24.95 15.52 74.15
CA GLU O 271 23.97 14.48 74.52
C GLU O 271 22.71 15.12 75.11
N GLU O 272 22.87 16.15 75.94
CA GLU O 272 21.70 16.84 76.55
C GLU O 272 20.84 17.48 75.45
N ALA O 273 21.47 18.07 74.43
CA ALA O 273 20.72 18.69 73.31
C ALA O 273 19.97 17.61 72.54
N ILE O 274 20.59 16.46 72.33
CA ILE O 274 20.00 15.39 71.48
C ILE O 274 18.80 14.77 72.21
N GLU O 275 18.90 14.55 73.51
CA GLU O 275 17.78 13.95 74.27
C GLU O 275 16.62 14.96 74.32
N LYS O 276 16.91 16.24 74.33
CA LYS O 276 15.84 17.27 74.18
C LYS O 276 15.21 17.16 72.79
N LEU O 277 16.02 16.93 71.75
CA LEU O 277 15.50 16.76 70.37
C LEU O 277 14.69 15.48 70.29
N SER O 278 15.03 14.47 71.09
CA SER O 278 14.33 13.16 71.08
C SER O 278 12.84 13.35 71.38
N LYS O 279 12.51 14.33 72.21
CA LYS O 279 11.12 14.54 72.67
C LYS O 279 10.34 15.47 71.75
N ARG O 280 10.95 16.03 70.71
CA ARG O 280 10.24 17.00 69.82
C ARG O 280 10.42 16.61 68.35
N HIS O 281 10.42 15.33 68.03
CA HIS O 281 10.64 14.85 66.64
C HIS O 281 9.57 15.41 65.70
N GLN O 282 8.32 15.38 66.12
CA GLN O 282 7.20 15.83 65.26
C GLN O 282 7.28 17.34 65.03
N TYR O 283 7.64 18.11 66.05
CA TYR O 283 7.72 19.58 65.93
C TYR O 283 8.79 19.94 64.89
N HIS O 284 9.91 19.22 64.89
CA HIS O 284 11.04 19.53 63.97
C HIS O 284 10.70 19.09 62.55
N ILE O 285 10.01 17.97 62.39
CA ILE O 285 9.64 17.46 61.04
C ILE O 285 8.74 18.51 60.35
N ARG O 286 7.81 19.10 61.08
CA ARG O 286 6.93 20.15 60.52
C ARG O 286 7.77 21.36 60.09
N ALA O 287 8.75 21.76 60.89
CA ALA O 287 9.58 22.95 60.61
C ALA O 287 10.57 22.67 59.49
N TYR O 288 10.98 21.42 59.30
CA TYR O 288 12.08 21.06 58.37
C TYR O 288 11.61 20.98 56.92
N ASP O 289 10.41 21.48 56.63
CA ASP O 289 9.86 21.35 55.26
C ASP O 289 8.92 22.52 55.01
N PRO O 290 8.99 23.14 53.81
CA PRO O 290 8.18 24.32 53.54
C PRO O 290 6.67 24.06 53.55
N LYS O 291 6.24 22.82 53.34
CA LYS O 291 4.78 22.49 53.32
C LYS O 291 4.43 21.49 54.42
N GLY O 292 5.10 21.59 55.57
CA GLY O 292 4.71 20.89 56.81
C GLY O 292 5.26 19.47 56.92
N GLY O 293 6.06 19.00 55.96
CA GLY O 293 6.71 17.67 56.06
C GLY O 293 6.19 16.68 55.04
N LEU O 294 5.38 17.09 54.06
CA LEU O 294 4.87 16.15 53.04
C LEU O 294 5.97 15.83 52.03
N ASP O 295 6.75 16.82 51.61
CA ASP O 295 7.85 16.59 50.64
C ASP O 295 8.88 15.64 51.22
N ASN O 296 9.25 15.85 52.49
CA ASN O 296 10.29 15.03 53.15
C ASN O 296 9.78 13.62 53.41
N ALA O 297 8.48 13.36 53.32
CA ALA O 297 7.93 12.00 53.48
C ALA O 297 8.42 11.11 52.34
N ARG O 298 8.58 11.66 51.15
CA ARG O 298 9.10 10.90 49.99
C ARG O 298 10.58 10.57 50.19
N ARG O 299 11.32 11.35 50.97
CA ARG O 299 12.77 11.12 51.16
C ARG O 299 13.01 10.25 52.40
N LEU O 300 12.39 10.61 53.53
CA LEU O 300 12.66 9.93 54.82
C LEU O 300 11.91 8.60 54.85
N THR O 301 12.45 7.62 54.15
CA THR O 301 11.86 6.25 54.08
C THR O 301 12.70 5.25 54.87
N GLY O 302 13.88 5.63 55.35
CA GLY O 302 14.74 4.73 56.12
C GLY O 302 15.48 3.71 55.27
N PHE O 303 15.61 3.94 53.96
CA PHE O 303 16.23 2.95 53.04
C PHE O 303 17.55 3.45 52.49
N HIS O 304 17.51 4.56 51.73
CA HIS O 304 18.72 5.10 51.03
C HIS O 304 19.50 6.04 51.94
N GLU O 305 20.19 5.48 52.93
CA GLU O 305 21.00 6.26 53.91
C GLU O 305 20.13 7.33 54.60
N THR O 306 18.82 7.12 54.67
CA THR O 306 17.89 8.05 55.34
C THR O 306 17.35 7.39 56.61
N SER O 307 16.69 8.19 57.44
CA SER O 307 15.97 7.69 58.62
C SER O 307 14.47 7.62 58.29
N ASN O 308 13.68 7.16 59.24
CA ASN O 308 12.21 7.09 59.08
C ASN O 308 11.61 8.40 59.58
N ILE O 309 10.66 8.94 58.83
CA ILE O 309 10.01 10.23 59.20
C ILE O 309 9.19 10.05 60.48
N ASN O 310 8.67 8.85 60.73
CA ASN O 310 7.77 8.61 61.89
C ASN O 310 8.56 8.24 63.15
N ASP O 311 9.85 7.92 63.05
CA ASP O 311 10.63 7.42 64.21
C ASP O 311 11.90 8.23 64.37
N PHE O 312 12.22 8.57 65.62
CA PHE O 312 13.45 9.31 65.97
C PHE O 312 14.50 8.33 66.45
N SER O 313 15.74 8.55 66.05
CA SER O 313 16.89 7.74 66.49
C SER O 313 18.17 8.59 66.46
N ALA O 314 19.06 8.33 67.40
CA ALA O 314 20.35 9.01 67.50
C ALA O 314 21.44 8.00 67.85
N GLY O 315 22.65 8.28 67.41
CA GLY O 315 23.80 7.42 67.72
C GLY O 315 25.08 7.98 67.17
N VAL O 316 26.18 7.43 67.65
CA VAL O 316 27.53 7.80 67.17
C VAL O 316 27.78 7.07 65.85
N ALA O 317 28.17 7.83 64.82
CA ALA O 317 28.51 7.29 63.48
C ALA O 317 27.33 6.48 62.93
N ASN O 318 26.11 6.95 63.15
CA ASN O 318 24.88 6.27 62.66
C ASN O 318 24.36 7.07 61.47
N ARG O 319 24.63 6.60 60.25
CA ARG O 319 24.17 7.27 59.02
C ARG O 319 22.64 7.18 58.91
N GLY O 320 22.05 6.07 59.37
CA GLY O 320 20.60 5.84 59.28
C GLY O 320 19.83 6.51 60.40
N ALA O 321 20.49 7.17 61.36
CA ALA O 321 19.80 7.80 62.50
C ALA O 321 19.28 9.18 62.10
N SER O 322 18.29 9.67 62.83
CA SER O 322 17.77 11.05 62.71
C SER O 322 18.87 12.04 63.10
N ILE O 323 19.62 11.73 64.15
CA ILE O 323 20.71 12.59 64.65
C ILE O 323 21.97 11.73 64.70
N ARG O 324 23.07 12.26 64.19
CA ARG O 324 24.36 11.53 64.16
C ARG O 324 25.38 12.35 64.94
N ILE O 325 26.07 11.69 65.86
CA ILE O 325 27.28 12.24 66.51
C ILE O 325 28.46 11.69 65.73
N PRO O 326 29.31 12.54 65.14
CA PRO O 326 30.47 12.05 64.40
C PRO O 326 31.41 11.24 65.30
N ARG O 327 32.07 10.24 64.71
CA ARG O 327 32.95 9.33 65.46
C ARG O 327 34.08 10.13 66.13
N THR O 328 34.65 11.10 65.42
CA THR O 328 35.72 11.95 65.97
C THR O 328 35.19 12.75 67.16
N VAL O 329 33.97 13.27 67.06
CA VAL O 329 33.36 14.07 68.15
C VAL O 329 33.21 13.17 69.39
N GLY O 330 32.78 11.93 69.20
CA GLY O 330 32.69 10.96 70.31
C GLY O 330 34.05 10.72 70.94
N GLN O 331 35.10 10.59 70.13
CA GLN O 331 36.47 10.30 70.62
C GLN O 331 37.01 11.53 71.35
N GLU O 332 36.90 12.71 70.74
CA GLU O 332 37.44 13.97 71.32
C GLU O 332 36.55 14.46 72.45
N LYS O 333 35.34 13.89 72.62
CA LYS O 333 34.38 14.28 73.69
C LYS O 333 33.96 15.74 73.53
N LYS O 334 34.04 16.29 72.33
CA LYS O 334 33.61 17.67 72.08
C LYS O 334 33.37 17.87 70.58
N GLY O 335 32.64 18.93 70.23
CA GLY O 335 32.43 19.34 68.84
C GLY O 335 30.97 19.63 68.54
N TYR O 336 30.41 18.93 67.56
CA TYR O 336 29.05 19.24 67.03
C TYR O 336 28.28 17.94 66.85
N PHE O 337 27.02 18.07 66.53
CA PHE O 337 26.18 16.93 66.09
C PHE O 337 25.46 17.32 64.81
N GLU O 338 25.10 16.32 64.04
CA GLU O 338 24.48 16.50 62.70
C GLU O 338 23.02 16.09 62.78
N ASP O 339 22.13 17.01 62.46
CA ASP O 339 20.70 16.70 62.24
C ASP O 339 20.53 16.34 60.77
N ARG O 340 20.23 15.07 60.48
CA ARG O 340 20.11 14.57 59.08
C ARG O 340 18.64 14.61 58.61
N ARG O 341 17.72 15.08 59.42
CA ARG O 341 16.28 15.10 59.07
C ARG O 341 15.96 16.14 58.00
N PRO O 342 16.48 17.38 58.03
CA PRO O 342 15.96 18.43 57.16
C PRO O 342 16.06 18.09 55.66
N SER O 343 15.00 18.41 54.94
CA SER O 343 14.86 18.21 53.49
C SER O 343 15.75 19.21 52.74
N ALA O 344 16.05 18.92 51.48
CA ALA O 344 16.89 19.80 50.65
C ALA O 344 16.19 21.14 50.40
N ASN O 345 14.87 21.16 50.36
CA ASN O 345 14.10 22.41 50.10
C ASN O 345 13.65 23.05 51.41
N CYS O 346 14.32 22.75 52.52
CA CYS O 346 14.00 23.39 53.82
C CYS O 346 14.38 24.87 53.82
N ASP O 347 13.70 25.64 54.65
CA ASP O 347 14.09 27.03 54.95
C ASP O 347 15.11 26.99 56.08
N PRO O 348 16.35 27.46 55.88
CA PRO O 348 17.34 27.44 56.95
C PRO O 348 16.92 28.29 58.17
N PHE O 349 16.15 29.37 57.98
CA PHE O 349 15.67 30.19 59.12
C PHE O 349 14.76 29.33 60.01
N ALA O 350 13.90 28.52 59.43
CA ALA O 350 13.02 27.61 60.19
C ALA O 350 13.85 26.54 60.89
N VAL O 351 14.85 25.99 60.21
CA VAL O 351 15.64 24.86 60.75
C VAL O 351 16.46 25.36 61.94
N THR O 352 17.19 26.46 61.77
CA THR O 352 18.09 26.99 62.83
C THR O 352 17.25 27.43 64.04
N GLU O 353 16.12 28.07 63.79
CA GLU O 353 15.24 28.55 64.89
C GLU O 353 14.73 27.36 65.70
N ALA O 354 14.33 26.28 65.04
CA ALA O 354 13.80 25.08 65.73
C ALA O 354 14.90 24.46 66.60
N LEU O 355 16.13 24.40 66.09
CA LEU O 355 17.24 23.82 66.87
C LEU O 355 17.51 24.67 68.11
N ILE O 356 17.51 25.99 68.00
CA ILE O 356 17.78 26.86 69.16
C ILE O 356 16.62 26.73 70.15
N ARG O 357 15.38 26.74 69.69
CA ARG O 357 14.21 26.71 70.60
C ARG O 357 14.22 25.41 71.42
N THR O 358 14.42 24.28 70.78
CA THR O 358 14.38 22.97 71.46
C THR O 358 15.61 22.80 72.36
N CYS O 359 16.80 23.05 71.83
CA CYS O 359 18.07 22.65 72.50
C CYS O 359 18.52 23.73 73.50
N LEU O 360 18.30 25.00 73.21
CA LEU O 360 18.90 26.10 74.01
C LEU O 360 17.85 26.81 74.85
N LEU O 361 16.64 27.02 74.33
CA LEU O 361 15.56 27.72 75.09
C LEU O 361 14.66 26.70 75.78
N ASN O 362 14.90 25.40 75.63
CA ASN O 362 14.15 24.33 76.34
C ASN O 362 12.66 24.49 76.10
N GLU O 363 12.28 24.86 74.89
CA GLU O 363 10.84 24.99 74.54
C GLU O 363 10.22 23.60 74.37
N THR O 364 8.97 23.48 74.74
CA THR O 364 8.20 22.23 74.62
C THR O 364 6.85 22.54 73.99
N GLY O 365 6.10 21.47 73.71
CA GLY O 365 4.75 21.58 73.11
C GLY O 365 4.80 21.64 71.59
N ASP O 366 3.66 21.91 70.98
CA ASP O 366 3.47 21.81 69.52
C ASP O 366 3.50 23.19 68.87
N GLU O 367 3.65 24.26 69.65
CA GLU O 367 3.67 25.63 69.07
C GLU O 367 4.86 26.39 69.63
N PRO O 368 5.50 27.25 68.81
CA PRO O 368 6.61 28.06 69.28
C PRO O 368 6.18 29.06 70.36
N PHE O 369 7.04 29.25 71.35
CA PHE O 369 6.79 30.21 72.44
C PHE O 369 6.79 31.62 71.89
N GLN O 370 5.93 32.48 72.43
CA GLN O 370 5.87 33.89 72.03
C GLN O 370 6.75 34.72 72.96
N TYR O 371 7.56 35.60 72.36
CA TYR O 371 8.40 36.59 73.06
C TYR O 371 9.56 35.91 73.78
N LYS O 372 9.61 34.57 73.77
CA LYS O 372 10.77 33.83 74.34
C LYS O 372 11.03 32.59 73.48
#